data_8FZ5
#
_entry.id   8FZ5
#
_cell.length_a   1.00
_cell.length_b   1.00
_cell.length_c   1.00
_cell.angle_alpha   90.00
_cell.angle_beta   90.00
_cell.angle_gamma   90.00
#
_symmetry.space_group_name_H-M   'P 1'
#
loop_
_entity.id
_entity.type
_entity.pdbx_description
1 polymer 'Proteasome subunit alpha type-6'
2 polymer 'Proteasome subunit alpha type-2'
3 polymer 'Proteasome subunit alpha type-4'
4 polymer 'Proteasome subunit alpha type-7'
5 polymer 'Proteasome subunit alpha type-5'
6 polymer 'Proteasome subunit alpha type-1'
7 polymer 'Proteasome subunit alpha type-3'
8 polymer 'Proteasome subunit beta type-6'
9 polymer 'Proteasome subunit beta type-7'
10 polymer 'Proteasome subunit beta type-3'
11 polymer 'Proteasome subunit beta type-2'
12 polymer 'Proteasome subunit beta type-5'
13 polymer 'Proteasome subunit beta type-1'
14 polymer 'Proteasome subunit beta type-4'
#
loop_
_entity_poly.entity_id
_entity_poly.type
_entity_poly.pdbx_seq_one_letter_code
_entity_poly.pdbx_strand_id
1 'polypeptide(L)'
;MSRGSSAGFDRHITIFSPEGRLYQVEYAFKAINQGGLTSVAVRGKDCAVIVTQKKVPDKLLDSSTVTHLFKITENIGCVM
TGMTADSRSQVQRARYEAANWKYKYGYEIPVDMLCKRIADISQVYTQNAEMRPLGCCMILIGIDEEQGPQVYKCDPAGYY
CGFKATAAGVKQTESTSFLEKKVKKKFDWTFEQTVETAITCLSTVLSIDFKPSEIEVGVVTVENPKFRILTEAEIDAHLV
ALAERD
;
A,O
2 'polypeptide(L)'
;MAERGYSFSLTTFSPSGKLVQIEYALAAVAGGAPSVGIKAANGVVLATEKKQKSILYDERSVHKVEPITKHIGLVYSGMG
PDYRVLVHRARKLAQQYYLVYQEPIPTAQLVQRVASVMQEYTQSGGVRPFGVSLLICGWNEGRPYLFQSDPSGAYFAWKA
TAMGKNYVNGKTFLEKRYNEDLELEDAIHTAILTLKESFEGQMTEDNIEVGICNEAGFRRLTPTEVKDYLAAIA
;
B,P
3 'polypeptide(L)'
;MSRRYDSRTTIFSPEGRLYQVEYAMEAIGHAGTCLGILANDGVLLAAERRNIHKLLDEVFFSEKIYKLNEDMACSVAGIT
SDANVLTNELRLIAQRYLLQYQEPIPCEQLVTALCDIKQAYTQFGGKRPFGVSLLYIGWDKHYGFQLYQSDPSGNYGGWK
ATCIGNNSAAAVSMLKQDYKEGEMTLKSALALAIKVLNKTMDVSKLSAEKVEIATLTRENGKTVIRVLKQKEVEQLIKKH
EEEEAKAEREKKEKEQKEKDK
;
C,Q
4 'polypeptide(L)'
;MSYDRAITVFSPDGHLFQVEYAQEAVKKGSTAVGVRGKDIVVLGVEKKSVAKLQDERTVRKICALDDNVCMAFAGLTADA
RIVINRARVECQSHRLTVEDPVTVEYITRYIASLKQRYTQSNGRRPFGISALIVGFDFDGTPRLYQTDPSGTYHAWKANA
IGRGAKSVREFLEKNYTDEAIETDDLTIKLVIKALLEVVQSGGKNIELAVMRRDQPLKILNPEEIEKYVAEIEKEKEENE
KKKQKKAS
;
D,R
5 'polypeptide(L)'
;MFLTRSEYDRGVNTFSPEGRLFQVEYAIEAIKLGSTAIGIQTSEGVCLAVEKRITSPLMEPSSIEKIVEIDAHIGCAMSG
LIADAKTLIDKARVETQNHWFTYNETMTVESVTQAVSNLALQFGEEDADPGAMSRPFGVALLFGGVDEKGPQLFHMDPSG
TFVQCDARAIGSASEGAQSSLQEVYHKSMTLKEAIKSSLIILKQVMEEKLNATNIELATVQPGQNFHMFTKEELEEVIKD
I
;
E,S
6 'polypeptide(L)'
;MFRNQYDNDVTVWSPQGRIHQIEYAMEAVKQGSATVGLKSKTHAVLVALKRAQSELAAHQKKILHVDNHIGISIAGLTAD
ARLLCNFMRQECLDSRFVFDRPLPVSRLVSLIGSKTQIPTQRYGRRPYGVGLLIAGYDDMGPHIFQTCPSANYFDCRAMS
IGARSQSARTYLERHMSEFMECNLNELVKHGLRALRETLPAEQDLTTKNVSIGIVGKDLEFTIYDDDDVSPFLEGLEERP
QRKAQPTQPADEPAEKADEPMEH
;
F,T
7 'polypeptide(L)'
;MSSIGTGYDLSASTFSPDGRVFQVEYAMKAVENSSTAIGIRCKDGVVFGVEKLVLSKLYEEGSNKRLFNVDRHVGMAVAG
LLADARSLADIAREEASNFRSNFGYNIPLKHLADRVAMYVHAYTLYSAVRPFGCSFMLGSYSVNDGAQLYMIDPSGVSYG
YWGCAIGKARQAAKTEIEKLQMKEMTCRDVVKEVAKIIYIVHDEVKDKAFELELSWVGEITNGRHEIVPKDVREEAEKYA
KESLKEEDESDDDNM
;
G,U
8 'polypeptide(L)'
;MAATLVAARGTRPAPAWGPEAIAPDWENREVSTGTTIMAVQFDGGVVLGADSRTTTGSYIANRVTDKLTPIHDRIFCCRS
GSAADTQAVADAVTYQLGFHSIELNEPPLVHTAASLFKEMCYRYREDLMAGIIIAGWDPQEGGQVYSVPMGGMMVRQPFA
IGGSGSSYIYGYVDATYREGMTKEECLQFTANALALAMERDGSSGGVIRLAAIAEPGVERQVLLGDQIPKFTIATLPPL
;
H,V
9 'polypeptide(L)'
;MAAVSVYERPVGGFSFDNCRRNAVLEADFAKKGYKLPTARKTGTTIAGVVYKDGIVLGADTRATEGMVVADKNCSKIHFI
SPNIYCCGAGTAADTDMTTQLISSNLELHSLSTGRLPRVVTANRMLKQMLFRYQGYIGAALVLGGVDVTGPHLYSIYPHG
STDKLPYVTMGSGSLAAMAVFEDKFRPDMEEEEAKKLVSEAIAAGIFNDLGSGSNIDLCVISKSKLDFLRPYSVPNKKGT
RFGRYRCEKGTNAVLTEKVTTLEIEVLEETVQTMDTS
;
I,W
10 'polypeptide(L)'
;MSIMSYNGGAVMAMKGKNCVAIAADRRFGIQAQMVTTDFQKIFPMGDRLYIGLAGLATDVQTVAQRLKFRLNLYELKEGR
QIKPYTLMSMVANLLYEKRFGPYYTEPVIAGLDPKTFKPFICSLDLIGCPMVTDDFVVSGTCTEQMYGMCESLWEPNMDP
EHLFETISQAMLNAVDRDAVSGMGVIVHIIEKDKITTRTLKARMD
;
J,X
11 'polypeptide(L)'
;MEYLIGIQGPDYVLVASDRVAASNIVQMKDDHDKMFKMSEKILLLCVGEAGDTVQFAEYIQKNVQLYKMRNGYELSPTAA
ANFTRRNLADYLRSRTPYHVNLLLAGYDEHEGPALYYMDYLAALAKAPFAAHGYGAFLTLSILDRYYTPTISREKAVELL
RKCLEELQKRFILNLPTFSVRIIDRNGIHDLDNISFPKQGS
;
K,Y
12 'polypeptide(L)'
;MALASVLERPLSVNRRGFFGLGGRADLLDLGPGSPSDGLSLAAPSWGVPEEPRIEILHGTTTLAFKFRHGVIVAADSRAT
AGAYIASQTVKKVIEINPYLLGTMAGGAADCSFWERLLARQCRIYELRNKERISVAAASKLLANMVYQYKGMGLSMGTMI
CGWDKRGPGLYYVDSEGNRISGATFSVGSGSVYAYGVMDRGYSYDLEVEEAYDLARRAIYQATYRDAYSGGSVSLYHVRE
DGWIRVSSDNVADLHDKYSGSTH
;
L,Z
13 'polypeptide(L)'
;MLSSVAAYSGAGRDLAMEPHSSVGPLQLRFSPYAFNGGTVLAIAGEDFSIVASDTRLSEGFSIHTRDSPKCYKLTDKTVI
GCSGFHGDCLTLTKIIEARLKMYKHSNNKAMTTGAIAAMLSTILYSRRFFPYYVYNIIGGLDEEGKGAVYSFDPVGSYQR
DSFKAGGSASAMLQPLLDNQVGFKNMQNVEHVPLSLDRAMRLVKDVFISAAERDVYTGDALKVCIVTKEGIRGETVPLRK
D
;
M,a
14 'polypeptide(L)'
;MEALLESRSGLWAGGPAPGQFYRIPPTPGSSVDPVSALYGSPITRTQNPMVTGTSVLGLKFEGGVVIAADMLGSYGSLAR
FRNISRIMRVNNSTMLGASGDYADFQYLKQVLGQMVIDEELLGDGHSYSPKAIHSWLTRAMYSRRSKMNPLWNTMVIGGY
ADGESFLGYVDMLGVAYEAPSLATGYGAYLAQPLLREVLEKQPVLSQTEARELVERCMRVLYYRDARSYNRFQIATVTEK
GVEIEGPLSAETNWDIAHMISGFE
;
N,b
#
# COMPACT_ATOMS: atom_id res chain seq x y z
N MET A 1 3.39 -32.46 -73.90
CA MET A 1 3.26 -33.63 -74.76
C MET A 1 3.09 -33.20 -76.21
N SER A 2 1.99 -33.62 -76.82
CA SER A 2 1.68 -33.18 -78.17
C SER A 2 1.41 -31.67 -78.17
N ARG A 3 1.64 -31.03 -79.32
CA ARG A 3 1.40 -29.60 -79.43
C ARG A 3 -0.06 -29.28 -79.14
N GLY A 4 -0.27 -28.30 -78.26
CA GLY A 4 -1.62 -27.95 -77.86
C GLY A 4 -2.36 -29.07 -77.17
N SER A 5 -1.66 -29.91 -76.41
CA SER A 5 -2.32 -30.98 -75.69
C SER A 5 -3.02 -30.46 -74.44
N SER A 6 -4.09 -31.15 -74.06
CA SER A 6 -4.86 -30.79 -72.87
C SER A 6 -5.21 -32.05 -72.11
N ALA A 7 -5.22 -31.95 -70.78
CA ALA A 7 -5.61 -33.06 -69.92
C ALA A 7 -6.25 -32.51 -68.66
N GLY A 8 -7.42 -33.05 -68.30
CA GLY A 8 -8.10 -32.64 -67.09
C GLY A 8 -8.67 -31.24 -67.13
N PHE A 9 -8.39 -30.44 -66.10
CA PHE A 9 -8.94 -29.10 -65.96
C PHE A 9 -7.91 -28.02 -66.27
N ASP A 10 -6.95 -28.31 -67.14
CA ASP A 10 -5.88 -27.35 -67.40
C ASP A 10 -6.35 -26.15 -68.21
N ARG A 11 -7.52 -26.23 -68.83
CA ARG A 11 -8.09 -25.10 -69.54
C ARG A 11 -8.99 -24.23 -68.68
N HIS A 12 -9.25 -24.63 -67.44
CA HIS A 12 -10.17 -23.93 -66.56
C HIS A 12 -9.51 -23.36 -65.32
N ILE A 13 -8.48 -24.00 -64.79
CA ILE A 13 -7.78 -23.51 -63.61
C ILE A 13 -6.28 -23.48 -63.93
N THR A 14 -5.55 -22.70 -63.14
CA THR A 14 -4.12 -22.51 -63.34
C THR A 14 -3.38 -23.75 -62.84
N ILE A 15 -3.43 -24.81 -63.64
CA ILE A 15 -2.61 -26.00 -63.45
C ILE A 15 -1.93 -26.30 -64.78
N PHE A 16 -0.85 -27.06 -64.70
CA PHE A 16 0.01 -27.28 -65.86
C PHE A 16 -0.68 -28.16 -66.89
N SER A 17 -0.53 -27.80 -68.15
CA SER A 17 -0.90 -28.67 -69.25
C SER A 17 0.20 -29.71 -69.46
N PRO A 18 -0.06 -30.75 -70.25
CA PRO A 18 0.99 -31.73 -70.54
C PRO A 18 2.26 -31.13 -71.14
N GLU A 19 2.17 -29.99 -71.82
CA GLU A 19 3.35 -29.28 -72.29
C GLU A 19 3.95 -28.35 -71.25
N GLY A 20 3.33 -28.23 -70.07
CA GLY A 20 3.82 -27.33 -69.06
C GLY A 20 3.35 -25.90 -69.19
N ARG A 21 2.26 -25.66 -69.90
CA ARG A 21 1.73 -24.32 -70.08
C ARG A 21 0.60 -24.05 -69.08
N LEU A 22 0.32 -22.77 -68.87
CA LEU A 22 -0.81 -22.33 -68.06
C LEU A 22 -1.77 -21.59 -68.99
N TYR A 23 -2.82 -22.27 -69.42
CA TYR A 23 -3.74 -21.72 -70.42
C TYR A 23 -4.52 -20.52 -69.89
N GLN A 24 -4.84 -20.51 -68.59
CA GLN A 24 -5.59 -19.40 -68.04
C GLN A 24 -4.81 -18.10 -68.10
N VAL A 25 -3.49 -18.16 -67.93
CA VAL A 25 -2.64 -16.98 -68.05
C VAL A 25 -2.66 -16.46 -69.49
N GLU A 26 -2.60 -17.35 -70.47
CA GLU A 26 -2.69 -16.95 -71.87
C GLU A 26 -4.05 -16.31 -72.17
N TYR A 27 -5.11 -16.88 -71.60
CA TYR A 27 -6.44 -16.31 -71.77
C TYR A 27 -6.53 -14.93 -71.15
N ALA A 28 -5.87 -14.71 -70.00
CA ALA A 28 -5.82 -13.38 -69.42
C ALA A 28 -5.07 -12.40 -70.33
N PHE A 29 -4.01 -12.87 -70.99
CA PHE A 29 -3.33 -12.02 -71.95
C PHE A 29 -4.26 -11.62 -73.09
N LYS A 30 -5.13 -12.53 -73.52
CA LYS A 30 -6.15 -12.16 -74.50
C LYS A 30 -7.19 -11.19 -73.91
N ALA A 31 -7.50 -11.36 -72.62
CA ALA A 31 -8.40 -10.42 -71.96
C ALA A 31 -7.86 -9.00 -72.01
N ILE A 32 -6.54 -8.85 -72.00
CA ILE A 32 -5.95 -7.52 -72.18
C ILE A 32 -6.42 -6.89 -73.49
N ASN A 33 -6.32 -7.65 -74.59
CA ASN A 33 -6.73 -7.12 -75.88
C ASN A 33 -8.24 -6.93 -75.98
N GLN A 34 -9.01 -7.62 -75.15
CA GLN A 34 -10.46 -7.44 -75.17
C GLN A 34 -10.85 -5.97 -74.99
N GLY A 35 -10.02 -5.19 -74.29
CA GLY A 35 -10.33 -3.78 -74.09
C GLY A 35 -10.35 -2.98 -75.39
N GLY A 36 -9.49 -3.34 -76.34
CA GLY A 36 -9.49 -2.70 -77.64
C GLY A 36 -8.63 -1.47 -77.78
N LEU A 37 -7.77 -1.17 -76.82
CA LEU A 37 -6.97 0.04 -76.82
C LEU A 37 -5.49 -0.29 -76.93
N THR A 38 -4.67 0.74 -77.14
CA THR A 38 -3.24 0.58 -77.26
C THR A 38 -2.53 1.76 -76.60
N SER A 39 -1.46 1.46 -75.89
CA SER A 39 -0.63 2.45 -75.23
C SER A 39 0.83 2.18 -75.53
N VAL A 40 1.63 3.25 -75.54
CA VAL A 40 3.06 3.21 -75.84
C VAL A 40 3.80 4.01 -74.79
N ALA A 41 4.92 3.49 -74.32
CA ALA A 41 5.79 4.21 -73.39
C ALA A 41 7.19 4.27 -73.98
N VAL A 42 7.83 5.43 -73.90
CA VAL A 42 9.14 5.67 -74.47
C VAL A 42 10.02 6.35 -73.44
N ARG A 43 11.26 5.88 -73.32
CA ARG A 43 12.25 6.44 -72.41
C ARG A 43 13.20 7.33 -73.17
N GLY A 44 13.34 8.58 -72.73
CA GLY A 44 14.32 9.49 -73.25
C GLY A 44 15.58 9.51 -72.41
N LYS A 45 16.48 10.44 -72.74
CA LYS A 45 17.67 10.60 -71.93
C LYS A 45 17.37 11.31 -70.62
N ASP A 46 16.36 12.17 -70.60
CA ASP A 46 16.01 12.89 -69.38
C ASP A 46 14.52 12.83 -69.09
N CYS A 47 13.78 11.93 -69.73
CA CYS A 47 12.33 11.90 -69.56
C CYS A 47 11.81 10.52 -69.92
N ALA A 48 10.61 10.25 -69.44
CA ALA A 48 9.82 9.10 -69.84
C ALA A 48 8.42 9.57 -70.15
N VAL A 49 7.84 9.05 -71.22
CA VAL A 49 6.55 9.50 -71.73
C VAL A 49 5.65 8.28 -71.94
N ILE A 50 4.41 8.38 -71.49
CA ILE A 50 3.38 7.40 -71.79
C ILE A 50 2.29 8.08 -72.60
N VAL A 51 1.91 7.47 -73.71
CA VAL A 51 0.84 7.95 -74.58
C VAL A 51 -0.14 6.81 -74.76
N THR A 52 -1.40 7.03 -74.38
CA THR A 52 -2.41 6.00 -74.54
C THR A 52 -3.53 6.50 -75.45
N GLN A 53 -4.17 5.56 -76.13
CA GLN A 53 -5.33 5.86 -76.96
C GLN A 53 -6.51 6.19 -76.08
N LYS A 54 -7.19 7.30 -76.35
CA LYS A 54 -8.38 7.69 -75.62
C LYS A 54 -9.57 7.64 -76.57
N LYS A 55 -10.57 6.83 -76.23
CA LYS A 55 -11.77 6.69 -77.05
C LYS A 55 -13.00 6.98 -76.19
N VAL A 56 -13.79 7.96 -76.63
CA VAL A 56 -15.06 8.30 -75.99
C VAL A 56 -16.12 8.28 -77.07
N PRO A 57 -16.79 7.14 -77.29
CA PRO A 57 -17.74 7.04 -78.41
C PRO A 57 -18.91 8.02 -78.33
N ASP A 58 -19.41 8.32 -77.14
CA ASP A 58 -20.66 9.06 -76.99
C ASP A 58 -20.44 10.33 -76.18
N LYS A 59 -21.19 11.37 -76.54
CA LYS A 59 -21.08 12.66 -75.85
C LYS A 59 -21.70 12.64 -74.48
N LEU A 60 -22.52 11.63 -74.16
CA LEU A 60 -23.11 11.56 -72.82
C LEU A 60 -22.07 11.23 -71.77
N LEU A 61 -20.92 10.71 -72.18
CA LEU A 61 -19.87 10.30 -71.26
C LEU A 61 -19.01 11.49 -70.90
N ASP A 62 -18.91 11.80 -69.61
CA ASP A 62 -18.01 12.84 -69.14
C ASP A 62 -16.58 12.42 -69.45
N SER A 63 -15.93 13.14 -70.38
CA SER A 63 -14.64 12.72 -70.88
C SER A 63 -13.55 12.79 -69.83
N SER A 64 -13.67 13.74 -68.89
CA SER A 64 -12.63 13.92 -67.88
C SER A 64 -12.49 12.71 -66.97
N THR A 65 -13.51 11.85 -66.91
CA THR A 65 -13.45 10.65 -66.08
C THR A 65 -13.02 9.42 -66.87
N VAL A 66 -12.75 9.55 -68.16
CA VAL A 66 -12.34 8.41 -69.00
C VAL A 66 -10.83 8.54 -69.16
N THR A 67 -10.09 7.91 -68.26
CA THR A 67 -8.63 7.96 -68.27
C THR A 67 -8.06 6.58 -68.02
N HIS A 68 -6.99 6.27 -68.74
CA HIS A 68 -6.15 5.13 -68.41
C HIS A 68 -4.82 5.55 -67.81
N LEU A 69 -4.61 6.86 -67.64
CA LEU A 69 -3.42 7.39 -67.00
C LEU A 69 -3.73 7.67 -65.54
N PHE A 70 -2.88 7.17 -64.65
CA PHE A 70 -3.04 7.38 -63.23
C PHE A 70 -1.71 7.79 -62.64
N LYS A 71 -1.75 8.48 -61.52
CA LYS A 71 -0.56 8.76 -60.74
C LYS A 71 -0.57 7.86 -59.52
N ILE A 72 0.54 7.15 -59.31
CA ILE A 72 0.64 6.27 -58.16
C ILE A 72 1.17 7.03 -56.96
N THR A 73 2.23 7.80 -57.18
CA THR A 73 2.71 8.76 -56.19
C THR A 73 2.87 10.10 -56.90
N GLU A 74 3.51 11.06 -56.24
CA GLU A 74 3.80 12.31 -56.92
C GLU A 74 4.73 12.10 -58.09
N ASN A 75 5.68 11.17 -57.98
CA ASN A 75 6.73 11.01 -58.96
C ASN A 75 6.59 9.78 -59.84
N ILE A 76 5.57 8.95 -59.63
CA ILE A 76 5.40 7.73 -60.42
C ILE A 76 4.05 7.80 -61.13
N GLY A 77 4.05 7.59 -62.44
CA GLY A 77 2.84 7.53 -63.22
C GLY A 77 2.67 6.15 -63.85
N CYS A 78 1.45 5.87 -64.28
CA CYS A 78 1.17 4.58 -64.89
C CYS A 78 0.11 4.72 -65.96
N VAL A 79 0.19 3.86 -66.95
CA VAL A 79 -0.86 3.65 -67.92
C VAL A 79 -1.30 2.19 -67.84
N MET A 80 -2.61 1.99 -67.80
CA MET A 80 -3.20 0.66 -67.69
C MET A 80 -3.79 0.25 -69.03
N THR A 81 -3.68 -1.03 -69.35
CA THR A 81 -4.30 -1.57 -70.56
C THR A 81 -5.08 -2.82 -70.18
N GLY A 82 -6.25 -3.00 -70.80
CA GLY A 82 -7.04 -4.19 -70.61
C GLY A 82 -8.36 -3.89 -69.94
N MET A 83 -8.80 -4.84 -69.11
CA MET A 83 -10.09 -4.70 -68.43
C MET A 83 -10.05 -3.56 -67.42
N THR A 84 -11.04 -2.68 -67.49
CA THR A 84 -10.99 -1.41 -66.77
C THR A 84 -11.06 -1.61 -65.27
N ALA A 85 -11.96 -2.47 -64.80
CA ALA A 85 -12.11 -2.64 -63.35
C ALA A 85 -10.90 -3.37 -62.75
N ASP A 86 -10.38 -4.37 -63.46
CA ASP A 86 -9.12 -4.98 -63.05
C ASP A 86 -8.01 -3.96 -63.01
N SER A 87 -7.95 -3.08 -64.02
CA SER A 87 -6.93 -2.04 -64.05
C SER A 87 -7.03 -1.13 -62.85
N ARG A 88 -8.24 -0.72 -62.49
CA ARG A 88 -8.41 0.19 -61.36
C ARG A 88 -8.10 -0.49 -60.04
N SER A 89 -8.41 -1.78 -59.90
CA SER A 89 -8.01 -2.49 -58.69
C SER A 89 -6.49 -2.58 -58.59
N GLN A 90 -5.82 -2.81 -59.72
CA GLN A 90 -4.36 -2.86 -59.69
C GLN A 90 -3.76 -1.49 -59.37
N VAL A 91 -4.38 -0.42 -59.88
CA VAL A 91 -3.92 0.93 -59.55
C VAL A 91 -4.06 1.19 -58.06
N GLN A 92 -5.19 0.80 -57.47
CA GLN A 92 -5.39 1.00 -56.05
C GLN A 92 -4.37 0.22 -55.24
N ARG A 93 -4.09 -1.01 -55.66
CA ARG A 93 -3.07 -1.81 -54.97
C ARG A 93 -1.69 -1.16 -55.08
N ALA A 94 -1.35 -0.63 -56.26
CA ALA A 94 -0.05 0.01 -56.44
C ALA A 94 0.07 1.26 -55.58
N ARG A 95 -0.98 2.07 -55.50
CA ARG A 95 -0.95 3.24 -54.63
C ARG A 95 -0.77 2.84 -53.18
N TYR A 96 -1.48 1.80 -52.74
CA TYR A 96 -1.32 1.34 -51.38
C TYR A 96 0.11 0.85 -51.12
N GLU A 97 0.67 0.07 -52.06
CA GLU A 97 2.01 -0.48 -51.87
C GLU A 97 3.04 0.63 -51.79
N ALA A 98 2.91 1.65 -52.64
CA ALA A 98 3.82 2.78 -52.61
C ALA A 98 3.73 3.53 -51.29
N ALA A 99 2.51 3.82 -50.83
CA ALA A 99 2.35 4.55 -49.58
C ALA A 99 2.94 3.77 -48.41
N ASN A 100 2.70 2.46 -48.38
CA ASN A 100 3.22 1.62 -47.32
C ASN A 100 4.74 1.54 -47.36
N TRP A 101 5.33 1.45 -48.56
CA TRP A 101 6.78 1.43 -48.67
C TRP A 101 7.38 2.71 -48.12
N LYS A 102 6.79 3.86 -48.48
CA LYS A 102 7.27 5.12 -47.93
C LYS A 102 7.15 5.14 -46.41
N TYR A 103 6.03 4.62 -45.88
CA TYR A 103 5.81 4.64 -44.45
C TYR A 103 6.80 3.75 -43.70
N LYS A 104 7.10 2.57 -44.24
CA LYS A 104 7.93 1.62 -43.53
C LYS A 104 9.42 1.91 -43.68
N TYR A 105 9.85 2.39 -44.85
CA TYR A 105 11.27 2.53 -45.12
C TYR A 105 11.75 3.97 -45.18
N GLY A 106 10.84 4.93 -45.21
CA GLY A 106 11.23 6.32 -45.08
C GLY A 106 11.75 6.99 -46.32
N TYR A 107 11.57 6.40 -47.49
CA TYR A 107 11.90 7.04 -48.75
C TYR A 107 10.96 6.50 -49.82
N GLU A 108 10.85 7.23 -50.91
CA GLU A 108 9.91 6.86 -51.96
C GLU A 108 10.32 5.55 -52.62
N ILE A 109 9.33 4.75 -52.96
CA ILE A 109 9.62 3.45 -53.58
C ILE A 109 10.20 3.67 -54.97
N PRO A 110 11.27 2.97 -55.35
CA PRO A 110 11.73 3.01 -56.74
C PRO A 110 10.72 2.34 -57.65
N VAL A 111 10.76 2.75 -58.92
CA VAL A 111 9.79 2.24 -59.89
C VAL A 111 9.95 0.73 -60.08
N ASP A 112 11.20 0.26 -60.17
CA ASP A 112 11.42 -1.17 -60.34
C ASP A 112 10.91 -1.97 -59.15
N MET A 113 11.04 -1.42 -57.94
CA MET A 113 10.52 -2.11 -56.76
C MET A 113 9.00 -2.21 -56.77
N LEU A 114 8.32 -1.12 -57.17
CA LEU A 114 6.86 -1.16 -57.27
C LEU A 114 6.41 -2.16 -58.34
N CYS A 115 7.08 -2.16 -59.49
CA CYS A 115 6.74 -3.11 -60.53
C CYS A 115 6.93 -4.54 -60.05
N LYS A 116 8.03 -4.80 -59.34
CA LYS A 116 8.28 -6.13 -58.81
C LYS A 116 7.24 -6.55 -57.79
N ARG A 117 6.81 -5.62 -56.95
CA ARG A 117 5.77 -5.94 -55.96
C ARG A 117 4.46 -6.33 -56.64
N ILE A 118 4.02 -5.52 -57.61
CA ILE A 118 2.80 -5.83 -58.35
C ILE A 118 2.93 -7.18 -59.06
N ALA A 119 4.10 -7.44 -59.64
CA ALA A 119 4.33 -8.69 -60.35
C ALA A 119 4.26 -9.89 -59.42
N ASP A 120 4.81 -9.77 -58.21
CA ASP A 120 4.69 -10.85 -57.22
C ASP A 120 3.22 -11.11 -56.88
N ILE A 121 2.47 -10.03 -56.65
CA ILE A 121 1.05 -10.17 -56.31
C ILE A 121 0.31 -10.91 -57.41
N SER A 122 0.64 -10.64 -58.67
CA SER A 122 -0.05 -11.32 -59.77
C SER A 122 0.46 -12.75 -60.02
N GLN A 123 1.73 -13.03 -59.72
CA GLN A 123 2.20 -14.41 -59.77
C GLN A 123 1.39 -15.29 -58.84
N VAL A 124 1.00 -14.72 -57.68
CA VAL A 124 0.15 -15.46 -56.75
C VAL A 124 -1.13 -15.92 -57.46
N TYR A 125 -1.74 -15.05 -58.26
CA TYR A 125 -2.93 -15.45 -59.02
C TYR A 125 -2.59 -16.51 -60.05
N THR A 126 -1.37 -16.47 -60.60
CA THR A 126 -1.02 -17.54 -61.53
C THR A 126 -0.82 -18.89 -60.84
N GLN A 127 -0.60 -18.92 -59.54
CA GLN A 127 -0.35 -20.19 -58.86
C GLN A 127 -1.52 -20.71 -58.01
N ASN A 128 -2.51 -19.88 -57.69
CA ASN A 128 -3.63 -20.31 -56.89
C ASN A 128 -4.87 -20.45 -57.76
N ALA A 129 -5.62 -21.53 -57.55
CA ALA A 129 -6.66 -21.94 -58.49
C ALA A 129 -8.01 -21.25 -58.26
N GLU A 130 -8.30 -20.79 -57.05
CA GLU A 130 -9.64 -20.30 -56.74
C GLU A 130 -9.95 -18.93 -57.32
N MET A 131 -8.96 -18.19 -57.82
CA MET A 131 -9.19 -16.88 -58.38
C MET A 131 -8.58 -16.79 -59.78
N ARG A 132 -9.16 -15.95 -60.59
CA ARG A 132 -8.62 -15.71 -61.91
C ARG A 132 -7.55 -14.62 -61.86
N PRO A 133 -6.58 -14.66 -62.75
CA PRO A 133 -5.65 -13.53 -62.87
C PRO A 133 -6.36 -12.30 -63.42
N LEU A 134 -5.81 -11.14 -63.09
CA LEU A 134 -6.33 -9.89 -63.64
C LEU A 134 -6.04 -9.80 -65.13
N GLY A 135 -7.01 -9.30 -65.88
CA GLY A 135 -6.82 -9.14 -67.31
C GLY A 135 -6.32 -7.76 -67.69
N CYS A 136 -5.22 -7.33 -67.09
CA CYS A 136 -4.70 -5.99 -67.33
C CYS A 136 -3.18 -6.01 -67.30
N CYS A 137 -2.59 -5.03 -67.94
CA CYS A 137 -1.15 -4.81 -67.99
C CYS A 137 -0.84 -3.40 -67.52
N MET A 138 0.20 -3.26 -66.70
CA MET A 138 0.55 -1.98 -66.10
C MET A 138 1.91 -1.53 -66.62
N ILE A 139 1.98 -0.28 -67.08
CA ILE A 139 3.24 0.35 -67.46
C ILE A 139 3.47 1.52 -66.52
N LEU A 140 4.62 1.51 -65.84
CA LEU A 140 4.99 2.54 -64.89
C LEU A 140 6.15 3.36 -65.42
N ILE A 141 6.11 4.66 -65.18
CA ILE A 141 7.21 5.56 -65.50
C ILE A 141 7.57 6.35 -64.25
N GLY A 142 8.84 6.68 -64.15
CA GLY A 142 9.33 7.44 -63.01
C GLY A 142 10.76 7.88 -63.24
N ILE A 143 11.32 8.56 -62.25
CA ILE A 143 12.69 9.04 -62.30
C ILE A 143 13.43 8.52 -61.08
N ASP A 144 14.41 7.65 -61.30
CA ASP A 144 15.34 7.25 -60.25
C ASP A 144 16.52 8.21 -60.25
N GLU A 145 16.94 8.64 -59.06
CA GLU A 145 18.03 9.61 -58.98
C GLU A 145 19.33 9.03 -59.55
N GLU A 146 19.60 7.75 -59.27
CA GLU A 146 20.83 7.14 -59.72
C GLU A 146 20.81 6.82 -61.21
N GLN A 147 19.70 6.32 -61.73
CA GLN A 147 19.68 5.72 -63.06
C GLN A 147 18.89 6.50 -64.10
N GLY A 148 18.25 7.61 -63.74
CA GLY A 148 17.53 8.41 -64.69
C GLY A 148 16.09 7.97 -64.87
N PRO A 149 15.53 8.22 -66.06
CA PRO A 149 14.15 7.82 -66.32
C PRO A 149 13.99 6.30 -66.38
N GLN A 150 12.82 5.85 -65.94
CA GLN A 150 12.52 4.43 -65.80
C GLN A 150 11.15 4.14 -66.40
N VAL A 151 11.10 3.13 -67.28
CA VAL A 151 9.86 2.58 -67.81
C VAL A 151 9.85 1.08 -67.51
N TYR A 152 8.85 0.65 -66.74
CA TYR A 152 8.74 -0.74 -66.33
C TYR A 152 7.36 -1.27 -66.68
N LYS A 153 7.30 -2.51 -67.13
CA LYS A 153 6.02 -3.11 -67.48
C LYS A 153 5.84 -4.43 -66.73
N CYS A 154 4.64 -4.63 -66.19
CA CYS A 154 4.25 -5.89 -65.57
C CYS A 154 2.95 -6.39 -66.20
N ASP A 155 2.87 -7.71 -66.35
CA ASP A 155 1.84 -8.40 -67.12
C ASP A 155 1.09 -9.42 -66.26
N PRO A 156 -0.01 -10.01 -66.74
CA PRO A 156 -0.76 -10.96 -65.91
C PRO A 156 0.02 -12.18 -65.47
N ALA A 157 1.05 -12.59 -66.21
CA ALA A 157 1.82 -13.76 -65.83
C ALA A 157 2.67 -13.54 -64.58
N GLY A 158 2.76 -12.31 -64.09
CA GLY A 158 3.71 -11.97 -63.05
C GLY A 158 5.07 -11.61 -63.55
N TYR A 159 5.27 -11.57 -64.86
CA TYR A 159 6.55 -11.18 -65.44
C TYR A 159 6.62 -9.66 -65.53
N TYR A 160 7.76 -9.11 -65.14
CA TYR A 160 7.98 -7.67 -65.24
C TYR A 160 9.37 -7.42 -65.81
N CYS A 161 9.53 -6.25 -66.41
CA CYS A 161 10.83 -5.91 -67.00
C CYS A 161 10.93 -4.41 -67.22
N GLY A 162 12.16 -3.92 -67.23
CA GLY A 162 12.44 -2.57 -67.63
C GLY A 162 12.62 -2.46 -69.13
N PHE A 163 12.23 -1.33 -69.69
CA PHE A 163 12.22 -1.16 -71.14
C PHE A 163 12.84 0.18 -71.52
N LYS A 164 13.50 0.18 -72.69
CA LYS A 164 13.82 1.44 -73.34
C LYS A 164 12.57 2.03 -73.97
N ALA A 165 11.73 1.17 -74.55
CA ALA A 165 10.40 1.54 -75.00
C ALA A 165 9.57 0.27 -75.00
N THR A 166 8.26 0.45 -74.91
CA THR A 166 7.36 -0.70 -74.79
C THR A 166 5.96 -0.27 -75.22
N ALA A 167 5.11 -1.25 -75.42
CA ALA A 167 3.74 -1.00 -75.83
C ALA A 167 2.84 -2.09 -75.22
N ALA A 168 1.55 -1.78 -75.16
CA ALA A 168 0.58 -2.73 -74.64
C ALA A 168 -0.75 -2.55 -75.39
N GLY A 169 -1.44 -3.66 -75.61
CA GLY A 169 -2.78 -3.61 -76.15
C GLY A 169 -2.89 -4.32 -77.50
N VAL A 170 -3.84 -3.84 -78.30
CA VAL A 170 -4.23 -4.56 -79.51
C VAL A 170 -3.09 -4.60 -80.52
N LYS A 171 -2.50 -3.44 -80.81
CA LYS A 171 -1.48 -3.32 -81.84
C LYS A 171 -0.07 -3.23 -81.26
N GLN A 172 0.17 -3.94 -80.15
CA GLN A 172 1.45 -3.80 -79.47
C GLN A 172 2.58 -4.50 -80.24
N THR A 173 2.26 -5.47 -81.10
CA THR A 173 3.30 -6.09 -81.91
C THR A 173 3.83 -5.13 -82.97
N GLU A 174 2.92 -4.47 -83.71
CA GLU A 174 3.34 -3.46 -84.67
C GLU A 174 4.07 -2.32 -83.98
N SER A 175 3.57 -1.90 -82.82
CA SER A 175 4.20 -0.84 -82.06
C SER A 175 5.61 -1.23 -81.64
N THR A 176 5.79 -2.47 -81.19
CA THR A 176 7.12 -2.92 -80.77
C THR A 176 8.08 -2.95 -81.96
N SER A 177 7.62 -3.39 -83.13
CA SER A 177 8.51 -3.40 -84.28
C SER A 177 8.90 -1.98 -84.70
N PHE A 178 7.93 -1.06 -84.70
CA PHE A 178 8.22 0.35 -84.98
C PHE A 178 9.25 0.90 -83.99
N LEU A 179 9.05 0.63 -82.71
CA LEU A 179 9.99 1.12 -81.69
C LEU A 179 11.36 0.47 -81.83
N GLU A 180 11.41 -0.80 -82.25
CA GLU A 180 12.68 -1.45 -82.53
C GLU A 180 13.43 -0.70 -83.61
N LYS A 181 12.73 -0.35 -84.69
CA LYS A 181 13.35 0.41 -85.76
C LYS A 181 13.86 1.76 -85.25
N LYS A 182 13.06 2.43 -84.41
CA LYS A 182 13.47 3.75 -83.92
C LYS A 182 14.66 3.66 -82.96
N VAL A 183 14.74 2.60 -82.15
CA VAL A 183 15.80 2.51 -81.15
C VAL A 183 17.08 1.95 -81.76
N LYS A 184 16.99 1.21 -82.86
CA LYS A 184 18.21 0.75 -83.53
C LYS A 184 19.03 1.93 -84.05
N LYS A 185 18.37 2.90 -84.70
CA LYS A 185 19.04 4.11 -85.16
C LYS A 185 19.11 5.10 -84.01
N LYS A 186 19.93 4.75 -83.02
CA LYS A 186 19.93 5.50 -81.76
C LYS A 186 20.48 6.91 -81.95
N PHE A 187 19.67 7.89 -81.61
CA PHE A 187 20.11 9.28 -81.51
C PHE A 187 19.59 9.85 -80.19
N ASP A 188 20.24 10.93 -79.75
CA ASP A 188 19.96 11.49 -78.43
C ASP A 188 18.52 11.99 -78.39
N TRP A 189 17.72 11.40 -77.49
CA TRP A 189 16.29 11.69 -77.43
C TRP A 189 16.03 12.77 -76.40
N THR A 190 15.71 13.97 -76.87
CA THR A 190 15.25 15.04 -76.01
C THR A 190 13.80 14.77 -75.60
N PHE A 191 13.25 15.64 -74.75
CA PHE A 191 11.86 15.49 -74.34
C PHE A 191 10.92 15.54 -75.53
N GLU A 192 11.11 16.53 -76.39
CA GLU A 192 10.26 16.67 -77.57
C GLU A 192 10.36 15.45 -78.47
N GLN A 193 11.57 14.95 -78.69
CA GLN A 193 11.75 13.80 -79.57
C GLN A 193 11.10 12.56 -78.98
N THR A 194 11.17 12.39 -77.66
CA THR A 194 10.53 11.25 -77.02
C THR A 194 9.02 11.31 -77.17
N VAL A 195 8.43 12.49 -76.93
CA VAL A 195 6.98 12.62 -77.08
C VAL A 195 6.57 12.38 -78.52
N GLU A 196 7.31 12.95 -79.48
CA GLU A 196 6.96 12.77 -80.88
C GLU A 196 7.10 11.32 -81.29
N THR A 197 8.11 10.62 -80.79
CA THR A 197 8.29 9.21 -81.13
C THR A 197 7.13 8.37 -80.62
N ALA A 198 6.71 8.61 -79.38
CA ALA A 198 5.56 7.87 -78.85
C ALA A 198 4.30 8.16 -79.67
N ILE A 199 4.05 9.44 -79.95
CA ILE A 199 2.81 9.80 -80.64
C ILE A 199 2.81 9.27 -82.07
N THR A 200 3.96 9.34 -82.75
CA THR A 200 4.01 8.84 -84.12
C THR A 200 3.94 7.33 -84.16
N CYS A 201 4.44 6.63 -83.14
CA CYS A 201 4.25 5.19 -83.08
C CYS A 201 2.77 4.84 -82.98
N LEU A 202 2.06 5.49 -82.05
CA LEU A 202 0.64 5.20 -81.91
C LEU A 202 -0.12 5.55 -83.18
N SER A 203 0.20 6.69 -83.79
CA SER A 203 -0.55 7.13 -84.96
C SER A 203 -0.26 6.25 -86.18
N THR A 204 0.97 5.76 -86.31
CA THR A 204 1.29 4.91 -87.45
C THR A 204 0.76 3.50 -87.28
N VAL A 205 0.67 2.98 -86.06
CA VAL A 205 0.12 1.63 -85.94
C VAL A 205 -1.40 1.65 -85.94
N LEU A 206 -2.01 2.72 -85.46
CA LEU A 206 -3.47 2.85 -85.54
C LEU A 206 -3.94 3.41 -86.86
N SER A 207 -3.02 3.86 -87.72
CA SER A 207 -3.34 4.35 -89.07
C SER A 207 -4.38 5.46 -89.03
N ILE A 208 -4.18 6.43 -88.14
CA ILE A 208 -5.05 7.60 -88.08
C ILE A 208 -4.22 8.80 -87.65
N ASP A 209 -4.56 9.97 -88.19
CA ASP A 209 -4.03 11.22 -87.69
C ASP A 209 -4.77 11.59 -86.41
N PHE A 210 -4.03 12.00 -85.39
CA PHE A 210 -4.59 12.17 -84.07
C PHE A 210 -5.17 13.57 -83.89
N LYS A 211 -5.96 13.71 -82.83
CA LYS A 211 -6.50 14.96 -82.33
C LYS A 211 -6.25 15.05 -80.84
N PRO A 212 -6.15 16.25 -80.28
CA PRO A 212 -5.81 16.37 -78.85
C PRO A 212 -6.76 15.62 -77.92
N SER A 213 -7.99 15.40 -78.33
CA SER A 213 -8.94 14.66 -77.51
C SER A 213 -8.90 13.15 -77.73
N GLU A 214 -8.13 12.68 -78.71
CA GLU A 214 -8.08 11.26 -79.01
C GLU A 214 -6.97 10.51 -78.29
N ILE A 215 -6.01 11.22 -77.69
CA ILE A 215 -4.89 10.58 -77.00
C ILE A 215 -4.72 11.24 -75.65
N GLU A 216 -4.00 10.54 -74.77
CA GLU A 216 -3.68 11.01 -73.43
C GLU A 216 -2.19 10.84 -73.22
N VAL A 217 -1.54 11.87 -72.67
CA VAL A 217 -0.07 11.89 -72.55
C VAL A 217 0.31 12.23 -71.12
N GLY A 218 1.21 11.45 -70.56
CA GLY A 218 1.79 11.75 -69.26
C GLY A 218 3.30 11.63 -69.33
N VAL A 219 3.98 12.48 -68.55
CA VAL A 219 5.43 12.60 -68.65
C VAL A 219 6.05 12.71 -67.28
N VAL A 220 7.29 12.24 -67.17
CA VAL A 220 8.18 12.59 -66.07
C VAL A 220 9.51 13.02 -66.67
N THR A 221 10.08 14.08 -66.13
CA THR A 221 11.37 14.59 -66.60
C THR A 221 12.33 14.68 -65.43
N VAL A 222 13.62 14.73 -65.76
CA VAL A 222 14.64 14.94 -64.73
C VAL A 222 14.50 16.32 -64.11
N GLU A 223 14.20 17.32 -64.94
CA GLU A 223 13.99 18.68 -64.44
C GLU A 223 12.78 18.75 -63.51
N ASN A 224 11.68 18.09 -63.88
CA ASN A 224 10.47 18.05 -63.08
C ASN A 224 10.07 16.60 -62.88
N PRO A 225 10.57 15.94 -61.83
CA PRO A 225 10.27 14.51 -61.64
C PRO A 225 8.79 14.21 -61.39
N LYS A 226 7.99 15.20 -60.99
CA LYS A 226 6.59 14.95 -60.70
C LYS A 226 5.83 14.51 -61.94
N PHE A 227 5.01 13.48 -61.78
CA PHE A 227 4.21 12.97 -62.88
C PHE A 227 3.10 13.95 -63.22
N ARG A 228 2.99 14.30 -64.50
CA ARG A 228 2.01 15.28 -64.94
C ARG A 228 1.41 14.85 -66.26
N ILE A 229 0.10 15.05 -66.37
CA ILE A 229 -0.66 14.71 -67.58
C ILE A 229 -0.79 15.98 -68.41
N LEU A 230 -0.36 15.91 -69.67
CA LEU A 230 -0.45 17.07 -70.54
C LEU A 230 -1.90 17.42 -70.83
N THR A 231 -2.20 18.72 -70.82
CA THR A 231 -3.51 19.18 -71.22
C THR A 231 -3.65 19.13 -72.74
N GLU A 232 -4.87 19.37 -73.21
CA GLU A 232 -5.14 19.30 -74.64
C GLU A 232 -4.37 20.36 -75.42
N ALA A 233 -4.02 21.49 -74.77
CA ALA A 233 -3.25 22.52 -75.45
C ALA A 233 -1.84 22.05 -75.75
N GLU A 234 -1.16 21.47 -74.75
CA GLU A 234 0.19 20.95 -74.96
C GLU A 234 0.20 19.81 -75.97
N ILE A 235 -0.80 18.94 -75.89
CA ILE A 235 -0.89 17.83 -76.85
C ILE A 235 -1.13 18.37 -78.25
N ASP A 236 -1.95 19.40 -78.39
CA ASP A 236 -2.20 19.98 -79.72
C ASP A 236 -0.97 20.68 -80.27
N ALA A 237 -0.18 21.32 -79.40
CA ALA A 237 1.08 21.89 -79.84
C ALA A 237 2.02 20.81 -80.36
N HIS A 238 2.15 19.70 -79.63
CA HIS A 238 2.98 18.60 -80.09
C HIS A 238 2.46 18.02 -81.39
N LEU A 239 1.14 17.87 -81.52
CA LEU A 239 0.55 17.31 -82.72
C LEU A 239 0.78 18.20 -83.93
N VAL A 240 0.66 19.53 -83.74
CA VAL A 240 0.95 20.46 -84.84
C VAL A 240 2.41 20.34 -85.26
N ALA A 241 3.33 20.31 -84.29
CA ALA A 241 4.74 20.18 -84.61
C ALA A 241 5.01 18.88 -85.36
N LEU A 242 4.31 17.80 -84.99
CA LEU A 242 4.51 16.53 -85.69
C LEU A 242 3.91 16.55 -87.09
N ALA A 243 2.76 17.21 -87.25
CA ALA A 243 2.10 17.26 -88.54
C ALA A 243 2.89 18.08 -89.55
N GLU A 244 3.46 19.21 -89.12
CA GLU A 244 4.22 20.02 -90.07
C GLU A 244 5.47 19.30 -90.58
N ARG A 245 5.97 18.31 -89.84
CA ARG A 245 7.10 17.52 -90.30
C ARG A 245 6.66 16.12 -90.70
N MET B 1 -16.68 -11.38 -53.06
CA MET B 1 -15.30 -11.75 -52.73
C MET B 1 -15.28 -12.75 -51.58
N ALA B 2 -14.42 -13.77 -51.70
CA ALA B 2 -14.19 -14.74 -50.64
C ALA B 2 -12.76 -15.20 -50.72
N GLU B 3 -12.00 -15.00 -49.64
CA GLU B 3 -10.56 -15.22 -49.62
C GLU B 3 -10.18 -16.66 -49.34
N ARG B 4 -11.14 -17.56 -49.22
CA ARG B 4 -10.82 -18.96 -48.96
C ARG B 4 -10.34 -19.65 -50.23
N GLY B 5 -9.13 -20.20 -50.17
CA GLY B 5 -8.64 -21.04 -51.25
C GLY B 5 -9.17 -22.45 -51.15
N TYR B 6 -8.89 -23.23 -52.18
CA TYR B 6 -9.28 -24.63 -52.19
C TYR B 6 -8.43 -25.42 -51.20
N SER B 7 -9.05 -26.38 -50.53
CA SER B 7 -8.36 -27.15 -49.50
C SER B 7 -7.96 -28.55 -49.98
N PHE B 8 -8.34 -28.94 -51.18
CA PHE B 8 -8.01 -30.24 -51.73
C PHE B 8 -6.77 -30.13 -52.61
N SER B 9 -6.05 -31.24 -52.72
CA SER B 9 -4.84 -31.29 -53.54
C SER B 9 -5.18 -31.20 -55.02
N LEU B 10 -4.35 -30.48 -55.76
CA LEU B 10 -4.43 -30.49 -57.22
C LEU B 10 -3.43 -31.45 -57.85
N THR B 11 -2.49 -31.98 -57.07
CA THR B 11 -1.55 -33.00 -57.52
C THR B 11 -1.91 -34.30 -56.83
N THR B 12 -2.40 -35.27 -57.60
CA THR B 12 -2.81 -36.56 -57.07
C THR B 12 -2.12 -37.67 -57.85
N PHE B 13 -2.22 -38.89 -57.32
CA PHE B 13 -1.60 -40.05 -57.92
C PHE B 13 -2.43 -40.59 -59.07
N SER B 14 -1.78 -40.82 -60.20
CA SER B 14 -2.40 -41.48 -61.34
C SER B 14 -2.47 -42.99 -61.10
N PRO B 15 -3.31 -43.71 -61.87
CA PRO B 15 -3.40 -45.16 -61.67
C PRO B 15 -2.09 -45.90 -61.85
N SER B 16 -1.17 -45.38 -62.66
CA SER B 16 0.14 -45.99 -62.80
C SER B 16 1.11 -45.60 -61.71
N GLY B 17 0.68 -44.78 -60.75
CA GLY B 17 1.51 -44.42 -59.62
C GLY B 17 2.29 -43.14 -59.78
N LYS B 18 1.98 -42.33 -60.77
CA LYS B 18 2.72 -41.12 -61.04
C LYS B 18 1.92 -39.88 -60.64
N LEU B 19 2.63 -38.81 -60.30
CA LEU B 19 2.03 -37.50 -60.07
C LEU B 19 2.24 -36.68 -61.33
N VAL B 20 1.23 -36.65 -62.19
CA VAL B 20 1.41 -36.09 -63.53
C VAL B 20 1.67 -34.59 -63.48
N GLN B 21 1.14 -33.88 -62.47
CA GLN B 21 1.37 -32.45 -62.39
C GLN B 21 2.84 -32.12 -62.22
N ILE B 22 3.57 -32.93 -61.45
CA ILE B 22 5.00 -32.71 -61.28
C ILE B 22 5.74 -32.98 -62.58
N GLU B 23 5.33 -33.99 -63.34
CA GLU B 23 5.94 -34.23 -64.64
C GLU B 23 5.65 -33.09 -65.61
N TYR B 24 4.49 -32.45 -65.49
CA TYR B 24 4.18 -31.32 -66.36
C TYR B 24 4.96 -30.08 -65.96
N ALA B 25 5.16 -29.89 -64.66
CA ALA B 25 6.07 -28.85 -64.19
C ALA B 25 7.48 -29.09 -64.71
N LEU B 26 7.91 -30.36 -64.75
CA LEU B 26 9.21 -30.69 -65.32
C LEU B 26 9.26 -30.40 -66.81
N ALA B 27 8.15 -30.61 -67.52
CA ALA B 27 8.10 -30.22 -68.93
C ALA B 27 8.27 -28.72 -69.08
N ALA B 28 7.63 -27.95 -68.21
CA ALA B 28 7.83 -26.51 -68.20
C ALA B 28 9.29 -26.15 -67.98
N VAL B 29 9.95 -26.84 -67.05
CA VAL B 29 11.38 -26.61 -66.82
C VAL B 29 12.19 -26.92 -68.07
N ALA B 30 11.89 -28.06 -68.71
CA ALA B 30 12.62 -28.47 -69.90
C ALA B 30 12.42 -27.53 -71.06
N GLY B 31 11.34 -26.75 -71.06
CA GLY B 31 11.19 -25.71 -72.05
C GLY B 31 11.89 -24.41 -71.74
N GLY B 32 12.58 -24.31 -70.61
CA GLY B 32 13.18 -23.07 -70.18
C GLY B 32 14.53 -22.79 -70.84
N ALA B 33 15.05 -21.61 -70.54
CA ALA B 33 16.35 -21.22 -71.08
C ALA B 33 17.45 -22.08 -70.46
N PRO B 34 18.47 -22.45 -71.23
CA PRO B 34 19.52 -23.33 -70.71
C PRO B 34 20.25 -22.71 -69.53
N SER B 35 20.53 -23.54 -68.53
CA SER B 35 21.34 -23.17 -67.39
C SER B 35 22.40 -24.25 -67.18
N VAL B 36 23.58 -23.83 -66.72
CA VAL B 36 24.70 -24.74 -66.50
C VAL B 36 25.32 -24.43 -65.16
N GLY B 37 25.65 -25.47 -64.41
CA GLY B 37 26.45 -25.33 -63.22
C GLY B 37 27.66 -26.23 -63.29
N ILE B 38 28.84 -25.72 -62.92
CA ILE B 38 30.06 -26.49 -62.89
C ILE B 38 30.78 -26.22 -61.58
N LYS B 39 31.07 -27.27 -60.82
CA LYS B 39 31.80 -27.16 -59.57
C LYS B 39 33.27 -27.43 -59.84
N ALA B 40 34.09 -26.39 -59.77
CA ALA B 40 35.53 -26.54 -59.93
C ALA B 40 36.16 -26.88 -58.58
N ALA B 41 37.49 -26.99 -58.56
CA ALA B 41 38.19 -27.37 -57.33
C ALA B 41 38.15 -26.23 -56.31
N ASN B 42 38.11 -24.99 -56.76
CA ASN B 42 38.15 -23.84 -55.88
C ASN B 42 36.93 -22.94 -56.03
N GLY B 43 35.87 -23.40 -56.65
CA GLY B 43 34.67 -22.58 -56.76
C GLY B 43 33.65 -23.24 -57.67
N VAL B 44 32.54 -22.54 -57.84
CA VAL B 44 31.43 -22.97 -58.68
C VAL B 44 31.10 -21.86 -59.64
N VAL B 45 30.75 -22.22 -60.87
CA VAL B 45 30.25 -21.27 -61.85
C VAL B 45 28.83 -21.66 -62.22
N LEU B 46 27.94 -20.67 -62.23
CA LEU B 46 26.58 -20.80 -62.74
C LEU B 46 26.42 -19.87 -63.93
N ALA B 47 26.13 -20.43 -65.09
CA ALA B 47 25.97 -19.64 -66.30
C ALA B 47 24.62 -19.93 -66.92
N THR B 48 23.87 -18.88 -67.24
CA THR B 48 22.60 -19.02 -67.90
C THR B 48 22.56 -18.09 -69.12
N GLU B 49 21.71 -18.44 -70.07
CA GLU B 49 21.46 -17.55 -71.20
C GLU B 49 20.25 -16.69 -70.89
N LYS B 50 20.35 -15.41 -71.22
CA LYS B 50 19.21 -14.50 -71.17
C LYS B 50 19.18 -13.77 -72.50
N LYS B 51 18.58 -14.41 -73.49
CA LYS B 51 18.40 -13.80 -74.80
C LYS B 51 17.03 -13.14 -74.79
N GLN B 52 17.02 -11.82 -74.75
CA GLN B 52 15.76 -11.08 -74.75
C GLN B 52 15.09 -11.23 -76.11
N LYS B 53 13.76 -11.06 -76.12
CA LYS B 53 13.02 -11.18 -77.36
C LYS B 53 13.07 -9.92 -78.21
N SER B 54 13.68 -8.85 -77.70
CA SER B 54 13.74 -7.60 -78.44
C SER B 54 14.87 -6.74 -77.89
N ILE B 55 15.34 -5.79 -78.71
CA ILE B 55 16.30 -4.80 -78.24
C ILE B 55 15.67 -3.74 -77.36
N LEU B 56 14.34 -3.70 -77.27
CA LEU B 56 13.67 -2.75 -76.40
C LEU B 56 13.79 -3.12 -74.93
N TYR B 57 14.14 -4.36 -74.63
CA TYR B 57 14.28 -4.80 -73.26
C TYR B 57 15.57 -4.28 -72.63
N ASP B 58 15.47 -3.78 -71.41
CA ASP B 58 16.63 -3.37 -70.64
C ASP B 58 17.24 -4.61 -70.00
N GLU B 59 18.44 -4.99 -70.46
CA GLU B 59 19.09 -6.19 -69.97
C GLU B 59 19.42 -6.08 -68.49
N ARG B 60 19.85 -4.91 -68.05
CA ARG B 60 20.28 -4.74 -66.66
C ARG B 60 19.12 -4.69 -65.68
N SER B 61 17.88 -4.59 -66.16
CA SER B 61 16.76 -4.41 -65.23
C SER B 61 16.48 -5.67 -64.43
N VAL B 62 16.49 -6.84 -65.08
CA VAL B 62 16.14 -8.09 -64.42
C VAL B 62 17.37 -9.01 -64.46
N HIS B 63 17.52 -9.82 -63.43
CA HIS B 63 18.64 -10.74 -63.30
C HIS B 63 18.13 -12.16 -63.10
N LYS B 64 18.80 -13.12 -63.71
CA LYS B 64 18.49 -14.53 -63.52
C LYS B 64 19.43 -15.23 -62.56
N VAL B 65 20.66 -14.74 -62.45
CA VAL B 65 21.60 -15.24 -61.44
C VAL B 65 21.47 -14.33 -60.23
N GLU B 66 21.09 -14.90 -59.09
CA GLU B 66 20.74 -14.11 -57.93
C GLU B 66 21.56 -14.50 -56.71
N PRO B 67 21.96 -13.53 -55.89
CA PRO B 67 22.54 -13.88 -54.59
C PRO B 67 21.46 -14.17 -53.57
N ILE B 68 21.69 -15.21 -52.78
CA ILE B 68 20.85 -15.52 -51.63
C ILE B 68 21.46 -15.00 -50.34
N THR B 69 22.74 -15.32 -50.12
CA THR B 69 23.53 -14.73 -49.06
C THR B 69 24.81 -14.19 -49.66
N LYS B 70 25.77 -13.80 -48.82
CA LYS B 70 27.08 -13.43 -49.31
C LYS B 70 27.86 -14.62 -49.86
N HIS B 71 27.40 -15.85 -49.59
CA HIS B 71 28.13 -17.04 -50.01
C HIS B 71 27.29 -18.02 -50.81
N ILE B 72 26.05 -17.68 -51.16
CA ILE B 72 25.18 -18.61 -51.87
C ILE B 72 24.55 -17.90 -53.06
N GLY B 73 24.61 -18.55 -54.22
CA GLY B 73 24.00 -18.02 -55.43
C GLY B 73 22.97 -18.96 -56.05
N LEU B 74 22.07 -18.38 -56.83
CA LEU B 74 20.93 -19.10 -57.40
C LEU B 74 20.84 -18.82 -58.89
N VAL B 75 20.42 -19.82 -59.65
CA VAL B 75 19.97 -19.65 -61.03
C VAL B 75 18.87 -20.67 -61.27
N TYR B 76 18.09 -20.47 -62.33
CA TYR B 76 16.92 -21.32 -62.54
C TYR B 76 16.76 -21.62 -64.02
N SER B 77 15.90 -22.60 -64.27
CA SER B 77 15.35 -22.85 -65.59
C SER B 77 13.86 -23.14 -65.43
N GLY B 78 13.05 -22.48 -66.25
CA GLY B 78 11.61 -22.63 -66.16
C GLY B 78 10.84 -21.32 -66.24
N MET B 79 10.02 -21.04 -65.22
CA MET B 79 9.12 -19.89 -65.21
C MET B 79 9.64 -18.84 -64.24
N GLY B 80 9.95 -17.65 -64.76
CA GLY B 80 10.60 -16.61 -64.00
C GLY B 80 9.92 -16.10 -62.73
N PRO B 81 8.62 -15.85 -62.77
CA PRO B 81 7.96 -15.36 -61.54
C PRO B 81 7.90 -16.39 -60.41
N ASP B 82 7.74 -17.68 -60.74
CA ASP B 82 7.96 -18.72 -59.74
C ASP B 82 9.35 -18.64 -59.15
N TYR B 83 10.34 -18.36 -59.99
CA TYR B 83 11.71 -18.20 -59.53
C TYR B 83 11.83 -17.04 -58.56
N ARG B 84 11.16 -15.93 -58.85
CA ARG B 84 11.20 -14.80 -57.93
C ARG B 84 10.62 -15.18 -56.58
N VAL B 85 9.51 -15.92 -56.59
CA VAL B 85 8.93 -16.38 -55.33
C VAL B 85 9.93 -17.21 -54.54
N LEU B 86 10.59 -18.15 -55.22
CA LEU B 86 11.54 -19.01 -54.52
C LEU B 86 12.77 -18.26 -54.07
N VAL B 87 13.21 -17.25 -54.81
CA VAL B 87 14.36 -16.44 -54.40
C VAL B 87 14.02 -15.68 -53.13
N HIS B 88 12.84 -15.07 -53.08
CA HIS B 88 12.42 -14.36 -51.88
C HIS B 88 12.36 -15.30 -50.68
N ARG B 89 11.78 -16.49 -50.88
CA ARG B 89 11.68 -17.45 -49.78
C ARG B 89 13.06 -17.94 -49.33
N ALA B 90 13.97 -18.18 -50.27
CA ALA B 90 15.31 -18.63 -49.91
C ALA B 90 16.06 -17.56 -49.13
N ARG B 91 15.94 -16.30 -49.53
CA ARG B 91 16.58 -15.23 -48.78
C ARG B 91 16.02 -15.13 -47.37
N LYS B 92 14.70 -15.27 -47.22
CA LYS B 92 14.12 -15.23 -45.88
C LYS B 92 14.56 -16.42 -45.03
N LEU B 93 14.65 -17.61 -45.63
CA LEU B 93 15.09 -18.78 -44.87
C LEU B 93 16.55 -18.65 -44.44
N ALA B 94 17.40 -18.14 -45.33
CA ALA B 94 18.79 -17.91 -44.96
C ALA B 94 18.91 -16.90 -43.83
N GLN B 95 18.10 -15.84 -43.88
CA GLN B 95 18.13 -14.85 -42.81
C GLN B 95 17.64 -15.43 -41.48
N GLN B 96 16.60 -16.26 -41.51
CA GLN B 96 16.12 -16.87 -40.26
C GLN B 96 17.16 -17.81 -39.67
N TYR B 97 17.83 -18.58 -40.52
CA TYR B 97 18.92 -19.42 -40.04
C TYR B 97 20.01 -18.57 -39.40
N TYR B 98 20.39 -17.46 -40.05
CA TYR B 98 21.42 -16.61 -39.47
C TYR B 98 20.96 -16.00 -38.16
N LEU B 99 19.67 -15.70 -38.03
CA LEU B 99 19.16 -15.11 -36.81
C LEU B 99 19.21 -16.11 -35.66
N VAL B 100 19.00 -17.39 -35.94
CA VAL B 100 19.03 -18.38 -34.87
C VAL B 100 20.47 -18.75 -34.52
N TYR B 101 21.29 -19.03 -35.52
CA TYR B 101 22.61 -19.60 -35.27
C TYR B 101 23.76 -18.61 -35.37
N GLN B 102 23.52 -17.40 -35.90
CA GLN B 102 24.54 -16.36 -36.01
C GLN B 102 25.74 -16.79 -36.84
N GLU B 103 25.53 -17.75 -37.73
CA GLU B 103 26.49 -18.06 -38.77
C GLU B 103 25.75 -18.20 -40.09
N PRO B 104 26.42 -17.97 -41.22
CA PRO B 104 25.74 -18.13 -42.51
C PRO B 104 25.28 -19.56 -42.72
N ILE B 105 24.12 -19.70 -43.35
CA ILE B 105 23.53 -21.04 -43.52
C ILE B 105 24.40 -21.86 -44.47
N PRO B 106 24.71 -23.11 -44.13
CA PRO B 106 25.37 -23.99 -45.09
C PRO B 106 24.50 -24.20 -46.31
N THR B 107 25.14 -24.37 -47.47
CA THR B 107 24.42 -24.50 -48.72
C THR B 107 23.45 -25.67 -48.69
N ALA B 108 23.88 -26.81 -48.15
CA ALA B 108 23.00 -27.98 -48.10
C ALA B 108 21.75 -27.71 -47.27
N GLN B 109 21.91 -27.00 -46.15
CA GLN B 109 20.76 -26.67 -45.31
C GLN B 109 19.75 -25.79 -46.06
N LEU B 110 20.24 -24.78 -46.77
CA LEU B 110 19.33 -23.90 -47.49
C LEU B 110 18.65 -24.64 -48.63
N VAL B 111 19.39 -25.52 -49.31
CA VAL B 111 18.79 -26.35 -50.35
C VAL B 111 17.68 -27.20 -49.77
N GLN B 112 17.91 -27.79 -48.60
CA GLN B 112 16.89 -28.62 -47.97
C GLN B 112 15.64 -27.80 -47.65
N ARG B 113 15.81 -26.60 -47.12
CA ARG B 113 14.64 -25.79 -46.77
C ARG B 113 13.86 -25.35 -48.02
N VAL B 114 14.56 -24.97 -49.08
CA VAL B 114 13.89 -24.58 -50.32
C VAL B 114 13.16 -25.76 -50.95
N ALA B 115 13.79 -26.94 -50.94
CA ALA B 115 13.15 -28.14 -51.45
C ALA B 115 11.91 -28.49 -50.63
N SER B 116 11.97 -28.25 -49.32
CA SER B 116 10.80 -28.47 -48.47
C SER B 116 9.64 -27.57 -48.90
N VAL B 117 9.93 -26.30 -49.21
CA VAL B 117 8.88 -25.40 -49.70
C VAL B 117 8.28 -25.92 -51.00
N MET B 118 9.13 -26.38 -51.92
CA MET B 118 8.64 -26.90 -53.20
C MET B 118 7.76 -28.14 -53.00
N GLN B 119 8.15 -29.04 -52.09
CA GLN B 119 7.30 -30.19 -51.78
C GLN B 119 5.95 -29.73 -51.23
N GLU B 120 5.96 -28.75 -50.32
CA GLU B 120 4.72 -28.21 -49.81
C GLU B 120 3.79 -27.81 -50.94
N TYR B 121 4.34 -27.18 -51.99
CA TYR B 121 3.48 -26.83 -53.10
C TYR B 121 3.12 -28.03 -53.97
N THR B 122 3.84 -29.13 -53.85
CA THR B 122 3.37 -30.35 -54.52
C THR B 122 2.23 -31.03 -53.77
N GLN B 123 2.02 -30.72 -52.49
CA GLN B 123 0.99 -31.45 -51.74
C GLN B 123 -0.15 -30.60 -51.19
N SER B 124 0.02 -29.30 -51.00
CA SER B 124 -0.98 -28.53 -50.27
C SER B 124 -2.21 -28.25 -51.14
N GLY B 125 -3.19 -27.59 -50.53
CA GLY B 125 -4.49 -27.42 -51.15
C GLY B 125 -4.55 -26.21 -52.09
N GLY B 126 -5.08 -26.46 -53.28
CA GLY B 126 -5.43 -25.39 -54.21
C GLY B 126 -4.28 -24.78 -54.98
N VAL B 127 -3.12 -25.42 -55.01
CA VAL B 127 -1.96 -24.84 -55.68
C VAL B 127 -1.40 -25.84 -56.68
N ARG B 128 -0.71 -25.34 -57.66
CA ARG B 128 0.10 -26.12 -58.57
C ARG B 128 1.54 -26.14 -58.09
N PRO B 129 2.32 -27.13 -58.47
CA PRO B 129 3.75 -27.11 -58.14
C PRO B 129 4.47 -25.99 -58.89
N PHE B 130 5.60 -25.57 -58.32
CA PHE B 130 6.44 -24.60 -58.98
C PHE B 130 6.94 -25.15 -60.31
N GLY B 131 7.06 -24.27 -61.30
CA GLY B 131 7.48 -24.70 -62.61
C GLY B 131 8.93 -24.36 -62.92
N VAL B 132 9.81 -24.47 -61.93
CA VAL B 132 11.22 -24.14 -62.10
C VAL B 132 12.08 -25.24 -61.52
N SER B 133 13.30 -25.33 -62.04
CA SER B 133 14.39 -26.06 -61.40
C SER B 133 15.46 -25.05 -61.01
N LEU B 134 16.00 -25.23 -59.81
CA LEU B 134 17.01 -24.35 -59.27
C LEU B 134 18.38 -25.01 -59.31
N LEU B 135 19.39 -24.23 -59.66
CA LEU B 135 20.79 -24.58 -59.46
C LEU B 135 21.31 -23.64 -58.37
N ILE B 136 21.85 -24.22 -57.31
CA ILE B 136 22.28 -23.49 -56.13
C ILE B 136 23.76 -23.74 -55.93
N CYS B 137 24.52 -22.67 -55.79
CA CYS B 137 25.95 -22.79 -55.54
C CYS B 137 26.28 -22.16 -54.20
N GLY B 138 27.31 -22.68 -53.56
CA GLY B 138 27.74 -22.10 -52.30
C GLY B 138 29.15 -22.48 -51.95
N TRP B 139 29.71 -21.74 -51.00
CA TRP B 139 31.04 -22.02 -50.46
C TRP B 139 30.93 -22.15 -48.96
N ASN B 140 31.32 -23.31 -48.43
CA ASN B 140 31.22 -23.62 -47.02
C ASN B 140 32.41 -24.46 -46.60
N GLU B 141 33.01 -24.10 -45.45
CA GLU B 141 34.14 -24.84 -44.87
C GLU B 141 35.23 -25.08 -45.90
N GLY B 142 35.59 -24.05 -46.65
CA GLY B 142 36.61 -24.18 -47.68
C GLY B 142 36.26 -25.20 -48.73
N ARG B 143 35.00 -25.24 -49.17
CA ARG B 143 34.53 -26.28 -50.02
C ARG B 143 33.41 -25.73 -50.90
N PRO B 144 33.42 -26.03 -52.20
CA PRO B 144 32.31 -25.62 -53.06
C PRO B 144 31.20 -26.65 -53.11
N TYR B 145 29.97 -26.15 -53.23
CA TYR B 145 28.77 -26.97 -53.32
C TYR B 145 27.94 -26.53 -54.51
N LEU B 146 27.40 -27.52 -55.23
CA LEU B 146 26.46 -27.30 -56.32
C LEU B 146 25.31 -28.28 -56.17
N PHE B 147 24.09 -27.76 -56.09
CA PHE B 147 22.89 -28.56 -55.93
C PHE B 147 21.88 -28.19 -57.01
N GLN B 148 21.02 -29.16 -57.33
CA GLN B 148 19.86 -28.92 -58.19
C GLN B 148 18.61 -29.33 -57.45
N SER B 149 17.63 -28.43 -57.40
CA SER B 149 16.35 -28.68 -56.77
C SER B 149 15.25 -28.66 -57.82
N ASP B 150 14.45 -29.71 -57.88
CA ASP B 150 13.42 -29.92 -58.88
C ASP B 150 12.07 -29.49 -58.37
N PRO B 151 11.08 -29.34 -59.27
CA PRO B 151 9.73 -28.93 -58.83
C PRO B 151 9.07 -29.89 -57.85
N SER B 152 9.46 -31.17 -57.82
CA SER B 152 8.88 -32.08 -56.85
C SER B 152 9.34 -31.80 -55.42
N GLY B 153 10.47 -31.12 -55.26
CA GLY B 153 11.10 -30.98 -53.96
C GLY B 153 12.27 -31.90 -53.72
N ALA B 154 12.69 -32.66 -54.72
CA ALA B 154 13.88 -33.49 -54.62
C ALA B 154 15.10 -32.69 -55.07
N TYR B 155 16.20 -32.85 -54.33
CA TYR B 155 17.44 -32.16 -54.64
C TYR B 155 18.56 -33.17 -54.79
N PHE B 156 19.55 -32.79 -55.61
CA PHE B 156 20.70 -33.61 -55.90
C PHE B 156 21.95 -32.76 -55.82
N ALA B 157 23.05 -33.39 -55.43
CA ALA B 157 24.36 -32.74 -55.43
C ALA B 157 25.09 -33.12 -56.71
N TRP B 158 25.61 -32.12 -57.42
CA TRP B 158 26.20 -32.33 -58.73
C TRP B 158 27.63 -31.81 -58.76
N LYS B 159 28.45 -32.45 -59.59
CA LYS B 159 29.74 -31.88 -59.95
C LYS B 159 29.63 -30.97 -61.15
N ALA B 160 28.68 -31.24 -62.06
CA ALA B 160 28.38 -30.40 -63.20
C ALA B 160 27.06 -30.89 -63.78
N THR B 161 26.19 -29.94 -64.16
CA THR B 161 24.90 -30.32 -64.71
C THR B 161 24.34 -29.18 -65.55
N ALA B 162 23.32 -29.51 -66.32
CA ALA B 162 22.63 -28.57 -67.19
C ALA B 162 21.12 -28.76 -67.07
N MET B 163 20.39 -27.66 -67.21
CA MET B 163 18.93 -27.63 -67.17
C MET B 163 18.41 -26.84 -68.36
N GLY B 164 17.12 -27.03 -68.65
CA GLY B 164 16.46 -26.28 -69.69
C GLY B 164 16.54 -26.92 -71.05
N LYS B 165 16.51 -26.10 -72.10
CA LYS B 165 16.53 -26.64 -73.46
C LYS B 165 17.86 -27.31 -73.75
N ASN B 166 17.78 -28.46 -74.42
CA ASN B 166 18.95 -29.24 -74.83
C ASN B 166 19.83 -29.64 -73.65
N TYR B 167 19.20 -29.94 -72.51
CA TYR B 167 19.98 -30.26 -71.33
C TYR B 167 20.56 -31.67 -71.36
N VAL B 168 19.97 -32.58 -72.14
CA VAL B 168 20.57 -33.91 -72.29
C VAL B 168 21.89 -33.82 -73.04
N ASN B 169 21.90 -33.07 -74.15
CA ASN B 169 23.13 -32.85 -74.89
C ASN B 169 24.13 -32.05 -74.05
N GLY B 170 23.64 -31.08 -73.28
CA GLY B 170 24.52 -30.36 -72.39
C GLY B 170 25.16 -31.26 -71.35
N LYS B 171 24.40 -32.20 -70.80
CA LYS B 171 24.96 -33.14 -69.84
C LYS B 171 26.00 -34.05 -70.49
N THR B 172 25.73 -34.51 -71.71
CA THR B 172 26.73 -35.32 -72.42
C THR B 172 28.01 -34.52 -72.66
N PHE B 173 27.87 -33.28 -73.10
CA PHE B 173 29.02 -32.42 -73.32
C PHE B 173 29.80 -32.21 -72.03
N LEU B 174 29.09 -31.96 -70.93
CA LEU B 174 29.75 -31.75 -69.64
C LEU B 174 30.51 -32.99 -69.21
N GLU B 175 29.88 -34.16 -69.32
CA GLU B 175 30.55 -35.37 -68.85
C GLU B 175 31.70 -35.78 -69.76
N LYS B 176 31.73 -35.31 -71.01
CA LYS B 176 32.90 -35.53 -71.85
C LYS B 176 33.89 -34.36 -71.81
N ARG B 177 33.59 -33.30 -71.09
CA ARG B 177 34.51 -32.17 -70.92
C ARG B 177 34.96 -31.97 -69.47
N TYR B 178 34.09 -32.25 -68.51
CA TYR B 178 34.41 -32.03 -67.11
C TYR B 178 35.48 -33.00 -66.63
N ASN B 179 36.38 -32.50 -65.81
CA ASN B 179 37.29 -33.33 -65.03
C ASN B 179 37.49 -32.69 -63.68
N GLU B 180 37.85 -33.51 -62.69
CA GLU B 180 38.23 -32.96 -61.41
C GLU B 180 39.51 -32.13 -61.54
N ASP B 181 39.92 -31.51 -60.45
CA ASP B 181 41.11 -30.67 -60.37
C ASP B 181 40.98 -29.42 -61.24
N LEU B 182 39.83 -29.21 -61.87
CA LEU B 182 39.63 -28.04 -62.71
C LEU B 182 39.62 -26.77 -61.86
N GLU B 183 40.16 -25.69 -62.41
CA GLU B 183 40.15 -24.41 -61.73
C GLU B 183 38.93 -23.60 -62.16
N LEU B 184 38.69 -22.50 -61.44
CA LEU B 184 37.48 -21.73 -61.67
C LEU B 184 37.46 -21.07 -63.05
N GLU B 185 38.61 -20.60 -63.53
CA GLU B 185 38.65 -19.99 -64.86
C GLU B 185 38.30 -21.01 -65.94
N ASP B 186 38.88 -22.20 -65.86
CA ASP B 186 38.60 -23.25 -66.83
C ASP B 186 37.16 -23.73 -66.72
N ALA B 187 36.61 -23.76 -65.50
CA ALA B 187 35.19 -24.09 -65.34
C ALA B 187 34.31 -23.03 -65.97
N ILE B 188 34.69 -21.75 -65.86
CA ILE B 188 33.93 -20.69 -66.51
C ILE B 188 33.95 -20.87 -68.02
N HIS B 189 35.13 -21.18 -68.57
CA HIS B 189 35.22 -21.45 -69.99
C HIS B 189 34.32 -22.63 -70.40
N THR B 190 34.35 -23.70 -69.61
CA THR B 190 33.54 -24.88 -69.94
C THR B 190 32.05 -24.58 -69.85
N ALA B 191 31.64 -23.80 -68.84
CA ALA B 191 30.23 -23.44 -68.72
C ALA B 191 29.77 -22.58 -69.90
N ILE B 192 30.61 -21.63 -70.31
CA ILE B 192 30.26 -20.81 -71.47
C ILE B 192 30.20 -21.66 -72.73
N LEU B 193 31.09 -22.64 -72.87
CA LEU B 193 31.04 -23.53 -74.03
C LEU B 193 29.78 -24.39 -74.01
N THR B 194 29.37 -24.86 -72.83
CA THR B 194 28.15 -25.63 -72.72
C THR B 194 26.94 -24.80 -73.12
N LEU B 195 26.90 -23.54 -72.69
CA LEU B 195 25.85 -22.65 -73.16
C LEU B 195 25.92 -22.46 -74.66
N LYS B 196 27.14 -22.32 -75.19
CA LYS B 196 27.33 -22.09 -76.63
C LYS B 196 26.83 -23.26 -77.46
N GLU B 197 26.90 -24.48 -76.91
CA GLU B 197 26.43 -25.64 -77.67
C GLU B 197 24.96 -25.54 -78.01
N SER B 198 24.13 -25.09 -77.06
CA SER B 198 22.70 -24.95 -77.28
C SER B 198 22.28 -23.54 -77.65
N PHE B 199 23.20 -22.58 -77.64
CA PHE B 199 22.86 -21.21 -77.98
C PHE B 199 22.53 -21.08 -79.46
N GLU B 200 21.60 -20.18 -79.76
CA GLU B 200 21.21 -19.88 -81.14
C GLU B 200 21.56 -18.43 -81.45
N GLY B 201 22.31 -18.22 -82.52
CA GLY B 201 22.79 -16.90 -82.83
C GLY B 201 24.11 -16.60 -82.14
N GLN B 202 24.47 -15.33 -82.15
CA GLN B 202 25.73 -14.86 -81.57
C GLN B 202 25.57 -14.66 -80.06
N MET B 203 26.54 -15.16 -79.31
CA MET B 203 26.58 -14.98 -77.87
C MET B 203 27.41 -13.76 -77.53
N THR B 204 26.81 -12.81 -76.84
CA THR B 204 27.49 -11.59 -76.41
C THR B 204 27.51 -11.53 -74.89
N GLU B 205 28.20 -10.52 -74.37
CA GLU B 205 28.29 -10.33 -72.93
C GLU B 205 26.97 -9.91 -72.31
N ASP B 206 25.98 -9.58 -73.13
CA ASP B 206 24.64 -9.26 -72.66
C ASP B 206 23.64 -10.40 -72.84
N ASN B 207 23.95 -11.36 -73.71
CA ASN B 207 23.08 -12.50 -73.94
C ASN B 207 23.12 -13.52 -72.82
N ILE B 208 24.13 -13.47 -71.95
CA ILE B 208 24.32 -14.47 -70.92
C ILE B 208 24.60 -13.78 -69.58
N GLU B 209 24.30 -14.49 -68.50
CA GLU B 209 24.59 -14.05 -67.15
C GLU B 209 25.41 -15.12 -66.46
N VAL B 210 26.47 -14.71 -65.78
CA VAL B 210 27.41 -15.63 -65.14
C VAL B 210 27.60 -15.19 -63.69
N GLY B 211 27.46 -16.14 -62.77
CA GLY B 211 27.79 -15.92 -61.38
C GLY B 211 28.82 -16.93 -60.93
N ILE B 212 29.65 -16.52 -59.99
CA ILE B 212 30.73 -17.37 -59.46
C ILE B 212 30.66 -17.37 -57.95
N CYS B 213 30.98 -18.51 -57.36
CA CYS B 213 31.11 -18.65 -55.91
C CYS B 213 32.48 -19.20 -55.59
N ASN B 214 33.24 -18.48 -54.77
CA ASN B 214 34.50 -19.00 -54.26
C ASN B 214 34.61 -18.58 -52.80
N GLU B 215 35.82 -18.67 -52.25
CA GLU B 215 36.05 -18.30 -50.86
C GLU B 215 35.66 -16.85 -50.61
N ALA B 216 35.84 -15.97 -51.59
CA ALA B 216 35.48 -14.57 -51.43
C ALA B 216 33.96 -14.38 -51.35
N GLY B 217 33.19 -15.36 -51.76
CA GLY B 217 31.74 -15.30 -51.72
C GLY B 217 31.14 -15.58 -53.06
N PHE B 218 29.86 -15.26 -53.19
CA PHE B 218 29.15 -15.35 -54.46
C PHE B 218 28.99 -13.96 -55.05
N ARG B 219 29.16 -13.87 -56.37
CA ARG B 219 28.92 -12.61 -57.06
C ARG B 219 28.54 -12.88 -58.50
N ARG B 220 27.73 -11.97 -59.05
CA ARG B 220 27.45 -11.94 -60.46
C ARG B 220 28.62 -11.33 -61.21
N LEU B 221 28.94 -11.88 -62.37
CA LEU B 221 29.96 -11.29 -63.22
C LEU B 221 29.41 -10.07 -63.93
N THR B 222 30.18 -8.98 -63.94
CA THR B 222 29.81 -7.83 -64.73
C THR B 222 29.94 -8.17 -66.22
N PRO B 223 29.16 -7.50 -67.07
CA PRO B 223 29.27 -7.79 -68.51
C PRO B 223 30.65 -7.58 -69.09
N THR B 224 31.48 -6.74 -68.47
CA THR B 224 32.86 -6.58 -68.94
C THR B 224 33.70 -7.82 -68.68
N GLU B 225 33.57 -8.42 -67.49
CA GLU B 225 34.26 -9.67 -67.21
C GLU B 225 33.79 -10.78 -68.16
N VAL B 226 32.48 -10.85 -68.39
CA VAL B 226 31.94 -11.85 -69.31
C VAL B 226 32.48 -11.61 -70.71
N LYS B 227 32.60 -10.36 -71.11
CA LYS B 227 33.16 -10.06 -72.43
C LYS B 227 34.61 -10.50 -72.53
N ASP B 228 35.38 -10.30 -71.46
CA ASP B 228 36.75 -10.80 -71.44
C ASP B 228 36.79 -12.31 -71.59
N TYR B 229 35.93 -13.02 -70.86
CA TYR B 229 35.90 -14.48 -70.97
C TYR B 229 35.48 -14.92 -72.36
N LEU B 230 34.51 -14.24 -72.96
CA LEU B 230 34.07 -14.58 -74.31
C LEU B 230 35.18 -14.34 -75.33
N ALA B 231 35.93 -13.25 -75.16
CA ALA B 231 37.07 -13.01 -76.03
C ALA B 231 38.10 -14.13 -75.88
N ALA B 232 38.33 -14.59 -74.65
CA ALA B 232 39.23 -15.72 -74.45
C ALA B 232 38.72 -16.98 -75.13
N ILE B 233 37.44 -17.04 -75.49
CA ILE B 233 36.89 -18.17 -76.22
C ILE B 233 36.65 -17.81 -77.68
N MET C 1 -16.58 -24.49 -59.07
CA MET C 1 -15.88 -24.20 -57.82
C MET C 1 -15.12 -25.39 -57.33
N SER C 2 -15.03 -25.44 -55.99
CA SER C 2 -14.38 -26.54 -55.31
C SER C 2 -14.90 -27.90 -55.77
N ARG C 3 -16.22 -28.05 -55.83
CA ARG C 3 -16.80 -29.37 -56.02
C ARG C 3 -16.39 -29.99 -57.35
N ARG C 4 -16.40 -29.20 -58.43
CA ARG C 4 -16.11 -29.76 -59.73
C ARG C 4 -14.62 -30.03 -59.95
N TYR C 5 -13.74 -29.34 -59.23
CA TYR C 5 -12.30 -29.56 -59.34
C TYR C 5 -11.75 -30.48 -58.26
N ASP C 6 -12.58 -30.87 -57.30
CA ASP C 6 -12.11 -31.72 -56.21
C ASP C 6 -11.84 -33.13 -56.70
N SER C 7 -10.66 -33.64 -56.39
CA SER C 7 -10.25 -34.98 -56.76
C SER C 7 -10.84 -36.07 -55.87
N ARG C 8 -11.28 -35.71 -54.66
CA ARG C 8 -11.85 -36.66 -53.71
C ARG C 8 -10.86 -37.76 -53.36
N THR C 9 -9.74 -37.34 -52.75
CA THR C 9 -8.66 -38.28 -52.46
C THR C 9 -9.01 -39.26 -51.33
N THR C 10 -9.84 -38.85 -50.37
CA THR C 10 -10.07 -39.60 -49.15
C THR C 10 -11.46 -40.23 -49.09
N ILE C 11 -11.94 -40.79 -50.20
CA ILE C 11 -13.24 -41.44 -50.22
C ILE C 11 -13.08 -42.89 -50.67
N PHE C 12 -14.03 -43.71 -50.24
CA PHE C 12 -14.05 -45.12 -50.62
C PHE C 12 -14.50 -45.28 -52.07
N SER C 13 -14.01 -46.33 -52.70
CA SER C 13 -14.49 -46.76 -54.01
C SER C 13 -15.64 -47.73 -53.83
N PRO C 14 -16.41 -47.99 -54.90
CA PRO C 14 -17.53 -48.94 -54.77
C PRO C 14 -17.13 -50.33 -54.30
N GLU C 15 -15.89 -50.76 -54.55
CA GLU C 15 -15.44 -52.06 -54.07
C GLU C 15 -14.93 -52.02 -52.64
N GLY C 16 -14.99 -50.87 -51.97
CA GLY C 16 -14.45 -50.74 -50.64
C GLY C 16 -13.00 -50.39 -50.58
N ARG C 17 -12.45 -49.81 -51.65
CA ARG C 17 -11.02 -49.55 -51.76
C ARG C 17 -10.73 -48.06 -51.68
N LEU C 18 -9.49 -47.74 -51.36
CA LEU C 18 -8.99 -46.36 -51.34
C LEU C 18 -8.02 -46.22 -52.50
N TYR C 19 -8.46 -45.57 -53.57
CA TYR C 19 -7.71 -45.57 -54.82
C TYR C 19 -6.38 -44.84 -54.68
N GLN C 20 -6.36 -43.69 -54.01
CA GLN C 20 -5.13 -42.92 -53.91
C GLN C 20 -4.05 -43.70 -53.16
N VAL C 21 -4.45 -44.46 -52.14
CA VAL C 21 -3.49 -45.29 -51.41
C VAL C 21 -2.92 -46.37 -52.33
N GLU C 22 -3.77 -47.02 -53.13
CA GLU C 22 -3.30 -48.05 -54.05
C GLU C 22 -2.35 -47.48 -55.09
N TYR C 23 -2.65 -46.27 -55.59
CA TYR C 23 -1.76 -45.65 -56.57
C TYR C 23 -0.44 -45.22 -55.95
N ALA C 24 -0.47 -44.77 -54.70
CA ALA C 24 0.78 -44.52 -53.99
C ALA C 24 1.58 -45.80 -53.83
N MET C 25 0.91 -46.93 -53.61
CA MET C 25 1.61 -48.21 -53.53
C MET C 25 2.24 -48.58 -54.87
N GLU C 26 1.55 -48.25 -55.97
CA GLU C 26 2.16 -48.43 -57.29
C GLU C 26 3.43 -47.60 -57.42
N ALA C 27 3.37 -46.34 -56.97
CA ALA C 27 4.57 -45.51 -56.96
C ALA C 27 5.69 -46.17 -56.17
N ILE C 28 5.36 -46.74 -55.01
CA ILE C 28 6.36 -47.45 -54.21
C ILE C 28 6.98 -48.57 -55.04
N GLY C 29 6.13 -49.35 -55.71
CA GLY C 29 6.64 -50.46 -56.51
C GLY C 29 7.58 -50.00 -57.61
N HIS C 30 7.42 -48.77 -58.09
CA HIS C 30 8.36 -48.25 -59.07
C HIS C 30 9.77 -48.05 -58.50
N ALA C 31 9.87 -47.61 -57.24
CA ALA C 31 11.09 -46.99 -56.74
C ALA C 31 12.20 -48.01 -56.52
N GLY C 32 13.34 -47.52 -56.05
CA GLY C 32 14.49 -48.37 -55.84
C GLY C 32 14.30 -49.35 -54.71
N THR C 33 14.99 -50.48 -54.82
CA THR C 33 14.84 -51.59 -53.89
C THR C 33 15.50 -51.28 -52.55
N CYS C 34 14.77 -51.52 -51.46
CA CYS C 34 15.34 -51.49 -50.11
C CYS C 34 15.05 -52.83 -49.45
N LEU C 35 16.03 -53.34 -48.71
CA LEU C 35 15.96 -54.64 -48.08
C LEU C 35 16.36 -54.51 -46.62
N GLY C 36 15.68 -55.26 -45.76
CA GLY C 36 16.01 -55.25 -44.34
C GLY C 36 16.13 -56.66 -43.82
N ILE C 37 17.19 -56.94 -43.06
CA ILE C 37 17.44 -58.28 -42.54
C ILE C 37 17.85 -58.18 -41.08
N LEU C 38 17.21 -58.95 -40.23
CA LEU C 38 17.48 -58.98 -38.80
C LEU C 38 18.26 -60.24 -38.44
N ALA C 39 19.38 -60.07 -37.74
CA ALA C 39 20.20 -61.17 -37.26
C ALA C 39 20.23 -61.15 -35.74
N ASN C 40 20.95 -62.11 -35.17
CA ASN C 40 20.97 -62.24 -33.71
C ASN C 40 21.82 -61.17 -33.06
N ASP C 41 22.82 -60.63 -33.76
CA ASP C 41 23.70 -59.62 -33.20
C ASP C 41 23.56 -58.26 -33.87
N GLY C 42 22.47 -58.04 -34.59
CA GLY C 42 22.26 -56.74 -35.19
C GLY C 42 21.18 -56.79 -36.25
N VAL C 43 21.12 -55.72 -37.03
CA VAL C 43 20.13 -55.62 -38.10
C VAL C 43 20.73 -54.76 -39.20
N LEU C 44 20.29 -54.97 -40.43
CA LEU C 44 20.90 -54.26 -41.55
C LEU C 44 19.86 -53.82 -42.56
N LEU C 45 20.17 -52.71 -43.23
CA LEU C 45 19.46 -52.23 -44.41
C LEU C 45 20.41 -52.23 -45.60
N ALA C 46 19.88 -52.64 -46.75
CA ALA C 46 20.64 -52.62 -48.00
C ALA C 46 19.73 -52.06 -49.08
N ALA C 47 20.10 -50.91 -49.62
CA ALA C 47 19.25 -50.18 -50.55
C ALA C 47 19.96 -49.99 -51.88
N GLU C 48 19.21 -50.16 -52.96
CA GLU C 48 19.74 -49.88 -54.29
C GLU C 48 19.84 -48.38 -54.50
N ARG C 49 21.00 -47.93 -54.97
CA ARG C 49 21.22 -46.50 -55.22
C ARG C 49 20.69 -46.17 -56.61
N ARG C 50 19.64 -45.36 -56.67
CA ARG C 50 19.04 -44.98 -57.93
C ARG C 50 19.65 -43.73 -58.52
N ASN C 51 20.27 -42.88 -57.70
CA ASN C 51 21.03 -41.73 -58.18
C ASN C 51 22.43 -42.18 -58.57
N ILE C 52 22.53 -42.80 -59.74
CA ILE C 52 23.80 -43.23 -60.32
C ILE C 52 24.04 -42.42 -61.59
N HIS C 53 25.10 -41.63 -61.58
CA HIS C 53 25.52 -40.80 -62.70
C HIS C 53 26.91 -40.28 -62.38
N LYS C 54 27.80 -40.30 -63.38
CA LYS C 54 29.19 -39.96 -63.11
C LYS C 54 29.34 -38.51 -62.66
N LEU C 55 28.44 -37.63 -63.07
CA LEU C 55 28.52 -36.23 -62.72
C LEU C 55 27.88 -35.91 -61.37
N LEU C 56 27.23 -36.88 -60.74
CA LEU C 56 26.68 -36.66 -59.41
C LEU C 56 27.80 -36.52 -58.39
N ASP C 57 27.71 -35.50 -57.55
CA ASP C 57 28.67 -35.35 -56.47
C ASP C 57 28.47 -36.45 -55.45
N GLU C 58 29.57 -36.86 -54.82
CA GLU C 58 29.51 -37.93 -53.83
C GLU C 58 28.59 -37.52 -52.68
N VAL C 59 27.76 -38.46 -52.23
CA VAL C 59 26.74 -38.14 -51.24
C VAL C 59 27.39 -37.91 -49.88
N PHE C 60 26.77 -37.04 -49.09
CA PHE C 60 27.32 -36.68 -47.79
C PHE C 60 27.39 -37.89 -46.87
N PHE C 61 26.23 -38.44 -46.50
CA PHE C 61 26.15 -39.56 -45.57
C PHE C 61 25.61 -40.81 -46.24
N SER C 62 24.45 -40.72 -46.86
CA SER C 62 23.81 -41.81 -47.57
C SER C 62 22.63 -41.26 -48.34
N GLU C 63 22.34 -41.87 -49.49
CA GLU C 63 21.25 -41.37 -50.31
C GLU C 63 19.88 -41.72 -49.73
N LYS C 64 19.73 -42.95 -49.23
CA LYS C 64 18.42 -43.48 -48.86
C LYS C 64 18.30 -43.88 -47.40
N ILE C 65 19.37 -43.78 -46.62
CA ILE C 65 19.37 -44.23 -45.23
C ILE C 65 19.51 -43.02 -44.32
N TYR C 66 18.57 -42.87 -43.39
CA TYR C 66 18.52 -41.72 -42.50
C TYR C 66 18.56 -42.19 -41.05
N LYS C 67 19.51 -41.67 -40.29
CA LYS C 67 19.50 -41.85 -38.85
C LYS C 67 18.34 -41.05 -38.26
N LEU C 68 17.61 -41.66 -37.33
CA LEU C 68 16.43 -41.04 -36.75
C LEU C 68 16.64 -40.57 -35.32
N ASN C 69 17.41 -41.33 -34.56
CA ASN C 69 17.86 -40.94 -33.24
C ASN C 69 19.09 -41.78 -32.93
N GLU C 70 19.49 -41.82 -31.66
CA GLU C 70 20.70 -42.56 -31.30
C GLU C 70 20.60 -44.05 -31.57
N ASP C 71 19.39 -44.61 -31.61
CA ASP C 71 19.22 -46.05 -31.68
C ASP C 71 18.49 -46.57 -32.92
N MET C 72 17.99 -45.69 -33.79
CA MET C 72 17.13 -46.11 -34.89
C MET C 72 17.56 -45.47 -36.20
N ALA C 73 17.25 -46.15 -37.29
CA ALA C 73 17.52 -45.64 -38.63
C ALA C 73 16.44 -46.16 -39.56
N CYS C 74 16.33 -45.55 -40.73
CA CYS C 74 15.29 -45.94 -41.67
C CYS C 74 15.79 -45.81 -43.09
N SER C 75 15.11 -46.51 -44.00
CA SER C 75 15.31 -46.40 -45.42
C SER C 75 13.96 -46.17 -46.09
N VAL C 76 13.96 -45.45 -47.19
CA VAL C 76 12.72 -45.02 -47.81
C VAL C 76 12.65 -45.53 -49.25
N ALA C 77 11.42 -45.74 -49.72
CA ALA C 77 11.15 -46.06 -51.11
C ALA C 77 9.91 -45.30 -51.53
N GLY C 78 9.96 -44.68 -52.72
CA GLY C 78 8.84 -43.92 -53.23
C GLY C 78 9.25 -42.50 -53.59
N ILE C 79 8.36 -41.56 -53.30
CA ILE C 79 8.64 -40.15 -53.59
C ILE C 79 9.67 -39.62 -52.60
N THR C 80 10.72 -38.99 -53.11
CA THR C 80 11.86 -38.62 -52.27
C THR C 80 11.53 -37.45 -51.35
N SER C 81 10.87 -36.42 -51.87
CA SER C 81 10.60 -35.24 -51.05
C SER C 81 9.54 -35.53 -49.99
N ASP C 82 8.57 -36.40 -50.31
CA ASP C 82 7.65 -36.90 -49.30
C ASP C 82 8.42 -37.65 -48.21
N ALA C 83 9.44 -38.42 -48.60
CA ALA C 83 10.27 -39.12 -47.63
C ALA C 83 11.05 -38.15 -46.76
N ASN C 84 11.48 -37.02 -47.32
CA ASN C 84 12.13 -35.99 -46.50
C ASN C 84 11.19 -35.44 -45.45
N VAL C 85 9.95 -35.14 -45.87
CA VAL C 85 8.93 -34.69 -44.91
C VAL C 85 8.77 -35.71 -43.78
N LEU C 86 8.63 -36.97 -44.15
CA LEU C 86 8.37 -38.02 -43.17
C LEU C 86 9.55 -38.25 -42.24
N THR C 87 10.78 -38.20 -42.76
CA THR C 87 11.94 -38.41 -41.90
C THR C 87 12.11 -37.26 -40.91
N ASN C 88 11.81 -36.03 -41.34
CA ASN C 88 11.84 -34.93 -40.39
C ASN C 88 10.79 -35.12 -39.30
N GLU C 89 9.58 -35.55 -39.68
CA GLU C 89 8.56 -35.83 -38.68
C GLU C 89 9.02 -36.90 -37.69
N LEU C 90 9.66 -37.96 -38.19
CA LEU C 90 10.14 -39.03 -37.31
C LEU C 90 11.17 -38.52 -36.32
N ARG C 91 12.12 -37.72 -36.79
CA ARG C 91 13.12 -37.17 -35.89
C ARG C 91 12.46 -36.31 -34.81
N LEU C 92 11.47 -35.50 -35.21
CA LEU C 92 10.75 -34.68 -34.24
C LEU C 92 10.03 -35.55 -33.20
N ILE C 93 9.38 -36.63 -33.65
CA ILE C 93 8.65 -37.49 -32.72
C ILE C 93 9.60 -38.14 -31.72
N ALA C 94 10.74 -38.63 -32.20
CA ALA C 94 11.71 -39.26 -31.31
C ALA C 94 12.23 -38.26 -30.28
N GLN C 95 12.53 -37.03 -30.71
CA GLN C 95 13.01 -36.05 -29.75
C GLN C 95 11.92 -35.61 -28.78
N ARG C 96 10.67 -35.57 -29.22
CA ARG C 96 9.58 -35.25 -28.30
C ARG C 96 9.45 -36.30 -27.21
N TYR C 97 9.53 -37.58 -27.59
CA TYR C 97 9.51 -38.64 -26.59
C TYR C 97 10.69 -38.53 -25.64
N LEU C 98 11.88 -38.26 -26.18
CA LEU C 98 13.05 -38.12 -25.32
C LEU C 98 12.86 -36.97 -24.33
N LEU C 99 12.34 -35.84 -24.79
CA LEU C 99 12.09 -34.71 -23.91
C LEU C 99 11.09 -35.07 -22.82
N GLN C 100 10.04 -35.81 -23.18
CA GLN C 100 8.99 -36.14 -22.22
C GLN C 100 9.47 -37.13 -21.17
N TYR C 101 10.14 -38.21 -21.58
CA TYR C 101 10.46 -39.30 -20.68
C TYR C 101 11.93 -39.38 -20.29
N GLN C 102 12.80 -38.65 -20.98
CA GLN C 102 14.25 -38.71 -20.78
C GLN C 102 14.78 -40.12 -21.01
N GLU C 103 14.14 -40.86 -21.91
CA GLU C 103 14.58 -42.16 -22.39
C GLU C 103 14.39 -42.19 -23.89
N PRO C 104 15.20 -42.97 -24.61
CA PRO C 104 14.97 -43.11 -26.06
C PRO C 104 13.63 -43.78 -26.35
N ILE C 105 13.02 -43.38 -27.46
CA ILE C 105 11.69 -43.91 -27.81
C ILE C 105 11.83 -45.35 -28.27
N PRO C 106 10.98 -46.26 -27.82
CA PRO C 106 10.97 -47.61 -28.42
C PRO C 106 10.60 -47.56 -29.88
N CYS C 107 11.14 -48.50 -30.65
CA CYS C 107 11.03 -48.45 -32.10
C CYS C 107 9.58 -48.51 -32.57
N GLU C 108 8.81 -49.44 -32.00
CA GLU C 108 7.43 -49.61 -32.44
C GLU C 108 6.61 -48.36 -32.19
N GLN C 109 6.86 -47.65 -31.08
CA GLN C 109 6.13 -46.43 -30.80
C GLN C 109 6.39 -45.35 -31.85
N LEU C 110 7.65 -45.24 -32.29
CA LEU C 110 7.98 -44.27 -33.33
C LEU C 110 7.28 -44.61 -34.64
N VAL C 111 7.33 -45.89 -35.02
CA VAL C 111 6.64 -46.33 -36.23
C VAL C 111 5.15 -46.05 -36.12
N THR C 112 4.56 -46.32 -34.95
CA THR C 112 3.12 -46.15 -34.77
C THR C 112 2.72 -44.68 -34.88
N ALA C 113 3.52 -43.77 -34.32
CA ALA C 113 3.22 -42.35 -34.45
C ALA C 113 3.25 -41.90 -35.92
N LEU C 114 4.28 -42.31 -36.66
CA LEU C 114 4.34 -41.93 -38.07
C LEU C 114 3.19 -42.53 -38.86
N CYS C 115 2.84 -43.78 -38.56
CA CYS C 115 1.74 -44.42 -39.27
C CYS C 115 0.40 -43.76 -38.95
N ASP C 116 0.25 -43.20 -37.74
CA ASP C 116 -0.93 -42.44 -37.43
C ASP C 116 -1.02 -41.17 -38.29
N ILE C 117 0.12 -40.51 -38.51
CA ILE C 117 0.12 -39.35 -39.41
C ILE C 117 -0.32 -39.77 -40.83
N LYS C 118 0.23 -40.89 -41.31
CA LYS C 118 -0.13 -41.37 -42.64
C LYS C 118 -1.61 -41.70 -42.75
N GLN C 119 -2.15 -42.38 -41.74
CA GLN C 119 -3.58 -42.72 -41.75
C GLN C 119 -4.45 -41.48 -41.76
N ALA C 120 -4.07 -40.47 -40.96
CA ALA C 120 -4.81 -39.22 -40.96
C ALA C 120 -4.86 -38.63 -42.36
N TYR C 121 -3.75 -38.67 -43.10
CA TYR C 121 -3.87 -38.23 -44.48
C TYR C 121 -4.75 -39.15 -45.32
N THR C 122 -4.89 -40.42 -44.97
CA THR C 122 -5.79 -41.26 -45.75
C THR C 122 -7.26 -41.04 -45.45
N GLN C 123 -7.60 -40.44 -44.31
CA GLN C 123 -9.01 -40.40 -43.93
C GLN C 123 -9.68 -39.03 -44.11
N PHE C 124 -9.00 -37.94 -43.82
CA PHE C 124 -9.62 -36.63 -43.89
C PHE C 124 -8.63 -35.61 -44.42
N GLY C 125 -9.16 -34.46 -44.85
CA GLY C 125 -8.37 -33.33 -45.28
C GLY C 125 -8.30 -33.13 -46.78
N GLY C 126 -8.72 -34.11 -47.57
CA GLY C 126 -8.72 -33.96 -49.01
C GLY C 126 -7.36 -33.86 -49.67
N LYS C 127 -6.28 -34.13 -48.94
CA LYS C 127 -4.95 -34.11 -49.53
C LYS C 127 -4.60 -35.47 -50.10
N ARG C 128 -3.61 -35.47 -50.96
CA ARG C 128 -3.11 -36.72 -51.47
C ARG C 128 -2.23 -37.42 -50.42
N PRO C 129 -2.19 -38.74 -50.43
CA PRO C 129 -1.36 -39.45 -49.45
C PRO C 129 0.13 -39.32 -49.76
N PHE C 130 0.93 -39.60 -48.73
CA PHE C 130 2.37 -39.69 -48.90
C PHE C 130 2.71 -40.93 -49.72
N GLY C 131 3.54 -40.76 -50.74
CA GLY C 131 3.94 -41.89 -51.56
C GLY C 131 5.23 -42.53 -51.10
N VAL C 132 5.30 -42.96 -49.84
CA VAL C 132 6.53 -43.48 -49.25
C VAL C 132 6.21 -44.75 -48.47
N SER C 133 7.01 -45.80 -48.71
CA SER C 133 7.11 -46.94 -47.83
C SER C 133 8.45 -46.87 -47.11
N LEU C 134 8.45 -47.25 -45.84
CA LEU C 134 9.64 -47.12 -45.01
C LEU C 134 10.03 -48.46 -44.40
N LEU C 135 11.34 -48.68 -44.31
CA LEU C 135 11.91 -49.73 -43.48
C LEU C 135 12.60 -49.09 -42.29
N TYR C 136 12.37 -49.63 -41.11
CA TYR C 136 12.94 -49.12 -39.88
C TYR C 136 13.77 -50.22 -39.24
N ILE C 137 14.97 -49.87 -38.80
CA ILE C 137 15.78 -50.78 -37.99
C ILE C 137 16.11 -50.07 -36.69
N GLY C 138 16.11 -50.82 -35.60
CA GLY C 138 16.39 -50.18 -34.34
C GLY C 138 16.72 -51.17 -33.26
N TRP C 139 17.10 -50.63 -32.12
CA TRP C 139 17.30 -51.41 -30.91
C TRP C 139 16.60 -50.69 -29.76
N ASP C 140 15.92 -51.46 -28.92
CA ASP C 140 15.44 -50.89 -27.66
C ASP C 140 15.56 -51.93 -26.56
N LYS C 141 15.44 -51.45 -25.32
CA LYS C 141 15.58 -52.30 -24.15
C LYS C 141 14.39 -53.24 -23.96
N HIS C 142 13.31 -53.05 -24.70
CA HIS C 142 12.14 -53.92 -24.58
C HIS C 142 12.24 -55.16 -25.46
N TYR C 143 12.52 -54.98 -26.76
CA TYR C 143 12.50 -56.08 -27.70
C TYR C 143 13.82 -56.27 -28.44
N GLY C 144 14.89 -55.60 -28.01
CA GLY C 144 16.17 -55.81 -28.67
C GLY C 144 16.20 -55.21 -30.05
N PHE C 145 16.73 -55.98 -31.00
CA PHE C 145 16.83 -55.56 -32.39
C PHE C 145 15.50 -55.77 -33.11
N GLN C 146 15.08 -54.78 -33.88
CA GLN C 146 13.78 -54.80 -34.51
C GLN C 146 13.85 -54.25 -35.92
N LEU C 147 13.05 -54.84 -36.80
CA LEU C 147 12.86 -54.38 -38.17
C LEU C 147 11.38 -54.18 -38.40
N TYR C 148 11.01 -53.04 -38.97
CA TYR C 148 9.63 -52.69 -39.24
C TYR C 148 9.48 -52.19 -40.66
N GLN C 149 8.26 -52.31 -41.18
CA GLN C 149 7.93 -51.84 -42.51
C GLN C 149 6.59 -51.14 -42.45
N SER C 150 6.51 -49.96 -43.07
CA SER C 150 5.28 -49.18 -43.09
C SER C 150 4.97 -48.73 -44.51
N ASP C 151 3.68 -48.58 -44.79
CA ASP C 151 3.09 -48.31 -46.10
C ASP C 151 2.43 -46.94 -46.14
N PRO C 152 2.12 -46.43 -47.34
CA PRO C 152 1.37 -45.18 -47.43
C PRO C 152 -0.01 -45.23 -46.79
N SER C 153 -0.62 -46.41 -46.71
CA SER C 153 -1.92 -46.53 -46.04
C SER C 153 -1.82 -46.27 -44.55
N GLY C 154 -0.63 -46.36 -43.96
CA GLY C 154 -0.46 -46.31 -42.53
C GLY C 154 -0.38 -47.65 -41.86
N ASN C 155 -0.51 -48.75 -42.61
CA ASN C 155 -0.26 -50.06 -42.05
C ASN C 155 1.23 -50.25 -41.80
N TYR C 156 1.56 -50.97 -40.74
CA TYR C 156 2.94 -51.31 -40.43
C TYR C 156 2.99 -52.73 -39.90
N GLY C 157 4.16 -53.33 -39.99
CA GLY C 157 4.37 -54.66 -39.45
C GLY C 157 5.83 -54.92 -39.18
N GLY C 158 6.09 -55.78 -38.19
CA GLY C 158 7.45 -56.20 -37.90
C GLY C 158 7.83 -57.44 -38.67
N TRP C 159 9.12 -57.58 -38.97
CA TRP C 159 9.60 -58.61 -39.86
C TRP C 159 10.94 -59.15 -39.37
N LYS C 160 11.24 -60.38 -39.78
CA LYS C 160 12.60 -60.88 -39.67
C LYS C 160 13.44 -60.46 -40.87
N ALA C 161 12.84 -60.49 -42.05
CA ALA C 161 13.49 -60.07 -43.28
C ALA C 161 12.40 -59.61 -44.23
N THR C 162 12.62 -58.47 -44.87
CA THR C 162 11.59 -57.89 -45.72
C THR C 162 12.24 -57.07 -46.81
N CYS C 163 11.44 -56.69 -47.81
CA CYS C 163 11.92 -55.89 -48.92
C CYS C 163 10.77 -55.02 -49.43
N ILE C 164 11.12 -53.80 -49.86
CA ILE C 164 10.19 -52.87 -50.47
C ILE C 164 10.82 -52.34 -51.75
N GLY C 165 9.98 -51.83 -52.63
CA GLY C 165 10.44 -51.22 -53.86
C GLY C 165 10.46 -52.15 -55.05
N ASN C 166 11.38 -51.90 -55.99
CA ASN C 166 11.46 -52.67 -57.21
C ASN C 166 11.78 -54.13 -56.93
N ASN C 167 11.04 -55.02 -57.58
CA ASN C 167 11.26 -56.46 -57.51
C ASN C 167 11.16 -56.99 -56.08
N SER C 168 10.37 -56.32 -55.23
CA SER C 168 10.32 -56.72 -53.83
C SER C 168 9.70 -58.10 -53.65
N ALA C 169 8.83 -58.53 -54.57
CA ALA C 169 8.19 -59.83 -54.42
C ALA C 169 9.18 -60.98 -54.63
N ALA C 170 10.03 -60.87 -55.66
CA ALA C 170 11.06 -61.88 -55.87
C ALA C 170 12.06 -61.88 -54.71
N ALA C 171 12.39 -60.70 -54.20
CA ALA C 171 13.27 -60.63 -53.04
C ALA C 171 12.64 -61.30 -51.82
N VAL C 172 11.33 -61.14 -51.66
CA VAL C 172 10.64 -61.79 -50.55
C VAL C 172 10.62 -63.30 -50.72
N SER C 173 10.49 -63.78 -51.96
CA SER C 173 10.59 -65.22 -52.19
C SER C 173 11.99 -65.73 -51.84
N MET C 174 13.02 -65.01 -52.26
CA MET C 174 14.39 -65.36 -51.89
C MET C 174 14.55 -65.41 -50.38
N LEU C 175 14.02 -64.40 -49.68
CA LEU C 175 14.14 -64.34 -48.23
C LEU C 175 13.42 -65.51 -47.58
N LYS C 176 12.21 -65.83 -48.05
CA LYS C 176 11.49 -66.97 -47.49
C LYS C 176 12.28 -68.25 -47.64
N GLN C 177 12.89 -68.46 -48.81
CA GLN C 177 13.65 -69.68 -49.02
C GLN C 177 14.91 -69.72 -48.17
N ASP C 178 15.62 -68.59 -48.06
CA ASP C 178 17.00 -68.59 -47.58
C ASP C 178 17.18 -68.13 -46.14
N TYR C 179 16.29 -67.29 -45.62
CA TYR C 179 16.45 -66.80 -44.25
C TYR C 179 16.23 -67.95 -43.26
N LYS C 180 17.08 -68.01 -42.24
CA LYS C 180 17.01 -69.04 -41.20
C LYS C 180 16.78 -68.36 -39.87
N GLU C 181 15.57 -68.49 -39.33
CA GLU C 181 15.20 -67.77 -38.13
C GLU C 181 15.95 -68.30 -36.91
N GLY C 182 16.39 -67.37 -36.06
CA GLY C 182 17.06 -67.73 -34.83
C GLY C 182 18.51 -68.15 -34.99
N GLU C 183 19.08 -68.06 -36.19
CA GLU C 183 20.45 -68.46 -36.42
C GLU C 183 21.24 -67.48 -37.27
N MET C 184 20.63 -66.38 -37.71
CA MET C 184 21.32 -65.44 -38.58
C MET C 184 22.32 -64.63 -37.77
N THR C 185 23.52 -64.47 -38.32
CA THR C 185 24.51 -63.54 -37.81
C THR C 185 24.67 -62.42 -38.84
N LEU C 186 25.32 -61.34 -38.42
CA LEU C 186 25.48 -60.20 -39.32
C LEU C 186 26.28 -60.56 -40.56
N LYS C 187 27.23 -61.48 -40.42
CA LYS C 187 28.00 -61.92 -41.60
C LYS C 187 27.11 -62.67 -42.57
N SER C 188 26.36 -63.67 -42.07
CA SER C 188 25.46 -64.42 -42.94
C SER C 188 24.32 -63.55 -43.45
N ALA C 189 23.86 -62.60 -42.62
CA ALA C 189 22.82 -61.69 -43.06
C ALA C 189 23.32 -60.78 -44.17
N LEU C 190 24.54 -60.29 -44.07
CA LEU C 190 25.12 -59.49 -45.13
C LEU C 190 25.29 -60.29 -46.41
N ALA C 191 25.72 -61.55 -46.28
CA ALA C 191 25.82 -62.41 -47.46
C ALA C 191 24.46 -62.62 -48.12
N LEU C 192 23.43 -62.86 -47.31
CA LEU C 192 22.09 -63.01 -47.84
C LEU C 192 21.61 -61.73 -48.53
N ALA C 193 21.92 -60.58 -47.94
CA ALA C 193 21.54 -59.31 -48.55
C ALA C 193 22.21 -59.12 -49.90
N ILE C 194 23.50 -59.46 -49.99
CA ILE C 194 24.22 -59.33 -51.26
C ILE C 194 23.60 -60.25 -52.31
N LYS C 195 23.28 -61.49 -51.93
CA LYS C 195 22.66 -62.40 -52.89
C LYS C 195 21.29 -61.91 -53.35
N VAL C 196 20.48 -61.43 -52.41
CA VAL C 196 19.16 -60.94 -52.75
C VAL C 196 19.26 -59.73 -53.68
N LEU C 197 20.17 -58.80 -53.39
CA LEU C 197 20.35 -57.65 -54.27
C LEU C 197 20.88 -58.06 -55.63
N ASN C 198 21.70 -59.11 -55.69
CA ASN C 198 22.15 -59.63 -56.97
C ASN C 198 20.97 -60.10 -57.80
N LYS C 199 20.05 -60.84 -57.18
CA LYS C 199 18.89 -61.32 -57.94
C LYS C 199 17.95 -60.18 -58.32
N THR C 200 17.62 -59.31 -57.35
CA THR C 200 16.64 -58.25 -57.58
C THR C 200 17.13 -57.27 -58.63
N MET C 201 18.39 -56.87 -58.55
CA MET C 201 18.98 -55.97 -59.53
C MET C 201 19.50 -56.79 -60.71
N ASP C 202 18.56 -57.36 -61.46
CA ASP C 202 18.93 -58.26 -62.55
C ASP C 202 19.56 -57.51 -63.70
N VAL C 203 19.08 -56.31 -64.01
CA VAL C 203 19.59 -55.57 -65.16
C VAL C 203 21.00 -55.07 -64.90
N SER C 204 21.27 -54.54 -63.72
CA SER C 204 22.54 -53.92 -63.39
C SER C 204 23.32 -54.79 -62.42
N LYS C 205 24.59 -55.06 -62.76
CA LYS C 205 25.44 -55.86 -61.89
C LYS C 205 25.71 -55.14 -60.57
N LEU C 206 25.87 -55.94 -59.52
CA LEU C 206 26.22 -55.41 -58.20
C LEU C 206 27.60 -54.80 -58.23
N SER C 207 27.67 -53.49 -58.06
CA SER C 207 28.90 -52.78 -57.76
C SER C 207 28.68 -51.93 -56.52
N ALA C 208 29.76 -51.68 -55.79
CA ALA C 208 29.66 -51.02 -54.50
C ALA C 208 29.06 -49.62 -54.60
N GLU C 209 29.13 -49.00 -55.77
CA GLU C 209 28.55 -47.66 -55.94
C GLU C 209 27.08 -47.69 -56.30
N LYS C 210 26.51 -48.87 -56.57
CA LYS C 210 25.09 -49.00 -56.85
C LYS C 210 24.27 -49.38 -55.63
N VAL C 211 24.89 -49.67 -54.50
CA VAL C 211 24.19 -50.08 -53.30
C VAL C 211 24.73 -49.36 -52.09
N GLU C 212 23.88 -49.24 -51.08
CA GLU C 212 24.24 -48.62 -49.80
C GLU C 212 23.83 -49.59 -48.71
N ILE C 213 24.75 -49.93 -47.81
CA ILE C 213 24.48 -50.88 -46.73
C ILE C 213 24.76 -50.21 -45.41
N ALA C 214 23.82 -50.31 -44.47
CA ALA C 214 24.00 -49.80 -43.12
C ALA C 214 23.68 -50.90 -42.13
N THR C 215 24.50 -51.02 -41.10
CA THR C 215 24.31 -52.01 -40.05
C THR C 215 24.13 -51.31 -38.71
N LEU C 216 23.25 -51.87 -37.89
CA LEU C 216 22.99 -51.40 -36.53
C LEU C 216 23.35 -52.54 -35.59
N THR C 217 24.29 -52.28 -34.68
CA THR C 217 24.79 -53.25 -33.71
C THR C 217 24.89 -52.60 -32.33
N ARG C 218 25.25 -53.39 -31.33
CA ARG C 218 25.44 -52.92 -29.97
C ARG C 218 26.89 -53.14 -29.55
N GLU C 219 27.50 -52.09 -28.99
CA GLU C 219 28.87 -52.16 -28.46
C GLU C 219 28.92 -51.41 -27.14
N ASN C 220 29.21 -52.14 -26.05
CA ASN C 220 29.45 -51.55 -24.73
C ASN C 220 28.22 -50.78 -24.22
N GLY C 221 27.03 -51.28 -24.53
CA GLY C 221 25.83 -50.58 -24.14
C GLY C 221 25.53 -49.33 -24.95
N LYS C 222 26.15 -49.17 -26.10
CA LYS C 222 25.81 -48.12 -27.04
C LYS C 222 25.33 -48.76 -28.34
N THR C 223 24.48 -48.04 -29.06
CA THR C 223 24.05 -48.47 -30.37
C THR C 223 24.95 -47.83 -31.42
N VAL C 224 25.50 -48.65 -32.32
CA VAL C 224 26.34 -48.18 -33.39
C VAL C 224 25.61 -48.39 -34.70
N ILE C 225 25.44 -47.32 -35.46
CA ILE C 225 24.85 -47.35 -36.79
C ILE C 225 25.93 -46.91 -37.77
N ARG C 226 26.26 -47.77 -38.72
CA ARG C 226 27.33 -47.44 -39.65
C ARG C 226 26.95 -47.82 -41.07
N VAL C 227 27.14 -46.89 -41.99
CA VAL C 227 27.08 -47.19 -43.42
C VAL C 227 28.42 -47.79 -43.83
N LEU C 228 28.37 -48.94 -44.49
CA LEU C 228 29.59 -49.60 -44.90
C LEU C 228 30.33 -48.79 -45.94
N LYS C 229 31.66 -48.87 -45.90
CA LYS C 229 32.48 -48.19 -46.90
C LYS C 229 32.40 -48.90 -48.24
N GLN C 230 32.83 -48.21 -49.29
CA GLN C 230 32.80 -48.80 -50.63
C GLN C 230 33.66 -50.05 -50.71
N LYS C 231 34.81 -50.04 -50.05
CA LYS C 231 35.69 -51.21 -50.09
C LYS C 231 35.06 -52.41 -49.38
N GLU C 232 34.31 -52.15 -48.29
CA GLU C 232 33.64 -53.24 -47.59
C GLU C 232 32.58 -53.89 -48.46
N VAL C 233 31.79 -53.09 -49.18
CA VAL C 233 30.80 -53.63 -50.09
C VAL C 233 31.48 -54.35 -51.25
N GLU C 234 32.61 -53.82 -51.72
CA GLU C 234 33.36 -54.50 -52.76
C GLU C 234 33.82 -55.88 -52.30
N GLN C 235 34.30 -55.97 -51.05
CA GLN C 235 34.72 -57.25 -50.51
C GLN C 235 33.55 -58.20 -50.36
N LEU C 236 32.39 -57.70 -49.93
CA LEU C 236 31.21 -58.56 -49.82
C LEU C 236 30.80 -59.09 -51.19
N ILE C 237 30.82 -58.24 -52.22
CA ILE C 237 30.44 -58.68 -53.56
C ILE C 237 31.47 -59.67 -54.10
N LYS C 238 32.74 -59.46 -53.82
CA LYS C 238 33.76 -60.43 -54.22
C LYS C 238 33.53 -61.77 -53.56
N LYS C 239 33.21 -61.76 -52.27
CA LYS C 239 32.93 -63.00 -51.55
C LYS C 239 31.71 -63.70 -52.13
N HIS C 240 30.67 -62.95 -52.47
CA HIS C 240 29.50 -63.55 -53.10
C HIS C 240 29.84 -64.16 -54.45
N GLU C 241 30.66 -63.48 -55.24
CA GLU C 241 31.07 -64.01 -56.54
C GLU C 241 31.87 -65.30 -56.37
N GLU C 242 32.77 -65.34 -55.37
CA GLU C 242 33.51 -66.56 -55.09
C GLU C 242 32.57 -67.68 -54.67
N GLU C 243 31.59 -67.38 -53.82
CA GLU C 243 30.63 -68.39 -53.40
C GLU C 243 29.87 -68.95 -54.60
N GLU C 244 29.41 -68.07 -55.49
CA GLU C 244 28.69 -68.51 -56.67
C GLU C 244 29.58 -69.36 -57.58
N ALA C 245 30.83 -68.94 -57.78
CA ALA C 245 31.73 -69.69 -58.65
C ALA C 245 32.02 -71.07 -58.08
N LYS C 246 32.26 -71.17 -56.76
CA LYS C 246 32.53 -72.48 -56.17
C LYS C 246 31.29 -73.36 -56.18
N ALA C 247 30.11 -72.78 -55.96
CA ALA C 247 28.89 -73.56 -56.03
C ALA C 247 28.65 -74.07 -57.45
N GLU C 248 29.06 -73.29 -58.46
CA GLU C 248 28.98 -73.77 -59.83
C GLU C 248 29.99 -74.88 -60.08
N ARG C 249 31.21 -74.74 -59.54
CA ARG C 249 32.23 -75.76 -59.74
C ARG C 249 31.81 -77.08 -59.11
N GLU C 250 31.19 -77.02 -57.92
CA GLU C 250 30.65 -78.23 -57.32
C GLU C 250 29.59 -78.87 -58.22
N LYS C 251 28.75 -78.04 -58.83
CA LYS C 251 27.69 -78.52 -59.71
C LYS C 251 28.18 -78.56 -61.15
N SER D 2 -9.87 -27.62 -42.58
CA SER D 2 -10.48 -26.62 -43.43
C SER D 2 -11.09 -27.24 -44.69
N TYR D 3 -10.80 -28.52 -44.94
CA TYR D 3 -11.50 -29.26 -45.99
C TYR D 3 -12.88 -29.63 -45.48
N ASP D 4 -13.91 -29.08 -46.11
CA ASP D 4 -15.27 -29.13 -45.58
C ASP D 4 -16.25 -29.77 -46.55
N ARG D 5 -15.77 -30.67 -47.39
CA ARG D 5 -16.63 -31.37 -48.33
C ARG D 5 -17.52 -32.35 -47.60
N ALA D 6 -18.74 -32.53 -48.12
CA ALA D 6 -19.62 -33.59 -47.66
C ALA D 6 -19.28 -34.86 -48.42
N ILE D 7 -18.75 -35.85 -47.71
CA ILE D 7 -18.32 -37.09 -48.34
C ILE D 7 -19.42 -38.14 -48.28
N THR D 8 -20.08 -38.28 -47.14
CA THR D 8 -21.20 -39.21 -47.00
C THR D 8 -22.49 -38.45 -47.25
N VAL D 9 -23.17 -38.77 -48.35
CA VAL D 9 -24.43 -38.13 -48.70
C VAL D 9 -25.43 -39.20 -49.07
N PHE D 10 -26.70 -38.82 -49.06
CA PHE D 10 -27.76 -39.73 -49.44
C PHE D 10 -27.82 -39.88 -50.95
N SER D 11 -28.06 -41.10 -51.39
CA SER D 11 -28.32 -41.40 -52.78
C SER D 11 -29.81 -41.36 -53.05
N PRO D 12 -30.23 -41.31 -54.32
CA PRO D 12 -31.66 -41.18 -54.62
C PRO D 12 -32.53 -42.30 -54.08
N ASP D 13 -31.97 -43.46 -53.75
CA ASP D 13 -32.76 -44.55 -53.21
C ASP D 13 -32.76 -44.58 -51.68
N GLY D 14 -32.20 -43.56 -51.03
CA GLY D 14 -32.13 -43.52 -49.59
C GLY D 14 -30.89 -44.15 -48.98
N HIS D 15 -29.84 -44.35 -49.77
CA HIS D 15 -28.65 -45.04 -49.31
C HIS D 15 -27.52 -44.06 -49.05
N LEU D 16 -26.66 -44.43 -48.11
CA LEU D 16 -25.38 -43.73 -47.89
C LEU D 16 -24.29 -44.60 -48.52
N PHE D 17 -23.87 -44.25 -49.73
CA PHE D 17 -22.97 -45.11 -50.48
C PHE D 17 -21.61 -45.25 -49.81
N GLN D 18 -21.14 -44.20 -49.15
CA GLN D 18 -19.85 -44.30 -48.46
C GLN D 18 -19.89 -45.31 -47.33
N VAL D 19 -21.01 -45.36 -46.59
CA VAL D 19 -21.17 -46.36 -45.53
C VAL D 19 -21.20 -47.76 -46.12
N GLU D 20 -21.91 -47.94 -47.24
CA GLU D 20 -21.96 -49.25 -47.88
C GLU D 20 -20.58 -49.68 -48.37
N TYR D 21 -19.78 -48.72 -48.87
CA TYR D 21 -18.44 -49.06 -49.32
C TYR D 21 -17.51 -49.37 -48.15
N ALA D 22 -17.70 -48.69 -47.02
CA ALA D 22 -16.95 -49.06 -45.82
C ALA D 22 -17.32 -50.46 -45.35
N GLN D 23 -18.60 -50.82 -45.48
CA GLN D 23 -19.02 -52.18 -45.15
C GLN D 23 -18.39 -53.20 -46.11
N GLU D 24 -18.27 -52.85 -47.39
CA GLU D 24 -17.58 -53.73 -48.33
C GLU D 24 -16.09 -53.84 -47.99
N ALA D 25 -15.50 -52.78 -47.46
CA ALA D 25 -14.13 -52.86 -46.96
C ALA D 25 -14.05 -53.81 -45.78
N VAL D 26 -15.05 -53.79 -44.91
CA VAL D 26 -15.09 -54.75 -43.80
C VAL D 26 -15.18 -56.17 -44.31
N LYS D 27 -16.01 -56.40 -45.33
CA LYS D 27 -16.21 -57.75 -45.86
C LYS D 27 -14.95 -58.35 -46.46
N LYS D 28 -13.92 -57.55 -46.74
CA LYS D 28 -12.66 -58.05 -47.25
C LYS D 28 -11.65 -58.32 -46.16
N GLY D 29 -11.98 -58.05 -44.90
CA GLY D 29 -11.06 -58.33 -43.83
C GLY D 29 -11.08 -59.79 -43.42
N SER D 30 -10.05 -60.19 -42.69
CA SER D 30 -9.97 -61.55 -42.20
C SER D 30 -11.06 -61.82 -41.18
N THR D 31 -11.54 -63.06 -41.16
CA THR D 31 -12.67 -63.43 -40.33
C THR D 31 -12.35 -63.30 -38.85
N ALA D 32 -13.29 -62.76 -38.09
CA ALA D 32 -13.22 -62.67 -36.64
C ALA D 32 -14.49 -63.24 -36.04
N VAL D 33 -14.34 -64.02 -34.98
CA VAL D 33 -15.45 -64.72 -34.35
C VAL D 33 -15.41 -64.43 -32.85
N GLY D 34 -16.54 -64.04 -32.30
CA GLY D 34 -16.64 -63.92 -30.86
C GLY D 34 -17.71 -64.84 -30.33
N VAL D 35 -17.41 -65.59 -29.28
CA VAL D 35 -18.40 -66.42 -28.61
C VAL D 35 -18.43 -66.06 -27.15
N ARG D 36 -19.63 -65.84 -26.62
CA ARG D 36 -19.84 -65.47 -25.24
C ARG D 36 -20.30 -66.70 -24.46
N GLY D 37 -19.49 -67.13 -23.49
CA GLY D 37 -19.78 -68.30 -22.69
C GLY D 37 -20.33 -67.93 -21.32
N LYS D 38 -20.43 -68.96 -20.47
CA LYS D 38 -20.94 -68.73 -19.12
C LYS D 38 -19.92 -68.01 -18.25
N ASP D 39 -18.66 -68.45 -18.29
CA ASP D 39 -17.60 -67.90 -17.47
C ASP D 39 -16.43 -67.38 -18.30
N ILE D 40 -16.60 -67.26 -19.61
CA ILE D 40 -15.49 -67.00 -20.50
C ILE D 40 -16.03 -66.31 -21.75
N VAL D 41 -15.23 -65.43 -22.33
CA VAL D 41 -15.50 -64.89 -23.65
C VAL D 41 -14.29 -65.17 -24.52
N VAL D 42 -14.53 -65.66 -25.73
CA VAL D 42 -13.46 -66.12 -26.61
C VAL D 42 -13.51 -65.38 -27.92
N LEU D 43 -12.37 -64.82 -28.33
CA LEU D 43 -12.22 -64.15 -29.61
C LEU D 43 -11.25 -64.94 -30.47
N GLY D 44 -11.55 -65.07 -31.75
CA GLY D 44 -10.68 -65.79 -32.67
C GLY D 44 -10.62 -65.15 -34.04
N VAL D 45 -9.42 -64.93 -34.55
CA VAL D 45 -9.24 -64.22 -35.81
C VAL D 45 -8.48 -65.11 -36.78
N GLU D 46 -8.95 -65.15 -38.02
CA GLU D 46 -8.22 -65.82 -39.09
C GLU D 46 -7.03 -64.97 -39.53
N LYS D 47 -5.94 -65.64 -39.87
CA LYS D 47 -4.81 -64.98 -40.55
C LYS D 47 -4.86 -65.41 -42.02
N LYS D 48 -5.16 -64.45 -42.89
CA LYS D 48 -5.42 -64.79 -44.30
C LYS D 48 -4.20 -65.45 -44.93
N SER D 49 -3.01 -65.01 -44.56
CA SER D 49 -1.77 -65.67 -44.97
C SER D 49 -0.76 -65.52 -43.85
N VAL D 50 0.12 -66.52 -43.75
CA VAL D 50 1.26 -66.47 -42.83
C VAL D 50 2.50 -66.23 -43.68
N ALA D 51 3.17 -65.10 -43.45
CA ALA D 51 4.34 -64.75 -44.24
C ALA D 51 5.58 -65.54 -43.86
N LYS D 52 5.58 -66.15 -42.67
CA LYS D 52 6.65 -67.02 -42.18
C LYS D 52 7.90 -66.21 -41.81
N LEU D 53 7.90 -64.92 -42.13
CA LEU D 53 8.97 -64.01 -41.77
C LEU D 53 8.48 -62.87 -40.91
N GLN D 54 7.21 -62.83 -40.58
CA GLN D 54 6.62 -61.69 -39.89
C GLN D 54 6.62 -61.90 -38.39
N ASP D 55 6.98 -60.85 -37.66
CA ASP D 55 6.85 -60.87 -36.21
C ASP D 55 5.37 -60.88 -35.83
N GLU D 56 4.93 -61.97 -35.20
CA GLU D 56 3.51 -62.15 -34.91
C GLU D 56 2.99 -61.07 -33.99
N ARG D 57 3.76 -60.72 -32.96
CA ARG D 57 3.30 -59.78 -31.93
C ARG D 57 2.88 -58.45 -32.53
N THR D 58 3.42 -58.10 -33.69
CA THR D 58 3.15 -56.80 -34.28
C THR D 58 1.85 -56.75 -35.09
N VAL D 59 1.26 -57.89 -35.42
CA VAL D 59 0.10 -57.85 -36.32
C VAL D 59 -1.12 -58.48 -35.68
N ARG D 60 -1.22 -58.40 -34.36
CA ARG D 60 -2.35 -59.00 -33.67
C ARG D 60 -3.62 -58.19 -33.90
N LYS D 61 -4.70 -58.89 -34.23
CA LYS D 61 -5.99 -58.28 -34.46
C LYS D 61 -6.87 -58.24 -33.22
N ILE D 62 -6.38 -58.76 -32.10
CA ILE D 62 -7.10 -58.75 -30.83
C ILE D 62 -6.29 -57.92 -29.85
N CYS D 63 -6.95 -56.94 -29.23
CA CYS D 63 -6.26 -56.04 -28.33
C CYS D 63 -7.15 -55.68 -27.15
N ALA D 64 -6.52 -55.35 -26.04
CA ALA D 64 -7.22 -55.02 -24.80
C ALA D 64 -7.48 -53.52 -24.74
N LEU D 65 -8.74 -53.13 -24.55
CA LEU D 65 -9.06 -51.73 -24.34
C LEU D 65 -8.87 -51.32 -22.90
N ASP D 66 -9.06 -52.25 -21.97
CA ASP D 66 -8.85 -52.03 -20.56
C ASP D 66 -8.63 -53.39 -19.91
N ASP D 67 -8.69 -53.44 -18.59
CA ASP D 67 -8.51 -54.70 -17.89
C ASP D 67 -9.65 -55.67 -18.18
N ASN D 68 -10.88 -55.15 -18.25
CA ASN D 68 -12.04 -56.01 -18.40
C ASN D 68 -12.62 -56.04 -19.81
N VAL D 69 -12.05 -55.29 -20.74
CA VAL D 69 -12.63 -55.13 -22.07
C VAL D 69 -11.55 -55.40 -23.12
N CYS D 70 -11.89 -56.18 -24.14
CA CYS D 70 -11.00 -56.38 -25.28
C CYS D 70 -11.83 -56.43 -26.55
N MET D 71 -11.16 -56.26 -27.69
CA MET D 71 -11.86 -56.27 -28.95
C MET D 71 -11.00 -56.87 -30.05
N ALA D 72 -11.68 -57.49 -31.00
CA ALA D 72 -11.14 -57.87 -32.30
C ALA D 72 -11.82 -57.01 -33.36
N PHE D 73 -11.24 -56.97 -34.55
CA PHE D 73 -11.79 -56.15 -35.62
C PHE D 73 -11.63 -56.85 -36.95
N ALA D 74 -12.41 -56.39 -37.92
CA ALA D 74 -12.23 -56.75 -39.32
C ALA D 74 -12.32 -55.47 -40.15
N GLY D 75 -11.55 -55.42 -41.25
CA GLY D 75 -11.54 -54.27 -42.13
C GLY D 75 -10.14 -53.68 -42.26
N LEU D 76 -10.06 -52.36 -42.21
CA LEU D 76 -8.79 -51.64 -42.38
C LEU D 76 -8.03 -51.57 -41.06
N THR D 77 -6.78 -52.02 -41.08
CA THR D 77 -6.00 -52.12 -39.85
C THR D 77 -5.69 -50.76 -39.25
N ALA D 78 -5.41 -49.76 -40.07
CA ALA D 78 -4.99 -48.46 -39.55
C ALA D 78 -6.17 -47.70 -38.95
N ASP D 79 -7.34 -47.79 -39.58
CA ASP D 79 -8.55 -47.25 -38.98
C ASP D 79 -8.81 -47.91 -37.63
N ALA D 80 -8.60 -49.23 -37.57
CA ALA D 80 -8.79 -49.95 -36.31
C ALA D 80 -7.83 -49.44 -35.25
N ARG D 81 -6.58 -49.15 -35.63
CA ARG D 81 -5.63 -48.60 -34.66
C ARG D 81 -6.11 -47.26 -34.12
N ILE D 82 -6.61 -46.39 -34.99
CA ILE D 82 -7.12 -45.09 -34.54
C ILE D 82 -8.26 -45.29 -33.56
N VAL D 83 -9.22 -46.15 -33.91
CA VAL D 83 -10.39 -46.37 -33.07
C VAL D 83 -9.99 -46.96 -31.72
N ILE D 84 -9.06 -47.92 -31.73
CA ILE D 84 -8.62 -48.58 -30.51
C ILE D 84 -7.96 -47.57 -29.58
N ASN D 85 -7.11 -46.70 -30.11
CA ASN D 85 -6.46 -45.71 -29.26
C ASN D 85 -7.48 -44.76 -28.65
N ARG D 86 -8.47 -44.34 -29.44
CA ARG D 86 -9.50 -43.45 -28.90
C ARG D 86 -10.29 -44.14 -27.79
N ALA D 87 -10.64 -45.41 -27.98
CA ALA D 87 -11.36 -46.16 -26.94
C ALA D 87 -10.52 -46.31 -25.69
N ARG D 88 -9.21 -46.53 -25.84
CA ARG D 88 -8.35 -46.67 -24.66
C ARG D 88 -8.31 -45.38 -23.86
N VAL D 89 -8.19 -44.24 -24.56
CA VAL D 89 -8.23 -42.96 -23.87
C VAL D 89 -9.57 -42.78 -23.17
N GLU D 90 -10.66 -43.17 -23.82
CA GLU D 90 -11.97 -43.05 -23.19
C GLU D 90 -12.09 -43.91 -21.95
N CYS D 91 -11.56 -45.14 -21.99
CA CYS D 91 -11.61 -46.01 -20.83
C CYS D 91 -10.84 -45.43 -19.66
N GLN D 92 -9.66 -44.87 -19.91
CA GLN D 92 -8.90 -44.25 -18.83
C GLN D 92 -9.64 -43.03 -18.26
N SER D 93 -10.19 -42.19 -19.14
CA SER D 93 -10.89 -41.01 -18.65
C SER D 93 -12.14 -41.39 -17.87
N HIS D 94 -12.78 -42.51 -18.24
CA HIS D 94 -13.92 -42.99 -17.50
C HIS D 94 -13.52 -43.51 -16.14
N ARG D 95 -12.38 -44.20 -16.05
CA ARG D 95 -11.86 -44.61 -14.75
C ARG D 95 -11.53 -43.40 -13.89
N LEU D 96 -11.20 -42.27 -14.51
CA LEU D 96 -10.89 -41.07 -13.73
C LEU D 96 -12.16 -40.39 -13.24
N THR D 97 -13.04 -39.99 -14.16
CA THR D 97 -14.21 -39.21 -13.78
C THR D 97 -15.23 -40.03 -13.01
N VAL D 98 -15.36 -41.31 -13.33
CA VAL D 98 -16.14 -42.26 -12.56
C VAL D 98 -15.16 -43.20 -11.91
N GLU D 99 -15.36 -43.51 -10.63
CA GLU D 99 -14.35 -44.29 -9.93
C GLU D 99 -14.46 -45.79 -10.18
N ASP D 100 -15.07 -46.20 -11.28
CA ASP D 100 -15.23 -47.59 -11.66
C ASP D 100 -14.76 -47.80 -13.10
N PRO D 101 -14.48 -49.04 -13.49
CA PRO D 101 -14.19 -49.32 -14.90
C PRO D 101 -15.45 -49.26 -15.75
N VAL D 102 -15.23 -49.15 -17.06
CA VAL D 102 -16.35 -49.09 -17.99
C VAL D 102 -17.06 -50.43 -18.03
N THR D 103 -18.37 -50.39 -18.26
CA THR D 103 -19.05 -51.57 -18.77
C THR D 103 -18.71 -51.74 -20.25
N VAL D 104 -18.85 -52.97 -20.74
CA VAL D 104 -18.61 -53.24 -22.15
C VAL D 104 -19.53 -52.40 -23.02
N GLU D 105 -20.78 -52.25 -22.58
CA GLU D 105 -21.75 -51.48 -23.36
C GLU D 105 -21.38 -50.01 -23.44
N TYR D 106 -20.76 -49.46 -22.39
CA TYR D 106 -20.37 -48.05 -22.42
C TYR D 106 -19.32 -47.78 -23.49
N ILE D 107 -18.25 -48.58 -23.50
CA ILE D 107 -17.19 -48.36 -24.49
C ILE D 107 -17.68 -48.73 -25.88
N THR D 108 -18.60 -49.70 -25.97
CA THR D 108 -19.23 -49.99 -27.26
C THR D 108 -20.02 -48.79 -27.76
N ARG D 109 -20.79 -48.15 -26.88
CA ARG D 109 -21.55 -46.97 -27.25
C ARG D 109 -20.63 -45.85 -27.72
N TYR D 110 -19.51 -45.66 -27.02
CA TYR D 110 -18.55 -44.63 -27.41
C TYR D 110 -17.97 -44.89 -28.79
N ILE D 111 -17.57 -46.14 -29.05
CA ILE D 111 -17.00 -46.49 -30.36
C ILE D 111 -18.04 -46.31 -31.46
N ALA D 112 -19.27 -46.76 -31.21
CA ALA D 112 -20.32 -46.64 -32.21
C ALA D 112 -20.63 -45.18 -32.51
N SER D 113 -20.67 -44.32 -31.49
CA SER D 113 -20.95 -42.92 -31.72
C SER D 113 -19.81 -42.24 -32.47
N LEU D 114 -18.56 -42.63 -32.22
CA LEU D 114 -17.46 -42.10 -33.01
C LEU D 114 -17.61 -42.47 -34.49
N LYS D 115 -17.94 -43.74 -34.76
CA LYS D 115 -18.14 -44.15 -36.14
C LYS D 115 -19.29 -43.39 -36.81
N GLN D 116 -20.40 -43.22 -36.07
CA GLN D 116 -21.53 -42.48 -36.61
C GLN D 116 -21.14 -41.04 -36.90
N ARG D 117 -20.36 -40.42 -36.01
CA ARG D 117 -19.89 -39.06 -36.26
C ARG D 117 -19.10 -39.00 -37.56
N TYR D 118 -18.29 -40.03 -37.82
CA TYR D 118 -17.55 -40.04 -39.08
C TYR D 118 -18.42 -40.38 -40.28
N THR D 119 -19.66 -40.82 -40.09
CA THR D 119 -20.56 -40.93 -41.24
C THR D 119 -21.34 -39.65 -41.53
N GLN D 120 -21.23 -38.62 -40.70
CA GLN D 120 -22.11 -37.47 -40.84
C GLN D 120 -21.38 -36.14 -40.63
N SER D 121 -20.08 -36.11 -40.86
CA SER D 121 -19.31 -34.88 -40.66
C SER D 121 -18.53 -34.54 -41.92
N ASN D 122 -18.30 -33.25 -42.10
CA ASN D 122 -17.69 -32.76 -43.33
C ASN D 122 -16.22 -33.13 -43.41
N GLY D 123 -15.77 -33.47 -44.61
CA GLY D 123 -14.36 -33.61 -44.89
C GLY D 123 -13.73 -34.92 -44.48
N ARG D 124 -14.52 -35.93 -44.08
CA ARG D 124 -13.95 -37.21 -43.71
C ARG D 124 -14.85 -38.34 -44.15
N ARG D 125 -14.25 -39.48 -44.42
CA ARG D 125 -14.93 -40.70 -44.78
C ARG D 125 -15.18 -41.55 -43.54
N PRO D 126 -16.14 -42.47 -43.60
CA PRO D 126 -16.38 -43.36 -42.47
C PRO D 126 -15.22 -44.33 -42.24
N PHE D 127 -15.13 -44.81 -41.00
CA PHE D 127 -14.19 -45.87 -40.67
C PHE D 127 -14.57 -47.14 -41.40
N GLY D 128 -13.57 -47.87 -41.90
CA GLY D 128 -13.82 -49.09 -42.61
C GLY D 128 -13.62 -50.35 -41.79
N ILE D 129 -14.04 -50.34 -40.53
CA ILE D 129 -13.86 -51.49 -39.67
C ILE D 129 -15.18 -51.86 -38.99
N SER D 130 -15.29 -53.13 -38.63
CA SER D 130 -16.28 -53.61 -37.68
C SER D 130 -15.55 -54.19 -36.49
N ALA D 131 -16.16 -54.08 -35.32
CA ALA D 131 -15.51 -54.48 -34.08
C ALA D 131 -16.38 -55.46 -33.31
N LEU D 132 -15.72 -56.47 -32.73
CA LEU D 132 -16.31 -57.35 -31.73
C LEU D 132 -15.67 -57.00 -30.39
N ILE D 133 -16.48 -56.57 -29.44
CA ILE D 133 -16.01 -56.12 -28.14
C ILE D 133 -16.57 -57.05 -27.08
N VAL D 134 -15.69 -57.66 -26.30
CA VAL D 134 -16.12 -58.60 -25.27
C VAL D 134 -15.54 -58.15 -23.93
N GLY D 135 -16.20 -58.61 -22.87
CA GLY D 135 -15.67 -58.33 -21.55
C GLY D 135 -16.62 -58.79 -20.47
N PHE D 136 -16.36 -58.32 -19.26
CA PHE D 136 -17.17 -58.60 -18.10
C PHE D 136 -17.52 -57.30 -17.41
N ASP D 137 -18.76 -57.19 -16.96
CA ASP D 137 -19.14 -56.04 -16.14
C ASP D 137 -18.75 -56.28 -14.69
N PHE D 138 -18.92 -55.25 -13.86
CA PHE D 138 -18.64 -55.40 -12.43
C PHE D 138 -19.48 -56.49 -11.80
N ASP D 139 -20.66 -56.76 -12.36
CA ASP D 139 -21.50 -57.86 -11.91
C ASP D 139 -20.96 -59.22 -12.32
N GLY D 140 -19.90 -59.26 -13.12
CA GLY D 140 -19.38 -60.52 -13.62
C GLY D 140 -20.14 -61.11 -14.78
N THR D 141 -21.00 -60.35 -15.43
CA THR D 141 -21.74 -60.85 -16.57
C THR D 141 -20.88 -60.78 -17.83
N PRO D 142 -20.73 -61.88 -18.57
CA PRO D 142 -20.02 -61.80 -19.85
C PRO D 142 -20.85 -61.06 -20.88
N ARG D 143 -20.19 -60.18 -21.63
CA ARG D 143 -20.83 -59.32 -22.60
C ARG D 143 -20.08 -59.38 -23.93
N LEU D 144 -20.84 -59.47 -25.02
CA LEU D 144 -20.30 -59.45 -26.38
C LEU D 144 -21.13 -58.52 -27.24
N TYR D 145 -20.47 -57.57 -27.90
CA TYR D 145 -21.11 -56.56 -28.72
C TYR D 145 -20.42 -56.49 -30.08
N GLN D 146 -21.16 -56.00 -31.06
CA GLN D 146 -20.64 -55.78 -32.40
C GLN D 146 -21.01 -54.37 -32.84
N THR D 147 -20.02 -53.67 -33.39
CA THR D 147 -20.21 -52.38 -34.04
C THR D 147 -19.82 -52.48 -35.51
N ASP D 148 -20.48 -51.68 -36.34
CA ASP D 148 -20.24 -51.67 -37.78
C ASP D 148 -19.91 -50.24 -38.22
N PRO D 149 -19.45 -50.02 -39.47
CA PRO D 149 -19.08 -48.66 -39.88
C PRO D 149 -20.19 -47.64 -39.78
N SER D 150 -21.46 -48.04 -39.96
CA SER D 150 -22.55 -47.08 -39.91
C SER D 150 -22.72 -46.45 -38.53
N GLY D 151 -22.27 -47.12 -37.48
CA GLY D 151 -22.45 -46.64 -36.13
C GLY D 151 -23.46 -47.40 -35.31
N THR D 152 -24.06 -48.46 -35.86
CA THR D 152 -24.99 -49.29 -35.13
C THR D 152 -24.24 -50.39 -34.38
N TYR D 153 -24.72 -50.70 -33.19
CA TYR D 153 -24.12 -51.75 -32.36
C TYR D 153 -25.22 -52.61 -31.74
N HIS D 154 -24.93 -53.90 -31.63
CA HIS D 154 -25.85 -54.85 -31.02
C HIS D 154 -25.11 -55.79 -30.10
N ALA D 155 -25.86 -56.48 -29.24
CA ALA D 155 -25.32 -57.50 -28.37
C ALA D 155 -25.61 -58.88 -28.92
N TRP D 156 -24.65 -59.79 -28.80
CA TRP D 156 -24.74 -61.10 -29.40
C TRP D 156 -24.36 -62.19 -28.39
N LYS D 157 -24.98 -63.36 -28.55
CA LYS D 157 -24.46 -64.54 -27.88
C LYS D 157 -23.18 -65.01 -28.55
N ALA D 158 -23.16 -65.01 -29.87
CA ALA D 158 -21.99 -65.31 -30.67
C ALA D 158 -22.17 -64.64 -32.02
N ASN D 159 -21.06 -64.19 -32.60
CA ASN D 159 -21.12 -63.44 -33.84
C ASN D 159 -19.83 -63.63 -34.62
N ALA D 160 -19.88 -63.30 -35.90
CA ALA D 160 -18.72 -63.32 -36.76
C ALA D 160 -18.77 -62.13 -37.71
N ILE D 161 -17.60 -61.53 -37.95
CA ILE D 161 -17.47 -60.41 -38.86
C ILE D 161 -16.32 -60.69 -39.82
N GLY D 162 -16.26 -59.92 -40.89
CA GLY D 162 -15.23 -60.08 -41.88
C GLY D 162 -15.67 -60.98 -43.02
N ARG D 163 -14.70 -61.46 -43.77
CA ARG D 163 -14.99 -62.29 -44.94
C ARG D 163 -15.48 -63.66 -44.48
N GLY D 164 -16.41 -64.23 -45.25
CA GLY D 164 -16.96 -65.51 -44.89
C GLY D 164 -17.72 -65.52 -43.57
N ALA D 165 -18.13 -64.35 -43.08
CA ALA D 165 -18.87 -64.29 -41.84
C ALA D 165 -20.28 -64.85 -41.95
N LYS D 166 -20.83 -64.93 -43.16
CA LYS D 166 -22.18 -65.47 -43.33
C LYS D 166 -22.20 -66.97 -43.03
N SER D 167 -21.23 -67.71 -43.56
CA SER D 167 -21.15 -69.13 -43.26
C SER D 167 -20.81 -69.38 -41.79
N VAL D 168 -19.93 -68.56 -41.22
CA VAL D 168 -19.58 -68.74 -39.81
C VAL D 168 -20.79 -68.45 -38.93
N ARG D 169 -21.58 -67.44 -39.28
CA ARG D 169 -22.77 -67.15 -38.51
C ARG D 169 -23.82 -68.24 -38.66
N GLU D 170 -23.95 -68.82 -39.86
CA GLU D 170 -24.83 -69.97 -40.03
C GLU D 170 -24.39 -71.15 -39.16
N PHE D 171 -23.08 -71.42 -39.14
CA PHE D 171 -22.55 -72.48 -38.31
C PHE D 171 -22.83 -72.21 -36.83
N LEU D 172 -22.61 -70.97 -36.38
CA LEU D 172 -22.83 -70.64 -34.99
C LEU D 172 -24.30 -70.75 -34.62
N GLU D 173 -25.20 -70.36 -35.53
CA GLU D 173 -26.62 -70.52 -35.27
C GLU D 173 -26.99 -72.00 -35.15
N LYS D 174 -26.40 -72.83 -36.00
CA LYS D 174 -26.63 -74.27 -35.91
C LYS D 174 -25.94 -74.93 -34.72
N ASN D 175 -24.97 -74.26 -34.09
CA ASN D 175 -24.12 -74.92 -33.10
C ASN D 175 -24.12 -74.29 -31.71
N TYR D 176 -24.30 -72.98 -31.60
CA TYR D 176 -24.24 -72.35 -30.28
C TYR D 176 -25.38 -72.84 -29.41
N THR D 177 -25.03 -73.36 -28.23
CA THR D 177 -26.02 -73.89 -27.29
C THR D 177 -25.45 -73.75 -25.89
N ASP D 178 -26.35 -73.78 -24.89
CA ASP D 178 -25.90 -73.75 -23.51
C ASP D 178 -25.02 -74.95 -23.19
N GLU D 179 -25.36 -76.12 -23.75
CA GLU D 179 -24.52 -77.29 -23.55
C GLU D 179 -23.17 -77.14 -24.25
N ALA D 180 -23.16 -76.45 -25.40
CA ALA D 180 -21.92 -76.23 -26.14
C ALA D 180 -21.02 -75.18 -25.50
N ILE D 181 -21.49 -74.47 -24.47
CA ILE D 181 -20.67 -73.52 -23.75
C ILE D 181 -20.66 -73.83 -22.25
N GLU D 182 -20.91 -75.10 -21.89
CA GLU D 182 -21.00 -75.46 -20.48
C GLU D 182 -19.65 -75.29 -19.77
N THR D 183 -18.56 -75.64 -20.44
CA THR D 183 -17.21 -75.44 -19.91
C THR D 183 -16.42 -74.52 -20.82
N ASP D 184 -15.31 -74.01 -20.30
CA ASP D 184 -14.45 -73.11 -21.07
C ASP D 184 -13.86 -73.82 -22.28
N ASP D 185 -13.43 -75.06 -22.11
CA ASP D 185 -12.84 -75.81 -23.21
C ASP D 185 -13.83 -75.99 -24.35
N LEU D 186 -15.10 -76.25 -24.02
CA LEU D 186 -16.11 -76.41 -25.06
C LEU D 186 -16.33 -75.11 -25.81
N THR D 187 -16.34 -73.98 -25.10
CA THR D 187 -16.48 -72.69 -25.76
C THR D 187 -15.33 -72.42 -26.71
N ILE D 188 -14.10 -72.68 -26.26
CA ILE D 188 -12.94 -72.48 -27.12
C ILE D 188 -13.01 -73.38 -28.34
N LYS D 189 -13.42 -74.64 -28.14
CA LYS D 189 -13.56 -75.55 -29.27
C LYS D 189 -14.63 -75.07 -30.24
N LEU D 190 -15.70 -74.47 -29.72
CA LEU D 190 -16.71 -73.91 -30.61
C LEU D 190 -16.14 -72.79 -31.46
N VAL D 191 -15.33 -71.91 -30.85
CA VAL D 191 -14.73 -70.83 -31.63
C VAL D 191 -13.81 -71.39 -32.71
N ILE D 192 -12.99 -72.38 -32.33
CA ILE D 192 -12.05 -72.94 -33.29
C ILE D 192 -12.78 -73.68 -34.42
N LYS D 193 -13.86 -74.39 -34.08
CA LYS D 193 -14.66 -75.06 -35.10
C LYS D 193 -15.28 -74.06 -36.06
N ALA D 194 -15.82 -72.95 -35.53
CA ALA D 194 -16.38 -71.92 -36.39
C ALA D 194 -15.33 -71.35 -37.31
N LEU D 195 -14.13 -71.09 -36.80
CA LEU D 195 -13.05 -70.58 -37.64
C LEU D 195 -12.64 -71.59 -38.69
N LEU D 196 -12.63 -72.88 -38.35
CA LEU D 196 -12.24 -73.92 -39.29
C LEU D 196 -13.20 -74.06 -40.45
N GLU D 197 -14.39 -73.46 -40.37
CA GLU D 197 -15.33 -73.50 -41.48
C GLU D 197 -14.87 -72.62 -42.64
N VAL D 198 -13.93 -71.72 -42.42
CA VAL D 198 -13.50 -70.81 -43.48
C VAL D 198 -11.99 -70.76 -43.66
N VAL D 199 -11.19 -71.11 -42.67
CA VAL D 199 -9.74 -70.98 -42.77
C VAL D 199 -9.16 -72.21 -43.44
N GLN D 200 -8.04 -72.01 -44.12
CA GLN D 200 -7.27 -73.09 -44.72
C GLN D 200 -6.08 -73.44 -43.82
N SER D 201 -5.46 -74.58 -44.12
CA SER D 201 -4.33 -75.15 -43.40
C SER D 201 -4.68 -75.61 -41.99
N GLY D 202 -5.96 -75.64 -41.64
CA GLY D 202 -6.40 -76.34 -40.45
C GLY D 202 -5.85 -75.88 -39.11
N GLY D 203 -5.87 -74.58 -38.85
CA GLY D 203 -5.57 -74.08 -37.52
C GLY D 203 -4.20 -73.47 -37.31
N LYS D 204 -3.38 -73.37 -38.37
CA LYS D 204 -2.16 -72.59 -38.24
C LYS D 204 -2.41 -71.10 -38.49
N ASN D 205 -3.53 -70.76 -39.10
CA ASN D 205 -3.89 -69.38 -39.40
C ASN D 205 -4.89 -68.81 -38.41
N ILE D 206 -4.87 -69.29 -37.18
CA ILE D 206 -5.85 -68.90 -36.16
C ILE D 206 -5.10 -68.23 -35.01
N GLU D 207 -5.51 -67.01 -34.67
CA GLU D 207 -5.08 -66.36 -33.45
C GLU D 207 -6.27 -66.39 -32.49
N LEU D 208 -6.06 -66.86 -31.27
CA LEU D 208 -7.14 -67.03 -30.33
C LEU D 208 -6.81 -66.33 -29.02
N ALA D 209 -7.80 -65.65 -28.47
CA ALA D 209 -7.66 -64.96 -27.20
C ALA D 209 -8.85 -65.30 -26.31
N VAL D 210 -8.59 -65.32 -25.02
CA VAL D 210 -9.57 -65.77 -24.03
C VAL D 210 -9.58 -64.75 -22.89
N MET D 211 -10.78 -64.34 -22.49
CA MET D 211 -10.93 -63.50 -21.31
C MET D 211 -11.83 -64.22 -20.33
N ARG D 212 -11.31 -64.42 -19.12
CA ARG D 212 -12.05 -65.02 -18.02
C ARG D 212 -12.40 -63.95 -17.00
N ARG D 213 -13.38 -64.26 -16.16
CA ARG D 213 -13.83 -63.30 -15.16
C ARG D 213 -12.68 -62.95 -14.22
N ASP D 214 -12.50 -61.65 -13.97
CA ASP D 214 -11.51 -61.12 -13.04
C ASP D 214 -10.07 -61.36 -13.50
N GLN D 215 -9.88 -61.95 -14.66
CA GLN D 215 -8.56 -62.27 -15.16
C GLN D 215 -8.23 -61.41 -16.37
N PRO D 216 -6.96 -61.09 -16.58
CA PRO D 216 -6.60 -60.29 -17.76
C PRO D 216 -6.75 -61.12 -19.03
N LEU D 217 -6.70 -60.41 -20.16
CA LEU D 217 -6.75 -61.08 -21.46
C LEU D 217 -5.63 -62.10 -21.57
N LYS D 218 -5.95 -63.27 -22.10
CA LYS D 218 -4.98 -64.33 -22.32
C LYS D 218 -4.97 -64.72 -23.79
N ILE D 219 -3.77 -64.84 -24.35
CA ILE D 219 -3.58 -65.22 -25.75
C ILE D 219 -3.08 -66.65 -25.77
N LEU D 220 -3.76 -67.51 -26.51
CA LEU D 220 -3.30 -68.88 -26.65
C LEU D 220 -2.07 -68.93 -27.55
N ASN D 221 -1.02 -69.58 -27.06
CA ASN D 221 0.15 -69.85 -27.89
C ASN D 221 -0.18 -70.97 -28.88
N PRO D 222 0.61 -71.12 -29.94
CA PRO D 222 0.27 -72.12 -30.96
C PRO D 222 0.16 -73.55 -30.42
N GLU D 223 0.87 -73.87 -29.34
CA GLU D 223 0.77 -75.22 -28.77
C GLU D 223 -0.64 -75.50 -28.27
N GLU D 224 -1.24 -74.56 -27.54
CA GLU D 224 -2.60 -74.77 -27.04
C GLU D 224 -3.60 -74.86 -28.18
N ILE D 225 -3.45 -74.00 -29.20
CA ILE D 225 -4.35 -74.04 -30.34
C ILE D 225 -4.24 -75.38 -31.05
N GLU D 226 -3.01 -75.88 -31.22
CA GLU D 226 -2.83 -77.17 -31.88
C GLU D 226 -3.42 -78.31 -31.05
N LYS D 227 -3.26 -78.25 -29.73
CA LYS D 227 -3.85 -79.26 -28.87
C LYS D 227 -5.37 -79.25 -28.98
N TYR D 228 -5.97 -78.06 -28.99
CA TYR D 228 -7.43 -77.96 -29.15
C TYR D 228 -7.87 -78.46 -30.52
N VAL D 229 -7.10 -78.16 -31.57
CA VAL D 229 -7.45 -78.64 -32.91
C VAL D 229 -7.37 -80.16 -32.97
N ALA D 230 -6.35 -80.74 -32.35
CA ALA D 230 -6.24 -82.19 -32.30
C ALA D 230 -7.40 -82.80 -31.52
N GLU D 231 -7.82 -82.15 -30.43
CA GLU D 231 -9.00 -82.60 -29.71
C GLU D 231 -10.25 -82.55 -30.59
N ILE D 232 -10.40 -81.48 -31.36
CA ILE D 232 -11.57 -81.34 -32.23
C ILE D 232 -11.58 -82.42 -33.30
N GLU D 233 -10.42 -82.67 -33.91
CA GLU D 233 -10.34 -83.71 -34.94
C GLU D 233 -10.57 -85.09 -34.34
N LYS D 234 -10.08 -85.32 -33.13
CA LYS D 234 -10.36 -86.58 -32.44
C LYS D 234 -11.85 -86.75 -32.19
N GLU D 235 -12.52 -85.69 -31.77
CA GLU D 235 -13.96 -85.76 -31.56
C GLU D 235 -14.70 -86.02 -32.86
N LYS D 236 -14.24 -85.39 -33.95
CA LYS D 236 -14.83 -85.66 -35.26
C LYS D 236 -14.70 -87.14 -35.61
N GLU D 237 -13.51 -87.69 -35.43
CA GLU D 237 -13.30 -89.11 -35.75
C GLU D 237 -14.15 -90.01 -34.88
N GLU D 238 -14.24 -89.69 -33.58
CA GLU D 238 -15.06 -90.49 -32.68
C GLU D 238 -16.52 -90.48 -33.09
N ASN D 239 -17.06 -89.29 -33.37
CA ASN D 239 -18.46 -89.20 -33.79
C ASN D 239 -18.70 -89.96 -35.08
N GLU D 240 -17.82 -89.78 -36.07
CA GLU D 240 -17.98 -90.47 -37.35
C GLU D 240 -17.97 -91.97 -37.17
N LYS D 241 -16.99 -92.50 -36.43
CA LYS D 241 -16.85 -93.95 -36.32
C LYS D 241 -17.96 -94.56 -35.47
N LYS D 242 -18.25 -93.97 -34.31
CA LYS D 242 -19.23 -94.56 -33.41
C LYS D 242 -20.64 -94.46 -34.00
N LYS D 243 -21.00 -93.31 -34.56
CA LYS D 243 -22.32 -93.19 -35.18
C LYS D 243 -22.39 -93.87 -36.54
N GLN D 244 -21.27 -93.99 -37.23
CA GLN D 244 -21.24 -94.69 -38.52
C GLN D 244 -20.06 -95.66 -38.57
N SER E 6 -21.42 -38.72 -59.77
CA SER E 6 -22.77 -39.26 -59.73
C SER E 6 -23.54 -38.74 -58.53
N GLU E 7 -22.95 -38.83 -57.35
CA GLU E 7 -23.54 -38.30 -56.13
C GLU E 7 -22.90 -37.00 -55.66
N TYR E 8 -21.78 -36.61 -56.25
CA TYR E 8 -21.09 -35.38 -55.90
C TYR E 8 -21.32 -34.27 -56.92
N ASP E 9 -22.19 -34.49 -57.91
CA ASP E 9 -22.50 -33.45 -58.88
C ASP E 9 -23.17 -32.25 -58.23
N ARG E 10 -24.12 -32.51 -57.34
CA ARG E 10 -24.87 -31.45 -56.68
C ARG E 10 -24.42 -31.31 -55.23
N GLY E 11 -24.47 -30.09 -54.73
CA GLY E 11 -24.25 -29.87 -53.32
C GLY E 11 -25.41 -30.37 -52.48
N VAL E 12 -25.16 -30.51 -51.19
CA VAL E 12 -26.17 -31.04 -50.28
C VAL E 12 -27.33 -30.08 -50.09
N ASN E 13 -27.18 -28.83 -50.48
CA ASN E 13 -28.21 -27.81 -50.31
C ASN E 13 -28.70 -27.30 -51.66
N THR E 14 -28.93 -28.21 -52.60
CA THR E 14 -29.45 -27.85 -53.92
C THR E 14 -30.94 -28.16 -53.97
N PHE E 15 -31.72 -27.20 -54.47
CA PHE E 15 -33.14 -27.42 -54.71
C PHE E 15 -33.35 -28.16 -56.02
N SER E 16 -34.32 -29.06 -56.03
CA SER E 16 -34.80 -29.63 -57.28
C SER E 16 -35.68 -28.61 -58.00
N PRO E 17 -35.92 -28.82 -59.29
CA PRO E 17 -36.85 -27.93 -60.01
C PRO E 17 -38.26 -27.92 -59.44
N GLU E 18 -38.62 -28.89 -58.61
CA GLU E 18 -39.93 -28.90 -57.97
C GLU E 18 -39.94 -28.23 -56.61
N GLY E 19 -38.82 -27.61 -56.21
CA GLY E 19 -38.77 -26.90 -54.95
C GLY E 19 -38.47 -27.74 -53.75
N ARG E 20 -37.88 -28.91 -53.93
CA ARG E 20 -37.51 -29.78 -52.83
C ARG E 20 -35.99 -29.89 -52.76
N LEU E 21 -35.48 -29.98 -51.53
CA LEU E 21 -34.07 -30.30 -51.34
C LEU E 21 -33.84 -31.77 -51.63
N PHE E 22 -32.90 -32.07 -52.54
CA PHE E 22 -32.67 -33.44 -52.95
C PHE E 22 -32.32 -34.34 -51.77
N GLN E 23 -31.43 -33.85 -50.90
CA GLN E 23 -30.96 -34.67 -49.78
C GLN E 23 -32.09 -34.98 -48.80
N VAL E 24 -32.97 -34.01 -48.56
CA VAL E 24 -34.11 -34.24 -47.68
C VAL E 24 -35.04 -35.30 -48.26
N GLU E 25 -35.30 -35.23 -49.57
CA GLU E 25 -36.11 -36.24 -50.22
C GLU E 25 -35.48 -37.62 -50.11
N TYR E 26 -34.17 -37.70 -50.29
CA TYR E 26 -33.47 -38.98 -50.21
C TYR E 26 -33.51 -39.54 -48.79
N ALA E 27 -33.40 -38.67 -47.77
CA ALA E 27 -33.54 -39.13 -46.39
C ALA E 27 -34.96 -39.63 -46.11
N ILE E 28 -35.96 -38.93 -46.66
CA ILE E 28 -37.34 -39.40 -46.55
C ILE E 28 -37.47 -40.80 -47.14
N GLU E 29 -36.83 -41.02 -48.30
CA GLU E 29 -36.82 -42.34 -48.90
C GLU E 29 -36.11 -43.35 -48.00
N ALA E 30 -35.04 -42.93 -47.34
CA ALA E 30 -34.31 -43.82 -46.45
C ALA E 30 -35.18 -44.30 -45.31
N ILE E 31 -36.09 -43.45 -44.83
CA ILE E 31 -36.97 -43.85 -43.73
C ILE E 31 -37.92 -44.98 -44.11
N LYS E 32 -38.28 -45.12 -45.39
CA LYS E 32 -39.14 -46.22 -45.80
C LYS E 32 -38.47 -47.58 -45.61
N LEU E 33 -37.16 -47.62 -45.37
CA LEU E 33 -36.47 -48.87 -45.10
C LEU E 33 -36.40 -49.20 -43.61
N GLY E 34 -36.95 -48.36 -42.75
CA GLY E 34 -36.94 -48.62 -41.33
C GLY E 34 -38.08 -49.51 -40.89
N SER E 35 -37.93 -50.05 -39.68
CA SER E 35 -38.98 -50.85 -39.09
C SER E 35 -40.17 -49.98 -38.71
N THR E 36 -41.34 -50.61 -38.61
CA THR E 36 -42.58 -49.89 -38.38
C THR E 36 -42.75 -49.55 -36.90
N ALA E 37 -43.09 -48.30 -36.64
CA ALA E 37 -43.45 -47.82 -35.32
C ALA E 37 -44.83 -47.19 -35.38
N ILE E 38 -45.61 -47.35 -34.31
CA ILE E 38 -46.97 -46.85 -34.24
C ILE E 38 -47.13 -46.10 -32.93
N GLY E 39 -47.63 -44.88 -33.02
CA GLY E 39 -48.04 -44.12 -31.85
C GLY E 39 -49.53 -43.88 -31.89
N ILE E 40 -50.18 -44.02 -30.74
CA ILE E 40 -51.60 -43.70 -30.60
C ILE E 40 -51.77 -42.80 -29.38
N GLN E 41 -52.45 -41.68 -29.57
CA GLN E 41 -52.76 -40.75 -28.50
C GLN E 41 -54.22 -40.89 -28.12
N THR E 42 -54.47 -41.23 -26.85
CA THR E 42 -55.81 -41.26 -26.28
C THR E 42 -55.90 -40.19 -25.20
N SER E 43 -57.08 -40.12 -24.56
CA SER E 43 -57.23 -39.20 -23.43
C SER E 43 -56.57 -39.72 -22.17
N GLU E 44 -56.33 -41.02 -22.07
CA GLU E 44 -55.69 -41.59 -20.89
C GLU E 44 -54.18 -41.75 -21.03
N GLY E 45 -53.62 -41.48 -22.20
CA GLY E 45 -52.20 -41.57 -22.37
C GLY E 45 -51.83 -41.83 -23.82
N VAL E 46 -50.52 -41.93 -24.03
CA VAL E 46 -49.95 -42.21 -25.34
C VAL E 46 -49.29 -43.58 -25.30
N CYS E 47 -49.53 -44.38 -26.32
CA CYS E 47 -48.87 -45.67 -26.47
C CYS E 47 -48.00 -45.66 -27.72
N LEU E 48 -46.81 -46.26 -27.61
CA LEU E 48 -45.85 -46.41 -28.69
C LEU E 48 -45.47 -47.88 -28.80
N ALA E 49 -45.39 -48.38 -30.04
CA ALA E 49 -45.05 -49.77 -30.28
C ALA E 49 -44.17 -49.86 -31.52
N VAL E 50 -43.06 -50.57 -31.42
CA VAL E 50 -42.11 -50.69 -32.52
C VAL E 50 -41.79 -52.16 -32.75
N GLU E 51 -41.66 -52.53 -34.02
CA GLU E 51 -41.12 -53.83 -34.40
C GLU E 51 -39.60 -53.80 -34.25
N LYS E 52 -39.05 -54.80 -33.55
CA LYS E 52 -37.61 -54.82 -33.34
C LYS E 52 -36.86 -55.27 -34.59
N ARG E 53 -37.45 -56.20 -35.35
CA ARG E 53 -36.87 -56.71 -36.59
C ARG E 53 -35.49 -57.34 -36.35
N ILE E 54 -35.50 -58.43 -35.60
CA ILE E 54 -34.28 -59.16 -35.27
C ILE E 54 -33.87 -59.99 -36.48
N THR E 55 -32.59 -59.94 -36.83
CA THR E 55 -32.09 -60.64 -38.02
C THR E 55 -31.56 -62.03 -37.73
N SER E 56 -31.02 -62.28 -36.54
CA SER E 56 -30.40 -63.55 -36.24
C SER E 56 -30.82 -64.04 -34.86
N PRO E 57 -30.95 -65.36 -34.68
CA PRO E 57 -31.24 -65.89 -33.34
C PRO E 57 -30.17 -65.57 -32.32
N LEU E 58 -28.92 -65.38 -32.75
CA LEU E 58 -27.85 -65.11 -31.81
C LEU E 58 -27.87 -63.68 -31.31
N MET E 59 -28.56 -62.77 -31.98
CA MET E 59 -28.65 -61.41 -31.50
C MET E 59 -29.56 -61.32 -30.29
N GLU E 60 -29.17 -60.50 -29.33
CA GLU E 60 -29.98 -60.30 -28.14
C GLU E 60 -31.02 -59.21 -28.40
N PRO E 61 -32.31 -59.54 -28.44
CA PRO E 61 -33.32 -58.52 -28.74
C PRO E 61 -33.37 -57.39 -27.72
N SER E 62 -32.94 -57.64 -26.47
CA SER E 62 -32.94 -56.58 -25.48
C SER E 62 -31.94 -55.47 -25.79
N SER E 63 -30.97 -55.73 -26.68
CA SER E 63 -30.03 -54.69 -27.06
C SER E 63 -30.57 -53.76 -28.13
N ILE E 64 -31.71 -54.08 -28.74
CA ILE E 64 -32.36 -53.15 -29.66
C ILE E 64 -33.22 -52.20 -28.83
N GLU E 65 -32.94 -50.91 -28.95
CA GLU E 65 -33.68 -49.87 -28.24
C GLU E 65 -34.23 -48.90 -29.27
N LYS E 66 -35.40 -49.22 -29.83
CA LYS E 66 -36.09 -48.33 -30.74
C LYS E 66 -37.10 -47.44 -30.04
N ILE E 67 -37.33 -47.65 -28.75
CA ILE E 67 -38.11 -46.77 -27.91
C ILE E 67 -37.22 -46.35 -26.75
N VAL E 68 -37.09 -45.04 -26.54
CA VAL E 68 -36.23 -44.51 -25.49
C VAL E 68 -37.03 -43.51 -24.67
N GLU E 69 -36.60 -43.33 -23.43
CA GLU E 69 -37.17 -42.32 -22.55
C GLU E 69 -36.40 -41.03 -22.76
N ILE E 70 -37.12 -39.97 -23.16
CA ILE E 70 -36.50 -38.65 -23.23
C ILE E 70 -36.52 -38.00 -21.87
N ASP E 71 -37.66 -38.07 -21.19
CA ASP E 71 -37.80 -37.57 -19.84
C ASP E 71 -38.84 -38.47 -19.17
N ALA E 72 -39.02 -38.27 -17.86
CA ALA E 72 -39.96 -39.11 -17.12
C ALA E 72 -41.36 -39.04 -17.72
N HIS E 73 -41.68 -37.93 -18.38
CA HIS E 73 -42.99 -37.75 -19.00
C HIS E 73 -42.96 -37.82 -20.52
N ILE E 74 -41.81 -38.04 -21.15
CA ILE E 74 -41.72 -38.05 -22.61
C ILE E 74 -40.93 -39.26 -23.07
N GLY E 75 -41.49 -40.01 -24.01
CA GLY E 75 -40.79 -41.09 -24.68
C GLY E 75 -40.71 -40.87 -26.17
N CYS E 76 -39.85 -41.62 -26.85
CA CYS E 76 -39.61 -41.42 -28.27
C CYS E 76 -39.42 -42.76 -28.97
N ALA E 77 -40.19 -42.98 -30.03
CA ALA E 77 -39.98 -44.11 -30.93
C ALA E 77 -39.31 -43.61 -32.20
N MET E 78 -38.39 -44.39 -32.74
CA MET E 78 -37.63 -43.96 -33.90
C MET E 78 -37.74 -44.99 -35.02
N SER E 79 -37.63 -44.51 -36.25
CA SER E 79 -37.58 -45.37 -37.43
C SER E 79 -36.58 -44.80 -38.41
N GLY E 80 -36.00 -45.69 -39.21
CA GLY E 80 -34.99 -45.31 -40.19
C GLY E 80 -33.61 -45.77 -39.80
N LEU E 81 -32.67 -44.83 -39.66
CA LEU E 81 -31.29 -45.14 -39.28
C LEU E 81 -31.10 -44.75 -37.81
N ILE E 82 -31.06 -45.76 -36.94
CA ILE E 82 -31.09 -45.52 -35.49
C ILE E 82 -29.85 -44.77 -35.02
N ALA E 83 -28.69 -45.08 -35.61
CA ALA E 83 -27.46 -44.40 -35.23
C ALA E 83 -27.58 -42.90 -35.41
N ASP E 84 -28.30 -42.46 -36.45
CA ASP E 84 -28.60 -41.05 -36.61
C ASP E 84 -29.49 -40.54 -35.49
N ALA E 85 -30.45 -41.36 -35.05
CA ALA E 85 -31.38 -40.93 -34.02
C ALA E 85 -30.70 -40.75 -32.67
N LYS E 86 -29.53 -41.36 -32.47
CA LYS E 86 -28.86 -41.25 -31.18
C LYS E 86 -28.55 -39.79 -30.81
N THR E 87 -28.00 -39.03 -31.76
CA THR E 87 -27.63 -37.65 -31.45
C THR E 87 -28.87 -36.77 -31.24
N LEU E 88 -29.93 -36.99 -32.02
CA LEU E 88 -31.16 -36.25 -31.82
C LEU E 88 -31.77 -36.52 -30.46
N ILE E 89 -31.75 -37.79 -30.03
CA ILE E 89 -32.29 -38.14 -28.73
C ILE E 89 -31.45 -37.54 -27.61
N ASP E 90 -30.12 -37.56 -27.77
CA ASP E 90 -29.27 -36.94 -26.77
C ASP E 90 -29.57 -35.44 -26.66
N LYS E 91 -29.79 -34.78 -27.80
CA LYS E 91 -30.16 -33.39 -27.79
C LYS E 91 -31.49 -33.16 -27.08
N ALA E 92 -32.47 -34.03 -27.33
CA ALA E 92 -33.77 -33.89 -26.67
C ALA E 92 -33.64 -34.02 -25.16
N ARG E 93 -32.85 -35.00 -24.69
CA ARG E 93 -32.63 -35.15 -23.26
C ARG E 93 -31.96 -33.93 -22.67
N VAL E 94 -30.94 -33.42 -23.35
CA VAL E 94 -30.24 -32.23 -22.86
C VAL E 94 -31.20 -31.04 -22.79
N GLU E 95 -32.04 -30.86 -23.81
CA GLU E 95 -32.97 -29.74 -23.81
C GLU E 95 -33.98 -29.84 -22.68
N THR E 96 -34.52 -31.03 -22.42
CA THR E 96 -35.46 -31.17 -21.32
C THR E 96 -34.78 -30.86 -19.98
N GLN E 97 -33.56 -31.34 -19.79
CA GLN E 97 -32.87 -31.06 -18.54
C GLN E 97 -32.49 -29.59 -18.41
N ASN E 98 -32.15 -28.94 -19.53
CA ASN E 98 -31.86 -27.51 -19.52
C ASN E 98 -33.10 -26.72 -19.14
N HIS E 99 -34.25 -27.08 -19.69
CA HIS E 99 -35.49 -26.41 -19.35
C HIS E 99 -35.83 -26.60 -17.87
N TRP E 100 -35.63 -27.81 -17.36
CA TRP E 100 -35.84 -28.02 -15.93
C TRP E 100 -34.89 -27.16 -15.10
N PHE E 101 -33.63 -27.09 -15.52
CA PHE E 101 -32.64 -26.33 -14.76
C PHE E 101 -33.00 -24.85 -14.71
N THR E 102 -33.44 -24.31 -15.83
CA THR E 102 -33.71 -22.88 -15.92
C THR E 102 -35.03 -22.49 -15.30
N TYR E 103 -36.10 -23.25 -15.55
CA TYR E 103 -37.44 -22.83 -15.19
C TYR E 103 -38.09 -23.68 -14.10
N ASN E 104 -37.42 -24.73 -13.64
CA ASN E 104 -37.92 -25.58 -12.56
C ASN E 104 -39.28 -26.19 -12.91
N GLU E 105 -39.40 -26.68 -14.14
CA GLU E 105 -40.65 -27.27 -14.61
C GLU E 105 -40.34 -28.24 -15.74
N THR E 106 -41.33 -29.05 -16.10
CA THR E 106 -41.17 -29.98 -17.20
C THR E 106 -41.46 -29.28 -18.53
N MET E 107 -40.59 -29.51 -19.51
CA MET E 107 -40.81 -29.04 -20.86
C MET E 107 -42.02 -29.73 -21.47
N THR E 108 -42.80 -29.00 -22.25
CA THR E 108 -43.90 -29.64 -22.96
C THR E 108 -43.38 -30.49 -24.11
N VAL E 109 -44.19 -31.46 -24.52
CA VAL E 109 -43.83 -32.35 -25.63
C VAL E 109 -43.60 -31.54 -26.89
N GLU E 110 -44.46 -30.55 -27.15
CA GLU E 110 -44.34 -29.77 -28.38
C GLU E 110 -43.04 -28.98 -28.42
N SER E 111 -42.62 -28.40 -27.29
CA SER E 111 -41.41 -27.60 -27.32
C SER E 111 -40.17 -28.47 -27.45
N VAL E 112 -40.18 -29.67 -26.87
CA VAL E 112 -39.10 -30.61 -27.08
C VAL E 112 -39.02 -31.03 -28.54
N THR E 113 -40.17 -31.34 -29.14
CA THR E 113 -40.20 -31.71 -30.55
C THR E 113 -39.72 -30.56 -31.43
N GLN E 114 -40.10 -29.33 -31.09
CA GLN E 114 -39.64 -28.16 -31.83
C GLN E 114 -38.14 -28.01 -31.73
N ALA E 115 -37.58 -28.20 -30.53
CA ALA E 115 -36.14 -28.09 -30.35
C ALA E 115 -35.41 -29.14 -31.18
N VAL E 116 -35.93 -30.37 -31.22
CA VAL E 116 -35.28 -31.41 -32.01
C VAL E 116 -35.41 -31.13 -33.50
N SER E 117 -36.57 -30.63 -33.92
CA SER E 117 -36.79 -30.33 -35.34
C SER E 117 -35.92 -29.18 -35.82
N ASN E 118 -35.50 -28.29 -34.93
CA ASN E 118 -34.61 -27.20 -35.34
C ASN E 118 -33.26 -27.70 -35.83
N LEU E 119 -32.89 -28.94 -35.52
CA LEU E 119 -31.62 -29.50 -35.96
C LEU E 119 -31.67 -30.15 -37.34
N ALA E 120 -32.87 -30.37 -37.89
CA ALA E 120 -32.99 -31.22 -39.06
C ALA E 120 -32.26 -30.64 -40.27
N LEU E 121 -32.36 -29.33 -40.49
CA LEU E 121 -31.78 -28.71 -41.67
C LEU E 121 -30.48 -27.98 -41.40
N GLN E 122 -29.84 -28.23 -40.26
CA GLN E 122 -28.56 -27.60 -39.95
C GLN E 122 -27.41 -28.45 -40.49
N PHE E 123 -27.41 -28.61 -41.80
CA PHE E 123 -26.35 -29.33 -42.50
C PHE E 123 -25.90 -28.50 -43.69
N GLY E 124 -24.65 -28.69 -44.08
CA GLY E 124 -24.08 -27.96 -45.19
C GLY E 124 -22.60 -28.25 -45.30
N GLU E 125 -22.03 -27.78 -46.40
CA GLU E 125 -20.61 -27.96 -46.66
C GLU E 125 -19.82 -26.69 -46.43
N GLU E 126 -20.25 -25.58 -47.04
CA GLU E 126 -19.62 -24.28 -46.84
C GLU E 126 -20.36 -23.49 -45.76
N ASP E 127 -19.67 -22.48 -45.23
CA ASP E 127 -20.21 -21.63 -44.17
C ASP E 127 -20.60 -22.44 -42.94
N ALA E 128 -19.72 -23.34 -42.52
CA ALA E 128 -20.01 -24.19 -41.37
C ALA E 128 -18.76 -24.34 -40.52
N ASP E 129 -18.99 -24.55 -39.22
CA ASP E 129 -17.91 -24.91 -38.31
C ASP E 129 -17.40 -26.31 -38.65
N PRO E 130 -16.14 -26.60 -38.32
CA PRO E 130 -15.60 -27.95 -38.58
C PRO E 130 -16.41 -29.01 -37.84
N GLY E 131 -16.63 -30.13 -38.51
CA GLY E 131 -17.37 -31.23 -37.94
C GLY E 131 -18.88 -31.04 -37.92
N ALA E 132 -19.39 -29.94 -38.47
CA ALA E 132 -20.82 -29.73 -38.55
C ALA E 132 -21.46 -30.79 -39.44
N MET E 133 -22.78 -30.98 -39.27
CA MET E 133 -23.48 -32.02 -39.98
C MET E 133 -23.32 -31.85 -41.49
N SER E 134 -22.97 -32.94 -42.17
CA SER E 134 -22.74 -32.93 -43.60
C SER E 134 -23.96 -33.34 -44.41
N ARG E 135 -25.00 -33.85 -43.75
CA ARG E 135 -26.17 -34.37 -44.44
C ARG E 135 -27.34 -34.34 -43.47
N PRO E 136 -28.56 -34.46 -43.96
CA PRO E 136 -29.71 -34.58 -43.05
C PRO E 136 -29.71 -35.91 -42.30
N PHE E 137 -30.45 -35.93 -41.20
CA PHE E 137 -30.66 -37.16 -40.45
C PHE E 137 -31.61 -38.08 -41.21
N GLY E 138 -31.38 -39.38 -41.10
CA GLY E 138 -32.23 -40.34 -41.76
C GLY E 138 -33.24 -41.00 -40.83
N VAL E 139 -33.85 -40.23 -39.94
CA VAL E 139 -34.75 -40.77 -38.94
C VAL E 139 -36.10 -40.08 -38.99
N ALA E 140 -37.12 -40.80 -38.57
CA ALA E 140 -38.42 -40.25 -38.26
C ALA E 140 -38.72 -40.57 -36.81
N LEU E 141 -39.23 -39.60 -36.07
CA LEU E 141 -39.44 -39.72 -34.65
C LEU E 141 -40.91 -39.55 -34.29
N LEU E 142 -41.35 -40.33 -33.31
CA LEU E 142 -42.65 -40.19 -32.67
C LEU E 142 -42.40 -39.85 -31.22
N PHE E 143 -42.75 -38.64 -30.81
CA PHE E 143 -42.65 -38.21 -29.43
C PHE E 143 -44.00 -38.38 -28.76
N GLY E 144 -44.03 -39.16 -27.69
CA GLY E 144 -45.26 -39.31 -26.93
C GLY E 144 -45.07 -38.85 -25.51
N GLY E 145 -45.89 -37.90 -25.06
CA GLY E 145 -45.68 -37.38 -23.72
C GLY E 145 -46.97 -36.96 -23.07
N VAL E 146 -46.86 -36.60 -21.79
CA VAL E 146 -47.97 -36.06 -21.02
C VAL E 146 -47.50 -34.73 -20.42
N ASP E 147 -48.16 -33.65 -20.81
CA ASP E 147 -47.86 -32.34 -20.24
C ASP E 147 -49.15 -31.72 -19.72
N GLU E 148 -49.11 -30.42 -19.40
CA GLU E 148 -50.31 -29.77 -18.86
C GLU E 148 -51.47 -29.81 -19.83
N LYS E 149 -51.20 -29.87 -21.13
CA LYS E 149 -52.25 -29.98 -22.13
C LYS E 149 -52.78 -31.40 -22.29
N GLY E 150 -52.34 -32.33 -21.46
CA GLY E 150 -52.76 -33.71 -21.55
C GLY E 150 -51.74 -34.56 -22.27
N PRO E 151 -52.16 -35.72 -22.74
CA PRO E 151 -51.26 -36.57 -23.54
C PRO E 151 -51.23 -36.14 -24.99
N GLN E 152 -50.01 -36.06 -25.54
CA GLN E 152 -49.79 -35.59 -26.89
C GLN E 152 -48.83 -36.51 -27.63
N LEU E 153 -49.03 -36.60 -28.94
CA LEU E 153 -48.19 -37.38 -29.83
C LEU E 153 -47.77 -36.50 -31.01
N PHE E 154 -46.47 -36.42 -31.25
CA PHE E 154 -45.92 -35.59 -32.31
C PHE E 154 -45.07 -36.43 -33.24
N HIS E 155 -45.14 -36.11 -34.53
CA HIS E 155 -44.32 -36.75 -35.55
C HIS E 155 -43.32 -35.74 -36.08
N MET E 156 -42.06 -36.14 -36.15
CA MET E 156 -41.00 -35.34 -36.71
C MET E 156 -40.32 -36.13 -37.82
N ASP E 157 -39.99 -35.45 -38.91
CA ASP E 157 -39.39 -36.06 -40.08
C ASP E 157 -38.14 -35.27 -40.47
N PRO E 158 -37.28 -35.84 -41.32
CA PRO E 158 -35.98 -35.18 -41.58
C PRO E 158 -36.09 -33.82 -42.25
N SER E 159 -37.21 -33.48 -42.85
CA SER E 159 -37.39 -32.14 -43.36
C SER E 159 -37.47 -31.09 -42.25
N GLY E 160 -37.61 -31.52 -41.00
CA GLY E 160 -37.76 -30.60 -39.90
C GLY E 160 -39.19 -30.21 -39.60
N THR E 161 -40.15 -30.83 -40.26
CA THR E 161 -41.56 -30.60 -40.01
C THR E 161 -42.03 -31.52 -38.89
N PHE E 162 -42.66 -30.94 -37.89
CA PHE E 162 -43.27 -31.70 -36.80
C PHE E 162 -44.74 -31.35 -36.69
N VAL E 163 -45.56 -32.37 -36.47
CA VAL E 163 -47.02 -32.24 -36.49
C VAL E 163 -47.61 -33.01 -35.33
N GLN E 164 -48.65 -32.45 -34.71
CA GLN E 164 -49.42 -33.20 -33.74
C GLN E 164 -50.28 -34.25 -34.44
N CYS E 165 -50.34 -35.45 -33.86
CA CYS E 165 -51.06 -36.55 -34.46
C CYS E 165 -51.88 -37.29 -33.42
N ASP E 166 -53.08 -37.71 -33.79
CA ASP E 166 -53.86 -38.60 -32.93
C ASP E 166 -53.32 -40.02 -32.96
N ALA E 167 -52.97 -40.50 -34.15
CA ALA E 167 -52.34 -41.80 -34.32
C ALA E 167 -51.53 -41.75 -35.60
N ARG E 168 -50.35 -42.37 -35.58
CA ARG E 168 -49.49 -42.36 -36.75
C ARG E 168 -48.59 -43.57 -36.78
N ALA E 169 -48.29 -44.02 -38.00
CA ALA E 169 -47.33 -45.07 -38.25
C ALA E 169 -46.18 -44.51 -39.07
N ILE E 170 -44.96 -44.93 -38.73
CA ILE E 170 -43.76 -44.61 -39.48
C ILE E 170 -43.06 -45.92 -39.81
N GLY E 171 -42.19 -45.88 -40.81
CA GLY E 171 -41.39 -47.02 -41.18
C GLY E 171 -41.77 -47.62 -42.52
N SER E 172 -41.51 -48.91 -42.64
CA SER E 172 -41.61 -49.57 -43.94
C SER E 172 -43.06 -49.79 -44.35
N ALA E 173 -43.93 -50.17 -43.42
CA ALA E 173 -45.33 -50.47 -43.71
C ALA E 173 -46.26 -49.36 -43.25
N SER E 174 -45.81 -48.11 -43.28
CA SER E 174 -46.57 -47.03 -42.66
C SER E 174 -47.85 -46.71 -43.42
N GLU E 175 -47.95 -47.11 -44.69
CA GLU E 175 -49.15 -46.79 -45.46
C GLU E 175 -50.32 -47.69 -45.08
N GLY E 176 -50.12 -49.01 -45.15
CA GLY E 176 -51.17 -49.92 -44.73
C GLY E 176 -51.46 -49.80 -43.24
N ALA E 177 -50.42 -49.61 -42.43
CA ALA E 177 -50.62 -49.42 -41.00
C ALA E 177 -51.39 -48.12 -40.73
N GLN E 178 -51.12 -47.07 -41.50
CA GLN E 178 -51.85 -45.82 -41.33
C GLN E 178 -53.32 -45.98 -41.72
N SER E 179 -53.59 -46.73 -42.79
CA SER E 179 -54.98 -46.98 -43.17
C SER E 179 -55.70 -47.77 -42.08
N SER E 180 -55.03 -48.77 -41.51
CA SER E 180 -55.63 -49.51 -40.41
C SER E 180 -55.87 -48.62 -39.20
N LEU E 181 -54.92 -47.73 -38.94
CA LEU E 181 -55.07 -46.80 -37.81
C LEU E 181 -56.32 -45.96 -38.05
N GLN E 182 -56.52 -45.52 -39.30
CA GLN E 182 -57.65 -44.60 -39.55
C GLN E 182 -59.00 -45.27 -39.24
N GLU E 183 -59.21 -46.52 -39.67
CA GLU E 183 -60.45 -47.22 -39.28
C GLU E 183 -60.52 -47.52 -37.78
N VAL E 184 -59.43 -48.00 -37.18
CA VAL E 184 -59.43 -48.40 -35.73
C VAL E 184 -59.61 -47.20 -34.79
N TYR E 185 -58.99 -46.07 -35.10
CA TYR E 185 -58.93 -44.96 -34.12
C TYR E 185 -60.17 -44.07 -34.00
N HIS E 186 -60.70 -43.96 -32.79
CA HIS E 186 -61.73 -42.98 -32.47
C HIS E 186 -61.29 -42.20 -31.24
N LYS E 187 -61.87 -41.01 -31.07
CA LYS E 187 -61.35 -40.05 -30.11
C LYS E 187 -61.45 -40.57 -28.68
N SER E 188 -62.54 -41.23 -28.34
CA SER E 188 -62.77 -41.73 -26.99
C SER E 188 -62.17 -43.10 -26.75
N MET E 189 -61.17 -43.48 -27.54
CA MET E 189 -60.50 -44.76 -27.36
C MET E 189 -59.81 -44.82 -26.01
N THR E 190 -59.85 -45.98 -25.37
CA THR E 190 -59.13 -46.16 -24.12
C THR E 190 -57.69 -46.58 -24.39
N LEU E 191 -56.84 -46.47 -23.37
CA LEU E 191 -55.44 -46.83 -23.54
C LEU E 191 -55.26 -48.32 -23.75
N LYS E 192 -56.07 -49.15 -23.07
CA LYS E 192 -56.01 -50.59 -23.31
C LYS E 192 -56.40 -50.92 -24.75
N GLU E 193 -57.47 -50.29 -25.26
CA GLU E 193 -57.86 -50.49 -26.65
C GLU E 193 -56.79 -49.98 -27.60
N ALA E 194 -56.16 -48.86 -27.26
CA ALA E 194 -55.07 -48.34 -28.09
C ALA E 194 -53.93 -49.34 -28.17
N ILE E 195 -53.53 -49.90 -27.04
CA ILE E 195 -52.45 -50.87 -27.02
C ILE E 195 -52.81 -52.10 -27.83
N LYS E 196 -54.04 -52.60 -27.65
CA LYS E 196 -54.47 -53.78 -28.39
C LYS E 196 -54.50 -53.52 -29.89
N SER E 197 -55.01 -52.36 -30.32
CA SER E 197 -55.08 -52.06 -31.74
C SER E 197 -53.69 -51.86 -32.32
N SER E 198 -52.78 -51.23 -31.56
CA SER E 198 -51.40 -51.10 -32.01
C SER E 198 -50.79 -52.47 -32.24
N LEU E 199 -50.99 -53.40 -31.31
CA LEU E 199 -50.41 -54.73 -31.46
C LEU E 199 -51.05 -55.49 -32.61
N ILE E 200 -52.36 -55.31 -32.81
CA ILE E 200 -53.03 -55.96 -33.92
C ILE E 200 -52.46 -55.49 -35.25
N ILE E 201 -52.28 -54.17 -35.40
CA ILE E 201 -51.78 -53.65 -36.66
C ILE E 201 -50.32 -54.05 -36.87
N LEU E 202 -49.52 -54.04 -35.80
CA LEU E 202 -48.14 -54.50 -35.92
C LEU E 202 -48.09 -55.95 -36.33
N LYS E 203 -48.96 -56.79 -35.78
CA LYS E 203 -49.03 -58.18 -36.17
C LYS E 203 -49.41 -58.31 -37.64
N GLN E 204 -50.33 -57.46 -38.10
CA GLN E 204 -50.74 -57.51 -39.50
C GLN E 204 -49.59 -57.15 -40.44
N VAL E 205 -48.83 -56.10 -40.11
CA VAL E 205 -47.81 -55.62 -41.03
C VAL E 205 -46.44 -56.25 -40.84
N MET E 206 -46.16 -56.82 -39.66
CA MET E 206 -44.86 -57.44 -39.43
C MET E 206 -44.69 -58.66 -40.31
N GLU E 207 -43.49 -58.81 -40.87
CA GLU E 207 -43.19 -59.99 -41.67
C GLU E 207 -43.07 -61.24 -40.80
N GLU E 208 -42.54 -61.10 -39.59
CA GLU E 208 -42.40 -62.22 -38.67
C GLU E 208 -43.64 -62.33 -37.78
N LYS E 209 -43.75 -63.46 -37.10
CA LYS E 209 -44.77 -63.62 -36.09
C LYS E 209 -44.47 -62.72 -34.90
N LEU E 210 -45.52 -62.19 -34.28
CA LEU E 210 -45.38 -61.19 -33.23
C LEU E 210 -45.44 -61.87 -31.86
N ASN E 211 -44.30 -61.90 -31.16
CA ASN E 211 -44.28 -62.41 -29.80
C ASN E 211 -43.75 -61.34 -28.85
N ALA E 212 -43.50 -61.70 -27.60
CA ALA E 212 -43.07 -60.75 -26.59
C ALA E 212 -41.64 -60.28 -26.75
N THR E 213 -40.88 -60.87 -27.68
CA THR E 213 -39.51 -60.45 -27.93
C THR E 213 -39.32 -59.72 -29.24
N ASN E 214 -40.28 -59.79 -30.16
CA ASN E 214 -40.19 -59.12 -31.45
C ASN E 214 -40.52 -57.64 -31.38
N ILE E 215 -41.11 -57.17 -30.29
CA ILE E 215 -41.67 -55.82 -30.25
C ILE E 215 -41.20 -55.11 -28.98
N GLU E 216 -41.23 -53.79 -29.06
CA GLU E 216 -41.13 -52.90 -27.91
C GLU E 216 -42.46 -52.17 -27.79
N LEU E 217 -42.94 -52.00 -26.55
CA LEU E 217 -44.14 -51.21 -26.32
C LEU E 217 -43.96 -50.41 -25.05
N ALA E 218 -44.32 -49.13 -25.12
CA ALA E 218 -44.20 -48.23 -23.98
C ALA E 218 -45.41 -47.31 -23.92
N THR E 219 -45.71 -46.83 -22.72
CA THR E 219 -46.83 -45.91 -22.53
C THR E 219 -46.40 -44.76 -21.65
N VAL E 220 -46.99 -43.60 -21.90
CA VAL E 220 -46.91 -42.46 -20.98
C VAL E 220 -48.33 -42.09 -20.59
N GLN E 221 -48.57 -41.94 -19.30
CA GLN E 221 -49.90 -41.65 -18.78
C GLN E 221 -49.84 -40.49 -17.80
N PRO E 222 -50.94 -39.75 -17.65
CA PRO E 222 -50.99 -38.71 -16.61
C PRO E 222 -50.88 -39.34 -15.23
N GLY E 223 -49.80 -38.99 -14.53
CA GLY E 223 -49.55 -39.50 -13.21
C GLY E 223 -48.58 -40.67 -13.14
N GLN E 224 -48.36 -41.37 -14.25
CA GLN E 224 -47.38 -42.44 -14.31
C GLN E 224 -46.27 -42.05 -15.28
N ASN E 225 -45.04 -42.33 -14.90
CA ASN E 225 -43.91 -41.97 -15.74
C ASN E 225 -43.91 -42.80 -17.03
N PHE E 226 -42.93 -42.52 -17.88
CA PHE E 226 -42.68 -43.37 -19.04
C PHE E 226 -42.44 -44.81 -18.57
N HIS E 227 -43.15 -45.74 -19.20
CA HIS E 227 -43.14 -47.13 -18.76
C HIS E 227 -42.97 -48.04 -19.96
N MET E 228 -41.83 -48.73 -20.04
CA MET E 228 -41.59 -49.71 -21.08
C MET E 228 -42.14 -51.05 -20.61
N PHE E 229 -43.01 -51.65 -21.43
CA PHE E 229 -43.67 -52.88 -21.02
C PHE E 229 -42.67 -54.02 -20.92
N THR E 230 -42.62 -54.66 -19.76
CA THR E 230 -41.82 -55.86 -19.59
C THR E 230 -42.40 -56.99 -20.43
N LYS E 231 -41.59 -58.02 -20.64
CA LYS E 231 -42.03 -59.11 -21.52
C LYS E 231 -43.19 -59.89 -20.92
N GLU E 232 -43.29 -59.95 -19.58
CA GLU E 232 -44.45 -60.59 -18.99
C GLU E 232 -45.72 -59.80 -19.28
N GLU E 233 -45.65 -58.46 -19.18
CA GLU E 233 -46.79 -57.63 -19.55
C GLU E 233 -47.07 -57.74 -21.04
N LEU E 234 -46.02 -57.83 -21.86
CA LEU E 234 -46.21 -58.00 -23.30
C LEU E 234 -46.95 -59.28 -23.60
N GLU E 235 -46.60 -60.37 -22.92
CA GLU E 235 -47.31 -61.63 -23.13
C GLU E 235 -48.73 -61.57 -22.57
N GLU E 236 -48.93 -60.82 -21.48
CA GLU E 236 -50.28 -60.63 -20.97
C GLU E 236 -51.17 -59.96 -22.03
N VAL E 237 -50.64 -58.94 -22.71
CA VAL E 237 -51.44 -58.28 -23.74
C VAL E 237 -51.60 -59.15 -24.98
N ILE E 238 -50.51 -59.77 -25.45
CA ILE E 238 -50.53 -60.52 -26.71
C ILE E 238 -51.32 -61.82 -26.62
N LYS E 239 -51.53 -62.36 -25.42
CA LYS E 239 -52.16 -63.67 -25.29
C LYS E 239 -53.51 -63.72 -25.98
N ASP E 240 -54.22 -62.60 -26.05
CA ASP E 240 -55.52 -62.52 -26.71
C ASP E 240 -55.44 -61.45 -27.80
N ILE E 241 -55.06 -61.88 -29.01
CA ILE E 241 -54.97 -60.99 -30.16
C ILE E 241 -55.56 -61.69 -31.38
N ASN F 4 -29.25 -29.52 -66.27
CA ASN F 4 -28.24 -28.81 -67.05
C ASN F 4 -27.15 -28.26 -66.15
N GLN F 5 -26.19 -27.57 -66.75
CA GLN F 5 -25.01 -27.11 -66.03
C GLN F 5 -25.23 -25.82 -65.24
N TYR F 6 -26.35 -25.14 -65.46
CA TYR F 6 -26.60 -23.85 -64.84
C TYR F 6 -27.60 -23.90 -63.71
N ASP F 7 -28.14 -25.07 -63.36
CA ASP F 7 -29.27 -25.12 -62.43
C ASP F 7 -28.94 -25.83 -61.13
N ASN F 8 -27.69 -25.88 -60.72
CA ASN F 8 -27.32 -26.55 -59.49
C ASN F 8 -26.79 -25.63 -58.40
N ASP F 9 -26.13 -24.55 -58.79
CA ASP F 9 -25.49 -23.65 -57.83
C ASP F 9 -26.13 -22.28 -57.87
N VAL F 10 -26.31 -21.69 -56.70
CA VAL F 10 -26.87 -20.35 -56.59
C VAL F 10 -25.90 -19.28 -57.05
N THR F 11 -24.63 -19.61 -57.23
CA THR F 11 -23.62 -18.67 -57.69
C THR F 11 -23.42 -18.68 -59.20
N VAL F 12 -24.17 -19.48 -59.93
CA VAL F 12 -23.97 -19.62 -61.37
C VAL F 12 -25.07 -18.86 -62.10
N TRP F 13 -24.68 -17.83 -62.83
CA TRP F 13 -25.58 -17.14 -63.75
C TRP F 13 -25.85 -18.00 -64.98
N SER F 14 -27.10 -18.08 -65.38
CA SER F 14 -27.42 -18.71 -66.64
C SER F 14 -27.17 -17.74 -67.79
N PRO F 15 -26.94 -18.25 -69.01
CA PRO F 15 -26.71 -17.36 -70.15
C PRO F 15 -27.87 -16.41 -70.45
N GLN F 16 -29.04 -16.63 -69.85
CA GLN F 16 -30.18 -15.75 -70.04
C GLN F 16 -30.27 -14.67 -68.97
N GLY F 17 -29.31 -14.61 -68.04
CA GLY F 17 -29.38 -13.66 -66.96
C GLY F 17 -30.26 -14.06 -65.81
N ARG F 18 -30.45 -15.35 -65.59
CA ARG F 18 -31.27 -15.85 -64.50
C ARG F 18 -30.45 -16.74 -63.58
N ILE F 19 -30.95 -16.94 -62.38
CA ILE F 19 -30.37 -17.88 -61.41
C ILE F 19 -31.43 -18.94 -61.13
N HIS F 20 -31.14 -20.18 -61.52
CA HIS F 20 -32.15 -21.22 -61.50
C HIS F 20 -32.47 -21.71 -60.10
N GLN F 21 -31.48 -21.73 -59.21
CA GLN F 21 -31.73 -22.19 -57.84
C GLN F 21 -32.71 -21.28 -57.13
N ILE F 22 -32.65 -19.97 -57.39
CA ILE F 22 -33.61 -19.04 -56.81
C ILE F 22 -35.02 -19.34 -57.32
N GLU F 23 -35.16 -19.63 -58.61
CA GLU F 23 -36.47 -19.98 -59.16
C GLU F 23 -36.99 -21.29 -58.58
N TYR F 24 -36.10 -22.24 -58.29
CA TYR F 24 -36.54 -23.50 -57.69
C TYR F 24 -36.99 -23.29 -56.25
N ALA F 25 -36.33 -22.40 -55.52
CA ALA F 25 -36.84 -22.02 -54.20
C ALA F 25 -38.19 -21.32 -54.30
N MET F 26 -38.40 -20.52 -55.34
CA MET F 26 -39.73 -19.96 -55.59
C MET F 26 -40.75 -21.07 -55.75
N GLU F 27 -40.39 -22.12 -56.48
CA GLU F 27 -41.29 -23.27 -56.61
C GLU F 27 -41.59 -23.90 -55.26
N ALA F 28 -40.57 -23.97 -54.39
CA ALA F 28 -40.79 -24.46 -53.03
C ALA F 28 -41.88 -23.66 -52.34
N VAL F 29 -41.87 -22.34 -52.50
CA VAL F 29 -42.95 -21.53 -51.92
C VAL F 29 -44.28 -21.86 -52.59
N LYS F 30 -44.29 -22.01 -53.91
CA LYS F 30 -45.55 -22.28 -54.62
C LYS F 30 -46.16 -23.62 -54.24
N GLN F 31 -45.38 -24.57 -53.72
CA GLN F 31 -45.93 -25.86 -53.34
C GLN F 31 -46.77 -25.80 -52.08
N GLY F 32 -46.59 -24.79 -51.23
CA GLY F 32 -47.25 -24.74 -49.95
C GLY F 32 -48.72 -24.38 -50.06
N SER F 33 -49.43 -24.59 -48.96
CA SER F 33 -50.86 -24.28 -48.92
C SER F 33 -51.10 -22.78 -48.90
N ALA F 34 -52.25 -22.37 -49.40
CA ALA F 34 -52.53 -20.96 -49.63
C ALA F 34 -52.66 -20.20 -48.32
N THR F 35 -52.39 -18.90 -48.39
CA THR F 35 -52.60 -17.98 -47.29
C THR F 35 -52.78 -16.59 -47.87
N VAL F 36 -53.66 -15.82 -47.25
CA VAL F 36 -54.10 -14.52 -47.75
C VAL F 36 -53.84 -13.48 -46.67
N GLY F 37 -53.42 -12.31 -47.09
CA GLY F 37 -53.23 -11.19 -46.17
C GLY F 37 -53.81 -9.94 -46.78
N LEU F 38 -54.52 -9.18 -45.95
CA LEU F 38 -55.16 -7.97 -46.43
C LEU F 38 -55.25 -6.98 -45.29
N LYS F 39 -55.51 -5.72 -45.62
CA LYS F 39 -55.53 -4.68 -44.61
C LYS F 39 -56.64 -3.69 -44.92
N SER F 40 -57.22 -3.15 -43.86
CA SER F 40 -58.12 -2.02 -43.90
C SER F 40 -57.37 -0.78 -43.43
N LYS F 41 -58.09 0.31 -43.19
CA LYS F 41 -57.47 1.50 -42.62
C LYS F 41 -56.88 1.23 -41.25
N THR F 42 -57.42 0.26 -40.51
CA THR F 42 -57.06 0.09 -39.12
C THR F 42 -56.61 -1.32 -38.73
N HIS F 43 -56.77 -2.31 -39.60
CA HIS F 43 -56.48 -3.69 -39.23
C HIS F 43 -55.71 -4.38 -40.34
N ALA F 44 -54.87 -5.34 -39.95
CA ALA F 44 -54.21 -6.24 -40.88
C ALA F 44 -54.57 -7.67 -40.50
N VAL F 45 -55.00 -8.45 -41.48
CA VAL F 45 -55.53 -9.79 -41.28
C VAL F 45 -54.75 -10.77 -42.14
N LEU F 46 -54.31 -11.85 -41.53
CA LEU F 46 -53.78 -13.02 -42.23
C LEU F 46 -54.76 -14.17 -42.04
N VAL F 47 -55.16 -14.82 -43.12
CA VAL F 47 -56.00 -16.01 -43.05
C VAL F 47 -55.25 -17.13 -43.75
N ALA F 48 -55.00 -18.21 -43.02
CA ALA F 48 -54.19 -19.32 -43.51
C ALA F 48 -55.03 -20.58 -43.59
N LEU F 49 -55.03 -21.20 -44.76
CA LEU F 49 -55.63 -22.51 -44.98
C LEU F 49 -54.61 -23.57 -44.55
N LYS F 50 -54.90 -24.28 -43.47
CA LYS F 50 -54.00 -25.29 -42.98
C LYS F 50 -54.27 -26.63 -43.66
N ARG F 51 -53.22 -27.44 -43.79
CA ARG F 51 -53.29 -28.74 -44.42
C ARG F 51 -52.94 -29.83 -43.41
N ALA F 52 -53.68 -30.92 -43.45
CA ALA F 52 -53.41 -32.08 -42.61
C ALA F 52 -52.73 -33.16 -43.44
N GLN F 53 -51.59 -33.65 -42.94
CA GLN F 53 -50.88 -34.73 -43.64
C GLN F 53 -51.75 -35.96 -43.76
N SER F 54 -52.41 -36.35 -42.66
CA SER F 54 -53.31 -37.48 -42.62
C SER F 54 -54.63 -37.05 -42.00
N GLU F 55 -55.60 -37.96 -42.03
CA GLU F 55 -56.87 -37.68 -41.39
C GLU F 55 -56.75 -37.61 -39.88
N LEU F 56 -55.73 -38.27 -39.30
CA LEU F 56 -55.54 -38.31 -37.86
C LEU F 56 -54.49 -37.34 -37.37
N ALA F 57 -54.01 -36.44 -38.21
CA ALA F 57 -53.01 -35.46 -37.81
C ALA F 57 -53.66 -34.10 -37.60
N ALA F 58 -53.08 -33.31 -36.69
CA ALA F 58 -53.46 -31.92 -36.57
C ALA F 58 -52.97 -31.13 -37.78
N HIS F 59 -53.72 -30.10 -38.13
CA HIS F 59 -53.31 -29.26 -39.25
C HIS F 59 -52.10 -28.42 -38.87
N GLN F 60 -51.15 -28.35 -39.81
CA GLN F 60 -49.86 -27.71 -39.53
C GLN F 60 -50.04 -26.23 -39.26
N LYS F 61 -49.32 -25.74 -38.24
CA LYS F 61 -49.37 -24.32 -37.91
C LYS F 61 -48.84 -23.47 -39.06
N LYS F 62 -49.58 -22.42 -39.39
CA LYS F 62 -49.16 -21.52 -40.46
C LYS F 62 -48.96 -20.08 -40.01
N ILE F 63 -49.52 -19.67 -38.88
CA ILE F 63 -49.43 -18.30 -38.41
C ILE F 63 -48.61 -18.27 -37.13
N LEU F 64 -47.59 -17.43 -37.12
CA LEU F 64 -46.64 -17.34 -36.01
C LEU F 64 -46.62 -15.95 -35.41
N HIS F 65 -46.44 -15.91 -34.10
CA HIS F 65 -46.20 -14.65 -33.40
C HIS F 65 -44.77 -14.19 -33.64
N VAL F 66 -44.60 -12.93 -33.97
CA VAL F 66 -43.29 -12.29 -34.00
C VAL F 66 -43.15 -11.26 -32.88
N ASP F 67 -44.11 -10.37 -32.76
CA ASP F 67 -44.13 -9.39 -31.68
C ASP F 67 -45.57 -8.94 -31.51
N ASN F 68 -45.79 -8.13 -30.47
CA ASN F 68 -47.14 -7.69 -30.14
C ASN F 68 -47.82 -6.99 -31.30
N HIS F 69 -47.05 -6.40 -32.22
CA HIS F 69 -47.61 -5.72 -33.36
C HIS F 69 -47.31 -6.40 -34.69
N ILE F 70 -46.65 -7.55 -34.69
CA ILE F 70 -46.24 -8.19 -35.94
C ILE F 70 -46.52 -9.68 -35.86
N GLY F 71 -47.18 -10.21 -36.90
CA GLY F 71 -47.31 -11.64 -37.07
C GLY F 71 -47.06 -12.04 -38.52
N ILE F 72 -46.85 -13.33 -38.74
CA ILE F 72 -46.50 -13.82 -40.07
C ILE F 72 -47.29 -15.09 -40.38
N SER F 73 -47.46 -15.33 -41.67
CA SER F 73 -47.94 -16.60 -42.19
C SER F 73 -46.94 -17.10 -43.22
N ILE F 74 -46.75 -18.42 -43.26
CA ILE F 74 -45.62 -19.01 -43.97
C ILE F 74 -46.11 -19.92 -45.09
N ALA F 75 -45.31 -20.00 -46.15
CA ALA F 75 -45.49 -21.01 -47.19
C ALA F 75 -44.11 -21.54 -47.55
N GLY F 76 -44.03 -22.83 -47.86
CA GLY F 76 -42.76 -23.43 -48.20
C GLY F 76 -42.14 -24.24 -47.07
N LEU F 77 -40.81 -24.32 -47.03
CA LEU F 77 -40.15 -25.14 -46.03
C LEU F 77 -40.40 -24.59 -44.63
N THR F 78 -40.96 -25.42 -43.76
CA THR F 78 -41.33 -24.97 -42.42
C THR F 78 -40.11 -24.65 -41.57
N ALA F 79 -39.02 -25.40 -41.71
CA ALA F 79 -37.85 -25.18 -40.87
C ALA F 79 -37.14 -23.88 -41.23
N ASP F 80 -37.09 -23.55 -42.52
CA ASP F 80 -36.59 -22.25 -42.93
C ASP F 80 -37.46 -21.13 -42.37
N ALA F 81 -38.78 -21.34 -42.37
CA ALA F 81 -39.68 -20.37 -41.78
C ALA F 81 -39.42 -20.18 -40.29
N ARG F 82 -39.10 -21.27 -39.59
CA ARG F 82 -38.78 -21.15 -38.17
C ARG F 82 -37.47 -20.40 -37.96
N LEU F 83 -36.47 -20.66 -38.80
CA LEU F 83 -35.24 -19.86 -38.76
C LEU F 83 -35.54 -18.37 -38.91
N LEU F 84 -36.29 -18.02 -39.95
CA LEU F 84 -36.60 -16.63 -40.22
C LEU F 84 -37.42 -16.01 -39.11
N CYS F 85 -38.39 -16.76 -38.57
CA CYS F 85 -39.22 -16.25 -37.48
C CYS F 85 -38.38 -15.99 -36.23
N ASN F 86 -37.44 -16.88 -35.92
CA ASN F 86 -36.55 -16.62 -34.79
C ASN F 86 -35.72 -15.37 -35.03
N PHE F 87 -35.22 -15.19 -36.24
CA PHE F 87 -34.45 -13.99 -36.55
C PHE F 87 -35.30 -12.73 -36.36
N MET F 88 -36.54 -12.75 -36.85
CA MET F 88 -37.41 -11.59 -36.73
C MET F 88 -37.75 -11.29 -35.29
N ARG F 89 -38.01 -12.33 -34.49
CA ARG F 89 -38.27 -12.14 -33.07
C ARG F 89 -37.07 -11.52 -32.38
N GLN F 90 -35.87 -11.99 -32.71
CA GLN F 90 -34.67 -11.42 -32.10
C GLN F 90 -34.49 -9.96 -32.49
N GLU F 91 -34.79 -9.60 -33.75
CA GLU F 91 -34.70 -8.20 -34.14
C GLU F 91 -35.70 -7.34 -33.38
N CYS F 92 -36.93 -7.82 -33.22
CA CYS F 92 -37.94 -7.07 -32.48
C CYS F 92 -37.54 -6.88 -31.02
N LEU F 93 -36.98 -7.93 -30.41
CA LEU F 93 -36.54 -7.82 -29.03
C LEU F 93 -35.34 -6.87 -28.91
N ASP F 94 -34.44 -6.90 -29.89
CA ASP F 94 -33.33 -5.96 -29.89
C ASP F 94 -33.82 -4.52 -29.95
N SER F 95 -34.80 -4.26 -30.81
CA SER F 95 -35.35 -2.92 -30.92
C SER F 95 -36.00 -2.48 -29.61
N ARG F 96 -36.78 -3.36 -28.99
CA ARG F 96 -37.41 -3.00 -27.73
C ARG F 96 -36.39 -2.82 -26.61
N PHE F 97 -35.30 -3.57 -26.65
CA PHE F 97 -34.25 -3.42 -25.64
C PHE F 97 -33.49 -2.11 -25.81
N VAL F 98 -33.17 -1.73 -27.04
CA VAL F 98 -32.29 -0.59 -27.24
C VAL F 98 -33.07 0.72 -27.24
N PHE F 99 -34.17 0.78 -27.99
CA PHE F 99 -34.90 2.02 -28.18
C PHE F 99 -36.19 2.10 -27.39
N ASP F 100 -36.58 1.02 -26.70
CA ASP F 100 -37.83 0.97 -25.94
C ASP F 100 -39.04 1.31 -26.81
N ARG F 101 -38.98 0.96 -28.09
CA ARG F 101 -40.07 1.20 -29.02
C ARG F 101 -40.25 -0.05 -29.89
N PRO F 102 -41.46 -0.31 -30.37
CA PRO F 102 -41.64 -1.43 -31.30
C PRO F 102 -40.97 -1.14 -32.63
N LEU F 103 -40.33 -2.16 -33.17
CA LEU F 103 -39.61 -2.02 -34.42
C LEU F 103 -40.59 -1.76 -35.57
N PRO F 104 -40.41 -0.69 -36.34
CA PRO F 104 -41.30 -0.44 -37.48
C PRO F 104 -41.24 -1.61 -38.47
N VAL F 105 -42.41 -1.93 -39.04
CA VAL F 105 -42.56 -3.16 -39.82
C VAL F 105 -41.66 -3.13 -41.06
N SER F 106 -41.63 -2.00 -41.76
CA SER F 106 -40.85 -1.93 -43.00
C SER F 106 -39.35 -2.07 -42.71
N ARG F 107 -38.88 -1.60 -41.57
CA ARG F 107 -37.49 -1.83 -41.20
C ARG F 107 -37.20 -3.31 -40.94
N LEU F 108 -38.14 -4.00 -40.29
CA LEU F 108 -37.99 -5.44 -40.10
C LEU F 108 -37.95 -6.16 -41.45
N VAL F 109 -38.80 -5.74 -42.40
CA VAL F 109 -38.82 -6.40 -43.70
C VAL F 109 -37.52 -6.14 -44.46
N SER F 110 -36.96 -4.94 -44.32
CA SER F 110 -35.65 -4.66 -44.90
C SER F 110 -34.58 -5.55 -44.30
N LEU F 111 -34.62 -5.77 -42.98
CA LEU F 111 -33.65 -6.67 -42.36
C LEU F 111 -33.82 -8.09 -42.89
N ILE F 112 -35.06 -8.53 -43.09
CA ILE F 112 -35.29 -9.86 -43.65
C ILE F 112 -34.69 -9.96 -45.04
N GLY F 113 -34.95 -8.95 -45.88
CA GLY F 113 -34.41 -8.97 -47.23
C GLY F 113 -32.90 -9.00 -47.24
N SER F 114 -32.27 -8.22 -46.38
CA SER F 114 -30.82 -8.22 -46.28
C SER F 114 -30.30 -9.59 -45.85
N LYS F 115 -30.93 -10.20 -44.84
CA LYS F 115 -30.48 -11.50 -44.35
C LYS F 115 -30.64 -12.58 -45.42
N THR F 116 -31.74 -12.57 -46.15
CA THR F 116 -32.00 -13.64 -47.11
C THR F 116 -31.35 -13.39 -48.47
N GLN F 117 -30.81 -12.20 -48.73
CA GLN F 117 -30.06 -12.01 -49.98
C GLN F 117 -28.69 -12.67 -49.90
N ILE F 118 -28.07 -12.69 -48.73
CA ILE F 118 -26.68 -13.15 -48.62
C ILE F 118 -26.48 -14.56 -49.16
N PRO F 119 -27.29 -15.56 -48.79
CA PRO F 119 -27.05 -16.92 -49.30
C PRO F 119 -27.32 -17.08 -50.79
N THR F 120 -27.84 -16.06 -51.47
CA THR F 120 -28.04 -16.15 -52.91
C THR F 120 -26.79 -15.81 -53.71
N GLN F 121 -25.69 -15.44 -53.06
CA GLN F 121 -24.49 -15.03 -53.76
C GLN F 121 -23.25 -15.82 -53.36
N ARG F 122 -23.34 -16.69 -52.36
CA ARG F 122 -22.18 -17.38 -51.83
C ARG F 122 -22.24 -18.86 -52.17
N TYR F 123 -21.11 -19.39 -52.61
CA TYR F 123 -21.04 -20.78 -53.05
C TYR F 123 -21.30 -21.74 -51.91
N GLY F 124 -22.07 -22.78 -52.20
CA GLY F 124 -22.43 -23.75 -51.19
C GLY F 124 -23.55 -23.34 -50.27
N ARG F 125 -24.13 -22.17 -50.48
CA ARG F 125 -25.32 -21.75 -49.76
C ARG F 125 -26.54 -21.95 -50.64
N ARG F 126 -27.72 -21.85 -50.03
CA ARG F 126 -28.95 -21.96 -50.77
C ARG F 126 -29.91 -20.87 -50.33
N PRO F 127 -30.86 -20.48 -51.18
CA PRO F 127 -31.89 -19.55 -50.74
C PRO F 127 -32.77 -20.18 -49.67
N TYR F 128 -33.34 -19.33 -48.83
CA TYR F 128 -34.43 -19.74 -47.98
C TYR F 128 -35.61 -20.14 -48.84
N GLY F 129 -36.21 -21.30 -48.55
CA GLY F 129 -37.29 -21.79 -49.37
C GLY F 129 -38.65 -21.46 -48.82
N VAL F 130 -38.81 -20.26 -48.27
CA VAL F 130 -40.04 -19.87 -47.59
C VAL F 130 -40.48 -18.51 -48.07
N GLY F 131 -41.77 -18.37 -48.30
CA GLY F 131 -42.41 -17.10 -48.56
C GLY F 131 -43.22 -16.69 -47.34
N LEU F 132 -43.21 -15.40 -47.03
CA LEU F 132 -43.86 -14.92 -45.82
C LEU F 132 -44.85 -13.82 -46.16
N LEU F 133 -46.01 -13.88 -45.53
CA LEU F 133 -46.92 -12.74 -45.43
C LEU F 133 -46.77 -12.16 -44.03
N ILE F 134 -46.44 -10.87 -43.96
CA ILE F 134 -46.16 -10.18 -42.72
C ILE F 134 -47.25 -9.17 -42.48
N ALA F 135 -48.01 -9.34 -41.41
CA ALA F 135 -49.02 -8.39 -40.98
C ALA F 135 -48.48 -7.60 -39.80
N GLY F 136 -48.55 -6.28 -39.90
CA GLY F 136 -48.01 -5.43 -38.86
C GLY F 136 -48.86 -4.19 -38.66
N TYR F 137 -48.71 -3.59 -37.49
CA TYR F 137 -49.30 -2.29 -37.23
C TYR F 137 -48.26 -1.42 -36.53
N ASP F 138 -48.07 -0.21 -37.01
CA ASP F 138 -47.15 0.73 -36.37
C ASP F 138 -47.68 2.14 -36.58
N ASP F 139 -46.81 3.13 -36.40
CA ASP F 139 -47.22 4.53 -36.54
C ASP F 139 -47.77 4.83 -37.93
N MET F 140 -47.33 4.11 -38.95
CA MET F 140 -47.84 4.31 -40.30
C MET F 140 -49.11 3.54 -40.56
N GLY F 141 -49.69 2.91 -39.54
CA GLY F 141 -50.91 2.17 -39.69
C GLY F 141 -50.69 0.69 -39.89
N PRO F 142 -51.62 0.02 -40.58
CA PRO F 142 -51.45 -1.39 -40.90
C PRO F 142 -50.59 -1.59 -42.13
N HIS F 143 -49.93 -2.75 -42.17
CA HIS F 143 -49.03 -3.10 -43.25
C HIS F 143 -49.17 -4.59 -43.56
N ILE F 144 -49.23 -4.90 -44.86
CA ILE F 144 -49.06 -6.25 -45.36
C ILE F 144 -47.82 -6.27 -46.23
N PHE F 145 -46.91 -7.19 -45.92
CA PHE F 145 -45.68 -7.35 -46.69
C PHE F 145 -45.59 -8.79 -47.17
N GLN F 146 -44.95 -8.98 -48.33
CA GLN F 146 -44.69 -10.30 -48.87
C GLN F 146 -43.19 -10.43 -49.11
N THR F 147 -42.59 -11.46 -48.51
CA THR F 147 -41.18 -11.77 -48.71
C THR F 147 -41.04 -13.09 -49.46
N CYS F 148 -40.01 -13.17 -50.30
CA CYS F 148 -39.79 -14.25 -51.24
C CYS F 148 -38.41 -14.87 -51.08
N PRO F 149 -38.21 -16.08 -51.58
CA PRO F 149 -36.86 -16.68 -51.59
C PRO F 149 -35.83 -15.88 -52.36
N SER F 150 -36.25 -15.06 -53.32
CA SER F 150 -35.32 -14.24 -54.08
C SER F 150 -34.75 -13.09 -53.26
N ALA F 151 -35.26 -12.89 -52.04
CA ALA F 151 -34.96 -11.79 -51.12
C ALA F 151 -35.62 -10.50 -51.53
N ASN F 152 -36.45 -10.49 -52.56
CA ASN F 152 -37.27 -9.33 -52.87
C ASN F 152 -38.51 -9.32 -51.99
N TYR F 153 -38.96 -8.13 -51.62
CA TYR F 153 -40.16 -8.00 -50.80
C TYR F 153 -41.05 -6.89 -51.34
N PHE F 154 -42.34 -7.01 -51.05
CA PHE F 154 -43.36 -6.16 -51.63
C PHE F 154 -44.27 -5.66 -50.52
N ASP F 155 -44.56 -4.36 -50.54
CA ASP F 155 -45.61 -3.77 -49.72
C ASP F 155 -46.92 -3.89 -50.49
N CYS F 156 -47.95 -4.45 -49.86
CA CYS F 156 -49.15 -4.86 -50.58
C CYS F 156 -50.40 -4.29 -49.94
N ARG F 157 -51.40 -4.02 -50.77
CA ARG F 157 -52.76 -3.83 -50.28
C ARG F 157 -53.36 -5.15 -49.82
N ALA F 158 -53.17 -6.19 -50.63
CA ALA F 158 -53.52 -7.56 -50.27
C ALA F 158 -52.62 -8.48 -51.07
N MET F 159 -52.52 -9.72 -50.61
CA MET F 159 -51.64 -10.68 -51.25
C MET F 159 -52.07 -12.09 -50.87
N SER F 160 -51.78 -13.04 -51.74
CA SER F 160 -51.96 -14.45 -51.43
C SER F 160 -50.77 -15.22 -51.98
N ILE F 161 -50.29 -16.18 -51.20
CA ILE F 161 -49.21 -17.05 -51.65
C ILE F 161 -49.54 -18.49 -51.29
N GLY F 162 -48.90 -19.41 -51.99
CA GLY F 162 -49.13 -20.82 -51.82
C GLY F 162 -49.80 -21.43 -53.04
N ALA F 163 -50.26 -22.67 -52.87
CA ALA F 163 -50.88 -23.40 -53.96
C ALA F 163 -52.23 -22.79 -54.35
N ARG F 164 -52.45 -22.67 -55.66
CA ARG F 164 -53.71 -22.17 -56.22
C ARG F 164 -54.04 -20.76 -55.75
N SER F 165 -53.01 -19.96 -55.49
CA SER F 165 -53.20 -18.61 -54.98
C SER F 165 -53.66 -17.61 -56.03
N GLN F 166 -53.64 -17.99 -57.31
CA GLN F 166 -54.05 -17.05 -58.34
C GLN F 166 -55.54 -16.72 -58.25
N SER F 167 -56.37 -17.70 -57.90
CA SER F 167 -57.79 -17.43 -57.71
C SER F 167 -58.03 -16.45 -56.56
N ALA F 168 -57.31 -16.64 -55.45
CA ALA F 168 -57.40 -15.70 -54.35
C ALA F 168 -56.95 -14.32 -54.79
N ARG F 169 -55.88 -14.24 -55.58
CA ARG F 169 -55.40 -12.95 -56.04
C ARG F 169 -56.42 -12.28 -56.95
N THR F 170 -57.13 -13.06 -57.76
CA THR F 170 -58.19 -12.49 -58.58
C THR F 170 -59.33 -11.92 -57.73
N TYR F 171 -59.74 -12.66 -56.70
CA TYR F 171 -60.78 -12.15 -55.81
C TYR F 171 -60.33 -10.87 -55.12
N LEU F 172 -59.09 -10.85 -54.64
CA LEU F 172 -58.57 -9.65 -54.00
C LEU F 172 -58.49 -8.49 -54.98
N GLU F 173 -58.12 -8.76 -56.23
CA GLU F 173 -58.18 -7.74 -57.26
C GLU F 173 -59.59 -7.17 -57.36
N ARG F 174 -60.60 -8.03 -57.28
CA ARG F 174 -61.98 -7.57 -57.43
C ARG F 174 -62.42 -6.67 -56.28
N HIS F 175 -62.08 -7.04 -55.04
CA HIS F 175 -62.63 -6.35 -53.87
C HIS F 175 -61.62 -5.46 -53.14
N MET F 176 -60.47 -5.21 -53.76
CA MET F 176 -59.46 -4.34 -53.17
C MET F 176 -59.99 -2.94 -52.89
N SER F 177 -60.88 -2.45 -53.75
CA SER F 177 -61.48 -1.13 -53.52
C SER F 177 -62.34 -1.12 -52.26
N GLU F 178 -62.99 -2.25 -51.96
CA GLU F 178 -63.83 -2.35 -50.78
C GLU F 178 -63.03 -2.49 -49.49
N PHE F 179 -61.84 -3.08 -49.57
CA PHE F 179 -61.14 -3.50 -48.35
C PHE F 179 -60.91 -2.35 -47.37
N MET F 180 -60.60 -1.14 -47.85
CA MET F 180 -60.08 -0.11 -46.95
C MET F 180 -61.12 0.38 -45.95
N GLU F 181 -62.38 0.46 -46.35
CA GLU F 181 -63.43 0.95 -45.45
C GLU F 181 -64.16 -0.16 -44.73
N CYS F 182 -63.69 -1.40 -44.83
CA CYS F 182 -64.33 -2.52 -44.14
C CYS F 182 -64.06 -2.46 -42.65
N ASN F 183 -65.04 -2.93 -41.87
CA ASN F 183 -64.82 -3.18 -40.46
C ASN F 183 -64.14 -4.54 -40.30
N LEU F 184 -63.75 -4.86 -39.06
CA LEU F 184 -62.89 -6.02 -38.83
C LEU F 184 -63.55 -7.30 -39.32
N ASN F 185 -64.83 -7.50 -38.99
CA ASN F 185 -65.52 -8.71 -39.39
C ASN F 185 -65.63 -8.81 -40.91
N GLU F 186 -65.96 -7.70 -41.57
CA GLU F 186 -66.07 -7.70 -43.02
C GLU F 186 -64.72 -7.94 -43.69
N LEU F 187 -63.66 -7.36 -43.13
CA LEU F 187 -62.32 -7.60 -43.67
C LEU F 187 -61.92 -9.07 -43.54
N VAL F 188 -62.17 -9.66 -42.38
CA VAL F 188 -61.85 -11.08 -42.18
C VAL F 188 -62.68 -11.92 -43.14
N LYS F 189 -63.93 -11.55 -43.39
CA LYS F 189 -64.76 -12.33 -44.30
C LYS F 189 -64.27 -12.22 -45.74
N HIS F 190 -63.78 -11.03 -46.14
CA HIS F 190 -63.16 -10.90 -47.44
C HIS F 190 -61.95 -11.81 -47.57
N GLY F 191 -61.10 -11.83 -46.54
CA GLY F 191 -59.95 -12.72 -46.55
C GLY F 191 -60.36 -14.18 -46.62
N LEU F 192 -61.41 -14.55 -45.89
CA LEU F 192 -61.89 -15.92 -45.90
C LEU F 192 -62.44 -16.32 -47.27
N ARG F 193 -63.16 -15.42 -47.94
CA ARG F 193 -63.64 -15.72 -49.29
C ARG F 193 -62.48 -15.89 -50.26
N ALA F 194 -61.47 -15.02 -50.16
CA ALA F 194 -60.29 -15.16 -51.01
C ALA F 194 -59.60 -16.50 -50.77
N LEU F 195 -59.46 -16.89 -49.50
CA LEU F 195 -58.85 -18.18 -49.18
C LEU F 195 -59.70 -19.33 -49.70
N ARG F 196 -61.03 -19.22 -49.60
CA ARG F 196 -61.92 -20.26 -50.08
C ARG F 196 -61.82 -20.42 -51.59
N GLU F 197 -61.51 -19.35 -52.31
CA GLU F 197 -61.37 -19.46 -53.76
C GLU F 197 -60.24 -20.39 -54.16
N THR F 198 -59.31 -20.72 -53.26
CA THR F 198 -58.22 -21.63 -53.56
C THR F 198 -58.52 -23.08 -53.20
N LEU F 199 -59.72 -23.36 -52.73
CA LEU F 199 -60.04 -24.70 -52.27
C LEU F 199 -60.58 -25.58 -53.40
N PRO F 200 -60.41 -26.89 -53.29
CA PRO F 200 -61.11 -27.80 -54.19
C PRO F 200 -62.61 -27.71 -53.98
N ALA F 201 -63.35 -28.22 -54.96
CA ALA F 201 -64.82 -28.11 -54.93
C ALA F 201 -65.41 -28.81 -53.71
N GLU F 202 -64.93 -30.02 -53.42
CA GLU F 202 -65.46 -30.77 -52.29
C GLU F 202 -65.14 -30.10 -50.96
N GLN F 203 -63.93 -29.56 -50.83
CA GLN F 203 -63.51 -28.97 -49.57
C GLN F 203 -64.16 -27.61 -49.35
N ASP F 204 -64.47 -27.33 -48.09
CA ASP F 204 -65.01 -26.03 -47.69
C ASP F 204 -64.26 -25.54 -46.45
N LEU F 205 -64.40 -24.26 -46.16
CA LEU F 205 -63.78 -23.70 -44.98
C LEU F 205 -64.44 -24.24 -43.72
N THR F 206 -63.63 -24.77 -42.82
CA THR F 206 -64.12 -25.32 -41.56
C THR F 206 -63.25 -24.79 -40.43
N THR F 207 -63.76 -24.93 -39.21
CA THR F 207 -63.00 -24.50 -38.03
C THR F 207 -61.74 -25.32 -37.83
N LYS F 208 -61.55 -26.38 -38.63
CA LYS F 208 -60.37 -27.23 -38.47
C LYS F 208 -59.23 -26.79 -39.38
N ASN F 209 -59.53 -26.26 -40.56
CA ASN F 209 -58.51 -25.94 -41.54
C ASN F 209 -58.36 -24.44 -41.80
N VAL F 210 -58.83 -23.60 -40.88
CA VAL F 210 -58.73 -22.15 -41.02
C VAL F 210 -58.04 -21.59 -39.78
N SER F 211 -57.05 -20.72 -39.99
CA SER F 211 -56.39 -20.01 -38.92
C SER F 211 -56.39 -18.52 -39.25
N ILE F 212 -56.66 -17.68 -38.27
CA ILE F 212 -56.80 -16.24 -38.51
C ILE F 212 -55.91 -15.47 -37.55
N GLY F 213 -55.05 -14.61 -38.08
CA GLY F 213 -54.26 -13.69 -37.29
C GLY F 213 -54.70 -12.26 -37.57
N ILE F 214 -54.90 -11.50 -36.51
CA ILE F 214 -55.38 -10.12 -36.61
C ILE F 214 -54.46 -9.21 -35.80
N VAL F 215 -54.13 -8.06 -36.37
CA VAL F 215 -53.45 -7.00 -35.65
C VAL F 215 -54.14 -5.68 -35.99
N GLY F 216 -54.10 -4.75 -35.04
CA GLY F 216 -54.85 -3.53 -35.22
C GLY F 216 -54.33 -2.40 -34.35
N LYS F 217 -55.05 -1.27 -34.42
CA LYS F 217 -54.62 -0.07 -33.71
C LYS F 217 -54.58 -0.30 -32.20
N ASP F 218 -55.66 -0.81 -31.63
CA ASP F 218 -55.72 -1.12 -30.21
C ASP F 218 -55.60 -2.62 -29.94
N LEU F 219 -55.37 -3.43 -30.97
CA LEU F 219 -55.41 -4.87 -30.85
C LEU F 219 -54.01 -5.42 -31.09
N GLU F 220 -53.43 -6.02 -30.05
CA GLU F 220 -52.18 -6.74 -30.22
C GLU F 220 -52.42 -7.99 -31.06
N PHE F 221 -51.38 -8.44 -31.76
CA PHE F 221 -51.53 -9.53 -32.71
C PHE F 221 -52.06 -10.79 -32.03
N THR F 222 -53.14 -11.33 -32.59
CA THR F 222 -53.85 -12.45 -31.97
C THR F 222 -54.16 -13.50 -33.02
N ILE F 223 -54.05 -14.76 -32.61
CA ILE F 223 -54.29 -15.91 -33.47
C ILE F 223 -55.52 -16.66 -32.99
N TYR F 224 -56.41 -17.00 -33.92
CA TYR F 224 -57.63 -17.74 -33.68
C TYR F 224 -57.55 -19.02 -34.50
N ASP F 225 -57.73 -20.17 -33.85
CA ASP F 225 -57.39 -21.43 -34.49
C ASP F 225 -58.57 -22.36 -34.73
N ASP F 226 -59.28 -22.79 -33.69
CA ASP F 226 -60.34 -23.78 -33.88
C ASP F 226 -61.72 -23.27 -33.49
N ASP F 227 -61.91 -22.86 -32.25
CA ASP F 227 -63.22 -22.43 -31.77
C ASP F 227 -63.40 -20.92 -31.81
N ASP F 228 -62.30 -20.18 -31.75
CA ASP F 228 -62.35 -18.74 -31.92
C ASP F 228 -62.57 -18.34 -33.38
N VAL F 229 -62.43 -19.27 -34.31
CA VAL F 229 -62.66 -18.97 -35.73
C VAL F 229 -64.14 -18.98 -36.06
N SER F 230 -64.94 -19.72 -35.31
CA SER F 230 -66.36 -19.89 -35.64
C SER F 230 -67.14 -18.58 -35.75
N PRO F 231 -66.95 -17.57 -34.89
CA PRO F 231 -67.67 -16.31 -35.11
C PRO F 231 -67.35 -15.66 -36.43
N PHE F 232 -66.13 -15.83 -36.94
CA PHE F 232 -65.78 -15.31 -38.27
C PHE F 232 -66.34 -16.17 -39.39
N LEU F 233 -66.48 -17.48 -39.17
CA LEU F 233 -67.05 -18.35 -40.19
C LEU F 233 -68.56 -18.19 -40.27
N GLU F 234 -69.21 -17.96 -39.12
CA GLU F 234 -70.65 -17.73 -39.12
C GLU F 234 -70.98 -16.49 -39.93
N GLY F 235 -71.96 -16.62 -40.82
CA GLY F 235 -72.35 -15.54 -41.70
C GLY F 235 -71.75 -15.60 -43.09
N LEU F 236 -70.94 -16.61 -43.39
CA LEU F 236 -70.39 -16.74 -44.73
C LEU F 236 -71.41 -17.36 -45.67
N GLU F 237 -71.72 -16.64 -46.74
CA GLU F 237 -72.59 -17.18 -47.77
C GLU F 237 -71.96 -18.38 -48.44
N GLU F 238 -72.80 -19.28 -48.94
CA GLU F 238 -72.31 -20.45 -49.64
C GLU F 238 -71.55 -20.03 -50.89
N ARG F 239 -70.64 -20.90 -51.33
CA ARG F 239 -69.78 -20.57 -52.45
C ARG F 239 -70.63 -20.25 -53.69
N PRO F 240 -70.38 -19.11 -54.35
CA PRO F 240 -71.26 -18.72 -55.46
C PRO F 240 -71.31 -19.73 -56.59
N GLN F 241 -70.18 -20.36 -56.93
CA GLN F 241 -70.08 -21.28 -58.06
C GLN F 241 -70.58 -20.62 -59.35
N THR G 6 -17.11 -24.38 -73.89
CA THR G 6 -17.24 -25.75 -73.41
C THR G 6 -16.95 -25.82 -71.92
N GLY G 7 -17.91 -25.36 -71.11
CA GLY G 7 -17.71 -25.29 -69.69
C GLY G 7 -16.90 -24.11 -69.20
N TYR G 8 -16.73 -23.08 -70.02
CA TYR G 8 -15.95 -21.90 -69.65
C TYR G 8 -16.80 -20.80 -69.02
N ASP G 9 -18.11 -20.97 -68.95
CA ASP G 9 -19.01 -19.89 -68.52
C ASP G 9 -19.61 -20.15 -67.14
N LEU G 10 -18.96 -20.94 -66.31
CA LEU G 10 -19.58 -21.35 -65.05
C LEU G 10 -19.04 -20.63 -63.83
N SER G 11 -17.86 -20.02 -63.92
CA SER G 11 -17.27 -19.35 -62.78
C SER G 11 -16.68 -18.01 -63.21
N ALA G 12 -16.70 -17.04 -62.30
CA ALA G 12 -16.04 -15.77 -62.52
C ALA G 12 -14.54 -15.86 -62.35
N SER G 13 -14.02 -16.98 -61.88
CA SER G 13 -12.58 -17.20 -61.75
C SER G 13 -11.99 -17.92 -62.95
N THR G 14 -12.74 -18.08 -64.03
CA THR G 14 -12.27 -18.76 -65.22
C THR G 14 -12.37 -17.82 -66.42
N PHE G 15 -11.29 -17.69 -67.15
CA PHE G 15 -11.26 -16.97 -68.41
C PHE G 15 -11.64 -17.90 -69.56
N SER G 16 -12.45 -17.41 -70.47
CA SER G 16 -12.67 -18.13 -71.71
C SER G 16 -11.44 -18.00 -72.60
N PRO G 17 -11.28 -18.89 -73.58
CA PRO G 17 -10.10 -18.79 -74.46
C PRO G 17 -9.99 -17.48 -75.20
N ASP G 18 -11.09 -16.74 -75.37
CA ASP G 18 -11.04 -15.43 -75.99
C ASP G 18 -10.65 -14.32 -75.03
N GLY G 19 -10.51 -14.62 -73.74
CA GLY G 19 -10.23 -13.60 -72.77
C GLY G 19 -11.46 -12.95 -72.16
N ARG G 20 -12.58 -13.67 -72.10
CA ARG G 20 -13.82 -13.13 -71.56
C ARG G 20 -14.21 -13.87 -70.30
N VAL G 21 -14.89 -13.17 -69.40
CA VAL G 21 -15.47 -13.74 -68.20
C VAL G 21 -16.97 -13.77 -68.42
N PHE G 22 -17.50 -14.94 -68.76
CA PHE G 22 -18.89 -15.02 -69.21
C PHE G 22 -19.89 -14.85 -68.08
N GLN G 23 -19.50 -15.15 -66.84
CA GLN G 23 -20.41 -14.96 -65.72
C GLN G 23 -20.75 -13.49 -65.53
N VAL G 24 -19.77 -12.61 -65.71
CA VAL G 24 -20.02 -11.18 -65.63
C VAL G 24 -20.93 -10.74 -66.77
N GLU G 25 -20.74 -11.30 -67.96
CA GLU G 25 -21.62 -10.98 -69.09
C GLU G 25 -23.05 -11.45 -68.85
N TYR G 26 -23.21 -12.60 -68.18
CA TYR G 26 -24.54 -13.08 -67.87
C TYR G 26 -25.22 -12.20 -66.82
N ALA G 27 -24.44 -11.72 -65.85
CA ALA G 27 -24.98 -10.72 -64.91
C ALA G 27 -25.40 -9.45 -65.64
N MET G 28 -24.60 -9.01 -66.61
CA MET G 28 -24.98 -7.85 -67.41
C MET G 28 -26.26 -8.12 -68.17
N LYS G 29 -26.44 -9.34 -68.68
CA LYS G 29 -27.70 -9.69 -69.33
C LYS G 29 -28.86 -9.57 -68.36
N ALA G 30 -28.66 -9.98 -67.11
CA ALA G 30 -29.70 -9.79 -66.09
C ALA G 30 -30.06 -8.33 -65.96
N VAL G 31 -29.06 -7.44 -66.04
CA VAL G 31 -29.35 -6.00 -66.02
C VAL G 31 -30.13 -5.58 -67.26
N GLU G 32 -29.76 -6.12 -68.44
CA GLU G 32 -30.39 -5.70 -69.68
C GLU G 32 -31.86 -6.07 -69.76
N ASN G 33 -32.35 -6.92 -68.88
CA ASN G 33 -33.75 -7.32 -68.89
C ASN G 33 -34.61 -6.49 -67.94
N SER G 34 -34.01 -5.75 -67.02
CA SER G 34 -34.75 -4.93 -66.09
C SER G 34 -35.28 -3.68 -66.79
N SER G 35 -36.17 -2.97 -66.12
CA SER G 35 -36.77 -1.77 -66.68
C SER G 35 -35.80 -0.60 -66.61
N THR G 36 -36.12 0.46 -67.34
CA THR G 36 -35.20 1.55 -67.61
C THR G 36 -35.21 2.58 -66.48
N ALA G 37 -34.01 2.97 -66.04
CA ALA G 37 -33.79 4.14 -65.20
C ALA G 37 -32.84 5.08 -65.93
N ILE G 38 -33.06 6.38 -65.79
CA ILE G 38 -32.23 7.38 -66.42
C ILE G 38 -31.79 8.39 -65.38
N GLY G 39 -30.62 8.95 -65.61
CA GLY G 39 -30.13 10.08 -64.83
C GLY G 39 -29.64 11.15 -65.77
N ILE G 40 -29.89 12.40 -65.40
CA ILE G 40 -29.46 13.53 -66.21
C ILE G 40 -28.80 14.57 -65.30
N ARG G 41 -27.61 15.00 -65.69
CA ARG G 41 -26.84 15.97 -64.93
C ARG G 41 -26.96 17.32 -65.64
N CYS G 42 -27.63 18.27 -64.99
CA CYS G 42 -27.74 19.62 -65.51
C CYS G 42 -26.68 20.50 -64.85
N LYS G 43 -26.79 21.81 -65.06
CA LYS G 43 -25.77 22.71 -64.55
C LYS G 43 -25.86 22.90 -63.04
N ASP G 44 -27.00 22.58 -62.42
CA ASP G 44 -27.18 22.82 -60.99
C ASP G 44 -27.73 21.61 -60.26
N GLY G 45 -27.68 20.42 -60.85
CA GLY G 45 -28.14 19.25 -60.14
C GLY G 45 -28.21 18.03 -61.03
N VAL G 46 -28.70 16.96 -60.41
CA VAL G 46 -28.89 15.67 -61.06
C VAL G 46 -30.34 15.24 -60.81
N VAL G 47 -30.98 14.70 -61.85
CA VAL G 47 -32.35 14.23 -61.77
C VAL G 47 -32.39 12.77 -62.20
N PHE G 48 -33.01 11.93 -61.38
CA PHE G 48 -33.20 10.51 -61.64
C PHE G 48 -34.65 10.22 -61.93
N GLY G 49 -34.91 9.47 -63.00
CA GLY G 49 -36.24 8.99 -63.30
C GLY G 49 -36.26 7.51 -63.59
N VAL G 50 -37.10 6.76 -62.89
CA VAL G 50 -37.21 5.32 -63.04
C VAL G 50 -38.60 4.97 -63.53
N GLU G 51 -38.67 4.08 -64.50
CA GLU G 51 -39.94 3.47 -64.91
C GLU G 51 -40.11 2.20 -64.08
N LYS G 52 -40.96 2.28 -63.06
CA LYS G 52 -41.16 1.16 -62.15
C LYS G 52 -42.39 0.39 -62.60
N LEU G 53 -42.18 -0.81 -63.12
CA LEU G 53 -43.30 -1.60 -63.61
C LEU G 53 -44.14 -2.12 -62.46
N VAL G 54 -45.45 -1.98 -62.59
CA VAL G 54 -46.40 -2.50 -61.60
C VAL G 54 -46.80 -3.90 -62.05
N LEU G 55 -46.22 -4.92 -61.41
CA LEU G 55 -46.51 -6.29 -61.82
C LEU G 55 -47.88 -6.74 -61.33
N SER G 56 -48.29 -6.30 -60.14
CA SER G 56 -49.59 -6.65 -59.59
C SER G 56 -50.30 -5.39 -59.11
N LYS G 57 -51.59 -5.28 -59.43
CA LYS G 57 -52.40 -4.21 -58.88
C LYS G 57 -52.58 -4.35 -57.37
N LEU G 58 -52.27 -5.53 -56.82
CA LEU G 58 -52.35 -5.75 -55.39
C LEU G 58 -51.28 -4.99 -54.63
N TYR G 59 -50.24 -4.50 -55.31
CA TYR G 59 -49.15 -3.82 -54.63
C TYR G 59 -49.53 -2.39 -54.29
N GLU G 60 -48.86 -1.86 -53.27
CA GLU G 60 -49.02 -0.47 -52.87
C GLU G 60 -48.21 0.44 -53.78
N GLU G 61 -48.46 1.73 -53.67
CA GLU G 61 -47.62 2.71 -54.35
C GLU G 61 -46.32 2.89 -53.58
N GLY G 62 -45.21 2.93 -54.32
CA GLY G 62 -43.91 3.02 -53.71
C GLY G 62 -43.30 1.70 -53.29
N SER G 63 -43.99 0.60 -53.52
CA SER G 63 -43.40 -0.72 -53.30
C SER G 63 -42.30 -0.97 -54.31
N ASN G 64 -41.25 -1.65 -53.88
CA ASN G 64 -40.13 -2.03 -54.74
C ASN G 64 -39.52 -0.80 -55.41
N LYS G 65 -39.31 0.26 -54.64
CA LYS G 65 -38.74 1.48 -55.19
C LYS G 65 -37.29 1.26 -55.58
N ARG G 66 -36.91 1.83 -56.71
CA ARG G 66 -35.57 1.67 -57.25
C ARG G 66 -34.71 2.93 -57.09
N LEU G 67 -35.19 3.90 -56.32
CA LEU G 67 -34.42 5.09 -55.97
C LEU G 67 -34.13 5.08 -54.48
N PHE G 68 -32.87 5.28 -54.13
CA PHE G 68 -32.43 5.20 -52.74
C PHE G 68 -31.70 6.47 -52.35
N ASN G 69 -31.81 6.83 -51.09
CA ASN G 69 -30.92 7.79 -50.47
C ASN G 69 -29.80 7.01 -49.80
N VAL G 70 -28.59 7.11 -50.34
CA VAL G 70 -27.44 6.46 -49.72
C VAL G 70 -26.63 7.43 -48.87
N ASP G 71 -26.78 8.74 -49.07
CA ASP G 71 -26.29 9.71 -48.11
C ASP G 71 -27.14 10.95 -48.25
N ARG G 72 -27.02 11.87 -47.29
CA ARG G 72 -27.82 13.09 -47.31
C ARG G 72 -27.72 13.78 -48.65
N HIS G 73 -26.52 13.78 -49.24
CA HIS G 73 -26.28 14.42 -50.52
C HIS G 73 -26.27 13.46 -51.71
N VAL G 74 -26.35 12.15 -51.49
CA VAL G 74 -26.15 11.19 -52.57
C VAL G 74 -27.38 10.31 -52.72
N GLY G 75 -27.94 10.28 -53.93
CA GLY G 75 -29.02 9.38 -54.29
C GLY G 75 -28.60 8.30 -55.27
N MET G 76 -29.38 7.22 -55.36
CA MET G 76 -29.02 6.02 -56.11
C MET G 76 -30.19 5.54 -56.94
N ALA G 77 -29.97 5.31 -58.23
CA ALA G 77 -30.96 4.74 -59.13
C ALA G 77 -30.46 3.40 -59.63
N VAL G 78 -31.28 2.35 -59.53
CA VAL G 78 -30.79 1.00 -59.79
C VAL G 78 -31.58 0.34 -60.91
N ALA G 79 -30.97 -0.69 -61.48
CA ALA G 79 -31.62 -1.58 -62.43
C ALA G 79 -31.02 -2.97 -62.29
N GLY G 80 -31.84 -3.99 -62.47
CA GLY G 80 -31.42 -5.37 -62.36
C GLY G 80 -32.11 -6.07 -61.20
N LEU G 81 -31.39 -7.01 -60.59
CA LEU G 81 -31.92 -7.74 -59.44
C LEU G 81 -32.05 -6.82 -58.25
N LEU G 82 -33.28 -6.60 -57.80
CA LEU G 82 -33.53 -5.61 -56.76
C LEU G 82 -32.87 -5.98 -55.43
N ALA G 83 -32.82 -7.27 -55.08
CA ALA G 83 -32.17 -7.66 -53.84
C ALA G 83 -30.67 -7.36 -53.88
N ASP G 84 -30.02 -7.65 -55.00
CA ASP G 84 -28.62 -7.25 -55.20
C ASP G 84 -28.47 -5.74 -55.09
N ALA G 85 -29.38 -4.99 -55.71
CA ALA G 85 -29.32 -3.53 -55.66
C ALA G 85 -29.47 -3.03 -54.23
N ARG G 86 -30.34 -3.65 -53.45
CA ARG G 86 -30.53 -3.24 -52.06
C ARG G 86 -29.29 -3.53 -51.22
N SER G 87 -28.66 -4.68 -51.44
CA SER G 87 -27.42 -4.96 -50.72
C SER G 87 -26.32 -3.98 -51.12
N LEU G 88 -26.29 -3.58 -52.40
CA LEU G 88 -25.31 -2.58 -52.82
C LEU G 88 -25.61 -1.20 -52.24
N ALA G 89 -26.89 -0.84 -52.10
CA ALA G 89 -27.26 0.41 -51.44
C ALA G 89 -26.82 0.40 -49.98
N ASP G 90 -26.96 -0.75 -49.31
CA ASP G 90 -26.45 -0.88 -47.95
C ASP G 90 -24.94 -0.71 -47.92
N ILE G 91 -24.23 -1.28 -48.90
CA ILE G 91 -22.78 -1.11 -48.98
C ILE G 91 -22.41 0.35 -49.16
N ALA G 92 -23.13 1.05 -50.05
CA ALA G 92 -22.85 2.47 -50.30
C ALA G 92 -23.11 3.30 -49.05
N ARG G 93 -24.20 3.01 -48.33
CA ARG G 93 -24.48 3.73 -47.09
C ARG G 93 -23.37 3.50 -46.07
N GLU G 94 -22.93 2.25 -45.94
CA GLU G 94 -21.83 1.94 -45.03
C GLU G 94 -20.57 2.72 -45.40
N GLU G 95 -20.26 2.79 -46.69
CA GLU G 95 -19.07 3.50 -47.14
C GLU G 95 -19.16 4.98 -46.81
N ALA G 96 -20.31 5.59 -47.09
CA ALA G 96 -20.48 7.01 -46.81
C ALA G 96 -20.36 7.30 -45.31
N SER G 97 -21.02 6.48 -44.49
CA SER G 97 -20.99 6.70 -43.05
C SER G 97 -19.58 6.50 -42.48
N ASN G 98 -18.87 5.46 -42.93
CA ASN G 98 -17.52 5.26 -42.48
C ASN G 98 -16.61 6.40 -42.91
N PHE G 99 -16.80 6.91 -44.13
CA PHE G 99 -15.99 8.05 -44.57
C PHE G 99 -16.23 9.25 -43.66
N ARG G 100 -17.49 9.54 -43.33
CA ARG G 100 -17.75 10.67 -42.45
C ARG G 100 -17.12 10.45 -41.07
N SER G 101 -17.19 9.22 -40.56
CA SER G 101 -16.62 8.95 -39.24
C SER G 101 -15.10 9.09 -39.24
N ASN G 102 -14.44 8.66 -40.32
CA ASN G 102 -12.98 8.64 -40.33
C ASN G 102 -12.39 9.99 -40.71
N PHE G 103 -12.93 10.65 -41.72
CA PHE G 103 -12.33 11.86 -42.26
C PHE G 103 -13.10 13.14 -41.93
N GLY G 104 -14.31 13.03 -41.39
CA GLY G 104 -14.99 14.18 -40.84
C GLY G 104 -15.76 15.05 -41.80
N TYR G 105 -16.07 14.57 -43.01
CA TYR G 105 -16.90 15.35 -43.91
C TYR G 105 -17.61 14.39 -44.86
N ASN G 106 -18.50 14.95 -45.69
CA ASN G 106 -19.27 14.17 -46.63
C ASN G 106 -18.36 13.56 -47.70
N ILE G 107 -18.61 12.30 -48.01
CA ILE G 107 -17.77 11.61 -49.01
C ILE G 107 -18.01 12.26 -50.37
N PRO G 108 -16.96 12.61 -51.11
CA PRO G 108 -17.15 13.03 -52.49
C PRO G 108 -17.74 11.92 -53.32
N LEU G 109 -18.57 12.29 -54.29
CA LEU G 109 -19.28 11.29 -55.07
C LEU G 109 -18.31 10.41 -55.86
N LYS G 110 -17.24 10.99 -56.39
CA LYS G 110 -16.26 10.21 -57.13
C LYS G 110 -15.63 9.15 -56.24
N HIS G 111 -15.31 9.51 -54.99
CA HIS G 111 -14.71 8.54 -54.08
C HIS G 111 -15.69 7.44 -53.70
N LEU G 112 -16.95 7.79 -53.44
CA LEU G 112 -17.95 6.78 -53.12
C LEU G 112 -18.16 5.84 -54.30
N ALA G 113 -18.22 6.39 -55.51
CA ALA G 113 -18.35 5.56 -56.69
C ALA G 113 -17.18 4.61 -56.85
N ASP G 114 -15.96 5.11 -56.62
CA ASP G 114 -14.79 4.24 -56.72
C ASP G 114 -14.83 3.13 -55.67
N ARG G 115 -15.19 3.46 -54.44
CA ARG G 115 -15.23 2.45 -53.38
C ARG G 115 -16.26 1.36 -53.68
N VAL G 116 -17.47 1.77 -54.06
CA VAL G 116 -18.51 0.78 -54.33
C VAL G 116 -18.18 -0.01 -55.60
N ALA G 117 -17.59 0.63 -56.60
CA ALA G 117 -17.20 -0.09 -57.80
C ALA G 117 -16.14 -1.13 -57.51
N MET G 118 -15.19 -0.82 -56.63
CA MET G 118 -14.19 -1.82 -56.26
C MET G 118 -14.81 -2.95 -55.46
N TYR G 119 -15.78 -2.64 -54.59
CA TYR G 119 -16.51 -3.71 -53.90
C TYR G 119 -17.22 -4.62 -54.91
N VAL G 120 -17.83 -4.03 -55.93
CA VAL G 120 -18.51 -4.80 -56.98
C VAL G 120 -17.50 -5.66 -57.74
N HIS G 121 -16.36 -5.07 -58.11
CA HIS G 121 -15.35 -5.80 -58.86
C HIS G 121 -14.81 -6.98 -58.06
N ALA G 122 -14.78 -6.87 -56.74
CA ALA G 122 -14.32 -7.97 -55.91
C ALA G 122 -15.16 -9.23 -56.07
N TYR G 123 -16.37 -9.11 -56.61
CA TYR G 123 -17.24 -10.27 -56.84
C TYR G 123 -17.12 -10.83 -58.24
N THR G 124 -16.18 -10.36 -59.05
CA THR G 124 -15.97 -10.86 -60.40
C THR G 124 -14.70 -11.69 -60.55
N LEU G 125 -14.05 -12.06 -59.44
CA LEU G 125 -12.76 -12.72 -59.49
C LEU G 125 -12.77 -14.16 -59.02
N TYR G 126 -13.80 -14.59 -58.30
CA TYR G 126 -13.77 -15.82 -57.55
C TYR G 126 -14.90 -16.73 -57.97
N SER G 127 -14.66 -18.03 -57.82
CA SER G 127 -15.73 -19.00 -57.98
C SER G 127 -16.60 -19.12 -56.75
N ALA G 128 -16.13 -18.63 -55.60
CA ALA G 128 -16.86 -18.70 -54.35
C ALA G 128 -18.01 -17.70 -54.26
N VAL G 129 -18.04 -16.68 -55.11
CA VAL G 129 -19.14 -15.72 -55.11
C VAL G 129 -19.61 -15.53 -56.55
N ARG G 130 -20.72 -14.81 -56.67
CA ARG G 130 -21.39 -14.50 -57.91
C ARG G 130 -21.36 -13.00 -58.16
N PRO G 131 -21.10 -12.57 -59.40
CA PRO G 131 -21.19 -11.14 -59.69
C PRO G 131 -22.59 -10.60 -59.47
N PHE G 132 -22.66 -9.34 -59.03
CA PHE G 132 -23.93 -8.68 -58.81
C PHE G 132 -24.71 -8.58 -60.11
N GLY G 133 -26.02 -8.77 -60.03
CA GLY G 133 -26.86 -8.67 -61.20
C GLY G 133 -27.57 -7.35 -61.31
N CYS G 134 -26.87 -6.26 -60.99
CA CYS G 134 -27.47 -4.94 -61.02
C CYS G 134 -26.44 -3.91 -61.44
N SER G 135 -26.93 -2.87 -62.09
CA SER G 135 -26.15 -1.67 -62.34
C SER G 135 -26.87 -0.49 -61.70
N PHE G 136 -26.13 0.59 -61.46
CA PHE G 136 -26.75 1.71 -60.77
C PHE G 136 -26.02 3.00 -61.07
N MET G 137 -26.73 4.09 -60.81
CA MET G 137 -26.22 5.45 -60.93
C MET G 137 -26.22 6.09 -59.56
N LEU G 138 -25.15 6.83 -59.26
CA LEU G 138 -25.04 7.67 -58.08
C LEU G 138 -25.09 9.12 -58.51
N GLY G 139 -25.91 9.90 -57.84
CA GLY G 139 -26.07 11.31 -58.15
C GLY G 139 -25.85 12.16 -56.93
N SER G 140 -25.14 13.27 -57.11
CA SER G 140 -24.86 14.16 -56.00
C SER G 140 -24.72 15.58 -56.49
N TYR G 141 -24.90 16.53 -55.57
CA TYR G 141 -24.60 17.92 -55.84
C TYR G 141 -23.99 18.57 -54.61
N SER G 142 -23.05 19.48 -54.86
CA SER G 142 -22.49 20.33 -53.82
C SER G 142 -22.05 21.63 -54.46
N VAL G 143 -21.86 22.65 -53.63
CA VAL G 143 -21.32 23.91 -54.14
C VAL G 143 -19.86 23.75 -54.53
N ASN G 144 -19.08 23.04 -53.72
CA ASN G 144 -17.65 22.90 -53.98
C ASN G 144 -17.38 22.01 -55.19
N ASP G 145 -18.11 20.90 -55.32
CA ASP G 145 -17.83 19.91 -56.35
C ASP G 145 -18.76 20.01 -57.56
N GLY G 146 -19.87 20.70 -57.44
CA GLY G 146 -20.82 20.77 -58.53
C GLY G 146 -21.78 19.59 -58.53
N ALA G 147 -22.40 19.36 -59.69
CA ALA G 147 -23.26 18.22 -59.91
C ALA G 147 -22.43 17.06 -60.45
N GLN G 148 -22.69 15.86 -59.97
CA GLN G 148 -21.97 14.70 -60.43
C GLN G 148 -22.90 13.50 -60.57
N LEU G 149 -22.69 12.75 -61.64
CA LEU G 149 -23.50 11.59 -61.99
C LEU G 149 -22.57 10.48 -62.44
N TYR G 150 -22.52 9.39 -61.67
CA TYR G 150 -21.66 8.26 -61.96
C TYR G 150 -22.51 7.02 -62.22
N MET G 151 -21.99 6.11 -63.02
CA MET G 151 -22.67 4.86 -63.31
C MET G 151 -21.69 3.70 -63.14
N ILE G 152 -22.18 2.65 -62.47
CA ILE G 152 -21.42 1.45 -62.13
C ILE G 152 -22.19 0.24 -62.64
N ASP G 153 -21.51 -0.65 -63.34
CA ASP G 153 -22.09 -1.85 -63.92
C ASP G 153 -21.59 -3.11 -63.20
N PRO G 154 -22.16 -4.29 -63.49
CA PRO G 154 -21.76 -5.50 -62.75
C PRO G 154 -20.28 -5.83 -62.81
N SER G 155 -19.57 -5.47 -63.88
CA SER G 155 -18.14 -5.72 -63.91
C SER G 155 -17.37 -4.85 -62.93
N GLY G 156 -17.95 -3.77 -62.46
CA GLY G 156 -17.27 -2.86 -61.57
C GLY G 156 -16.74 -1.61 -62.23
N VAL G 157 -17.04 -1.38 -63.50
CA VAL G 157 -16.57 -0.19 -64.20
C VAL G 157 -17.41 1.01 -63.79
N SER G 158 -16.74 2.08 -63.38
CA SER G 158 -17.40 3.31 -62.94
C SER G 158 -17.02 4.45 -63.89
N TYR G 159 -18.02 5.15 -64.41
CA TYR G 159 -17.75 6.28 -65.28
C TYR G 159 -18.65 7.45 -64.92
N GLY G 160 -18.15 8.66 -65.16
CA GLY G 160 -18.95 9.86 -65.03
C GLY G 160 -19.71 10.17 -66.30
N TYR G 161 -20.90 10.75 -66.15
CA TYR G 161 -21.79 10.97 -67.27
C TYR G 161 -22.44 12.34 -67.18
N TRP G 162 -22.85 12.85 -68.34
CA TRP G 162 -23.80 13.96 -68.40
C TRP G 162 -25.23 13.45 -68.46
N GLY G 163 -25.44 12.30 -69.08
CA GLY G 163 -26.73 11.63 -69.04
C GLY G 163 -26.49 10.15 -69.22
N CYS G 164 -27.35 9.35 -68.60
CA CYS G 164 -27.13 7.92 -68.55
C CYS G 164 -28.47 7.19 -68.50
N ALA G 165 -28.51 6.02 -69.12
CA ALA G 165 -29.67 5.15 -69.08
C ALA G 165 -29.21 3.72 -68.84
N ILE G 166 -29.94 3.01 -68.00
CA ILE G 166 -29.68 1.60 -67.74
C ILE G 166 -31.00 0.86 -67.80
N GLY G 167 -30.98 -0.37 -68.28
CA GLY G 167 -32.17 -1.19 -68.29
C GLY G 167 -32.52 -1.67 -69.68
N LYS G 168 -33.78 -2.07 -69.84
CA LYS G 168 -34.23 -2.73 -71.06
C LYS G 168 -34.04 -1.84 -72.28
N ALA G 169 -34.56 -0.62 -72.21
CA ALA G 169 -34.46 0.32 -73.33
C ALA G 169 -33.52 1.43 -72.89
N ARG G 170 -32.22 1.19 -73.03
CA ARG G 170 -31.22 2.19 -72.71
C ARG G 170 -30.65 2.86 -73.94
N GLN G 171 -30.68 2.18 -75.10
CA GLN G 171 -30.20 2.80 -76.32
C GLN G 171 -31.17 3.87 -76.82
N ALA G 172 -32.46 3.56 -76.83
CA ALA G 172 -33.46 4.55 -77.21
C ALA G 172 -33.48 5.69 -76.21
N ALA G 173 -33.34 5.38 -74.92
CA ALA G 173 -33.28 6.42 -73.91
C ALA G 173 -32.05 7.30 -74.09
N LYS G 174 -30.90 6.69 -74.42
CA LYS G 174 -29.70 7.50 -74.66
C LYS G 174 -29.87 8.37 -75.89
N THR G 175 -30.53 7.86 -76.93
CA THR G 175 -30.83 8.68 -78.10
C THR G 175 -31.70 9.88 -77.71
N GLU G 176 -32.72 9.65 -76.90
CA GLU G 176 -33.56 10.76 -76.44
C GLU G 176 -32.76 11.76 -75.61
N ILE G 177 -31.86 11.26 -74.76
CA ILE G 177 -31.06 12.14 -73.91
C ILE G 177 -30.12 13.00 -74.73
N GLU G 178 -29.57 12.44 -75.81
CA GLU G 178 -28.64 13.19 -76.66
C GLU G 178 -29.26 14.45 -77.21
N LYS G 179 -30.56 14.44 -77.49
CA LYS G 179 -31.28 15.59 -78.02
C LYS G 179 -31.44 16.71 -77.00
N LEU G 180 -30.83 16.64 -75.83
CA LEU G 180 -31.02 17.63 -74.78
C LEU G 180 -29.78 18.50 -74.62
N GLN G 181 -29.99 19.79 -74.39
CA GLN G 181 -28.93 20.70 -74.02
C GLN G 181 -28.88 20.81 -72.49
N MET G 182 -28.52 19.69 -71.87
CA MET G 182 -28.60 19.57 -70.42
C MET G 182 -27.52 20.36 -69.71
N LYS G 183 -26.49 20.83 -70.42
CA LYS G 183 -25.40 21.52 -69.75
C LYS G 183 -25.82 22.92 -69.29
N GLU G 184 -26.79 23.54 -69.95
CA GLU G 184 -27.26 24.86 -69.55
C GLU G 184 -28.63 24.83 -68.89
N MET G 185 -29.27 23.67 -68.81
CA MET G 185 -30.60 23.56 -68.22
C MET G 185 -30.51 23.52 -66.70
N THR G 186 -31.65 23.76 -66.06
CA THR G 186 -31.79 23.63 -64.62
C THR G 186 -32.62 22.41 -64.28
N CYS G 187 -32.69 22.09 -62.99
CA CYS G 187 -33.39 20.88 -62.56
C CYS G 187 -34.87 20.94 -62.90
N ARG G 188 -35.45 22.15 -62.92
CA ARG G 188 -36.89 22.30 -63.06
C ARG G 188 -37.40 21.75 -64.40
N ASP G 189 -36.69 22.15 -65.46
CA ASP G 189 -37.07 21.73 -66.83
C ASP G 189 -36.48 20.35 -67.15
N VAL G 190 -35.39 19.97 -66.49
CA VAL G 190 -34.82 18.60 -66.70
C VAL G 190 -35.87 17.58 -66.22
N VAL G 191 -36.54 17.86 -65.09
CA VAL G 191 -37.54 16.91 -64.53
C VAL G 191 -38.60 16.63 -65.59
N LYS G 192 -39.08 17.67 -66.28
CA LYS G 192 -40.02 17.46 -67.37
C LYS G 192 -39.40 16.64 -68.49
N GLU G 193 -38.16 16.94 -68.86
CA GLU G 193 -37.51 16.19 -69.92
C GLU G 193 -37.32 14.73 -69.55
N VAL G 194 -36.94 14.46 -68.29
CA VAL G 194 -36.75 13.10 -67.82
C VAL G 194 -38.07 12.34 -67.88
N ALA G 195 -39.15 12.96 -67.41
CA ALA G 195 -40.45 12.30 -67.46
C ALA G 195 -40.87 12.03 -68.89
N LYS G 196 -40.61 12.96 -69.81
CA LYS G 196 -40.94 12.74 -71.20
C LYS G 196 -40.16 11.56 -71.79
N ILE G 197 -38.86 11.48 -71.49
CA ILE G 197 -38.05 10.38 -72.02
C ILE G 197 -38.55 9.05 -71.47
N ILE G 198 -38.85 9.00 -70.18
CA ILE G 198 -39.34 7.77 -69.58
C ILE G 198 -40.66 7.34 -70.23
N TYR G 199 -41.58 8.29 -70.42
CA TYR G 199 -42.84 7.95 -71.07
C TYR G 199 -42.64 7.52 -72.51
N ILE G 200 -41.62 8.04 -73.18
CA ILE G 200 -41.37 7.65 -74.56
C ILE G 200 -40.84 6.23 -74.63
N VAL G 201 -39.89 5.87 -73.77
CA VAL G 201 -39.25 4.57 -73.94
C VAL G 201 -40.09 3.42 -73.40
N HIS G 202 -41.13 3.70 -72.63
CA HIS G 202 -42.01 2.65 -72.14
C HIS G 202 -42.80 2.04 -73.29
N ASP G 203 -42.99 0.72 -73.22
CA ASP G 203 -43.76 -0.02 -74.22
C ASP G 203 -45.06 -0.50 -73.58
N GLU G 204 -46.18 0.11 -73.99
CA GLU G 204 -47.46 -0.19 -73.36
C GLU G 204 -47.95 -1.59 -73.72
N VAL G 205 -47.58 -2.10 -74.89
CA VAL G 205 -48.01 -3.45 -75.27
C VAL G 205 -47.23 -4.49 -74.48
N LYS G 206 -45.90 -4.37 -74.43
CA LYS G 206 -45.09 -5.34 -73.71
C LYS G 206 -45.34 -5.27 -72.21
N ASP G 207 -45.41 -4.06 -71.65
CA ASP G 207 -45.63 -3.85 -70.24
C ASP G 207 -46.89 -3.01 -70.06
N LYS G 208 -47.78 -3.45 -69.18
CA LYS G 208 -49.10 -2.83 -69.10
C LYS G 208 -49.03 -1.47 -68.41
N ALA G 209 -48.64 -1.46 -67.14
CA ALA G 209 -48.71 -0.25 -66.34
C ALA G 209 -47.39 -0.03 -65.62
N PHE G 210 -47.10 1.23 -65.32
CA PHE G 210 -45.87 1.58 -64.62
C PHE G 210 -46.08 2.87 -63.87
N GLU G 211 -45.45 2.97 -62.72
CA GLU G 211 -45.32 4.23 -62.00
C GLU G 211 -44.04 4.92 -62.42
N LEU G 212 -44.03 6.24 -62.30
CA LEU G 212 -42.88 7.06 -62.67
C LEU G 212 -42.25 7.57 -61.38
N GLU G 213 -41.11 7.00 -61.01
CA GLU G 213 -40.38 7.41 -59.83
C GLU G 213 -39.42 8.54 -60.20
N LEU G 214 -39.44 9.63 -59.43
CA LEU G 214 -38.61 10.79 -59.72
C LEU G 214 -37.88 11.23 -58.46
N SER G 215 -36.63 11.64 -58.63
CA SER G 215 -35.87 12.21 -57.52
C SER G 215 -34.83 13.16 -58.10
N TRP G 216 -34.28 14.01 -57.23
CA TRP G 216 -33.29 14.97 -57.70
C TRP G 216 -32.44 15.44 -56.53
N VAL G 217 -31.28 15.97 -56.87
CA VAL G 217 -30.40 16.62 -55.91
C VAL G 217 -29.78 17.82 -56.61
N GLY G 218 -29.71 18.95 -55.91
CA GLY G 218 -29.13 20.14 -56.50
C GLY G 218 -29.31 21.34 -55.61
N GLU G 219 -29.03 22.51 -56.18
CA GLU G 219 -29.18 23.79 -55.43
C GLU G 219 -30.65 24.01 -55.09
N ILE G 220 -31.55 23.44 -55.88
CA ILE G 220 -33.02 23.54 -55.62
C ILE G 220 -33.31 22.89 -54.27
N THR G 221 -32.63 21.78 -53.94
CA THR G 221 -32.90 21.04 -52.69
C THR G 221 -31.85 21.36 -51.62
N ASN G 222 -31.04 22.40 -51.79
CA ASN G 222 -29.94 22.70 -50.87
C ASN G 222 -28.98 21.52 -50.76
N GLY G 223 -28.65 20.91 -51.89
CA GLY G 223 -27.69 19.81 -51.91
C GLY G 223 -28.14 18.58 -51.15
N ARG G 224 -29.44 18.28 -51.15
CA ARG G 224 -29.99 17.14 -50.46
C ARG G 224 -30.78 16.31 -51.46
N HIS G 225 -30.45 15.03 -51.57
CA HIS G 225 -31.19 14.17 -52.49
C HIS G 225 -32.54 13.81 -51.89
N GLU G 226 -33.60 14.02 -52.67
CA GLU G 226 -34.95 13.79 -52.16
C GLU G 226 -35.87 13.46 -53.31
N ILE G 227 -36.99 12.83 -52.97
CA ILE G 227 -38.06 12.58 -53.92
C ILE G 227 -38.58 13.91 -54.45
N VAL G 228 -38.80 13.98 -55.76
CA VAL G 228 -39.35 15.21 -56.36
C VAL G 228 -40.74 15.47 -55.80
N PRO G 229 -41.07 16.71 -55.41
CA PRO G 229 -42.36 16.95 -54.76
C PRO G 229 -43.54 16.66 -55.68
N LYS G 230 -44.69 16.46 -55.05
CA LYS G 230 -45.86 15.95 -55.76
C LYS G 230 -46.32 16.90 -56.86
N ASP G 231 -46.26 18.20 -56.58
CA ASP G 231 -46.66 19.21 -57.59
C ASP G 231 -45.78 19.07 -58.83
N VAL G 232 -44.46 19.11 -58.66
CA VAL G 232 -43.56 19.08 -59.85
C VAL G 232 -43.77 17.76 -60.58
N ARG G 233 -43.90 16.67 -59.83
CA ARG G 233 -44.06 15.34 -60.46
C ARG G 233 -45.34 15.32 -61.30
N GLU G 234 -46.44 15.85 -60.75
CA GLU G 234 -47.69 15.87 -61.50
C GLU G 234 -47.58 16.74 -62.74
N GLU G 235 -46.93 17.90 -62.62
CA GLU G 235 -46.73 18.76 -63.78
C GLU G 235 -45.89 18.05 -64.84
N ALA G 236 -44.82 17.38 -64.42
CA ALA G 236 -43.97 16.67 -65.36
C ALA G 236 -44.73 15.54 -66.04
N GLU G 237 -45.54 14.80 -65.28
CA GLU G 237 -46.32 13.72 -65.88
C GLU G 237 -47.33 14.25 -66.89
N LYS G 238 -47.99 15.37 -66.57
CA LYS G 238 -48.92 15.96 -67.51
C LYS G 238 -48.20 16.40 -68.79
N TYR G 239 -47.04 17.02 -68.64
CA TYR G 239 -46.28 17.46 -69.80
C TYR G 239 -45.83 16.27 -70.65
N ALA G 240 -45.38 15.19 -70.00
CA ALA G 240 -44.96 14.00 -70.75
C ALA G 240 -46.13 13.37 -71.49
N LYS G 241 -47.28 13.27 -70.84
CA LYS G 241 -48.46 12.71 -71.50
C LYS G 241 -48.89 13.58 -72.67
N GLU G 242 -48.81 14.90 -72.51
CA GLU G 242 -49.13 15.78 -73.64
C GLU G 242 -48.14 15.59 -74.78
N SER G 243 -46.86 15.42 -74.47
CA SER G 243 -45.86 15.21 -75.51
C SER G 243 -46.07 13.89 -76.23
N LEU G 244 -46.63 12.88 -75.55
CA LEU G 244 -46.93 11.62 -76.23
C LEU G 244 -47.95 11.84 -77.33
N LYS G 245 -48.99 12.62 -77.06
CA LYS G 245 -49.98 12.93 -78.08
C LYS G 245 -49.43 13.95 -79.07
N GLU G 246 -49.74 13.75 -80.34
CA GLU G 246 -49.36 14.69 -81.38
C GLU G 246 -50.57 15.10 -82.22
N THR H 35 8.05 22.45 -23.06
CA THR H 35 7.60 22.64 -24.43
C THR H 35 6.53 23.73 -24.51
N THR H 36 6.69 24.65 -25.44
CA THR H 36 5.65 25.61 -25.76
C THR H 36 5.42 25.60 -27.26
N ILE H 37 4.17 25.39 -27.66
CA ILE H 37 3.79 25.41 -29.06
C ILE H 37 2.67 26.42 -29.23
N MET H 38 2.60 27.03 -30.41
CA MET H 38 1.65 28.10 -30.64
C MET H 38 1.32 28.15 -32.13
N ALA H 39 0.09 28.52 -32.44
CA ALA H 39 -0.32 28.75 -33.82
C ALA H 39 -1.37 29.85 -33.86
N VAL H 40 -1.28 30.71 -34.86
CA VAL H 40 -2.16 31.85 -35.02
C VAL H 40 -2.64 31.90 -36.46
N GLN H 41 -3.92 32.16 -36.64
CA GLN H 41 -4.50 32.31 -37.97
C GLN H 41 -4.48 33.78 -38.37
N PHE H 42 -4.11 34.04 -39.61
CA PHE H 42 -4.30 35.34 -40.25
C PHE H 42 -5.02 35.12 -41.57
N ASP H 43 -5.39 36.24 -42.21
CA ASP H 43 -6.41 36.20 -43.26
C ASP H 43 -6.10 35.15 -44.32
N GLY H 44 -4.87 35.09 -44.80
CA GLY H 44 -4.52 34.14 -45.83
C GLY H 44 -3.69 32.94 -45.40
N GLY H 45 -3.57 32.66 -44.11
CA GLY H 45 -2.75 31.54 -43.71
C GLY H 45 -2.59 31.45 -42.20
N VAL H 46 -1.54 30.76 -41.79
CA VAL H 46 -1.25 30.52 -40.38
C VAL H 46 0.22 30.76 -40.10
N VAL H 47 0.51 31.00 -38.83
CA VAL H 47 1.87 31.05 -38.31
C VAL H 47 1.96 30.04 -37.18
N LEU H 48 2.95 29.16 -37.23
CA LEU H 48 3.22 28.19 -36.19
C LEU H 48 4.57 28.48 -35.56
N GLY H 49 4.70 28.16 -34.28
CA GLY H 49 5.94 28.40 -33.57
C GLY H 49 6.13 27.40 -32.45
N ALA H 50 7.39 27.09 -32.18
CA ALA H 50 7.72 26.16 -31.10
C ALA H 50 9.08 26.50 -30.53
N ASP H 51 9.30 26.07 -29.29
CA ASP H 51 10.64 26.01 -28.71
C ASP H 51 11.33 24.74 -29.22
N SER H 52 12.58 24.54 -28.82
CA SER H 52 13.37 23.42 -29.34
C SER H 52 13.92 22.51 -28.24
N ARG H 53 13.33 22.53 -27.05
CA ARG H 53 13.88 21.81 -25.91
C ARG H 53 13.15 20.48 -25.71
N THR H 54 13.92 19.41 -25.65
CA THR H 54 13.45 18.09 -25.24
C THR H 54 14.25 17.66 -24.03
N THR H 55 13.56 17.47 -22.91
CA THR H 55 14.17 17.11 -21.63
C THR H 55 13.85 15.66 -21.27
N THR H 56 14.74 15.08 -20.47
CA THR H 56 14.48 13.84 -19.75
C THR H 56 14.72 14.18 -18.28
N GLY H 57 13.66 14.53 -17.57
CA GLY H 57 13.84 15.04 -16.21
C GLY H 57 14.35 16.47 -16.28
N SER H 58 15.44 16.73 -15.58
CA SER H 58 16.11 18.02 -15.64
C SER H 58 17.25 18.05 -16.65
N TYR H 59 17.51 16.94 -17.34
CA TYR H 59 18.55 16.90 -18.35
C TYR H 59 17.96 17.25 -19.71
N ILE H 60 18.61 18.16 -20.42
CA ILE H 60 18.20 18.52 -21.78
C ILE H 60 18.84 17.50 -22.72
N ALA H 61 18.02 16.60 -23.25
CA ALA H 61 18.52 15.58 -24.16
C ALA H 61 18.62 16.10 -25.58
N ASN H 62 17.81 17.08 -25.96
CA ASN H 62 17.92 17.67 -27.30
C ASN H 62 17.62 19.16 -27.16
N ARG H 63 18.60 19.99 -27.46
CA ARG H 63 18.36 21.43 -27.32
C ARG H 63 17.96 22.10 -28.61
N VAL H 64 17.98 21.39 -29.75
CA VAL H 64 17.57 21.98 -31.02
C VAL H 64 16.46 21.17 -31.67
N THR H 65 15.56 20.61 -30.87
CA THR H 65 14.47 19.80 -31.39
C THR H 65 13.61 20.57 -32.38
N ASP H 66 13.19 19.88 -33.44
CA ASP H 66 12.24 20.43 -34.41
C ASP H 66 10.86 19.87 -34.09
N LYS H 67 10.02 20.68 -33.46
CA LYS H 67 8.68 20.26 -33.06
C LYS H 67 7.60 20.65 -34.06
N LEU H 68 7.94 21.39 -35.11
CA LEU H 68 7.00 21.70 -36.18
C LEU H 68 7.16 20.65 -37.27
N THR H 69 6.11 19.86 -37.49
CA THR H 69 6.20 18.70 -38.35
C THR H 69 5.28 18.87 -39.55
N PRO H 70 5.80 18.85 -40.77
CA PRO H 70 4.91 18.90 -41.94
C PRO H 70 4.12 17.61 -42.07
N ILE H 71 2.80 17.73 -42.12
CA ILE H 71 1.94 16.59 -42.37
C ILE H 71 1.65 16.46 -43.85
N HIS H 72 1.46 17.60 -44.51
CA HIS H 72 1.29 17.65 -45.95
C HIS H 72 1.90 18.96 -46.43
N ASP H 73 1.83 19.17 -47.75
CA ASP H 73 2.54 20.29 -48.38
C ASP H 73 2.20 21.62 -47.71
N ARG H 74 0.95 21.79 -47.27
CA ARG H 74 0.53 23.00 -46.57
C ARG H 74 -0.06 22.72 -45.20
N ILE H 75 0.25 21.59 -44.58
CA ILE H 75 -0.34 21.26 -43.30
C ILE H 75 0.77 20.83 -42.35
N PHE H 76 0.87 21.50 -41.21
CA PHE H 76 1.85 21.23 -40.18
C PHE H 76 1.18 20.83 -38.88
N CYS H 77 1.92 20.13 -38.05
CA CYS H 77 1.52 19.89 -36.68
C CYS H 77 2.63 20.34 -35.73
N CYS H 78 2.23 20.99 -34.65
CA CYS H 78 3.07 21.20 -33.48
C CYS H 78 2.75 20.12 -32.46
N ARG H 79 3.78 19.58 -31.84
CA ARG H 79 3.66 18.42 -30.96
C ARG H 79 4.10 18.78 -29.55
N SER H 80 3.34 18.31 -28.56
CA SER H 80 3.75 18.41 -27.17
C SER H 80 3.39 17.11 -26.46
N GLY H 81 4.11 16.80 -25.40
CA GLY H 81 3.91 15.56 -24.69
C GLY H 81 5.00 14.55 -24.97
N SER H 82 4.67 13.27 -24.91
CA SER H 82 5.65 12.22 -25.15
C SER H 82 6.17 12.30 -26.59
N ALA H 83 7.49 12.32 -26.73
CA ALA H 83 8.09 12.43 -28.05
C ALA H 83 7.82 11.20 -28.90
N ALA H 84 7.92 10.01 -28.29
CA ALA H 84 7.60 8.78 -29.02
C ALA H 84 6.15 8.78 -29.50
N ASP H 85 5.22 9.16 -28.63
CA ASP H 85 3.81 9.14 -28.99
C ASP H 85 3.50 10.11 -30.12
N THR H 86 3.95 11.36 -29.98
CA THR H 86 3.66 12.36 -31.01
C THR H 86 4.35 12.03 -32.32
N GLN H 87 5.59 11.53 -32.28
CA GLN H 87 6.28 11.15 -33.50
C GLN H 87 5.55 10.02 -34.21
N ALA H 88 5.15 8.98 -33.46
CA ALA H 88 4.42 7.87 -34.05
C ALA H 88 3.10 8.32 -34.66
N VAL H 89 2.34 9.14 -33.93
CA VAL H 89 1.03 9.56 -34.43
C VAL H 89 1.18 10.46 -35.65
N ALA H 90 2.19 11.34 -35.64
CA ALA H 90 2.39 12.22 -36.79
C ALA H 90 2.80 11.41 -38.02
N ASP H 91 3.64 10.38 -37.84
CA ASP H 91 4.00 9.52 -38.97
C ASP H 91 2.78 8.79 -39.52
N ALA H 92 1.94 8.25 -38.63
CA ALA H 92 0.74 7.54 -39.07
C ALA H 92 -0.22 8.47 -39.80
N VAL H 93 -0.39 9.68 -39.29
CA VAL H 93 -1.32 10.61 -39.93
C VAL H 93 -0.76 11.09 -41.27
N THR H 94 0.55 11.32 -41.34
CA THR H 94 1.16 11.66 -42.62
C THR H 94 0.88 10.58 -43.65
N TYR H 95 1.08 9.32 -43.26
CA TYR H 95 0.81 8.19 -44.14
C TYR H 95 -0.65 8.18 -44.62
N GLN H 96 -1.59 8.26 -43.66
CA GLN H 96 -3.00 8.20 -44.01
C GLN H 96 -3.42 9.38 -44.88
N LEU H 97 -2.96 10.58 -44.54
CA LEU H 97 -3.33 11.77 -45.30
C LEU H 97 -2.75 11.74 -46.71
N GLY H 98 -1.52 11.25 -46.86
CA GLY H 98 -0.95 11.15 -48.19
C GLY H 98 -1.70 10.17 -49.06
N PHE H 99 -2.03 9.01 -48.50
CA PHE H 99 -2.79 8.04 -49.28
C PHE H 99 -4.16 8.59 -49.65
N HIS H 100 -4.82 9.25 -48.69
CA HIS H 100 -6.14 9.82 -48.93
C HIS H 100 -6.09 10.89 -50.02
N SER H 101 -5.06 11.74 -49.98
CA SER H 101 -4.91 12.79 -50.98
C SER H 101 -4.64 12.21 -52.36
N ILE H 102 -3.84 11.14 -52.44
CA ILE H 102 -3.64 10.48 -53.73
C ILE H 102 -4.95 9.90 -54.25
N GLU H 103 -5.72 9.25 -53.37
CA GLU H 103 -6.97 8.65 -53.80
C GLU H 103 -7.96 9.69 -54.31
N LEU H 104 -8.11 10.79 -53.57
CA LEU H 104 -9.07 11.81 -53.96
C LEU H 104 -8.58 12.72 -55.07
N ASN H 105 -7.28 12.71 -55.37
CA ASN H 105 -6.69 13.62 -56.36
C ASN H 105 -7.05 15.07 -56.03
N GLU H 106 -6.92 15.42 -54.76
CA GLU H 106 -7.35 16.70 -54.24
C GLU H 106 -6.42 17.06 -53.10
N PRO H 107 -6.06 18.33 -52.95
CA PRO H 107 -5.29 18.75 -51.77
C PRO H 107 -6.07 18.47 -50.50
N PRO H 108 -5.40 18.00 -49.46
CA PRO H 108 -6.13 17.65 -48.23
C PRO H 108 -6.66 18.89 -47.52
N LEU H 109 -7.78 18.71 -46.85
CA LEU H 109 -8.31 19.76 -45.97
C LEU H 109 -7.59 19.71 -44.64
N VAL H 110 -7.36 20.90 -44.06
CA VAL H 110 -6.77 20.97 -42.73
C VAL H 110 -7.65 20.26 -41.72
N HIS H 111 -8.97 20.41 -41.88
CA HIS H 111 -9.92 19.73 -41.02
C HIS H 111 -9.80 18.22 -41.12
N THR H 112 -9.50 17.69 -42.31
CA THR H 112 -9.33 16.25 -42.45
C THR H 112 -8.11 15.75 -41.68
N ALA H 113 -6.99 16.47 -41.74
CA ALA H 113 -5.84 16.10 -40.96
C ALA H 113 -6.12 16.20 -39.47
N ALA H 114 -6.83 17.25 -39.06
CA ALA H 114 -7.21 17.38 -37.65
C ALA H 114 -8.12 16.24 -37.22
N SER H 115 -9.03 15.82 -38.08
CA SER H 115 -9.91 14.69 -37.78
C SER H 115 -9.13 13.39 -37.64
N LEU H 116 -8.15 13.17 -38.52
CA LEU H 116 -7.32 11.96 -38.40
C LEU H 116 -6.54 11.96 -37.09
N PHE H 117 -5.95 13.10 -36.74
CA PHE H 117 -5.24 13.23 -35.47
C PHE H 117 -6.19 12.98 -34.30
N LYS H 118 -7.40 13.55 -34.37
CA LYS H 118 -8.38 13.40 -33.30
C LYS H 118 -8.79 11.94 -33.13
N GLU H 119 -9.04 11.25 -34.23
CA GLU H 119 -9.42 9.84 -34.15
C GLU H 119 -8.31 9.02 -33.51
N MET H 120 -7.06 9.25 -33.92
CA MET H 120 -5.96 8.50 -33.33
C MET H 120 -5.79 8.83 -31.85
N CYS H 121 -5.90 10.10 -31.47
CA CYS H 121 -5.65 10.50 -30.10
C CYS H 121 -6.79 10.10 -29.17
N TYR H 122 -8.02 10.10 -29.66
CA TYR H 122 -9.14 9.65 -28.86
C TYR H 122 -9.16 8.14 -28.70
N ARG H 123 -8.88 7.41 -29.78
CA ARG H 123 -8.93 5.94 -29.72
C ARG H 123 -7.90 5.40 -28.74
N TYR H 124 -6.72 6.02 -28.67
CA TYR H 124 -5.65 5.59 -27.80
C TYR H 124 -5.36 6.60 -26.71
N ARG H 125 -6.40 7.23 -26.16
CA ARG H 125 -6.21 8.25 -25.15
C ARG H 125 -5.60 7.69 -23.87
N GLU H 126 -5.87 6.43 -23.55
CA GLU H 126 -5.30 5.81 -22.37
C GLU H 126 -3.84 5.42 -22.53
N ASP H 127 -3.33 5.39 -23.76
CA ASP H 127 -1.95 4.98 -24.02
C ASP H 127 -1.06 6.12 -24.51
N LEU H 128 -1.63 7.25 -24.90
CA LEU H 128 -0.87 8.34 -25.51
C LEU H 128 -0.84 9.55 -24.58
N MET H 129 0.28 10.27 -24.62
CA MET H 129 0.40 11.60 -24.02
C MET H 129 0.78 12.53 -25.15
N ALA H 130 -0.22 13.11 -25.80
CA ALA H 130 0.03 13.93 -26.99
C ALA H 130 -0.95 15.09 -27.03
N GLY H 131 -0.43 16.31 -26.97
CA GLY H 131 -1.20 17.50 -27.29
C GLY H 131 -0.74 18.07 -28.61
N ILE H 132 -1.64 18.19 -29.57
CA ILE H 132 -1.30 18.54 -30.93
C ILE H 132 -1.97 19.85 -31.31
N ILE H 133 -1.25 20.68 -32.05
CA ILE H 133 -1.86 21.76 -32.80
C ILE H 133 -1.70 21.41 -34.28
N ILE H 134 -2.80 21.44 -35.02
CA ILE H 134 -2.77 21.20 -36.46
C ILE H 134 -3.10 22.52 -37.14
N ALA H 135 -2.16 23.05 -37.91
CA ALA H 135 -2.39 24.32 -38.57
C ALA H 135 -2.00 24.23 -40.03
N GLY H 136 -2.77 24.89 -40.87
CA GLY H 136 -2.41 24.87 -42.27
C GLY H 136 -3.37 25.69 -43.10
N TRP H 137 -3.19 25.59 -44.41
CA TRP H 137 -3.96 26.37 -45.35
C TRP H 137 -4.75 25.43 -46.27
N ASP H 138 -5.96 25.84 -46.60
CA ASP H 138 -6.85 25.16 -47.53
C ASP H 138 -7.32 26.13 -48.61
N PRO H 139 -7.55 25.64 -49.82
CA PRO H 139 -8.26 26.46 -50.80
C PRO H 139 -9.70 26.72 -50.41
N GLN H 140 -10.37 25.74 -49.78
CA GLN H 140 -11.77 25.89 -49.39
C GLN H 140 -11.97 26.71 -48.14
N GLU H 141 -11.04 26.64 -47.19
CA GLU H 141 -11.27 27.24 -45.88
C GLU H 141 -10.24 28.29 -45.48
N GLY H 142 -9.14 28.45 -46.21
CA GLY H 142 -8.14 29.42 -45.81
C GLY H 142 -7.23 28.88 -44.73
N GLY H 143 -6.73 29.79 -43.90
CA GLY H 143 -5.87 29.40 -42.79
C GLY H 143 -6.68 28.88 -41.60
N GLN H 144 -6.18 27.80 -41.01
CA GLN H 144 -6.93 27.07 -39.99
C GLN H 144 -6.00 26.57 -38.90
N VAL H 145 -6.47 26.70 -37.66
CA VAL H 145 -5.78 26.22 -36.47
C VAL H 145 -6.74 25.32 -35.71
N TYR H 146 -6.28 24.12 -35.35
CA TYR H 146 -7.06 23.18 -34.58
C TYR H 146 -6.24 22.70 -33.41
N SER H 147 -6.87 22.59 -32.25
CA SER H 147 -6.26 22.05 -31.06
C SER H 147 -6.82 20.65 -30.83
N VAL H 148 -5.93 19.68 -30.67
CA VAL H 148 -6.31 18.35 -30.23
C VAL H 148 -5.54 18.12 -28.94
N PRO H 149 -6.09 18.49 -27.80
CA PRO H 149 -5.40 18.32 -26.52
C PRO H 149 -5.43 16.86 -26.10
N MET H 150 -4.76 16.56 -25.00
CA MET H 150 -4.80 15.22 -24.44
C MET H 150 -6.24 14.82 -24.14
N GLY H 151 -6.57 13.57 -24.47
CA GLY H 151 -7.92 13.07 -24.40
C GLY H 151 -8.60 12.92 -25.73
N GLY H 152 -8.20 13.70 -26.73
CA GLY H 152 -8.71 13.53 -28.07
C GLY H 152 -9.90 14.37 -28.45
N MET H 153 -10.12 15.51 -27.83
CA MET H 153 -11.11 16.45 -28.32
C MET H 153 -10.49 17.33 -29.40
N MET H 154 -11.34 17.90 -30.25
CA MET H 154 -10.90 18.70 -31.38
C MET H 154 -11.69 19.99 -31.42
N VAL H 155 -10.98 21.12 -31.51
CA VAL H 155 -11.63 22.43 -31.53
C VAL H 155 -10.85 23.35 -32.47
N ARG H 156 -11.58 24.12 -33.26
CA ARG H 156 -10.97 25.18 -34.05
C ARG H 156 -10.91 26.47 -33.26
N GLN H 157 -9.78 27.16 -33.34
CA GLN H 157 -9.52 28.36 -32.57
C GLN H 157 -8.89 29.41 -33.46
N PRO H 158 -9.12 30.69 -33.16
CA PRO H 158 -8.36 31.75 -33.85
C PRO H 158 -6.87 31.62 -33.61
N PHE H 159 -6.47 31.17 -32.42
CA PHE H 159 -5.09 30.86 -32.10
C PHE H 159 -5.10 29.83 -30.98
N ALA H 160 -4.05 29.02 -30.94
CA ALA H 160 -3.93 27.96 -29.97
C ALA H 160 -2.53 27.96 -29.38
N ILE H 161 -2.44 27.63 -28.09
CA ILE H 161 -1.16 27.43 -27.42
C ILE H 161 -1.22 26.09 -26.70
N GLY H 162 -0.03 25.55 -26.45
CA GLY H 162 0.05 24.23 -25.84
C GLY H 162 1.41 23.97 -25.25
N GLY H 163 1.49 22.86 -24.53
CA GLY H 163 2.69 22.46 -23.84
C GLY H 163 2.76 23.01 -22.42
N SER H 164 3.82 22.60 -21.73
CA SER H 164 3.99 22.99 -20.34
C SER H 164 4.21 24.49 -20.17
N GLY H 165 4.91 25.12 -21.11
CA GLY H 165 5.14 26.55 -21.01
C GLY H 165 3.92 27.41 -21.29
N SER H 166 2.92 26.86 -21.97
CA SER H 166 1.79 27.66 -22.40
C SER H 166 1.02 28.26 -21.23
N SER H 167 1.10 27.68 -20.04
CA SER H 167 0.38 28.25 -18.91
C SER H 167 0.89 29.65 -18.58
N TYR H 168 2.17 29.92 -18.81
CA TYR H 168 2.72 31.21 -18.39
C TYR H 168 2.34 32.35 -19.31
N ILE H 169 1.84 32.08 -20.51
CA ILE H 169 1.56 33.12 -21.49
C ILE H 169 0.07 33.24 -21.80
N TYR H 170 -0.79 32.59 -21.02
CA TYR H 170 -2.22 32.71 -21.26
C TYR H 170 -2.69 34.15 -21.13
N GLY H 171 -2.27 34.82 -20.05
CA GLY H 171 -2.61 36.22 -19.88
C GLY H 171 -2.02 37.10 -20.95
N TYR H 172 -0.77 36.84 -21.34
CA TYR H 172 -0.12 37.66 -22.36
C TYR H 172 -0.85 37.55 -23.69
N VAL H 173 -1.18 36.33 -24.13
CA VAL H 173 -1.85 36.19 -25.42
C VAL H 173 -3.28 36.71 -25.33
N ASP H 174 -3.93 36.57 -24.17
CA ASP H 174 -5.26 37.14 -24.01
C ASP H 174 -5.24 38.65 -24.13
N ALA H 175 -4.24 39.30 -23.53
CA ALA H 175 -4.15 40.76 -23.59
C ALA H 175 -3.63 41.28 -24.92
N THR H 176 -2.88 40.47 -25.67
CA THR H 176 -2.16 40.96 -26.83
C THR H 176 -2.88 40.67 -28.15
N TYR H 177 -3.51 39.51 -28.28
CA TYR H 177 -4.10 39.12 -29.56
C TYR H 177 -5.19 40.10 -29.97
N ARG H 178 -5.20 40.44 -31.26
CA ARG H 178 -6.21 41.29 -31.84
C ARG H 178 -6.57 40.78 -33.22
N GLU H 179 -7.82 41.03 -33.63
CA GLU H 179 -8.30 40.53 -34.91
C GLU H 179 -7.74 41.38 -36.06
N GLY H 180 -7.39 40.70 -37.15
CA GLY H 180 -6.92 41.39 -38.34
C GLY H 180 -5.43 41.59 -38.42
N MET H 181 -4.64 40.87 -37.64
CA MET H 181 -3.19 40.97 -37.72
C MET H 181 -2.70 40.40 -39.05
N THR H 182 -1.64 41.01 -39.58
CA THR H 182 -1.01 40.54 -40.80
C THR H 182 -0.08 39.37 -40.50
N LYS H 183 0.56 38.85 -41.54
CA LYS H 183 1.51 37.76 -41.35
C LYS H 183 2.68 38.18 -40.46
N GLU H 184 3.20 39.39 -40.68
CA GLU H 184 4.33 39.88 -39.89
C GLU H 184 3.93 40.12 -38.44
N GLU H 185 2.74 40.68 -38.22
CA GLU H 185 2.26 40.85 -36.86
C GLU H 185 2.08 39.51 -36.18
N CYS H 186 1.58 38.50 -36.90
CA CYS H 186 1.42 37.17 -36.32
C CYS H 186 2.77 36.55 -35.98
N LEU H 187 3.76 36.71 -36.86
CA LEU H 187 5.09 36.20 -36.57
C LEU H 187 5.68 36.86 -35.33
N GLN H 188 5.52 38.18 -35.19
CA GLN H 188 6.04 38.87 -34.03
C GLN H 188 5.30 38.47 -32.75
N PHE H 189 3.98 38.34 -32.83
CA PHE H 189 3.17 37.88 -31.70
C PHE H 189 3.62 36.51 -31.22
N THR H 190 3.82 35.58 -32.15
CA THR H 190 4.25 34.24 -31.79
C THR H 190 5.65 34.24 -31.20
N ALA H 191 6.57 35.00 -31.80
CA ALA H 191 7.92 35.07 -31.27
C ALA H 191 7.94 35.64 -29.85
N ASN H 192 7.20 36.71 -29.59
CA ASN H 192 7.17 37.30 -28.26
C ASN H 192 6.61 36.33 -27.23
N ALA H 193 5.48 35.69 -27.56
CA ALA H 193 4.86 34.77 -26.61
C ALA H 193 5.78 33.58 -26.31
N LEU H 194 6.41 33.03 -27.36
CA LEU H 194 7.30 31.90 -27.15
C LEU H 194 8.51 32.30 -26.32
N ALA H 195 9.06 33.50 -26.57
CA ALA H 195 10.20 33.96 -25.78
C ALA H 195 9.85 34.11 -24.30
N LEU H 196 8.67 34.67 -24.01
CA LEU H 196 8.27 34.81 -22.61
C LEU H 196 8.11 33.45 -21.94
N ALA H 197 7.45 32.52 -22.62
CA ALA H 197 7.30 31.18 -22.06
C ALA H 197 8.65 30.51 -21.84
N MET H 198 9.58 30.68 -22.79
CA MET H 198 10.89 30.05 -22.66
C MET H 198 11.68 30.64 -21.50
N GLU H 199 11.52 31.94 -21.25
CA GLU H 199 12.19 32.53 -20.10
C GLU H 199 11.60 32.03 -18.78
N ARG H 200 10.31 31.71 -18.76
CA ARG H 200 9.78 31.26 -17.46
C ARG H 200 9.81 29.75 -17.28
N ASP H 201 9.54 28.97 -18.32
CA ASP H 201 9.32 27.54 -18.16
C ASP H 201 10.64 26.77 -18.30
N GLY H 202 10.99 26.02 -17.25
CA GLY H 202 12.20 25.23 -17.27
C GLY H 202 12.21 24.12 -18.30
N SER H 203 11.04 23.67 -18.74
CA SER H 203 10.92 22.64 -19.76
C SER H 203 10.97 23.21 -21.18
N SER H 204 11.09 24.52 -21.33
CA SER H 204 11.17 25.16 -22.63
C SER H 204 12.46 25.95 -22.74
N GLY H 205 12.93 26.13 -23.96
CA GLY H 205 14.14 26.89 -24.20
C GLY H 205 14.72 26.55 -25.55
N GLY H 206 15.92 27.04 -25.77
CA GLY H 206 16.65 26.76 -27.00
C GLY H 206 16.41 27.84 -28.05
N VAL H 207 15.89 27.45 -29.20
CA VAL H 207 15.62 28.37 -30.29
C VAL H 207 14.12 28.39 -30.55
N ILE H 208 13.69 29.42 -31.26
CA ILE H 208 12.30 29.53 -31.69
C ILE H 208 12.22 29.13 -33.15
N ARG H 209 11.42 28.12 -33.46
CA ARG H 209 11.18 27.71 -34.83
C ARG H 209 9.81 28.23 -35.25
N LEU H 210 9.78 28.98 -36.36
CA LEU H 210 8.57 29.56 -36.88
C LEU H 210 8.31 29.07 -38.30
N ALA H 211 7.04 28.98 -38.65
CA ALA H 211 6.62 28.55 -39.98
C ALA H 211 5.38 29.34 -40.38
N ALA H 212 5.47 30.08 -41.48
CA ALA H 212 4.32 30.75 -42.05
C ALA H 212 3.81 29.94 -43.23
N ILE H 213 2.56 29.51 -43.16
CA ILE H 213 1.93 28.73 -44.22
C ILE H 213 0.87 29.61 -44.88
N ALA H 214 0.97 29.77 -46.18
CA ALA H 214 -0.03 30.44 -46.98
C ALA H 214 -0.18 29.67 -48.28
N GLU H 215 -1.04 30.18 -49.17
CA GLU H 215 -1.19 29.56 -50.48
C GLU H 215 0.11 29.46 -51.27
N PRO H 216 0.98 30.47 -51.33
CA PRO H 216 2.24 30.30 -52.08
C PRO H 216 3.15 29.21 -51.53
N GLY H 217 3.15 28.96 -50.23
CA GLY H 217 3.98 27.90 -49.71
C GLY H 217 4.25 28.08 -48.23
N VAL H 218 5.37 27.49 -47.79
CA VAL H 218 5.77 27.47 -46.39
C VAL H 218 7.10 28.19 -46.27
N GLU H 219 7.18 29.13 -45.33
CA GLU H 219 8.41 29.84 -45.02
C GLU H 219 8.80 29.52 -43.59
N ARG H 220 9.93 28.87 -43.41
CA ARG H 220 10.40 28.47 -42.09
C ARG H 220 11.59 29.33 -41.69
N GLN H 221 11.67 29.65 -40.40
CA GLN H 221 12.79 30.41 -39.90
C GLN H 221 13.11 29.98 -38.47
N VAL H 222 14.34 30.28 -38.06
CA VAL H 222 14.82 30.00 -36.71
C VAL H 222 15.29 31.31 -36.10
N LEU H 223 14.71 31.66 -34.96
CA LEU H 223 15.18 32.76 -34.14
C LEU H 223 16.08 32.19 -33.05
N LEU H 224 17.34 32.64 -33.03
CA LEU H 224 18.30 32.14 -32.06
C LEU H 224 19.17 33.28 -31.57
N GLY H 225 19.61 33.17 -30.32
CA GLY H 225 20.52 34.16 -29.78
C GLY H 225 19.86 35.50 -29.58
N ASP H 226 20.46 36.54 -30.15
CA ASP H 226 19.93 37.89 -30.01
C ASP H 226 18.70 38.12 -30.88
N GLN H 227 18.36 37.19 -31.77
CA GLN H 227 17.15 37.32 -32.56
C GLN H 227 15.91 37.06 -31.72
N ILE H 228 16.04 36.29 -30.64
CA ILE H 228 14.91 35.99 -29.76
C ILE H 228 14.50 37.27 -29.03
N PRO H 229 13.20 37.58 -28.95
CA PRO H 229 12.77 38.79 -28.24
C PRO H 229 13.25 38.77 -26.79
N LYS H 230 13.70 39.93 -26.33
CA LYS H 230 14.32 40.07 -25.02
C LYS H 230 13.42 40.92 -24.12
N PHE H 231 13.24 40.48 -22.89
CA PHE H 231 12.48 41.22 -21.89
C PHE H 231 13.34 41.34 -20.64
N THR H 232 13.66 42.57 -20.27
CA THR H 232 14.60 42.82 -19.18
C THR H 232 14.07 42.28 -17.86
N ILE H 233 14.95 41.65 -17.10
CA ILE H 233 14.58 41.20 -15.75
C ILE H 233 14.46 42.41 -14.83
N ALA H 234 13.38 42.47 -14.07
CA ALA H 234 13.16 43.59 -13.16
C ALA H 234 14.02 43.43 -11.92
N THR H 235 14.88 44.41 -11.67
CA THR H 235 15.80 44.41 -10.54
C THR H 235 15.45 45.55 -9.59
N LEU H 236 16.03 45.50 -8.40
CA LEU H 236 15.81 46.49 -7.34
C LEU H 236 14.34 46.57 -6.92
N THR I 44 28.01 2.39 -19.09
CA THR I 44 28.18 2.48 -20.53
C THR I 44 28.25 3.93 -21.01
N THR I 45 29.25 4.23 -21.81
CA THR I 45 29.33 5.49 -22.55
C THR I 45 29.43 5.17 -24.03
N ILE I 46 28.45 5.62 -24.80
CA ILE I 46 28.53 5.56 -26.26
C ILE I 46 28.30 6.97 -26.80
N ALA I 47 28.96 7.27 -27.91
CA ALA I 47 28.89 8.60 -28.48
C ALA I 47 29.04 8.52 -29.99
N GLY I 48 28.64 9.59 -30.67
CA GLY I 48 28.79 9.68 -32.10
C GLY I 48 28.78 11.12 -32.54
N VAL I 49 29.56 11.41 -33.59
CA VAL I 49 29.59 12.72 -34.21
C VAL I 49 29.50 12.60 -35.72
N VAL I 50 28.98 13.64 -36.34
CA VAL I 50 29.06 13.83 -37.79
C VAL I 50 30.23 14.76 -38.05
N TYR I 51 31.21 14.29 -38.81
CA TYR I 51 32.26 15.14 -39.31
C TYR I 51 32.10 15.29 -40.82
N LYS I 52 32.95 16.13 -41.41
CA LYS I 52 32.71 16.61 -42.76
C LYS I 52 32.61 15.48 -43.78
N ASP I 53 33.28 14.35 -43.54
CA ASP I 53 33.25 13.24 -44.48
C ASP I 53 32.44 12.05 -43.99
N GLY I 54 31.84 12.12 -42.79
CA GLY I 54 31.11 10.96 -42.34
C GLY I 54 30.76 10.93 -40.87
N ILE I 55 30.87 9.75 -40.27
CA ILE I 55 30.42 9.51 -38.91
C ILE I 55 31.57 8.90 -38.13
N VAL I 56 31.72 9.32 -36.88
CA VAL I 56 32.58 8.61 -35.93
C VAL I 56 31.70 8.15 -34.77
N LEU I 57 31.70 6.84 -34.52
CA LEU I 57 31.03 6.25 -33.38
C LEU I 57 32.08 5.77 -32.38
N GLY I 58 31.75 5.84 -31.11
CA GLY I 58 32.67 5.42 -30.07
C GLY I 58 31.92 4.80 -28.91
N ALA I 59 32.61 3.91 -28.22
CA ALA I 59 32.02 3.24 -27.07
C ALA I 59 33.11 2.83 -26.10
N ASP I 60 32.72 2.70 -24.83
CA ASP I 60 33.59 2.00 -23.90
C ASP I 60 33.34 0.49 -24.04
N THR I 61 34.13 -0.31 -23.30
CA THR I 61 34.06 -1.75 -23.45
C THR I 61 33.79 -2.49 -22.14
N ARG I 62 33.25 -1.82 -21.13
CA ARG I 62 32.96 -2.44 -19.85
C ARG I 62 31.49 -2.84 -19.78
N ALA I 63 31.23 -4.06 -19.32
CA ALA I 63 29.88 -4.53 -19.05
C ALA I 63 29.81 -5.00 -17.59
N THR I 64 29.01 -4.30 -16.79
CA THR I 64 28.88 -4.59 -15.37
C THR I 64 27.58 -5.35 -15.11
N GLU I 65 27.65 -6.29 -14.18
CA GLU I 65 26.47 -6.97 -13.64
C GLU I 65 26.29 -6.47 -12.21
N GLY I 66 25.31 -5.60 -12.01
CA GLY I 66 25.16 -4.93 -10.74
C GLY I 66 26.24 -3.89 -10.54
N MET I 67 27.11 -4.08 -9.55
CA MET I 67 28.25 -3.20 -9.32
C MET I 67 29.57 -3.95 -9.49
N VAL I 68 29.56 -5.07 -10.20
CA VAL I 68 30.74 -5.89 -10.42
C VAL I 68 30.99 -5.94 -11.91
N VAL I 69 32.25 -5.81 -12.30
CA VAL I 69 32.61 -5.88 -13.72
C VAL I 69 32.50 -7.32 -14.17
N ALA I 70 31.56 -7.61 -15.05
CA ALA I 70 31.43 -8.93 -15.65
C ALA I 70 32.35 -9.09 -16.85
N ASP I 71 32.23 -8.20 -17.84
CA ASP I 71 33.02 -8.25 -19.06
C ASP I 71 33.94 -7.04 -19.11
N LYS I 72 35.24 -7.29 -19.23
CA LYS I 72 36.19 -6.20 -19.39
C LYS I 72 36.31 -5.73 -20.83
N ASN I 73 35.99 -6.59 -21.80
CA ASN I 73 36.10 -6.23 -23.22
C ASN I 73 34.80 -6.59 -23.91
N CYS I 74 33.81 -5.71 -23.79
CA CYS I 74 32.50 -5.89 -24.39
C CYS I 74 32.43 -5.05 -25.67
N SER I 75 31.94 -5.65 -26.74
CA SER I 75 31.79 -4.95 -28.02
C SER I 75 30.40 -4.33 -28.06
N LYS I 76 30.34 -3.01 -28.06
CA LYS I 76 29.07 -2.29 -28.03
C LYS I 76 28.74 -1.60 -29.34
N ILE I 77 29.61 -1.67 -30.34
CA ILE I 77 29.34 -1.10 -31.65
C ILE I 77 28.94 -2.24 -32.59
N HIS I 78 27.69 -2.20 -33.07
CA HIS I 78 27.07 -3.32 -33.76
C HIS I 78 26.97 -3.04 -35.25
N PHE I 79 27.38 -4.02 -36.05
CA PHE I 79 27.15 -3.98 -37.48
C PHE I 79 25.65 -3.96 -37.78
N ILE I 80 25.24 -3.04 -38.63
CA ILE I 80 23.91 -3.04 -39.24
C ILE I 80 23.99 -3.41 -40.70
N SER I 81 24.88 -2.73 -41.43
CA SER I 81 25.13 -2.91 -42.84
C SER I 81 26.51 -2.38 -43.13
N PRO I 82 27.11 -2.71 -44.27
CA PRO I 82 28.49 -2.25 -44.53
C PRO I 82 28.66 -0.75 -44.44
N ASN I 83 27.59 0.03 -44.49
CA ASN I 83 27.66 1.47 -44.38
C ASN I 83 26.95 2.02 -43.15
N ILE I 84 26.33 1.17 -42.32
CA ILE I 84 25.56 1.61 -41.17
C ILE I 84 25.98 0.80 -39.96
N TYR I 85 26.27 1.49 -38.86
CA TYR I 85 26.61 0.85 -37.59
C TYR I 85 25.76 1.44 -36.48
N CYS I 86 25.79 0.77 -35.33
CA CYS I 86 24.95 1.17 -34.20
C CYS I 86 25.67 0.83 -32.91
N CYS I 87 25.85 1.83 -32.06
CA CYS I 87 26.25 1.61 -30.68
C CYS I 87 25.01 1.38 -29.84
N GLY I 88 25.14 0.54 -28.84
CA GLY I 88 24.01 0.17 -28.00
C GLY I 88 24.28 0.35 -26.52
N ALA I 89 23.25 0.80 -25.82
CA ALA I 89 23.20 0.91 -24.37
C ALA I 89 21.85 0.41 -23.90
N GLY I 90 21.69 0.31 -22.58
CA GLY I 90 20.48 -0.25 -22.03
C GLY I 90 20.62 -1.74 -21.79
N THR I 91 19.49 -2.43 -21.85
CA THR I 91 19.48 -3.88 -21.71
C THR I 91 20.25 -4.52 -22.86
N ALA I 92 21.35 -5.19 -22.51
CA ALA I 92 22.29 -5.66 -23.53
C ALA I 92 21.66 -6.71 -24.44
N ALA I 93 20.88 -7.63 -23.87
CA ALA I 93 20.20 -8.62 -24.69
C ALA I 93 19.22 -7.97 -25.66
N ASP I 94 18.47 -6.98 -25.18
CA ASP I 94 17.55 -6.25 -26.05
C ASP I 94 18.30 -5.56 -27.18
N THR I 95 19.42 -4.92 -26.87
CA THR I 95 20.21 -4.24 -27.88
C THR I 95 20.72 -5.21 -28.94
N ASP I 96 21.31 -6.32 -28.49
CA ASP I 96 21.86 -7.29 -29.44
C ASP I 96 20.76 -7.86 -30.32
N MET I 97 19.64 -8.25 -29.73
CA MET I 97 18.56 -8.87 -30.52
C MET I 97 17.95 -7.87 -31.49
N THR I 98 17.71 -6.63 -31.05
CA THR I 98 17.11 -5.63 -31.92
C THR I 98 18.03 -5.29 -33.08
N THR I 99 19.32 -5.10 -32.81
CA THR I 99 20.25 -4.79 -33.89
C THR I 99 20.41 -5.95 -34.85
N GLN I 100 20.43 -7.19 -34.34
CA GLN I 100 20.51 -8.36 -35.21
C GLN I 100 19.28 -8.45 -36.10
N LEU I 101 18.09 -8.23 -35.54
CA LEU I 101 16.87 -8.30 -36.33
C LEU I 101 16.85 -7.23 -37.41
N ILE I 102 17.23 -6.00 -37.07
CA ILE I 102 17.20 -4.93 -38.06
C ILE I 102 18.26 -5.15 -39.12
N SER I 103 19.45 -5.62 -38.72
CA SER I 103 20.48 -5.94 -39.68
C SER I 103 20.01 -7.00 -40.67
N SER I 104 19.33 -8.03 -40.17
CA SER I 104 18.79 -9.08 -41.03
C SER I 104 17.74 -8.52 -41.99
N ASN I 105 16.82 -7.69 -41.49
CA ASN I 105 15.78 -7.12 -42.34
C ASN I 105 16.37 -6.19 -43.39
N LEU I 106 17.37 -5.40 -43.02
CA LEU I 106 18.02 -4.52 -43.98
C LEU I 106 18.81 -5.29 -45.02
N GLU I 107 19.41 -6.43 -44.64
CA GLU I 107 20.06 -7.27 -45.63
C GLU I 107 19.05 -7.80 -46.64
N LEU I 108 17.89 -8.25 -46.16
CA LEU I 108 16.84 -8.67 -47.06
C LEU I 108 16.42 -7.54 -47.99
N HIS I 109 16.23 -6.34 -47.41
CA HIS I 109 15.83 -5.17 -48.18
C HIS I 109 16.85 -4.82 -49.25
N SER I 110 18.14 -4.88 -48.92
CA SER I 110 19.17 -4.49 -49.87
C SER I 110 19.38 -5.55 -50.93
N LEU I 111 19.19 -6.83 -50.59
CA LEU I 111 19.18 -7.86 -51.62
C LEU I 111 18.01 -7.66 -52.58
N SER I 112 16.84 -7.30 -52.05
CA SER I 112 15.67 -7.08 -52.89
C SER I 112 15.84 -5.88 -53.81
N THR I 113 16.31 -4.75 -53.27
CA THR I 113 16.44 -3.54 -54.08
C THR I 113 17.74 -3.48 -54.86
N GLY I 114 18.74 -4.27 -54.48
CA GLY I 114 20.04 -4.19 -55.14
C GLY I 114 20.78 -2.90 -54.88
N ARG I 115 20.35 -2.11 -53.91
CA ARG I 115 20.91 -0.80 -53.62
C ARG I 115 21.49 -0.79 -52.22
N LEU I 116 22.25 0.25 -51.94
CA LEU I 116 22.84 0.44 -50.62
C LEU I 116 21.77 0.84 -49.62
N PRO I 117 21.78 0.32 -48.40
CA PRO I 117 20.78 0.71 -47.42
C PRO I 117 20.93 2.17 -47.01
N ARG I 118 19.80 2.78 -46.68
CA ARG I 118 19.78 4.13 -46.14
C ARG I 118 19.69 4.10 -44.63
N VAL I 119 20.30 5.10 -43.99
CA VAL I 119 20.22 5.22 -42.54
C VAL I 119 18.78 5.50 -42.10
N VAL I 120 18.02 6.22 -42.92
CA VAL I 120 16.63 6.54 -42.57
C VAL I 120 15.80 5.27 -42.48
N THR I 121 16.08 4.28 -43.33
CA THR I 121 15.34 3.02 -43.27
C THR I 121 15.62 2.29 -41.96
N ALA I 122 16.89 2.19 -41.57
CA ALA I 122 17.23 1.56 -40.30
C ALA I 122 16.58 2.30 -39.15
N ASN I 123 16.61 3.63 -39.19
CA ASN I 123 15.97 4.43 -38.16
C ASN I 123 14.47 4.15 -38.07
N ARG I 124 13.80 4.11 -39.23
CA ARG I 124 12.35 3.91 -39.26
C ARG I 124 11.98 2.52 -38.74
N MET I 125 12.71 1.49 -39.19
CA MET I 125 12.45 0.13 -38.71
C MET I 125 12.65 0.05 -37.21
N LEU I 126 13.77 0.59 -36.72
CA LEU I 126 14.07 0.53 -35.30
C LEU I 126 13.02 1.26 -34.47
N LYS I 127 12.61 2.44 -34.90
CA LYS I 127 11.69 3.22 -34.09
C LYS I 127 10.28 2.62 -34.11
N GLN I 128 9.87 2.05 -35.25
CA GLN I 128 8.56 1.42 -35.27
C GLN I 128 8.54 0.16 -34.41
N MET I 129 9.61 -0.64 -34.48
CA MET I 129 9.69 -1.82 -33.63
C MET I 129 9.72 -1.45 -32.15
N LEU I 130 10.50 -0.43 -31.79
CA LEU I 130 10.60 -0.05 -30.38
C LEU I 130 9.30 0.57 -29.87
N PHE I 131 8.61 1.35 -30.70
CA PHE I 131 7.35 1.93 -30.28
C PHE I 131 6.29 0.86 -30.08
N ARG I 132 6.22 -0.12 -30.97
CA ARG I 132 5.20 -1.15 -30.81
C ARG I 132 5.37 -1.92 -29.51
N TYR I 133 6.57 -1.95 -28.94
CA TYR I 133 6.83 -2.64 -27.69
C TYR I 133 6.72 -1.73 -26.48
N GLN I 134 6.41 -0.45 -26.67
CA GLN I 134 6.05 0.47 -25.59
C GLN I 134 7.13 0.56 -24.52
N GLY I 135 8.40 0.58 -24.94
CA GLY I 135 9.50 0.73 -24.02
C GLY I 135 9.89 -0.53 -23.27
N TYR I 136 9.26 -1.67 -23.57
CA TYR I 136 9.64 -2.90 -22.86
C TYR I 136 10.95 -3.47 -23.37
N ILE I 137 11.22 -3.33 -24.66
CA ILE I 137 12.55 -3.62 -25.20
C ILE I 137 13.43 -2.43 -24.85
N GLY I 138 14.38 -2.63 -23.94
CA GLY I 138 15.19 -1.54 -23.43
C GLY I 138 16.47 -1.30 -24.21
N ALA I 139 16.33 -0.91 -25.47
CA ALA I 139 17.49 -0.64 -26.33
C ALA I 139 17.60 0.86 -26.53
N ALA I 140 18.74 1.42 -26.17
CA ALA I 140 19.06 2.81 -26.47
C ALA I 140 20.18 2.79 -27.48
N LEU I 141 19.98 3.45 -28.62
CA LEU I 141 20.85 3.24 -29.76
C LEU I 141 21.41 4.55 -30.28
N VAL I 142 22.65 4.50 -30.71
CA VAL I 142 23.26 5.55 -31.52
C VAL I 142 23.50 4.94 -32.88
N LEU I 143 22.74 5.38 -33.88
CA LEU I 143 22.75 4.79 -35.22
C LEU I 143 23.42 5.75 -36.18
N GLY I 144 24.51 5.32 -36.78
CA GLY I 144 25.28 6.18 -37.65
C GLY I 144 25.62 5.51 -38.96
N GLY I 145 25.47 6.25 -40.05
CA GLY I 145 25.80 5.67 -41.33
C GLY I 145 26.03 6.73 -42.38
N VAL I 146 26.53 6.27 -43.53
CA VAL I 146 26.71 7.11 -44.70
C VAL I 146 26.02 6.44 -45.87
N ASP I 147 25.06 7.13 -46.47
CA ASP I 147 24.36 6.58 -47.61
C ASP I 147 24.45 7.53 -48.79
N VAL I 148 23.63 7.30 -49.82
CA VAL I 148 23.68 8.15 -51.01
C VAL I 148 23.36 9.60 -50.66
N THR I 149 22.66 9.83 -49.54
CA THR I 149 22.29 11.19 -49.15
C THR I 149 23.36 11.83 -48.26
N GLY I 150 24.36 11.08 -47.82
CA GLY I 150 25.42 11.61 -47.00
C GLY I 150 25.48 10.94 -45.63
N PRO I 151 26.21 11.55 -44.71
CA PRO I 151 26.27 11.01 -43.34
C PRO I 151 25.04 11.40 -42.54
N HIS I 152 24.59 10.46 -41.71
CA HIS I 152 23.44 10.64 -40.84
C HIS I 152 23.69 9.99 -39.51
N LEU I 153 23.20 10.63 -38.45
CA LEU I 153 23.39 10.20 -37.08
C LEU I 153 22.08 10.37 -36.34
N TYR I 154 21.61 9.32 -35.70
CA TYR I 154 20.35 9.32 -34.97
C TYR I 154 20.59 8.79 -33.57
N SER I 155 19.87 9.35 -32.61
CA SER I 155 19.70 8.72 -31.30
C SER I 155 18.32 8.11 -31.26
N ILE I 156 18.21 6.91 -30.70
CA ILE I 156 16.97 6.17 -30.65
C ILE I 156 16.76 5.72 -29.21
N TYR I 157 15.64 6.02 -28.69
CA TYR I 157 15.30 5.76 -27.31
C TYR I 157 14.34 4.58 -27.19
N PRO I 158 14.37 3.87 -26.05
CA PRO I 158 13.63 2.61 -25.97
C PRO I 158 12.14 2.72 -26.21
N HIS I 159 11.52 3.87 -25.95
CA HIS I 159 10.10 4.02 -26.20
C HIS I 159 9.78 4.30 -27.66
N GLY I 160 10.78 4.52 -28.51
CA GLY I 160 10.55 4.70 -29.92
C GLY I 160 10.72 6.11 -30.46
N SER I 161 11.25 7.04 -29.67
CA SER I 161 11.52 8.39 -30.16
C SER I 161 12.94 8.45 -30.71
N THR I 162 13.11 9.25 -31.76
CA THR I 162 14.42 9.42 -32.38
C THR I 162 14.74 10.90 -32.50
N ASP I 163 16.04 11.19 -32.55
CA ASP I 163 16.55 12.53 -32.78
C ASP I 163 17.65 12.46 -33.83
N LYS I 164 17.57 13.32 -34.83
CA LYS I 164 18.61 13.41 -35.85
C LYS I 164 19.51 14.60 -35.50
N LEU I 165 20.73 14.32 -35.10
CA LEU I 165 21.60 15.32 -34.51
C LEU I 165 23.01 15.20 -35.05
N PRO I 166 23.82 16.27 -34.95
CA PRO I 166 25.22 16.17 -35.38
C PRO I 166 26.14 15.51 -34.36
N TYR I 167 25.74 15.42 -33.10
CA TYR I 167 26.48 14.65 -32.12
C TYR I 167 25.52 14.16 -31.05
N VAL I 168 25.73 12.94 -30.60
CA VAL I 168 24.85 12.31 -29.61
C VAL I 168 25.71 11.52 -28.63
N THR I 169 25.20 11.39 -27.41
CA THR I 169 25.76 10.51 -26.40
C THR I 169 24.65 9.72 -25.75
N MET I 170 25.01 8.57 -25.19
CA MET I 170 24.01 7.70 -24.60
C MET I 170 24.69 6.81 -23.55
N GLY I 171 23.89 6.34 -22.60
CA GLY I 171 24.38 5.52 -21.51
C GLY I 171 24.54 6.29 -20.21
N SER I 172 25.11 5.60 -19.23
CA SER I 172 25.27 6.21 -17.91
C SER I 172 26.37 7.27 -17.91
N GLY I 173 27.34 7.16 -18.80
CA GLY I 173 28.37 8.18 -18.92
C GLY I 173 28.03 9.23 -19.95
N SER I 174 26.78 9.26 -20.41
CA SER I 174 26.42 10.12 -21.53
C SER I 174 26.57 11.59 -21.21
N LEU I 175 26.36 11.99 -19.95
CA LEU I 175 26.43 13.41 -19.63
C LEU I 175 27.87 13.92 -19.63
N ALA I 176 28.83 13.10 -19.21
CA ALA I 176 30.24 13.50 -19.28
C ALA I 176 30.70 13.64 -20.73
N ALA I 177 30.37 12.65 -21.57
CA ALA I 177 30.70 12.71 -22.99
C ALA I 177 30.02 13.90 -23.66
N MET I 178 28.76 14.16 -23.30
CA MET I 178 28.05 15.32 -23.81
C MET I 178 28.72 16.62 -23.39
N ALA I 179 29.22 16.68 -22.15
CA ALA I 179 29.95 17.87 -21.72
C ALA I 179 31.16 18.10 -22.59
N VAL I 180 31.90 17.03 -22.90
CA VAL I 180 33.03 17.14 -23.81
C VAL I 180 32.58 17.68 -25.17
N PHE I 181 31.48 17.13 -25.69
CA PHE I 181 31.00 17.55 -27.01
C PHE I 181 30.60 19.02 -27.01
N GLU I 182 29.83 19.45 -26.02
CA GLU I 182 29.38 20.84 -25.97
C GLU I 182 30.54 21.79 -25.75
N ASP I 183 31.62 21.31 -25.11
CA ASP I 183 32.79 22.16 -24.96
C ASP I 183 33.60 22.25 -26.25
N LYS I 184 33.69 21.16 -27.02
CA LYS I 184 34.71 21.08 -28.06
C LYS I 184 34.22 20.74 -29.47
N PHE I 185 32.93 20.49 -29.68
CA PHE I 185 32.47 20.14 -31.02
C PHE I 185 32.48 21.35 -31.94
N ARG I 186 32.88 21.14 -33.18
CA ARG I 186 32.77 22.11 -34.24
C ARG I 186 32.26 21.40 -35.50
N PRO I 187 31.45 22.07 -36.30
CA PRO I 187 30.97 21.43 -37.53
C PRO I 187 32.08 21.25 -38.54
N ASP I 188 31.92 20.23 -39.38
CA ASP I 188 32.84 19.93 -40.49
C ASP I 188 34.26 19.70 -40.01
N MET I 189 34.41 18.98 -38.90
CA MET I 189 35.71 18.56 -38.44
C MET I 189 36.34 17.57 -39.44
N GLU I 190 37.67 17.52 -39.42
CA GLU I 190 38.40 16.50 -40.15
C GLU I 190 38.31 15.15 -39.43
N GLU I 191 38.71 14.09 -40.13
CA GLU I 191 38.57 12.75 -39.58
C GLU I 191 39.40 12.57 -38.31
N GLU I 192 40.65 13.03 -38.32
CA GLU I 192 41.51 12.88 -37.15
C GLU I 192 40.98 13.71 -35.97
N GLU I 193 40.52 14.93 -36.26
CA GLU I 193 39.94 15.76 -35.21
C GLU I 193 38.70 15.10 -34.61
N ALA I 194 37.85 14.52 -35.46
CA ALA I 194 36.65 13.86 -34.97
C ALA I 194 36.99 12.63 -34.13
N LYS I 195 37.98 11.86 -34.56
CA LYS I 195 38.40 10.70 -33.77
C LYS I 195 38.93 11.12 -32.41
N LYS I 196 39.75 12.17 -32.37
CA LYS I 196 40.25 12.64 -31.08
C LYS I 196 39.10 13.13 -30.18
N LEU I 197 38.13 13.84 -30.76
CA LEU I 197 37.02 14.35 -29.97
C LEU I 197 36.17 13.22 -29.40
N VAL I 198 35.86 12.21 -30.21
CA VAL I 198 35.04 11.10 -29.73
C VAL I 198 35.79 10.29 -28.69
N SER I 199 37.11 10.08 -28.89
CA SER I 199 37.88 9.38 -27.87
C SER I 199 37.91 10.17 -26.57
N GLU I 200 37.99 11.50 -26.64
CA GLU I 200 37.95 12.32 -25.44
C GLU I 200 36.60 12.18 -24.72
N ALA I 201 35.50 12.18 -25.48
CA ALA I 201 34.19 12.03 -24.85
C ALA I 201 34.04 10.67 -24.18
N ILE I 202 34.49 9.61 -24.85
CA ILE I 202 34.43 8.28 -24.25
C ILE I 202 35.31 8.22 -23.00
N ALA I 203 36.49 8.84 -23.06
CA ALA I 203 37.38 8.86 -21.89
C ALA I 203 36.75 9.58 -20.71
N ALA I 204 36.03 10.67 -20.97
CA ALA I 204 35.33 11.36 -19.90
C ALA I 204 34.29 10.45 -19.26
N GLY I 205 33.52 9.74 -20.08
CA GLY I 205 32.61 8.74 -19.55
C GLY I 205 33.32 7.67 -18.74
N ILE I 206 34.48 7.23 -19.21
CA ILE I 206 35.20 6.14 -18.58
C ILE I 206 35.73 6.57 -17.22
N PHE I 207 36.25 7.79 -17.12
CA PHE I 207 36.89 8.25 -15.90
C PHE I 207 35.95 8.96 -14.94
N ASN I 208 34.68 9.14 -15.30
CA ASN I 208 33.76 9.77 -14.36
C ASN I 208 32.51 8.98 -14.07
N ASP I 209 32.16 7.98 -14.87
CA ASP I 209 31.00 7.15 -14.65
C ASP I 209 31.45 5.79 -14.14
N LEU I 210 30.89 5.35 -13.02
CA LEU I 210 31.30 4.07 -12.44
C LEU I 210 30.93 2.89 -13.32
N GLY I 211 29.89 3.03 -14.14
CA GLY I 211 29.47 1.97 -15.04
C GLY I 211 30.21 1.88 -16.35
N SER I 212 31.23 2.72 -16.56
CA SER I 212 32.02 2.69 -17.78
C SER I 212 33.48 2.44 -17.43
N GLY I 213 34.22 1.87 -18.38
CA GLY I 213 35.63 1.65 -18.16
C GLY I 213 36.27 0.87 -19.29
N SER I 214 37.51 0.46 -19.04
CA SER I 214 38.34 -0.33 -19.94
C SER I 214 38.74 0.45 -21.19
N ASN I 215 38.47 -0.09 -22.36
CA ASN I 215 39.02 0.41 -23.61
C ASN I 215 38.03 1.35 -24.31
N ILE I 216 38.57 2.12 -25.25
CA ILE I 216 37.79 2.95 -26.16
C ILE I 216 37.78 2.27 -27.52
N ASP I 217 36.59 2.02 -28.05
CA ASP I 217 36.41 1.47 -29.39
C ASP I 217 35.83 2.54 -30.29
N LEU I 218 36.35 2.63 -31.51
CA LEU I 218 35.88 3.59 -32.50
C LEU I 218 35.41 2.86 -33.74
N CYS I 219 34.51 3.51 -34.47
CA CYS I 219 34.10 3.08 -35.80
C CYS I 219 33.96 4.34 -36.66
N VAL I 220 34.81 4.47 -37.66
CA VAL I 220 34.78 5.59 -38.59
C VAL I 220 34.10 5.12 -39.87
N ILE I 221 33.08 5.83 -40.29
CA ILE I 221 32.33 5.52 -41.51
C ILE I 221 32.41 6.72 -42.44
N SER I 222 32.82 6.46 -43.67
CA SER I 222 32.74 7.45 -44.74
C SER I 222 32.19 6.76 -45.98
N LYS I 223 32.01 7.52 -47.05
CA LYS I 223 31.48 6.93 -48.27
C LYS I 223 32.47 5.97 -48.92
N SER I 224 33.75 6.05 -48.58
CA SER I 224 34.77 5.25 -49.22
C SER I 224 35.40 4.19 -48.34
N LYS I 225 35.16 4.21 -47.02
CA LYS I 225 35.83 3.25 -46.16
C LYS I 225 35.07 3.10 -44.84
N LEU I 226 35.36 2.01 -44.14
CA LEU I 226 34.87 1.79 -42.79
C LEU I 226 36.00 1.24 -41.94
N ASP I 227 36.40 1.98 -40.92
CA ASP I 227 37.47 1.61 -40.00
C ASP I 227 36.85 1.21 -38.66
N PHE I 228 36.93 -0.07 -38.33
CA PHE I 228 36.45 -0.58 -37.05
C PHE I 228 37.67 -0.73 -36.14
N LEU I 229 37.95 0.31 -35.36
CA LEU I 229 39.15 0.37 -34.54
C LEU I 229 38.83 -0.15 -33.15
N ARG I 230 39.20 -1.40 -32.89
CA ARG I 230 38.90 -2.06 -31.64
C ARG I 230 40.10 -2.85 -31.15
N PRO I 231 40.78 -2.39 -30.09
CA PRO I 231 40.56 -1.13 -29.37
C PRO I 231 41.22 0.05 -30.07
N TYR I 232 40.64 1.24 -29.95
CA TYR I 232 41.32 2.44 -30.44
C TYR I 232 42.30 2.98 -29.40
N SER I 233 41.93 2.93 -28.12
CA SER I 233 42.79 3.36 -27.03
C SER I 233 42.66 2.36 -25.89
N VAL I 234 43.71 2.25 -25.10
CA VAL I 234 43.71 1.42 -23.90
C VAL I 234 44.17 2.31 -22.74
N PRO I 235 43.29 3.14 -22.19
CA PRO I 235 43.71 4.03 -21.10
C PRO I 235 43.87 3.36 -19.75
N ASN I 236 43.36 2.14 -19.58
CA ASN I 236 43.45 1.41 -18.33
C ASN I 236 44.08 0.06 -18.55
N LYS I 237 44.94 -0.35 -17.63
CA LYS I 237 45.54 -1.68 -17.63
C LYS I 237 45.54 -2.22 -16.21
N LYS I 238 45.55 -3.55 -16.11
CA LYS I 238 45.66 -4.18 -14.80
C LYS I 238 47.01 -3.86 -14.18
N GLY I 239 47.01 -3.57 -12.88
CA GLY I 239 48.25 -3.26 -12.19
C GLY I 239 49.22 -4.42 -12.20
N THR I 240 50.50 -4.10 -12.21
CA THR I 240 51.55 -5.11 -12.25
C THR I 240 51.59 -5.89 -10.95
N ARG I 241 51.73 -7.21 -11.05
CA ARG I 241 51.69 -8.07 -9.87
C ARG I 241 52.99 -7.98 -9.08
N PHE I 242 52.89 -7.70 -7.79
CA PHE I 242 54.06 -7.63 -6.93
C PHE I 242 54.41 -8.97 -6.28
N GLY I 243 53.53 -9.97 -6.38
CA GLY I 243 53.79 -11.24 -5.75
C GLY I 243 53.47 -12.44 -6.62
N ARG I 244 53.50 -13.63 -6.02
CA ARG I 244 53.31 -14.89 -6.74
C ARG I 244 52.49 -15.82 -5.86
N TYR I 245 51.21 -15.97 -6.17
CA TYR I 245 50.36 -16.84 -5.38
C TYR I 245 50.81 -18.29 -5.51
N ARG I 246 50.60 -19.04 -4.42
CA ARG I 246 50.95 -20.45 -4.40
C ARG I 246 49.94 -21.22 -5.23
N CYS I 247 50.39 -21.77 -6.35
CA CYS I 247 49.54 -22.54 -7.25
C CYS I 247 50.41 -23.65 -7.84
N GLU I 248 50.35 -24.83 -7.24
CA GLU I 248 51.28 -25.90 -7.56
C GLU I 248 50.52 -27.20 -7.81
N LYS I 249 51.11 -28.06 -8.62
CA LYS I 249 50.56 -29.39 -8.83
C LYS I 249 50.53 -30.16 -7.51
N GLY I 250 49.45 -30.89 -7.29
CA GLY I 250 49.26 -31.65 -6.07
C GLY I 250 48.62 -30.90 -4.92
N THR I 251 48.34 -29.61 -5.09
CA THR I 251 47.76 -28.82 -3.99
C THR I 251 46.33 -29.25 -3.68
N ASN I 252 45.62 -29.81 -4.66
CA ASN I 252 44.21 -30.10 -4.51
C ASN I 252 43.99 -31.60 -4.31
N ALA I 253 43.28 -31.94 -3.23
CA ALA I 253 42.96 -33.33 -2.95
C ALA I 253 41.77 -33.78 -3.78
N VAL I 254 41.83 -35.02 -4.27
CA VAL I 254 40.86 -35.55 -5.23
C VAL I 254 40.22 -36.81 -4.65
N LEU I 255 38.89 -36.84 -4.63
CA LEU I 255 38.18 -38.04 -4.19
C LEU I 255 38.12 -39.09 -5.28
N THR I 256 37.52 -38.76 -6.42
CA THR I 256 37.38 -39.69 -7.53
C THR I 256 37.93 -39.07 -8.81
N GLU I 257 38.29 -39.93 -9.75
CA GLU I 257 38.84 -39.52 -11.03
C GLU I 257 38.35 -40.47 -12.11
N LYS I 258 38.05 -39.91 -13.28
CA LYS I 258 37.56 -40.69 -14.42
C LYS I 258 38.09 -40.08 -15.69
N VAL I 259 38.83 -40.86 -16.48
CA VAL I 259 39.44 -40.39 -17.71
C VAL I 259 38.77 -41.11 -18.87
N THR I 260 38.13 -40.34 -19.75
CA THR I 260 37.52 -40.88 -20.96
C THR I 260 38.39 -40.50 -22.15
N THR I 261 38.87 -41.50 -22.88
CA THR I 261 39.70 -41.27 -24.04
C THR I 261 38.84 -40.97 -25.26
N LEU I 262 39.19 -39.92 -25.99
CA LEU I 262 38.45 -39.51 -27.17
C LEU I 262 39.15 -40.01 -28.43
N GLU I 263 38.35 -40.46 -29.40
CA GLU I 263 38.90 -41.00 -30.64
C GLU I 263 39.19 -39.89 -31.63
N SER J 2 16.79 -12.96 -5.72
CA SER J 2 16.06 -13.78 -4.76
C SER J 2 15.61 -15.10 -5.38
N ILE J 3 14.96 -15.01 -6.54
CA ILE J 3 14.49 -16.22 -7.22
C ILE J 3 15.68 -17.05 -7.70
N MET J 4 16.70 -16.40 -8.27
CA MET J 4 17.88 -17.11 -8.74
C MET J 4 18.63 -17.79 -7.60
N SER J 5 18.47 -17.31 -6.37
CA SER J 5 19.16 -17.85 -5.22
C SER J 5 18.33 -18.89 -4.47
N TYR J 6 17.18 -19.27 -5.02
CA TYR J 6 16.28 -20.18 -4.30
C TYR J 6 16.93 -21.53 -4.04
N ASN J 7 17.65 -22.05 -5.02
CA ASN J 7 18.31 -23.35 -4.88
C ASN J 7 19.82 -23.26 -4.71
N GLY J 8 20.41 -22.08 -4.82
CA GLY J 8 21.84 -21.96 -4.77
C GLY J 8 22.51 -22.56 -6.01
N GLY J 9 23.83 -22.69 -5.91
CA GLY J 9 24.58 -23.30 -6.99
C GLY J 9 25.64 -22.40 -7.59
N ALA J 10 26.72 -23.00 -8.10
CA ALA J 10 27.83 -22.25 -8.64
C ALA J 10 28.49 -23.05 -9.75
N VAL J 11 28.76 -22.39 -10.88
CA VAL J 11 29.41 -22.98 -12.04
C VAL J 11 30.51 -22.02 -12.50
N MET J 12 31.61 -22.57 -13.01
CA MET J 12 32.75 -21.78 -13.44
C MET J 12 33.44 -22.47 -14.61
N ALA J 13 33.84 -21.69 -15.62
CA ALA J 13 34.64 -22.23 -16.71
C ALA J 13 35.90 -21.38 -16.89
N MET J 14 36.96 -22.04 -17.33
CA MET J 14 38.29 -21.47 -17.36
C MET J 14 39.04 -21.98 -18.57
N LYS J 15 39.85 -21.11 -19.18
CA LYS J 15 40.56 -21.42 -20.41
C LYS J 15 42.01 -21.76 -20.13
N GLY J 16 42.48 -22.87 -20.70
CA GLY J 16 43.88 -23.23 -20.68
C GLY J 16 44.54 -23.00 -22.03
N LYS J 17 45.76 -23.50 -22.15
CA LYS J 17 46.53 -23.30 -23.39
C LYS J 17 45.84 -23.99 -24.57
N ASN J 18 45.54 -25.28 -24.44
CA ASN J 18 44.82 -26.01 -25.48
C ASN J 18 43.72 -26.85 -24.84
N CYS J 19 43.11 -26.34 -23.78
CA CYS J 19 42.19 -27.11 -22.96
C CYS J 19 41.23 -26.16 -22.28
N VAL J 20 40.12 -26.72 -21.81
CA VAL J 20 39.15 -25.95 -21.02
C VAL J 20 38.83 -26.72 -19.76
N ALA J 21 38.33 -26.00 -18.77
CA ALA J 21 37.90 -26.59 -17.52
C ALA J 21 36.54 -26.01 -17.17
N ILE J 22 35.66 -26.86 -16.64
CA ILE J 22 34.36 -26.44 -16.16
C ILE J 22 34.07 -27.16 -14.85
N ALA J 23 33.65 -26.42 -13.83
CA ALA J 23 33.46 -26.95 -12.50
C ALA J 23 32.15 -26.45 -11.93
N ALA J 24 31.51 -27.30 -11.13
CA ALA J 24 30.26 -26.92 -10.50
C ALA J 24 30.20 -27.47 -9.08
N ASP J 25 29.48 -26.76 -8.22
CA ASP J 25 29.10 -27.33 -6.94
C ASP J 25 28.04 -28.41 -7.15
N ARG J 26 27.84 -29.24 -6.13
CA ARG J 26 27.00 -30.42 -6.28
C ARG J 26 25.76 -30.41 -5.40
N ARG J 27 25.54 -29.36 -4.62
CA ARG J 27 24.42 -29.32 -3.69
C ARG J 27 23.11 -29.05 -4.43
N PHE J 28 22.08 -29.83 -4.11
CA PHE J 28 20.71 -29.44 -4.41
C PHE J 28 20.00 -29.21 -3.10
N GLY J 29 19.49 -27.99 -2.92
CA GLY J 29 18.78 -27.64 -1.71
C GLY J 29 17.69 -26.65 -2.00
N ILE J 30 16.77 -26.52 -1.05
CA ILE J 30 15.65 -25.59 -1.14
C ILE J 30 15.80 -24.60 0.01
N GLN J 31 16.14 -23.36 -0.33
CA GLN J 31 16.47 -22.30 0.64
C GLN J 31 17.58 -22.84 1.54
N ALA J 32 17.42 -22.86 2.86
CA ALA J 32 18.49 -23.27 3.75
C ALA J 32 18.64 -24.78 3.86
N GLN J 33 17.65 -25.56 3.43
CA GLN J 33 17.68 -27.00 3.62
C GLN J 33 18.34 -27.70 2.44
N MET J 34 19.35 -28.51 2.72
CA MET J 34 19.94 -29.37 1.71
C MET J 34 19.05 -30.59 1.49
N VAL J 35 18.84 -30.96 0.23
CA VAL J 35 18.09 -32.15 -0.14
C VAL J 35 19.02 -33.26 -0.62
N THR J 36 19.85 -32.99 -1.63
CA THR J 36 20.83 -33.95 -2.11
C THR J 36 22.18 -33.28 -2.31
N THR J 37 23.21 -34.09 -2.55
CA THR J 37 24.57 -33.61 -2.72
C THR J 37 25.19 -34.08 -4.03
N ASP J 38 24.39 -34.55 -4.99
CA ASP J 38 24.93 -34.98 -6.27
C ASP J 38 24.09 -34.48 -7.44
N PHE J 39 23.51 -33.29 -7.31
CA PHE J 39 22.72 -32.70 -8.37
C PHE J 39 23.60 -32.35 -9.56
N GLN J 40 23.20 -32.76 -10.76
CA GLN J 40 24.00 -32.52 -11.95
C GLN J 40 23.70 -31.13 -12.50
N LYS J 41 24.75 -30.33 -12.65
CA LYS J 41 24.65 -29.02 -13.26
C LYS J 41 25.44 -28.88 -14.56
N ILE J 42 26.29 -29.84 -14.88
CA ILE J 42 27.13 -29.79 -16.08
C ILE J 42 26.70 -30.93 -17.00
N PHE J 43 26.27 -30.56 -18.21
CA PHE J 43 25.73 -31.49 -19.19
C PHE J 43 26.61 -31.49 -20.43
N PRO J 44 26.94 -32.66 -20.98
CA PRO J 44 27.69 -32.70 -22.23
C PRO J 44 26.80 -32.41 -23.42
N MET J 45 27.25 -31.53 -24.30
CA MET J 45 26.56 -31.21 -25.55
C MET J 45 27.40 -31.60 -26.76
N GLY J 46 28.28 -32.57 -26.60
CA GLY J 46 29.21 -32.95 -27.64
C GLY J 46 30.39 -33.67 -27.02
N ASP J 47 31.28 -34.13 -27.90
CA ASP J 47 32.46 -34.85 -27.43
C ASP J 47 33.34 -33.94 -26.59
N ARG J 48 33.48 -32.68 -26.98
CA ARG J 48 34.36 -31.73 -26.31
C ARG J 48 33.62 -30.45 -25.98
N LEU J 49 32.34 -30.54 -25.63
CA LEU J 49 31.52 -29.36 -25.39
C LEU J 49 30.60 -29.61 -24.21
N TYR J 50 30.63 -28.73 -23.22
CA TYR J 50 29.84 -28.88 -22.01
C TYR J 50 29.16 -27.57 -21.68
N ILE J 51 27.97 -27.67 -21.10
CA ILE J 51 27.23 -26.50 -20.62
C ILE J 51 26.91 -26.71 -19.15
N GLY J 52 27.25 -25.72 -18.33
CA GLY J 52 26.92 -25.72 -16.91
C GLY J 52 25.83 -24.70 -16.63
N LEU J 53 24.87 -25.08 -15.80
CA LEU J 53 23.70 -24.27 -15.56
C LEU J 53 23.57 -24.00 -14.07
N ALA J 54 23.47 -22.73 -13.71
CA ALA J 54 23.17 -22.31 -12.36
C ALA J 54 21.88 -21.51 -12.35
N GLY J 55 21.23 -21.49 -11.20
CA GLY J 55 19.92 -20.86 -11.09
C GLY J 55 18.90 -21.82 -10.53
N LEU J 56 17.61 -21.58 -10.81
CA LEU J 56 16.56 -22.48 -10.35
C LEU J 56 16.80 -23.89 -10.88
N ALA J 57 16.71 -24.88 -10.00
CA ALA J 57 17.00 -26.25 -10.39
C ALA J 57 15.99 -26.75 -11.43
N THR J 58 14.74 -26.33 -11.30
CA THR J 58 13.73 -26.71 -12.28
C THR J 58 14.08 -26.14 -13.65
N ASP J 59 14.55 -24.89 -13.70
CA ASP J 59 14.95 -24.30 -14.97
C ASP J 59 16.28 -24.86 -15.46
N VAL J 60 17.17 -25.25 -14.54
CA VAL J 60 18.37 -25.98 -14.94
C VAL J 60 17.99 -27.22 -15.73
N GLN J 61 17.10 -28.03 -15.17
CA GLN J 61 16.71 -29.27 -15.82
C GLN J 61 15.93 -29.03 -17.11
N THR J 62 15.00 -28.08 -17.08
CA THR J 62 14.19 -27.77 -18.26
C THR J 62 15.05 -27.27 -19.41
N VAL J 63 15.96 -26.33 -19.13
CA VAL J 63 16.79 -25.76 -20.18
C VAL J 63 17.76 -26.80 -20.72
N ALA J 64 18.34 -27.63 -19.84
CA ALA J 64 19.22 -28.68 -20.33
C ALA J 64 18.49 -29.63 -21.26
N GLN J 65 17.26 -30.01 -20.90
CA GLN J 65 16.51 -30.95 -21.73
C GLN J 65 16.06 -30.33 -23.04
N ARG J 66 15.64 -29.06 -23.03
CA ARG J 66 15.21 -28.41 -24.27
C ARG J 66 16.39 -28.14 -25.18
N LEU J 67 17.53 -27.78 -24.61
CA LEU J 67 18.75 -27.63 -25.39
C LEU J 67 19.17 -28.97 -26.00
N LYS J 68 19.02 -30.06 -25.25
CA LYS J 68 19.35 -31.37 -25.81
C LYS J 68 18.41 -31.73 -26.96
N PHE J 69 17.12 -31.45 -26.80
CA PHE J 69 16.16 -31.55 -27.90
C PHE J 69 16.66 -30.85 -29.17
N ARG J 70 16.93 -29.54 -29.05
CA ARG J 70 17.31 -28.75 -30.21
C ARG J 70 18.66 -29.18 -30.78
N LEU J 71 19.61 -29.52 -29.91
CA LEU J 71 20.93 -29.94 -30.37
C LEU J 71 20.87 -31.26 -31.10
N ASN J 72 20.09 -32.22 -30.60
CA ASN J 72 19.93 -33.49 -31.31
C ASN J 72 19.31 -33.26 -32.67
N LEU J 73 18.28 -32.42 -32.76
CA LEU J 73 17.70 -32.14 -34.06
C LEU J 73 18.72 -31.49 -34.99
N TYR J 74 19.49 -30.53 -34.48
CA TYR J 74 20.51 -29.88 -35.29
C TYR J 74 21.51 -30.88 -35.83
N GLU J 75 22.04 -31.75 -34.96
CA GLU J 75 23.06 -32.70 -35.37
C GLU J 75 22.51 -33.83 -36.21
N LEU J 76 21.19 -34.03 -36.25
CA LEU J 76 20.65 -34.94 -37.24
C LEU J 76 20.44 -34.27 -38.59
N LYS J 77 19.92 -33.04 -38.60
CA LYS J 77 19.73 -32.33 -39.86
C LYS J 77 21.06 -32.05 -40.55
N GLU J 78 22.04 -31.57 -39.80
CA GLU J 78 23.40 -31.39 -40.29
C GLU J 78 24.23 -32.55 -39.77
N GLY J 79 24.92 -33.25 -40.66
CA GLY J 79 25.69 -34.39 -40.22
C GLY J 79 27.00 -34.03 -39.56
N ARG J 80 26.97 -33.07 -38.64
CA ARG J 80 28.18 -32.59 -37.98
C ARG J 80 27.88 -32.30 -36.52
N GLN J 81 28.94 -32.17 -35.74
CA GLN J 81 28.82 -31.72 -34.35
C GLN J 81 28.77 -30.20 -34.30
N ILE J 82 28.00 -29.67 -33.36
CA ILE J 82 27.84 -28.24 -33.24
C ILE J 82 29.13 -27.60 -32.74
N LYS J 83 29.41 -26.41 -33.23
CA LYS J 83 30.54 -25.65 -32.71
C LYS J 83 30.13 -24.90 -31.45
N PRO J 84 31.08 -24.62 -30.56
CA PRO J 84 30.74 -23.89 -29.33
C PRO J 84 30.10 -22.52 -29.57
N TYR J 85 30.53 -21.79 -30.59
CA TYR J 85 29.87 -20.51 -30.89
C TYR J 85 28.43 -20.73 -31.33
N THR J 86 28.20 -21.72 -32.18
CA THR J 86 26.85 -22.04 -32.60
C THR J 86 25.99 -22.49 -31.42
N LEU J 87 26.56 -23.28 -30.51
CA LEU J 87 25.81 -23.67 -29.33
C LEU J 87 25.46 -22.46 -28.48
N MET J 88 26.39 -21.51 -28.35
CA MET J 88 26.09 -20.29 -27.60
C MET J 88 24.96 -19.51 -28.24
N SER J 89 24.97 -19.39 -29.57
CA SER J 89 23.89 -18.70 -30.27
C SER J 89 22.56 -19.43 -30.10
N MET J 90 22.57 -20.75 -30.17
CA MET J 90 21.36 -21.54 -29.97
C MET J 90 20.80 -21.35 -28.55
N VAL J 91 21.69 -21.35 -27.55
CA VAL J 91 21.25 -21.12 -26.18
C VAL J 91 20.68 -19.71 -26.02
N ALA J 92 21.32 -18.72 -26.63
CA ALA J 92 20.83 -17.34 -26.53
C ALA J 92 19.46 -17.21 -27.16
N ASN J 93 19.25 -17.85 -28.32
CA ASN J 93 17.94 -17.84 -28.96
C ASN J 93 16.89 -18.51 -28.08
N LEU J 94 17.24 -19.65 -27.48
CA LEU J 94 16.30 -20.33 -26.57
C LEU J 94 15.94 -19.45 -25.38
N LEU J 95 16.92 -18.77 -24.80
CA LEU J 95 16.64 -17.92 -23.64
C LEU J 95 15.85 -16.68 -24.03
N TYR J 96 16.16 -16.08 -25.18
CA TYR J 96 15.46 -14.86 -25.58
C TYR J 96 14.05 -15.13 -26.04
N GLU J 97 13.74 -16.35 -26.47
CA GLU J 97 12.36 -16.69 -26.77
C GLU J 97 11.45 -16.49 -25.56
N LYS J 98 12.01 -16.52 -24.36
CA LYS J 98 11.27 -16.29 -23.12
C LYS J 98 11.63 -14.94 -22.50
N ARG J 99 11.79 -13.91 -23.33
CA ARG J 99 12.28 -12.61 -22.87
C ARG J 99 11.47 -12.06 -21.71
N PHE J 100 10.16 -12.24 -21.72
CA PHE J 100 9.30 -11.71 -20.68
C PHE J 100 8.83 -12.76 -19.69
N GLY J 101 9.05 -14.04 -19.99
CA GLY J 101 8.77 -15.13 -19.07
C GLY J 101 9.99 -15.97 -18.76
N PRO J 102 11.11 -15.33 -18.43
CA PRO J 102 12.42 -16.00 -18.58
C PRO J 102 12.62 -17.24 -17.74
N TYR J 103 13.42 -18.15 -18.28
CA TYR J 103 14.02 -19.20 -17.48
C TYR J 103 15.04 -18.59 -16.53
N TYR J 104 15.06 -19.07 -15.29
CA TYR J 104 15.95 -18.53 -14.28
C TYR J 104 17.22 -19.35 -14.17
N THR J 105 17.98 -19.34 -15.27
CA THR J 105 19.28 -19.98 -15.33
C THR J 105 20.25 -19.08 -16.07
N GLU J 106 21.50 -19.14 -15.67
CA GLU J 106 22.57 -18.42 -16.36
C GLU J 106 23.61 -19.40 -16.85
N PRO J 107 23.58 -19.76 -18.13
CA PRO J 107 24.46 -20.83 -18.62
C PRO J 107 25.91 -20.38 -18.78
N VAL J 108 26.79 -21.36 -18.69
CA VAL J 108 28.21 -21.23 -18.95
C VAL J 108 28.57 -22.33 -19.94
N ILE J 109 29.32 -21.99 -20.97
CA ILE J 109 29.68 -22.94 -22.02
C ILE J 109 31.19 -23.05 -22.08
N ALA J 110 31.70 -24.29 -22.03
CA ALA J 110 33.12 -24.55 -22.16
C ALA J 110 33.32 -25.65 -23.20
N GLY J 111 34.21 -25.43 -24.16
CA GLY J 111 34.41 -26.46 -25.15
C GLY J 111 35.65 -26.22 -25.98
N LEU J 112 35.93 -27.17 -26.86
CA LEU J 112 36.96 -27.04 -27.87
C LEU J 112 36.30 -27.05 -29.24
N ASP J 113 36.84 -26.25 -30.15
CA ASP J 113 36.32 -26.22 -31.51
C ASP J 113 36.49 -27.59 -32.16
N PRO J 114 35.44 -28.19 -32.69
CA PRO J 114 35.63 -29.41 -33.49
C PRO J 114 36.50 -29.10 -34.69
N LYS J 115 37.43 -30.02 -34.99
CA LYS J 115 38.35 -29.92 -36.11
C LYS J 115 39.40 -28.82 -35.94
N THR J 116 39.29 -28.03 -34.88
CA THR J 116 40.27 -26.99 -34.58
C THR J 116 40.81 -27.06 -33.16
N PHE J 117 39.98 -27.45 -32.19
CA PHE J 117 40.39 -27.67 -30.80
C PHE J 117 40.86 -26.38 -30.13
N LYS J 118 40.35 -25.25 -30.58
CA LYS J 118 40.66 -24.00 -29.91
C LYS J 118 39.70 -23.80 -28.74
N PRO J 119 40.21 -23.56 -27.53
CA PRO J 119 39.32 -23.42 -26.38
C PRO J 119 38.34 -22.27 -26.53
N PHE J 120 37.12 -22.49 -26.08
CA PHE J 120 36.04 -21.52 -26.10
C PHE J 120 35.34 -21.57 -24.76
N ILE J 121 35.14 -20.40 -24.15
CA ILE J 121 34.29 -20.29 -22.97
C ILE J 121 33.38 -19.09 -23.17
N CYS J 122 32.21 -19.16 -22.58
CA CYS J 122 31.27 -18.05 -22.62
C CYS J 122 30.31 -18.18 -21.46
N SER J 123 29.63 -17.09 -21.17
CA SER J 123 28.52 -17.09 -20.23
C SER J 123 27.34 -16.33 -20.85
N LEU J 124 26.14 -16.64 -20.37
CA LEU J 124 24.96 -15.94 -20.82
C LEU J 124 24.14 -15.53 -19.61
N ASP J 125 23.48 -14.38 -19.71
CA ASP J 125 22.52 -14.00 -18.67
C ASP J 125 21.21 -14.74 -18.89
N LEU J 126 20.23 -14.47 -18.03
CA LEU J 126 19.01 -15.29 -18.03
C LEU J 126 18.15 -15.05 -19.26
N ILE J 127 18.30 -13.93 -19.96
CA ILE J 127 17.56 -13.69 -21.20
C ILE J 127 18.45 -13.84 -22.42
N GLY J 128 19.64 -14.40 -22.26
CA GLY J 128 20.45 -14.80 -23.39
C GLY J 128 21.32 -13.74 -24.01
N CYS J 129 22.00 -12.95 -23.19
CA CYS J 129 23.00 -12.02 -23.69
C CYS J 129 24.37 -12.69 -23.58
N PRO J 130 25.01 -13.04 -24.69
CA PRO J 130 26.26 -13.80 -24.60
C PRO J 130 27.46 -12.91 -24.31
N MET J 131 28.39 -13.48 -23.56
CA MET J 131 29.64 -12.82 -23.18
C MET J 131 30.76 -13.84 -23.33
N VAL J 132 31.60 -13.64 -24.33
CA VAL J 132 32.76 -14.48 -24.58
C VAL J 132 33.96 -13.82 -23.94
N THR J 133 34.73 -14.58 -23.16
CA THR J 133 35.96 -14.10 -22.57
C THR J 133 37.11 -15.00 -22.98
N ASP J 134 38.32 -14.57 -22.66
CA ASP J 134 39.51 -15.35 -22.92
C ASP J 134 40.13 -15.96 -21.67
N ASP J 135 39.65 -15.61 -20.48
CA ASP J 135 40.25 -16.14 -19.26
C ASP J 135 39.29 -17.02 -18.47
N PHE J 136 38.15 -16.50 -18.03
CA PHE J 136 37.24 -17.27 -17.19
C PHE J 136 35.86 -16.66 -17.24
N VAL J 137 34.86 -17.49 -16.95
CA VAL J 137 33.48 -17.07 -16.76
C VAL J 137 32.96 -17.75 -15.51
N VAL J 138 32.07 -17.05 -14.80
CA VAL J 138 31.46 -17.58 -13.58
C VAL J 138 29.96 -17.35 -13.65
N SER J 139 29.22 -18.16 -12.89
CA SER J 139 27.78 -18.03 -12.82
C SER J 139 27.30 -18.64 -11.52
N GLY J 140 26.32 -18.02 -10.89
CA GLY J 140 25.73 -18.61 -9.71
C GLY J 140 25.58 -17.60 -8.60
N THR J 141 25.52 -18.10 -7.37
CA THR J 141 25.20 -17.28 -6.20
C THR J 141 26.43 -16.73 -5.50
N CYS J 142 27.63 -17.09 -5.92
CA CYS J 142 28.87 -16.60 -5.31
C CYS J 142 29.81 -16.08 -6.37
N THR J 143 29.29 -15.25 -7.28
CA THR J 143 30.12 -14.75 -8.38
C THR J 143 31.18 -13.76 -7.90
N GLU J 144 30.92 -13.02 -6.82
CA GLU J 144 31.93 -12.10 -6.31
C GLU J 144 33.15 -12.86 -5.78
N GLN J 145 32.91 -13.91 -5.00
CA GLN J 145 34.00 -14.73 -4.49
C GLN J 145 34.76 -15.41 -5.63
N MET J 146 34.03 -15.91 -6.62
CA MET J 146 34.66 -16.56 -7.76
C MET J 146 35.49 -15.55 -8.56
N TYR J 147 35.01 -14.32 -8.68
CA TYR J 147 35.78 -13.28 -9.37
C TYR J 147 37.07 -12.98 -8.62
N GLY J 148 37.00 -12.84 -7.31
CA GLY J 148 38.23 -12.65 -6.54
C GLY J 148 39.22 -13.76 -6.78
N MET J 149 38.78 -15.01 -6.66
CA MET J 149 39.68 -16.14 -6.82
C MET J 149 40.25 -16.21 -8.22
N CYS J 150 39.42 -16.02 -9.25
CA CYS J 150 39.87 -16.21 -10.62
C CYS J 150 40.76 -15.06 -11.09
N GLU J 151 40.39 -13.83 -10.73
CA GLU J 151 41.23 -12.68 -11.06
C GLU J 151 42.58 -12.78 -10.38
N SER J 152 42.64 -13.33 -9.16
CA SER J 152 43.93 -13.49 -8.50
C SER J 152 44.75 -14.62 -9.13
N LEU J 153 44.12 -15.77 -9.39
CA LEU J 153 44.88 -16.98 -9.67
C LEU J 153 45.07 -17.30 -11.15
N TRP J 154 44.23 -16.79 -12.04
CA TRP J 154 44.31 -17.20 -13.43
C TRP J 154 45.56 -16.66 -14.11
N GLU J 155 46.17 -17.50 -14.94
CA GLU J 155 47.32 -17.16 -15.76
C GLU J 155 47.10 -17.63 -17.18
N PRO J 156 47.64 -16.92 -18.16
CA PRO J 156 47.54 -17.38 -19.55
C PRO J 156 48.36 -18.64 -19.81
N ASN J 157 47.88 -19.43 -20.78
CA ASN J 157 48.62 -20.58 -21.33
C ASN J 157 48.97 -21.61 -20.26
N MET J 158 48.00 -21.93 -19.43
CA MET J 158 48.18 -22.99 -18.44
C MET J 158 48.03 -24.36 -19.07
N ASP J 159 48.92 -25.27 -18.70
CA ASP J 159 48.76 -26.67 -19.09
C ASP J 159 47.62 -27.28 -18.28
N PRO J 160 47.06 -28.40 -18.74
CA PRO J 160 45.84 -28.93 -18.11
C PRO J 160 45.97 -29.19 -16.61
N GLU J 161 47.15 -29.56 -16.12
CA GLU J 161 47.30 -29.80 -14.69
C GLU J 161 47.27 -28.51 -13.89
N HIS J 162 47.98 -27.48 -14.38
CA HIS J 162 47.87 -26.17 -13.76
C HIS J 162 46.45 -25.62 -13.85
N LEU J 163 45.79 -25.85 -14.98
CA LEU J 163 44.40 -25.43 -15.12
C LEU J 163 43.51 -26.11 -14.10
N PHE J 164 43.70 -27.41 -13.90
CA PHE J 164 42.91 -28.13 -12.91
C PHE J 164 43.14 -27.57 -11.52
N GLU J 165 44.40 -27.33 -11.15
CA GLU J 165 44.68 -26.79 -9.83
C GLU J 165 44.06 -25.41 -9.66
N THR J 166 44.17 -24.57 -10.68
CA THR J 166 43.66 -23.20 -10.58
C THR J 166 42.14 -23.19 -10.43
N ILE J 167 41.42 -23.90 -11.30
CA ILE J 167 39.97 -23.89 -11.21
C ILE J 167 39.51 -24.58 -9.94
N SER J 168 40.23 -25.61 -9.49
CA SER J 168 39.86 -26.29 -8.25
C SER J 168 39.99 -25.35 -7.05
N GLN J 169 41.13 -24.68 -6.92
CA GLN J 169 41.31 -23.78 -5.79
C GLN J 169 40.31 -22.63 -5.84
N ALA J 170 40.07 -22.07 -7.03
CA ALA J 170 39.09 -21.00 -7.16
C ALA J 170 37.72 -21.46 -6.68
N MET J 171 37.24 -22.61 -7.20
CA MET J 171 35.92 -23.10 -6.81
C MET J 171 35.85 -23.42 -5.33
N LEU J 172 36.85 -24.12 -4.80
CA LEU J 172 36.80 -24.55 -3.41
C LEU J 172 36.77 -23.36 -2.47
N ASN J 173 37.69 -22.41 -2.64
CA ASN J 173 37.71 -21.27 -1.74
C ASN J 173 36.52 -20.34 -1.96
N ALA J 174 35.96 -20.30 -3.17
CA ALA J 174 34.78 -19.45 -3.39
C ALA J 174 33.53 -20.06 -2.75
N VAL J 175 33.33 -21.36 -2.89
CA VAL J 175 32.12 -21.96 -2.31
C VAL J 175 32.26 -22.19 -0.82
N ASP J 176 33.49 -22.25 -0.27
CA ASP J 176 33.64 -22.27 1.17
C ASP J 176 33.12 -21.01 1.81
N ARG J 177 32.97 -19.94 1.03
CA ARG J 177 32.57 -18.64 1.52
C ARG J 177 31.14 -18.30 1.10
N ASP J 178 30.38 -19.28 0.63
CA ASP J 178 28.99 -19.12 0.23
C ASP J 178 28.14 -20.16 0.95
N ALA J 179 27.03 -19.71 1.55
CA ALA J 179 26.25 -20.58 2.41
C ALA J 179 25.50 -21.65 1.62
N VAL J 180 24.93 -21.30 0.46
CA VAL J 180 24.00 -22.17 -0.24
C VAL J 180 24.66 -22.84 -1.46
N SER J 181 25.98 -22.87 -1.52
CA SER J 181 26.69 -23.64 -2.52
C SER J 181 27.68 -24.57 -1.83
N GLY J 182 28.10 -25.60 -2.54
CA GLY J 182 29.12 -26.50 -2.07
C GLY J 182 28.59 -27.93 -1.97
N MET J 183 28.96 -28.61 -0.89
CA MET J 183 28.72 -30.04 -0.72
C MET J 183 29.37 -30.85 -1.83
N GLY J 184 30.57 -30.44 -2.21
CA GLY J 184 31.35 -31.14 -3.22
C GLY J 184 31.47 -30.31 -4.49
N VAL J 185 32.56 -30.55 -5.21
CA VAL J 185 32.84 -29.86 -6.47
C VAL J 185 33.21 -30.91 -7.50
N ILE J 186 32.64 -30.80 -8.70
CA ILE J 186 33.02 -31.65 -9.81
C ILE J 186 33.69 -30.79 -10.86
N VAL J 187 34.83 -31.26 -11.37
CA VAL J 187 35.63 -30.57 -12.36
C VAL J 187 35.78 -31.46 -13.58
N HIS J 188 35.54 -30.89 -14.76
CA HIS J 188 35.82 -31.52 -16.05
C HIS J 188 36.95 -30.76 -16.72
N ILE J 189 38.00 -31.48 -17.10
CA ILE J 189 39.08 -30.97 -17.93
C ILE J 189 38.92 -31.56 -19.32
N ILE J 190 38.72 -30.71 -20.31
CA ILE J 190 38.55 -31.11 -21.70
C ILE J 190 39.84 -30.78 -22.44
N GLU J 191 40.51 -31.83 -22.90
CA GLU J 191 41.62 -31.76 -23.84
C GLU J 191 41.14 -32.29 -25.18
N LYS J 192 42.04 -32.28 -26.17
CA LYS J 192 41.64 -32.76 -27.48
C LYS J 192 41.55 -34.28 -27.54
N ASP J 193 42.32 -35.00 -26.73
CA ASP J 193 42.37 -36.44 -26.82
C ASP J 193 41.65 -37.15 -25.67
N LYS J 194 41.26 -36.44 -24.62
CA LYS J 194 40.60 -37.11 -23.50
C LYS J 194 39.88 -36.08 -22.64
N ILE J 195 38.94 -36.58 -21.86
CA ILE J 195 38.21 -35.77 -20.88
C ILE J 195 38.45 -36.39 -19.51
N THR J 196 38.81 -35.56 -18.55
CA THR J 196 39.07 -36.00 -17.19
C THR J 196 38.01 -35.42 -16.27
N THR J 197 37.31 -36.28 -15.54
CA THR J 197 36.32 -35.87 -14.57
C THR J 197 36.84 -36.18 -13.17
N ARG J 198 36.76 -35.21 -12.27
CA ARG J 198 37.22 -35.39 -10.90
C ARG J 198 36.21 -34.81 -9.94
N THR J 199 36.12 -35.42 -8.76
CA THR J 199 35.39 -34.84 -7.64
C THR J 199 36.40 -34.44 -6.58
N LEU J 200 36.27 -33.22 -6.08
CA LEU J 200 37.22 -32.69 -5.11
C LEU J 200 36.79 -33.03 -3.69
N LYS J 201 37.78 -33.21 -2.82
CA LYS J 201 37.51 -33.26 -1.39
C LYS J 201 37.10 -31.87 -0.91
N ALA J 202 35.92 -31.77 -0.32
CA ALA J 202 35.32 -30.48 -0.01
C ALA J 202 34.66 -30.54 1.36
N ARG J 203 34.48 -29.36 1.94
CA ARG J 203 33.69 -29.25 3.16
C ARG J 203 32.24 -29.61 2.88
N MET J 204 31.58 -30.21 3.87
CA MET J 204 30.20 -30.64 3.74
C MET J 204 29.28 -29.96 4.75
N ASP J 205 29.54 -28.69 5.07
CA ASP J 205 28.72 -27.96 6.01
C ASP J 205 27.98 -26.78 5.37
N MET K 1 0.08 -29.24 8.01
CA MET K 1 1.09 -29.70 7.07
C MET K 1 1.17 -31.22 7.10
N GLU K 2 1.38 -31.81 5.92
CA GLU K 2 1.32 -33.25 5.75
C GLU K 2 2.73 -33.82 5.57
N TYR K 3 2.94 -35.02 6.10
CA TYR K 3 4.25 -35.63 6.17
C TYR K 3 4.39 -36.76 5.17
N LEU K 4 5.47 -36.74 4.39
CA LEU K 4 5.84 -37.86 3.53
C LEU K 4 7.26 -38.28 3.85
N ILE K 5 7.55 -39.57 3.75
CA ILE K 5 8.91 -40.05 3.94
C ILE K 5 9.15 -41.26 3.07
N GLY K 6 10.35 -41.34 2.52
CA GLY K 6 10.80 -42.49 1.75
C GLY K 6 12.22 -42.89 2.09
N ILE K 7 12.47 -44.18 2.21
CA ILE K 7 13.78 -44.75 2.49
C ILE K 7 14.03 -45.86 1.47
N GLN K 8 15.10 -45.73 0.70
CA GLN K 8 15.42 -46.70 -0.32
C GLN K 8 16.44 -47.70 0.20
N GLY K 9 16.09 -48.98 0.16
CA GLY K 9 17.01 -50.03 0.54
C GLY K 9 17.71 -50.60 -0.66
N PRO K 10 18.54 -51.63 -0.45
CA PRO K 10 19.23 -52.26 -1.59
C PRO K 10 18.28 -52.87 -2.61
N ASP K 11 17.12 -53.39 -2.19
CA ASP K 11 16.21 -54.03 -3.13
C ASP K 11 14.75 -53.70 -2.84
N TYR K 12 14.47 -52.54 -2.27
CA TYR K 12 13.12 -52.16 -1.90
C TYR K 12 13.08 -50.66 -1.67
N VAL K 13 11.88 -50.09 -1.71
CA VAL K 13 11.65 -48.73 -1.25
C VAL K 13 10.53 -48.78 -0.22
N LEU K 14 10.77 -48.18 0.93
CA LEU K 14 9.77 -48.06 1.99
C LEU K 14 9.26 -46.63 2.01
N VAL K 15 7.95 -46.46 2.01
CA VAL K 15 7.34 -45.13 2.04
C VAL K 15 6.29 -45.08 3.14
N ALA K 16 6.13 -43.89 3.70
CA ALA K 16 5.12 -43.67 4.72
C ALA K 16 4.55 -42.27 4.57
N SER K 17 3.30 -42.12 4.98
CA SER K 17 2.63 -40.81 4.92
C SER K 17 1.63 -40.70 6.06
N ASP K 18 1.44 -39.46 6.53
CA ASP K 18 0.44 -39.21 7.54
C ASP K 18 -0.97 -39.39 6.94
N ARG K 19 -1.91 -39.76 7.81
CA ARG K 19 -3.26 -40.10 7.38
C ARG K 19 -4.29 -39.05 7.77
N VAL K 20 -3.86 -37.81 7.98
CA VAL K 20 -4.72 -36.75 8.49
C VAL K 20 -5.14 -35.85 7.33
N ALA K 21 -6.44 -35.59 7.23
CA ALA K 21 -6.96 -34.51 6.39
C ALA K 21 -7.54 -33.46 7.32
N ALA K 22 -7.01 -32.24 7.24
CA ALA K 22 -7.35 -31.17 8.16
C ALA K 22 -7.91 -29.97 7.41
N SER K 23 -8.89 -29.31 8.03
CA SER K 23 -9.37 -28.01 7.58
C SER K 23 -9.48 -27.11 8.80
N ASN K 24 -8.73 -26.00 8.78
CA ASN K 24 -8.69 -25.03 9.89
C ASN K 24 -8.11 -25.74 11.10
N ILE K 25 -8.81 -25.81 12.24
CA ILE K 25 -8.26 -26.39 13.46
C ILE K 25 -8.72 -27.82 13.69
N VAL K 26 -9.54 -28.38 12.80
CA VAL K 26 -10.17 -29.66 13.04
C VAL K 26 -9.60 -30.71 12.09
N GLN K 27 -9.25 -31.87 12.63
CA GLN K 27 -8.95 -33.04 11.82
C GLN K 27 -10.26 -33.57 11.24
N MET K 28 -10.48 -33.33 9.95
CA MET K 28 -11.70 -33.83 9.32
C MET K 28 -11.61 -35.33 9.07
N LYS K 29 -10.46 -35.82 8.63
CA LYS K 29 -10.29 -37.24 8.37
C LYS K 29 -9.05 -37.73 9.10
N ASP K 30 -9.10 -38.96 9.62
CA ASP K 30 -7.96 -39.55 10.30
C ASP K 30 -7.41 -40.78 9.57
N ASP K 31 -8.05 -41.23 8.49
CA ASP K 31 -7.50 -42.29 7.65
C ASP K 31 -7.55 -41.79 6.21
N HIS K 32 -6.57 -40.98 5.85
CA HIS K 32 -6.50 -40.36 4.54
C HIS K 32 -5.28 -40.89 3.82
N ASP K 33 -5.48 -41.45 2.64
CA ASP K 33 -4.40 -42.06 1.87
C ASP K 33 -3.82 -41.02 0.92
N LYS K 34 -2.54 -40.72 1.08
CA LYS K 34 -1.83 -39.80 0.21
C LYS K 34 -0.99 -40.51 -0.84
N MET K 35 -1.11 -41.83 -0.93
CA MET K 35 -0.35 -42.61 -1.91
C MET K 35 -1.23 -42.94 -3.10
N PHE K 36 -0.64 -42.87 -4.29
CA PHE K 36 -1.33 -43.14 -5.54
C PHE K 36 -0.57 -44.21 -6.30
N LYS K 37 -1.24 -45.30 -6.67
CA LYS K 37 -0.58 -46.43 -7.39
C LYS K 37 -0.61 -46.20 -8.91
N MET K 38 0.45 -45.63 -9.48
CA MET K 38 0.56 -45.44 -10.95
C MET K 38 0.60 -46.79 -11.68
N SER K 39 1.32 -47.76 -11.14
CA SER K 39 1.52 -49.06 -11.82
C SER K 39 1.76 -50.16 -10.80
N GLU K 40 2.10 -51.37 -11.23
CA GLU K 40 2.29 -52.45 -10.27
C GLU K 40 3.44 -52.17 -9.33
N LYS K 41 4.39 -51.34 -9.72
CA LYS K 41 5.59 -51.13 -8.91
C LYS K 41 5.92 -49.65 -8.72
N ILE K 42 4.96 -48.75 -8.90
CA ILE K 42 5.20 -47.32 -8.74
C ILE K 42 4.14 -46.72 -7.82
N LEU K 43 4.60 -45.98 -6.81
CA LEU K 43 3.74 -45.22 -5.93
C LEU K 43 4.09 -43.76 -6.05
N LEU K 44 3.06 -42.93 -6.15
CA LEU K 44 3.21 -41.48 -6.11
C LEU K 44 2.60 -40.98 -4.80
N LEU K 45 3.41 -40.29 -4.01
CA LEU K 45 2.96 -39.68 -2.77
C LEU K 45 2.92 -38.18 -2.99
N CYS K 46 1.77 -37.57 -2.75
CA CYS K 46 1.56 -36.16 -3.07
C CYS K 46 0.98 -35.44 -1.88
N VAL K 47 1.55 -34.26 -1.57
CA VAL K 47 1.00 -33.35 -0.58
C VAL K 47 0.95 -31.96 -1.20
N GLY K 48 0.25 -31.05 -0.55
CA GLY K 48 0.23 -29.68 -1.01
C GLY K 48 -1.12 -29.02 -0.99
N GLU K 49 -1.36 -28.11 -1.92
CA GLU K 49 -2.60 -27.34 -1.94
C GLU K 49 -3.79 -28.26 -2.18
N ALA K 50 -4.86 -28.02 -1.41
CA ALA K 50 -6.07 -28.83 -1.55
C ALA K 50 -6.64 -28.69 -2.96
N GLY K 51 -7.17 -29.78 -3.47
CA GLY K 51 -7.60 -29.82 -4.86
C GLY K 51 -6.48 -30.07 -5.86
N ASP K 52 -5.39 -29.32 -5.77
CA ASP K 52 -4.27 -29.49 -6.69
C ASP K 52 -3.71 -30.91 -6.62
N THR K 53 -3.56 -31.43 -5.40
CA THR K 53 -2.88 -32.70 -5.19
C THR K 53 -3.57 -33.83 -5.93
N VAL K 54 -4.88 -33.99 -5.71
CA VAL K 54 -5.59 -35.11 -6.31
C VAL K 54 -5.72 -34.92 -7.82
N GLN K 55 -5.97 -33.69 -8.27
CA GLN K 55 -6.08 -33.45 -9.70
C GLN K 55 -4.80 -33.85 -10.43
N PHE K 56 -3.66 -33.35 -9.95
CA PHE K 56 -2.39 -33.67 -10.62
C PHE K 56 -2.07 -35.16 -10.51
N ALA K 57 -2.26 -35.76 -9.33
CA ALA K 57 -1.90 -37.16 -9.15
C ALA K 57 -2.76 -38.07 -10.03
N GLU K 58 -4.06 -37.77 -10.14
CA GLU K 58 -4.93 -38.60 -10.97
C GLU K 58 -4.67 -38.37 -12.45
N TYR K 59 -4.28 -37.16 -12.84
CA TYR K 59 -3.85 -36.93 -14.22
C TYR K 59 -2.64 -37.79 -14.56
N ILE K 60 -1.64 -37.81 -13.67
CA ILE K 60 -0.46 -38.64 -13.90
C ILE K 60 -0.84 -40.11 -13.93
N GLN K 61 -1.70 -40.55 -13.01
CA GLN K 61 -2.11 -41.95 -12.95
C GLN K 61 -2.81 -42.37 -14.23
N LYS K 62 -3.71 -41.54 -14.73
CA LYS K 62 -4.38 -41.82 -16.00
C LYS K 62 -3.37 -41.96 -17.12
N ASN K 63 -2.37 -41.07 -17.17
CA ASN K 63 -1.43 -41.15 -18.28
C ASN K 63 -0.52 -42.37 -18.19
N VAL K 64 -0.11 -42.76 -16.98
CA VAL K 64 0.75 -43.93 -16.83
C VAL K 64 -0.01 -45.20 -17.20
N GLN K 65 -1.26 -45.32 -16.74
CA GLN K 65 -2.06 -46.48 -17.09
C GLN K 65 -2.35 -46.53 -18.58
N LEU K 66 -2.60 -45.36 -19.20
CA LEU K 66 -2.78 -45.31 -20.63
C LEU K 66 -1.53 -45.78 -21.37
N TYR K 67 -0.36 -45.37 -20.90
CA TYR K 67 0.88 -45.86 -21.49
C TYR K 67 0.94 -47.37 -21.45
N LYS K 68 0.63 -47.96 -20.30
CA LYS K 68 0.64 -49.42 -20.20
C LYS K 68 -0.33 -50.06 -21.19
N MET K 69 -1.53 -49.50 -21.32
CA MET K 69 -2.51 -50.07 -22.25
C MET K 69 -2.05 -49.93 -23.70
N ARG K 70 -1.49 -48.78 -24.07
CA ARG K 70 -1.07 -48.55 -25.44
C ARG K 70 0.08 -49.47 -25.83
N ASN K 71 1.02 -49.70 -24.92
CA ASN K 71 2.29 -50.30 -25.32
C ASN K 71 2.48 -51.73 -24.87
N GLY K 72 1.69 -52.21 -23.92
CA GLY K 72 1.83 -53.56 -23.43
C GLY K 72 2.89 -53.75 -22.37
N TYR K 73 3.71 -52.74 -22.11
CA TYR K 73 4.66 -52.75 -21.01
C TYR K 73 4.49 -51.45 -20.23
N GLU K 74 5.03 -51.44 -19.02
CA GLU K 74 4.88 -50.30 -18.13
C GLU K 74 6.04 -49.33 -18.27
N LEU K 75 5.79 -48.08 -17.89
CA LEU K 75 6.86 -47.11 -17.74
C LEU K 75 7.76 -47.51 -16.58
N SER K 76 9.07 -47.30 -16.76
CA SER K 76 9.98 -47.48 -15.65
C SER K 76 9.82 -46.33 -14.66
N PRO K 77 10.22 -46.54 -13.40
CA PRO K 77 10.09 -45.45 -12.42
C PRO K 77 10.84 -44.19 -12.80
N THR K 78 11.99 -44.29 -13.45
CA THR K 78 12.72 -43.10 -13.88
C THR K 78 11.97 -42.36 -14.98
N ALA K 79 11.44 -43.09 -15.96
CA ALA K 79 10.65 -42.47 -17.02
C ALA K 79 9.40 -41.81 -16.45
N ALA K 80 8.73 -42.48 -15.51
CA ALA K 80 7.55 -41.91 -14.88
C ALA K 80 7.89 -40.66 -14.08
N ALA K 81 9.00 -40.68 -13.36
CA ALA K 81 9.42 -39.50 -12.61
C ALA K 81 9.70 -38.33 -13.53
N ASN K 82 10.33 -38.60 -14.68
CA ASN K 82 10.63 -37.52 -15.62
C ASN K 82 9.37 -37.01 -16.31
N PHE K 83 8.43 -37.90 -16.63
CA PHE K 83 7.15 -37.49 -17.19
C PHE K 83 6.39 -36.60 -16.22
N THR K 84 6.38 -37.00 -14.95
CA THR K 84 5.77 -36.18 -13.90
C THR K 84 6.43 -34.83 -13.79
N ARG K 85 7.77 -34.79 -13.78
CA ARG K 85 8.47 -33.52 -13.67
C ARG K 85 8.18 -32.61 -14.86
N ARG K 86 8.19 -33.17 -16.06
CA ARG K 86 7.92 -32.39 -17.25
C ARG K 86 6.53 -31.79 -17.21
N ASN K 87 5.53 -32.59 -16.81
CA ASN K 87 4.17 -32.06 -16.74
C ASN K 87 4.03 -30.99 -15.67
N LEU K 88 4.61 -31.22 -14.49
CA LEU K 88 4.56 -30.22 -13.44
C LEU K 88 5.25 -28.93 -13.86
N ALA K 89 6.41 -29.04 -14.50
CA ALA K 89 7.14 -27.85 -14.94
C ALA K 89 6.37 -27.11 -16.02
N ASP K 90 5.71 -27.82 -16.93
CA ASP K 90 4.90 -27.15 -17.94
C ASP K 90 3.73 -26.42 -17.29
N TYR K 91 3.09 -27.04 -16.30
CA TYR K 91 2.00 -26.37 -15.60
C TYR K 91 2.46 -25.19 -14.76
N LEU K 92 3.74 -25.16 -14.35
CA LEU K 92 4.20 -24.14 -13.42
C LEU K 92 4.03 -22.73 -13.98
N ARG K 93 4.32 -22.55 -15.27
CA ARG K 93 4.22 -21.24 -15.91
C ARG K 93 2.94 -21.06 -16.71
N SER K 94 1.98 -21.97 -16.57
CA SER K 94 0.72 -21.91 -17.28
C SER K 94 -0.33 -21.18 -16.45
N ARG K 95 -1.58 -21.25 -16.88
CA ARG K 95 -2.69 -20.63 -16.18
C ARG K 95 -3.23 -21.51 -15.06
N THR K 96 -2.90 -22.80 -15.03
CA THR K 96 -3.34 -23.72 -13.98
C THR K 96 -2.12 -24.39 -13.36
N PRO K 97 -1.40 -23.68 -12.50
CA PRO K 97 -0.26 -24.31 -11.82
C PRO K 97 -0.70 -25.15 -10.63
N TYR K 98 0.03 -26.23 -10.41
CA TYR K 98 -0.23 -27.16 -9.33
C TYR K 98 0.81 -26.96 -8.23
N HIS K 99 0.34 -26.73 -7.01
CA HIS K 99 1.23 -26.59 -5.86
C HIS K 99 1.28 -27.91 -5.11
N VAL K 100 2.11 -28.83 -5.60
CA VAL K 100 2.21 -30.18 -5.07
C VAL K 100 3.67 -30.53 -4.82
N ASN K 101 3.91 -31.25 -3.74
CA ASN K 101 5.21 -31.83 -3.41
C ASN K 101 5.09 -33.34 -3.45
N LEU K 102 6.04 -34.00 -4.11
CA LEU K 102 5.88 -35.39 -4.49
C LEU K 102 7.09 -36.23 -4.09
N LEU K 103 6.80 -37.46 -3.71
CA LEU K 103 7.78 -38.54 -3.72
C LEU K 103 7.31 -39.57 -4.75
N LEU K 104 8.23 -40.03 -5.57
CA LEU K 104 7.93 -41.15 -6.47
C LEU K 104 8.80 -42.32 -6.06
N ALA K 105 8.16 -43.38 -5.59
CA ALA K 105 8.87 -44.60 -5.23
C ALA K 105 8.58 -45.66 -6.27
N GLY K 106 9.62 -46.36 -6.71
CA GLY K 106 9.42 -47.35 -7.76
C GLY K 106 10.44 -48.45 -7.66
N TYR K 107 10.10 -49.58 -8.28
CA TYR K 107 11.05 -50.67 -8.44
C TYR K 107 11.13 -51.02 -9.92
N ASP K 108 12.35 -51.09 -10.43
CA ASP K 108 12.60 -51.50 -11.80
C ASP K 108 13.32 -52.84 -11.78
N GLU K 109 12.88 -53.75 -12.65
CA GLU K 109 13.47 -55.08 -12.69
C GLU K 109 14.95 -55.07 -13.04
N HIS K 110 15.42 -54.02 -13.72
CA HIS K 110 16.83 -53.92 -14.10
C HIS K 110 17.59 -52.89 -13.29
N GLU K 111 16.98 -51.75 -12.99
CA GLU K 111 17.65 -50.67 -12.28
C GLU K 111 17.49 -50.76 -10.77
N GLY K 112 16.66 -51.67 -10.26
CA GLY K 112 16.46 -51.80 -8.84
C GLY K 112 15.51 -50.75 -8.28
N PRO K 113 15.57 -50.53 -6.98
CA PRO K 113 14.69 -49.54 -6.34
C PRO K 113 15.11 -48.12 -6.64
N ALA K 114 14.12 -47.23 -6.65
CA ALA K 114 14.35 -45.82 -6.94
C ALA K 114 13.41 -44.96 -6.12
N LEU K 115 13.93 -43.86 -5.62
CA LEU K 115 13.16 -42.89 -4.86
C LEU K 115 13.46 -41.50 -5.40
N TYR K 116 12.42 -40.75 -5.71
CA TYR K 116 12.56 -39.44 -6.31
C TYR K 116 11.84 -38.40 -5.48
N TYR K 117 12.46 -37.25 -5.33
CA TYR K 117 11.94 -36.10 -4.63
C TYR K 117 11.61 -35.03 -5.66
N MET K 118 10.44 -34.42 -5.54
CA MET K 118 10.06 -33.32 -6.42
C MET K 118 9.38 -32.24 -5.58
N ASP K 119 9.92 -31.03 -5.63
CA ASP K 119 9.25 -29.90 -5.01
C ASP K 119 8.21 -29.34 -5.97
N TYR K 120 7.44 -28.35 -5.48
CA TYR K 120 6.36 -27.81 -6.31
C TYR K 120 6.89 -27.01 -7.50
N LEU K 121 8.15 -26.59 -7.45
CA LEU K 121 8.74 -25.94 -8.60
C LEU K 121 9.11 -26.92 -9.71
N ALA K 122 8.98 -28.23 -9.46
CA ALA K 122 9.28 -29.30 -10.42
C ALA K 122 10.78 -29.45 -10.65
N ALA K 123 11.55 -29.40 -9.58
CA ALA K 123 12.93 -29.87 -9.60
C ALA K 123 12.95 -31.34 -9.18
N LEU K 124 13.54 -32.19 -10.00
CA LEU K 124 13.55 -33.62 -9.74
C LEU K 124 14.92 -34.03 -9.22
N ALA K 125 14.94 -34.73 -8.09
CA ALA K 125 16.17 -35.24 -7.52
C ALA K 125 16.01 -36.71 -7.16
N LYS K 126 17.08 -37.47 -7.31
CA LYS K 126 17.12 -38.85 -6.88
C LYS K 126 17.83 -38.91 -5.53
N ALA K 127 17.19 -39.53 -4.55
CA ALA K 127 17.73 -39.55 -3.20
C ALA K 127 17.64 -40.95 -2.60
N PRO K 128 18.62 -41.35 -1.79
CA PRO K 128 18.49 -42.61 -1.03
C PRO K 128 17.41 -42.56 0.04
N PHE K 129 17.12 -41.38 0.57
CA PHE K 129 15.95 -41.18 1.42
C PHE K 129 15.54 -39.72 1.29
N ALA K 130 14.28 -39.46 1.57
CA ALA K 130 13.75 -38.11 1.42
C ALA K 130 12.50 -37.96 2.28
N ALA K 131 12.12 -36.71 2.51
CA ALA K 131 10.94 -36.42 3.30
C ALA K 131 10.36 -35.08 2.88
N HIS K 132 9.05 -34.94 3.09
CA HIS K 132 8.31 -33.74 2.75
C HIS K 132 7.46 -33.32 3.94
N GLY K 133 7.34 -32.01 4.12
CA GLY K 133 6.57 -31.41 5.19
C GLY K 133 7.44 -30.65 6.17
N TYR K 134 6.76 -30.02 7.13
CA TYR K 134 7.48 -29.44 8.26
C TYR K 134 8.15 -30.51 9.10
N GLY K 135 7.55 -31.70 9.17
CA GLY K 135 8.15 -32.79 9.92
C GLY K 135 9.43 -33.32 9.34
N ALA K 136 9.72 -33.00 8.06
CA ALA K 136 10.99 -33.39 7.47
C ALA K 136 12.15 -32.70 8.18
N PHE K 137 11.94 -31.47 8.64
CA PHE K 137 12.96 -30.75 9.41
C PHE K 137 13.33 -31.49 10.69
N LEU K 138 12.43 -32.31 11.21
CA LEU K 138 12.67 -33.00 12.47
C LEU K 138 13.16 -34.43 12.29
N THR K 139 13.16 -34.97 11.07
CA THR K 139 13.48 -36.37 10.85
C THR K 139 14.58 -36.61 9.83
N LEU K 140 14.88 -35.63 8.98
CA LEU K 140 15.96 -35.82 8.01
C LEU K 140 17.30 -36.02 8.71
N SER K 141 17.51 -35.37 9.87
CA SER K 141 18.76 -35.55 10.58
C SER K 141 18.86 -36.93 11.20
N ILE K 142 17.74 -37.47 11.69
CA ILE K 142 17.72 -38.84 12.19
C ILE K 142 18.05 -39.82 11.06
N LEU K 143 17.46 -39.61 9.89
CA LEU K 143 17.79 -40.45 8.73
C LEU K 143 19.25 -40.32 8.35
N ASP K 144 19.78 -39.10 8.35
CA ASP K 144 21.21 -38.89 8.10
C ASP K 144 22.05 -39.64 9.12
N ARG K 145 21.61 -39.66 10.37
CA ARG K 145 22.40 -40.23 11.45
C ARG K 145 22.44 -41.75 11.38
N TYR K 146 21.31 -42.39 11.03
CA TYR K 146 21.21 -43.84 11.19
C TYR K 146 21.15 -44.62 9.88
N TYR K 147 20.94 -43.98 8.74
CA TYR K 147 20.78 -44.71 7.50
C TYR K 147 22.11 -45.21 6.96
N THR K 148 22.10 -46.44 6.47
CA THR K 148 23.18 -47.01 5.67
C THR K 148 22.60 -47.53 4.37
N PRO K 149 23.39 -47.54 3.30
CA PRO K 149 22.86 -48.05 2.02
C PRO K 149 22.42 -49.50 2.07
N THR K 150 23.04 -50.32 2.92
CA THR K 150 22.74 -51.75 3.00
C THR K 150 21.62 -52.07 3.97
N ILE K 151 20.85 -51.07 4.39
CA ILE K 151 19.87 -51.27 5.46
C ILE K 151 18.80 -52.26 5.01
N SER K 152 18.52 -53.24 5.86
CA SER K 152 17.48 -54.22 5.58
C SER K 152 16.11 -53.61 5.83
N ARG K 153 15.07 -54.27 5.31
CA ARG K 153 13.73 -53.70 5.37
C ARG K 153 13.19 -53.67 6.80
N GLU K 154 13.59 -54.62 7.65
CA GLU K 154 13.17 -54.55 9.05
C GLU K 154 13.91 -53.43 9.79
N LYS K 155 15.20 -53.27 9.53
CA LYS K 155 15.91 -52.11 10.06
C LYS K 155 15.37 -50.81 9.48
N ALA K 156 14.95 -50.83 8.21
CA ALA K 156 14.32 -49.65 7.63
C ALA K 156 13.03 -49.30 8.34
N VAL K 157 12.22 -50.31 8.65
CA VAL K 157 10.96 -50.06 9.36
C VAL K 157 11.24 -49.52 10.76
N GLU K 158 12.26 -50.05 11.43
CA GLU K 158 12.63 -49.54 12.75
C GLU K 158 13.10 -48.09 12.68
N LEU K 159 13.91 -47.76 11.67
CA LEU K 159 14.36 -46.37 11.50
C LEU K 159 13.20 -45.44 11.22
N LEU K 160 12.25 -45.88 10.39
CA LEU K 160 11.04 -45.11 10.14
C LEU K 160 10.26 -44.89 11.43
N ARG K 161 10.18 -45.93 12.27
CA ARG K 161 9.50 -45.79 13.55
C ARG K 161 10.19 -44.78 14.45
N LYS K 162 11.53 -44.74 14.41
CA LYS K 162 12.26 -43.71 15.14
C LYS K 162 11.88 -42.31 14.66
N CYS K 163 11.81 -42.13 13.35
CA CYS K 163 11.42 -40.82 12.81
C CYS K 163 10.01 -40.42 13.24
N LEU K 164 9.08 -41.37 13.19
CA LEU K 164 7.70 -41.05 13.55
C LEU K 164 7.56 -40.80 15.05
N GLU K 165 8.34 -41.50 15.87
CA GLU K 165 8.34 -41.22 17.30
C GLU K 165 8.89 -39.83 17.59
N GLU K 166 9.91 -39.41 16.84
CA GLU K 166 10.39 -38.05 16.98
C GLU K 166 9.29 -37.05 16.61
N LEU K 167 8.52 -37.35 15.56
CA LEU K 167 7.39 -36.49 15.21
C LEU K 167 6.39 -36.42 16.35
N GLN K 168 6.12 -37.55 17.01
CA GLN K 168 5.25 -37.53 18.18
C GLN K 168 5.81 -36.65 19.28
N LYS K 169 7.11 -36.72 19.50
CA LYS K 169 7.70 -36.03 20.64
C LYS K 169 7.78 -34.52 20.44
N ARG K 170 8.18 -34.08 19.24
CA ARG K 170 8.56 -32.68 19.08
C ARG K 170 7.68 -31.85 18.16
N PHE K 171 6.92 -32.47 17.27
CA PHE K 171 6.16 -31.73 16.28
C PHE K 171 4.88 -31.20 16.92
N ILE K 172 4.57 -29.93 16.64
CA ILE K 172 3.41 -29.30 17.27
C ILE K 172 2.12 -29.92 16.76
N LEU K 173 2.11 -30.40 15.52
CA LEU K 173 0.91 -30.97 14.95
C LEU K 173 0.65 -32.37 15.50
N ASN K 174 -0.62 -32.73 15.59
CA ASN K 174 -1.03 -34.06 15.98
C ASN K 174 -1.07 -34.95 14.75
N LEU K 175 -0.14 -35.89 14.66
CA LEU K 175 -0.06 -36.87 13.57
C LEU K 175 0.02 -38.25 14.20
N PRO K 176 -1.10 -38.86 14.51
CA PRO K 176 -1.08 -40.08 15.32
C PRO K 176 -0.92 -41.39 14.55
N THR K 177 -1.20 -41.39 13.25
CA THR K 177 -1.17 -42.63 12.49
C THR K 177 -0.56 -42.38 11.11
N PHE K 178 0.11 -43.41 10.60
CA PHE K 178 0.84 -43.32 9.34
C PHE K 178 0.60 -44.57 8.52
N SER K 179 0.38 -44.38 7.24
CA SER K 179 0.28 -45.51 6.31
C SER K 179 1.66 -45.81 5.76
N VAL K 180 1.96 -47.11 5.65
CA VAL K 180 3.30 -47.60 5.32
C VAL K 180 3.18 -48.62 4.20
N ARG K 181 3.97 -48.43 3.14
CA ARG K 181 3.98 -49.36 2.03
C ARG K 181 5.43 -49.63 1.63
N ILE K 182 5.64 -50.79 1.02
CA ILE K 182 6.96 -51.18 0.56
C ILE K 182 6.85 -51.71 -0.87
N ILE K 183 7.79 -51.28 -1.72
CA ILE K 183 7.84 -51.74 -3.11
C ILE K 183 9.09 -52.57 -3.29
N ASP K 184 8.95 -53.72 -3.91
CA ASP K 184 10.11 -54.56 -4.24
C ASP K 184 9.79 -55.29 -5.54
N ARG K 185 10.60 -56.32 -5.85
CA ARG K 185 10.43 -57.06 -7.09
C ARG K 185 9.06 -57.72 -7.19
N ASN K 186 8.39 -57.97 -6.08
CA ASN K 186 7.07 -58.57 -6.08
C ASN K 186 5.94 -57.53 -6.08
N GLY K 187 6.27 -56.26 -6.23
CA GLY K 187 5.26 -55.22 -6.31
C GLY K 187 5.12 -54.40 -5.04
N ILE K 188 3.92 -53.87 -4.82
CA ILE K 188 3.62 -53.00 -3.69
C ILE K 188 2.94 -53.84 -2.61
N HIS K 189 3.40 -53.69 -1.37
CA HIS K 189 2.84 -54.39 -0.23
C HIS K 189 2.47 -53.37 0.83
N ASP K 190 1.31 -53.54 1.43
CA ASP K 190 0.85 -52.66 2.49
C ASP K 190 1.29 -53.23 3.82
N LEU K 191 2.13 -52.49 4.54
CA LEU K 191 2.50 -52.91 5.88
C LEU K 191 1.47 -52.39 6.88
N ASP K 192 1.57 -52.86 8.11
CA ASP K 192 0.68 -52.37 9.15
C ASP K 192 0.88 -50.87 9.36
N ASN K 193 -0.21 -50.16 9.60
CA ASN K 193 -0.11 -48.77 9.97
C ASN K 193 0.73 -48.63 11.23
N ILE K 194 1.58 -47.62 11.26
CA ILE K 194 2.31 -47.27 12.47
C ILE K 194 1.49 -46.20 13.18
N SER K 195 0.97 -46.54 14.35
CA SER K 195 0.01 -45.69 15.04
C SER K 195 0.48 -45.42 16.46
N PHE K 196 0.05 -44.27 16.98
CA PHE K 196 0.32 -43.88 18.35
C PHE K 196 -1.02 -43.48 18.96
N PRO K 197 -1.79 -44.46 19.43
CA PRO K 197 -3.16 -44.18 19.91
C PRO K 197 -3.13 -43.47 21.25
N LYS K 198 -3.67 -42.26 21.28
CA LYS K 198 -3.76 -41.50 22.52
C LYS K 198 -4.76 -42.15 23.47
N GLN K 199 -4.38 -42.19 24.75
CA GLN K 199 -5.15 -42.89 25.77
C GLN K 199 -6.57 -42.30 25.91
N THR L 60 -23.85 -20.81 10.27
CA THR L 60 -24.32 -22.03 9.62
C THR L 60 -23.72 -23.27 10.25
N THR L 61 -24.56 -24.27 10.51
CA THR L 61 -24.08 -25.57 10.96
C THR L 61 -24.81 -26.65 10.18
N THR L 62 -24.07 -27.48 9.48
CA THR L 62 -24.60 -28.67 8.84
C THR L 62 -23.77 -29.85 9.30
N LEU L 63 -24.41 -31.00 9.46
CA LEU L 63 -23.70 -32.21 9.82
C LEU L 63 -24.33 -33.39 9.09
N ALA L 64 -23.51 -34.42 8.92
CA ALA L 64 -23.98 -35.70 8.41
C ALA L 64 -23.14 -36.79 9.04
N PHE L 65 -23.77 -37.95 9.27
CA PHE L 65 -22.99 -39.10 9.67
C PHE L 65 -23.62 -40.38 9.13
N LYS L 66 -22.77 -41.33 8.78
CA LYS L 66 -23.17 -42.67 8.42
C LYS L 66 -23.32 -43.52 9.66
N PHE L 67 -24.23 -44.47 9.60
CA PHE L 67 -24.43 -45.46 10.65
C PHE L 67 -25.13 -46.65 10.01
N ARG L 68 -25.38 -47.68 10.80
CA ARG L 68 -25.84 -48.95 10.26
C ARG L 68 -27.11 -48.80 9.43
N HIS L 69 -27.97 -47.85 9.79
CA HIS L 69 -29.26 -47.68 9.12
C HIS L 69 -29.25 -46.57 8.09
N GLY L 70 -28.09 -46.07 7.70
CA GLY L 70 -28.04 -45.11 6.62
C GLY L 70 -27.22 -43.87 6.88
N VAL L 71 -27.70 -42.74 6.38
CA VAL L 71 -27.03 -41.46 6.60
C VAL L 71 -28.02 -40.50 7.25
N ILE L 72 -27.58 -39.84 8.30
CA ILE L 72 -28.35 -38.77 8.94
C ILE L 72 -27.77 -37.45 8.48
N VAL L 73 -28.62 -36.56 7.98
CA VAL L 73 -28.21 -35.22 7.56
C VAL L 73 -29.04 -34.22 8.36
N ALA L 74 -28.38 -33.20 8.90
CA ALA L 74 -29.06 -32.20 9.70
C ALA L 74 -28.46 -30.83 9.43
N ALA L 75 -29.30 -29.80 9.55
CA ALA L 75 -28.81 -28.44 9.31
C ALA L 75 -29.65 -27.46 10.12
N ASP L 76 -29.09 -26.27 10.31
CA ASP L 76 -29.84 -25.13 10.82
C ASP L 76 -30.46 -24.38 9.65
N SER L 77 -31.07 -23.22 9.91
CA SER L 77 -31.84 -22.55 8.87
C SER L 77 -31.62 -21.04 8.84
N ARG L 78 -30.56 -20.53 9.47
CA ARG L 78 -30.35 -19.10 9.58
C ARG L 78 -29.39 -18.63 8.48
N ALA L 79 -29.77 -17.57 7.80
CA ALA L 79 -28.89 -16.83 6.91
C ALA L 79 -28.73 -15.42 7.44
N THR L 80 -27.48 -14.96 7.54
CA THR L 80 -27.17 -13.64 8.04
C THR L 80 -26.52 -12.81 6.93
N ALA L 81 -26.53 -11.49 7.15
CA ALA L 81 -25.80 -10.53 6.32
C ALA L 81 -25.08 -9.60 7.29
N GLY L 82 -23.87 -9.98 7.67
CA GLY L 82 -23.20 -9.26 8.74
C GLY L 82 -23.82 -9.64 10.07
N ALA L 83 -24.18 -8.64 10.85
CA ALA L 83 -24.89 -8.88 12.11
C ALA L 83 -26.38 -9.08 11.91
N TYR L 84 -26.92 -8.75 10.74
CA TYR L 84 -28.34 -8.79 10.49
C TYR L 84 -28.76 -10.17 10.02
N ILE L 85 -29.78 -10.74 10.66
CA ILE L 85 -30.28 -12.06 10.29
C ILE L 85 -31.22 -11.88 9.11
N ALA L 86 -30.79 -12.32 7.94
CA ALA L 86 -31.61 -12.14 6.75
C ALA L 86 -32.78 -13.12 6.72
N SER L 87 -32.58 -14.32 7.23
CA SER L 87 -33.63 -15.34 7.20
C SER L 87 -33.43 -16.32 8.34
N GLN L 88 -34.54 -16.86 8.83
CA GLN L 88 -34.51 -17.94 9.82
C GLN L 88 -35.06 -19.24 9.25
N THR L 89 -35.40 -19.26 7.96
CA THR L 89 -36.11 -20.39 7.35
C THR L 89 -35.41 -20.89 6.09
N VAL L 90 -34.09 -20.74 6.02
CA VAL L 90 -33.34 -21.25 4.88
C VAL L 90 -33.34 -22.77 4.90
N LYS L 91 -33.61 -23.39 3.75
CA LYS L 91 -33.51 -24.84 3.61
C LYS L 91 -32.08 -25.15 3.18
N LYS L 92 -31.26 -25.60 4.13
CA LYS L 92 -29.85 -25.84 3.86
C LYS L 92 -29.55 -27.28 3.47
N VAL L 93 -30.55 -28.16 3.51
CA VAL L 93 -30.43 -29.50 2.95
C VAL L 93 -31.05 -29.45 1.57
N ILE L 94 -30.21 -29.60 0.54
CA ILE L 94 -30.67 -29.55 -0.85
C ILE L 94 -31.06 -30.96 -1.26
N GLU L 95 -32.30 -31.11 -1.72
CA GLU L 95 -32.76 -32.39 -2.25
C GLU L 95 -32.36 -32.44 -3.71
N ILE L 96 -31.17 -33.00 -3.98
CA ILE L 96 -30.64 -32.99 -5.34
C ILE L 96 -31.54 -33.79 -6.26
N ASN L 97 -31.88 -35.00 -5.85
CA ASN L 97 -32.87 -35.84 -6.49
C ASN L 97 -33.41 -36.80 -5.44
N PRO L 98 -34.38 -37.66 -5.79
CA PRO L 98 -34.93 -38.56 -4.76
C PRO L 98 -33.91 -39.50 -4.10
N TYR L 99 -32.67 -39.51 -4.55
CA TYR L 99 -31.68 -40.41 -3.95
C TYR L 99 -30.39 -39.71 -3.51
N LEU L 100 -30.25 -38.42 -3.76
CA LEU L 100 -29.05 -37.70 -3.35
C LEU L 100 -29.42 -36.44 -2.58
N LEU L 101 -28.70 -36.21 -1.48
CA LEU L 101 -28.84 -35.01 -0.69
C LEU L 101 -27.52 -34.25 -0.68
N GLY L 102 -27.63 -32.92 -0.61
CA GLY L 102 -26.48 -32.07 -0.43
C GLY L 102 -26.72 -31.10 0.72
N THR L 103 -25.67 -30.38 1.08
CA THR L 103 -25.77 -29.39 2.15
C THR L 103 -25.27 -28.05 1.66
N MET L 104 -25.70 -26.99 2.34
CA MET L 104 -25.41 -25.62 1.96
C MET L 104 -24.59 -24.96 3.05
N ALA L 105 -23.29 -24.76 2.79
CA ALA L 105 -22.41 -23.98 3.64
C ALA L 105 -21.49 -23.15 2.75
N GLY L 106 -21.23 -21.93 3.16
CA GLY L 106 -20.53 -20.98 2.32
C GLY L 106 -21.49 -20.02 1.66
N GLY L 107 -21.35 -19.84 0.35
CA GLY L 107 -22.29 -19.04 -0.40
C GLY L 107 -23.55 -19.80 -0.74
N ALA L 108 -24.71 -19.30 -0.30
CA ALA L 108 -25.96 -19.99 -0.57
C ALA L 108 -26.22 -20.11 -2.06
N ALA L 109 -25.98 -19.03 -2.81
CA ALA L 109 -26.16 -19.09 -4.26
C ALA L 109 -25.20 -20.08 -4.90
N ASP L 110 -23.94 -20.11 -4.44
CA ASP L 110 -22.96 -21.02 -5.03
C ASP L 110 -23.37 -22.47 -4.84
N CYS L 111 -23.71 -22.85 -3.59
CA CYS L 111 -24.13 -24.21 -3.32
C CYS L 111 -25.39 -24.57 -4.11
N SER L 112 -26.39 -23.70 -4.06
CA SER L 112 -27.65 -24.00 -4.75
C SER L 112 -27.43 -24.16 -6.25
N PHE L 113 -26.68 -23.24 -6.86
CA PHE L 113 -26.48 -23.29 -8.31
C PHE L 113 -25.69 -24.53 -8.71
N TRP L 114 -24.59 -24.81 -8.03
CA TRP L 114 -23.73 -25.89 -8.48
C TRP L 114 -24.33 -27.26 -8.16
N GLU L 115 -25.11 -27.37 -7.09
CA GLU L 115 -25.81 -28.61 -6.84
C GLU L 115 -27.02 -28.79 -7.74
N ARG L 116 -27.62 -27.70 -8.23
CA ARG L 116 -28.64 -27.84 -9.26
C ARG L 116 -28.01 -28.31 -10.57
N LEU L 117 -26.82 -27.79 -10.90
CA LEU L 117 -26.09 -28.29 -12.06
C LEU L 117 -25.77 -29.77 -11.88
N LEU L 118 -25.38 -30.17 -10.68
CA LEU L 118 -25.13 -31.57 -10.39
C LEU L 118 -26.39 -32.40 -10.57
N ALA L 119 -27.54 -31.89 -10.14
CA ALA L 119 -28.79 -32.62 -10.35
C ALA L 119 -29.08 -32.83 -11.82
N ARG L 120 -28.86 -31.79 -12.63
CA ARG L 120 -29.02 -31.92 -14.07
C ARG L 120 -28.10 -32.98 -14.65
N GLN L 121 -26.82 -32.95 -14.26
CA GLN L 121 -25.86 -33.92 -14.79
C GLN L 121 -26.21 -35.34 -14.34
N CYS L 122 -26.65 -35.51 -13.09
CA CYS L 122 -27.02 -36.83 -12.61
C CYS L 122 -28.22 -37.38 -13.37
N ARG L 123 -29.22 -36.54 -13.63
CA ARG L 123 -30.37 -37.00 -14.40
C ARG L 123 -29.95 -37.40 -15.81
N ILE L 124 -29.09 -36.61 -16.44
CA ILE L 124 -28.60 -36.96 -17.78
C ILE L 124 -27.83 -38.28 -17.74
N TYR L 125 -27.00 -38.47 -16.71
CA TYR L 125 -26.28 -39.73 -16.55
C TYR L 125 -27.24 -40.90 -16.45
N GLU L 126 -28.30 -40.77 -15.66
CA GLU L 126 -29.26 -41.85 -15.52
C GLU L 126 -29.97 -42.14 -16.83
N LEU L 127 -30.29 -41.10 -17.60
CA LEU L 127 -30.93 -41.32 -18.90
C LEU L 127 -29.99 -42.03 -19.87
N ARG L 128 -28.71 -41.66 -19.85
CA ARG L 128 -27.76 -42.23 -20.81
C ARG L 128 -27.34 -43.65 -20.45
N ASN L 129 -27.22 -43.96 -19.17
CA ASN L 129 -26.64 -45.22 -18.74
C ASN L 129 -27.66 -46.21 -18.17
N LYS L 130 -28.92 -45.79 -18.01
CA LYS L 130 -29.96 -46.61 -17.39
C LYS L 130 -29.59 -47.07 -15.99
N GLU L 131 -28.72 -46.35 -15.31
CA GLU L 131 -28.39 -46.61 -13.91
C GLU L 131 -28.27 -45.28 -13.19
N ARG L 132 -28.60 -45.29 -11.90
CA ARG L 132 -28.36 -44.11 -11.07
C ARG L 132 -26.87 -43.91 -10.85
N ILE L 133 -26.44 -42.65 -10.89
CA ILE L 133 -25.06 -42.33 -10.59
C ILE L 133 -24.73 -42.72 -9.15
N SER L 134 -23.50 -43.17 -8.93
CA SER L 134 -23.07 -43.49 -7.58
C SER L 134 -22.71 -42.22 -6.82
N VAL L 135 -22.66 -42.33 -5.49
CA VAL L 135 -22.36 -41.17 -4.65
C VAL L 135 -20.95 -40.65 -4.92
N ALA L 136 -19.99 -41.57 -5.02
CA ALA L 136 -18.63 -41.18 -5.32
C ALA L 136 -18.52 -40.50 -6.67
N ALA L 137 -19.23 -41.02 -7.67
CA ALA L 137 -19.22 -40.39 -8.99
C ALA L 137 -19.85 -39.01 -8.97
N ALA L 138 -20.96 -38.85 -8.25
CA ALA L 138 -21.61 -37.53 -8.18
C ALA L 138 -20.71 -36.52 -7.48
N SER L 139 -20.10 -36.91 -6.36
CA SER L 139 -19.21 -35.98 -5.66
C SER L 139 -17.99 -35.66 -6.50
N LYS L 140 -17.48 -36.64 -7.26
CA LYS L 140 -16.37 -36.38 -8.17
C LYS L 140 -16.77 -35.38 -9.25
N LEU L 141 -17.98 -35.52 -9.79
CA LEU L 141 -18.48 -34.56 -10.78
C LEU L 141 -18.53 -33.15 -10.19
N LEU L 142 -19.08 -33.02 -8.98
CA LEU L 142 -19.17 -31.70 -8.37
C LEU L 142 -17.80 -31.09 -8.11
N ALA L 143 -16.87 -31.91 -7.60
CA ALA L 143 -15.51 -31.42 -7.35
C ALA L 143 -14.83 -30.99 -8.64
N ASN L 144 -14.99 -31.77 -9.71
CA ASN L 144 -14.41 -31.37 -10.99
C ASN L 144 -15.05 -30.09 -11.52
N MET L 145 -16.35 -29.92 -11.31
CA MET L 145 -17.02 -28.70 -11.76
C MET L 145 -16.47 -27.48 -11.04
N VAL L 146 -16.30 -27.56 -9.72
CA VAL L 146 -15.89 -26.38 -8.98
C VAL L 146 -14.39 -26.14 -9.05
N TYR L 147 -13.60 -27.15 -9.40
CA TYR L 147 -12.16 -26.94 -9.50
C TYR L 147 -11.81 -25.97 -10.63
N GLN L 148 -12.62 -25.92 -11.68
CA GLN L 148 -12.37 -24.98 -12.77
C GLN L 148 -12.45 -23.53 -12.31
N TYR L 149 -13.08 -23.26 -11.17
CA TYR L 149 -13.25 -21.90 -10.68
C TYR L 149 -12.39 -21.61 -9.46
N LYS L 150 -11.37 -22.42 -9.21
CA LYS L 150 -10.53 -22.23 -8.03
C LYS L 150 -9.80 -20.88 -8.13
N GLY L 151 -9.81 -20.14 -7.02
CA GLY L 151 -9.22 -18.83 -6.99
C GLY L 151 -10.08 -17.71 -7.52
N MET L 152 -11.28 -18.02 -8.01
CA MET L 152 -12.19 -17.00 -8.50
C MET L 152 -13.18 -16.53 -7.45
N GLY L 153 -13.12 -17.06 -6.24
CA GLY L 153 -13.94 -16.57 -5.15
C GLY L 153 -15.16 -17.39 -4.81
N LEU L 154 -15.36 -18.54 -5.46
CA LEU L 154 -16.45 -19.42 -5.07
C LEU L 154 -16.26 -19.89 -3.64
N SER L 155 -17.36 -19.94 -2.88
CA SER L 155 -17.34 -20.46 -1.51
C SER L 155 -18.45 -21.49 -1.39
N MET L 156 -18.07 -22.74 -1.26
CA MET L 156 -19.02 -23.84 -1.14
C MET L 156 -18.39 -24.93 -0.28
N GLY L 157 -19.10 -25.34 0.75
CA GLY L 157 -18.74 -26.53 1.49
C GLY L 157 -19.97 -27.40 1.67
N THR L 158 -19.97 -28.59 1.08
CA THR L 158 -21.18 -29.38 0.99
C THR L 158 -20.87 -30.84 1.30
N MET L 159 -21.89 -31.55 1.72
CA MET L 159 -21.82 -32.99 1.92
C MET L 159 -22.78 -33.65 0.94
N ILE L 160 -22.24 -34.52 0.09
CA ILE L 160 -23.03 -35.33 -0.81
C ILE L 160 -23.30 -36.66 -0.13
N CYS L 161 -24.57 -36.98 0.03
CA CYS L 161 -25.01 -38.13 0.82
C CYS L 161 -25.93 -38.99 -0.02
N GLY L 162 -25.77 -40.30 0.11
CA GLY L 162 -26.62 -41.19 -0.65
C GLY L 162 -26.43 -42.62 -0.22
N TRP L 163 -26.99 -43.52 -1.01
CA TRP L 163 -26.87 -44.95 -0.76
C TRP L 163 -26.80 -45.65 -2.11
N ASP L 164 -25.62 -46.13 -2.45
CA ASP L 164 -25.36 -46.74 -3.74
C ASP L 164 -24.98 -48.20 -3.53
N LYS L 165 -24.49 -48.84 -4.60
CA LYS L 165 -24.08 -50.24 -4.50
C LYS L 165 -22.99 -50.46 -3.47
N ARG L 166 -22.22 -49.43 -3.12
CA ARG L 166 -21.20 -49.54 -2.10
C ARG L 166 -21.74 -49.26 -0.70
N GLY L 167 -23.06 -49.22 -0.53
CA GLY L 167 -23.66 -48.92 0.74
C GLY L 167 -23.93 -47.45 0.91
N PRO L 168 -24.14 -47.01 2.15
CA PRO L 168 -24.25 -45.58 2.44
C PRO L 168 -22.96 -44.85 2.08
N GLY L 169 -23.11 -43.68 1.47
CA GLY L 169 -21.99 -42.90 1.03
C GLY L 169 -22.09 -41.46 1.47
N LEU L 170 -20.98 -40.92 1.98
CA LEU L 170 -20.93 -39.58 2.52
C LEU L 170 -19.62 -38.95 2.07
N TYR L 171 -19.71 -37.84 1.35
CA TYR L 171 -18.53 -37.17 0.82
C TYR L 171 -18.59 -35.70 1.19
N TYR L 172 -17.46 -35.15 1.57
CA TYR L 172 -17.31 -33.72 1.78
C TYR L 172 -16.60 -33.14 0.56
N VAL L 173 -17.22 -32.14 -0.06
CA VAL L 173 -16.69 -31.45 -1.22
C VAL L 173 -16.70 -29.97 -0.93
N ASP L 174 -15.59 -29.28 -1.17
CA ASP L 174 -15.57 -27.84 -0.94
C ASP L 174 -15.04 -27.12 -2.18
N SER L 175 -15.24 -25.81 -2.19
CA SER L 175 -14.77 -24.99 -3.30
C SER L 175 -13.26 -24.85 -3.34
N GLU L 176 -12.57 -25.18 -2.26
CA GLU L 176 -11.12 -25.17 -2.23
C GLU L 176 -10.52 -26.42 -2.86
N GLY L 177 -11.33 -27.36 -3.31
CA GLY L 177 -10.87 -28.55 -4.01
C GLY L 177 -10.86 -29.82 -3.20
N ASN L 178 -11.12 -29.75 -1.90
CA ASN L 178 -11.17 -30.96 -1.08
C ASN L 178 -12.31 -31.86 -1.50
N ARG L 179 -12.07 -33.16 -1.46
CA ARG L 179 -13.13 -34.15 -1.68
C ARG L 179 -12.73 -35.41 -0.91
N ILE L 180 -13.39 -35.66 0.21
CA ILE L 180 -13.02 -36.76 1.08
C ILE L 180 -14.25 -37.55 1.50
N SER L 181 -14.13 -38.87 1.46
CA SER L 181 -15.13 -39.74 2.04
C SER L 181 -14.94 -39.81 3.55
N GLY L 182 -16.02 -40.07 4.26
CA GLY L 182 -15.90 -40.15 5.71
C GLY L 182 -17.16 -40.68 6.34
N ALA L 183 -17.04 -40.96 7.64
CA ALA L 183 -18.15 -41.47 8.43
C ALA L 183 -19.00 -40.35 9.04
N THR L 184 -18.37 -39.28 9.50
CA THR L 184 -19.05 -38.12 10.04
C THR L 184 -18.38 -36.84 9.52
N PHE L 185 -19.19 -35.82 9.30
CA PHE L 185 -18.70 -34.53 8.87
C PHE L 185 -19.58 -33.44 9.48
N SER L 186 -18.97 -32.31 9.76
CA SER L 186 -19.70 -31.10 10.10
C SER L 186 -19.06 -29.93 9.39
N VAL L 187 -19.88 -29.10 8.75
CA VAL L 187 -19.40 -27.97 7.96
C VAL L 187 -20.13 -26.72 8.44
N GLY L 188 -19.42 -25.59 8.46
CA GLY L 188 -20.00 -24.31 8.76
C GLY L 188 -19.33 -23.64 9.94
N SER L 189 -19.79 -22.41 10.21
CA SER L 189 -19.24 -21.63 11.31
C SER L 189 -19.50 -22.29 12.67
N GLY L 190 -20.58 -23.03 12.81
CA GLY L 190 -20.86 -23.70 14.06
C GLY L 190 -20.44 -25.15 14.10
N SER L 191 -19.59 -25.56 13.16
CA SER L 191 -19.29 -26.97 13.02
C SER L 191 -18.38 -27.49 14.14
N VAL L 192 -17.60 -26.63 14.79
CA VAL L 192 -16.74 -27.10 15.87
C VAL L 192 -17.57 -27.58 17.06
N TYR L 193 -18.61 -26.82 17.42
CA TYR L 193 -19.51 -27.23 18.49
C TYR L 193 -20.24 -28.52 18.14
N ALA L 194 -20.72 -28.62 16.90
CA ALA L 194 -21.39 -29.83 16.45
C ALA L 194 -20.45 -31.02 16.52
N TYR L 195 -19.18 -30.82 16.13
CA TYR L 195 -18.19 -31.89 16.21
C TYR L 195 -18.03 -32.36 17.64
N GLY L 196 -17.98 -31.41 18.57
CA GLY L 196 -17.83 -31.78 19.98
C GLY L 196 -18.97 -32.67 20.45
N VAL L 197 -20.21 -32.28 20.15
CA VAL L 197 -21.34 -33.08 20.63
C VAL L 197 -21.43 -34.41 19.89
N MET L 198 -21.29 -34.36 18.57
CA MET L 198 -21.46 -35.55 17.73
C MET L 198 -20.43 -36.62 18.07
N ASP L 199 -19.16 -36.24 18.22
CA ASP L 199 -18.12 -37.23 18.50
C ASP L 199 -18.38 -37.93 19.82
N ARG L 200 -18.81 -37.20 20.85
CA ARG L 200 -19.15 -37.82 22.11
C ARG L 200 -20.32 -38.79 21.96
N GLY L 201 -21.33 -38.40 21.19
CA GLY L 201 -22.50 -39.24 21.08
C GLY L 201 -22.51 -40.28 19.99
N TYR L 202 -21.53 -40.29 19.09
CA TYR L 202 -21.63 -41.09 17.88
C TYR L 202 -21.17 -42.52 18.09
N SER L 203 -21.92 -43.44 17.48
CA SER L 203 -21.44 -44.80 17.25
C SER L 203 -22.08 -45.30 15.97
N TYR L 204 -21.41 -46.22 15.29
CA TYR L 204 -21.96 -46.80 14.09
C TYR L 204 -23.23 -47.61 14.36
N ASP L 205 -23.40 -48.12 15.58
CA ASP L 205 -24.50 -49.00 15.94
C ASP L 205 -25.64 -48.28 16.66
N LEU L 206 -25.81 -46.98 16.40
CA LEU L 206 -26.93 -46.26 16.97
C LEU L 206 -28.24 -46.78 16.42
N GLU L 207 -29.28 -46.75 17.26
CA GLU L 207 -30.62 -46.94 16.76
C GLU L 207 -31.06 -45.69 15.99
N VAL L 208 -32.11 -45.84 15.19
CA VAL L 208 -32.54 -44.75 14.32
C VAL L 208 -32.99 -43.55 15.14
N GLU L 209 -33.78 -43.79 16.18
CA GLU L 209 -34.25 -42.69 17.02
C GLU L 209 -33.10 -42.04 17.78
N GLU L 210 -32.15 -42.85 18.26
CA GLU L 210 -30.96 -42.30 18.90
C GLU L 210 -30.16 -41.44 17.95
N ALA L 211 -30.03 -41.87 16.69
CA ALA L 211 -29.32 -41.07 15.69
C ALA L 211 -30.04 -39.76 15.42
N TYR L 212 -31.37 -39.79 15.32
CA TYR L 212 -32.13 -38.55 15.16
C TYR L 212 -31.86 -37.60 16.32
N ASP L 213 -31.92 -38.12 17.54
CA ASP L 213 -31.70 -37.30 18.72
C ASP L 213 -30.28 -36.74 18.73
N LEU L 214 -29.30 -37.54 18.35
CA LEU L 214 -27.92 -37.06 18.34
C LEU L 214 -27.74 -35.91 17.36
N ALA L 215 -28.28 -36.06 16.14
CA ALA L 215 -28.18 -34.98 15.17
C ALA L 215 -28.86 -33.71 15.65
N ARG L 216 -30.08 -33.84 16.17
CA ARG L 216 -30.80 -32.67 16.66
C ARG L 216 -30.05 -32.00 17.79
N ARG L 217 -29.53 -32.79 18.73
CA ARG L 217 -28.80 -32.23 19.86
C ARG L 217 -27.54 -31.51 19.41
N ALA L 218 -26.79 -32.09 18.48
CA ALA L 218 -25.57 -31.45 18.03
C ALA L 218 -25.84 -30.13 17.32
N ILE L 219 -26.85 -30.10 16.45
CA ILE L 219 -27.20 -28.84 15.79
C ILE L 219 -27.68 -27.83 16.82
N TYR L 220 -28.48 -28.27 17.79
CA TYR L 220 -28.99 -27.35 18.79
C TYR L 220 -27.87 -26.72 19.61
N GLN L 221 -26.90 -27.53 20.05
CA GLN L 221 -25.78 -26.97 20.81
C GLN L 221 -24.97 -26.01 19.95
N ALA L 222 -24.78 -26.34 18.67
CA ALA L 222 -24.08 -25.41 17.78
C ALA L 222 -24.82 -24.07 17.70
N THR L 223 -26.14 -24.09 17.53
CA THR L 223 -26.89 -22.84 17.48
C THR L 223 -26.82 -22.10 18.81
N TYR L 224 -26.69 -22.84 19.91
CA TYR L 224 -26.55 -22.21 21.22
C TYR L 224 -25.24 -21.43 21.33
N ARG L 225 -24.16 -22.00 20.81
CA ARG L 225 -22.86 -21.33 20.97
C ARG L 225 -22.51 -20.38 19.82
N ASP L 226 -22.98 -20.63 18.61
CA ASP L 226 -22.55 -19.89 17.43
C ASP L 226 -23.57 -18.82 17.07
N ALA L 227 -23.11 -17.57 16.95
CA ALA L 227 -24.01 -16.47 16.66
C ALA L 227 -24.67 -16.61 15.29
N TYR L 228 -24.00 -17.26 14.34
CA TYR L 228 -24.47 -17.34 12.97
C TYR L 228 -25.30 -18.58 12.70
N SER L 229 -25.60 -19.38 13.71
CA SER L 229 -26.46 -20.55 13.58
C SER L 229 -27.72 -20.37 14.42
N GLY L 230 -28.85 -20.76 13.86
CA GLY L 230 -30.09 -20.65 14.59
C GLY L 230 -31.27 -21.00 13.71
N GLY L 231 -32.45 -20.68 14.21
CA GLY L 231 -33.69 -20.89 13.48
C GLY L 231 -34.32 -22.25 13.81
N SER L 232 -34.32 -23.15 12.84
CA SER L 232 -34.86 -24.49 12.99
C SER L 232 -33.78 -25.50 12.66
N VAL L 233 -33.99 -26.74 13.09
CA VAL L 233 -33.14 -27.87 12.75
C VAL L 233 -33.94 -28.75 11.79
N SER L 234 -33.42 -28.91 10.57
CA SER L 234 -33.99 -29.81 9.59
C SER L 234 -33.21 -31.12 9.60
N LEU L 235 -33.94 -32.22 9.63
CA LEU L 235 -33.39 -33.56 9.80
C LEU L 235 -33.91 -34.46 8.68
N TYR L 236 -32.97 -35.11 7.99
CA TYR L 236 -33.22 -36.01 6.88
C TYR L 236 -32.52 -37.33 7.13
N HIS L 237 -33.11 -38.41 6.62
CA HIS L 237 -32.57 -39.75 6.76
C HIS L 237 -32.46 -40.37 5.37
N VAL L 238 -31.23 -40.60 4.92
CA VAL L 238 -30.96 -41.32 3.69
C VAL L 238 -30.96 -42.81 3.98
N ARG L 239 -31.92 -43.51 3.40
CA ARG L 239 -32.04 -44.96 3.50
C ARG L 239 -31.80 -45.58 2.13
N GLU L 240 -31.84 -46.90 2.07
CA GLU L 240 -31.46 -47.61 0.85
C GLU L 240 -32.37 -47.28 -0.32
N ASP L 241 -33.66 -47.09 -0.05
CA ASP L 241 -34.63 -46.80 -1.10
C ASP L 241 -34.91 -45.31 -1.25
N GLY L 242 -34.01 -44.46 -0.76
CA GLY L 242 -34.14 -43.03 -0.88
C GLY L 242 -34.13 -42.35 0.47
N TRP L 243 -34.17 -41.03 0.42
CA TRP L 243 -34.18 -40.23 1.64
C TRP L 243 -35.60 -39.86 2.02
N ILE L 244 -35.79 -39.55 3.30
CA ILE L 244 -37.02 -39.00 3.82
C ILE L 244 -36.69 -37.77 4.64
N ARG L 245 -37.52 -36.75 4.52
CA ARG L 245 -37.41 -35.58 5.40
C ARG L 245 -38.00 -35.97 6.75
N VAL L 246 -37.15 -36.09 7.76
CA VAL L 246 -37.61 -36.59 9.05
C VAL L 246 -38.37 -35.50 9.79
N SER L 247 -37.74 -34.36 10.03
CA SER L 247 -38.38 -33.36 10.89
C SER L 247 -37.80 -31.99 10.63
N SER L 248 -38.51 -30.98 11.14
CA SER L 248 -38.02 -29.61 11.19
C SER L 248 -38.50 -29.03 12.52
N ASP L 249 -37.59 -28.93 13.49
CA ASP L 249 -37.93 -28.53 14.85
C ASP L 249 -37.30 -27.18 15.15
N ASN L 250 -38.12 -26.24 15.60
CA ASN L 250 -37.62 -24.94 15.99
C ASN L 250 -36.68 -25.06 17.20
N VAL L 251 -35.65 -24.23 17.21
CA VAL L 251 -34.65 -24.26 18.28
C VAL L 251 -35.28 -23.91 19.62
N ALA L 252 -36.36 -23.11 19.62
CA ALA L 252 -37.04 -22.79 20.87
C ALA L 252 -37.71 -24.01 21.48
N ASP L 253 -38.38 -24.82 20.66
CA ASP L 253 -38.96 -26.06 21.16
C ASP L 253 -37.88 -27.02 21.65
N LEU L 254 -36.78 -27.11 20.90
CA LEU L 254 -35.65 -27.92 21.34
C LEU L 254 -35.12 -27.46 22.68
N HIS L 255 -35.06 -26.14 22.87
CA HIS L 255 -34.61 -25.60 24.15
C HIS L 255 -35.57 -25.97 25.27
N ASP L 256 -36.87 -25.88 25.01
CA ASP L 256 -37.84 -26.30 26.02
C ASP L 256 -37.69 -27.77 26.35
N LYS L 257 -37.30 -28.58 25.37
CA LYS L 257 -37.17 -30.02 25.59
C LYS L 257 -35.83 -30.40 26.24
N TYR L 258 -34.79 -29.60 26.05
CA TYR L 258 -33.46 -29.95 26.55
C TYR L 258 -33.14 -29.27 27.87
N SER L 259 -33.43 -27.97 28.01
CA SER L 259 -33.14 -27.30 29.28
C SER L 259 -34.13 -27.71 30.36
N GLY L 260 -35.42 -27.75 30.02
CA GLY L 260 -36.45 -28.13 30.97
C GLY L 260 -36.53 -29.62 31.19
N ARG M 29 -9.99 6.74 -9.88
CA ARG M 29 -10.59 5.42 -9.94
C ARG M 29 -12.03 5.52 -10.45
N PHE M 30 -12.59 4.40 -10.87
CA PHE M 30 -13.95 4.34 -11.39
C PHE M 30 -14.69 3.21 -10.68
N SER M 31 -15.75 3.56 -9.94
CA SER M 31 -16.60 2.57 -9.31
C SER M 31 -17.84 2.37 -10.17
N PRO M 32 -18.12 1.14 -10.63
CA PRO M 32 -19.29 0.91 -11.49
C PRO M 32 -20.61 0.74 -10.74
N TYR M 33 -20.68 1.11 -9.47
CA TYR M 33 -21.90 0.97 -8.68
C TYR M 33 -22.23 2.29 -7.99
N ALA M 34 -23.51 2.48 -7.74
CA ALA M 34 -23.98 3.59 -6.90
C ALA M 34 -25.10 3.07 -6.01
N PHE M 35 -25.24 3.70 -4.84
CA PHE M 35 -26.30 3.36 -3.91
C PHE M 35 -27.45 4.33 -4.14
N ASN M 36 -28.56 3.82 -4.66
CA ASN M 36 -29.68 4.66 -5.05
C ASN M 36 -30.85 4.60 -4.09
N GLY M 37 -30.73 3.84 -3.01
CA GLY M 37 -31.74 3.82 -1.98
C GLY M 37 -33.00 3.10 -2.42
N GLY M 38 -34.03 3.26 -1.60
CA GLY M 38 -35.32 2.67 -1.92
C GLY M 38 -35.60 1.38 -1.18
N THR M 39 -36.86 1.16 -0.87
CA THR M 39 -37.29 -0.01 -0.12
C THR M 39 -38.44 -0.68 -0.86
N VAL M 40 -38.39 -2.02 -0.87
CA VAL M 40 -39.40 -2.87 -1.47
C VAL M 40 -39.88 -3.83 -0.39
N LEU M 41 -41.18 -4.11 -0.38
CA LEU M 41 -41.80 -5.02 0.58
C LEU M 41 -42.82 -5.88 -0.14
N ALA M 42 -42.89 -7.16 0.21
CA ALA M 42 -43.94 -8.01 -0.35
C ALA M 42 -44.54 -8.86 0.75
N ILE M 43 -45.86 -9.04 0.69
CA ILE M 43 -46.61 -9.88 1.62
C ILE M 43 -47.49 -10.82 0.81
N ALA M 44 -47.39 -12.11 1.11
CA ALA M 44 -48.20 -13.13 0.43
C ALA M 44 -49.42 -13.44 1.28
N GLY M 45 -50.59 -13.40 0.67
CA GLY M 45 -51.84 -13.76 1.31
C GLY M 45 -52.37 -15.10 0.83
N GLU M 46 -53.57 -15.42 1.31
CA GLU M 46 -54.21 -16.67 0.90
C GLU M 46 -54.62 -16.64 -0.56
N ASP M 47 -55.07 -15.48 -1.04
CA ASP M 47 -55.45 -15.35 -2.44
C ASP M 47 -54.99 -14.02 -3.03
N PHE M 48 -53.94 -13.43 -2.47
CA PHE M 48 -53.43 -12.16 -2.96
C PHE M 48 -51.94 -12.10 -2.67
N SER M 49 -51.26 -11.21 -3.38
CA SER M 49 -49.91 -10.82 -3.03
C SER M 49 -49.83 -9.31 -3.11
N ILE M 50 -48.95 -8.72 -2.30
CA ILE M 50 -48.76 -7.27 -2.29
C ILE M 50 -47.29 -6.99 -2.48
N VAL M 51 -46.96 -6.12 -3.42
CA VAL M 51 -45.60 -5.60 -3.59
C VAL M 51 -45.68 -4.08 -3.50
N ALA M 52 -44.93 -3.50 -2.58
CA ALA M 52 -44.97 -2.07 -2.31
C ALA M 52 -43.56 -1.53 -2.31
N SER M 53 -43.41 -0.28 -2.73
CA SER M 53 -42.08 0.31 -2.76
C SER M 53 -42.18 1.80 -2.55
N ASP M 54 -41.08 2.39 -2.07
CA ASP M 54 -41.00 3.84 -2.09
C ASP M 54 -40.55 4.32 -3.48
N THR M 55 -40.83 5.60 -3.76
CA THR M 55 -40.61 6.14 -5.10
C THR M 55 -39.48 7.16 -5.17
N ARG M 56 -38.62 7.20 -4.15
CA ARG M 56 -37.52 8.16 -4.14
C ARG M 56 -36.29 7.55 -4.78
N LEU M 57 -35.73 8.24 -5.77
CA LEU M 57 -34.45 7.89 -6.36
C LEU M 57 -33.44 8.94 -5.93
N SER M 58 -32.37 8.49 -5.26
CA SER M 58 -31.40 9.36 -4.64
C SER M 58 -30.00 8.90 -4.99
N GLU M 59 -29.01 9.76 -4.74
CA GLU M 59 -27.61 9.39 -4.84
C GLU M 59 -26.81 10.27 -3.91
N GLY M 60 -25.99 9.66 -3.07
CA GLY M 60 -25.29 10.42 -2.05
C GLY M 60 -26.28 11.05 -1.10
N PHE M 61 -26.16 12.36 -0.91
CA PHE M 61 -27.08 13.12 -0.08
C PHE M 61 -28.16 13.83 -0.89
N SER M 62 -28.23 13.59 -2.20
CA SER M 62 -29.15 14.27 -3.09
C SER M 62 -30.33 13.38 -3.44
N ILE M 63 -31.37 14.00 -3.97
CA ILE M 63 -32.52 13.30 -4.51
C ILE M 63 -32.54 13.54 -6.01
N HIS M 64 -32.39 12.46 -6.78
CA HIS M 64 -32.55 12.56 -8.22
C HIS M 64 -33.99 12.88 -8.59
N THR M 65 -34.93 12.10 -8.05
CA THR M 65 -36.33 12.34 -8.36
C THR M 65 -37.21 11.72 -7.29
N ARG M 66 -38.40 12.27 -7.12
CA ARG M 66 -39.36 11.78 -6.16
C ARG M 66 -40.39 10.84 -6.77
N ASP M 67 -40.34 10.62 -8.09
CA ASP M 67 -41.30 9.75 -8.77
C ASP M 67 -40.50 8.68 -9.53
N SER M 68 -40.15 7.62 -8.83
CA SER M 68 -39.38 6.52 -9.40
C SER M 68 -39.81 5.23 -8.73
N PRO M 69 -40.89 4.62 -9.20
CA PRO M 69 -41.35 3.36 -8.60
C PRO M 69 -40.35 2.25 -8.84
N LYS M 70 -40.27 1.35 -7.86
CA LYS M 70 -39.41 0.18 -7.93
C LYS M 70 -40.18 -1.10 -8.18
N CYS M 71 -41.45 -1.01 -8.56
CA CYS M 71 -42.29 -2.17 -8.84
C CYS M 71 -42.58 -2.24 -10.33
N TYR M 72 -42.40 -3.42 -10.91
CA TYR M 72 -42.59 -3.64 -12.33
C TYR M 72 -43.54 -4.80 -12.54
N LYS M 73 -44.58 -4.59 -13.34
CA LYS M 73 -45.49 -5.67 -13.67
C LYS M 73 -44.84 -6.58 -14.70
N LEU M 74 -44.70 -7.86 -14.36
CA LEU M 74 -44.13 -8.83 -15.29
C LEU M 74 -45.23 -9.54 -16.06
N THR M 75 -46.14 -10.20 -15.35
CA THR M 75 -47.31 -10.81 -15.96
C THR M 75 -48.54 -10.37 -15.18
N ASP M 76 -49.71 -10.75 -15.70
CA ASP M 76 -50.96 -10.40 -15.03
C ASP M 76 -51.03 -11.00 -13.64
N LYS M 77 -50.21 -11.99 -13.34
CA LYS M 77 -50.15 -12.62 -12.03
C LYS M 77 -48.83 -12.39 -11.31
N THR M 78 -47.94 -11.54 -11.84
CA THR M 78 -46.61 -11.44 -11.26
C THR M 78 -46.07 -10.02 -11.37
N VAL M 79 -45.57 -9.50 -10.24
CA VAL M 79 -44.92 -8.20 -10.13
C VAL M 79 -43.55 -8.41 -9.49
N ILE M 80 -42.57 -7.62 -9.92
CA ILE M 80 -41.24 -7.65 -9.34
C ILE M 80 -40.91 -6.28 -8.76
N GLY M 81 -40.29 -6.27 -7.59
CA GLY M 81 -39.74 -5.08 -6.98
C GLY M 81 -38.23 -5.18 -6.89
N CYS M 82 -37.54 -4.15 -7.35
CA CYS M 82 -36.08 -4.16 -7.45
C CYS M 82 -35.53 -2.93 -6.74
N SER M 83 -34.53 -3.13 -5.89
CA SER M 83 -33.86 -2.02 -5.22
C SER M 83 -32.35 -2.19 -5.30
N GLY M 84 -31.64 -1.07 -5.15
CA GLY M 84 -30.19 -1.07 -5.19
C GLY M 84 -29.67 -0.07 -6.22
N PHE M 85 -28.67 -0.51 -6.98
CA PHE M 85 -28.12 0.31 -8.05
C PHE M 85 -29.14 0.41 -9.18
N HIS M 86 -29.55 1.64 -9.49
CA HIS M 86 -30.67 1.84 -10.42
C HIS M 86 -30.32 1.41 -11.84
N GLY M 87 -29.07 1.62 -12.27
CA GLY M 87 -28.68 1.15 -13.59
C GLY M 87 -28.88 -0.34 -13.75
N ASP M 88 -28.48 -1.12 -12.74
CA ASP M 88 -28.70 -2.55 -12.76
C ASP M 88 -30.19 -2.88 -12.72
N CYS M 89 -30.98 -2.11 -11.98
CA CYS M 89 -32.42 -2.37 -11.92
C CYS M 89 -33.08 -2.19 -13.28
N LEU M 90 -32.76 -1.10 -13.98
CA LEU M 90 -33.29 -0.88 -15.32
C LEU M 90 -32.86 -1.99 -16.28
N THR M 91 -31.57 -2.31 -16.29
CA THR M 91 -31.07 -3.33 -17.20
C THR M 91 -31.73 -4.67 -16.92
N LEU M 92 -31.84 -5.05 -15.65
CA LEU M 92 -32.39 -6.35 -15.29
C LEU M 92 -33.87 -6.44 -15.61
N THR M 93 -34.63 -5.37 -15.38
CA THR M 93 -36.06 -5.42 -15.71
C THR M 93 -36.24 -5.57 -17.22
N LYS M 94 -35.41 -4.89 -18.02
CA LYS M 94 -35.51 -5.07 -19.46
C LYS M 94 -35.13 -6.49 -19.88
N ILE M 95 -34.09 -7.05 -19.26
CA ILE M 95 -33.69 -8.43 -19.58
C ILE M 95 -34.81 -9.40 -19.23
N ILE M 96 -35.47 -9.19 -18.09
CA ILE M 96 -36.55 -10.08 -17.67
C ILE M 96 -37.73 -9.97 -18.61
N GLU M 97 -38.09 -8.76 -19.04
CA GLU M 97 -39.18 -8.62 -20.00
C GLU M 97 -38.86 -9.35 -21.30
N ALA M 98 -37.62 -9.20 -21.80
CA ALA M 98 -37.22 -9.90 -23.00
C ALA M 98 -37.33 -11.41 -22.82
N ARG M 99 -36.86 -11.93 -21.69
CA ARG M 99 -36.88 -13.37 -21.47
C ARG M 99 -38.30 -13.90 -21.35
N LEU M 100 -39.20 -13.11 -20.75
CA LEU M 100 -40.60 -13.52 -20.68
C LEU M 100 -41.21 -13.60 -22.07
N LYS M 101 -40.93 -12.62 -22.93
CA LYS M 101 -41.45 -12.68 -24.29
C LYS M 101 -40.85 -13.87 -25.06
N MET M 102 -39.56 -14.13 -24.88
CA MET M 102 -38.93 -15.28 -25.54
C MET M 102 -39.57 -16.60 -25.09
N TYR M 103 -39.84 -16.72 -23.79
CA TYR M 103 -40.48 -17.93 -23.27
C TYR M 103 -41.87 -18.08 -23.86
N LYS M 104 -42.62 -16.99 -23.94
CA LYS M 104 -43.96 -17.06 -24.52
C LYS M 104 -43.90 -17.49 -25.99
N HIS M 105 -42.93 -16.96 -26.74
CA HIS M 105 -42.75 -17.37 -28.13
C HIS M 105 -42.42 -18.86 -28.24
N SER M 106 -41.53 -19.34 -27.37
CA SER M 106 -41.02 -20.70 -27.50
C SER M 106 -42.02 -21.75 -27.00
N ASN M 107 -42.79 -21.43 -25.96
CA ASN M 107 -43.62 -22.41 -25.29
C ASN M 107 -45.11 -22.16 -25.45
N ASN M 108 -45.50 -21.06 -26.11
CA ASN M 108 -46.89 -20.74 -26.40
C ASN M 108 -47.74 -20.61 -25.14
N LYS M 109 -47.14 -20.13 -24.05
CA LYS M 109 -47.85 -19.91 -22.80
C LYS M 109 -47.05 -18.91 -21.98
N ALA M 110 -47.74 -18.23 -21.07
CA ALA M 110 -47.08 -17.26 -20.20
C ALA M 110 -46.36 -17.96 -19.06
N MET M 111 -45.30 -17.31 -18.58
CA MET M 111 -44.51 -17.85 -17.48
C MET M 111 -45.24 -17.74 -16.15
N THR M 112 -45.20 -18.81 -15.38
CA THR M 112 -45.70 -18.81 -14.02
C THR M 112 -44.71 -18.10 -13.09
N THR M 113 -45.18 -17.78 -11.88
CA THR M 113 -44.34 -17.07 -10.92
C THR M 113 -43.12 -17.88 -10.52
N GLY M 114 -43.29 -19.18 -10.27
CA GLY M 114 -42.17 -20.02 -9.88
C GLY M 114 -41.13 -20.16 -10.98
N ALA M 115 -41.57 -20.31 -12.23
CA ALA M 115 -40.64 -20.37 -13.35
C ALA M 115 -39.88 -19.06 -13.49
N ILE M 116 -40.56 -17.92 -13.28
CA ILE M 116 -39.90 -16.63 -13.31
C ILE M 116 -38.83 -16.54 -12.23
N ALA M 117 -39.14 -17.02 -11.04
CA ALA M 117 -38.15 -17.01 -9.95
C ALA M 117 -36.93 -17.87 -10.29
N ALA M 118 -37.15 -19.08 -10.83
CA ALA M 118 -36.03 -19.93 -11.20
C ALA M 118 -35.19 -19.30 -12.31
N MET M 119 -35.85 -18.71 -13.32
CA MET M 119 -35.14 -18.05 -14.39
C MET M 119 -34.34 -16.85 -13.86
N LEU M 120 -34.92 -16.09 -12.93
CA LEU M 120 -34.22 -14.95 -12.36
C LEU M 120 -32.99 -15.40 -11.61
N SER M 121 -33.10 -16.52 -10.88
CA SER M 121 -31.93 -17.09 -10.23
C SER M 121 -30.82 -17.38 -11.23
N THR M 122 -31.15 -18.01 -12.35
CA THR M 122 -30.12 -18.28 -13.35
C THR M 122 -29.53 -16.99 -13.94
N ILE M 123 -30.39 -16.00 -14.21
CA ILE M 123 -29.93 -14.73 -14.77
C ILE M 123 -28.97 -14.03 -13.81
N LEU M 124 -29.32 -14.00 -12.53
CA LEU M 124 -28.47 -13.34 -11.54
C LEU M 124 -27.16 -14.09 -11.35
N TYR M 125 -27.19 -15.42 -11.38
CA TYR M 125 -25.94 -16.15 -11.26
C TYR M 125 -25.07 -16.04 -12.51
N SER M 126 -25.65 -15.73 -13.67
CA SER M 126 -24.85 -15.58 -14.88
C SER M 126 -23.84 -14.45 -14.77
N ARG M 127 -24.03 -13.53 -13.83
CA ARG M 127 -23.07 -12.46 -13.57
C ARG M 127 -22.45 -12.61 -12.20
N ARG M 128 -22.17 -13.85 -11.81
CA ARG M 128 -21.70 -14.14 -10.45
C ARG M 128 -20.43 -13.38 -10.09
N PHE M 129 -19.57 -13.08 -11.06
CA PHE M 129 -18.31 -12.42 -10.76
C PHE M 129 -18.33 -10.92 -11.03
N PHE M 130 -19.36 -10.39 -11.69
CA PHE M 130 -19.60 -8.95 -11.79
C PHE M 130 -21.09 -8.73 -11.57
N PRO M 131 -21.55 -8.82 -10.32
CA PRO M 131 -22.99 -9.02 -10.07
C PRO M 131 -23.83 -7.77 -10.29
N TYR M 132 -25.08 -8.02 -10.69
CA TYR M 132 -26.13 -7.01 -10.53
C TYR M 132 -26.27 -6.69 -9.05
N TYR M 133 -26.09 -5.42 -8.69
CA TYR M 133 -26.34 -4.99 -7.32
C TYR M 133 -27.82 -4.65 -7.17
N VAL M 134 -28.64 -5.70 -7.16
CA VAL M 134 -30.09 -5.57 -7.08
C VAL M 134 -30.61 -6.56 -6.06
N TYR M 135 -31.50 -6.10 -5.20
CA TYR M 135 -32.31 -6.96 -4.35
C TYR M 135 -33.70 -7.06 -4.97
N ASN M 136 -34.10 -8.27 -5.29
CA ASN M 136 -35.33 -8.55 -6.01
C ASN M 136 -36.31 -9.27 -5.10
N ILE M 137 -37.57 -8.82 -5.14
CA ILE M 137 -38.66 -9.54 -4.51
C ILE M 137 -39.75 -9.71 -5.55
N ILE M 138 -40.20 -10.94 -5.76
CA ILE M 138 -41.27 -11.25 -6.68
C ILE M 138 -42.52 -11.53 -5.87
N GLY M 139 -43.59 -10.82 -6.18
CA GLY M 139 -44.88 -11.12 -5.61
C GLY M 139 -45.85 -11.55 -6.68
N GLY M 140 -46.57 -12.65 -6.45
CA GLY M 140 -47.49 -13.10 -7.44
C GLY M 140 -48.44 -14.15 -6.90
N LEU M 141 -49.10 -14.83 -7.82
CA LEU M 141 -49.97 -15.96 -7.50
C LEU M 141 -49.35 -17.22 -8.06
N ASP M 142 -49.40 -18.30 -7.29
CA ASP M 142 -48.90 -19.58 -7.80
C ASP M 142 -49.96 -20.20 -8.71
N GLU M 143 -49.72 -21.44 -9.14
CA GLU M 143 -50.66 -22.12 -10.02
C GLU M 143 -51.95 -22.50 -9.33
N GLU M 144 -51.94 -22.62 -8.00
CA GLU M 144 -53.13 -22.91 -7.23
C GLU M 144 -53.93 -21.66 -6.90
N GLY M 145 -53.47 -20.48 -7.34
CA GLY M 145 -54.15 -19.25 -7.02
C GLY M 145 -53.83 -18.66 -5.66
N LYS M 146 -52.76 -19.14 -5.02
CA LYS M 146 -52.37 -18.63 -3.71
C LYS M 146 -51.23 -17.62 -3.85
N GLY M 147 -51.19 -16.67 -2.92
CA GLY M 147 -50.12 -15.69 -2.93
C GLY M 147 -48.77 -16.33 -2.70
N ALA M 148 -47.78 -15.86 -3.44
CA ALA M 148 -46.42 -16.36 -3.37
C ALA M 148 -45.45 -15.19 -3.41
N VAL M 149 -44.46 -15.21 -2.53
CA VAL M 149 -43.41 -14.21 -2.50
C VAL M 149 -42.07 -14.94 -2.59
N TYR M 150 -41.21 -14.48 -3.48
CA TYR M 150 -39.86 -15.00 -3.62
C TYR M 150 -38.87 -13.88 -3.37
N SER M 151 -37.88 -14.13 -2.53
CA SER M 151 -36.83 -13.16 -2.26
C SER M 151 -35.51 -13.66 -2.82
N PHE M 152 -34.74 -12.74 -3.40
CA PHE M 152 -33.47 -13.04 -4.04
C PHE M 152 -32.37 -12.17 -3.46
N ASP M 153 -31.17 -12.72 -3.42
CA ASP M 153 -29.97 -11.96 -3.16
C ASP M 153 -29.30 -11.58 -4.48
N PRO M 154 -28.29 -10.70 -4.46
CA PRO M 154 -27.76 -10.20 -5.75
C PRO M 154 -27.24 -11.27 -6.69
N VAL M 155 -26.83 -12.44 -6.19
CA VAL M 155 -26.28 -13.48 -7.06
C VAL M 155 -27.29 -14.60 -7.33
N GLY M 156 -28.54 -14.43 -6.92
CA GLY M 156 -29.60 -15.32 -7.34
C GLY M 156 -30.01 -16.38 -6.34
N SER M 157 -29.43 -16.39 -5.14
CA SER M 157 -29.94 -17.26 -4.09
C SER M 157 -31.33 -16.79 -3.70
N TYR M 158 -32.31 -17.68 -3.74
CA TYR M 158 -33.69 -17.25 -3.55
C TYR M 158 -34.47 -18.28 -2.76
N GLN M 159 -35.54 -17.81 -2.14
CA GLN M 159 -36.44 -18.70 -1.43
C GLN M 159 -37.83 -18.09 -1.40
N ARG M 160 -38.81 -18.95 -1.16
CA ARG M 160 -40.19 -18.52 -0.98
C ARG M 160 -40.43 -18.15 0.47
N ASP M 161 -41.14 -17.05 0.68
CA ASP M 161 -41.43 -16.51 2.00
C ASP M 161 -42.89 -16.09 2.05
N SER M 162 -43.41 -15.96 3.27
CA SER M 162 -44.74 -15.38 3.44
C SER M 162 -44.71 -13.86 3.33
N PHE M 163 -43.60 -13.24 3.73
CA PHE M 163 -43.41 -11.80 3.62
C PHE M 163 -41.91 -11.54 3.61
N LYS M 164 -41.53 -10.39 3.06
CA LYS M 164 -40.13 -10.07 2.92
C LYS M 164 -39.97 -8.58 2.67
N ALA M 165 -38.89 -8.02 3.18
CA ALA M 165 -38.50 -6.65 2.89
C ALA M 165 -37.07 -6.62 2.37
N GLY M 166 -36.83 -5.75 1.38
CA GLY M 166 -35.50 -5.52 0.89
C GLY M 166 -35.25 -4.05 0.68
N GLY M 167 -33.98 -3.69 0.60
CA GLY M 167 -33.58 -2.33 0.41
C GLY M 167 -33.03 -1.69 1.66
N SER M 168 -33.03 -0.36 1.67
CA SER M 168 -32.33 0.40 2.70
C SER M 168 -33.02 0.27 4.05
N ALA M 169 -34.34 0.17 4.07
CA ALA M 169 -35.11 0.10 5.31
C ALA M 169 -35.55 -1.32 5.66
N SER M 170 -34.95 -2.33 5.04
CA SER M 170 -35.42 -3.70 5.24
C SER M 170 -35.23 -4.15 6.68
N ALA M 171 -34.11 -3.77 7.32
CA ALA M 171 -33.90 -4.11 8.72
C ALA M 171 -34.82 -3.33 9.65
N MET M 172 -35.41 -2.22 9.18
CA MET M 172 -36.43 -1.55 9.98
C MET M 172 -37.79 -2.25 9.85
N LEU M 173 -38.15 -2.66 8.64
CA LEU M 173 -39.46 -3.23 8.41
C LEU M 173 -39.58 -4.68 8.88
N GLN M 174 -38.51 -5.45 8.74
CA GLN M 174 -38.60 -6.90 8.94
C GLN M 174 -39.03 -7.32 10.34
N PRO M 175 -38.49 -6.76 11.43
CA PRO M 175 -38.96 -7.21 12.76
C PRO M 175 -40.43 -6.94 13.01
N LEU M 176 -40.97 -5.83 12.51
CA LEU M 176 -42.39 -5.58 12.73
C LEU M 176 -43.26 -6.50 11.89
N LEU M 177 -42.81 -6.86 10.69
CA LEU M 177 -43.53 -7.87 9.92
C LEU M 177 -43.50 -9.21 10.63
N ASP M 178 -42.36 -9.56 11.23
CA ASP M 178 -42.30 -10.76 12.05
C ASP M 178 -43.30 -10.70 13.19
N ASN M 179 -43.38 -9.56 13.87
CA ASN M 179 -44.26 -9.45 15.02
C ASN M 179 -45.73 -9.49 14.62
N GLN M 180 -46.11 -8.77 13.57
CA GLN M 180 -47.52 -8.59 13.23
C GLN M 180 -48.04 -9.69 12.31
N VAL M 181 -47.33 -9.98 11.22
CA VAL M 181 -47.76 -11.06 10.32
C VAL M 181 -47.43 -12.42 10.91
N GLY M 182 -46.21 -12.59 11.40
CA GLY M 182 -45.78 -13.87 11.94
C GLY M 182 -46.22 -14.15 13.37
N PHE M 183 -46.70 -13.12 14.08
CA PHE M 183 -47.12 -13.25 15.49
C PHE M 183 -45.99 -13.77 16.37
N LYS M 184 -44.75 -13.42 16.05
CA LYS M 184 -43.62 -13.88 16.84
C LYS M 184 -43.55 -13.15 18.17
N ASN M 185 -43.08 -13.87 19.19
CA ASN M 185 -42.86 -13.35 20.55
C ASN M 185 -44.15 -12.95 21.25
N MET M 186 -45.28 -13.41 20.74
CA MET M 186 -46.58 -13.11 21.34
C MET M 186 -47.21 -14.40 21.82
N GLN M 187 -47.81 -14.36 23.01
CA GLN M 187 -48.48 -15.51 23.59
C GLN M 187 -49.96 -15.23 23.74
N ASN M 188 -50.75 -16.32 23.72
CA ASN M 188 -52.21 -16.25 23.86
C ASN M 188 -52.83 -15.34 22.79
N VAL M 189 -52.28 -15.42 21.58
CA VAL M 189 -52.78 -14.65 20.44
C VAL M 189 -53.04 -15.62 19.30
N GLU M 190 -54.26 -15.59 18.76
CA GLU M 190 -54.63 -16.51 17.69
C GLU M 190 -53.99 -16.09 16.38
N HIS M 191 -53.77 -17.08 15.51
CA HIS M 191 -53.20 -16.85 14.19
C HIS M 191 -54.31 -16.75 13.15
N VAL M 192 -55.02 -15.64 13.20
CA VAL M 192 -56.06 -15.39 12.20
C VAL M 192 -55.42 -15.19 10.83
N PRO M 193 -56.00 -15.70 9.75
CA PRO M 193 -55.43 -15.45 8.42
C PRO M 193 -55.37 -13.96 8.11
N LEU M 194 -54.31 -13.57 7.41
CA LEU M 194 -54.09 -12.17 7.06
C LEU M 194 -54.98 -11.82 5.88
N SER M 195 -55.95 -10.95 6.11
CA SER M 195 -56.85 -10.49 5.06
C SER M 195 -56.20 -9.35 4.28
N LEU M 196 -56.80 -9.03 3.13
CA LEU M 196 -56.24 -8.03 2.23
C LEU M 196 -56.24 -6.64 2.86
N ASP M 197 -57.33 -6.27 3.54
CA ASP M 197 -57.42 -4.93 4.11
C ASP M 197 -56.44 -4.75 5.26
N ARG M 198 -56.33 -5.75 6.13
CA ARG M 198 -55.34 -5.66 7.21
C ARG M 198 -53.92 -5.61 6.66
N ALA M 199 -53.65 -6.39 5.61
CA ALA M 199 -52.33 -6.36 4.99
C ALA M 199 -52.03 -4.98 4.39
N MET M 200 -53.01 -4.38 3.72
CA MET M 200 -52.81 -3.04 3.16
C MET M 200 -52.53 -2.02 4.25
N ARG M 201 -53.29 -2.08 5.34
CA ARG M 201 -53.06 -1.17 6.46
C ARG M 201 -51.66 -1.36 7.03
N LEU M 202 -51.24 -2.61 7.21
CA LEU M 202 -49.93 -2.90 7.77
C LEU M 202 -48.81 -2.38 6.87
N VAL M 203 -48.96 -2.57 5.55
CA VAL M 203 -47.96 -2.08 4.62
C VAL M 203 -47.84 -0.56 4.70
N LYS M 204 -48.98 0.13 4.66
CA LYS M 204 -48.95 1.58 4.75
C LYS M 204 -48.30 2.06 6.04
N ASP M 205 -48.69 1.47 7.17
CA ASP M 205 -48.16 1.91 8.46
C ASP M 205 -46.67 1.65 8.57
N VAL M 206 -46.22 0.48 8.12
CA VAL M 206 -44.81 0.14 8.24
C VAL M 206 -43.97 1.06 7.35
N PHE M 207 -44.51 1.47 6.20
CA PHE M 207 -43.75 2.40 5.36
C PHE M 207 -43.73 3.80 5.94
N ILE M 208 -44.79 4.23 6.62
CA ILE M 208 -44.75 5.52 7.31
C ILE M 208 -43.69 5.51 8.42
N SER M 209 -43.64 4.41 9.18
CA SER M 209 -42.62 4.28 10.22
C SER M 209 -41.22 4.28 9.61
N ALA M 210 -41.03 3.62 8.47
CA ALA M 210 -39.73 3.63 7.82
C ALA M 210 -39.36 5.02 7.32
N ALA M 211 -40.33 5.75 6.75
CA ALA M 211 -40.07 7.11 6.29
C ALA M 211 -39.67 8.01 7.45
N GLU M 212 -40.10 7.67 8.66
CA GLU M 212 -39.66 8.45 9.82
C GLU M 212 -38.14 8.41 10.01
N ARG M 213 -37.53 7.23 9.88
CA ARG M 213 -36.17 7.02 10.36
C ARG M 213 -35.14 6.78 9.26
N ASP M 214 -35.52 6.24 8.11
CA ASP M 214 -34.58 5.96 7.03
C ASP M 214 -34.56 7.13 6.06
N VAL M 215 -33.39 7.74 5.88
CA VAL M 215 -33.28 8.93 5.05
C VAL M 215 -33.60 8.64 3.58
N TYR M 216 -33.50 7.39 3.16
CA TYR M 216 -33.73 7.05 1.76
C TYR M 216 -35.19 6.78 1.44
N THR M 217 -36.03 6.52 2.44
CA THR M 217 -37.43 6.19 2.22
C THR M 217 -38.28 7.44 2.35
N GLY M 218 -39.01 7.79 1.31
CA GLY M 218 -39.81 9.00 1.37
C GLY M 218 -40.60 9.22 0.11
N ASP M 219 -41.26 10.39 0.09
CA ASP M 219 -42.03 10.94 -1.02
C ASP M 219 -43.36 10.24 -1.23
N ALA M 220 -43.35 9.04 -1.81
CA ALA M 220 -44.60 8.35 -2.08
C ALA M 220 -44.37 6.84 -1.98
N LEU M 221 -45.47 6.13 -1.75
CA LEU M 221 -45.48 4.68 -1.64
C LEU M 221 -46.40 4.14 -2.72
N LYS M 222 -45.88 3.26 -3.56
CA LYS M 222 -46.67 2.61 -4.59
C LYS M 222 -46.94 1.17 -4.16
N VAL M 223 -48.20 0.78 -4.17
CA VAL M 223 -48.64 -0.53 -3.74
C VAL M 223 -49.32 -1.23 -4.91
N CYS M 224 -48.83 -2.41 -5.26
CA CYS M 224 -49.43 -3.27 -6.28
C CYS M 224 -50.03 -4.47 -5.58
N ILE M 225 -51.32 -4.69 -5.80
CA ILE M 225 -52.05 -5.83 -5.25
C ILE M 225 -52.34 -6.77 -6.41
N VAL M 226 -51.91 -8.02 -6.27
CA VAL M 226 -52.12 -9.04 -7.28
C VAL M 226 -53.16 -10.01 -6.73
N THR M 227 -54.31 -10.06 -7.39
CA THR M 227 -55.35 -11.04 -7.12
C THR M 227 -55.72 -11.69 -8.45
N LYS M 228 -56.64 -12.65 -8.40
CA LYS M 228 -57.09 -13.29 -9.63
C LYS M 228 -57.84 -12.33 -10.54
N GLU M 229 -58.36 -11.23 -10.00
CA GLU M 229 -58.94 -10.17 -10.83
C GLU M 229 -57.88 -9.43 -11.64
N GLY M 230 -56.63 -9.48 -11.21
CA GLY M 230 -55.58 -8.73 -11.87
C GLY M 230 -54.70 -7.98 -10.90
N ILE M 231 -54.07 -6.91 -11.37
CA ILE M 231 -53.16 -6.10 -10.56
C ILE M 231 -53.76 -4.72 -10.40
N ARG M 232 -53.91 -4.29 -9.16
CA ARG M 232 -54.41 -2.96 -8.81
C ARG M 232 -53.27 -2.12 -8.24
N GLY M 233 -53.23 -0.86 -8.63
CA GLY M 233 -52.18 0.07 -8.18
C GLY M 233 -52.75 1.14 -7.26
N GLU M 234 -52.00 1.48 -6.23
CA GLU M 234 -52.37 2.54 -5.30
C GLU M 234 -51.14 3.37 -4.94
N THR M 235 -51.37 4.63 -4.59
CA THR M 235 -50.31 5.54 -4.20
C THR M 235 -50.68 6.24 -2.90
N VAL M 236 -49.75 6.24 -1.95
CA VAL M 236 -49.95 6.85 -0.64
C VAL M 236 -48.82 7.84 -0.42
N PRO M 237 -49.10 9.12 -0.19
CA PRO M 237 -48.02 10.08 0.04
C PRO M 237 -47.23 9.79 1.32
N LEU M 238 -45.94 10.08 1.26
CA LEU M 238 -45.03 10.03 2.40
C LEU M 238 -44.38 11.40 2.57
N ARG M 239 -43.73 11.60 3.72
CA ARG M 239 -43.11 12.89 3.99
C ARG M 239 -41.99 13.17 3.00
N LYS M 240 -41.89 14.43 2.59
CA LYS M 240 -40.97 14.83 1.52
C LYS M 240 -39.55 15.09 2.00
N ASP M 241 -39.33 15.21 3.30
CA ASP M 241 -37.97 15.27 3.81
C ASP M 241 -37.42 13.85 3.96
N THR N 46 -12.94 5.42 -20.36
CA THR N 46 -12.32 6.68 -19.97
C THR N 46 -12.37 6.86 -18.46
N GLN N 47 -11.27 6.53 -17.79
CA GLN N 47 -11.20 6.68 -16.33
C GLN N 47 -10.80 8.08 -15.91
N ASN N 48 -10.02 8.79 -16.73
CA ASN N 48 -9.51 10.12 -16.38
C ASN N 48 -9.99 11.14 -17.40
N PRO N 49 -11.02 11.93 -17.07
CA PRO N 49 -11.49 12.96 -18.00
C PRO N 49 -10.51 14.13 -18.08
N MET N 50 -10.27 14.61 -19.29
CA MET N 50 -9.28 15.66 -19.49
C MET N 50 -9.88 17.06 -19.53
N VAL N 51 -10.67 17.35 -20.57
CA VAL N 51 -11.37 18.61 -20.69
C VAL N 51 -12.83 18.33 -20.38
N THR N 52 -13.37 19.05 -19.40
CA THR N 52 -14.69 18.74 -18.87
C THR N 52 -15.58 19.96 -18.88
N GLY N 53 -16.88 19.72 -19.03
CA GLY N 53 -17.89 20.74 -18.88
C GLY N 53 -18.60 20.59 -17.55
N THR N 54 -19.09 21.71 -17.03
CA THR N 54 -19.75 21.77 -15.74
C THR N 54 -21.26 21.55 -15.93
N SER N 55 -22.05 21.92 -14.92
CA SER N 55 -23.48 21.64 -14.86
C SER N 55 -24.23 21.98 -16.14
N VAL N 56 -25.27 21.19 -16.41
CA VAL N 56 -26.24 21.42 -17.48
C VAL N 56 -27.62 21.43 -16.84
N LEU N 57 -28.43 22.40 -17.20
CA LEU N 57 -29.76 22.56 -16.63
C LEU N 57 -30.85 22.23 -17.65
N GLY N 58 -31.93 21.65 -17.17
CA GLY N 58 -33.09 21.39 -18.00
C GLY N 58 -34.36 21.67 -17.24
N LEU N 59 -35.37 22.11 -17.98
CA LEU N 59 -36.63 22.53 -17.37
C LEU N 59 -37.76 22.36 -18.38
N LYS N 60 -38.81 21.64 -17.97
CA LYS N 60 -40.00 21.54 -18.80
C LYS N 60 -40.88 22.76 -18.62
N PHE N 61 -41.57 23.14 -19.70
CA PHE N 61 -42.56 24.20 -19.63
C PHE N 61 -43.71 23.82 -20.55
N GLU N 62 -44.81 24.55 -20.39
CA GLU N 62 -45.99 24.29 -21.20
C GLU N 62 -45.68 24.53 -22.67
N GLY N 63 -45.52 23.45 -23.42
CA GLY N 63 -45.19 23.53 -24.83
C GLY N 63 -43.75 23.28 -25.21
N GLY N 64 -42.89 22.89 -24.27
CA GLY N 64 -41.54 22.55 -24.68
C GLY N 64 -40.60 22.34 -23.51
N VAL N 65 -39.32 22.30 -23.84
CA VAL N 65 -38.25 22.09 -22.87
C VAL N 65 -37.16 23.13 -23.13
N VAL N 66 -36.52 23.59 -22.07
CA VAL N 66 -35.40 24.51 -22.15
C VAL N 66 -34.20 23.90 -21.43
N ILE N 67 -33.04 23.99 -22.06
CA ILE N 67 -31.79 23.47 -21.53
C ILE N 67 -30.75 24.58 -21.59
N ALA N 68 -29.92 24.67 -20.56
CA ALA N 68 -28.89 25.69 -20.50
C ALA N 68 -27.54 25.06 -20.16
N ALA N 69 -26.48 25.58 -20.78
CA ALA N 69 -25.14 25.10 -20.46
C ALA N 69 -24.12 26.20 -20.79
N ASP N 70 -23.14 26.37 -19.92
CA ASP N 70 -22.12 27.35 -20.24
C ASP N 70 -21.16 26.80 -21.29
N MET N 71 -20.39 27.71 -21.89
CA MET N 71 -19.57 27.39 -23.05
C MET N 71 -18.10 27.14 -22.70
N LEU N 72 -17.84 26.57 -21.53
CA LEU N 72 -16.50 26.44 -21.01
C LEU N 72 -16.03 25.00 -21.05
N GLY N 73 -14.83 24.79 -21.59
CA GLY N 73 -14.12 23.54 -21.41
C GLY N 73 -12.96 23.71 -20.46
N SER N 74 -13.11 23.23 -19.24
CA SER N 74 -12.07 23.40 -18.23
C SER N 74 -11.05 22.28 -18.32
N TYR N 75 -9.78 22.65 -18.18
CA TYR N 75 -8.69 21.70 -18.12
C TYR N 75 -8.22 21.67 -16.68
N GLY N 76 -8.79 20.76 -15.90
CA GLY N 76 -8.58 20.80 -14.46
C GLY N 76 -9.21 22.07 -13.91
N SER N 77 -8.38 22.88 -13.27
CA SER N 77 -8.85 24.17 -12.76
C SER N 77 -8.76 25.28 -13.80
N LEU N 78 -7.97 25.10 -14.85
CA LEU N 78 -7.81 26.12 -15.88
C LEU N 78 -9.00 26.16 -16.80
N ALA N 79 -9.41 27.39 -17.17
CA ALA N 79 -10.48 27.59 -18.15
C ALA N 79 -9.86 27.67 -19.54
N ARG N 80 -9.53 26.49 -20.07
CA ARG N 80 -8.76 26.43 -21.30
C ARG N 80 -9.57 26.82 -22.53
N PHE N 81 -10.80 26.32 -22.65
CA PHE N 81 -11.61 26.50 -23.85
C PHE N 81 -12.90 27.20 -23.47
N ARG N 82 -13.08 28.42 -23.98
CA ARG N 82 -14.14 29.30 -23.51
C ARG N 82 -15.21 29.56 -24.57
N ASN N 83 -15.17 28.87 -25.70
CA ASN N 83 -16.18 29.05 -26.73
C ASN N 83 -16.59 27.71 -27.34
N ILE N 84 -16.81 26.70 -26.50
CA ILE N 84 -17.26 25.39 -26.96
C ILE N 84 -18.73 25.22 -26.60
N SER N 85 -19.51 24.73 -27.55
CA SER N 85 -20.92 24.44 -27.31
C SER N 85 -21.05 23.04 -26.71
N ARG N 86 -21.73 22.94 -25.58
CA ARG N 86 -22.01 21.66 -24.95
C ARG N 86 -23.44 21.20 -25.17
N ILE N 87 -24.16 21.89 -26.05
CA ILE N 87 -25.50 21.50 -26.46
C ILE N 87 -25.45 21.12 -27.93
N MET N 88 -26.05 19.99 -28.26
CA MET N 88 -26.20 19.56 -29.63
C MET N 88 -27.67 19.39 -29.96
N ARG N 89 -28.02 19.68 -31.20
CA ARG N 89 -29.34 19.40 -31.73
C ARG N 89 -29.32 17.98 -32.31
N VAL N 90 -30.13 17.09 -31.74
CA VAL N 90 -30.16 15.72 -32.22
C VAL N 90 -31.00 15.61 -33.48
N ASN N 91 -32.27 15.98 -33.39
CA ASN N 91 -33.14 16.15 -34.55
C ASN N 91 -34.10 17.28 -34.23
N ASN N 92 -35.18 17.39 -35.02
CA ASN N 92 -36.13 18.48 -34.84
C ASN N 92 -36.86 18.41 -33.50
N SER N 93 -36.95 17.24 -32.90
CA SER N 93 -37.69 17.07 -31.66
C SER N 93 -36.80 16.88 -30.44
N THR N 94 -35.49 16.70 -30.61
CA THR N 94 -34.62 16.30 -29.51
C THR N 94 -33.36 17.15 -29.49
N MET N 95 -32.94 17.52 -28.29
CA MET N 95 -31.67 18.20 -28.05
C MET N 95 -30.98 17.57 -26.86
N LEU N 96 -29.67 17.73 -26.79
CA LEU N 96 -28.86 17.07 -25.78
C LEU N 96 -27.84 18.05 -25.21
N GLY N 97 -27.62 17.96 -23.90
CA GLY N 97 -26.56 18.71 -23.26
C GLY N 97 -25.75 17.81 -22.36
N ALA N 98 -24.45 18.03 -22.34
CA ALA N 98 -23.56 17.12 -21.63
C ALA N 98 -22.60 17.84 -20.70
N SER N 99 -22.45 17.29 -19.51
CA SER N 99 -21.39 17.63 -18.58
C SER N 99 -20.35 16.52 -18.59
N GLY N 100 -19.14 16.86 -18.17
CA GLY N 100 -18.08 15.89 -18.11
C GLY N 100 -17.15 15.96 -19.30
N ASP N 101 -16.49 14.83 -19.61
CA ASP N 101 -15.45 14.80 -20.62
C ASP N 101 -15.96 15.25 -21.98
N TYR N 102 -15.31 16.27 -22.55
CA TYR N 102 -15.78 16.84 -23.80
C TYR N 102 -15.44 15.97 -25.00
N ALA N 103 -14.33 15.24 -24.97
CA ALA N 103 -14.01 14.33 -26.07
C ALA N 103 -15.02 13.19 -26.14
N ASP N 104 -15.45 12.67 -24.99
CA ASP N 104 -16.50 11.66 -24.98
C ASP N 104 -17.82 12.22 -25.49
N PHE N 105 -18.13 13.47 -25.14
CA PHE N 105 -19.32 14.12 -25.69
C PHE N 105 -19.23 14.28 -27.20
N GLN N 106 -18.05 14.64 -27.72
CA GLN N 106 -17.89 14.75 -29.16
C GLN N 106 -18.06 13.39 -29.84
N TYR N 107 -17.53 12.34 -29.22
CA TYR N 107 -17.74 10.99 -29.75
C TYR N 107 -19.22 10.64 -29.80
N LEU N 108 -19.95 10.90 -28.71
CA LEU N 108 -21.38 10.62 -28.68
C LEU N 108 -22.13 11.45 -29.71
N LYS N 109 -21.73 12.72 -29.88
CA LYS N 109 -22.35 13.56 -30.90
C LYS N 109 -22.15 12.98 -32.28
N GLN N 110 -20.96 12.46 -32.56
CA GLN N 110 -20.71 11.84 -33.86
C GLN N 110 -21.60 10.62 -34.06
N VAL N 111 -21.65 9.73 -33.07
CA VAL N 111 -22.42 8.49 -33.22
C VAL N 111 -23.91 8.78 -33.36
N LEU N 112 -24.44 9.67 -32.51
CA LEU N 112 -25.85 10.03 -32.57
C LEU N 112 -26.21 10.72 -33.87
N GLY N 113 -25.37 11.67 -34.31
CA GLY N 113 -25.63 12.32 -35.58
C GLY N 113 -25.67 11.34 -36.72
N GLN N 114 -24.78 10.35 -36.71
CA GLN N 114 -24.80 9.34 -37.76
C GLN N 114 -26.08 8.50 -37.70
N MET N 115 -26.51 8.12 -36.50
CA MET N 115 -27.76 7.36 -36.37
C MET N 115 -28.95 8.13 -36.92
N VAL N 116 -29.02 9.42 -36.59
CA VAL N 116 -30.12 10.25 -37.09
C VAL N 116 -30.05 10.37 -38.60
N ILE N 117 -28.85 10.54 -39.15
CA ILE N 117 -28.70 10.60 -40.60
C ILE N 117 -29.18 9.31 -41.24
N ASP N 118 -28.80 8.16 -40.69
CA ASP N 118 -29.20 6.88 -41.27
C ASP N 118 -30.72 6.73 -41.27
N GLU N 119 -31.35 7.05 -40.14
CA GLU N 119 -32.81 6.96 -40.07
C GLU N 119 -33.47 7.89 -41.08
N GLU N 120 -32.96 9.11 -41.23
CA GLU N 120 -33.52 10.01 -42.24
C GLU N 120 -33.29 9.49 -43.65
N LEU N 121 -32.21 8.75 -43.87
CA LEU N 121 -31.96 8.14 -45.17
C LEU N 121 -33.02 7.11 -45.49
N LEU N 122 -33.48 6.36 -44.47
CA LEU N 122 -34.50 5.35 -44.72
C LEU N 122 -35.76 5.94 -45.34
N GLY N 123 -36.13 7.15 -44.91
CA GLY N 123 -37.26 7.85 -45.52
C GLY N 123 -38.59 7.12 -45.45
N ASP N 124 -38.88 6.46 -44.34
CA ASP N 124 -40.08 5.65 -44.22
C ASP N 124 -41.12 6.22 -43.28
N GLY N 125 -40.95 7.46 -42.82
CA GLY N 125 -41.92 8.08 -41.96
C GLY N 125 -41.82 7.77 -40.49
N HIS N 126 -40.70 7.19 -40.05
CA HIS N 126 -40.44 6.94 -38.64
C HIS N 126 -39.18 7.67 -38.24
N SER N 127 -39.25 8.40 -37.12
CA SER N 127 -38.09 9.11 -36.60
C SER N 127 -37.95 8.81 -35.12
N TYR N 128 -36.72 8.86 -34.63
CA TYR N 128 -36.46 8.63 -33.22
C TYR N 128 -37.16 9.68 -32.36
N SER N 129 -37.94 9.21 -31.41
CA SER N 129 -38.51 10.08 -30.41
C SER N 129 -37.44 10.47 -29.39
N PRO N 130 -37.66 11.55 -28.63
CA PRO N 130 -36.74 11.85 -27.53
C PRO N 130 -36.61 10.72 -26.53
N LYS N 131 -37.71 10.01 -26.28
CA LYS N 131 -37.68 8.84 -25.40
C LYS N 131 -36.78 7.75 -25.95
N ALA N 132 -36.84 7.52 -27.27
CA ALA N 132 -35.96 6.52 -27.89
C ALA N 132 -34.49 6.92 -27.78
N ILE N 133 -34.18 8.21 -27.99
CA ILE N 133 -32.81 8.67 -27.83
C ILE N 133 -32.35 8.45 -26.40
N HIS N 134 -33.19 8.79 -25.43
CA HIS N 134 -32.84 8.62 -24.03
C HIS N 134 -32.59 7.14 -23.70
N SER N 135 -33.42 6.25 -24.24
CA SER N 135 -33.23 4.82 -24.03
C SER N 135 -31.92 4.34 -24.65
N TRP N 136 -31.63 4.77 -25.89
CA TRP N 136 -30.39 4.36 -26.54
C TRP N 136 -29.18 4.85 -25.78
N LEU N 137 -29.24 6.09 -25.28
CA LEU N 137 -28.14 6.63 -24.49
C LEU N 137 -27.95 5.85 -23.20
N THR N 138 -29.05 5.48 -22.55
CA THR N 138 -28.92 4.66 -21.34
C THR N 138 -28.24 3.34 -21.65
N ARG N 139 -28.63 2.69 -22.73
CA ARG N 139 -28.01 1.42 -23.10
C ARG N 139 -26.54 1.59 -23.40
N ALA N 140 -26.17 2.64 -24.13
CA ALA N 140 -24.77 2.85 -24.49
C ALA N 140 -23.91 3.12 -23.25
N MET N 141 -24.40 3.98 -22.35
CA MET N 141 -23.65 4.27 -21.15
C MET N 141 -23.51 3.03 -20.27
N TYR N 142 -24.58 2.24 -20.14
CA TYR N 142 -24.50 1.06 -19.30
C TYR N 142 -23.57 0.01 -19.90
N SER N 143 -23.58 -0.14 -21.22
CA SER N 143 -22.65 -1.07 -21.87
C SER N 143 -21.21 -0.66 -21.65
N ARG N 144 -20.92 0.64 -21.78
CA ARG N 144 -19.56 1.10 -21.54
C ARG N 144 -19.16 0.90 -20.09
N ARG N 145 -20.09 1.16 -19.16
CA ARG N 145 -19.82 0.94 -17.74
C ARG N 145 -19.54 -0.53 -17.44
N SER N 146 -20.28 -1.44 -18.08
CA SER N 146 -20.13 -2.86 -17.81
C SER N 146 -18.83 -3.42 -18.39
N LYS N 147 -18.23 -2.75 -19.35
CA LYS N 147 -16.91 -3.07 -19.84
C LYS N 147 -15.81 -2.35 -19.07
N MET N 148 -16.17 -1.66 -17.98
CA MET N 148 -15.25 -0.89 -17.15
C MET N 148 -14.51 0.17 -17.97
N ASN N 149 -15.12 0.63 -19.05
CA ASN N 149 -14.57 1.67 -19.91
C ASN N 149 -15.64 2.72 -20.14
N PRO N 150 -15.99 3.47 -19.10
CA PRO N 150 -17.16 4.34 -19.18
C PRO N 150 -16.91 5.55 -20.07
N LEU N 151 -18.02 6.08 -20.60
CA LEU N 151 -18.05 7.41 -21.17
C LEU N 151 -18.30 8.38 -20.02
N TRP N 152 -17.36 9.28 -19.78
CA TRP N 152 -17.38 10.11 -18.58
C TRP N 152 -18.26 11.33 -18.82
N ASN N 153 -19.57 11.12 -18.83
CA ASN N 153 -20.50 12.18 -19.15
C ASN N 153 -21.77 12.04 -18.33
N THR N 154 -22.43 13.18 -18.11
CA THR N 154 -23.79 13.22 -17.61
C THR N 154 -24.62 14.01 -18.61
N MET N 155 -25.66 13.39 -19.16
CA MET N 155 -26.43 13.94 -20.26
C MET N 155 -27.84 14.30 -19.83
N VAL N 156 -28.30 15.44 -20.32
CA VAL N 156 -29.69 15.86 -20.24
C VAL N 156 -30.27 15.84 -21.64
N ILE N 157 -31.37 15.11 -21.82
CA ILE N 157 -32.05 15.00 -23.09
C ILE N 157 -33.36 15.76 -22.97
N GLY N 158 -33.54 16.77 -23.81
CA GLY N 158 -34.78 17.52 -23.86
C GLY N 158 -35.48 17.23 -25.18
N GLY N 159 -36.80 17.18 -25.14
CA GLY N 159 -37.53 16.85 -26.34
C GLY N 159 -38.96 17.30 -26.29
N TYR N 160 -39.55 17.45 -27.48
CA TYR N 160 -40.97 17.73 -27.60
C TYR N 160 -41.52 16.91 -28.75
N ALA N 161 -42.41 15.99 -28.43
CA ALA N 161 -42.98 15.08 -29.42
C ALA N 161 -44.45 14.84 -29.10
N ASP N 162 -45.30 14.94 -30.12
CA ASP N 162 -46.72 14.60 -30.01
C ASP N 162 -47.41 15.40 -28.91
N GLY N 163 -47.10 16.70 -28.85
CA GLY N 163 -47.68 17.54 -27.83
C GLY N 163 -47.19 17.27 -26.41
N GLU N 164 -46.11 16.51 -26.26
CA GLU N 164 -45.62 16.12 -24.95
C GLU N 164 -44.16 16.51 -24.78
N SER N 165 -43.82 17.06 -23.63
CA SER N 165 -42.44 17.39 -23.30
C SER N 165 -41.75 16.19 -22.68
N PHE N 166 -40.46 16.09 -22.95
CA PHE N 166 -39.64 15.01 -22.42
C PHE N 166 -38.37 15.61 -21.85
N LEU N 167 -38.03 15.21 -20.64
CA LEU N 167 -36.78 15.61 -20.02
C LEU N 167 -36.18 14.38 -19.35
N GLY N 168 -34.95 14.05 -19.71
CA GLY N 168 -34.33 12.82 -19.27
C GLY N 168 -32.89 13.02 -18.86
N TYR N 169 -32.48 12.22 -17.89
CA TYR N 169 -31.14 12.26 -17.33
C TYR N 169 -30.51 10.90 -17.57
N VAL N 170 -29.27 10.90 -18.04
CA VAL N 170 -28.46 9.69 -18.14
C VAL N 170 -27.07 9.99 -17.60
N ASP N 171 -26.65 9.26 -16.57
CA ASP N 171 -25.29 9.42 -16.08
C ASP N 171 -24.39 8.33 -16.64
N MET N 172 -23.11 8.37 -16.26
CA MET N 172 -22.12 7.50 -16.87
C MET N 172 -22.17 6.07 -16.36
N LEU N 173 -22.88 5.80 -15.27
CA LEU N 173 -23.08 4.45 -14.80
C LEU N 173 -24.28 3.78 -15.46
N GLY N 174 -25.07 4.52 -16.21
CA GLY N 174 -26.31 4.00 -16.76
C GLY N 174 -27.53 4.29 -15.93
N VAL N 175 -27.43 5.16 -14.94
CA VAL N 175 -28.60 5.60 -14.18
C VAL N 175 -29.34 6.63 -15.03
N ALA N 176 -30.60 6.35 -15.30
CA ALA N 176 -31.40 7.19 -16.18
C ALA N 176 -32.77 7.37 -15.59
N TYR N 177 -33.31 8.57 -15.70
CA TYR N 177 -34.65 8.83 -15.19
C TYR N 177 -35.24 10.03 -15.90
N GLU N 178 -36.52 10.27 -15.63
CA GLU N 178 -37.24 11.43 -16.13
C GLU N 178 -37.66 12.31 -14.97
N ALA N 179 -37.66 13.61 -15.18
CA ALA N 179 -38.04 14.55 -14.14
C ALA N 179 -38.52 15.83 -14.81
N PRO N 180 -39.36 16.62 -14.14
CA PRO N 180 -39.78 17.91 -14.73
C PRO N 180 -38.67 18.93 -14.79
N SER N 181 -37.65 18.82 -13.95
CA SER N 181 -36.48 19.68 -14.03
C SER N 181 -35.25 18.85 -13.67
N LEU N 182 -34.10 19.26 -14.21
CA LEU N 182 -32.87 18.50 -14.09
C LEU N 182 -31.69 19.44 -13.97
N ALA N 183 -30.64 18.97 -13.31
CA ALA N 183 -29.40 19.73 -13.18
C ALA N 183 -28.29 18.76 -12.83
N THR N 184 -27.23 18.77 -13.63
CA THR N 184 -26.09 17.90 -13.38
C THR N 184 -25.03 18.63 -12.57
N GLY N 185 -24.10 17.85 -12.02
CA GLY N 185 -22.94 18.42 -11.34
C GLY N 185 -23.34 19.28 -10.16
N TYR N 186 -22.60 20.38 -9.98
CA TYR N 186 -22.89 21.32 -8.90
C TYR N 186 -24.25 21.97 -9.05
N GLY N 187 -24.79 22.01 -10.27
CA GLY N 187 -26.15 22.49 -10.44
C GLY N 187 -27.13 21.66 -9.64
N ALA N 188 -26.88 20.35 -9.55
CA ALA N 188 -27.72 19.49 -8.72
C ALA N 188 -27.83 20.01 -7.29
N TYR N 189 -26.77 20.64 -6.79
CA TYR N 189 -26.82 21.20 -5.44
C TYR N 189 -27.21 22.67 -5.41
N LEU N 190 -27.10 23.38 -6.52
CA LEU N 190 -27.27 24.82 -6.50
C LEU N 190 -28.44 25.32 -7.33
N ALA N 191 -28.81 24.63 -8.40
CA ALA N 191 -29.91 25.07 -9.25
C ALA N 191 -31.17 24.23 -9.04
N GLN N 192 -31.01 22.93 -8.84
CA GLN N 192 -32.16 22.06 -8.68
C GLN N 192 -33.06 22.45 -7.51
N PRO N 193 -32.56 22.85 -6.34
CA PRO N 193 -33.48 23.33 -5.30
C PRO N 193 -34.34 24.50 -5.73
N LEU N 194 -33.80 25.47 -6.48
CA LEU N 194 -34.61 26.61 -6.92
C LEU N 194 -35.66 26.17 -7.93
N LEU N 195 -35.27 25.35 -8.91
CA LEU N 195 -36.22 24.83 -9.88
C LEU N 195 -37.33 24.05 -9.19
N ARG N 196 -36.96 23.19 -8.22
CA ARG N 196 -37.95 22.38 -7.52
C ARG N 196 -38.87 23.24 -6.68
N GLU N 197 -38.35 24.28 -6.03
CA GLU N 197 -39.20 25.16 -5.24
C GLU N 197 -40.23 25.86 -6.12
N VAL N 198 -39.80 26.37 -7.27
CA VAL N 198 -40.74 27.02 -8.17
C VAL N 198 -41.76 26.02 -8.68
N LEU N 199 -41.32 24.83 -9.08
CA LEU N 199 -42.26 23.83 -9.59
C LEU N 199 -43.21 23.34 -8.50
N GLU N 200 -42.77 23.37 -7.24
CA GLU N 200 -43.64 23.06 -6.12
C GLU N 200 -44.79 24.06 -6.05
N LYS N 201 -44.46 25.35 -6.05
CA LYS N 201 -45.54 26.33 -5.97
C LYS N 201 -46.25 26.53 -7.31
N GLN N 202 -45.72 25.99 -8.41
CA GLN N 202 -46.29 26.21 -9.74
C GLN N 202 -45.84 25.09 -10.67
N PRO N 203 -46.60 24.01 -10.76
CA PRO N 203 -46.17 22.85 -11.57
C PRO N 203 -46.01 23.13 -13.05
N VAL N 204 -46.83 24.01 -13.64
CA VAL N 204 -46.83 24.24 -15.07
C VAL N 204 -46.33 25.66 -15.33
N LEU N 205 -45.24 25.78 -16.07
CA LEU N 205 -44.61 27.06 -16.35
C LEU N 205 -44.80 27.44 -17.81
N SER N 206 -44.96 28.74 -18.05
CA SER N 206 -44.90 29.24 -19.40
C SER N 206 -43.44 29.31 -19.85
N GLN N 207 -43.24 29.51 -21.16
CA GLN N 207 -41.89 29.54 -21.70
C GLN N 207 -41.10 30.72 -21.12
N THR N 208 -41.75 31.88 -20.99
CA THR N 208 -41.07 33.05 -20.43
C THR N 208 -40.64 32.81 -18.99
N GLU N 209 -41.53 32.26 -18.17
CA GLU N 209 -41.19 31.97 -16.78
C GLU N 209 -40.05 30.98 -16.69
N ALA N 210 -40.08 29.93 -17.52
CA ALA N 210 -39.01 28.94 -17.52
C ALA N 210 -37.67 29.55 -17.90
N ARG N 211 -37.67 30.43 -18.91
CA ARG N 211 -36.42 31.06 -19.33
C ARG N 211 -35.87 31.96 -18.23
N GLU N 212 -36.74 32.74 -17.59
CA GLU N 212 -36.30 33.60 -16.49
C GLU N 212 -35.72 32.77 -15.34
N LEU N 213 -36.38 31.67 -14.99
CA LEU N 213 -35.91 30.80 -13.93
C LEU N 213 -34.53 30.22 -14.27
N VAL N 214 -34.35 29.80 -15.52
CA VAL N 214 -33.06 29.26 -15.95
C VAL N 214 -31.98 30.32 -15.88
N GLU N 215 -32.32 31.57 -16.22
CA GLU N 215 -31.35 32.66 -16.09
C GLU N 215 -30.93 32.85 -14.64
N ARG N 216 -31.89 32.83 -13.71
CA ARG N 216 -31.54 32.99 -12.31
C ARG N 216 -30.63 31.87 -11.82
N CYS N 217 -30.92 30.63 -12.25
CA CYS N 217 -30.09 29.51 -11.85
C CYS N 217 -28.69 29.62 -12.42
N MET N 218 -28.55 30.05 -13.67
CA MET N 218 -27.24 30.25 -14.25
C MET N 218 -26.45 31.31 -13.48
N ARG N 219 -27.14 32.37 -13.04
CA ARG N 219 -26.47 33.38 -12.23
C ARG N 219 -25.97 32.81 -10.91
N VAL N 220 -26.79 31.98 -10.24
CA VAL N 220 -26.34 31.36 -9.00
C VAL N 220 -25.13 30.47 -9.25
N LEU N 221 -25.16 29.70 -10.34
CA LEU N 221 -24.03 28.82 -10.66
C LEU N 221 -22.77 29.63 -10.92
N TYR N 222 -22.90 30.77 -11.60
CA TYR N 222 -21.74 31.64 -11.77
C TYR N 222 -21.22 32.15 -10.44
N TYR N 223 -22.13 32.49 -9.51
CA TYR N 223 -21.71 32.97 -8.21
C TYR N 223 -20.93 31.92 -7.42
N ARG N 224 -21.36 30.66 -7.48
CA ARG N 224 -20.91 29.70 -6.49
C ARG N 224 -20.13 28.50 -7.00
N ASP N 225 -20.01 28.30 -8.31
CA ASP N 225 -19.28 27.17 -8.87
C ASP N 225 -17.98 27.66 -9.48
N ALA N 226 -16.85 27.17 -8.96
CA ALA N 226 -15.54 27.63 -9.40
C ALA N 226 -15.16 27.11 -10.79
N ARG N 227 -15.91 26.18 -11.37
CA ARG N 227 -15.64 25.69 -12.72
C ARG N 227 -16.60 26.27 -13.75
N SER N 228 -17.40 27.25 -13.39
CA SER N 228 -18.40 27.81 -14.30
C SER N 228 -17.85 29.05 -14.99
N TYR N 229 -18.59 29.49 -16.01
CA TYR N 229 -18.25 30.65 -16.80
C TYR N 229 -19.52 31.45 -17.07
N ASN N 230 -19.35 32.76 -17.27
CA ASN N 230 -20.48 33.65 -17.46
C ASN N 230 -20.85 33.81 -18.92
N ARG N 231 -20.67 32.77 -19.72
CA ARG N 231 -20.97 32.76 -21.14
C ARG N 231 -21.64 31.43 -21.44
N PHE N 232 -22.95 31.46 -21.67
CA PHE N 232 -23.72 30.23 -21.79
C PHE N 232 -24.66 30.27 -22.97
N GLN N 233 -25.22 29.10 -23.27
CA GLN N 233 -26.19 28.91 -24.32
C GLN N 233 -27.49 28.38 -23.72
N ILE N 234 -28.60 28.77 -24.35
CA ILE N 234 -29.94 28.32 -23.99
C ILE N 234 -30.56 27.71 -25.24
N ALA N 235 -30.91 26.43 -25.16
CA ALA N 235 -31.57 25.71 -26.24
C ALA N 235 -33.01 25.44 -25.84
N THR N 236 -33.94 25.70 -26.75
CA THR N 236 -35.35 25.47 -26.50
C THR N 236 -35.91 24.56 -27.58
N VAL N 237 -36.62 23.53 -27.17
CA VAL N 237 -37.33 22.67 -28.11
C VAL N 237 -38.82 22.90 -27.88
N THR N 238 -39.52 23.23 -28.96
CA THR N 238 -40.95 23.45 -28.95
C THR N 238 -41.55 22.76 -30.16
N GLU N 239 -42.84 23.04 -30.42
CA GLU N 239 -43.49 22.54 -31.62
C GLU N 239 -42.75 22.97 -32.88
N LYS N 240 -42.13 24.14 -32.87
CA LYS N 240 -41.40 24.65 -34.02
C LYS N 240 -40.04 23.97 -34.20
N GLY N 241 -39.58 23.20 -33.23
CA GLY N 241 -38.27 22.59 -33.36
C GLY N 241 -37.29 23.03 -32.30
N VAL N 242 -35.99 22.89 -32.59
CA VAL N 242 -34.92 23.18 -31.64
C VAL N 242 -34.25 24.48 -32.07
N GLU N 243 -34.10 25.40 -31.12
CA GLU N 243 -33.43 26.67 -31.35
C GLU N 243 -32.37 26.86 -30.27
N ILE N 244 -31.15 27.17 -30.68
CA ILE N 244 -30.03 27.34 -29.74
C ILE N 244 -29.57 28.79 -29.81
N GLU N 245 -29.64 29.48 -28.68
CA GLU N 245 -29.29 30.88 -28.56
C GLU N 245 -28.03 31.03 -27.71
N GLY N 246 -27.14 31.93 -28.14
CA GLY N 246 -25.93 32.21 -27.40
C GLY N 246 -24.95 33.02 -28.22
N PRO N 247 -23.87 33.48 -27.59
CA PRO N 247 -23.55 33.39 -26.16
C PRO N 247 -24.39 34.35 -25.32
N LEU N 248 -24.64 34.02 -24.07
CA LEU N 248 -25.45 34.84 -23.20
C LEU N 248 -24.75 35.01 -21.86
N SER N 249 -25.10 36.07 -21.16
CA SER N 249 -24.49 36.39 -19.88
C SER N 249 -25.56 36.69 -18.85
N ALA N 250 -25.31 36.28 -17.62
CA ALA N 250 -26.17 36.64 -16.51
C ALA N 250 -25.77 38.00 -15.96
N GLU N 251 -26.76 38.75 -15.48
CA GLU N 251 -26.51 40.02 -14.82
C GLU N 251 -26.12 39.75 -13.38
N THR N 252 -24.93 40.19 -12.99
CA THR N 252 -24.37 39.88 -11.69
C THR N 252 -24.38 41.10 -10.79
N ASN N 253 -24.48 40.86 -9.49
CA ASN N 253 -24.46 41.90 -8.47
C ASN N 253 -23.34 41.62 -7.49
N TRP N 254 -22.59 42.67 -7.13
CA TRP N 254 -21.41 42.52 -6.30
C TRP N 254 -21.41 43.51 -5.14
N ASP N 255 -22.57 44.00 -4.74
CA ASP N 255 -22.65 45.02 -3.71
C ASP N 255 -22.24 44.49 -2.33
N ILE N 256 -22.40 43.19 -2.10
CA ILE N 256 -21.98 42.62 -0.83
C ILE N 256 -20.47 42.75 -0.60
N ALA N 257 -19.70 43.07 -1.64
CA ALA N 257 -18.27 43.33 -1.46
C ALA N 257 -18.02 44.58 -0.65
N HIS N 258 -19.01 45.46 -0.50
CA HIS N 258 -18.87 46.63 0.36
C HIS N 258 -19.46 46.41 1.74
N MET N 259 -19.84 45.18 2.07
CA MET N 259 -20.46 44.90 3.35
C MET N 259 -19.50 44.16 4.28
N MET O 1 -3.12 44.58 67.46
CA MET O 1 -3.11 44.71 68.91
C MET O 1 -3.21 46.17 69.35
N SER O 2 -2.11 46.91 69.15
CA SER O 2 -2.06 48.32 69.49
C SER O 2 -1.33 49.06 68.38
N ARG O 3 -1.27 50.39 68.52
CA ARG O 3 -0.59 51.21 67.52
C ARG O 3 0.88 50.84 67.44
N GLY O 4 1.28 50.24 66.32
CA GLY O 4 2.66 49.87 66.13
C GLY O 4 3.07 48.54 66.72
N SER O 5 2.13 47.65 66.97
CA SER O 5 2.45 46.32 67.48
C SER O 5 3.17 45.50 66.41
N SER O 6 4.18 44.73 66.84
CA SER O 6 4.97 43.92 65.94
C SER O 6 5.31 42.58 66.59
N ALA O 7 5.45 41.55 65.77
CA ALA O 7 5.79 40.21 66.25
C ALA O 7 6.38 39.40 65.11
N GLY O 8 7.54 38.80 65.35
CA GLY O 8 8.16 37.92 64.37
C GLY O 8 8.84 38.63 63.22
N PHE O 9 8.57 38.18 62.00
CA PHE O 9 9.15 38.76 60.80
C PHE O 9 8.17 39.64 60.03
N ASP O 10 7.20 40.24 60.73
CA ASP O 10 6.18 41.02 60.04
C ASP O 10 6.72 42.34 59.49
N ARG O 11 7.90 42.77 59.93
CA ARG O 11 8.54 43.97 59.39
C ARG O 11 9.46 43.68 58.22
N HIS O 12 9.69 42.41 57.90
CA HIS O 12 10.63 42.02 56.85
C HIS O 12 9.98 41.31 55.67
N ILE O 13 8.91 40.56 55.88
CA ILE O 13 8.21 39.88 54.81
C ILE O 13 6.73 40.21 54.91
N THR O 14 6.02 40.02 53.80
CA THR O 14 4.59 40.34 53.73
C THR O 14 3.79 39.29 54.46
N ILE O 15 3.82 39.37 55.79
CA ILE O 15 2.95 38.60 56.67
C ILE O 15 2.29 39.56 57.63
N PHE O 16 1.16 39.12 58.19
CA PHE O 16 0.33 40.00 59.00
C PHE O 16 1.00 40.35 60.32
N SER O 17 0.87 41.60 60.71
CA SER O 17 1.21 42.03 62.06
C SER O 17 0.06 41.70 63.00
N PRO O 18 0.28 41.76 64.31
CA PRO O 18 -0.83 41.54 65.26
C PRO O 18 -2.01 42.47 65.05
N GLU O 19 -1.79 43.65 64.47
CA GLU O 19 -2.88 44.53 64.08
C GLU O 19 -3.52 44.13 62.76
N GLY O 20 -2.94 43.17 62.04
CA GLY O 20 -3.42 42.82 60.72
C GLY O 20 -2.88 43.67 59.60
N ARG O 21 -1.77 44.36 59.81
CA ARG O 21 -1.19 45.21 58.79
C ARG O 21 -0.06 44.48 58.06
N LEU O 22 0.26 45.00 56.88
CA LEU O 22 1.40 44.53 56.09
C LEU O 22 2.39 45.68 56.01
N TYR O 23 3.44 45.62 56.84
CA TYR O 23 4.39 46.72 56.94
C TYR O 23 5.21 46.90 55.67
N GLN O 24 5.50 45.80 54.96
CA GLN O 24 6.29 45.92 53.74
C GLN O 24 5.55 46.73 52.67
N VAL O 25 4.23 46.60 52.61
CA VAL O 25 3.44 47.39 51.66
C VAL O 25 3.50 48.87 52.01
N GLU O 26 3.42 49.20 53.30
CA GLU O 26 3.56 50.60 53.72
C GLU O 26 4.95 51.14 53.40
N TYR O 27 5.97 50.31 53.57
CA TYR O 27 7.33 50.72 53.22
C TYR O 27 7.46 50.94 51.73
N ALA O 28 6.79 50.13 50.90
CA ALA O 28 6.76 50.38 49.47
C ALA O 28 6.08 51.71 49.14
N PHE O 29 5.02 52.04 49.88
CA PHE O 29 4.39 53.34 49.67
C PHE O 29 5.35 54.47 49.99
N LYS O 30 6.20 54.30 51.00
CA LYS O 30 7.24 55.30 51.25
C LYS O 30 8.31 55.29 50.15
N ALA O 31 8.59 54.12 49.58
CA ALA O 31 9.51 54.04 48.46
C ALA O 31 9.03 54.89 47.29
N ILE O 32 7.72 55.01 47.13
CA ILE O 32 7.18 55.91 46.10
C ILE O 32 7.69 57.33 46.31
N ASN O 33 7.59 57.83 47.55
CA ASN O 33 8.03 59.19 47.83
C ASN O 33 9.54 59.33 47.76
N GLN O 34 10.28 58.23 47.89
CA GLN O 34 11.74 58.31 47.78
C GLN O 34 12.17 58.97 46.48
N GLY O 35 11.38 58.85 45.41
CA GLY O 35 11.74 59.47 44.15
C GLY O 35 11.82 60.99 44.21
N GLY O 36 10.96 61.61 45.01
CA GLY O 36 11.00 63.04 45.19
C GLY O 36 10.18 63.87 44.22
N LEU O 37 9.33 63.24 43.41
CA LEU O 37 8.57 63.93 42.37
C LEU O 37 7.07 63.85 42.65
N THR O 38 6.32 64.65 41.92
CA THR O 38 4.87 64.70 42.08
C THR O 38 4.20 64.83 40.71
N SER O 39 3.10 64.11 40.55
CA SER O 39 2.31 64.13 39.33
C SER O 39 0.84 64.28 39.69
N VAL O 40 0.08 64.90 38.79
CA VAL O 40 -1.34 65.17 38.97
C VAL O 40 -2.07 64.76 37.69
N ALA O 41 -3.22 64.13 37.85
CA ALA O 41 -4.09 63.81 36.73
C ALA O 41 -5.47 64.38 36.98
N VAL O 42 -6.06 64.98 35.94
CA VAL O 42 -7.36 65.64 36.02
C VAL O 42 -8.23 65.17 34.86
N ARG O 43 -9.48 64.87 35.17
CA ARG O 43 -10.46 64.45 34.18
C ARG O 43 -11.36 65.63 33.84
N GLY O 44 -11.46 65.95 32.55
CA GLY O 44 -12.40 66.94 32.06
C GLY O 44 -13.66 66.29 31.54
N LYS O 45 -14.51 67.11 30.92
CA LYS O 45 -15.72 66.57 30.31
C LYS O 45 -15.41 65.86 29.00
N ASP O 46 -14.36 66.28 28.30
CA ASP O 46 -14.00 65.68 27.02
C ASP O 46 -12.53 65.31 26.95
N CYS O 47 -11.82 65.32 28.08
CA CYS O 47 -10.38 65.10 28.05
C CYS O 47 -9.92 64.61 29.41
N ALA O 48 -8.74 64.00 29.40
CA ALA O 48 -7.99 63.69 30.60
C ALA O 48 -6.55 64.14 30.40
N VAL O 49 -5.98 64.73 31.44
CA VAL O 49 -4.65 65.33 31.39
C VAL O 49 -3.81 64.80 32.53
N ILE O 50 -2.56 64.44 32.23
CA ILE O 50 -1.56 64.12 33.24
C ILE O 50 -0.43 65.12 33.14
N VAL O 51 -0.06 65.70 34.27
CA VAL O 51 1.04 66.64 34.36
C VAL O 51 1.99 66.15 35.45
N THR O 52 3.24 65.91 35.08
CA THR O 52 4.22 65.44 36.04
C THR O 52 5.37 66.43 36.15
N GLN O 53 5.98 66.46 37.34
CA GLN O 53 7.16 67.28 37.55
C GLN O 53 8.36 66.68 36.82
N LYS O 54 9.07 67.51 36.08
CA LYS O 54 10.27 67.07 35.36
C LYS O 54 11.47 67.81 35.92
N LYS O 55 12.42 67.06 36.47
CA LYS O 55 13.63 67.63 37.05
C LYS O 55 14.85 67.04 36.37
N VAL O 56 15.68 67.89 35.79
CA VAL O 56 16.94 67.50 35.18
C VAL O 56 18.02 68.37 35.80
N PRO O 57 18.64 67.93 36.91
CA PRO O 57 19.59 68.81 37.62
C PRO O 57 20.80 69.22 36.80
N ASP O 58 21.31 68.34 35.92
CA ASP O 58 22.58 68.56 35.26
C ASP O 58 22.41 68.57 33.74
N LYS O 59 23.22 69.40 33.08
CA LYS O 59 23.14 69.53 31.63
C LYS O 59 23.72 68.33 30.89
N LEU O 60 24.49 67.48 31.57
CA LEU O 60 25.05 66.31 30.91
C LEU O 60 23.99 65.26 30.60
N LEU O 61 22.84 65.36 31.24
CA LEU O 61 21.76 64.40 31.07
C LEU O 61 20.93 64.79 29.85
N ASP O 62 20.83 63.88 28.89
CA ASP O 62 19.96 64.09 27.75
C ASP O 62 18.51 64.18 28.22
N SER O 63 17.92 65.37 28.13
CA SER O 63 16.61 65.60 28.72
C SER O 63 15.51 64.79 28.03
N SER O 64 15.65 64.55 26.73
CA SER O 64 14.62 63.83 25.99
C SER O 64 14.41 62.41 26.49
N THR O 65 15.38 61.85 27.19
CA THR O 65 15.26 60.50 27.74
C THR O 65 14.78 60.50 29.19
N VAL O 66 14.56 61.66 29.78
CA VAL O 66 14.11 61.76 31.17
C VAL O 66 12.61 62.03 31.13
N THR O 67 11.83 60.95 31.14
CA THR O 67 10.38 61.06 31.07
C THR O 67 9.75 60.10 32.08
N HIS O 68 8.70 60.57 32.72
CA HIS O 68 7.80 59.69 33.47
C HIS O 68 6.48 59.47 32.76
N LEU O 69 6.32 60.04 31.58
CA LEU O 69 5.14 59.84 30.75
C LEU O 69 5.43 58.76 29.71
N PHE O 70 4.55 57.77 29.64
CA PHE O 70 4.69 56.70 28.69
C PHE O 70 3.35 56.48 27.99
N LYS O 71 3.41 55.95 26.79
CA LYS O 71 2.20 55.50 26.12
C LYS O 71 2.14 53.98 26.18
N ILE O 72 1.01 53.46 26.64
CA ILE O 72 0.85 52.02 26.74
C ILE O 72 0.32 51.45 25.43
N THR O 73 -0.70 52.11 24.89
CA THR O 73 -1.18 51.83 23.54
C THR O 73 -1.25 53.16 22.81
N GLU O 74 -1.86 53.16 21.63
CA GLU O 74 -2.10 54.43 20.95
C GLU O 74 -3.01 55.33 21.77
N ASN O 75 -3.99 54.76 22.45
CA ASN O 75 -5.03 55.53 23.10
C ASN O 75 -4.93 55.57 24.62
N ILE O 76 -3.95 54.90 25.22
CA ILE O 76 -3.80 54.88 26.67
C ILE O 76 -2.44 55.45 27.02
N GLY O 77 -2.42 56.42 27.93
CA GLY O 77 -1.19 56.99 28.43
C GLY O 77 -1.06 56.77 29.93
N CYS O 78 0.16 56.91 30.43
CA CYS O 78 0.39 56.71 31.84
C CYS O 78 1.49 57.65 32.32
N VAL O 79 1.39 58.00 33.60
CA VAL O 79 2.45 58.66 34.33
C VAL O 79 2.83 57.77 35.51
N MET O 80 4.13 57.57 35.69
CA MET O 80 4.66 56.73 36.75
C MET O 80 5.28 57.60 37.83
N THR O 81 5.11 57.19 39.08
CA THR O 81 5.72 57.87 40.20
C THR O 81 6.45 56.84 41.06
N GLY O 82 7.63 57.22 41.57
CA GLY O 82 8.36 56.37 42.48
C GLY O 82 9.69 55.91 41.89
N MET O 83 10.08 54.70 42.25
CA MET O 83 11.35 54.15 41.79
C MET O 83 11.33 53.93 40.28
N THR O 84 12.36 54.42 39.60
CA THR O 84 12.33 54.52 38.14
C THR O 84 12.38 53.15 37.48
N ALA O 85 13.23 52.25 37.96
CA ALA O 85 13.34 50.94 37.31
C ALA O 85 12.11 50.09 37.57
N ASP O 86 11.55 50.15 38.79
CA ASP O 86 10.26 49.53 39.05
C ASP O 86 9.19 50.10 38.14
N SER O 87 9.19 51.43 37.97
CA SER O 87 8.22 52.07 37.09
C SER O 87 8.32 51.55 35.66
N ARG O 88 9.55 51.42 35.15
CA ARG O 88 9.72 50.99 33.77
C ARG O 88 9.36 49.52 33.60
N SER O 89 9.61 48.70 34.61
CA SER O 89 9.16 47.31 34.53
C SER O 89 7.63 47.23 34.52
N GLN O 90 6.97 48.07 35.32
CA GLN O 90 5.52 48.08 35.32
C GLN O 90 4.97 48.59 33.98
N VAL O 91 5.64 49.57 33.38
CA VAL O 91 5.23 50.05 32.07
C VAL O 91 5.35 48.95 31.02
N GLN O 92 6.46 48.21 31.06
CA GLN O 92 6.63 47.12 30.10
C GLN O 92 5.55 46.05 30.29
N ARG O 93 5.24 45.73 31.54
CA ARG O 93 4.17 44.77 31.81
C ARG O 93 2.83 45.28 31.30
N ALA O 94 2.53 46.55 31.50
CA ALA O 94 1.26 47.12 31.04
C ALA O 94 1.16 47.09 29.52
N ARG O 95 2.25 47.41 28.82
CA ARG O 95 2.24 47.34 27.36
C ARG O 95 2.01 45.91 26.89
N TYR O 96 2.68 44.95 27.54
CA TYR O 96 2.46 43.56 27.16
C TYR O 96 1.02 43.15 27.40
N GLU O 97 0.45 43.51 28.56
CA GLU O 97 -0.92 43.11 28.87
C GLU O 97 -1.91 43.70 27.89
N ALA O 98 -1.71 44.97 27.52
CA ALA O 98 -2.58 45.59 26.53
C ALA O 98 -2.50 44.90 25.18
N ALA O 99 -1.27 44.62 24.71
CA ALA O 99 -1.12 43.97 23.42
C ALA O 99 -1.76 42.59 23.42
N ASN O 100 -1.58 41.84 24.51
CA ASN O 100 -2.15 40.51 24.60
C ASN O 100 -3.67 40.55 24.67
N TRP O 101 -4.23 41.53 25.39
CA TRP O 101 -5.69 41.68 25.43
C TRP O 101 -6.24 41.95 24.04
N LYS O 102 -5.60 42.85 23.30
CA LYS O 102 -6.04 43.10 21.93
C LYS O 102 -5.95 41.84 21.08
N TYR O 103 -4.87 41.08 21.24
CA TYR O 103 -4.68 39.88 20.45
C TYR O 103 -5.72 38.81 20.76
N LYS O 104 -6.05 38.62 22.03
CA LYS O 104 -6.94 37.54 22.43
C LYS O 104 -8.41 37.89 22.23
N TYR O 105 -8.79 39.14 22.44
CA TYR O 105 -10.20 39.50 22.44
C TYR O 105 -10.62 40.37 21.26
N GLY O 106 -9.68 40.89 20.48
CA GLY O 106 -10.02 41.55 19.25
C GLY O 106 -10.49 42.98 19.37
N TYR O 107 -10.30 43.62 20.52
CA TYR O 107 -10.58 45.04 20.68
C TYR O 107 -9.65 45.59 21.73
N GLU O 108 -9.48 46.91 21.74
CA GLU O 108 -8.52 47.53 22.65
C GLU O 108 -8.97 47.38 24.09
N ILE O 109 -8.00 47.16 24.98
CA ILE O 109 -8.33 46.99 26.39
C ILE O 109 -8.87 48.29 26.96
N PRO O 110 -9.95 48.27 27.73
CA PRO O 110 -10.38 49.47 28.44
C PRO O 110 -9.38 49.83 29.53
N VAL O 111 -9.38 51.12 29.88
CA VAL O 111 -8.42 51.62 30.87
C VAL O 111 -8.63 50.95 32.22
N ASP O 112 -9.90 50.81 32.64
CA ASP O 112 -10.18 50.19 33.92
C ASP O 112 -9.71 48.74 33.94
N MET O 113 -9.85 48.02 32.82
CA MET O 113 -9.39 46.64 32.77
C MET O 113 -7.88 46.54 32.88
N LEU O 114 -7.15 47.44 32.22
CA LEU O 114 -5.69 47.45 32.33
C LEU O 114 -5.24 47.77 33.75
N CYS O 115 -5.89 48.76 34.37
CA CYS O 115 -5.56 49.10 35.75
C CYS O 115 -5.82 47.92 36.67
N LYS O 116 -6.94 47.23 36.48
CA LYS O 116 -7.27 46.07 37.31
C LYS O 116 -6.26 44.94 37.11
N ARG O 117 -5.81 44.73 35.87
CA ARG O 117 -4.81 43.69 35.61
C ARG O 117 -3.50 43.98 36.34
N ILE O 118 -3.02 45.22 36.21
CA ILE O 118 -1.78 45.61 36.90
C ILE O 118 -1.95 45.48 38.41
N ALA O 119 -3.12 45.87 38.93
CA ALA O 119 -3.39 45.79 40.36
C ALA O 119 -3.38 44.34 40.85
N ASP O 120 -3.95 43.42 40.08
CA ASP O 120 -3.90 42.00 40.44
C ASP O 120 -2.46 41.51 40.50
N ILE O 121 -1.67 41.87 39.48
CA ILE O 121 -0.27 41.46 39.44
C ILE O 121 0.48 41.94 40.69
N SER O 122 0.17 43.16 41.14
CA SER O 122 0.87 43.68 42.33
C SER O 122 0.32 43.11 43.64
N GLN O 123 -0.97 42.76 43.69
CA GLN O 123 -1.50 42.06 44.87
C GLN O 123 -0.74 40.77 45.09
N VAL O 124 -0.35 40.10 44.00
CA VAL O 124 0.45 38.90 44.12
C VAL O 124 1.72 39.17 44.92
N TYR O 125 2.39 40.30 44.64
CA TYR O 125 3.57 40.66 45.41
C TYR O 125 3.21 40.94 46.86
N THR O 126 2.02 41.49 47.11
CA THR O 126 1.64 41.69 48.50
C THR O 126 1.38 40.39 49.25
N GLN O 127 1.13 39.28 48.54
CA GLN O 127 0.82 38.03 49.23
C GLN O 127 1.95 37.00 49.23
N ASN O 128 2.95 37.13 48.37
CA ASN O 128 4.04 36.17 48.32
C ASN O 128 5.28 36.78 48.96
N ALA O 129 5.97 35.98 49.76
CA ALA O 129 7.02 36.50 50.65
C ALA O 129 8.39 36.63 49.98
N GLU O 130 8.68 35.82 48.97
CA GLU O 130 10.02 35.78 48.40
C GLU O 130 10.39 37.01 47.57
N MET O 131 9.44 37.87 47.23
CA MET O 131 9.74 39.03 46.41
C MET O 131 9.20 40.30 47.05
N ARG O 132 9.84 41.36 46.74
CA ARG O 132 9.55 42.74 47.11
C ARG O 132 8.42 43.29 46.24
N PRO O 133 7.46 44.01 46.83
CA PRO O 133 6.53 44.78 46.01
C PRO O 133 7.26 45.92 45.30
N LEU O 134 6.72 46.32 44.16
CA LEU O 134 7.29 47.43 43.41
C LEU O 134 7.04 48.74 44.15
N GLY O 135 8.04 49.62 44.15
CA GLY O 135 7.90 50.91 44.79
C GLY O 135 7.46 52.00 43.84
N CYS O 136 6.37 51.78 43.12
CA CYS O 136 5.90 52.73 42.13
C CYS O 136 4.38 52.74 42.09
N CYS O 137 3.84 53.85 41.62
CA CYS O 137 2.41 54.06 41.43
C CYS O 137 2.15 54.46 39.99
N MET O 138 1.10 53.90 39.41
CA MET O 138 0.78 54.12 38.00
C MET O 138 -0.54 54.86 37.88
N ILE O 139 -0.56 55.93 37.09
CA ILE O 139 -1.79 56.62 36.74
C ILE O 139 -2.01 56.50 35.24
N LEU O 140 -3.16 55.97 34.85
CA LEU O 140 -3.51 55.74 33.46
C LEU O 140 -4.62 56.69 33.05
N ILE O 141 -4.53 57.20 31.83
CA ILE O 141 -5.59 58.00 31.23
C ILE O 141 -5.94 57.40 29.88
N GLY O 142 -7.21 57.57 29.51
CA GLY O 142 -7.69 57.05 28.25
C GLY O 142 -9.10 57.54 27.98
N ILE O 143 -9.65 57.12 26.85
CA ILE O 143 -11.01 57.47 26.46
C ILE O 143 -11.79 56.21 26.20
N ASP O 144 -12.81 55.95 27.02
CA ASP O 144 -13.78 54.91 26.75
C ASP O 144 -14.90 55.49 25.92
N GLU O 145 -15.33 54.75 24.89
CA GLU O 145 -16.37 55.28 24.01
C GLU O 145 -17.68 55.50 24.76
N GLU O 146 -18.03 54.59 25.66
CA GLU O 146 -19.28 54.70 26.40
C GLU O 146 -19.23 55.76 27.49
N GLN O 147 -18.11 55.86 28.22
CA GLN O 147 -18.09 56.64 29.45
C GLN O 147 -17.23 57.89 29.39
N GLY O 148 -16.58 58.18 28.26
CA GLY O 148 -15.78 59.37 28.15
C GLY O 148 -14.38 59.21 28.67
N PRO O 149 -13.77 60.31 29.13
CA PRO O 149 -12.41 60.22 29.66
C PRO O 149 -12.32 59.43 30.95
N GLN O 150 -11.19 58.74 31.12
CA GLN O 150 -10.94 57.84 32.23
C GLN O 150 -9.57 58.13 32.83
N VAL O 151 -9.54 58.30 34.15
CA VAL O 151 -8.32 58.41 34.93
C VAL O 151 -8.36 57.33 36.01
N TYR O 152 -7.40 56.41 35.98
CA TYR O 152 -7.36 55.31 36.92
C TYR O 152 -5.99 55.25 37.57
N LYS O 153 -5.97 54.94 38.86
CA LYS O 153 -4.71 54.86 39.58
C LYS O 153 -4.60 53.51 40.28
N CYS O 154 -3.42 52.89 40.16
CA CYS O 154 -3.08 51.67 40.88
C CYS O 154 -1.80 51.88 41.68
N ASP O 155 -1.76 51.28 42.87
CA ASP O 155 -0.74 51.51 43.89
C ASP O 155 -0.06 50.20 44.28
N PRO O 156 1.02 50.24 45.07
CA PRO O 156 1.72 48.98 45.41
C PRO O 156 0.89 47.98 46.19
N ALA O 157 -0.14 48.41 46.91
CA ALA O 157 -0.97 47.48 47.67
C ALA O 157 -1.83 46.61 46.78
N GLY O 158 -1.89 46.87 45.48
CA GLY O 158 -2.84 46.23 44.61
C GLY O 158 -4.20 46.90 44.55
N TYR O 159 -4.36 48.02 45.24
CA TYR O 159 -5.60 48.78 45.20
C TYR O 159 -5.60 49.66 43.97
N TYR O 160 -6.73 49.70 43.27
CA TYR O 160 -6.90 50.57 42.12
C TYR O 160 -8.26 51.24 42.17
N CYS O 161 -8.37 52.40 41.53
CA CYS O 161 -9.62 53.12 41.55
C CYS O 161 -9.66 54.14 40.42
N GLY O 162 -10.89 54.46 39.99
CA GLY O 162 -11.09 55.55 39.07
C GLY O 162 -11.24 56.87 39.80
N PHE O 163 -10.78 57.94 39.16
CA PHE O 163 -10.73 59.25 39.79
C PHE O 163 -11.29 60.33 38.89
N LYS O 164 -11.93 61.33 39.50
CA LYS O 164 -12.18 62.58 38.81
C LYS O 164 -10.89 63.38 38.70
N ALA O 165 -10.08 63.36 39.76
CA ALA O 165 -8.74 63.89 39.74
C ALA O 165 -7.96 63.16 40.81
N THR O 166 -6.64 63.12 40.65
CA THR O 166 -5.79 62.36 41.57
C THR O 166 -4.38 62.89 41.47
N ALA O 167 -3.55 62.48 42.43
CA ALA O 167 -2.16 62.89 42.46
C ALA O 167 -1.33 61.77 43.06
N ALA O 168 -0.03 61.82 42.79
CA ALA O 168 0.91 60.83 43.33
C ALA O 168 2.24 61.51 43.61
N GLY O 169 2.91 61.07 44.67
CA GLY O 169 4.25 61.51 44.95
C GLY O 169 4.35 62.23 46.28
N VAL O 170 5.34 63.13 46.37
CA VAL O 170 5.72 63.74 47.64
C VAL O 170 4.59 64.60 48.19
N LYS O 171 4.06 65.51 47.38
CA LYS O 171 3.08 66.49 47.82
C LYS O 171 1.66 66.11 47.40
N GLN O 172 1.35 64.82 47.37
CA GLN O 172 0.07 64.39 46.87
C GLN O 172 -1.08 64.68 47.83
N THR O 173 -0.81 64.87 49.12
CA THR O 173 -1.87 65.25 50.05
C THR O 173 -2.35 66.68 49.80
N GLU O 174 -1.39 67.61 49.68
CA GLU O 174 -1.75 68.99 49.34
C GLU O 174 -2.43 69.06 48.00
N SER O 175 -1.94 68.28 47.03
CA SER O 175 -2.55 68.24 45.72
C SER O 175 -3.98 67.73 45.78
N THR O 176 -4.23 66.69 46.57
CA THR O 176 -5.58 66.16 46.70
C THR O 176 -6.51 67.17 47.34
N SER O 177 -6.05 67.89 48.36
CA SER O 177 -6.92 68.89 48.98
C SER O 177 -7.23 70.03 48.01
N PHE O 178 -6.23 70.50 47.26
CA PHE O 178 -6.47 71.51 46.24
C PHE O 178 -7.48 71.04 45.21
N LEU O 179 -7.32 69.79 44.74
CA LEU O 179 -8.25 69.26 43.75
C LEU O 179 -9.64 69.06 44.34
N GLU O 180 -9.74 68.73 45.63
CA GLU O 180 -11.04 68.66 46.28
C GLU O 180 -11.74 70.01 46.23
N LYS O 181 -10.99 71.07 46.55
CA LYS O 181 -11.57 72.41 46.47
C LYS O 181 -12.02 72.73 45.06
N LYS O 182 -11.21 72.36 44.06
CA LYS O 182 -11.58 72.69 42.68
C LYS O 182 -12.78 71.88 42.20
N VAL O 183 -12.93 70.63 42.67
CA VAL O 183 -14.00 69.78 42.17
C VAL O 183 -15.31 70.05 42.92
N LYS O 184 -15.24 70.59 44.14
CA LYS O 184 -16.47 70.98 44.83
C LYS O 184 -17.21 72.07 44.07
N LYS O 185 -16.49 73.12 43.66
CA LYS O 185 -17.09 74.20 42.87
C LYS O 185 -17.10 73.79 41.39
N LYS O 186 -18.02 72.89 41.08
CA LYS O 186 -18.01 72.25 39.77
C LYS O 186 -18.53 73.19 38.69
N PHE O 187 -17.70 73.43 37.68
CA PHE O 187 -18.11 74.13 36.48
C PHE O 187 -17.59 73.36 35.28
N ASP O 188 -18.22 73.59 34.12
CA ASP O 188 -17.93 72.80 32.94
C ASP O 188 -16.46 72.95 32.54
N TRP O 189 -15.71 71.85 32.62
CA TRP O 189 -14.27 71.87 32.40
C TRP O 189 -13.97 71.57 30.95
N THR O 190 -13.59 72.60 30.19
CA THR O 190 -13.08 72.41 28.85
C THR O 190 -11.66 71.85 28.92
N PHE O 191 -11.09 71.57 27.75
CA PHE O 191 -9.72 71.06 27.69
C PHE O 191 -8.74 72.05 28.31
N GLU O 192 -8.87 73.33 27.94
CA GLU O 192 -7.97 74.35 28.47
C GLU O 192 -8.10 74.44 29.98
N GLN O 193 -9.33 74.43 30.50
CA GLN O 193 -9.53 74.55 31.93
C GLN O 193 -8.95 73.35 32.68
N THR O 194 -9.06 72.16 32.10
CA THR O 194 -8.48 70.97 32.72
C THR O 194 -6.97 71.06 32.80
N VAL O 195 -6.33 71.47 31.68
CA VAL O 195 -4.88 71.60 31.69
C VAL O 195 -4.44 72.68 32.69
N GLU O 196 -5.14 73.82 32.70
CA GLU O 196 -4.78 74.87 33.63
C GLU O 196 -4.95 74.42 35.08
N THR O 197 -6.01 73.65 35.36
CA THR O 197 -6.24 73.18 36.72
C THR O 197 -5.12 72.25 37.17
N ALA O 198 -4.72 71.32 36.30
CA ALA O 198 -3.61 70.43 36.66
C ALA O 198 -2.33 71.20 36.89
N ILE O 199 -2.00 72.13 35.97
CA ILE O 199 -0.74 72.85 36.08
C ILE O 199 -0.73 73.76 37.30
N THR O 200 -1.86 74.42 37.59
CA THR O 200 -1.90 75.29 38.76
C THR O 200 -1.88 74.49 40.05
N CYS O 201 -2.44 73.28 40.05
CA CYS O 201 -2.32 72.43 41.23
C CYS O 201 -0.87 72.09 41.51
N LEU O 202 -0.15 71.65 40.49
CA LEU O 202 1.26 71.32 40.68
C LEU O 202 2.06 72.55 41.11
N SER O 203 1.81 73.69 40.47
CA SER O 203 2.59 74.88 40.76
C SER O 203 2.30 75.42 42.17
N THR O 204 1.05 75.33 42.61
CA THR O 204 0.71 75.84 43.94
C THR O 204 1.16 74.90 45.04
N VAL O 205 1.21 73.58 44.80
CA VAL O 205 1.69 72.72 45.87
C VAL O 205 3.21 72.68 45.92
N LEU O 206 3.87 72.87 44.77
CA LEU O 206 5.33 72.96 44.77
C LEU O 206 5.82 74.38 45.04
N SER O 207 4.92 75.36 45.06
CA SER O 207 5.26 76.76 45.36
C SER O 207 6.37 77.28 44.45
N ILE O 208 6.23 77.04 43.16
CA ILE O 208 7.14 77.60 42.16
C ILE O 208 6.34 77.95 40.91
N ASP O 209 6.71 79.04 40.26
CA ASP O 209 6.21 79.32 38.92
C ASP O 209 6.94 78.45 37.92
N PHE O 210 6.19 77.80 37.05
CA PHE O 210 6.75 76.77 36.19
C PHE O 210 7.39 77.36 34.94
N LYS O 211 8.17 76.53 34.28
CA LYS O 211 8.78 76.79 32.98
C LYS O 211 8.48 75.61 32.07
N PRO O 212 8.47 75.82 30.76
CA PRO O 212 8.09 74.72 29.86
C PRO O 212 8.98 73.50 29.98
N SER O 213 10.22 73.64 30.43
CA SER O 213 11.12 72.51 30.58
C SER O 213 11.03 71.85 31.95
N GLU O 214 10.26 72.42 32.88
CA GLU O 214 10.18 71.88 34.23
C GLU O 214 9.03 70.90 34.43
N ILE O 215 8.08 70.82 33.50
CA ILE O 215 6.94 69.93 33.63
C ILE O 215 6.75 69.17 32.33
N GLU O 216 6.00 68.07 32.42
CA GLU O 216 5.66 67.23 31.29
C GLU O 216 4.16 67.02 31.28
N VAL O 217 3.54 67.13 30.10
CA VAL O 217 2.09 67.08 29.99
C VAL O 217 1.68 66.08 28.91
N GLY O 218 0.73 65.23 29.23
CA GLY O 218 0.14 64.34 28.25
C GLY O 218 -1.37 64.38 28.35
N VAL O 219 -2.03 64.23 27.21
CA VAL O 219 -3.47 64.44 27.13
C VAL O 219 -4.12 63.38 26.25
N VAL O 220 -5.38 63.08 26.57
CA VAL O 220 -6.28 62.40 25.65
C VAL O 220 -7.58 63.18 25.60
N THR O 221 -8.13 63.34 24.40
CA THR O 221 -9.38 64.06 24.21
C THR O 221 -10.37 63.18 23.46
N VAL O 222 -11.65 63.53 23.56
CA VAL O 222 -12.67 62.84 22.79
C VAL O 222 -12.48 63.09 21.31
N GLU O 223 -12.14 64.32 20.94
CA GLU O 223 -11.88 64.64 19.53
C GLU O 223 -10.65 63.90 19.02
N ASN O 224 -9.59 63.81 19.84
CA ASN O 224 -8.34 63.18 19.46
C ASN O 224 -7.99 62.15 20.52
N PRO O 225 -8.55 60.94 20.44
CA PRO O 225 -8.34 59.95 21.50
C PRO O 225 -6.89 59.48 21.65
N LYS O 226 -6.05 59.67 20.64
CA LYS O 226 -4.67 59.21 20.74
C LYS O 226 -3.93 59.95 21.84
N PHE O 227 -3.14 59.20 22.61
CA PHE O 227 -2.36 59.80 23.67
C PHE O 227 -1.20 60.58 23.08
N ARG O 228 -1.08 61.85 23.45
CA ARG O 228 -0.07 62.72 22.88
C ARG O 228 0.57 63.55 23.99
N ILE O 229 1.87 63.74 23.89
CA ILE O 229 2.64 64.53 24.85
C ILE O 229 2.84 65.92 24.26
N LEU O 230 2.44 66.93 25.02
CA LEU O 230 2.58 68.31 24.55
C LEU O 230 4.06 68.69 24.45
N THR O 231 4.38 69.43 23.40
CA THR O 231 5.71 69.98 23.24
C THR O 231 5.90 71.20 24.15
N GLU O 232 7.12 71.70 24.20
CA GLU O 232 7.42 72.86 25.04
C GLU O 232 6.68 74.10 24.58
N ALA O 233 6.37 74.20 23.29
CA ALA O 233 5.65 75.37 22.79
C ALA O 233 4.23 75.41 23.33
N GLU O 234 3.51 74.29 23.28
CA GLU O 234 2.15 74.24 23.80
C GLU O 234 2.13 74.45 25.31
N ILE O 235 3.09 73.85 26.02
CA ILE O 235 3.17 74.04 27.46
C ILE O 235 3.44 75.50 27.80
N ASP O 236 4.31 76.16 27.03
CA ASP O 236 4.60 77.57 27.28
C ASP O 236 3.40 78.44 26.96
N ALA O 237 2.63 78.08 25.94
CA ALA O 237 1.39 78.80 25.65
C ALA O 237 0.42 78.70 26.83
N HIS O 238 0.24 77.49 27.36
CA HIS O 238 -0.63 77.31 28.53
C HIS O 238 -0.10 78.08 29.73
N LEU O 239 1.22 78.06 29.93
CA LEU O 239 1.83 78.75 31.08
C LEU O 239 1.64 80.25 30.97
N VAL O 240 1.79 80.82 29.76
CA VAL O 240 1.55 82.23 29.56
C VAL O 240 0.10 82.58 29.86
N ALA O 241 -0.83 81.76 29.33
CA ALA O 241 -2.25 82.02 29.59
C ALA O 241 -2.56 81.95 31.08
N LEU O 242 -1.88 81.07 31.81
CA LEU O 242 -2.14 80.96 33.24
C LEU O 242 -1.49 82.11 34.01
N ALA O 243 -0.32 82.57 33.55
CA ALA O 243 0.37 83.65 34.24
C ALA O 243 -0.36 84.98 34.07
N GLU O 244 -0.91 85.24 32.89
CA GLU O 244 -1.61 86.50 32.69
C GLU O 244 -2.86 86.61 33.57
N ARG O 245 -3.39 85.49 34.04
CA ARG O 245 -4.53 85.50 34.96
C ARG O 245 -4.13 84.97 36.33
N MET P 1 17.35 37.39 39.04
CA MET P 1 15.96 36.97 39.14
C MET P 1 15.87 35.46 39.32
N ALA P 2 14.98 35.02 40.21
CA ALA P 2 14.68 33.61 40.40
C ALA P 2 13.24 33.47 40.84
N GLU P 3 12.47 32.70 40.07
CA GLU P 3 11.02 32.62 40.22
C GLU P 3 10.57 31.62 41.27
N ARG P 4 11.50 31.00 41.98
CA ARG P 4 11.14 30.04 43.01
C ARG P 4 10.64 30.74 44.26
N GLY P 5 9.40 30.44 44.66
CA GLY P 5 8.90 30.90 45.93
C GLY P 5 9.36 30.01 47.08
N TYR P 6 9.08 30.47 48.28
CA TYR P 6 9.42 29.69 49.47
C TYR P 6 8.51 28.47 49.56
N SER P 7 9.08 27.35 50.01
CA SER P 7 8.33 26.10 50.08
C SER P 7 7.88 25.75 51.48
N PHE P 8 8.29 26.52 52.49
CA PHE P 8 7.91 26.27 53.87
C PHE P 8 6.69 27.11 54.23
N SER P 9 5.93 26.62 55.21
CA SER P 9 4.74 27.32 55.67
C SER P 9 5.11 28.60 56.42
N LEU P 10 4.33 29.65 56.21
CA LEU P 10 4.44 30.85 57.02
C LEU P 10 3.41 30.89 58.15
N THR P 11 2.45 29.98 58.14
CA THR P 11 1.47 29.84 59.22
C THR P 11 1.77 28.54 59.93
N THR P 12 2.24 28.63 61.18
CA THR P 12 2.57 27.46 61.97
C THR P 12 1.87 27.53 63.32
N PHE P 13 1.91 26.42 64.04
CA PHE P 13 1.24 26.30 65.32
C PHE P 13 2.09 26.94 66.42
N SER P 14 1.45 27.78 67.24
CA SER P 14 2.07 28.34 68.42
C SER P 14 2.08 27.32 69.55
N PRO P 15 2.89 27.52 70.59
CA PRO P 15 2.93 26.55 71.69
C PRO P 15 1.59 26.35 72.38
N SER P 16 0.71 27.35 72.38
CA SER P 16 -0.62 27.19 72.94
C SER P 16 -1.59 26.52 71.98
N GLY P 17 -1.14 26.15 70.78
CA GLY P 17 -1.98 25.44 69.85
C GLY P 17 -2.72 26.31 68.85
N LYS P 18 -2.35 27.57 68.72
CA LYS P 18 -3.05 28.49 67.85
C LYS P 18 -2.19 28.81 66.61
N LEU P 19 -2.87 29.14 65.51
CA LEU P 19 -2.22 29.64 64.30
C LEU P 19 -2.38 31.15 64.31
N VAL P 20 -1.34 31.85 64.77
CA VAL P 20 -1.48 33.28 65.03
C VAL P 20 -1.68 34.07 63.75
N GLN P 21 -1.16 33.59 62.62
CA GLN P 21 -1.31 34.32 61.37
C GLN P 21 -2.78 34.42 60.97
N ILE P 22 -3.55 33.36 61.22
CA ILE P 22 -4.97 33.39 60.90
C ILE P 22 -5.71 34.36 61.83
N GLU P 23 -5.32 34.42 63.10
CA GLU P 23 -5.90 35.40 64.00
C GLU P 23 -5.55 36.83 63.58
N TYR P 24 -4.37 37.03 63.01
CA TYR P 24 -4.00 38.37 62.56
C TYR P 24 -4.73 38.75 61.28
N ALA P 25 -4.96 37.77 60.41
CA ALA P 25 -5.84 37.99 59.26
C ALA P 25 -7.26 38.34 59.72
N LEU P 26 -7.71 37.70 60.79
CA LEU P 26 -9.02 38.05 61.35
C LEU P 26 -9.03 39.46 61.93
N ALA P 27 -7.91 39.88 62.53
CA ALA P 27 -7.81 41.27 62.98
C ALA P 27 -7.92 42.23 61.80
N ALA P 28 -7.28 41.90 60.69
CA ALA P 28 -7.41 42.69 59.47
C ALA P 28 -8.86 42.76 59.03
N VAL P 29 -9.58 41.63 59.08
CA VAL P 29 -11.00 41.62 58.73
C VAL P 29 -11.79 42.53 59.66
N ALA P 30 -11.52 42.43 60.96
CA ALA P 30 -12.25 43.22 61.95
C ALA P 30 -11.98 44.70 61.81
N GLY P 31 -10.87 45.08 61.17
CA GLY P 31 -10.67 46.48 60.86
C GLY P 31 -11.31 46.96 59.58
N GLY P 32 -12.02 46.09 58.86
CA GLY P 32 -12.59 46.45 57.58
C GLY P 32 -13.91 47.20 57.68
N ALA P 33 -14.40 47.62 56.52
CA ALA P 33 -15.66 48.33 56.46
C ALA P 33 -16.81 47.39 56.82
N PRO P 34 -17.83 47.88 57.53
CA PRO P 34 -18.92 46.99 57.95
C PRO P 34 -19.65 46.37 56.77
N SER P 35 -19.99 45.10 56.91
CA SER P 35 -20.81 44.38 55.95
C SER P 35 -21.91 43.65 56.72
N VAL P 36 -23.08 43.54 56.10
CA VAL P 36 -24.23 42.91 56.71
C VAL P 36 -24.88 41.99 55.70
N GLY P 37 -25.26 40.80 56.15
CA GLY P 37 -26.08 39.92 55.35
C GLY P 37 -27.33 39.52 56.12
N ILE P 38 -28.48 39.54 55.46
CA ILE P 38 -29.74 39.14 56.07
C ILE P 38 -30.48 38.23 55.10
N LYS P 39 -30.81 37.03 55.57
CA LYS P 39 -31.57 36.07 54.76
C LYS P 39 -33.04 36.21 55.11
N ALA P 40 -33.83 36.75 54.18
CA ALA P 40 -35.26 36.85 54.36
C ALA P 40 -35.94 35.57 53.89
N ALA P 41 -37.27 35.55 53.95
CA ALA P 41 -38.01 34.35 53.56
C ALA P 41 -37.95 34.11 52.06
N ASN P 42 -37.86 35.18 51.27
CA ASN P 42 -37.86 35.06 49.82
C ASN P 42 -36.61 35.63 49.18
N GLY P 43 -35.55 35.87 49.94
CA GLY P 43 -34.32 36.36 49.34
C GLY P 43 -33.30 36.71 50.40
N VAL P 44 -32.16 37.18 49.94
CA VAL P 44 -31.05 37.60 50.79
C VAL P 44 -30.66 39.01 50.39
N VAL P 45 -30.30 39.83 51.37
CA VAL P 45 -29.75 41.15 51.14
C VAL P 45 -28.34 41.19 51.69
N LEU P 46 -27.40 41.71 50.89
CA LEU P 46 -26.04 42.00 51.30
C LEU P 46 -25.82 43.50 51.19
N ALA P 47 -25.53 44.15 52.30
CA ALA P 47 -25.32 45.59 52.31
C ALA P 47 -23.96 45.90 52.92
N THR P 48 -23.17 46.72 52.24
CA THR P 48 -21.87 47.14 52.75
C THR P 48 -21.78 48.66 52.64
N GLU P 49 -20.93 49.23 53.47
CA GLU P 49 -20.63 50.65 53.36
C GLU P 49 -19.39 50.81 52.50
N LYS P 50 -19.43 51.80 51.60
CA LYS P 50 -18.25 52.21 50.84
C LYS P 50 -18.17 53.72 50.97
N LYS P 51 -17.57 54.17 52.06
CA LYS P 51 -17.33 55.60 52.28
C LYS P 51 -15.94 55.90 51.75
N GLN P 52 -15.88 56.59 50.62
CA GLN P 52 -14.60 56.94 50.03
C GLN P 52 -13.89 57.97 50.91
N LYS P 53 -12.57 58.01 50.80
CA LYS P 53 -11.79 58.96 51.61
C LYS P 53 -11.79 60.36 51.02
N SER P 54 -12.36 60.55 49.84
CA SER P 54 -12.37 61.87 49.20
C SER P 54 -13.46 61.91 48.15
N ILE P 55 -13.88 63.13 47.81
CA ILE P 55 -14.81 63.32 46.70
C ILE P 55 -14.16 63.14 45.35
N LEU P 56 -12.83 63.04 45.30
CA LEU P 56 -12.15 62.81 44.03
C LEU P 56 -12.31 61.39 43.53
N TYR P 57 -12.71 60.47 44.40
CA TYR P 57 -12.89 59.09 43.99
C TYR P 57 -14.17 58.91 43.20
N ASP P 58 -14.08 58.15 42.11
CA ASP P 58 -15.25 57.78 41.31
C ASP P 58 -15.93 56.58 41.98
N GLU P 59 -17.12 56.81 42.52
CA GLU P 59 -17.83 55.77 43.25
C GLU P 59 -18.17 54.60 42.34
N ARG P 60 -18.59 54.89 41.10
CA ARG P 60 -19.03 53.86 40.20
C ARG P 60 -17.89 53.01 39.63
N SER P 61 -16.63 53.41 39.84
CA SER P 61 -15.53 52.70 39.21
C SER P 61 -15.32 51.33 39.83
N VAL P 62 -15.36 51.22 41.15
CA VAL P 62 -15.08 49.98 41.86
C VAL P 62 -16.34 49.55 42.60
N HIS P 63 -16.54 48.24 42.71
CA HIS P 63 -17.70 47.68 43.39
C HIS P 63 -17.24 46.71 44.47
N LYS P 64 -17.95 46.73 45.60
CA LYS P 64 -17.69 45.78 46.67
C LYS P 64 -18.69 44.63 46.71
N VAL P 65 -19.90 44.85 46.22
CA VAL P 65 -20.87 43.78 46.05
C VAL P 65 -20.74 43.27 44.63
N GLU P 66 -20.41 41.99 44.48
CA GLU P 66 -20.04 41.44 43.19
C GLU P 66 -20.90 40.24 42.83
N PRO P 67 -21.29 40.10 41.58
CA PRO P 67 -21.90 38.84 41.13
C PRO P 67 -20.86 37.78 40.84
N ILE P 68 -21.15 36.56 41.26
CA ILE P 68 -20.34 35.40 40.91
C ILE P 68 -20.97 34.64 39.76
N THR P 69 -22.25 34.32 39.88
CA THR P 69 -23.04 33.80 38.78
C THR P 69 -24.28 34.65 38.64
N LYS P 70 -25.25 34.19 37.83
CA LYS P 70 -26.53 34.86 37.76
C LYS P 70 -27.34 34.70 39.04
N HIS P 71 -26.95 33.78 39.92
CA HIS P 71 -27.72 33.50 41.13
C HIS P 71 -26.90 33.60 42.41
N ILE P 72 -25.64 34.02 42.34
CA ILE P 72 -24.78 34.07 43.53
C ILE P 72 -24.10 35.44 43.60
N GLY P 73 -24.16 36.05 44.78
CA GLY P 73 -23.50 37.32 45.02
C GLY P 73 -22.51 37.29 46.16
N LEU P 74 -21.55 38.23 46.14
CA LEU P 74 -20.45 38.26 47.07
C LEU P 74 -20.31 39.65 47.66
N VAL P 75 -19.91 39.72 48.92
CA VAL P 75 -19.42 40.95 49.54
C VAL P 75 -18.36 40.55 50.56
N TYR P 76 -17.56 41.51 50.98
CA TYR P 76 -16.42 41.18 51.83
C TYR P 76 -16.23 42.24 52.90
N SER P 77 -15.42 41.87 53.89
CA SER P 77 -14.84 42.82 54.82
C SER P 77 -13.36 42.47 55.01
N GLY P 78 -12.50 43.48 54.94
CA GLY P 78 -11.08 43.27 55.04
C GLY P 78 -10.25 44.02 54.00
N MET P 79 -9.45 43.29 53.23
CA MET P 79 -8.51 43.88 52.29
C MET P 79 -9.01 43.67 50.86
N GLY P 80 -9.27 44.76 50.16
CA GLY P 80 -9.90 44.73 48.85
C GLY P 80 -9.23 43.93 47.75
N PRO P 81 -7.90 44.03 47.59
CA PRO P 81 -7.25 43.25 46.51
C PRO P 81 -7.26 41.75 46.75
N ASP P 82 -7.15 41.30 48.01
CA ASP P 82 -7.41 39.90 48.33
C ASP P 82 -8.82 39.51 47.89
N TYR P 83 -9.78 40.41 48.11
CA TYR P 83 -11.14 40.16 47.70
C TYR P 83 -11.24 40.00 46.19
N ARG P 84 -10.53 40.83 45.43
CA ARG P 84 -10.54 40.68 43.97
C ARG P 84 -10.01 39.33 43.56
N VAL P 85 -8.93 38.88 44.21
CA VAL P 85 -8.38 37.55 43.92
C VAL P 85 -9.44 36.49 44.15
N LEU P 86 -10.13 36.55 45.30
CA LEU P 86 -11.11 35.54 45.62
C LEU P 86 -12.33 35.62 44.70
N VAL P 87 -12.71 36.81 44.26
CA VAL P 87 -13.83 36.96 43.34
C VAL P 87 -13.50 36.30 42.01
N HIS P 88 -12.30 36.55 41.50
CA HIS P 88 -11.88 35.91 40.26
C HIS P 88 -11.88 34.40 40.39
N ARG P 89 -11.34 33.89 41.50
CA ARG P 89 -11.31 32.44 41.70
C ARG P 89 -12.71 31.85 41.83
N ALA P 90 -13.61 32.54 42.53
CA ALA P 90 -14.98 32.04 42.68
C ALA P 90 -15.69 32.00 41.34
N ARG P 91 -15.51 33.03 40.51
CA ARG P 91 -16.12 33.02 39.19
C ARG P 91 -15.60 31.87 38.35
N LYS P 92 -14.29 31.62 38.41
CA LYS P 92 -13.72 30.51 37.65
C LYS P 92 -14.23 29.15 38.16
N LEU P 93 -14.36 29.00 39.48
CA LEU P 93 -14.86 27.75 40.04
C LEU P 93 -16.32 27.51 39.65
N ALA P 94 -17.14 28.57 39.70
CA ALA P 94 -18.52 28.44 39.28
C ALA P 94 -18.62 28.06 37.82
N GLN P 95 -17.77 28.65 36.98
CA GLN P 95 -17.78 28.29 35.56
C GLN P 95 -17.34 26.86 35.32
N GLN P 96 -16.33 26.38 36.06
CA GLN P 96 -15.90 24.99 35.89
C GLN P 96 -17.00 24.02 36.33
N TYR P 97 -17.68 24.33 37.42
CA TYR P 97 -18.82 23.51 37.83
C TYR P 97 -19.89 23.49 36.75
N TYR P 98 -20.21 24.65 36.17
CA TYR P 98 -21.22 24.68 35.12
C TYR P 98 -20.75 23.89 33.89
N LEU P 99 -19.45 23.91 33.60
CA LEU P 99 -18.95 23.18 32.45
C LEU P 99 -19.06 21.67 32.66
N VAL P 100 -18.89 21.20 33.88
CA VAL P 100 -18.99 19.77 34.12
C VAL P 100 -20.44 19.33 34.21
N TYR P 101 -21.26 20.04 34.97
CA TYR P 101 -22.61 19.57 35.28
C TYR P 101 -23.71 20.25 34.48
N GLN P 102 -23.42 21.35 33.78
CA GLN P 102 -24.39 22.05 32.94
C GLN P 102 -25.59 22.55 33.73
N GLU P 103 -25.41 22.76 35.03
CA GLU P 103 -26.36 23.49 35.84
C GLU P 103 -25.59 24.49 36.70
N PRO P 104 -26.23 25.58 37.11
CA PRO P 104 -25.52 26.55 37.96
C PRO P 104 -25.12 25.92 39.29
N ILE P 105 -23.96 26.33 39.77
CA ILE P 105 -23.41 25.71 41.00
C ILE P 105 -24.29 26.09 42.18
N PRO P 106 -24.65 25.12 43.04
CA PRO P 106 -25.34 25.47 44.29
C PRO P 106 -24.44 26.34 45.16
N THR P 107 -25.08 27.23 45.92
CA THR P 107 -24.32 28.18 46.73
C THR P 107 -23.40 27.47 47.71
N ALA P 108 -23.88 26.41 48.36
CA ALA P 108 -23.05 25.70 49.33
C ALA P 108 -21.81 25.10 48.68
N GLN P 109 -21.96 24.57 47.46
CA GLN P 109 -20.82 24.01 46.75
C GLN P 109 -19.77 25.06 46.44
N LEU P 110 -20.20 26.24 45.99
CA LEU P 110 -19.25 27.29 45.67
C LEU P 110 -18.56 27.80 46.93
N VAL P 111 -19.32 27.92 48.01
CA VAL P 111 -18.75 28.31 49.29
C VAL P 111 -17.67 27.32 49.71
N GLN P 112 -17.96 26.02 49.55
CA GLN P 112 -16.97 25.00 49.92
C GLN P 112 -15.71 25.13 49.08
N ARG P 113 -15.84 25.35 47.78
CA ARG P 113 -14.65 25.46 46.94
C ARG P 113 -13.82 26.71 47.28
N VAL P 114 -14.49 27.84 47.54
CA VAL P 114 -13.78 29.06 47.90
C VAL P 114 -13.07 28.90 49.25
N ALA P 115 -13.76 28.29 50.22
CA ALA P 115 -13.14 28.03 51.51
C ALA P 115 -11.94 27.09 51.38
N SER P 116 -12.02 26.13 50.46
CA SER P 116 -10.88 25.26 50.20
C SER P 116 -9.68 26.06 49.70
N VAL P 117 -9.91 27.03 48.81
CA VAL P 117 -8.82 27.89 48.35
C VAL P 117 -8.20 28.68 49.52
N MET P 118 -9.06 29.23 50.39
CA MET P 118 -8.56 29.98 51.53
C MET P 118 -7.73 29.10 52.48
N GLN P 119 -8.18 27.87 52.72
CA GLN P 119 -7.38 26.94 53.53
C GLN P 119 -6.03 26.68 52.88
N GLU P 120 -6.01 26.46 51.56
CA GLU P 120 -4.76 26.28 50.85
C GLU P 120 -3.80 27.41 51.16
N TYR P 121 -4.30 28.65 51.19
CA TYR P 121 -3.41 29.74 51.53
C TYR P 121 -3.08 29.79 53.02
N THR P 122 -3.84 29.12 53.86
CA THR P 122 -3.40 28.98 55.25
C THR P 122 -2.31 27.94 55.44
N GLN P 123 -2.11 27.03 54.47
CA GLN P 123 -1.14 25.96 54.69
C GLN P 123 0.03 25.93 53.70
N SER P 124 -0.09 26.49 52.51
CA SER P 124 0.92 26.27 51.49
C SER P 124 2.18 27.09 51.75
N GLY P 125 3.18 26.90 50.90
CA GLY P 125 4.49 27.47 51.11
C GLY P 125 4.62 28.91 50.63
N GLY P 126 5.16 29.76 51.49
CA GLY P 126 5.57 31.10 51.13
C GLY P 126 4.47 32.13 51.02
N VAL P 127 3.27 31.86 51.54
CA VAL P 127 2.16 32.77 51.41
C VAL P 127 1.58 33.07 52.79
N ARG P 128 0.94 34.20 52.88
CA ARG P 128 0.12 34.56 54.02
C ARG P 128 -1.33 34.20 53.73
N PRO P 129 -2.14 34.01 54.76
CA PRO P 129 -3.58 33.81 54.54
C PRO P 129 -4.23 35.07 54.00
N PHE P 130 -5.36 34.87 53.31
CA PHE P 130 -6.14 36.00 52.84
C PHE P 130 -6.64 36.82 54.03
N GLY P 131 -6.70 38.13 53.83
CA GLY P 131 -7.12 39.02 54.90
C GLY P 131 -8.54 39.52 54.75
N VAL P 132 -9.44 38.66 54.29
CA VAL P 132 -10.83 39.02 54.07
C VAL P 132 -11.75 37.97 54.65
N SER P 133 -12.96 38.41 54.98
CA SER P 133 -14.09 37.52 55.22
C SER P 133 -15.13 37.79 54.14
N LEU P 134 -15.71 36.72 53.62
CA LEU P 134 -16.70 36.78 52.56
C LEU P 134 -18.09 36.51 53.11
N LEU P 135 -19.06 37.28 52.64
CA LEU P 135 -20.47 36.97 52.77
C LEU P 135 -20.98 36.59 51.39
N ILE P 136 -21.57 35.41 51.29
CA ILE P 136 -21.98 34.84 50.02
C ILE P 136 -23.48 34.60 50.09
N CYS P 137 -24.20 35.08 49.09
CA CYS P 137 -25.64 34.87 49.03
C CYS P 137 -25.98 34.12 47.76
N GLY P 138 -27.04 33.33 47.81
CA GLY P 138 -27.47 32.62 46.63
C GLY P 138 -28.91 32.19 46.71
N TRP P 139 -29.46 31.81 45.57
CA TRP P 139 -30.81 31.27 45.48
C TRP P 139 -30.73 29.92 44.76
N ASN P 140 -31.18 28.87 45.43
CA ASN P 140 -31.14 27.52 44.90
C ASN P 140 -32.37 26.76 45.37
N GLU P 141 -32.98 26.02 44.44
CA GLU P 141 -34.14 25.17 44.75
C GLU P 141 -35.24 25.95 45.47
N GLY P 142 -35.52 27.16 44.99
CA GLY P 142 -36.51 27.99 45.64
C GLY P 142 -36.19 28.30 47.08
N ARG P 143 -34.93 28.59 47.37
CA ARG P 143 -34.47 28.70 48.72
C ARG P 143 -33.32 29.69 48.77
N PRO P 144 -33.31 30.61 49.73
CA PRO P 144 -32.17 31.52 49.89
C PRO P 144 -31.08 30.93 50.79
N TYR P 145 -29.84 31.26 50.47
CA TYR P 145 -28.68 30.84 51.23
C TYR P 145 -27.79 32.04 51.54
N LEU P 146 -27.28 32.07 52.77
CA LEU P 146 -26.32 33.07 53.21
C LEU P 146 -25.20 32.36 53.97
N PHE P 147 -23.96 32.54 53.52
CA PHE P 147 -22.79 31.91 54.12
C PHE P 147 -21.75 32.98 54.43
N GLN P 148 -20.93 32.68 55.43
CA GLN P 148 -19.75 33.48 55.72
C GLN P 148 -18.52 32.59 55.69
N SER P 149 -17.51 33.01 54.93
CA SER P 149 -16.25 32.28 54.82
C SER P 149 -15.13 33.14 55.40
N ASP P 150 -14.38 32.57 56.33
CA ASP P 150 -13.34 33.26 57.08
C ASP P 150 -11.97 33.02 56.47
N PRO P 151 -10.97 33.81 56.86
CA PRO P 151 -9.62 33.61 56.30
C PRO P 151 -9.01 32.24 56.58
N SER P 152 -9.44 31.53 57.62
CA SER P 152 -8.92 30.19 57.87
C SER P 152 -9.41 29.17 56.83
N GLY P 153 -10.51 29.46 56.15
CA GLY P 153 -11.16 28.49 55.31
C GLY P 153 -12.37 27.82 55.92
N ALA P 154 -12.80 28.26 57.10
CA ALA P 154 -14.03 27.76 57.71
C ALA P 154 -15.20 28.62 57.26
N TYR P 155 -16.32 27.97 56.97
CA TYR P 155 -17.52 28.64 56.53
C TYR P 155 -18.68 28.26 57.43
N PHE P 156 -19.63 29.19 57.55
CA PHE P 156 -20.82 29.03 58.38
C PHE P 156 -22.04 29.48 57.59
N ALA P 157 -23.17 28.85 57.87
CA ALA P 157 -24.44 29.26 57.31
C ALA P 157 -25.15 30.15 58.31
N TRP P 158 -25.63 31.30 57.85
CA TRP P 158 -26.20 32.32 58.73
C TRP P 158 -27.61 32.68 58.29
N LYS P 159 -28.43 33.05 59.26
CA LYS P 159 -29.69 33.71 58.97
C LYS P 159 -29.52 35.22 58.87
N ALA P 160 -28.56 35.78 59.60
CA ALA P 160 -28.21 37.19 59.55
C ALA P 160 -26.89 37.36 60.30
N THR P 161 -25.98 38.15 59.73
CA THR P 161 -24.70 38.36 60.38
C THR P 161 -24.08 39.66 59.90
N ALA P 162 -23.05 40.09 60.63
CA ALA P 162 -22.31 41.30 60.33
C ALA P 162 -20.81 41.04 60.46
N MET P 163 -20.04 41.73 59.62
CA MET P 163 -18.58 41.66 59.62
C MET P 163 -18.00 43.06 59.62
N GLY P 164 -16.72 43.14 59.96
CA GLY P 164 -16.00 44.40 59.92
C GLY P 164 -16.07 45.18 61.20
N LYS P 165 -15.98 46.51 61.10
CA LYS P 165 -16.00 47.35 62.29
C LYS P 165 -17.35 47.28 62.98
N ASN P 166 -17.30 47.20 64.32
CA ASN P 166 -18.50 47.17 65.17
C ASN P 166 -19.41 45.99 64.83
N TYR P 167 -18.82 44.85 64.47
CA TYR P 167 -19.64 43.72 64.07
C TYR P 167 -20.27 42.99 65.25
N VAL P 168 -19.71 43.12 66.45
CA VAL P 168 -20.34 42.54 67.63
C VAL P 168 -21.65 43.28 67.94
N ASN P 169 -21.60 44.60 67.93
CA ASN P 169 -22.81 45.39 68.12
C ASN P 169 -23.79 45.18 66.98
N GLY P 170 -23.28 45.05 65.75
CA GLY P 170 -24.16 44.73 64.63
C GLY P 170 -24.86 43.39 64.80
N LYS P 171 -24.14 42.39 65.31
CA LYS P 171 -24.75 41.09 65.56
C LYS P 171 -25.82 41.17 66.65
N THR P 172 -25.54 41.93 67.71
CA THR P 172 -26.55 42.12 68.75
C THR P 172 -27.79 42.81 68.20
N PHE P 173 -27.60 43.86 67.41
CA PHE P 173 -28.71 44.56 66.78
C PHE P 173 -29.51 43.62 65.88
N LEU P 174 -28.80 42.81 65.09
CA LEU P 174 -29.49 41.88 64.19
C LEU P 174 -30.30 40.87 64.96
N GLU P 175 -29.73 40.28 66.01
CA GLU P 175 -30.46 39.27 66.75
C GLU P 175 -31.59 39.84 67.58
N LYS P 176 -31.57 41.15 67.86
CA LYS P 176 -32.73 41.77 68.48
C LYS P 176 -33.69 42.42 67.47
N ARG P 177 -33.36 42.39 66.18
CA ARG P 177 -34.23 42.90 65.13
C ARG P 177 -34.71 41.82 64.17
N TYR P 178 -33.87 40.83 63.89
CA TYR P 178 -34.21 39.80 62.92
C TYR P 178 -35.33 38.91 63.45
N ASN P 179 -36.22 38.53 62.55
CA ASN P 179 -37.18 37.46 62.81
C ASN P 179 -37.38 36.69 61.51
N GLU P 180 -37.79 35.44 61.66
CA GLU P 180 -38.19 34.68 60.48
C GLU P 180 -39.42 35.30 59.84
N ASP P 181 -39.83 34.74 58.71
CA ASP P 181 -40.99 35.18 57.94
C ASP P 181 -40.81 36.58 57.37
N LEU P 182 -39.64 37.19 57.57
CA LEU P 182 -39.36 38.52 57.05
C LEU P 182 -39.32 38.50 55.53
N GLU P 183 -39.81 39.57 54.92
CA GLU P 183 -39.76 39.71 53.48
C GLU P 183 -38.50 40.47 53.07
N LEU P 184 -38.23 40.46 51.76
CA LEU P 184 -36.98 41.03 51.27
C LEU P 184 -36.92 42.54 51.48
N GLU P 185 -38.03 43.24 51.32
CA GLU P 185 -38.02 44.69 51.54
C GLU P 185 -37.69 45.03 52.98
N ASP P 186 -38.32 44.32 53.93
CA ASP P 186 -38.05 44.55 55.34
C ASP P 186 -36.64 44.14 55.72
N ALA P 187 -36.12 43.08 55.09
CA ALA P 187 -34.72 42.71 55.31
C ALA P 187 -33.78 43.78 54.78
N ILE P 188 -34.12 44.40 53.65
CA ILE P 188 -33.29 45.50 53.13
C ILE P 188 -33.30 46.66 54.11
N HIS P 189 -34.47 46.99 54.65
CA HIS P 189 -34.54 48.05 55.67
C HIS P 189 -33.69 47.70 56.88
N THR P 190 -33.77 46.46 57.35
CA THR P 190 -33.00 46.05 58.53
C THR P 190 -31.51 46.08 58.25
N ALA P 191 -31.08 45.66 57.06
CA ALA P 191 -29.66 45.69 56.72
C ALA P 191 -29.15 47.13 56.66
N ILE P 192 -29.94 48.03 56.09
CA ILE P 192 -29.53 49.43 56.03
C ILE P 192 -29.47 50.02 57.45
N LEU P 193 -30.40 49.63 58.31
CA LEU P 193 -30.37 50.10 59.70
C LEU P 193 -29.15 49.57 60.44
N THR P 194 -28.78 48.31 60.18
CA THR P 194 -27.58 47.75 60.81
C THR P 194 -26.33 48.49 60.36
N LEU P 195 -26.26 48.83 59.07
CA LEU P 195 -25.15 49.66 58.60
C LEU P 195 -25.20 51.02 59.27
N LYS P 196 -26.40 51.60 59.42
CA LYS P 196 -26.54 52.92 60.00
C LYS P 196 -26.07 52.95 61.45
N GLU P 197 -26.20 51.83 62.16
CA GLU P 197 -25.77 51.81 63.56
C GLU P 197 -24.28 52.10 63.70
N SER P 198 -23.46 51.51 62.83
CA SER P 198 -22.01 51.72 62.86
C SER P 198 -21.53 52.79 61.89
N PHE P 199 -22.42 53.34 61.06
CA PHE P 199 -22.03 54.36 60.11
C PHE P 199 -21.66 55.66 60.82
N GLU P 200 -20.69 56.37 60.27
CA GLU P 200 -20.25 57.66 60.78
C GLU P 200 -20.53 58.73 59.73
N GLY P 201 -21.25 59.77 60.12
CA GLY P 201 -21.68 60.77 59.19
C GLY P 201 -23.00 60.40 58.53
N GLN P 202 -23.30 61.13 57.46
CA GLN P 202 -24.55 60.95 56.73
C GLN P 202 -24.42 59.80 55.73
N MET P 203 -25.42 58.93 55.72
CA MET P 203 -25.48 57.83 54.77
C MET P 203 -26.28 58.25 53.55
N THR P 204 -25.65 58.17 52.38
CA THR P 204 -26.29 58.51 51.12
C THR P 204 -26.35 57.27 50.23
N GLU P 205 -27.01 57.42 49.09
CA GLU P 205 -27.13 56.33 48.13
C GLU P 205 -25.80 55.99 47.47
N ASP P 206 -24.77 56.82 47.68
CA ASP P 206 -23.44 56.54 47.17
C ASP P 206 -22.49 56.03 48.24
N ASN P 207 -22.80 56.25 49.51
CA ASN P 207 -21.98 55.78 50.62
C ASN P 207 -22.08 54.27 50.84
N ILE P 208 -23.11 53.63 50.31
CA ILE P 208 -23.35 52.21 50.56
C ILE P 208 -23.63 51.49 49.25
N GLU P 209 -23.38 50.19 49.26
CA GLU P 209 -23.68 49.32 48.14
C GLU P 209 -24.56 48.18 48.64
N VAL P 210 -25.63 47.88 47.91
CA VAL P 210 -26.61 46.88 48.29
C VAL P 210 -26.82 45.92 47.13
N GLY P 211 -26.73 44.63 47.42
CA GLY P 211 -27.08 43.60 46.47
C GLY P 211 -28.17 42.71 47.04
N ILE P 212 -29.00 42.17 46.16
CA ILE P 212 -30.11 41.32 46.56
C ILE P 212 -30.08 40.04 45.72
N CYS P 213 -30.44 38.93 46.35
CA CYS P 213 -30.62 37.66 45.66
C CYS P 213 -32.02 37.14 45.92
N ASN P 214 -32.77 36.89 44.86
CA ASN P 214 -34.06 36.24 44.97
C ASN P 214 -34.19 35.24 43.82
N GLU P 215 -35.42 34.79 43.57
CA GLU P 215 -35.65 33.83 42.49
C GLU P 215 -35.22 34.40 41.14
N ALA P 216 -35.35 35.71 40.95
CA ALA P 216 -34.92 36.34 39.71
C ALA P 216 -33.40 36.31 39.52
N GLY P 217 -32.66 36.08 40.59
CA GLY P 217 -31.21 36.02 40.54
C GLY P 217 -30.59 36.98 41.54
N PHE P 218 -29.29 37.20 41.36
CA PHE P 218 -28.57 38.18 42.16
C PHE P 218 -28.35 39.44 41.33
N ARG P 219 -28.48 40.59 41.97
CA ARG P 219 -28.18 41.84 41.30
C ARG P 219 -27.78 42.89 42.32
N ARG P 220 -26.93 43.82 41.87
CA ARG P 220 -26.60 45.01 42.64
C ARG P 220 -27.74 46.01 42.51
N LEU P 221 -28.06 46.69 43.61
CA LEU P 221 -29.04 47.76 43.56
C LEU P 221 -28.42 49.01 42.95
N THR P 222 -29.14 49.63 42.02
CA THR P 222 -28.71 50.91 41.51
C THR P 222 -28.82 51.97 42.60
N PRO P 223 -28.01 53.03 42.54
CA PRO P 223 -28.09 54.06 43.57
C PRO P 223 -29.45 54.73 43.68
N THR P 224 -30.27 54.70 42.62
CA THR P 224 -31.62 55.23 42.71
C THR P 224 -32.51 54.37 43.60
N GLU P 225 -32.43 53.05 43.44
CA GLU P 225 -33.18 52.16 44.32
C GLU P 225 -32.74 52.31 45.77
N VAL P 226 -31.42 52.42 45.99
CA VAL P 226 -30.91 52.61 47.34
C VAL P 226 -31.39 53.94 47.90
N LYS P 227 -31.47 54.97 47.07
CA LYS P 227 -31.98 56.25 47.53
C LYS P 227 -33.45 56.15 47.92
N ASP P 228 -34.24 55.40 47.15
CA ASP P 228 -35.63 55.16 47.53
C ASP P 228 -35.73 54.46 48.87
N TYR P 229 -34.90 53.42 49.08
CA TYR P 229 -34.92 52.71 50.35
C TYR P 229 -34.51 53.62 51.50
N LEU P 230 -33.49 54.45 51.28
CA LEU P 230 -33.03 55.37 52.32
C LEU P 230 -34.10 56.40 52.66
N ALA P 231 -34.82 56.89 51.64
CA ALA P 231 -35.94 57.78 51.89
C ALA P 231 -37.01 57.10 52.72
N ALA P 232 -37.28 55.82 52.42
CA ALA P 232 -38.22 55.07 53.24
C ALA P 232 -37.76 54.92 54.68
N ILE P 233 -36.47 55.14 54.95
CA ILE P 233 -35.96 55.11 56.31
C ILE P 233 -35.66 56.52 56.81
N MET Q 1 17.67 34.74 52.32
CA MET Q 1 16.47 34.29 51.65
C MET Q 1 15.68 33.37 52.56
N SER Q 2 15.54 32.12 52.11
CA SER Q 2 14.62 31.18 52.75
C SER Q 2 15.05 30.86 54.18
N ARG Q 3 16.35 30.68 54.41
CA ARG Q 3 16.81 30.03 55.64
C ARG Q 3 16.40 30.80 56.88
N ARG Q 4 16.50 32.13 56.84
CA ARG Q 4 16.20 32.91 58.04
C ARG Q 4 14.71 33.00 58.34
N TYR Q 5 13.85 32.79 57.35
CA TYR Q 5 12.40 32.83 57.56
C TYR Q 5 11.80 31.45 57.73
N ASP Q 6 12.58 30.39 57.55
CA ASP Q 6 12.06 29.03 57.65
C ASP Q 6 11.73 28.69 59.10
N SER Q 7 10.52 28.19 59.32
CA SER Q 7 10.07 27.78 60.64
C SER Q 7 10.59 26.42 61.06
N ARG Q 8 11.03 25.58 60.11
CA ARG Q 8 11.54 24.24 60.40
C ARG Q 8 10.49 23.39 61.10
N THR Q 9 9.38 23.15 60.39
CA THR Q 9 8.26 22.43 60.99
C THR Q 9 8.55 20.94 61.20
N THR Q 10 9.37 20.34 60.34
CA THR Q 10 9.55 18.89 60.31
C THR Q 10 10.91 18.45 60.83
N ILE Q 11 11.39 19.04 61.92
CA ILE Q 11 12.66 18.66 62.50
C ILE Q 11 12.45 18.23 63.94
N PHE Q 12 13.36 17.39 64.42
CA PHE Q 12 13.35 16.94 65.81
C PHE Q 12 13.82 18.04 66.75
N SER Q 13 13.30 18.01 67.96
CA SER Q 13 13.78 18.85 69.04
C SER Q 13 14.90 18.12 69.80
N PRO Q 14 15.67 18.83 70.61
CA PRO Q 14 16.75 18.16 71.35
C PRO Q 14 16.29 17.03 72.25
N GLU Q 15 15.04 17.04 72.71
CA GLU Q 15 14.52 15.95 73.53
C GLU Q 15 13.99 14.81 72.69
N GLY Q 16 14.08 14.88 71.37
CA GLY Q 16 13.52 13.85 70.51
C GLY Q 16 12.07 14.06 70.16
N ARG Q 17 11.57 15.29 70.26
CA ARG Q 17 10.16 15.57 70.07
C ARG Q 17 9.93 16.33 68.77
N LEU Q 18 8.69 16.29 68.30
CA LEU Q 18 8.26 17.05 67.14
C LEU Q 18 7.31 18.14 67.63
N TYR Q 19 7.81 19.37 67.69
CA TYR Q 19 7.08 20.44 68.36
C TYR Q 19 5.77 20.79 67.65
N GLN Q 20 5.79 20.85 66.31
CA GLN Q 20 4.58 21.24 65.59
C GLN Q 20 3.46 20.23 65.80
N VAL Q 21 3.80 18.95 65.89
CA VAL Q 21 2.80 17.92 66.17
C VAL Q 21 2.20 18.11 67.55
N GLU Q 22 3.04 18.39 68.55
CA GLU Q 22 2.56 18.61 69.91
C GLU Q 22 1.65 19.83 69.99
N TYR Q 23 2.00 20.90 69.27
CA TYR Q 23 1.17 22.10 69.27
C TYR Q 23 -0.15 21.86 68.54
N ALA Q 24 -0.13 21.07 67.47
CA ALA Q 24 -1.37 20.66 66.85
C ALA Q 24 -2.24 19.85 67.82
N MET Q 25 -1.61 19.02 68.64
CA MET Q 25 -2.38 18.28 69.65
C MET Q 25 -2.98 19.23 70.69
N GLU Q 26 -2.27 20.30 71.04
CA GLU Q 26 -2.85 21.32 71.90
C GLU Q 26 -4.09 21.95 71.25
N ALA Q 27 -3.99 22.26 69.96
CA ALA Q 27 -5.14 22.74 69.22
C ALA Q 27 -6.30 21.77 69.32
N ILE Q 28 -6.02 20.47 69.16
CA ILE Q 28 -7.07 19.46 69.30
C ILE Q 28 -7.72 19.55 70.67
N GLY Q 29 -6.89 19.65 71.71
CA GLY Q 29 -7.42 19.73 73.06
C GLY Q 29 -8.32 20.93 73.27
N HIS Q 30 -8.10 22.01 72.51
CA HIS Q 30 -9.00 23.15 72.58
C HIS Q 30 -10.40 22.84 72.06
N ALA Q 31 -10.52 22.05 71.01
CA ALA Q 31 -11.72 22.01 70.19
C ALA Q 31 -12.88 21.30 70.90
N GLY Q 32 -14.01 21.24 70.21
CA GLY Q 32 -15.20 20.64 70.78
C GLY Q 32 -15.06 19.14 70.99
N THR Q 33 -15.80 18.64 71.97
CA THR Q 33 -15.71 17.25 72.39
C THR Q 33 -16.40 16.33 71.38
N CYS Q 34 -15.70 15.26 71.00
CA CYS Q 34 -16.28 14.17 70.23
C CYS Q 34 -16.07 12.86 70.98
N LEU Q 35 -17.08 12.02 70.98
CA LEU Q 35 -17.08 10.77 71.72
C LEU Q 35 -17.50 9.64 70.81
N GLY Q 36 -16.87 8.48 70.96
CA GLY Q 36 -17.22 7.32 70.18
C GLY Q 36 -17.41 6.10 71.06
N ILE Q 37 -18.51 5.36 70.86
CA ILE Q 37 -18.81 4.20 71.68
C ILE Q 37 -19.25 3.06 70.78
N LEU Q 38 -18.65 1.90 70.98
CA LEU Q 38 -18.95 0.69 70.21
C LEU Q 38 -19.80 -0.26 71.05
N ALA Q 39 -20.92 -0.71 70.50
CA ALA Q 39 -21.81 -1.68 71.13
C ALA Q 39 -21.86 -2.94 70.28
N ASN Q 40 -22.63 -3.92 70.76
CA ASN Q 40 -22.69 -5.20 70.06
C ASN Q 40 -23.50 -5.13 68.78
N ASP Q 41 -24.47 -4.21 68.70
CA ASP Q 41 -25.32 -4.09 67.53
C ASP Q 41 -25.11 -2.78 66.77
N GLY Q 42 -24.01 -2.10 67.00
CA GLY Q 42 -23.72 -0.90 66.25
C GLY Q 42 -22.62 -0.08 66.90
N VAL Q 43 -22.50 1.15 66.44
CA VAL Q 43 -21.48 2.07 66.96
C VAL Q 43 -22.02 3.48 66.84
N LEU Q 44 -21.58 4.38 67.70
CA LEU Q 44 -22.13 5.72 67.71
C LEU Q 44 -21.04 6.77 67.93
N LEU Q 45 -21.30 7.95 67.36
CA LEU Q 45 -20.55 9.16 67.61
C LEU Q 45 -21.47 10.18 68.26
N ALA Q 46 -20.94 10.92 69.23
CA ALA Q 46 -21.67 12.00 69.89
C ALA Q 46 -20.72 13.17 70.03
N ALA Q 47 -21.03 14.28 69.36
CA ALA Q 47 -20.13 15.42 69.28
C ALA Q 47 -20.80 16.65 69.85
N GLU Q 48 -20.03 17.44 70.60
CA GLU Q 48 -20.52 18.71 71.08
C GLU Q 48 -20.57 19.72 69.94
N ARG Q 49 -21.70 20.41 69.80
CA ARG Q 49 -21.85 21.41 68.75
C ARG Q 49 -21.28 22.73 69.25
N ARG Q 50 -20.20 23.17 68.62
CA ARG Q 50 -19.55 24.42 69.02
C ARG Q 50 -20.12 25.63 68.28
N ASN Q 51 -20.72 25.43 67.10
CA ASN Q 51 -21.42 26.49 66.39
C ASN Q 51 -22.82 26.63 66.96
N ILE Q 52 -22.92 27.27 68.12
CA ILE Q 52 -24.19 27.56 68.76
C ILE Q 52 -24.37 29.07 68.79
N HIS Q 53 -25.41 29.54 68.09
CA HIS Q 53 -25.76 30.96 68.01
C HIS Q 53 -27.14 31.03 67.37
N LYS Q 54 -28.01 31.88 67.91
CA LYS Q 54 -29.40 31.89 67.45
C LYS Q 54 -29.50 32.32 65.99
N LEU Q 55 -28.55 33.12 65.51
CA LEU Q 55 -28.58 33.59 64.13
C LEU Q 55 -27.96 32.61 63.14
N LEU Q 56 -27.36 31.53 63.61
CA LEU Q 56 -26.83 30.52 62.71
C LEU Q 56 -27.97 29.79 62.02
N ASP Q 57 -27.86 29.65 60.70
CA ASP Q 57 -28.83 28.87 59.97
C ASP Q 57 -28.70 27.39 60.32
N GLU Q 58 -29.83 26.70 60.30
CA GLU Q 58 -29.83 25.28 60.64
C GLU Q 58 -28.92 24.50 59.69
N VAL Q 59 -28.14 23.58 60.25
CA VAL Q 59 -27.12 22.89 59.46
C VAL Q 59 -27.80 21.91 58.51
N PHE Q 60 -27.16 21.70 57.36
CA PHE Q 60 -27.73 20.83 56.32
C PHE Q 60 -27.85 19.40 56.83
N PHE Q 61 -26.73 18.75 57.11
CA PHE Q 61 -26.72 17.35 57.53
C PHE Q 61 -26.21 17.21 58.95
N SER Q 62 -25.03 17.73 59.26
CA SER Q 62 -24.42 17.69 60.57
C SER Q 62 -23.21 18.60 60.56
N GLU Q 63 -22.91 19.21 61.70
CA GLU Q 63 -21.78 20.13 61.76
C GLU Q 63 -20.45 19.39 61.76
N LYS Q 64 -20.35 18.30 62.52
CA LYS Q 64 -19.08 17.65 62.78
C LYS Q 64 -19.01 16.20 62.32
N ILE Q 65 -20.08 15.64 61.77
CA ILE Q 65 -20.13 14.24 61.40
C ILE Q 65 -20.24 14.15 59.89
N TYR Q 66 -19.32 13.42 59.26
CA TYR Q 66 -19.24 13.30 57.82
C TYR Q 66 -19.33 11.84 57.41
N LYS Q 67 -20.28 11.53 56.53
CA LYS Q 67 -20.31 10.23 55.89
C LYS Q 67 -19.13 10.13 54.92
N LEU Q 68 -18.44 8.99 54.94
CA LEU Q 68 -17.24 8.80 54.13
C LEU Q 68 -17.46 7.87 52.95
N ASN Q 69 -18.29 6.85 53.15
CA ASN Q 69 -18.74 5.98 52.08
C ASN Q 69 -20.02 5.30 52.59
N GLU Q 70 -20.44 4.24 51.92
CA GLU Q 70 -21.69 3.58 52.29
C GLU Q 70 -21.64 2.98 53.70
N ASP Q 71 -20.46 2.66 54.22
CA ASP Q 71 -20.34 1.92 55.46
C ASP Q 71 -19.61 2.64 56.59
N MET Q 72 -19.05 3.83 56.34
CA MET Q 72 -18.19 4.49 57.32
C MET Q 72 -18.57 5.95 57.50
N ALA Q 73 -18.27 6.47 58.67
CA ALA Q 73 -18.48 7.88 58.98
C ALA Q 73 -17.40 8.33 59.96
N CYS Q 74 -17.24 9.63 60.08
CA CYS Q 74 -16.19 10.17 60.95
C CYS Q 74 -16.67 11.44 61.61
N SER Q 75 -16.00 11.79 62.70
CA SER Q 75 -16.15 13.05 63.40
C SER Q 75 -14.78 13.67 63.60
N VAL Q 76 -14.74 15.00 63.61
CA VAL Q 76 -13.46 15.70 63.62
C VAL Q 76 -13.38 16.62 64.83
N ALA Q 77 -12.15 16.84 65.28
CA ALA Q 77 -11.86 17.82 66.33
C ALA Q 77 -10.58 18.54 65.96
N GLY Q 78 -10.58 19.87 66.08
CA GLY Q 78 -9.42 20.68 65.76
C GLY Q 78 -9.77 21.76 64.76
N ILE Q 79 -8.86 22.01 63.83
CA ILE Q 79 -9.07 23.04 62.82
C ILE Q 79 -10.10 22.54 61.80
N THR Q 80 -11.12 23.36 61.54
CA THR Q 80 -12.26 22.90 60.74
C THR Q 80 -11.90 22.76 59.27
N SER Q 81 -11.19 23.74 58.70
CA SER Q 81 -10.89 23.68 57.27
C SER Q 81 -9.86 22.60 56.95
N ASP Q 82 -8.92 22.36 57.88
CA ASP Q 82 -8.06 21.19 57.76
C ASP Q 82 -8.88 19.91 57.77
N ALA Q 83 -9.91 19.85 58.60
CA ALA Q 83 -10.78 18.69 58.64
C ALA Q 83 -11.54 18.53 57.33
N ASN Q 84 -11.93 19.63 56.69
CA ASN Q 84 -12.55 19.54 55.37
C ASN Q 84 -11.60 18.92 54.35
N VAL Q 85 -10.35 19.39 54.35
CA VAL Q 85 -9.34 18.80 53.47
C VAL Q 85 -9.24 17.29 53.70
N LEU Q 86 -9.14 16.90 54.98
CA LEU Q 86 -8.94 15.50 55.30
C LEU Q 86 -10.15 14.63 54.96
N THR Q 87 -11.37 15.15 55.18
CA THR Q 87 -12.55 14.36 54.85
C THR Q 87 -12.70 14.18 53.36
N ASN Q 88 -12.35 15.20 52.57
CA ASN Q 88 -12.34 15.01 51.13
C ASN Q 88 -11.32 13.95 50.70
N GLU Q 89 -10.13 13.99 51.31
CA GLU Q 89 -9.14 12.96 51.01
C GLU Q 89 -9.65 11.56 51.35
N LEU Q 90 -10.33 11.43 52.49
CA LEU Q 90 -10.87 10.12 52.90
C LEU Q 90 -11.90 9.61 51.90
N ARG Q 91 -12.81 10.48 51.47
CA ARG Q 91 -13.80 10.07 50.48
C ARG Q 91 -13.13 9.62 49.19
N LEU Q 92 -12.11 10.35 48.75
CA LEU Q 92 -11.38 9.96 47.56
C LEU Q 92 -10.71 8.59 47.73
N ILE Q 93 -10.09 8.35 48.88
CA ILE Q 93 -9.42 7.07 49.11
C ILE Q 93 -10.42 5.92 49.08
N ALA Q 94 -11.56 6.10 49.74
CA ALA Q 94 -12.57 5.05 49.74
C ALA Q 94 -13.07 4.76 48.34
N GLN Q 95 -13.32 5.80 47.54
CA GLN Q 95 -13.79 5.55 46.18
C GLN Q 95 -12.70 4.94 45.30
N ARG Q 96 -11.43 5.28 45.53
CA ARG Q 96 -10.35 4.65 44.79
C ARG Q 96 -10.28 3.16 45.07
N TYR Q 97 -10.41 2.78 46.35
CA TYR Q 97 -10.45 1.36 46.68
C TYR Q 97 -11.65 0.67 46.04
N LEU Q 98 -12.82 1.32 46.08
CA LEU Q 98 -13.99 0.72 45.46
C LEU Q 98 -13.80 0.52 43.97
N LEU Q 99 -13.20 1.51 43.30
CA LEU Q 99 -12.94 1.38 41.87
C LEU Q 99 -11.97 0.23 41.59
N GLN Q 100 -10.95 0.08 42.43
CA GLN Q 100 -9.93 -0.94 42.21
C GLN Q 100 -10.47 -2.35 42.45
N TYR Q 101 -11.17 -2.57 43.55
CA TYR Q 101 -11.55 -3.91 43.95
C TYR Q 101 -13.04 -4.21 43.78
N GLN Q 102 -13.86 -3.20 43.52
CA GLN Q 102 -15.32 -3.35 43.44
C GLN Q 102 -15.91 -3.91 44.74
N GLU Q 103 -15.26 -3.59 45.86
CA GLU Q 103 -15.75 -3.88 47.19
C GLU Q 103 -15.53 -2.65 48.05
N PRO Q 104 -16.34 -2.45 49.09
CA PRO Q 104 -16.09 -1.33 50.00
C PRO Q 104 -14.79 -1.50 50.76
N ILE Q 105 -14.13 -0.39 51.04
CA ILE Q 105 -12.82 -0.44 51.70
C ILE Q 105 -13.01 -0.82 53.17
N PRO Q 106 -12.20 -1.74 53.70
CA PRO Q 106 -12.23 -1.99 55.14
C PRO Q 106 -11.82 -0.75 55.91
N CYS Q 107 -12.38 -0.60 57.11
CA CYS Q 107 -12.24 0.63 57.86
C CYS Q 107 -10.79 0.93 58.22
N GLU Q 108 -10.07 -0.08 58.70
CA GLU Q 108 -8.69 0.14 59.10
C GLU Q 108 -7.82 0.58 57.93
N GLN Q 109 -8.07 0.05 56.73
CA GLN Q 109 -7.29 0.46 55.57
C GLN Q 109 -7.50 1.94 55.24
N LEU Q 110 -8.74 2.42 55.37
CA LEU Q 110 -9.02 3.83 55.12
C LEU Q 110 -8.30 4.71 56.14
N VAL Q 111 -8.38 4.32 57.41
CA VAL Q 111 -7.69 5.07 58.46
C VAL Q 111 -6.18 5.07 58.21
N THR Q 112 -5.63 3.92 57.79
CA THR Q 112 -4.19 3.81 57.58
C THR Q 112 -3.73 4.69 56.42
N ALA Q 113 -4.51 4.76 55.35
CA ALA Q 113 -4.15 5.64 54.23
C ALA Q 113 -4.14 7.11 54.66
N LEU Q 114 -5.17 7.54 55.40
CA LEU Q 114 -5.18 8.93 55.84
C LEU Q 114 -4.04 9.22 56.82
N CYS Q 115 -3.73 8.27 57.70
CA CYS Q 115 -2.65 8.46 58.64
C CYS Q 115 -1.30 8.51 57.95
N ASP Q 116 -1.16 7.80 56.83
CA ASP Q 116 0.06 7.92 56.04
C ASP Q 116 0.21 9.33 55.46
N ILE Q 117 -0.89 9.91 55.00
CA ILE Q 117 -0.84 11.30 54.53
C ILE Q 117 -0.39 12.23 55.67
N LYS Q 118 -0.96 12.05 56.85
CA LYS Q 118 -0.60 12.88 58.00
C LYS Q 118 0.88 12.74 58.36
N GLN Q 119 1.37 11.50 58.39
CA GLN Q 119 2.77 11.26 58.71
C GLN Q 119 3.69 11.92 57.69
N ALA Q 120 3.34 11.81 56.41
CA ALA Q 120 4.14 12.47 55.37
C ALA Q 120 4.24 13.96 55.65
N TYR Q 121 3.14 14.60 56.06
CA TYR Q 121 3.30 16.00 56.47
C TYR Q 121 4.17 16.16 57.72
N THR Q 122 4.25 15.16 58.59
CA THR Q 122 5.13 15.31 59.75
C THR Q 122 6.61 15.12 59.42
N GLN Q 123 6.95 14.49 58.30
CA GLN Q 123 8.35 14.14 58.08
C GLN Q 123 9.07 15.02 57.06
N PHE Q 124 8.42 15.40 55.96
CA PHE Q 124 9.10 16.15 54.93
C PHE Q 124 8.17 17.20 54.34
N GLY Q 125 8.75 18.16 53.64
CA GLY Q 125 8.01 19.17 52.91
C GLY Q 125 7.98 20.53 53.56
N GLY Q 126 8.38 20.64 54.82
CA GLY Q 126 8.42 21.92 55.49
C GLY Q 126 7.08 22.58 55.74
N LYS Q 127 5.98 21.88 55.55
CA LYS Q 127 4.66 22.43 55.82
C LYS Q 127 4.25 22.17 57.27
N ARG Q 128 3.30 22.93 57.72
CA ARG Q 128 2.75 22.69 59.04
C ARG Q 128 1.83 21.46 59.01
N PRO Q 129 1.72 20.74 60.13
CA PRO Q 129 0.85 19.57 60.16
C PRO Q 129 -0.62 19.95 60.19
N PHE Q 130 -1.45 18.98 59.84
CA PHE Q 130 -2.89 19.12 59.98
C PHE Q 130 -3.27 19.14 61.46
N GLY Q 131 -4.06 20.12 61.86
CA GLY Q 131 -4.49 20.19 63.24
C GLY Q 131 -5.82 19.51 63.50
N VAL Q 132 -5.93 18.22 63.16
CA VAL Q 132 -7.18 17.49 63.25
C VAL Q 132 -6.95 16.14 63.89
N SER Q 133 -7.76 15.80 64.88
CA SER Q 133 -7.93 14.43 65.34
C SER Q 133 -9.28 13.93 64.86
N LEU Q 134 -9.34 12.66 64.48
CA LEU Q 134 -10.53 12.09 63.89
C LEU Q 134 -10.99 10.85 64.66
N LEU Q 135 -12.30 10.70 64.77
CA LEU Q 135 -12.93 9.46 65.18
C LEU Q 135 -13.62 8.85 63.98
N TYR Q 136 -13.43 7.55 63.78
CA TYR Q 136 -14.01 6.83 62.66
C TYR Q 136 -14.90 5.73 63.21
N ILE Q 137 -16.10 5.60 62.66
CA ILE Q 137 -16.95 4.46 62.95
C ILE Q 137 -17.29 3.77 61.64
N GLY Q 138 -17.34 2.46 61.67
CA GLY Q 138 -17.62 1.76 60.43
C GLY Q 138 -18.02 0.33 60.66
N TRP Q 139 -18.39 -0.32 59.57
CA TRP Q 139 -18.65 -1.74 59.55
C TRP Q 139 -17.95 -2.34 58.34
N ASP Q 140 -17.31 -3.48 58.53
CA ASP Q 140 -16.84 -4.24 57.37
C ASP Q 140 -17.03 -5.73 57.63
N LYS Q 141 -16.92 -6.50 56.55
CA LYS Q 141 -17.10 -7.94 56.61
C LYS Q 141 -15.96 -8.66 57.31
N HIS Q 142 -14.85 -7.98 57.59
CA HIS Q 142 -13.73 -8.61 58.27
C HIS Q 142 -13.87 -8.54 59.79
N TYR Q 143 -14.10 -7.35 60.34
CA TYR Q 143 -14.10 -7.17 61.79
C TYR Q 143 -15.42 -6.61 62.32
N GLY Q 144 -16.46 -6.57 61.51
CA GLY Q 144 -17.74 -6.07 62.01
C GLY Q 144 -17.71 -4.59 62.28
N PHE Q 145 -18.26 -4.19 63.44
CA PHE Q 145 -18.31 -2.80 63.85
C PHE Q 145 -16.98 -2.38 64.44
N GLN Q 146 -16.50 -1.20 64.05
CA GLN Q 146 -15.18 -0.74 64.44
C GLN Q 146 -15.22 0.75 64.76
N LEU Q 147 -14.42 1.13 65.75
CA LEU Q 147 -14.18 2.51 66.11
C LEU Q 147 -12.68 2.76 66.11
N TYR Q 148 -12.26 3.85 65.49
CA TYR Q 148 -10.86 4.20 65.36
C TYR Q 148 -10.66 5.67 65.74
N GLN Q 149 -9.43 5.98 66.15
CA GLN Q 149 -9.06 7.34 66.49
C GLN Q 149 -7.69 7.62 65.90
N SER Q 150 -7.55 8.78 65.25
CA SER Q 150 -6.29 9.18 64.64
C SER Q 150 -5.93 10.60 65.06
N ASP Q 151 -4.63 10.86 65.11
CA ASP Q 151 -4.01 12.08 65.62
C ASP Q 151 -3.29 12.84 64.51
N PRO Q 152 -2.95 14.11 64.76
CA PRO Q 152 -2.14 14.84 63.78
C PRO Q 152 -0.78 14.23 63.50
N SER Q 153 -0.21 13.49 64.45
CA SER Q 153 1.06 12.81 64.21
C SER Q 153 0.95 11.71 63.17
N GLY Q 154 -0.26 11.22 62.90
CA GLY Q 154 -0.45 10.06 62.07
C GLY Q 154 -0.61 8.76 62.81
N ASN Q 155 -0.50 8.78 64.14
CA ASN Q 155 -0.82 7.62 64.93
C ASN Q 155 -2.32 7.36 64.92
N TYR Q 156 -2.70 6.09 64.92
CA TYR Q 156 -4.09 5.70 65.01
C TYR Q 156 -4.21 4.48 65.91
N GLY Q 157 -5.40 4.27 66.43
CA GLY Q 157 -5.68 3.10 67.24
C GLY Q 157 -7.16 2.79 67.27
N GLY Q 158 -7.47 1.50 67.44
CA GLY Q 158 -8.85 1.08 67.60
C GLY Q 158 -9.26 1.06 69.06
N TRP Q 159 -10.55 1.28 69.30
CA TRP Q 159 -11.05 1.47 70.65
C TRP Q 159 -12.43 0.83 70.80
N LYS Q 160 -12.76 0.51 72.05
CA LYS Q 160 -14.15 0.19 72.38
C LYS Q 160 -14.93 1.45 72.66
N ALA Q 161 -14.32 2.40 73.36
CA ALA Q 161 -14.93 3.68 73.67
C ALA Q 161 -13.80 4.68 73.83
N THR Q 162 -13.96 5.85 73.23
CA THR Q 162 -12.89 6.84 73.24
C THR Q 162 -13.48 8.23 73.13
N CYS Q 163 -12.65 9.22 73.38
CA CYS Q 163 -13.06 10.62 73.31
C CYS Q 163 -11.89 11.48 72.89
N ILE Q 164 -12.18 12.51 72.10
CA ILE Q 164 -11.19 13.50 71.68
C ILE Q 164 -11.78 14.87 71.92
N GLY Q 165 -10.89 15.87 71.97
CA GLY Q 165 -11.32 17.25 72.12
C GLY Q 165 -11.32 17.74 73.56
N ASN Q 166 -12.21 18.69 73.86
CA ASN Q 166 -12.24 19.31 75.17
C ASN Q 166 -12.67 18.31 76.24
N ASN Q 167 -11.97 18.32 77.37
CA ASN Q 167 -12.24 17.46 78.52
C ASN Q 167 -12.20 15.98 78.17
N SER Q 168 -11.40 15.60 77.17
CA SER Q 168 -11.39 14.22 76.72
C SER Q 168 -10.85 13.28 77.80
N ALA Q 169 -9.98 13.77 78.68
CA ALA Q 169 -9.39 12.91 79.70
C ALA Q 169 -10.42 12.50 80.75
N ALA Q 170 -11.23 13.45 81.21
CA ALA Q 170 -12.30 13.11 82.15
C ALA Q 170 -13.32 12.18 81.49
N ALA Q 171 -13.62 12.41 80.22
CA ALA Q 171 -14.52 11.51 79.50
C ALA Q 171 -13.95 10.11 79.40
N VAL Q 172 -12.63 10.00 79.22
CA VAL Q 172 -11.99 8.69 79.16
C VAL Q 172 -12.04 8.01 80.52
N SER Q 173 -11.89 8.77 81.60
CA SER Q 173 -12.04 8.18 82.93
C SER Q 173 -13.46 7.66 83.14
N MET Q 174 -14.46 8.46 82.74
CA MET Q 174 -15.85 8.01 82.81
C MET Q 174 -16.04 6.72 82.00
N LEU Q 175 -15.49 6.67 80.79
CA LEU Q 175 -15.63 5.50 79.95
C LEU Q 175 -14.98 4.28 80.57
N LYS Q 176 -13.78 4.45 81.13
CA LYS Q 176 -13.11 3.33 81.78
C LYS Q 176 -13.95 2.78 82.92
N GLN Q 177 -14.54 3.67 83.72
CA GLN Q 177 -15.33 3.21 84.84
C GLN Q 177 -16.63 2.53 84.37
N ASP Q 178 -17.28 3.08 83.36
CA ASP Q 178 -18.67 2.73 83.07
C ASP Q 178 -18.87 1.80 81.88
N TYR Q 179 -17.96 1.78 80.92
CA TYR Q 179 -18.13 0.92 79.77
C TYR Q 179 -17.97 -0.55 80.17
N LYS Q 180 -18.84 -1.40 79.65
CA LYS Q 180 -18.84 -2.83 79.94
C LYS Q 180 -18.61 -3.59 78.64
N GLU Q 181 -17.41 -4.15 78.49
CA GLU Q 181 -17.04 -4.78 77.23
C GLU Q 181 -17.83 -6.05 76.99
N GLY Q 182 -18.25 -6.24 75.74
CA GLY Q 182 -18.97 -7.44 75.34
C GLY Q 182 -20.43 -7.48 75.74
N GLU Q 183 -20.97 -6.40 76.32
CA GLU Q 183 -22.36 -6.38 76.75
C GLU Q 183 -23.08 -5.10 76.38
N MET Q 184 -22.43 -4.15 75.72
CA MET Q 184 -23.06 -2.88 75.40
C MET Q 184 -24.05 -3.08 74.25
N THR Q 185 -25.22 -2.48 74.40
CA THR Q 185 -26.18 -2.35 73.33
C THR Q 185 -26.27 -0.87 72.94
N LEU Q 186 -26.90 -0.61 71.81
CA LEU Q 186 -26.99 0.78 71.34
C LEU Q 186 -27.78 1.64 72.30
N LYS Q 187 -28.78 1.06 72.98
CA LYS Q 187 -29.52 1.83 73.97
C LYS Q 187 -28.64 2.20 75.16
N SER Q 188 -27.96 1.21 75.73
CA SER Q 188 -27.07 1.48 76.86
C SER Q 188 -25.88 2.34 76.43
N ALA Q 189 -25.40 2.15 75.20
CA ALA Q 189 -24.30 2.98 74.70
C ALA Q 189 -24.74 4.43 74.55
N LEU Q 190 -25.95 4.65 74.04
CA LEU Q 190 -26.48 6.02 73.95
C LEU Q 190 -26.65 6.64 75.33
N ALA Q 191 -27.13 5.86 76.30
CA ALA Q 191 -27.24 6.38 77.66
C ALA Q 191 -25.88 6.76 78.22
N LEU Q 192 -24.87 5.91 78.01
CA LEU Q 192 -23.52 6.22 78.45
C LEU Q 192 -22.99 7.48 77.77
N ALA Q 193 -23.27 7.62 76.48
CA ALA Q 193 -22.81 8.82 75.77
C ALA Q 193 -23.47 10.07 76.33
N ILE Q 194 -24.76 10.01 76.64
CA ILE Q 194 -25.44 11.17 77.21
C ILE Q 194 -24.84 11.52 78.57
N LYS Q 195 -24.57 10.51 79.40
CA LYS Q 195 -23.98 10.79 80.72
C LYS Q 195 -22.58 11.39 80.58
N VAL Q 196 -21.77 10.84 79.68
CA VAL Q 196 -20.41 11.33 79.48
C VAL Q 196 -20.45 12.78 78.98
N LEU Q 197 -21.34 13.08 78.03
CA LEU Q 197 -21.44 14.45 77.55
C LEU Q 197 -21.97 15.39 78.63
N ASN Q 198 -22.82 14.89 79.52
CA ASN Q 198 -23.27 15.69 80.65
C ASN Q 198 -22.09 16.09 81.53
N LYS Q 199 -21.21 15.13 81.83
CA LYS Q 199 -20.05 15.46 82.66
C LYS Q 199 -19.07 16.36 81.93
N THR Q 200 -18.71 16.01 80.69
CA THR Q 200 -17.70 16.73 79.95
C THR Q 200 -18.12 18.18 79.69
N MET Q 201 -19.37 18.38 79.29
CA MET Q 201 -19.89 19.72 79.07
C MET Q 201 -20.43 20.26 80.39
N ASP Q 202 -19.49 20.55 81.30
CA ASP Q 202 -19.88 20.97 82.64
C ASP Q 202 -20.46 22.38 82.64
N VAL Q 203 -19.91 23.28 81.81
CA VAL Q 203 -20.37 24.66 81.82
C VAL Q 203 -21.78 24.78 81.24
N SER Q 204 -22.04 24.08 80.13
CA SER Q 204 -23.29 24.21 79.40
C SER Q 204 -24.13 22.95 79.58
N LYS Q 205 -25.39 23.13 79.96
CA LYS Q 205 -26.30 22.00 80.13
C LYS Q 205 -26.57 21.30 78.80
N LEU Q 206 -26.78 20.00 78.88
CA LEU Q 206 -27.13 19.20 77.71
C LEU Q 206 -28.49 19.62 77.18
N SER Q 207 -28.51 20.20 76.00
CA SER Q 207 -29.72 20.39 75.23
C SER Q 207 -29.49 19.80 73.83
N ALA Q 208 -30.59 19.38 73.21
CA ALA Q 208 -30.48 18.66 71.94
C ALA Q 208 -29.82 19.48 70.85
N GLU Q 209 -29.85 20.82 70.95
CA GLU Q 209 -29.22 21.66 69.96
C GLU Q 209 -27.73 21.88 70.21
N LYS Q 210 -27.22 21.44 71.35
CA LYS Q 210 -25.79 21.55 71.64
C LYS Q 210 -25.00 20.29 71.30
N VAL Q 211 -25.67 19.21 70.91
CA VAL Q 211 -25.00 17.95 70.61
C VAL Q 211 -25.54 17.36 69.33
N GLU Q 212 -24.71 16.55 68.69
CA GLU Q 212 -25.07 15.84 67.47
C GLU Q 212 -24.72 14.38 67.68
N ILE Q 213 -25.67 13.48 67.45
CA ILE Q 213 -25.46 12.05 67.66
C ILE Q 213 -25.75 11.32 66.36
N ALA Q 214 -24.83 10.45 65.96
CA ALA Q 214 -25.02 9.60 64.79
C ALA Q 214 -24.76 8.16 65.17
N THR Q 215 -25.61 7.27 64.67
CA THR Q 215 -25.48 5.83 64.93
C THR Q 215 -25.30 5.09 63.61
N LEU Q 216 -24.47 4.07 63.64
CA LEU Q 216 -24.21 3.18 62.52
C LEU Q 216 -24.64 1.78 62.93
N THR Q 217 -25.59 1.20 62.20
CA THR Q 217 -26.14 -0.12 62.47
C THR Q 217 -26.24 -0.91 61.17
N ARG Q 218 -26.66 -2.17 61.27
CA ARG Q 218 -26.87 -3.04 60.12
C ARG Q 218 -28.33 -3.45 60.04
N GLU Q 219 -28.92 -3.31 58.85
CA GLU Q 219 -30.28 -3.75 58.59
C GLU Q 219 -30.33 -4.43 57.23
N ASN Q 220 -30.69 -5.73 57.24
CA ASN Q 220 -30.92 -6.49 56.01
C ASN Q 220 -29.68 -6.55 55.12
N GLY Q 221 -28.51 -6.61 55.73
CA GLY Q 221 -27.29 -6.60 54.95
C GLY Q 221 -26.92 -5.26 54.36
N LYS Q 222 -27.50 -4.18 54.84
CA LYS Q 222 -27.11 -2.83 54.49
C LYS Q 222 -26.62 -2.12 55.75
N THR Q 223 -25.73 -1.15 55.57
CA THR Q 223 -25.29 -0.31 56.67
C THR Q 223 -26.14 0.95 56.68
N VAL Q 224 -26.70 1.27 57.84
CA VAL Q 224 -27.51 2.46 58.03
C VAL Q 224 -26.76 3.41 58.94
N ILE Q 225 -26.52 4.62 58.46
CA ILE Q 225 -25.91 5.69 59.23
C ILE Q 225 -26.95 6.80 59.38
N ARG Q 226 -27.29 7.14 60.62
CA ARG Q 226 -28.33 8.13 60.84
C ARG Q 226 -27.94 9.09 61.95
N VAL Q 227 -28.08 10.38 61.67
CA VAL Q 227 -27.99 11.40 62.70
C VAL Q 227 -29.34 11.47 63.40
N LEU Q 228 -29.32 11.39 64.73
CA LEU Q 228 -30.57 11.41 65.49
C LEU Q 228 -31.25 12.76 65.35
N LYS Q 229 -32.58 12.75 65.37
CA LYS Q 229 -33.35 13.98 65.33
C LYS Q 229 -33.27 14.70 66.68
N GLN Q 230 -33.65 15.97 66.66
CA GLN Q 230 -33.61 16.77 67.89
C GLN Q 230 -34.52 16.17 68.96
N LYS Q 231 -35.69 15.68 68.57
CA LYS Q 231 -36.61 15.10 69.55
C LYS Q 231 -36.03 13.83 70.16
N GLU Q 232 -35.30 13.04 69.38
CA GLU Q 232 -34.70 11.82 69.92
C GLU Q 232 -33.63 12.15 70.95
N VAL Q 233 -32.81 13.16 70.69
CA VAL Q 233 -31.82 13.58 71.68
C VAL Q 233 -32.49 14.18 72.90
N GLU Q 234 -33.59 14.91 72.69
CA GLU Q 234 -34.36 15.44 73.81
C GLU Q 234 -34.88 14.31 74.69
N GLN Q 235 -35.38 13.24 74.07
CA GLN Q 235 -35.87 12.10 74.84
C GLN Q 235 -34.73 11.41 75.58
N LEU Q 236 -33.57 11.28 74.94
CA LEU Q 236 -32.42 10.68 75.63
C LEU Q 236 -32.00 11.51 76.83
N ILE Q 237 -31.97 12.83 76.68
CA ILE Q 237 -31.59 13.69 77.80
C ILE Q 237 -32.63 13.64 78.91
N LYS Q 238 -33.92 13.58 78.54
CA LYS Q 238 -34.96 13.42 79.55
C LYS Q 238 -34.78 12.12 80.31
N LYS Q 239 -34.49 11.03 79.60
CA LYS Q 239 -34.28 9.75 80.25
C LYS Q 239 -33.09 9.80 81.19
N HIS Q 240 -32.00 10.45 80.76
CA HIS Q 240 -30.84 10.60 81.63
C HIS Q 240 -31.18 11.40 82.88
N GLU Q 241 -31.95 12.47 82.72
CA GLU Q 241 -32.36 13.28 83.88
C GLU Q 241 -33.21 12.46 84.84
N GLU Q 242 -34.12 11.65 84.31
CA GLU Q 242 -34.92 10.77 85.16
C GLU Q 242 -34.04 9.76 85.88
N GLU Q 243 -33.07 9.18 85.18
CA GLU Q 243 -32.15 8.24 85.82
C GLU Q 243 -31.39 8.90 86.96
N GLU Q 244 -30.88 10.10 86.72
CA GLU Q 244 -30.15 10.83 87.76
C GLU Q 244 -31.05 11.14 88.94
N ALA Q 245 -32.27 11.60 88.68
CA ALA Q 245 -33.19 11.94 89.76
C ALA Q 245 -33.54 10.73 90.60
N LYS Q 246 -33.81 9.59 89.95
CA LYS Q 246 -34.16 8.39 90.71
C LYS Q 246 -32.95 7.85 91.48
N ALA Q 247 -31.75 7.95 90.90
CA ALA Q 247 -30.56 7.53 91.62
C ALA Q 247 -30.31 8.42 92.83
N GLU Q 248 -30.65 9.71 92.72
CA GLU Q 248 -30.57 10.60 93.88
C GLU Q 248 -31.62 10.22 94.92
N ARG Q 249 -32.84 9.91 94.48
CA ARG Q 249 -33.90 9.55 95.42
C ARG Q 249 -33.54 8.28 96.19
N GLU Q 250 -32.95 7.30 95.50
CA GLU Q 250 -32.47 6.11 96.19
C GLU Q 250 -31.42 6.47 97.24
N LYS Q 251 -30.53 7.40 96.90
CA LYS Q 251 -29.48 7.83 97.81
C LYS Q 251 -29.94 9.03 98.63
N SER R 2 9.67 19.99 46.69
CA SER R 2 10.35 21.23 46.34
C SER R 2 10.96 21.91 47.55
N TYR R 3 10.63 21.43 48.75
CA TYR R 3 11.31 21.87 49.96
C TYR R 3 12.67 21.19 50.02
N ASP R 4 13.74 21.98 49.94
CA ASP R 4 15.08 21.45 49.71
C ASP R 4 16.05 21.88 50.80
N ARG R 5 15.55 22.12 52.00
CA ARG R 5 16.40 22.48 53.12
C ARG R 5 17.24 21.29 53.56
N ALA R 6 18.46 21.58 54.03
CA ALA R 6 19.29 20.57 54.67
C ALA R 6 18.91 20.51 56.15
N ILE R 7 18.33 19.40 56.57
CA ILE R 7 17.87 19.26 57.95
C ILE R 7 18.93 18.60 58.82
N THR R 8 19.56 17.54 58.32
CA THR R 8 20.64 16.87 59.04
C THR R 8 21.97 17.44 58.56
N VAL R 9 22.65 18.16 59.44
CA VAL R 9 23.94 18.76 59.14
C VAL R 9 24.91 18.44 60.26
N PHE R 10 26.19 18.59 59.96
CA PHE R 10 27.23 18.37 60.95
C PHE R 10 27.31 19.55 61.91
N SER R 11 27.50 19.23 63.17
CA SER R 11 27.77 20.22 64.20
C SER R 11 29.28 20.41 64.34
N PRO R 12 29.72 21.48 65.00
CA PRO R 12 31.16 21.74 65.09
C PRO R 12 31.98 20.64 65.75
N ASP R 13 31.36 19.75 66.52
CA ASP R 13 32.09 18.67 67.15
C ASP R 13 32.08 17.38 66.34
N GLY R 14 31.54 17.41 65.12
CA GLY R 14 31.44 16.24 64.30
C GLY R 14 30.17 15.43 64.45
N HIS R 15 29.13 16.02 65.04
CA HIS R 15 27.90 15.30 65.33
C HIS R 15 26.80 15.67 64.35
N LEU R 16 25.89 14.72 64.12
CA LEU R 16 24.65 14.98 63.39
C LEU R 16 23.54 15.06 64.43
N PHE R 17 23.17 16.29 64.80
CA PHE R 17 22.24 16.47 65.92
C PHE R 17 20.87 15.88 65.63
N GLN R 18 20.41 15.93 64.38
CA GLN R 18 19.11 15.35 64.06
C GLN R 18 19.09 13.85 64.28
N VAL R 19 20.18 13.16 63.94
CA VAL R 19 20.29 11.73 64.19
C VAL R 19 20.29 11.44 65.69
N GLU R 20 21.00 12.25 66.48
CA GLU R 20 21.01 12.07 67.92
C GLU R 20 19.63 12.30 68.51
N TYR R 21 18.89 13.27 67.98
CA TYR R 21 17.54 13.51 68.47
C TYR R 21 16.58 12.41 68.07
N ALA R 22 16.76 11.82 66.89
CA ALA R 22 15.97 10.65 66.52
C ALA R 22 16.29 9.48 67.44
N GLN R 23 17.55 9.33 67.84
CA GLN R 23 17.90 8.30 68.81
C GLN R 23 17.25 8.56 70.16
N GLU R 24 17.18 9.82 70.57
CA GLU R 24 16.46 10.16 71.81
C GLU R 24 14.98 9.88 71.69
N ALA R 25 14.42 10.04 70.49
CA ALA R 25 13.03 9.63 70.26
C ALA R 25 12.88 8.12 70.40
N VAL R 26 13.87 7.37 69.93
CA VAL R 26 13.85 5.92 70.12
C VAL R 26 13.89 5.57 71.61
N LYS R 27 14.72 6.27 72.37
CA LYS R 27 14.89 5.95 73.78
C LYS R 27 13.62 6.16 74.59
N LYS R 28 12.63 6.87 74.04
CA LYS R 28 11.35 7.04 74.71
C LYS R 28 10.32 6.00 74.33
N GLY R 29 10.63 5.12 73.38
CA GLY R 29 9.70 4.09 73.00
C GLY R 29 9.64 2.96 74.01
N SER R 30 8.57 2.18 73.95
CA SER R 30 8.43 1.03 74.82
C SER R 30 9.48 -0.01 74.50
N THR R 31 9.93 -0.72 75.54
CA THR R 31 11.02 -1.66 75.41
C THR R 31 10.66 -2.82 74.47
N ALA R 32 11.62 -3.19 73.63
CA ALA R 32 11.52 -4.34 72.76
C ALA R 32 12.76 -5.20 72.93
N VAL R 33 12.56 -6.51 73.00
CA VAL R 33 13.62 -7.47 73.26
C VAL R 33 13.55 -8.55 72.19
N GLY R 34 14.69 -8.84 71.58
CA GLY R 34 14.77 -9.98 70.69
C GLY R 34 15.79 -10.97 71.19
N VAL R 35 15.43 -12.25 71.24
CA VAL R 35 16.37 -13.30 71.58
C VAL R 35 16.38 -14.33 70.47
N ARG R 36 17.57 -14.68 70.01
CA ARG R 36 17.79 -15.65 68.95
C ARG R 36 18.16 -16.99 69.57
N GLY R 37 17.32 -17.99 69.37
CA GLY R 37 17.54 -19.32 69.90
C GLY R 37 18.08 -20.28 68.86
N LYS R 38 18.13 -21.55 69.24
CA LYS R 38 18.61 -22.58 68.33
C LYS R 38 17.60 -22.88 67.24
N ASP R 39 16.34 -23.05 67.61
CA ASP R 39 15.27 -23.39 66.67
C ASP R 39 14.15 -22.37 66.68
N ILE R 40 14.35 -21.20 67.30
CA ILE R 40 13.27 -20.27 67.54
C ILE R 40 13.86 -18.87 67.66
N VAL R 41 13.10 -17.87 67.23
CA VAL R 41 13.42 -16.48 67.50
C VAL R 41 12.22 -15.86 68.20
N VAL R 42 12.47 -15.13 69.29
CA VAL R 42 11.40 -14.62 70.13
C VAL R 42 11.52 -13.11 70.22
N LEU R 43 10.42 -12.42 69.96
CA LEU R 43 10.31 -10.98 70.11
C LEU R 43 9.33 -10.66 71.22
N GLY R 44 9.66 -9.67 72.04
CA GLY R 44 8.77 -9.27 73.11
C GLY R 44 8.77 -7.78 73.34
N VAL R 45 7.60 -7.17 73.41
CA VAL R 45 7.47 -5.72 73.51
C VAL R 45 6.69 -5.37 74.77
N GLU R 46 7.18 -4.38 75.50
CA GLU R 46 6.46 -3.82 76.63
C GLU R 46 5.31 -2.95 76.14
N LYS R 47 4.19 -2.98 76.85
CA LYS R 47 3.12 -2.02 76.66
C LYS R 47 3.17 -1.03 77.82
N LYS R 48 3.53 0.22 77.51
CA LYS R 48 3.81 1.19 78.57
C LYS R 48 2.58 1.41 79.44
N SER R 49 1.39 1.39 78.84
CA SER R 49 0.14 1.42 79.59
C SER R 49 -0.90 0.61 78.84
N VAL R 50 -1.80 0.01 79.59
CA VAL R 50 -2.96 -0.69 79.03
C VAL R 50 -4.17 0.20 79.26
N ALA R 51 -4.80 0.64 78.18
CA ALA R 51 -5.94 1.55 78.29
C ALA R 51 -7.21 0.83 78.72
N LYS R 52 -7.27 -0.49 78.58
CA LYS R 52 -8.39 -1.33 79.02
C LYS R 52 -9.60 -1.14 78.10
N LEU R 53 -9.55 -0.16 77.20
CA LEU R 53 -10.60 0.08 76.23
C LEU R 53 -10.09 -0.03 74.80
N GLN R 54 -8.81 -0.34 74.61
CA GLN R 54 -8.19 -0.31 73.31
C GLN R 54 -8.24 -1.68 72.66
N ASP R 55 -8.56 -1.69 71.37
CA ASP R 55 -8.47 -2.92 70.59
C ASP R 55 -7.01 -3.30 70.43
N GLU R 56 -6.62 -4.44 71.00
CA GLU R 56 -5.22 -4.84 71.02
C GLU R 56 -4.66 -5.04 69.61
N ARG R 57 -5.45 -5.68 68.74
CA ARG R 57 -4.97 -6.03 67.41
C ARG R 57 -4.49 -4.82 66.62
N THR R 58 -4.98 -3.64 66.96
CA THR R 58 -4.65 -2.44 66.20
C THR R 58 -3.35 -1.79 66.63
N VAL R 59 -2.78 -2.16 67.79
CA VAL R 59 -1.61 -1.44 68.27
C VAL R 59 -0.43 -2.37 68.48
N ARG R 60 -0.35 -3.43 67.67
CA ARG R 60 0.73 -4.38 67.82
C ARG R 60 2.04 -3.79 67.31
N LYS R 61 3.10 -3.93 68.10
CA LYS R 61 4.43 -3.46 67.74
C LYS R 61 5.27 -4.51 67.04
N ILE R 62 4.74 -5.72 66.85
CA ILE R 62 5.43 -6.80 66.16
C ILE R 62 4.64 -7.13 64.90
N CYS R 63 5.31 -7.14 63.76
CA CYS R 63 4.65 -7.37 62.49
C CYS R 63 5.53 -8.19 61.56
N ALA R 64 4.89 -8.90 60.65
CA ALA R 64 5.58 -9.79 59.72
C ALA R 64 5.89 -9.03 58.45
N LEU R 65 7.16 -9.02 58.05
CA LEU R 65 7.54 -8.44 56.77
C LEU R 65 7.32 -9.41 55.63
N ASP R 66 7.47 -10.70 55.90
CA ASP R 66 7.23 -11.75 54.93
C ASP R 66 6.95 -13.03 55.71
N ASP R 67 6.97 -14.16 55.01
CA ASP R 67 6.72 -15.43 55.68
C ASP R 67 7.83 -15.77 56.67
N ASN R 68 9.08 -15.47 56.31
CA ASN R 68 10.22 -15.87 57.13
C ASN R 68 10.82 -14.73 57.94
N VAL R 69 10.29 -13.51 57.83
CA VAL R 69 10.91 -12.34 58.44
C VAL R 69 9.85 -11.57 59.21
N CYS R 70 10.18 -11.16 60.42
CA CYS R 70 9.31 -10.28 61.19
C CYS R 70 10.16 -9.29 61.96
N MET R 71 9.52 -8.22 62.43
CA MET R 71 10.25 -7.19 63.15
C MET R 71 9.39 -6.57 64.24
N ALA R 72 10.06 -6.14 65.30
CA ALA R 72 9.54 -5.25 66.31
C ALA R 72 10.28 -3.92 66.20
N PHE R 73 9.71 -2.88 66.80
CA PHE R 73 10.32 -1.57 66.72
C PHE R 73 10.15 -0.82 68.03
N ALA R 74 10.99 0.20 68.20
CA ALA R 74 10.83 1.19 69.26
C ALA R 74 10.98 2.58 68.66
N GLY R 75 10.24 3.55 69.19
CA GLY R 75 10.29 4.92 68.72
C GLY R 75 8.91 5.41 68.27
N LEU R 76 8.88 6.09 67.13
CA LEU R 76 7.66 6.68 66.61
C LEU R 76 6.86 5.66 65.81
N THR R 77 5.59 5.47 66.17
CA THR R 77 4.79 4.42 65.57
C THR R 77 4.52 4.67 64.08
N ALA R 78 4.29 5.93 63.70
CA ALA R 78 3.92 6.22 62.32
C ALA R 78 5.11 6.08 61.37
N ASP R 79 6.29 6.52 61.82
CA ASP R 79 7.51 6.27 61.07
C ASP R 79 7.72 4.77 60.89
N ALA R 80 7.46 4.00 61.94
CA ALA R 80 7.58 2.54 61.86
C ALA R 80 6.62 1.97 60.82
N ARG R 81 5.40 2.49 60.76
CA ARG R 81 4.45 2.04 59.76
C ARG R 81 4.96 2.29 58.34
N ILE R 82 5.51 3.48 58.11
CA ILE R 82 6.07 3.81 56.80
C ILE R 82 7.18 2.82 56.44
N VAL R 83 8.11 2.61 57.38
CA VAL R 83 9.25 1.74 57.12
C VAL R 83 8.80 0.31 56.87
N ILE R 84 7.84 -0.18 57.65
CA ILE R 84 7.35 -1.54 57.51
C ILE R 84 6.70 -1.74 56.15
N ASN R 85 5.90 -0.78 55.71
CA ASN R 85 5.27 -0.92 54.40
C ASN R 85 6.32 -0.95 53.29
N ARG R 86 7.34 -0.10 53.39
CA ARG R 86 8.39 -0.10 52.38
C ARG R 86 9.14 -1.44 52.36
N ALA R 87 9.43 -1.99 53.54
CA ALA R 87 10.10 -3.29 53.60
C ALA R 87 9.22 -4.39 53.01
N ARG R 88 7.92 -4.35 53.25
CA ARG R 88 7.03 -5.37 52.71
C ARG R 88 7.02 -5.32 51.18
N VAL R 89 6.95 -4.12 50.61
CA VAL R 89 7.04 -3.98 49.17
C VAL R 89 8.36 -4.52 48.66
N GLU R 90 9.45 -4.24 49.37
CA GLU R 90 10.76 -4.74 48.95
C GLU R 90 10.81 -6.26 48.99
N CYS R 91 10.24 -6.88 50.03
CA CYS R 91 10.23 -8.33 50.12
C CYS R 91 9.46 -8.96 48.97
N GLN R 92 8.30 -8.40 48.62
CA GLN R 92 7.56 -8.93 47.48
C GLN R 92 8.33 -8.76 46.17
N SER R 93 8.92 -7.59 45.96
CA SER R 93 9.66 -7.37 44.73
C SER R 93 10.88 -8.29 44.64
N HIS R 94 11.47 -8.62 45.79
CA HIS R 94 12.60 -9.54 45.81
C HIS R 94 12.14 -10.95 45.49
N ARG R 95 10.97 -11.35 46.00
CA ARG R 95 10.40 -12.64 45.60
C ARG R 95 10.11 -12.69 44.12
N LEU R 96 9.82 -11.53 43.50
CA LEU R 96 9.55 -11.51 42.08
C LEU R 96 10.84 -11.60 41.26
N THR R 97 11.76 -10.65 41.44
CA THR R 97 12.95 -10.58 40.61
C THR R 97 13.91 -11.72 40.90
N VAL R 98 14.02 -12.15 42.15
CA VAL R 98 14.75 -13.35 42.53
C VAL R 98 13.70 -14.38 42.94
N GLU R 99 13.85 -15.62 42.51
CA GLU R 99 12.81 -16.60 42.75
C GLU R 99 12.86 -17.20 44.13
N ASP R 100 13.47 -16.54 45.09
CA ASP R 100 13.58 -17.00 46.46
C ASP R 100 13.15 -15.89 47.42
N PRO R 101 12.82 -16.24 48.67
CA PRO R 101 12.55 -15.20 49.67
C PRO R 101 13.83 -14.50 50.12
N VAL R 102 13.65 -13.34 50.74
CA VAL R 102 14.78 -12.58 51.23
C VAL R 102 15.44 -13.31 52.38
N THR R 103 16.75 -13.14 52.51
CA THR R 103 17.40 -13.39 53.77
C THR R 103 17.09 -12.24 54.72
N VAL R 104 17.19 -12.52 56.02
CA VAL R 104 16.95 -11.47 57.02
C VAL R 104 17.93 -10.32 56.82
N GLU R 105 19.19 -10.65 56.48
CA GLU R 105 20.20 -9.62 56.29
C GLU R 105 19.89 -8.74 55.09
N TYR R 106 19.26 -9.28 54.05
CA TYR R 106 18.93 -8.47 52.88
C TYR R 106 17.91 -7.38 53.23
N ILE R 107 16.81 -7.77 53.87
CA ILE R 107 15.79 -6.79 54.20
C ILE R 107 16.29 -5.85 55.29
N THR R 108 17.17 -6.34 56.17
CA THR R 108 17.81 -5.45 57.13
C THR R 108 18.67 -4.39 56.43
N ARG R 109 19.45 -4.81 55.44
CA ARG R 109 20.26 -3.89 54.65
C ARG R 109 19.40 -2.85 53.96
N TYR R 110 18.27 -3.28 53.39
CA TYR R 110 17.36 -2.36 52.72
C TYR R 110 16.79 -1.32 53.70
N ILE R 111 16.35 -1.77 54.88
CA ILE R 111 15.80 -0.85 55.87
C ILE R 111 16.86 0.13 56.34
N ALA R 112 18.06 -0.37 56.61
CA ALA R 112 19.15 0.48 57.08
C ALA R 112 19.52 1.52 56.04
N SER R 113 19.56 1.14 54.76
CA SER R 113 19.91 2.09 53.72
C SER R 113 18.82 3.14 53.54
N LEU R 114 17.55 2.76 53.70
CA LEU R 114 16.49 3.75 53.67
C LEU R 114 16.65 4.78 54.80
N LYS R 115 16.94 4.30 56.01
CA LYS R 115 17.16 5.22 57.12
C LYS R 115 18.35 6.14 56.88
N GLN R 116 19.44 5.58 56.35
CA GLN R 116 20.61 6.39 56.06
C GLN R 116 20.29 7.44 55.00
N ARG R 117 19.52 7.07 53.98
CA ARG R 117 19.10 8.04 52.98
C ARG R 117 18.34 9.20 53.63
N TYR R 118 17.51 8.88 54.61
CA TYR R 118 16.79 9.95 55.29
C TYR R 118 17.67 10.73 56.26
N THR R 119 18.89 10.29 56.55
CA THR R 119 19.80 11.14 57.29
C THR R 119 20.64 12.06 56.39
N GLN R 120 20.56 11.93 55.07
CA GLN R 120 21.48 12.66 54.22
C GLN R 120 20.80 13.24 52.98
N SER R 121 19.51 13.50 53.04
CA SER R 121 18.79 14.03 51.89
C SER R 121 18.05 15.30 52.28
N ASN R 122 17.86 16.17 51.30
CA ASN R 122 17.29 17.49 51.56
C ASN R 122 15.81 17.41 51.88
N GLY R 123 15.38 18.25 52.81
CA GLY R 123 13.97 18.45 53.06
C GLY R 123 13.29 17.41 53.92
N ARG R 124 14.02 16.50 54.54
CA ARG R 124 13.39 15.51 55.41
C ARG R 124 14.27 15.22 56.61
N ARG R 125 13.62 14.86 57.70
CA ARG R 125 14.26 14.45 58.93
C ARG R 125 14.45 12.94 58.96
N PRO R 126 15.38 12.45 59.79
CA PRO R 126 15.56 11.00 59.91
C PRO R 126 14.36 10.33 60.56
N PHE R 127 14.22 9.03 60.28
CA PHE R 127 13.24 8.21 60.97
C PHE R 127 13.58 8.11 62.44
N GLY R 128 12.56 8.16 63.29
CA GLY R 128 12.79 8.08 64.72
C GLY R 128 12.50 6.72 65.31
N ILE R 129 12.90 5.64 64.62
CA ILE R 129 12.66 4.30 65.11
C ILE R 129 13.94 3.48 65.06
N SER R 130 14.01 2.48 65.93
CA SER R 130 14.95 1.39 65.83
C SER R 130 14.17 0.10 65.64
N ALA R 131 14.77 -0.85 64.92
CA ALA R 131 14.08 -2.07 64.55
C ALA R 131 14.89 -3.28 64.97
N LEU R 132 14.18 -4.30 65.47
CA LEU R 132 14.71 -5.64 65.67
C LEU R 132 14.06 -6.54 64.64
N ILE R 133 14.87 -7.13 63.77
CA ILE R 133 14.38 -7.95 62.66
C ILE R 133 14.89 -9.37 62.87
N VAL R 134 13.97 -10.32 62.94
CA VAL R 134 14.33 -11.71 63.17
C VAL R 134 13.74 -12.56 62.05
N GLY R 135 14.35 -13.72 61.85
CA GLY R 135 13.83 -14.65 60.88
C GLY R 135 14.73 -15.85 60.69
N PHE R 136 14.45 -16.58 59.63
CA PHE R 136 15.23 -17.74 59.24
C PHE R 136 15.61 -17.62 57.78
N ASP R 137 16.85 -17.98 57.46
CA ASP R 137 17.27 -18.05 56.08
C ASP R 137 16.83 -19.38 55.46
N PHE R 138 17.03 -19.51 54.15
CA PHE R 138 16.69 -20.77 53.48
C PHE R 138 17.49 -21.94 54.06
N ASP R 139 18.67 -21.66 54.62
CA ASP R 139 19.45 -22.67 55.32
C ASP R 139 18.87 -23.06 56.66
N GLY R 140 17.83 -22.36 57.12
CA GLY R 140 17.27 -22.62 58.42
C GLY R 140 18.03 -22.01 59.57
N THR R 141 18.93 -21.08 59.31
CA THR R 141 19.68 -20.43 60.38
C THR R 141 18.85 -19.31 60.99
N PRO R 142 18.67 -19.29 62.31
CA PRO R 142 18.00 -18.15 62.94
C PRO R 142 18.88 -16.92 62.91
N ARG R 143 18.26 -15.78 62.57
CA ARG R 143 18.96 -14.52 62.41
C ARG R 143 18.24 -13.42 63.15
N LEU R 144 19.00 -12.58 63.86
CA LEU R 144 18.50 -11.42 64.58
C LEU R 144 19.39 -10.22 64.28
N TYR R 145 18.77 -9.12 63.85
CA TYR R 145 19.48 -7.91 63.47
C TYR R 145 18.82 -6.71 64.13
N GLN R 146 19.60 -5.65 64.29
CA GLN R 146 19.12 -4.39 64.82
C GLN R 146 19.55 -3.26 63.90
N THR R 147 18.59 -2.38 63.59
CA THR R 147 18.85 -1.14 62.88
C THR R 147 18.49 0.05 63.76
N ASP R 148 19.20 1.16 63.57
CA ASP R 148 18.98 2.37 64.34
C ASP R 148 18.71 3.54 63.39
N PRO R 149 18.31 4.72 63.88
CA PRO R 149 17.98 5.83 62.96
C PRO R 149 19.15 6.26 62.07
N SER R 150 20.39 6.14 62.54
CA SER R 150 21.52 6.58 61.73
C SER R 150 21.69 5.77 60.46
N GLY R 151 21.18 4.54 60.43
CA GLY R 151 21.35 3.67 59.29
C GLY R 151 22.33 2.53 59.50
N THR R 152 22.88 2.39 60.69
CA THR R 152 23.78 1.28 60.99
C THR R 152 22.97 0.08 61.49
N TYR R 153 23.41 -1.11 61.11
CA TYR R 153 22.75 -2.33 61.52
C TYR R 153 23.79 -3.37 61.93
N HIS R 154 23.45 -4.17 62.92
CA HIS R 154 24.33 -5.23 63.40
C HIS R 154 23.53 -6.50 63.66
N ALA R 155 24.24 -7.61 63.80
CA ALA R 155 23.63 -8.88 64.15
C ALA R 155 23.89 -9.19 65.61
N TRP R 156 22.89 -9.76 66.28
CA TRP R 156 22.94 -9.98 67.71
C TRP R 156 22.50 -11.40 68.05
N LYS R 157 23.07 -11.93 69.12
CA LYS R 157 22.48 -13.12 69.74
C LYS R 157 21.20 -12.78 70.46
N ALA R 158 21.22 -11.67 71.20
CA ALA R 158 20.05 -11.12 71.86
C ALA R 158 20.28 -9.63 72.04
N ASN R 159 19.20 -8.86 71.97
CA ASN R 159 19.32 -7.42 72.02
C ASN R 159 18.04 -6.82 72.58
N ALA R 160 18.13 -5.57 73.01
CA ALA R 160 16.98 -4.80 73.49
C ALA R 160 17.10 -3.37 73.01
N ILE R 161 15.97 -2.79 72.62
CA ILE R 161 15.89 -1.41 72.18
C ILE R 161 14.75 -0.73 72.91
N GLY R 162 14.75 0.59 72.87
CA GLY R 162 13.75 1.38 73.53
C GLY R 162 14.18 1.82 74.91
N ARG R 163 13.19 2.23 75.70
CA ARG R 163 13.48 2.72 77.04
C ARG R 163 13.90 1.58 77.95
N GLY R 164 14.82 1.86 78.86
CA GLY R 164 15.31 0.83 79.74
C GLY R 164 16.04 -0.29 79.05
N ALA R 165 16.50 -0.07 77.81
CA ALA R 165 17.20 -1.11 77.08
C ALA R 165 18.59 -1.37 77.65
N LYS R 166 19.16 -0.43 78.39
CA LYS R 166 20.49 -0.65 78.96
C LYS R 166 20.46 -1.72 80.04
N SER R 167 19.48 -1.65 80.94
CA SER R 167 19.33 -2.67 81.96
C SER R 167 18.95 -4.01 81.35
N VAL R 168 18.09 -4.02 80.33
CA VAL R 168 17.70 -5.27 79.71
C VAL R 168 18.89 -5.90 79.00
N ARG R 169 19.74 -5.08 78.37
CA ARG R 169 20.93 -5.62 77.73
C ARG R 169 21.93 -6.13 78.75
N GLU R 170 22.07 -5.45 79.88
CA GLU R 170 22.91 -5.97 80.96
C GLU R 170 22.40 -7.32 81.45
N PHE R 171 21.08 -7.44 81.65
CA PHE R 171 20.49 -8.71 82.06
C PHE R 171 20.75 -9.80 81.03
N LEU R 172 20.56 -9.48 79.75
CA LEU R 172 20.77 -10.48 78.70
C LEU R 172 22.23 -10.90 78.61
N GLU R 173 23.16 -9.96 78.82
CA GLU R 173 24.57 -10.33 78.84
C GLU R 173 24.87 -11.25 80.01
N LYS R 174 24.28 -10.97 81.17
CA LYS R 174 24.44 -11.85 82.32
C LYS R 174 23.70 -13.17 82.20
N ASN R 175 22.75 -13.30 81.27
CA ASN R 175 21.86 -14.45 81.27
C ASN R 175 21.84 -15.26 79.98
N TYR R 176 22.08 -14.65 78.82
CA TYR R 176 22.01 -15.39 77.56
C TYR R 176 23.11 -16.44 77.53
N THR R 177 22.73 -17.69 77.31
CA THR R 177 23.66 -18.80 77.26
C THR R 177 23.08 -19.88 76.35
N ASP R 178 23.94 -20.76 75.85
CA ASP R 178 23.46 -21.89 75.05
C ASP R 178 22.54 -22.78 75.86
N GLU R 179 22.84 -22.97 77.15
CA GLU R 179 21.94 -23.75 78.00
C GLU R 179 20.63 -23.02 78.23
N ALA R 180 20.66 -21.69 78.28
CA ALA R 180 19.46 -20.90 78.48
C ALA R 180 18.58 -20.82 77.24
N ILE R 181 19.05 -21.30 76.10
CA ILE R 181 18.26 -21.35 74.89
C ILE R 181 18.19 -22.77 74.32
N GLU R 182 18.38 -23.78 75.18
CA GLU R 182 18.42 -25.16 74.71
C GLU R 182 17.08 -25.60 74.13
N THR R 183 15.98 -25.22 74.78
CA THR R 183 14.64 -25.49 74.29
C THR R 183 13.91 -24.18 74.00
N ASP R 184 12.81 -24.29 73.27
CA ASP R 184 12.01 -23.11 72.93
C ASP R 184 11.42 -22.46 74.17
N ASP R 185 10.94 -23.29 75.11
CA ASP R 185 10.34 -22.75 76.33
C ASP R 185 11.34 -21.94 77.12
N LEU R 186 12.59 -22.41 77.20
CA LEU R 186 13.62 -21.67 77.92
C LEU R 186 13.91 -20.32 77.25
N THR R 187 13.95 -20.30 75.92
CA THR R 187 14.16 -19.05 75.20
C THR R 187 13.03 -18.06 75.48
N ILE R 188 11.78 -18.53 75.43
CA ILE R 188 10.64 -17.66 75.71
C ILE R 188 10.71 -17.15 77.13
N LYS R 189 11.06 -18.01 78.09
CA LYS R 189 11.20 -17.59 79.47
C LYS R 189 12.30 -16.55 79.62
N LEU R 190 13.38 -16.69 78.86
CA LEU R 190 14.44 -15.68 78.88
C LEU R 190 13.92 -14.33 78.42
N VAL R 191 13.15 -14.33 77.33
CA VAL R 191 12.59 -13.06 76.85
C VAL R 191 11.67 -12.44 77.88
N ILE R 192 10.81 -13.25 78.49
CA ILE R 192 9.87 -12.73 79.47
C ILE R 192 10.59 -12.23 80.72
N LYS R 193 11.64 -12.94 81.15
CA LYS R 193 12.43 -12.48 82.28
C LYS R 193 13.12 -11.15 81.98
N ALA R 194 13.68 -11.02 80.78
CA ALA R 194 14.31 -9.76 80.40
C ALA R 194 13.31 -8.61 80.41
N LEU R 195 12.11 -8.86 79.88
CA LEU R 195 11.07 -7.83 79.90
C LEU R 195 10.63 -7.51 81.33
N LEU R 196 10.58 -8.51 82.20
CA LEU R 196 10.15 -8.29 83.58
C LEU R 196 11.12 -7.42 84.36
N GLU R 197 12.33 -7.22 83.85
CA GLU R 197 13.28 -6.33 84.51
C GLU R 197 12.89 -4.87 84.41
N VAL R 198 11.99 -4.52 83.50
CA VAL R 198 11.61 -3.11 83.31
C VAL R 198 10.11 -2.88 83.34
N VAL R 199 9.28 -3.86 83.08
CA VAL R 199 7.84 -3.64 82.99
C VAL R 199 7.22 -3.74 84.37
N GLN R 200 6.12 -3.01 84.56
CA GLN R 200 5.32 -3.07 85.76
C GLN R 200 4.10 -3.97 85.54
N SER R 201 3.46 -4.34 86.65
CA SER R 201 2.30 -5.23 86.71
C SER R 201 2.61 -6.66 86.33
N GLY R 202 3.88 -7.01 86.15
CA GLY R 202 4.30 -8.39 86.09
C GLY R 202 3.71 -9.26 84.99
N GLY R 203 3.74 -8.79 83.75
CA GLY R 203 3.41 -9.63 82.62
C GLY R 203 2.06 -9.40 81.97
N LYS R 204 1.31 -8.39 82.41
CA LYS R 204 0.10 -8.01 81.67
C LYS R 204 0.42 -7.01 80.58
N ASN R 205 1.58 -6.34 80.65
CA ASN R 205 1.99 -5.34 79.67
C ASN R 205 2.99 -5.90 78.67
N ILE R 206 2.94 -7.20 78.40
CA ILE R 206 3.90 -7.87 77.53
C ILE R 206 3.16 -8.44 76.33
N GLU R 207 3.61 -8.06 75.14
CA GLU R 207 3.18 -8.73 73.91
C GLU R 207 4.34 -9.57 73.43
N LEU R 208 4.08 -10.83 73.14
CA LEU R 208 5.14 -11.76 72.79
C LEU R 208 4.81 -12.45 71.48
N ALA R 209 5.81 -12.58 70.62
CA ALA R 209 5.67 -13.27 69.35
C ALA R 209 6.83 -14.23 69.18
N VAL R 210 6.55 -15.32 68.47
CA VAL R 210 7.47 -16.42 68.32
C VAL R 210 7.50 -16.82 66.85
N MET R 211 8.71 -16.97 66.31
CA MET R 211 8.87 -17.50 64.96
C MET R 211 9.72 -18.75 65.04
N ARG R 212 9.18 -19.86 64.54
CA ARG R 212 9.87 -21.13 64.46
C ARG R 212 10.23 -21.41 63.00
N ARG R 213 11.19 -22.31 62.82
CA ARG R 213 11.64 -22.64 61.48
C ARG R 213 10.49 -23.21 60.65
N ASP R 214 10.35 -22.68 59.42
CA ASP R 214 9.36 -23.14 58.45
C ASP R 214 7.93 -22.82 58.86
N GLN R 215 7.74 -22.16 60.00
CA GLN R 215 6.41 -21.87 60.50
C GLN R 215 6.16 -20.37 60.45
N PRO R 216 4.91 -19.96 60.26
CA PRO R 216 4.59 -18.53 60.25
C PRO R 216 4.73 -17.94 61.63
N LEU R 217 4.75 -16.60 61.67
CA LEU R 217 4.80 -15.89 62.93
C LEU R 217 3.64 -16.30 63.83
N LYS R 218 3.93 -16.52 65.10
CA LYS R 218 2.92 -16.89 66.09
C LYS R 218 2.92 -15.87 67.22
N ILE R 219 1.73 -15.42 67.60
CA ILE R 219 1.56 -14.46 68.68
C ILE R 219 1.00 -15.20 69.88
N LEU R 220 1.66 -15.07 71.02
CA LEU R 220 1.15 -15.70 72.24
C LEU R 220 -0.06 -14.93 72.74
N ASN R 221 -1.15 -15.65 73.00
CA ASN R 221 -2.30 -15.06 73.65
C ASN R 221 -1.99 -14.87 75.13
N PRO R 222 -2.77 -14.03 75.82
CA PRO R 222 -2.46 -13.75 77.23
C PRO R 222 -2.41 -14.98 78.13
N GLU R 223 -3.15 -16.04 77.79
CA GLU R 223 -3.11 -17.25 78.60
C GLU R 223 -1.74 -17.88 78.60
N GLU R 224 -1.11 -17.99 77.43
CA GLU R 224 0.23 -18.58 77.35
C GLU R 224 1.25 -17.71 78.08
N ILE R 225 1.16 -16.39 77.91
CA ILE R 225 2.07 -15.49 78.60
C ILE R 225 1.93 -15.63 80.10
N GLU R 226 0.69 -15.71 80.59
CA GLU R 226 0.46 -15.86 82.02
C GLU R 226 0.99 -17.21 82.52
N LYS R 227 0.81 -18.27 81.74
CA LYS R 227 1.34 -19.56 82.13
C LYS R 227 2.86 -19.54 82.21
N TYR R 228 3.51 -18.89 81.25
CA TYR R 228 4.97 -18.77 81.29
C TYR R 228 5.42 -17.92 82.47
N VAL R 229 4.69 -16.84 82.77
CA VAL R 229 5.04 -16.00 83.91
C VAL R 229 4.91 -16.78 85.22
N ALA R 230 3.85 -17.58 85.33
CA ALA R 230 3.68 -18.41 86.52
C ALA R 230 4.80 -19.44 86.62
N GLU R 231 5.22 -20.00 85.49
CA GLU R 231 6.38 -20.90 85.50
C GLU R 231 7.63 -20.19 85.97
N ILE R 232 7.86 -18.96 85.50
CA ILE R 232 9.05 -18.21 85.87
C ILE R 232 9.03 -17.90 87.37
N GLU R 233 7.88 -17.49 87.90
CA GLU R 233 7.79 -17.19 89.32
C GLU R 233 7.95 -18.47 90.15
N LYS R 234 7.41 -19.58 89.68
CA LYS R 234 7.62 -20.85 90.35
C LYS R 234 9.10 -21.22 90.39
N GLU R 235 9.82 -21.01 89.28
CA GLU R 235 11.25 -21.29 89.26
C GLU R 235 12.00 -20.36 90.20
N LYS R 236 11.59 -19.10 90.27
CA LYS R 236 12.19 -18.18 91.22
C LYS R 236 12.02 -18.68 92.65
N GLU R 237 10.80 -19.09 93.00
CA GLU R 237 10.54 -19.59 94.35
C GLU R 237 11.34 -20.85 94.63
N GLU R 238 11.42 -21.77 93.66
CA GLU R 238 12.17 -22.99 93.84
C GLU R 238 13.64 -22.70 94.09
N ASN R 239 14.24 -21.83 93.27
CA ASN R 239 15.64 -21.50 93.45
C ASN R 239 15.88 -20.84 94.80
N GLU R 240 15.04 -19.88 95.17
CA GLU R 240 15.20 -19.20 96.45
C GLU R 240 15.13 -20.17 97.61
N LYS R 241 14.11 -21.03 97.63
CA LYS R 241 13.93 -21.90 98.79
C LYS R 241 14.98 -23.00 98.85
N LYS R 242 15.25 -23.67 97.72
CA LYS R 242 16.21 -24.77 97.73
C LYS R 242 17.62 -24.29 98.00
N LYS R 243 18.03 -23.19 97.36
CA LYS R 243 19.37 -22.67 97.62
C LYS R 243 19.45 -21.92 98.94
N GLN R 244 18.34 -21.35 99.40
CA GLN R 244 18.31 -20.67 100.68
C GLN R 244 17.09 -21.10 101.50
N SER S 6 21.28 27.91 65.71
CA SER S 6 22.59 27.47 66.16
C SER S 6 23.34 26.73 65.06
N GLU S 7 22.67 25.74 64.46
CA GLU S 7 23.25 24.98 63.36
C GLU S 7 22.63 25.31 62.01
N TYR S 8 21.53 26.05 61.98
CA TYR S 8 20.90 26.46 60.74
C TYR S 8 21.20 27.91 60.39
N ASP S 9 22.08 28.57 61.13
CA ASP S 9 22.45 29.94 60.80
C ASP S 9 23.15 30.02 59.45
N ARG S 10 24.07 29.09 59.19
CA ARG S 10 24.85 29.10 57.97
C ARG S 10 24.37 27.98 57.06
N GLY S 11 24.45 28.22 55.75
CA GLY S 11 24.20 27.16 54.79
C GLY S 11 25.32 26.15 54.77
N VAL S 12 25.03 25.00 54.17
CA VAL S 12 25.99 23.91 54.13
C VAL S 12 27.19 24.23 53.25
N ASN S 13 27.09 25.25 52.41
CA ASN S 13 28.16 25.62 51.49
C ASN S 13 28.70 27.01 51.82
N THR S 14 28.91 27.29 53.10
CA THR S 14 29.48 28.56 53.53
C THR S 14 30.96 28.39 53.86
N PHE S 15 31.78 29.28 53.35
CA PHE S 15 33.19 29.31 53.70
C PHE S 15 33.39 30.00 55.03
N SER S 16 34.34 29.49 55.80
CA SER S 16 34.83 30.20 56.97
C SER S 16 35.76 31.32 56.54
N PRO S 17 36.05 32.28 57.43
CA PRO S 17 37.03 33.31 57.09
C PRO S 17 38.42 32.79 56.80
N GLU S 18 38.73 31.55 57.16
CA GLU S 18 40.00 30.94 56.83
C GLU S 18 39.99 30.18 55.53
N GLY S 19 38.89 30.24 54.77
CA GLY S 19 38.82 29.58 53.49
C GLY S 19 38.48 28.12 53.53
N ARG S 20 37.85 27.64 54.61
CA ARG S 20 37.42 26.27 54.73
C ARG S 20 35.91 26.20 54.74
N LEU S 21 35.36 25.15 54.13
CA LEU S 21 33.94 24.89 54.26
C LEU S 21 33.66 24.32 55.65
N PHE S 22 32.73 24.96 56.36
CA PHE S 22 32.45 24.56 57.74
C PHE S 22 32.04 23.09 57.82
N GLN S 23 31.15 22.67 56.93
CA GLN S 23 30.62 21.30 56.98
C GLN S 23 31.71 20.27 56.72
N VAL S 24 32.64 20.57 55.80
CA VAL S 24 33.74 19.66 55.53
C VAL S 24 34.63 19.52 56.76
N GLU S 25 34.93 20.65 57.42
CA GLU S 25 35.72 20.60 58.64
C GLU S 25 35.03 19.78 59.72
N TYR S 26 33.71 19.95 59.86
CA TYR S 26 32.98 19.20 60.87
C TYR S 26 32.96 17.71 60.56
N ALA S 27 32.85 17.34 59.28
CA ALA S 27 32.96 15.93 58.90
C ALA S 27 34.34 15.38 59.19
N ILE S 28 35.38 16.16 58.93
CA ILE S 28 36.73 15.76 59.28
C ILE S 28 36.82 15.48 60.77
N GLU S 29 36.21 16.35 61.59
CA GLU S 29 36.16 16.12 63.02
C GLU S 29 35.40 14.85 63.37
N ALA S 30 34.32 14.57 62.63
CA ALA S 30 33.54 13.37 62.86
C ALA S 30 34.36 12.11 62.65
N ILE S 31 35.30 12.15 61.70
CA ILE S 31 36.14 10.98 61.45
C ILE S 31 37.05 10.64 62.61
N LYS S 32 37.43 11.62 63.43
CA LYS S 32 38.26 11.32 64.60
C LYS S 32 37.54 10.45 65.63
N LEU S 33 36.23 10.27 65.51
CA LEU S 33 35.48 9.38 66.38
C LEU S 33 35.37 7.97 65.84
N GLY S 34 35.93 7.70 64.67
CA GLY S 34 35.86 6.36 64.11
C GLY S 34 36.96 5.45 64.64
N SER S 35 36.76 4.16 64.41
CA SER S 35 37.77 3.18 64.79
C SER S 35 38.99 3.29 63.86
N THR S 36 40.12 2.82 64.37
CA THR S 36 41.38 2.97 63.67
C THR S 36 41.54 1.93 62.58
N ALA S 37 41.93 2.37 61.39
CA ALA S 37 42.27 1.52 60.27
C ALA S 37 43.68 1.86 59.81
N ILE S 38 44.42 0.86 59.37
CA ILE S 38 45.81 1.00 58.94
C ILE S 38 45.97 0.32 57.59
N GLY S 39 46.51 1.05 56.64
CA GLY S 39 46.92 0.46 55.37
C GLY S 39 48.43 0.58 55.22
N ILE S 40 49.05 -0.48 54.71
CA ILE S 40 50.47 -0.48 54.40
C ILE S 40 50.66 -1.02 52.99
N GLN S 41 51.38 -0.26 52.17
CA GLN S 41 51.71 -0.66 50.80
C GLN S 41 53.16 -1.12 50.75
N THR S 42 53.36 -2.36 50.34
CA THR S 42 54.68 -2.92 50.07
C THR S 42 54.80 -3.24 48.59
N SER S 43 55.95 -3.78 48.20
CA SER S 43 56.13 -4.23 46.82
C SER S 43 55.41 -5.54 46.53
N GLU S 44 55.11 -6.34 47.57
CA GLU S 44 54.43 -7.60 47.38
C GLU S 44 52.92 -7.50 47.55
N GLY S 45 52.40 -6.36 47.97
CA GLY S 45 50.97 -6.21 48.11
C GLY S 45 50.63 -5.13 49.12
N VAL S 46 49.33 -4.96 49.30
CA VAL S 46 48.77 -3.99 50.23
C VAL S 46 48.06 -4.75 51.33
N CYS S 47 48.29 -4.34 52.58
CA CYS S 47 47.58 -4.91 53.72
C CYS S 47 46.75 -3.83 54.39
N LEU S 48 45.53 -4.21 54.80
CA LEU S 48 44.60 -3.34 55.51
C LEU S 48 44.16 -4.03 56.78
N ALA S 49 44.09 -3.29 57.87
CA ALA S 49 43.69 -3.83 59.16
C ALA S 49 42.83 -2.81 59.90
N VAL S 50 41.71 -3.25 60.44
CA VAL S 50 40.77 -2.35 61.11
C VAL S 50 40.39 -2.93 62.46
N GLU S 51 40.28 -2.05 63.45
CA GLU S 51 39.62 -2.36 64.71
C GLU S 51 38.12 -2.49 64.50
N LYS S 52 37.54 -3.61 64.96
CA LYS S 52 36.10 -3.77 64.86
C LYS S 52 35.37 -2.95 65.92
N ARG S 53 35.94 -2.84 67.12
CA ARG S 53 35.38 -2.05 68.22
C ARG S 53 33.99 -2.54 68.59
N ILE S 54 33.93 -3.78 69.09
CA ILE S 54 32.68 -4.39 69.52
C ILE S 54 32.27 -3.82 70.87
N THR S 55 31.00 -3.46 71.00
CA THR S 55 30.52 -2.82 72.23
C THR S 55 29.90 -3.80 73.22
N SER S 56 29.32 -4.90 72.76
CA SER S 56 28.63 -5.82 73.65
C SER S 56 29.01 -7.25 73.31
N PRO S 57 29.07 -8.13 74.31
CA PRO S 57 29.33 -9.55 74.03
C PRO S 57 28.25 -10.20 73.18
N LEU S 58 27.01 -9.68 73.24
CA LEU S 58 25.93 -10.28 72.46
C LEU S 58 26.01 -9.92 70.99
N MET S 59 26.74 -8.88 70.62
CA MET S 59 26.87 -8.54 69.22
C MET S 59 27.76 -9.55 68.50
N GLU S 60 27.39 -9.88 67.27
CA GLU S 60 28.17 -10.80 66.47
C GLU S 60 29.26 -10.03 65.73
N PRO S 61 30.53 -10.23 66.04
CA PRO S 61 31.58 -9.45 65.36
C PRO S 61 31.65 -9.68 63.87
N SER S 62 31.20 -10.84 63.38
CA SER S 62 31.21 -11.10 61.95
C SER S 62 30.27 -10.19 61.17
N SER S 63 29.32 -9.55 61.85
CA SER S 63 28.41 -8.62 61.18
C SER S 63 29.02 -7.24 61.00
N ILE S 64 30.15 -6.95 61.63
CA ILE S 64 30.86 -5.71 61.38
C ILE S 64 31.74 -5.89 60.14
N GLU S 65 31.51 -5.07 59.13
CA GLU S 65 32.28 -5.13 57.88
C GLU S 65 32.89 -3.74 57.65
N LYS S 66 34.05 -3.52 58.25
CA LYS S 66 34.80 -2.28 58.03
C LYS S 66 35.83 -2.43 56.92
N ILE S 67 36.02 -3.63 56.40
CA ILE S 67 36.83 -3.88 55.21
C ILE S 67 35.92 -4.58 54.21
N VAL S 68 35.85 -4.04 52.99
CA VAL S 68 34.99 -4.60 51.95
C VAL S 68 35.81 -4.75 50.68
N GLU S 69 35.36 -5.67 49.84
CA GLU S 69 35.95 -5.88 48.52
C GLU S 69 35.24 -4.96 47.54
N ILE S 70 36.01 -4.09 46.89
CA ILE S 70 35.44 -3.26 45.83
C ILE S 70 35.45 -4.05 44.52
N ASP S 71 36.57 -4.68 44.23
CA ASP S 71 36.71 -5.56 43.08
C ASP S 71 37.70 -6.64 43.47
N ALA S 72 37.84 -7.64 42.60
CA ALA S 72 38.73 -8.76 42.91
C ALA S 72 40.15 -8.27 43.21
N HIS S 73 40.54 -7.12 42.66
CA HIS S 73 41.86 -6.57 42.89
C HIS S 73 41.86 -5.33 43.77
N ILE S 74 40.71 -4.88 44.28
CA ILE S 74 40.66 -3.66 45.08
C ILE S 74 39.83 -3.91 46.33
N GLY S 75 40.39 -3.57 47.50
CA GLY S 75 39.66 -3.57 48.75
C GLY S 75 39.62 -2.19 49.38
N CYS S 76 38.73 -2.00 50.36
CA CYS S 76 38.53 -0.69 50.97
C CYS S 76 38.31 -0.85 52.47
N ALA S 77 39.08 -0.11 53.25
CA ALA S 77 38.86 0.03 54.68
C ALA S 77 38.24 1.39 54.95
N MET S 78 37.30 1.45 55.89
CA MET S 78 36.58 2.68 56.15
C MET S 78 36.68 3.05 57.62
N SER S 79 36.60 4.35 57.89
CA SER S 79 36.56 4.85 59.25
C SER S 79 35.59 6.03 59.30
N GLY S 80 35.00 6.24 60.48
CA GLY S 80 34.02 7.30 60.66
C GLY S 80 32.61 6.78 60.82
N LEU S 81 31.72 7.20 59.94
CA LEU S 81 30.32 6.77 59.95
C LEU S 81 30.11 5.78 58.82
N ILE S 82 30.01 4.49 59.17
CA ILE S 82 30.03 3.42 58.17
C ILE S 82 28.80 3.47 57.27
N ALA S 83 27.65 3.84 57.83
CA ALA S 83 26.43 3.95 57.04
C ALA S 83 26.62 4.93 55.88
N ASP S 84 27.38 6.00 56.10
CA ASP S 84 27.72 6.90 55.01
C ASP S 84 28.62 6.21 53.99
N ALA S 85 29.53 5.36 54.45
CA ALA S 85 30.45 4.69 53.55
C ALA S 85 29.75 3.69 52.64
N LYS S 86 28.56 3.23 53.01
CA LYS S 86 27.86 2.24 52.20
C LYS S 86 27.61 2.75 50.77
N THR S 87 27.11 3.98 50.64
CA THR S 87 26.80 4.50 49.31
C THR S 87 28.05 4.77 48.49
N LEU S 88 29.13 5.25 49.13
CA LEU S 88 30.39 5.44 48.43
C LEU S 88 30.95 4.13 47.92
N ILE S 89 30.86 3.07 48.74
CA ILE S 89 31.37 1.77 48.32
C ILE S 89 30.53 1.20 47.19
N ASP S 90 29.21 1.37 47.27
CA ASP S 90 28.36 0.91 46.18
C ASP S 90 28.71 1.63 44.87
N LYS S 91 28.98 2.94 44.97
CA LYS S 91 29.41 3.68 43.79
C LYS S 91 30.73 3.16 43.24
N ALA S 92 31.69 2.85 44.13
CA ALA S 92 32.97 2.32 43.69
C ALA S 92 32.80 0.99 42.95
N ARG S 93 31.97 0.11 43.50
CA ARG S 93 31.72 -1.17 42.84
C ARG S 93 31.08 -0.96 41.47
N VAL S 94 30.09 -0.07 41.39
CA VAL S 94 29.43 0.19 40.12
C VAL S 94 30.43 0.75 39.12
N GLU S 95 31.30 1.67 39.54
CA GLU S 95 32.27 2.25 38.61
C GLU S 95 33.25 1.21 38.10
N THR S 96 33.75 0.33 38.97
CA THR S 96 34.65 -0.72 38.49
C THR S 96 33.96 -1.63 37.49
N GLN S 97 32.71 -2.01 37.76
CA GLN S 97 32.02 -2.87 36.82
C GLN S 97 31.69 -2.15 35.52
N ASN S 98 31.40 -0.85 35.59
CA ASN S 98 31.17 -0.06 34.39
C ASN S 98 32.42 0.00 33.54
N HIS S 99 33.58 0.22 34.17
CA HIS S 99 34.83 0.25 33.44
C HIS S 99 35.12 -1.10 32.80
N TRP S 100 34.86 -2.19 33.52
CA TRP S 100 35.04 -3.50 32.90
C TRP S 100 34.10 -3.68 31.72
N PHE S 101 32.85 -3.25 31.86
CA PHE S 101 31.88 -3.42 30.79
C PHE S 101 32.30 -2.67 29.54
N THR S 102 32.80 -1.45 29.72
CA THR S 102 33.11 -0.61 28.57
C THR S 102 34.45 -0.96 27.94
N TYR S 103 35.48 -1.21 28.73
CA TYR S 103 36.83 -1.33 28.20
C TYR S 103 37.42 -2.73 28.33
N ASN S 104 36.70 -3.67 28.94
CA ASN S 104 37.15 -5.05 29.07
C ASN S 104 38.49 -5.15 29.80
N GLU S 105 38.62 -4.39 30.89
CA GLU S 105 39.85 -4.38 31.66
C GLU S 105 39.52 -3.96 33.09
N THR S 106 40.48 -4.13 33.99
CA THR S 106 40.31 -3.72 35.37
C THR S 106 40.65 -2.24 35.51
N MET S 107 39.80 -1.52 36.22
CA MET S 107 40.08 -0.14 36.58
C MET S 107 41.27 -0.06 37.52
N THR S 108 42.09 0.97 37.35
CA THR S 108 43.18 1.17 38.30
C THR S 108 42.64 1.68 39.63
N VAL S 109 43.44 1.46 40.69
CA VAL S 109 43.06 1.90 42.03
C VAL S 109 42.88 3.42 42.05
N GLU S 110 43.79 4.14 41.38
CA GLU S 110 43.73 5.59 41.40
C GLU S 110 42.47 6.12 40.74
N SER S 111 42.05 5.51 39.63
CA SER S 111 40.86 6.02 38.94
C SER S 111 39.59 5.71 39.73
N VAL S 112 39.55 4.56 40.39
CA VAL S 112 38.43 4.26 41.29
C VAL S 112 38.37 5.25 42.43
N THR S 113 39.53 5.54 43.05
CA THR S 113 39.57 6.51 44.13
C THR S 113 39.14 7.90 43.64
N GLN S 114 39.58 8.27 42.44
CA GLN S 114 39.18 9.55 41.86
C GLN S 114 37.67 9.61 41.64
N ALA S 115 37.09 8.53 41.14
CA ALA S 115 35.64 8.50 40.92
C ALA S 115 34.88 8.63 42.23
N VAL S 116 35.36 7.97 43.29
CA VAL S 116 34.69 8.08 44.57
C VAL S 116 34.87 9.48 45.17
N SER S 117 36.05 10.06 45.01
CA SER S 117 36.30 11.40 45.53
C SER S 117 35.50 12.47 44.82
N ASN S 118 35.09 12.23 43.58
CA ASN S 118 34.27 13.20 42.89
C ASN S 118 32.91 13.40 43.54
N LEU S 119 32.47 12.48 44.40
CA LEU S 119 31.19 12.59 45.08
C LEU S 119 31.25 13.37 46.38
N ALA S 120 32.45 13.66 46.90
CA ALA S 120 32.55 14.18 48.26
C ALA S 120 31.87 15.53 48.42
N LEU S 121 32.04 16.42 47.45
CA LEU S 121 31.52 17.77 47.57
C LEU S 121 30.23 18.00 46.79
N GLN S 122 29.56 16.94 46.36
CA GLN S 122 28.30 17.08 45.64
C GLN S 122 27.12 17.11 46.61
N PHE S 123 27.14 18.12 47.48
CA PHE S 123 26.08 18.36 48.43
C PHE S 123 25.69 19.83 48.38
N GLY S 124 24.43 20.10 48.72
CA GLY S 124 23.93 21.45 48.70
C GLY S 124 22.46 21.45 48.99
N GLU S 125 21.93 22.65 49.22
CA GLU S 125 20.51 22.85 49.48
C GLU S 125 19.79 23.42 48.27
N GLU S 126 20.31 24.49 47.69
CA GLU S 126 19.75 25.09 46.49
C GLU S 126 20.48 24.59 45.25
N ASP S 127 19.81 24.73 44.10
CA ASP S 127 20.32 24.26 42.81
C ASP S 127 20.64 22.77 42.87
N ALA S 128 19.74 21.99 43.45
CA ALA S 128 19.95 20.57 43.60
C ALA S 128 18.70 19.81 43.18
N ASP S 129 18.91 18.60 42.68
CA ASP S 129 17.80 17.70 42.39
C ASP S 129 17.19 17.22 43.70
N PRO S 130 15.91 16.83 43.68
CA PRO S 130 15.26 16.36 44.92
C PRO S 130 15.96 15.14 45.48
N GLY S 131 16.21 15.16 46.79
CA GLY S 131 16.87 14.06 47.45
C GLY S 131 18.37 14.01 47.28
N ALA S 132 18.97 14.98 46.60
CA ALA S 132 20.42 15.05 46.48
C ALA S 132 21.05 15.21 47.86
N MET S 133 22.34 14.91 47.93
CA MET S 133 23.03 14.90 49.22
C MET S 133 22.91 16.25 49.91
N SER S 134 22.55 16.22 51.18
CA SER S 134 22.35 17.43 51.96
C SER S 134 23.57 17.83 52.77
N ARG S 135 24.57 16.96 52.86
CA ARG S 135 25.74 17.20 53.70
C ARG S 135 26.89 16.36 53.16
N PRO S 136 28.12 16.66 53.56
CA PRO S 136 29.23 15.78 53.18
C PRO S 136 29.16 14.43 53.88
N PHE S 137 29.87 13.47 53.31
CA PHE S 137 30.02 12.16 53.93
C PHE S 137 30.96 12.24 55.14
N GLY S 138 30.67 11.45 56.16
CA GLY S 138 31.50 11.44 57.34
C GLY S 138 32.46 10.27 57.39
N VAL S 139 33.09 9.92 56.27
CA VAL S 139 33.94 8.75 56.19
C VAL S 139 35.31 9.13 55.67
N ALA S 140 36.29 8.34 56.07
CA ALA S 140 37.62 8.33 55.47
C ALA S 140 37.87 6.93 54.94
N LEU S 141 38.40 6.83 53.73
CA LEU S 141 38.57 5.56 53.05
C LEU S 141 40.04 5.30 52.74
N LEU S 142 40.43 4.04 52.87
CA LEU S 142 41.73 3.54 52.42
C LEU S 142 41.45 2.51 51.34
N PHE S 143 41.84 2.83 50.11
CA PHE S 143 41.73 1.91 48.99
C PHE S 143 43.06 1.20 48.80
N GLY S 144 43.04 -0.12 48.85
CA GLY S 144 44.24 -0.89 48.60
C GLY S 144 44.04 -1.81 47.42
N GLY S 145 44.88 -1.69 46.40
CA GLY S 145 44.67 -2.50 45.22
C GLY S 145 45.95 -2.88 44.54
N VAL S 146 45.82 -3.75 43.54
CA VAL S 146 46.94 -4.14 42.68
C VAL S 146 46.52 -3.89 41.24
N ASP S 147 47.22 -3.00 40.56
CA ASP S 147 46.95 -2.76 39.15
C ASP S 147 48.24 -2.90 38.36
N GLU S 148 48.24 -2.45 37.09
CA GLU S 148 49.44 -2.61 36.28
C GLU S 148 50.64 -1.87 36.86
N LYS S 149 50.40 -0.81 37.64
CA LYS S 149 51.47 -0.07 38.29
C LYS S 149 51.95 -0.74 39.57
N GLY S 150 51.45 -1.92 39.89
CA GLY S 150 51.82 -2.61 41.10
C GLY S 150 50.79 -2.43 42.19
N PRO S 151 51.18 -2.68 43.43
CA PRO S 151 50.27 -2.45 44.56
C PRO S 151 50.28 -0.99 44.99
N GLN S 152 49.08 -0.45 45.21
CA GLN S 152 48.91 0.96 45.56
C GLN S 152 47.93 1.10 46.71
N LEU S 153 48.15 2.13 47.52
CA LEU S 153 47.30 2.49 48.64
C LEU S 153 46.95 3.96 48.55
N PHE S 154 45.66 4.26 48.57
CA PHE S 154 45.16 5.62 48.45
C PHE S 154 44.30 5.98 49.65
N HIS S 155 44.41 7.22 50.09
CA HIS S 155 43.59 7.75 51.17
C HIS S 155 42.63 8.79 50.60
N MET S 156 41.36 8.68 50.95
CA MET S 156 40.35 9.63 50.57
C MET S 156 39.66 10.15 51.81
N ASP S 157 39.38 11.44 51.84
CA ASP S 157 38.78 12.11 52.98
C ASP S 157 37.58 12.92 52.51
N PRO S 158 36.70 13.35 53.43
CA PRO S 158 35.44 13.98 53.01
C PRO S 158 35.61 15.28 52.24
N SER S 159 36.77 15.92 52.31
CA SER S 159 37.01 17.08 51.47
C SER S 159 37.11 16.73 50.00
N GLY S 160 37.18 15.44 49.65
CA GLY S 160 37.37 15.01 48.28
C GLY S 160 38.80 14.94 47.84
N THR S 161 39.75 15.11 48.74
CA THR S 161 41.16 14.99 48.43
C THR S 161 41.57 13.53 48.60
N PHE S 162 42.22 12.99 47.58
CA PHE S 162 42.76 11.64 47.63
C PHE S 162 44.24 11.67 47.30
N VAL S 163 45.02 10.90 48.05
CA VAL S 163 46.47 10.93 47.99
C VAL S 163 47.01 9.50 48.00
N GLN S 164 48.05 9.25 47.23
CA GLN S 164 48.77 7.99 47.32
C GLN S 164 49.60 7.97 48.60
N CYS S 165 49.61 6.82 49.28
CA CYS S 165 50.31 6.68 50.56
C CYS S 165 51.06 5.37 50.61
N ASP S 166 52.27 5.41 51.19
CA ASP S 166 52.99 4.17 51.46
C ASP S 166 52.39 3.45 52.66
N ALA S 167 52.05 4.19 53.71
CA ALA S 167 51.38 3.63 54.88
C ALA S 167 50.59 4.75 55.53
N ARG S 168 49.39 4.44 56.01
CA ARG S 168 48.56 5.47 56.62
C ARG S 168 47.61 4.86 57.64
N ALA S 169 47.32 5.64 58.67
CA ALA S 169 46.32 5.32 59.66
C ALA S 169 45.21 6.36 59.62
N ILE S 170 43.98 5.89 59.75
CA ILE S 170 42.80 6.74 59.88
C ILE S 170 42.05 6.33 61.14
N GLY S 171 41.22 7.25 61.63
CA GLY S 171 40.40 6.93 62.78
C GLY S 171 40.76 7.69 64.04
N SER S 172 40.45 7.09 65.19
CA SER S 172 40.57 7.82 66.46
C SER S 172 42.02 7.99 66.89
N ALA S 173 42.84 6.96 66.71
CA ALA S 173 44.23 7.00 67.14
C ALA S 173 45.20 7.17 65.98
N SER S 174 44.81 7.92 64.95
CA SER S 174 45.59 7.96 63.72
C SER S 174 46.90 8.71 63.89
N GLU S 175 47.02 9.55 64.93
CA GLU S 175 48.26 10.31 65.09
C GLU S 175 49.38 9.45 65.66
N GLY S 176 49.14 8.80 66.80
CA GLY S 176 50.13 7.90 67.35
C GLY S 176 50.39 6.71 66.43
N ALA S 177 49.34 6.18 65.80
CA ALA S 177 49.52 5.10 64.85
C ALA S 177 50.33 5.54 63.64
N GLN S 178 50.12 6.78 63.19
CA GLN S 178 50.89 7.29 62.07
C GLN S 178 52.36 7.47 62.45
N SER S 179 52.64 7.95 63.66
CA SER S 179 54.02 8.06 64.11
C SER S 179 54.69 6.69 64.19
N SER S 180 53.96 5.69 64.68
CA SER S 180 54.50 4.33 64.71
C SER S 180 54.75 3.81 63.30
N LEU S 181 53.82 4.13 62.41
CA LEU S 181 53.98 3.69 61.01
C LEU S 181 55.27 4.32 60.46
N GLN S 182 55.51 5.57 60.79
CA GLN S 182 56.69 6.25 60.18
C GLN S 182 57.99 5.58 60.60
N GLU S 183 58.17 5.24 61.88
CA GLU S 183 59.38 4.48 62.28
C GLU S 183 59.40 3.06 61.70
N VAL S 184 58.28 2.34 61.76
CA VAL S 184 58.24 0.91 61.30
C VAL S 184 58.44 0.77 59.79
N TYR S 185 57.88 1.67 58.98
CA TYR S 185 57.84 1.45 57.52
C TYR S 185 59.11 1.77 56.74
N HIS S 186 59.58 0.80 55.96
CA HIS S 186 60.64 1.02 54.98
C HIS S 186 60.21 0.42 53.65
N LYS S 187 60.84 0.89 52.58
CA LYS S 187 60.33 0.60 51.24
C LYS S 187 60.40 -0.88 50.91
N SER S 188 61.49 -1.55 51.29
CA SER S 188 61.68 -2.96 50.97
C SER S 188 61.02 -3.89 51.99
N MET S 189 60.08 -3.37 52.78
CA MET S 189 59.33 -4.20 53.72
C MET S 189 58.53 -5.26 52.96
N THR S 190 58.49 -6.46 53.52
CA THR S 190 57.70 -7.52 52.92
C THR S 190 56.27 -7.49 53.46
N LEU S 191 55.39 -8.26 52.81
CA LEU S 191 53.99 -8.25 53.20
C LEU S 191 53.79 -8.89 54.57
N LYS S 192 54.57 -9.92 54.89
CA LYS S 192 54.47 -10.53 56.22
C LYS S 192 54.85 -9.54 57.31
N GLU S 193 55.94 -8.81 57.13
CA GLU S 193 56.33 -7.81 58.11
C GLU S 193 55.34 -6.66 58.14
N ALA S 194 54.76 -6.31 56.98
CA ALA S 194 53.73 -5.28 56.96
C ALA S 194 52.53 -5.70 57.81
N ILE S 195 52.09 -6.95 57.66
CA ILE S 195 50.96 -7.44 58.43
C ILE S 195 51.31 -7.46 59.92
N LYS S 196 52.50 -7.93 60.26
CA LYS S 196 52.90 -7.99 61.66
C LYS S 196 52.97 -6.60 62.28
N SER S 197 53.53 -5.63 61.56
CA SER S 197 53.64 -4.27 62.10
C SER S 197 52.27 -3.62 62.22
N SER S 198 51.39 -3.87 61.25
CA SER S 198 50.01 -3.38 61.35
C SER S 198 49.35 -3.90 62.62
N LEU S 199 49.49 -5.20 62.87
CA LEU S 199 48.85 -5.78 64.06
C LEU S 199 49.50 -5.27 65.34
N ILE S 200 50.81 -5.04 65.32
CA ILE S 200 51.49 -4.51 66.50
C ILE S 200 50.96 -3.11 66.83
N ILE S 201 50.83 -2.26 65.81
CA ILE S 201 50.37 -0.90 66.06
C ILE S 201 48.92 -0.88 66.47
N LEU S 202 48.09 -1.74 65.86
CA LEU S 202 46.69 -1.84 66.27
C LEU S 202 46.59 -2.30 67.72
N LYS S 203 47.43 -3.25 68.12
CA LYS S 203 47.45 -3.69 69.51
C LYS S 203 47.86 -2.55 70.44
N GLN S 204 48.82 -1.73 69.99
CA GLN S 204 49.26 -0.61 70.81
C GLN S 204 48.15 0.42 71.01
N VAL S 205 47.39 0.73 69.95
CA VAL S 205 46.43 1.82 70.04
C VAL S 205 45.03 1.38 70.45
N MET S 206 44.68 0.11 70.29
CA MET S 206 43.36 -0.36 70.66
C MET S 206 43.20 -0.35 72.18
N GLU S 207 42.03 0.06 72.65
CA GLU S 207 41.75 0.00 74.08
C GLU S 207 41.50 -1.43 74.54
N GLU S 208 40.74 -2.19 73.76
CA GLU S 208 40.52 -3.59 74.08
C GLU S 208 41.70 -4.44 73.64
N LYS S 209 41.86 -5.59 74.28
CA LYS S 209 42.94 -6.49 73.92
C LYS S 209 42.73 -7.06 72.52
N LEU S 210 43.83 -7.31 71.83
CA LEU S 210 43.80 -7.79 70.46
C LEU S 210 43.60 -9.29 70.42
N ASN S 211 42.62 -9.75 69.64
CA ASN S 211 42.45 -11.17 69.37
C ASN S 211 41.90 -11.33 67.96
N ALA S 212 41.56 -12.56 67.59
CA ALA S 212 41.15 -12.86 66.23
C ALA S 212 39.73 -12.40 65.91
N THR S 213 38.95 -11.97 66.89
CA THR S 213 37.60 -11.47 66.64
C THR S 213 37.50 -9.96 66.76
N ASN S 214 38.51 -9.30 67.32
CA ASN S 214 38.50 -7.86 67.52
C ASN S 214 38.85 -7.08 66.26
N ILE S 215 39.42 -7.73 65.25
CA ILE S 215 40.00 -7.03 64.11
C ILE S 215 39.57 -7.67 62.81
N GLU S 216 39.68 -6.89 61.75
CA GLU S 216 39.60 -7.36 60.38
C GLU S 216 40.95 -7.13 59.72
N LEU S 217 41.42 -8.09 58.93
CA LEU S 217 42.65 -7.90 58.17
C LEU S 217 42.47 -8.50 56.79
N ALA S 218 42.88 -7.77 55.76
CA ALA S 218 42.77 -8.21 54.39
C ALA S 218 44.00 -7.79 53.62
N THR S 219 44.31 -8.55 52.56
CA THR S 219 45.45 -8.24 51.71
C THR S 219 45.04 -8.33 50.26
N VAL S 220 45.68 -7.51 49.43
CA VAL S 220 45.63 -7.64 47.98
C VAL S 220 47.06 -7.82 47.48
N GLN S 221 47.27 -8.83 46.65
CA GLN S 221 48.59 -9.17 46.14
C GLN S 221 48.54 -9.34 44.63
N PRO S 222 49.66 -9.13 43.95
CA PRO S 222 49.73 -9.43 42.51
C PRO S 222 49.55 -10.92 42.28
N GLY S 223 48.47 -11.27 41.58
CA GLY S 223 48.16 -12.64 41.27
C GLY S 223 47.16 -13.30 42.20
N GLN S 224 46.95 -12.75 43.40
CA GLN S 224 45.93 -13.23 44.33
C GLN S 224 44.87 -12.16 44.50
N ASN S 225 43.61 -12.59 44.49
CA ASN S 225 42.52 -11.63 44.63
C ASN S 225 42.51 -11.02 46.02
N PHE S 226 41.56 -10.11 46.25
CA PHE S 226 41.30 -9.60 47.58
C PHE S 226 41.01 -10.76 48.53
N HIS S 227 41.70 -10.78 49.67
CA HIS S 227 41.62 -11.91 50.58
C HIS S 227 41.45 -11.40 52.01
N MET S 228 40.29 -11.66 52.59
CA MET S 228 40.02 -11.34 53.98
C MET S 228 40.50 -12.48 54.86
N PHE S 229 41.38 -12.17 55.80
CA PHE S 229 41.98 -13.20 56.64
C PHE S 229 40.92 -13.87 57.50
N THR S 230 40.83 -15.20 57.39
CA THR S 230 39.97 -15.96 58.28
C THR S 230 40.53 -15.91 59.71
N LYS S 231 39.68 -16.25 60.68
CA LYS S 231 40.10 -16.14 62.06
C LYS S 231 41.20 -17.12 62.42
N GLU S 232 41.26 -18.27 61.73
CA GLU S 232 42.39 -19.17 61.96
C GLU S 232 43.70 -18.55 61.48
N GLU S 233 43.67 -17.90 60.31
CA GLU S 233 44.86 -17.17 59.85
C GLU S 233 45.17 -15.99 60.76
N LEU S 234 44.13 -15.32 61.26
CA LEU S 234 44.35 -14.21 62.19
C LEU S 234 45.05 -14.69 63.44
N GLU S 235 44.63 -15.84 63.99
CA GLU S 235 45.29 -16.39 65.16
C GLU S 235 46.69 -16.89 64.85
N GLU S 236 46.91 -17.39 63.63
CA GLU S 236 48.26 -17.76 63.21
C GLU S 236 49.18 -16.56 63.25
N VAL S 237 48.73 -15.41 62.77
CA VAL S 237 49.57 -14.22 62.78
C VAL S 237 49.73 -13.66 64.19
N ILE S 238 48.62 -13.57 64.94
CA ILE S 238 48.64 -12.93 66.27
C ILE S 238 49.38 -13.76 67.31
N LYS S 239 49.52 -15.07 67.10
CA LYS S 239 50.10 -15.93 68.14
C LYS S 239 51.48 -15.45 68.58
N ASP S 240 52.23 -14.81 67.69
CA ASP S 240 53.56 -14.28 68.00
C ASP S 240 53.55 -12.79 67.71
N ILE S 241 53.14 -12.01 68.72
CA ILE S 241 53.12 -10.55 68.62
C ILE S 241 53.71 -9.94 69.88
N ASN T 4 29.41 37.95 61.72
CA ASN T 4 28.46 39.04 61.52
C ASN T 4 27.36 38.63 60.54
N GLN T 5 26.44 39.55 60.26
CA GLN T 5 25.28 39.24 59.45
C GLN T 5 25.55 39.29 57.95
N TYR T 6 26.70 39.81 57.53
CA TYR T 6 27.01 39.99 56.12
C TYR T 6 27.99 38.97 55.57
N ASP T 7 28.46 38.02 56.36
CA ASP T 7 29.57 37.17 55.93
C ASP T 7 29.19 35.70 55.80
N ASN T 8 27.91 35.39 55.60
CA ASN T 8 27.50 34.00 55.47
C ASN T 8 26.99 33.64 54.08
N ASP T 9 26.38 34.57 53.37
CA ASP T 9 25.75 34.29 52.09
C ASP T 9 26.47 35.05 50.98
N VAL T 10 26.62 34.38 49.84
CA VAL T 10 27.24 35.01 48.67
C VAL T 10 26.33 36.03 48.01
N THR T 11 25.04 36.05 48.36
CA THR T 11 24.09 36.99 47.81
C THR T 11 23.91 38.24 48.65
N VAL T 12 24.65 38.40 49.74
CA VAL T 12 24.48 39.53 50.64
C VAL T 12 25.62 40.51 50.42
N TRP T 13 25.28 41.70 49.97
CA TRP T 13 26.24 42.80 49.90
C TRP T 13 26.49 43.34 51.30
N SER T 14 27.75 43.58 51.62
CA SER T 14 28.07 44.27 52.85
C SER T 14 27.87 45.77 52.67
N PRO T 15 27.67 46.52 53.76
CA PRO T 15 27.50 47.97 53.65
C PRO T 15 28.69 48.69 53.05
N GLN T 16 29.84 48.03 52.92
CA GLN T 16 31.01 48.64 52.32
C GLN T 16 31.13 48.33 50.83
N GLY T 17 30.16 47.63 50.25
CA GLY T 17 30.23 47.26 48.86
C GLY T 17 31.08 46.03 48.58
N ARG T 18 31.20 45.13 49.54
CA ARG T 18 31.98 43.92 49.38
C ARG T 18 31.10 42.69 49.59
N ILE T 19 31.58 41.55 49.10
CA ILE T 19 30.95 40.26 49.35
C ILE T 19 31.95 39.40 50.11
N HIS T 20 31.62 39.07 51.35
CA HIS T 20 32.59 38.43 52.24
C HIS T 20 32.86 36.98 51.87
N GLN T 21 31.85 36.26 51.37
CA GLN T 21 32.05 34.86 51.02
C GLN T 21 33.06 34.72 49.88
N ILE T 22 33.06 35.67 48.94
CA ILE T 22 34.04 35.65 47.87
C ILE T 22 35.44 35.86 48.42
N GLU T 23 35.60 36.78 49.37
CA GLU T 23 36.91 36.98 49.99
C GLU T 23 37.36 35.76 50.79
N TYR T 24 36.43 35.03 51.39
CA TYR T 24 36.80 33.82 52.12
C TYR T 24 37.24 32.71 51.16
N ALA T 25 36.59 32.62 50.00
CA ALA T 25 37.09 31.72 48.97
C ALA T 25 38.47 32.12 48.47
N MET T 26 38.73 33.43 48.36
CA MET T 26 40.08 33.89 48.08
C MET T 26 41.06 33.38 49.13
N GLU T 27 40.66 33.42 50.39
CA GLU T 27 41.50 32.88 51.45
C GLU T 27 41.76 31.39 51.23
N ALA T 28 40.74 30.66 50.80
CA ALA T 28 40.92 29.25 50.45
C ALA T 28 42.03 29.06 49.44
N VAL T 29 42.06 29.92 48.42
CA VAL T 29 43.17 29.85 47.45
C VAL T 29 44.50 30.16 48.12
N LYS T 30 44.53 31.19 48.97
CA LYS T 30 45.79 31.58 49.61
C LYS T 30 46.33 30.51 50.54
N GLN T 31 45.50 29.58 51.01
CA GLN T 31 46.00 28.54 51.90
C GLN T 31 46.80 27.48 51.17
N GLY T 32 46.64 27.34 49.86
CA GLY T 32 47.29 26.27 49.12
C GLY T 32 48.78 26.49 48.93
N SER T 33 49.45 25.43 48.50
CA SER T 33 50.89 25.51 48.26
C SER T 33 51.18 26.30 46.99
N ALA T 34 52.36 26.90 46.96
CA ALA T 34 52.70 27.86 45.92
C ALA T 34 52.85 27.18 44.56
N THR T 35 52.62 27.97 43.51
CA THR T 35 52.84 27.55 42.14
C THR T 35 53.10 28.79 41.30
N VAL T 36 53.99 28.65 40.33
CA VAL T 36 54.49 29.76 39.54
C VAL T 36 54.25 29.44 38.07
N GLY T 37 53.87 30.45 37.31
CA GLY T 37 53.72 30.31 35.87
C GLY T 37 54.36 31.48 35.17
N LEU T 38 55.08 31.18 34.10
CA LEU T 38 55.77 32.22 33.36
C LEU T 38 55.88 31.80 31.90
N LYS T 39 56.20 32.77 31.05
CA LYS T 39 56.25 32.50 29.62
C LYS T 39 57.39 33.26 28.98
N SER T 40 57.97 32.63 27.97
CA SER T 40 58.92 33.25 27.07
C SER T 40 58.20 33.56 25.75
N LYS T 41 58.97 33.93 24.73
CA LYS T 41 58.37 34.14 23.41
C LYS T 41 57.75 32.87 22.86
N THR T 42 58.23 31.71 23.28
CA THR T 42 57.86 30.45 22.66
C THR T 42 57.33 29.38 23.60
N HIS T 43 57.46 29.55 24.91
CA HIS T 43 57.10 28.51 25.85
C HIS T 43 56.33 29.08 27.03
N ALA T 44 55.46 28.27 27.60
CA ALA T 44 54.78 28.57 28.85
C ALA T 44 55.07 27.45 29.83
N VAL T 45 55.49 27.83 31.04
CA VAL T 45 55.97 26.90 32.06
C VAL T 45 55.17 27.12 33.34
N LEU T 46 54.67 26.04 33.90
CA LEU T 46 54.11 25.99 35.25
C LEU T 46 55.05 25.16 36.12
N VAL T 47 55.43 25.69 37.27
CA VAL T 47 56.22 24.95 38.24
C VAL T 47 55.45 24.95 39.55
N ALA T 48 55.14 23.76 40.05
CA ALA T 48 54.31 23.59 41.22
C ALA T 48 55.10 22.93 42.34
N LEU T 49 55.09 23.58 43.51
CA LEU T 49 55.62 23.00 44.72
C LEU T 49 54.56 22.11 45.35
N LYS T 50 54.80 20.81 45.36
CA LYS T 50 53.85 19.87 45.91
C LYS T 50 54.08 19.68 47.40
N ARG T 51 52.99 19.42 48.14
CA ARG T 51 53.04 19.22 49.58
C ARG T 51 52.62 17.79 49.91
N ALA T 52 53.31 17.20 50.88
CA ALA T 52 52.99 15.86 51.36
C ALA T 52 52.27 15.99 52.70
N GLN T 53 51.11 15.34 52.81
CA GLN T 53 50.36 15.36 54.06
C GLN T 53 51.18 14.75 55.19
N SER T 54 51.80 13.60 54.93
CA SER T 54 52.65 12.92 55.89
C SER T 54 53.97 12.60 55.22
N GLU T 55 54.90 12.08 56.02
CA GLU T 55 56.18 11.65 55.47
C GLU T 55 56.03 10.44 54.55
N LEU T 56 55.00 9.62 54.79
CA LEU T 56 54.79 8.40 54.02
C LEU T 56 53.77 8.56 52.90
N ALA T 57 53.34 9.78 52.61
CA ALA T 57 52.38 10.02 51.54
C ALA T 57 53.08 10.57 50.31
N ALA T 58 52.50 10.26 49.15
CA ALA T 58 52.94 10.91 47.92
C ALA T 58 52.50 12.37 47.91
N HIS T 59 53.28 13.20 47.25
CA HIS T 59 52.94 14.61 47.16
C HIS T 59 51.75 14.80 46.22
N GLN T 60 50.82 15.65 46.65
CA GLN T 60 49.55 15.82 45.94
C GLN T 60 49.78 16.40 44.55
N LYS T 61 49.08 15.85 43.56
CA LYS T 61 49.17 16.35 42.19
C LYS T 61 48.70 17.79 42.11
N LYS T 62 49.49 18.63 41.44
CA LYS T 62 49.13 20.02 41.27
C LYS T 62 48.97 20.45 39.81
N ILE T 63 49.52 19.70 38.86
CA ILE T 63 49.48 20.07 37.45
C ILE T 63 48.63 19.06 36.71
N LEU T 64 47.64 19.54 35.97
CA LEU T 64 46.68 18.70 35.28
C LEU T 64 46.70 18.97 33.78
N HIS T 65 46.50 17.91 33.01
CA HIS T 65 46.29 18.02 31.57
C HIS T 65 44.87 18.53 31.29
N VAL T 66 44.77 19.51 30.41
CA VAL T 66 43.49 19.94 29.88
C VAL T 66 43.37 19.57 28.41
N ASP T 67 44.36 19.92 27.61
CA ASP T 67 44.40 19.56 26.21
C ASP T 67 45.85 19.60 25.75
N ASN T 68 46.08 19.17 24.51
CA ASN T 68 47.44 19.09 24.00
C ASN T 68 48.17 20.41 24.07
N HIS T 69 47.44 21.53 24.06
CA HIS T 69 48.05 22.84 24.14
C HIS T 69 47.74 23.59 25.43
N ILE T 70 47.04 22.98 26.38
CA ILE T 70 46.63 23.69 27.59
C ILE T 70 46.85 22.79 28.80
N GLY T 71 47.51 23.34 29.83
CA GLY T 71 47.58 22.69 31.12
C GLY T 71 47.36 23.70 32.23
N ILE T 72 47.11 23.18 33.43
CA ILE T 72 46.77 24.03 34.57
C ILE T 72 47.50 23.57 35.81
N SER T 73 47.70 24.50 36.73
CA SER T 73 48.14 24.22 38.09
C SER T 73 47.14 24.84 39.05
N ILE T 74 46.90 24.17 40.17
CA ILE T 74 45.76 24.48 41.02
C ILE T 74 46.24 24.89 42.41
N ALA T 75 45.46 25.76 43.04
CA ALA T 75 45.61 26.07 44.46
C ALA T 75 44.23 26.13 45.07
N GLY T 76 44.10 25.68 46.32
CA GLY T 76 42.81 25.69 46.98
C GLY T 76 42.15 24.33 47.02
N LEU T 77 40.82 24.30 47.04
CA LEU T 77 40.09 23.04 47.16
C LEU T 77 40.34 22.17 45.93
N THR T 78 40.85 20.96 46.16
CA THR T 78 41.21 20.08 45.05
C THR T 78 39.98 19.59 44.29
N ALA T 79 38.87 19.34 44.98
CA ALA T 79 37.69 18.80 44.31
C ALA T 79 37.03 19.84 43.40
N ASP T 80 37.03 21.11 43.83
CA ASP T 80 36.58 22.18 42.96
C ASP T 80 37.49 22.30 41.73
N ALA T 81 38.79 22.11 41.94
CA ALA T 81 39.73 22.14 40.83
C ALA T 81 39.45 21.01 39.85
N ARG T 82 39.07 19.84 40.36
CA ARG T 82 38.72 18.73 39.47
C ARG T 82 37.44 19.01 38.70
N LEU T 83 36.45 19.62 39.36
CA LEU T 83 35.25 20.06 38.65
C LEU T 83 35.61 21.00 37.50
N LEU T 84 36.40 22.03 37.80
CA LEU T 84 36.75 23.02 36.77
C LEU T 84 37.59 22.39 35.67
N CYS T 85 38.51 21.49 36.02
CA CYS T 85 39.33 20.83 35.02
C CYS T 85 38.49 19.97 34.09
N ASN T 86 37.51 19.25 34.64
CA ASN T 86 36.61 18.48 33.79
C ASN T 86 35.83 19.39 32.85
N PHE T 87 35.36 20.53 33.36
CA PHE T 87 34.65 21.48 32.51
C PHE T 87 35.54 21.98 31.38
N MET T 88 36.78 22.32 31.70
CA MET T 88 37.70 22.83 30.68
C MET T 88 38.01 21.77 29.63
N ARG T 89 38.22 20.53 30.08
CA ARG T 89 38.46 19.44 29.14
C ARG T 89 37.27 19.24 28.21
N GLN T 90 36.05 19.32 28.76
CA GLN T 90 34.87 19.17 27.93
C GLN T 90 34.76 20.30 26.92
N GLU T 91 35.10 21.53 27.32
CA GLU T 91 35.07 22.64 26.36
C GLU T 91 36.08 22.43 25.25
N CYS T 92 37.29 21.99 25.59
CA CYS T 92 38.32 21.74 24.58
C CYS T 92 37.89 20.64 23.61
N LEU T 93 37.28 19.58 24.14
CA LEU T 93 36.81 18.50 23.27
C LEU T 93 35.66 18.97 22.39
N ASP T 94 34.76 19.81 22.92
CA ASP T 94 33.69 20.37 22.12
C ASP T 94 34.24 21.19 20.97
N SER T 95 35.25 22.01 21.24
CA SER T 95 35.85 22.82 20.20
C SER T 95 36.49 21.94 19.12
N ARG T 96 37.23 20.91 19.54
CA ARG T 96 37.84 20.04 18.55
C ARG T 96 36.82 19.24 17.77
N PHE T 97 35.68 18.91 18.39
CA PHE T 97 34.64 18.18 17.69
C PHE T 97 33.93 19.07 16.67
N VAL T 98 33.65 20.32 17.02
CA VAL T 98 32.82 21.15 16.16
C VAL T 98 33.65 21.84 15.09
N PHE T 99 34.78 22.43 15.46
CA PHE T 99 35.56 23.25 14.55
C PHE T 99 36.85 22.58 14.08
N ASP T 100 37.18 21.41 14.61
CA ASP T 100 38.40 20.68 14.24
C ASP T 100 39.65 21.53 14.45
N ARG T 101 39.64 22.37 15.48
CA ARG T 101 40.76 23.22 15.82
C ARG T 101 40.87 23.30 17.34
N PRO T 102 42.08 23.53 17.86
CA PRO T 102 42.22 23.70 19.31
C PRO T 102 41.57 24.99 19.78
N LEU T 103 40.90 24.92 20.91
CA LEU T 103 40.22 26.08 21.45
C LEU T 103 41.24 27.13 21.89
N PRO T 104 41.11 28.37 21.42
CA PRO T 104 42.05 29.42 21.87
C PRO T 104 41.97 29.61 23.38
N VAL T 105 43.13 29.86 23.99
CA VAL T 105 43.24 29.83 25.44
C VAL T 105 42.37 30.91 26.08
N SER T 106 42.40 32.14 25.53
CA SER T 106 41.64 33.23 26.12
C SER T 106 40.14 32.98 26.06
N ARG T 107 39.67 32.29 25.02
CA ARG T 107 38.25 31.91 24.98
C ARG T 107 37.91 30.90 26.06
N LEU T 108 38.79 29.93 26.31
CA LEU T 108 38.59 29.00 27.41
C LEU T 108 38.56 29.72 28.74
N VAL T 109 39.43 30.71 28.93
CA VAL T 109 39.46 31.44 30.20
C VAL T 109 38.19 32.27 30.37
N SER T 110 37.67 32.83 29.28
CA SER T 110 36.39 33.52 29.34
C SER T 110 35.27 32.57 29.73
N LEU T 111 35.28 31.35 29.18
CA LEU T 111 34.26 30.37 29.58
C LEU T 111 34.38 30.03 31.06
N ILE T 112 35.61 29.91 31.57
CA ILE T 112 35.80 29.64 32.99
C ILE T 112 35.22 30.77 33.83
N GLY T 113 35.54 32.02 33.45
CA GLY T 113 35.03 33.15 34.19
C GLY T 113 33.51 33.20 34.21
N SER T 114 32.90 32.94 33.04
CA SER T 114 31.45 32.91 32.97
C SER T 114 30.87 31.81 33.86
N LYS T 115 31.45 30.61 33.83
CA LYS T 115 30.94 29.52 34.64
C LYS T 115 31.07 29.80 36.14
N THR T 116 32.20 30.38 36.55
CA THR T 116 32.43 30.58 37.98
C THR T 116 31.82 31.87 38.50
N GLN T 117 31.34 32.77 37.64
CA GLN T 117 30.62 33.94 38.15
C GLN T 117 29.23 33.57 38.63
N ILE T 118 28.58 32.61 37.99
CA ILE T 118 27.17 32.33 38.28
C ILE T 118 26.92 32.00 39.75
N PRO T 119 27.69 31.11 40.40
CA PRO T 119 27.40 30.80 41.80
C PRO T 119 27.69 31.95 42.77
N THR T 120 28.28 33.05 42.30
CA THR T 120 28.51 34.19 43.19
C THR T 120 27.29 35.10 43.31
N GLN T 121 26.19 34.81 42.62
CA GLN T 121 25.03 35.66 42.63
C GLN T 121 23.75 34.95 43.06
N ARG T 122 23.78 33.63 43.26
CA ARG T 122 22.58 32.85 43.52
C ARG T 122 22.58 32.32 44.94
N TYR T 123 21.43 32.45 45.60
CA TYR T 123 21.29 32.05 46.99
C TYR T 123 21.51 30.56 47.16
N GLY T 124 22.25 30.19 48.21
CA GLY T 124 22.56 28.82 48.47
C GLY T 124 23.68 28.23 47.65
N ARG T 125 24.30 29.03 46.79
CA ARG T 125 25.50 28.62 46.07
C ARG T 125 26.73 29.18 46.75
N ARG T 126 27.89 28.69 46.35
CA ARG T 126 29.15 29.19 46.88
C ARG T 126 30.12 29.39 45.73
N PRO T 127 31.10 30.27 45.91
CA PRO T 127 32.17 30.37 44.91
C PRO T 127 33.01 29.10 44.87
N TYR T 128 33.57 28.84 43.70
CA TYR T 128 34.64 27.86 43.59
C TYR T 128 35.83 28.31 44.43
N GLY T 129 36.36 27.41 45.25
CA GLY T 129 37.44 27.78 46.14
C GLY T 129 38.81 27.45 45.59
N VAL T 130 39.00 27.65 44.29
CA VAL T 130 40.22 27.24 43.61
C VAL T 130 40.73 28.38 42.75
N GLY T 131 42.04 28.59 42.79
CA GLY T 131 42.73 29.48 41.88
C GLY T 131 43.53 28.65 40.88
N LEU T 132 43.55 29.10 39.64
CA LEU T 132 44.21 28.34 38.59
C LEU T 132 45.25 29.18 37.89
N LEU T 133 46.39 28.57 37.61
CA LEU T 133 47.34 29.09 36.62
C LEU T 133 47.17 28.24 35.36
N ILE T 134 46.90 28.91 34.25
CA ILE T 134 46.61 28.26 32.98
C ILE T 134 47.75 28.57 32.03
N ALA T 135 48.47 27.55 31.59
CA ALA T 135 49.51 27.68 30.59
C ALA T 135 48.97 27.15 29.27
N GLY T 136 49.09 27.96 28.22
CA GLY T 136 48.57 27.57 26.93
C GLY T 136 49.47 28.05 25.81
N TYR T 137 49.32 27.42 24.66
CA TYR T 137 49.95 27.89 23.44
C TYR T 137 48.93 27.82 22.31
N ASP T 138 48.80 28.89 21.56
CA ASP T 138 47.91 28.91 20.40
C ASP T 138 48.51 29.85 19.35
N ASP T 139 47.68 30.28 18.41
CA ASP T 139 48.14 31.14 17.32
C ASP T 139 48.74 32.45 17.84
N MET T 140 48.29 32.91 19.00
CA MET T 140 48.83 34.12 19.58
C MET T 140 50.09 33.88 20.40
N GLY T 141 50.62 32.66 20.38
CA GLY T 141 51.82 32.33 21.11
C GLY T 141 51.52 31.69 22.45
N PRO T 142 52.44 31.86 23.40
CA PRO T 142 52.22 31.35 24.75
C PRO T 142 51.36 32.30 25.58
N HIS T 143 50.66 31.73 26.55
CA HIS T 143 49.77 32.48 27.42
C HIS T 143 49.86 31.92 28.84
N ILE T 144 49.93 32.83 29.81
CA ILE T 144 49.74 32.51 31.22
C ILE T 144 48.50 33.27 31.69
N PHE T 145 47.55 32.55 32.26
CA PHE T 145 46.33 33.15 32.79
C PHE T 145 46.19 32.76 34.25
N GLN T 146 45.57 33.64 35.03
CA GLN T 146 45.27 33.38 36.42
C GLN T 146 43.78 33.56 36.64
N THR T 147 43.12 32.53 37.16
CA THR T 147 41.70 32.59 37.50
C THR T 147 41.53 32.49 39.00
N CYS T 148 40.53 33.19 39.51
CA CYS T 148 40.28 33.39 40.93
C CYS T 148 38.87 32.98 41.32
N PRO T 149 38.63 32.73 42.61
CA PRO T 149 37.26 32.46 43.08
C PRO T 149 36.29 33.59 42.81
N SER T 150 36.76 34.83 42.69
CA SER T 150 35.88 35.94 42.40
C SER T 150 35.34 35.91 40.97
N ALA T 151 35.83 34.99 40.14
CA ALA T 151 35.55 34.82 38.72
C ALA T 151 36.27 35.85 37.86
N ASN T 152 37.12 36.69 38.45
CA ASN T 152 37.99 37.55 37.66
C ASN T 152 39.20 36.77 37.19
N TYR T 153 39.71 37.09 36.01
CA TYR T 153 40.88 36.44 35.48
C TYR T 153 41.83 37.46 34.87
N PHE T 154 43.10 37.10 34.84
CA PHE T 154 44.18 38.00 34.47
C PHE T 154 45.09 37.33 33.45
N ASP T 155 45.41 38.04 32.38
CA ASP T 155 46.46 37.65 31.46
C ASP T 155 47.79 38.17 32.01
N CYS T 156 48.77 37.29 32.16
CA CYS T 156 49.98 37.62 32.91
C CYS T 156 51.23 37.33 32.09
N ARG T 157 52.27 38.13 32.34
CA ARG T 157 53.61 37.74 31.91
C ARG T 157 54.16 36.64 32.81
N ALA T 158 53.95 36.77 34.12
CA ALA T 158 54.26 35.74 35.08
C ALA T 158 53.32 35.93 36.27
N MET T 159 53.17 34.87 37.06
CA MET T 159 52.26 34.91 38.19
C MET T 159 52.63 33.80 39.16
N SER T 160 52.30 34.01 40.43
CA SER T 160 52.43 32.97 41.44
C SER T 160 51.23 33.05 42.36
N ILE T 161 50.69 31.88 42.73
CA ILE T 161 49.59 31.83 43.68
C ILE T 161 49.86 30.74 44.69
N GLY T 162 49.21 30.84 45.83
CA GLY T 162 49.38 29.90 46.92
C GLY T 162 50.03 30.57 48.12
N ALA T 163 50.44 29.73 49.07
CA ALA T 163 51.05 30.20 50.30
C ALA T 163 52.43 30.80 50.04
N ARG T 164 52.69 31.96 50.66
CA ARG T 164 53.98 32.65 50.58
C ARG T 164 54.35 33.02 49.15
N SER T 165 53.35 33.27 48.32
CA SER T 165 53.57 33.57 46.91
C SER T 165 54.08 34.99 46.67
N GLN T 166 54.08 35.85 47.68
CA GLN T 166 54.54 37.22 47.47
C GLN T 166 56.03 37.27 47.18
N SER T 167 56.82 36.41 47.81
CA SER T 167 58.25 36.36 47.52
C SER T 167 58.51 35.93 46.08
N ALA T 168 57.77 34.92 45.62
CA ALA T 168 57.88 34.50 44.22
C ALA T 168 57.49 35.65 43.30
N ARG T 169 56.43 36.38 43.65
CA ARG T 169 56.00 37.50 42.81
C ARG T 169 57.06 38.60 42.77
N THR T 170 57.76 38.81 43.88
CA THR T 170 58.86 39.77 43.88
C THR T 170 59.99 39.33 42.97
N TYR T 171 60.36 38.06 43.02
CA TYR T 171 61.41 37.55 42.13
C TYR T 171 61.00 37.70 40.66
N LEU T 172 59.75 37.35 40.35
CA LEU T 172 59.26 37.48 38.99
C LEU T 172 59.24 38.94 38.56
N GLU T 173 58.87 39.84 39.46
CA GLU T 173 58.98 41.27 39.19
C GLU T 173 60.40 41.63 38.80
N ARG T 174 61.38 41.06 39.51
CA ARG T 174 62.78 41.39 39.23
C ARG T 174 63.22 40.90 37.85
N HIS T 175 62.76 39.72 37.43
CA HIS T 175 63.32 39.08 36.24
C HIS T 175 62.35 39.00 35.04
N MET T 176 61.24 39.73 35.11
CA MET T 176 60.32 39.83 33.97
C MET T 176 61.05 40.16 32.68
N SER T 177 61.90 41.18 32.71
CA SER T 177 62.58 41.62 31.50
C SER T 177 63.46 40.52 30.91
N GLU T 178 63.99 39.63 31.77
CA GLU T 178 64.81 38.53 31.28
C GLU T 178 63.98 37.42 30.68
N PHE T 179 62.73 37.26 31.15
CA PHE T 179 61.97 36.05 30.81
C PHE T 179 61.77 35.86 29.29
N MET T 180 61.50 36.93 28.56
CA MET T 180 61.01 36.77 27.20
C MET T 180 62.05 36.17 26.26
N GLU T 181 63.33 36.50 26.44
CA GLU T 181 64.37 35.99 25.56
C GLU T 181 65.04 34.73 26.11
N CYS T 182 64.53 34.16 27.19
CA CYS T 182 65.11 32.96 27.76
C CYS T 182 64.82 31.75 26.89
N ASN T 183 65.76 30.80 26.87
CA ASN T 183 65.49 29.49 26.30
C ASN T 183 64.76 28.63 27.32
N LEU T 184 64.35 27.44 26.91
CA LEU T 184 63.44 26.64 27.74
C LEU T 184 64.06 26.32 29.10
N ASN T 185 65.32 25.89 29.11
CA ASN T 185 65.97 25.53 30.36
C ASN T 185 66.10 26.75 31.28
N GLU T 186 66.49 27.89 30.72
CA GLU T 186 66.63 29.11 31.52
C GLU T 186 65.28 29.57 32.05
N LEU T 187 64.22 29.47 31.24
CA LEU T 187 62.89 29.85 31.71
C LEU T 187 62.44 28.95 32.86
N VAL T 188 62.64 27.64 32.71
CA VAL T 188 62.26 26.71 33.78
C VAL T 188 63.06 27.01 35.04
N LYS T 189 64.34 27.37 34.89
CA LYS T 189 65.15 27.68 36.06
C LYS T 189 64.69 28.96 36.75
N HIS T 190 64.26 29.95 35.97
CA HIS T 190 63.66 31.15 36.56
C HIS T 190 62.42 30.80 37.35
N GLY T 191 61.55 29.97 36.78
CA GLY T 191 60.38 29.53 37.51
C GLY T 191 60.72 28.77 38.77
N LEU T 192 61.74 27.92 38.70
CA LEU T 192 62.17 27.15 39.87
C LEU T 192 62.72 28.06 40.97
N ARG T 193 63.49 29.08 40.60
CA ARG T 193 63.98 30.02 41.60
C ARG T 193 62.84 30.78 42.25
N ALA T 194 61.86 31.21 41.44
CA ALA T 194 60.71 31.90 42.01
C ALA T 194 59.96 30.99 42.98
N LEU T 195 59.76 29.72 42.60
CA LEU T 195 59.10 28.77 43.49
C LEU T 195 59.91 28.53 44.76
N ARG T 196 61.23 28.46 44.63
CA ARG T 196 62.09 28.26 45.80
C ARG T 196 62.03 29.44 46.76
N GLU T 197 61.79 30.64 46.24
CA GLU T 197 61.67 31.79 47.14
C GLU T 197 60.51 31.65 48.12
N THR T 198 59.55 30.79 47.86
CA THR T 198 58.42 30.58 48.75
C THR T 198 58.67 29.48 49.78
N LEU T 199 59.85 28.89 49.80
CA LEU T 199 60.11 27.75 50.66
C LEU T 199 60.58 28.19 52.04
N PRO T 200 60.34 27.37 53.06
CA PRO T 200 60.99 27.60 54.35
C PRO T 200 62.50 27.45 54.24
N ALA T 201 63.20 27.97 55.24
CA ALA T 201 64.66 27.98 55.21
C ALA T 201 65.22 26.57 55.14
N GLU T 202 64.69 25.65 55.95
CA GLU T 202 65.18 24.28 55.95
C GLU T 202 64.87 23.58 54.64
N GLN T 203 63.70 23.83 54.06
CA GLN T 203 63.27 23.13 52.86
C GLN T 203 64.04 23.60 51.64
N ASP T 204 64.26 22.67 50.71
CA ASP T 204 64.90 22.97 49.44
C ASP T 204 64.15 22.24 48.33
N LEU T 205 64.35 22.71 47.10
CA LEU T 205 63.72 22.07 45.95
C LEU T 205 64.34 20.70 45.71
N THR T 206 63.49 19.69 45.60
CA THR T 206 63.94 18.32 45.39
C THR T 206 63.08 17.70 44.30
N THR T 207 63.55 16.57 43.77
CA THR T 207 62.79 15.86 42.74
C THR T 207 61.49 15.28 43.28
N LYS T 208 61.27 15.36 44.60
CA LYS T 208 60.06 14.81 45.19
C LYS T 208 58.95 15.86 45.31
N ASN T 209 59.30 17.13 45.52
CA ASN T 209 58.32 18.17 45.77
C ASN T 209 58.23 19.20 44.65
N VAL T 210 58.71 18.88 43.45
CA VAL T 210 58.68 19.79 42.31
C VAL T 210 57.98 19.09 41.16
N SER T 211 57.03 19.78 40.53
CA SER T 211 56.38 19.30 39.31
C SER T 211 56.44 20.39 38.26
N ILE T 212 56.71 20.01 37.01
CA ILE T 212 56.93 21.01 35.96
C ILE T 212 56.05 20.66 34.76
N GLY T 213 55.23 21.60 34.33
CA GLY T 213 54.47 21.48 33.10
C GLY T 213 54.97 22.48 32.07
N ILE T 214 55.16 22.00 30.85
CA ILE T 214 55.71 22.82 29.78
C ILE T 214 54.81 22.68 28.55
N VAL T 215 54.53 23.81 27.89
CA VAL T 215 53.88 23.81 26.59
C VAL T 215 54.63 24.78 25.69
N GLY T 216 54.61 24.51 24.39
CA GLY T 216 55.41 25.30 23.49
C GLY T 216 54.92 25.23 22.06
N LYS T 217 55.68 25.88 21.17
CA LYS T 217 55.29 25.96 19.77
C LYS T 217 55.21 24.58 19.13
N ASP T 218 56.28 23.79 19.27
CA ASP T 218 56.29 22.43 18.75
C ASP T 218 56.10 21.38 19.84
N LEU T 219 55.85 21.81 21.08
CA LEU T 219 55.81 20.91 22.22
C LEU T 219 54.41 20.86 22.78
N GLU T 220 53.78 19.69 22.69
CA GLU T 220 52.51 19.48 23.37
C GLU T 220 52.73 19.48 24.88
N PHE T 221 51.67 19.85 25.61
CA PHE T 221 51.79 20.04 27.05
C PHE T 221 52.27 18.77 27.74
N THR T 222 53.33 18.89 28.53
CA THR T 222 53.99 17.74 29.13
C THR T 222 54.29 18.01 30.59
N ILE T 223 54.11 16.99 31.43
CA ILE T 223 54.33 17.07 32.86
C ILE T 223 55.53 16.21 33.24
N TYR T 224 56.41 16.76 34.07
CA TYR T 224 57.60 16.11 34.58
C TYR T 224 57.49 16.10 36.10
N ASP T 225 57.61 14.92 36.70
CA ASP T 225 57.23 14.78 38.12
C ASP T 225 58.39 14.42 39.03
N ASP T 226 59.07 13.29 38.84
CA ASP T 226 60.09 12.88 39.79
C ASP T 226 61.48 12.79 39.18
N ASP T 227 61.68 11.96 38.16
CA ASP T 227 62.99 11.77 37.59
C ASP T 227 63.22 12.60 36.34
N ASP T 228 62.16 13.01 35.67
CA ASP T 228 62.27 13.95 34.56
C ASP T 228 62.52 15.37 35.02
N VAL T 229 62.38 15.64 36.32
CA VAL T 229 62.63 16.98 36.85
C VAL T 229 64.13 17.20 37.08
N SER T 230 64.88 16.13 37.31
CA SER T 230 66.29 16.27 37.67
C SER T 230 67.13 17.05 36.65
N PRO T 231 66.98 16.87 35.33
CA PRO T 231 67.73 17.72 34.40
C PRO T 231 67.45 19.20 34.58
N PHE T 232 66.24 19.58 34.97
CA PHE T 232 65.95 20.98 35.26
C PHE T 232 66.49 21.42 36.61
N LEU T 233 66.57 20.51 37.58
CA LEU T 233 67.11 20.88 38.88
C LEU T 233 68.63 20.99 38.84
N GLU T 234 69.28 20.16 38.05
CA GLU T 234 70.73 20.22 37.93
C GLU T 234 71.15 21.56 37.35
N GLY T 235 72.13 22.19 38.01
CA GLY T 235 72.60 23.49 37.60
C GLY T 235 72.03 24.66 38.38
N LEU T 236 71.16 24.40 39.34
CA LEU T 236 70.62 25.47 40.16
C LEU T 236 71.63 25.89 41.22
N GLU T 237 71.96 27.17 41.23
CA GLU T 237 72.84 27.71 42.25
C GLU T 237 72.17 27.60 43.62
N GLU T 238 73.01 27.51 44.65
CA GLU T 238 72.50 27.42 46.02
C GLU T 238 71.70 28.67 46.37
N ARG T 239 70.81 28.53 47.34
CA ARG T 239 69.93 29.63 47.74
C ARG T 239 70.78 30.84 48.13
N PRO T 240 70.46 32.03 47.61
CA PRO T 240 71.34 33.19 47.86
C PRO T 240 71.42 33.59 49.32
N GLN T 241 70.29 33.77 49.98
CA GLN T 241 70.24 34.25 51.37
C GLN T 241 70.95 35.59 51.48
N THR U 6 17.69 47.61 61.33
CA THR U 6 17.75 46.45 62.22
C THR U 6 17.43 45.18 61.45
N GLY U 7 18.39 44.72 60.65
CA GLY U 7 18.17 43.57 59.80
C GLY U 7 17.40 43.85 58.53
N TYR U 8 17.28 45.12 58.12
CA TYR U 8 16.54 45.49 56.92
C TYR U 8 17.42 45.53 55.67
N ASP U 9 18.73 45.33 55.80
CA ASP U 9 19.66 45.52 54.70
C ASP U 9 20.22 44.21 54.16
N LEU U 10 19.52 43.10 54.34
CA LEU U 10 20.09 41.81 54.01
C LEU U 10 19.57 41.22 52.72
N SER U 11 18.41 41.66 52.24
CA SER U 11 17.83 41.10 51.03
C SER U 11 17.29 42.22 50.15
N ALA U 12 17.35 41.99 48.84
CA ALA U 12 16.73 42.90 47.89
C ALA U 12 15.22 42.78 47.85
N SER U 13 14.64 41.78 48.51
CA SER U 13 13.21 41.61 48.59
C SER U 13 12.61 42.23 49.85
N THR U 14 13.38 43.02 50.58
CA THR U 14 12.90 43.67 51.80
C THR U 14 13.07 45.18 51.66
N PHE U 15 12.00 45.90 51.94
CA PHE U 15 12.03 47.36 52.04
C PHE U 15 12.39 47.77 53.45
N SER U 16 13.25 48.77 53.56
CA SER U 16 13.47 49.41 54.84
C SER U 16 12.25 50.27 55.19
N PRO U 17 12.08 50.62 56.47
CA PRO U 17 10.93 51.45 56.85
C PRO U 17 10.87 52.79 56.14
N ASP U 18 12.00 53.29 55.64
CA ASP U 18 12.01 54.53 54.88
C ASP U 18 11.64 54.35 53.41
N GLY U 19 11.47 53.11 52.96
CA GLY U 19 11.23 52.87 51.56
C GLY U 19 12.47 52.67 50.72
N ARG U 20 13.56 52.18 51.31
CA ARG U 20 14.81 51.99 50.60
C ARG U 20 15.14 50.51 50.53
N VAL U 21 15.83 50.13 49.47
CA VAL U 21 16.36 48.78 49.31
C VAL U 21 17.87 48.89 49.48
N PHE U 22 18.36 48.51 50.66
CA PHE U 22 19.76 48.78 51.02
C PHE U 22 20.73 47.90 50.26
N GLN U 23 20.30 46.71 49.84
CA GLN U 23 21.20 45.85 49.07
C GLN U 23 21.60 46.48 47.75
N VAL U 24 20.65 47.14 47.09
CA VAL U 24 20.96 47.87 45.85
C VAL U 24 21.91 49.03 46.13
N GLU U 25 21.72 49.71 47.26
CA GLU U 25 22.63 50.80 47.62
C GLU U 25 24.03 50.29 47.92
N TYR U 26 24.14 49.09 48.51
CA TYR U 26 25.45 48.51 48.76
C TYR U 26 26.13 48.09 47.47
N ALA U 27 25.36 47.58 46.52
CA ALA U 27 25.91 47.32 45.18
C ALA U 27 26.40 48.61 44.53
N MET U 28 25.63 49.69 44.68
CA MET U 28 26.07 50.98 44.16
C MET U 28 27.37 51.43 44.83
N LYS U 29 27.51 51.16 46.12
CA LYS U 29 28.76 51.47 46.81
C LYS U 29 29.91 50.68 46.20
N ALA U 30 29.67 49.42 45.86
CA ALA U 30 30.68 48.64 45.17
C ALA U 30 31.10 49.32 43.86
N VAL U 31 30.14 49.91 43.15
CA VAL U 31 30.49 50.67 41.95
C VAL U 31 31.30 51.91 42.29
N GLU U 32 30.94 52.60 43.38
CA GLU U 32 31.61 53.85 43.74
C GLU U 32 33.07 53.66 44.12
N ASN U 33 33.51 52.43 44.34
CA ASN U 33 34.88 52.16 44.72
C ASN U 33 35.76 51.80 43.53
N SER U 34 35.18 51.43 42.40
CA SER U 34 35.94 51.08 41.21
C SER U 34 36.51 52.34 40.56
N SER U 35 37.43 52.13 39.62
CA SER U 35 38.08 53.24 38.94
C SER U 35 37.15 53.86 37.90
N THR U 36 37.54 55.04 37.42
CA THR U 36 36.66 55.89 36.64
C THR U 36 36.68 55.53 35.15
N ALA U 37 35.50 55.42 34.57
CA ALA U 37 35.30 55.37 33.13
C ALA U 37 34.41 56.54 32.74
N ILE U 38 34.68 57.11 31.57
CA ILE U 38 33.90 58.24 31.06
C ILE U 38 33.48 57.94 29.63
N GLY U 39 32.34 58.48 29.27
CA GLY U 39 31.88 58.47 27.89
C GLY U 39 31.44 59.86 27.50
N ILE U 40 31.73 60.23 26.26
CA ILE U 40 31.37 61.54 25.74
C ILE U 40 30.73 61.37 24.38
N ARG U 41 29.57 61.99 24.20
CA ARG U 41 28.82 61.92 22.95
C ARG U 41 29.01 63.24 22.21
N CYS U 42 29.70 63.19 21.09
CA CYS U 42 29.89 64.36 20.25
C CYS U 42 28.86 64.35 19.13
N LYS U 43 29.02 65.24 18.16
CA LYS U 43 28.03 65.36 17.10
C LYS U 43 28.09 64.20 16.11
N ASP U 44 29.21 63.46 16.06
CA ASP U 44 29.35 62.40 15.07
C ASP U 44 29.83 61.09 15.69
N GLY U 45 29.75 60.93 17.00
CA GLY U 45 30.15 59.68 17.60
C GLY U 45 30.19 59.74 19.11
N VAL U 46 30.63 58.63 19.68
CA VAL U 46 30.79 58.44 21.11
C VAL U 46 32.20 57.94 21.37
N VAL U 47 32.84 58.48 22.40
CA VAL U 47 34.19 58.10 22.79
C VAL U 47 34.19 57.67 24.24
N PHE U 48 34.76 56.49 24.51
CA PHE U 48 34.88 55.92 25.85
C PHE U 48 36.34 55.95 26.27
N GLY U 49 36.59 56.42 27.49
CA GLY U 49 37.90 56.36 28.08
C GLY U 49 37.87 55.78 29.48
N VAL U 50 38.68 54.76 29.73
CA VAL U 50 38.72 54.09 31.04
C VAL U 50 40.11 54.26 31.61
N GLU U 51 40.17 54.57 32.91
CA GLU U 51 41.41 54.53 33.67
C GLU U 51 41.52 53.14 34.27
N LYS U 52 42.34 52.29 33.67
CA LYS U 52 42.48 50.90 34.09
C LYS U 52 43.69 50.81 35.01
N LEU U 53 43.44 50.59 36.30
CA LEU U 53 44.54 50.53 37.25
C LEU U 53 45.33 49.24 37.07
N VAL U 54 46.66 49.37 37.06
CA VAL U 54 47.56 48.23 36.96
C VAL U 54 47.90 47.82 38.39
N LEU U 55 47.28 46.76 38.88
CA LEU U 55 47.51 46.33 40.25
C LEU U 55 48.86 45.61 40.40
N SER U 56 49.26 44.86 39.37
CA SER U 56 50.53 44.15 39.39
C SER U 56 51.28 44.41 38.10
N LYS U 57 52.58 44.69 38.20
CA LYS U 57 53.42 44.78 37.01
C LYS U 57 53.57 43.43 36.33
N LEU U 58 53.21 42.35 37.01
CA LEU U 58 53.24 41.02 36.42
C LEU U 58 52.17 40.84 35.34
N TYR U 59 51.20 41.73 35.26
CA TYR U 59 50.11 41.59 34.30
C TYR U 59 50.54 42.06 32.92
N GLU U 60 49.87 41.53 31.90
CA GLU U 60 50.08 41.95 30.53
C GLU U 60 49.32 43.25 30.26
N GLU U 61 49.61 43.85 29.11
CA GLU U 61 48.83 44.99 28.66
C GLU U 61 47.53 44.51 28.05
N GLY U 62 46.43 45.19 28.40
CA GLY U 62 45.12 44.78 27.95
C GLY U 62 44.46 43.72 28.81
N SER U 63 45.11 43.27 29.88
CA SER U 63 44.46 42.39 30.84
C SER U 63 43.37 43.15 31.58
N ASN U 64 42.28 42.44 31.90
CA ASN U 64 41.16 43.01 32.65
C ASN U 64 40.62 44.27 31.99
N LYS U 65 40.45 44.21 30.67
CA LYS U 65 39.94 45.36 29.94
C LYS U 65 38.49 45.63 30.32
N ARG U 66 38.15 46.90 30.45
CA ARG U 66 36.82 47.31 30.85
C ARG U 66 36.01 47.90 29.70
N LEU U 67 36.51 47.77 28.47
CA LEU U 67 35.78 48.17 27.27
C LEU U 67 35.45 46.93 26.46
N PHE U 68 34.20 46.79 26.06
CA PHE U 68 33.72 45.61 25.36
C PHE U 68 33.03 46.01 24.07
N ASN U 69 33.13 45.15 23.08
CA ASN U 69 32.26 45.19 21.90
C ASN U 69 31.10 44.25 22.17
N VAL U 70 29.90 44.80 22.35
CA VAL U 70 28.72 43.97 22.53
C VAL U 70 27.94 43.83 21.23
N ASP U 71 28.14 44.71 20.26
CA ASP U 71 27.66 44.46 18.92
C ASP U 71 28.58 45.23 17.98
N ARG U 72 28.47 44.91 16.68
CA ARG U 72 29.31 45.57 15.68
C ARG U 72 29.26 47.09 15.85
N HIS U 73 28.09 47.62 16.15
CA HIS U 73 27.90 49.05 16.30
C HIS U 73 27.88 49.52 17.75
N VAL U 74 27.89 48.62 18.73
CA VAL U 74 27.68 49.01 20.13
C VAL U 74 28.88 48.59 20.96
N GLY U 75 29.47 49.58 21.66
CA GLY U 75 30.51 49.34 22.64
C GLY U 75 30.06 49.57 24.08
N MET U 76 30.80 49.02 25.04
CA MET U 76 30.41 49.00 26.44
C MET U 76 31.58 49.39 27.33
N ALA U 77 31.38 50.35 28.21
CA ALA U 77 32.37 50.76 29.20
C ALA U 77 31.83 50.46 30.60
N VAL U 78 32.60 49.76 31.42
CA VAL U 78 32.07 49.25 32.67
C VAL U 78 32.85 49.80 33.86
N ALA U 79 32.22 49.77 35.02
CA ALA U 79 32.86 50.06 36.30
C ALA U 79 32.20 49.20 37.37
N GLY U 80 32.99 48.77 38.35
CA GLY U 80 32.51 47.94 39.43
C GLY U 80 33.13 46.56 39.41
N LEU U 81 32.34 45.57 39.78
CA LEU U 81 32.80 44.19 39.84
C LEU U 81 32.95 43.63 38.43
N LEU U 82 34.19 43.34 38.03
CA LEU U 82 34.47 43.00 36.63
C LEU U 82 33.76 41.71 36.20
N ALA U 83 33.66 40.71 37.08
CA ALA U 83 32.97 39.49 36.69
C ALA U 83 31.49 39.74 36.44
N ASP U 84 30.85 40.54 37.28
CA ASP U 84 29.48 40.98 37.03
C ASP U 84 29.38 41.73 35.70
N ALA U 85 30.34 42.62 35.44
CA ALA U 85 30.34 43.37 34.19
C ALA U 85 30.47 42.45 32.98
N ARG U 86 31.30 41.42 33.09
CA ARG U 86 31.48 40.48 31.99
C ARG U 86 30.21 39.68 31.75
N SER U 87 29.54 39.24 32.81
CA SER U 87 28.27 38.54 32.62
C SER U 87 27.23 39.45 31.99
N LEU U 88 27.23 40.74 32.36
CA LEU U 88 26.31 41.69 31.75
C LEU U 88 26.65 41.95 30.29
N ALA U 89 27.94 41.97 29.93
CA ALA U 89 28.33 42.10 28.54
C ALA U 89 27.88 40.89 27.73
N ASP U 90 27.96 39.69 28.32
CA ASP U 90 27.41 38.52 27.67
C ASP U 90 25.90 38.63 27.47
N ILE U 91 25.20 39.17 28.48
CA ILE U 91 23.76 39.39 28.36
C ILE U 91 23.46 40.35 27.22
N ALA U 92 24.20 41.45 27.14
CA ALA U 92 23.98 42.44 26.09
C ALA U 92 24.26 41.86 24.72
N ARG U 93 25.32 41.06 24.59
CA ARG U 93 25.60 40.40 23.31
C ARG U 93 24.47 39.46 22.92
N GLU U 94 23.97 38.69 23.88
CA GLU U 94 22.84 37.80 23.60
C GLU U 94 21.63 38.58 23.14
N GLU U 95 21.34 39.72 23.79
CA GLU U 95 20.18 40.53 23.41
C GLU U 95 20.33 41.06 22.00
N ALA U 96 21.51 41.59 21.67
CA ALA U 96 21.73 42.12 20.33
C ALA U 96 21.59 41.03 19.26
N SER U 97 22.19 39.87 19.51
CA SER U 97 22.15 38.79 18.53
C SER U 97 20.73 38.27 18.35
N ASN U 98 19.99 38.10 19.46
CA ASN U 98 18.60 37.66 19.34
C ASN U 98 17.75 38.69 18.61
N PHE U 99 17.99 39.97 18.86
CA PHE U 99 17.24 40.99 18.14
C PHE U 99 17.50 40.89 16.65
N ARG U 100 18.76 40.73 16.25
CA ARG U 100 19.05 40.60 14.82
C ARG U 100 18.38 39.36 14.24
N SER U 101 18.40 38.24 14.97
CA SER U 101 17.80 37.02 14.47
C SER U 101 16.29 37.16 14.30
N ASN U 102 15.63 37.85 15.24
CA ASN U 102 14.18 37.90 15.24
C ASN U 102 13.64 38.98 14.31
N PHE U 103 14.24 40.17 14.32
CA PHE U 103 13.70 41.30 13.59
C PHE U 103 14.50 41.70 12.37
N GLY U 104 15.70 41.15 12.19
CA GLY U 104 16.42 41.30 10.93
C GLY U 104 17.23 42.55 10.76
N TYR U 105 17.54 43.28 11.82
CA TYR U 105 18.44 44.43 11.70
C TYR U 105 19.12 44.67 13.03
N ASN U 106 20.04 45.63 13.04
CA ASN U 106 20.80 45.95 14.24
C ASN U 106 19.90 46.54 15.31
N ILE U 107 20.09 46.10 16.53
CA ILE U 107 19.26 46.59 17.63
C ILE U 107 19.55 48.07 17.85
N PRO U 108 18.52 48.92 17.95
CA PRO U 108 18.76 50.30 18.35
C PRO U 108 19.33 50.35 19.76
N LEU U 109 20.18 51.34 19.99
CA LEU U 109 20.87 51.42 21.27
C LEU U 109 19.90 51.62 22.42
N LYS U 110 18.86 52.43 22.20
CA LYS U 110 17.87 52.65 23.24
C LYS U 110 17.16 51.35 23.62
N HIS U 111 16.83 50.52 22.63
CA HIS U 111 16.18 49.26 22.93
C HIS U 111 17.11 48.29 23.66
N LEU U 112 18.37 48.21 23.25
CA LEU U 112 19.33 47.36 23.95
C LEU U 112 19.53 47.82 25.38
N ALA U 113 19.63 49.13 25.58
CA ALA U 113 19.76 49.67 26.93
C ALA U 113 18.55 49.32 27.77
N ASP U 114 17.34 49.45 27.22
CA ASP U 114 16.14 49.10 27.97
C ASP U 114 16.12 47.61 28.33
N ARG U 115 16.48 46.75 27.38
CA ARG U 115 16.44 45.31 27.64
C ARG U 115 17.44 44.92 28.73
N VAL U 116 18.67 45.42 28.63
CA VAL U 116 19.68 45.06 29.63
C VAL U 116 19.34 45.70 30.98
N ALA U 117 18.79 46.90 30.98
CA ALA U 117 18.41 47.54 32.23
C ALA U 117 17.30 46.76 32.92
N MET U 118 16.35 46.23 32.16
CA MET U 118 15.31 45.41 32.76
C MET U 118 15.87 44.10 33.29
N TYR U 119 16.81 43.51 32.57
CA TYR U 119 17.49 42.32 33.10
C TYR U 119 18.19 42.63 34.42
N VAL U 120 18.84 43.79 34.51
CA VAL U 120 19.50 44.20 35.74
C VAL U 120 18.49 44.41 36.85
N HIS U 121 17.39 45.09 36.55
CA HIS U 121 16.35 45.34 37.54
C HIS U 121 15.75 44.06 38.07
N ALA U 122 15.71 43.01 37.25
CA ALA U 122 15.18 41.74 37.71
C ALA U 122 15.98 41.15 38.86
N TYR U 123 17.20 41.61 39.09
CA TYR U 123 18.03 41.13 40.19
C TYR U 123 17.92 42.00 41.44
N THR U 124 17.00 42.95 41.48
CA THR U 124 16.80 43.81 42.63
C THR U 124 15.51 43.54 43.37
N LEU U 125 14.84 42.43 43.08
CA LEU U 125 13.52 42.16 43.63
C LEU U 125 13.47 40.98 44.58
N TYR U 126 14.47 40.12 44.60
CA TYR U 126 14.37 38.81 45.20
C TYR U 126 15.47 38.59 46.23
N SER U 127 15.20 37.72 47.18
CA SER U 127 16.24 37.27 48.09
C SER U 127 17.04 36.11 47.51
N ALA U 128 16.58 35.51 46.42
CA ALA U 128 17.28 34.40 45.79
C ALA U 128 18.47 34.85 44.96
N VAL U 129 18.56 36.12 44.59
CA VAL U 129 19.69 36.64 43.83
C VAL U 129 20.19 37.91 44.49
N ARG U 130 21.31 38.37 44.02
CA ARG U 130 22.03 39.55 44.44
C ARG U 130 22.06 40.57 43.32
N PRO U 131 21.85 41.85 43.62
CA PRO U 131 22.00 42.89 42.58
C PRO U 131 23.42 42.93 42.04
N PHE U 132 23.53 43.25 40.76
CA PHE U 132 24.82 43.38 40.11
C PHE U 132 25.63 44.49 40.74
N GLY U 133 26.93 44.27 40.88
CA GLY U 133 27.80 45.27 41.47
C GLY U 133 28.56 46.07 40.44
N CYS U 134 27.90 46.43 39.34
CA CYS U 134 28.55 47.14 38.27
C CYS U 134 27.57 48.11 37.62
N SER U 135 28.11 49.21 37.11
CA SER U 135 27.37 50.10 36.23
C SER U 135 28.13 50.19 34.91
N PHE U 136 27.43 50.60 33.86
CA PHE U 136 28.08 50.62 32.56
C PHE U 136 27.41 51.61 31.63
N MET U 137 28.15 51.97 30.59
CA MET U 137 27.70 52.82 29.52
C MET U 137 27.70 52.04 28.22
N LEU U 138 26.65 52.24 27.44
CA LEU U 138 26.54 51.72 26.08
C LEU U 138 26.66 52.86 25.10
N GLY U 139 27.49 52.70 24.09
CA GLY U 139 27.73 53.74 23.10
C GLY U 139 27.51 53.18 21.70
N SER U 140 26.85 53.98 20.86
CA SER U 140 26.57 53.54 19.50
C SER U 140 26.50 54.75 18.58
N TYR U 141 26.70 54.49 17.29
CA TYR U 141 26.47 55.48 16.27
C TYR U 141 25.85 54.84 15.05
N SER U 142 24.96 55.58 14.40
CA SER U 142 24.42 55.21 13.11
C SER U 142 24.04 56.48 12.35
N VAL U 143 23.88 56.35 11.04
CA VAL U 143 23.42 57.49 10.25
C VAL U 143 21.96 57.80 10.56
N ASN U 144 21.14 56.75 10.71
CA ASN U 144 19.71 56.96 10.93
C ASN U 144 19.42 57.49 12.34
N ASP U 145 20.10 56.95 13.35
CA ASP U 145 19.81 57.28 14.73
C ASP U 145 20.75 58.31 15.34
N GLY U 146 21.91 58.54 14.73
CA GLY U 146 22.88 59.46 15.29
C GLY U 146 23.78 58.77 16.30
N ALA U 147 24.41 59.58 17.13
CA ALA U 147 25.23 59.10 18.23
C ALA U 147 24.37 58.96 19.48
N GLN U 148 24.58 57.88 20.23
CA GLN U 148 23.80 57.66 21.44
C GLN U 148 24.69 57.08 22.53
N LEU U 149 24.47 57.57 23.75
CA LEU U 149 25.25 57.19 24.92
C LEU U 149 24.28 57.00 26.07
N TYR U 150 24.17 55.76 26.55
CA TYR U 150 23.28 55.41 27.65
C TYR U 150 24.09 54.91 28.83
N MET U 151 23.55 55.10 30.03
CA MET U 151 24.17 54.63 31.25
C MET U 151 23.16 53.89 32.10
N ILE U 152 23.58 52.74 32.62
CA ILE U 152 22.77 51.82 33.41
C ILE U 152 23.51 51.55 34.72
N ASP U 153 22.80 51.67 35.83
CA ASP U 153 23.35 51.48 37.17
C ASP U 153 22.78 50.20 37.81
N PRO U 154 23.31 49.78 38.97
CA PRO U 154 22.86 48.51 39.56
C PRO U 154 21.36 48.43 39.85
N SER U 155 20.70 49.55 40.11
CA SER U 155 19.25 49.50 40.31
C SER U 155 18.49 49.18 39.03
N GLY U 156 19.11 49.36 37.87
CA GLY U 156 18.45 49.15 36.61
C GLY U 156 17.97 50.42 35.92
N VAL U 157 18.31 51.58 36.44
CA VAL U 157 17.92 52.84 35.82
C VAL U 157 18.79 53.12 34.60
N SER U 158 18.15 53.40 33.47
CA SER U 158 18.85 53.69 32.23
C SER U 158 18.53 55.11 31.79
N TYR U 159 19.57 55.90 31.51
CA TYR U 159 19.36 57.26 31.03
C TYR U 159 20.30 57.56 29.89
N GLY U 160 19.86 58.44 29.00
CA GLY U 160 20.71 58.95 27.93
C GLY U 160 21.50 60.16 28.40
N TYR U 161 22.71 60.31 27.85
CA TYR U 161 23.63 61.33 28.31
C TYR U 161 24.34 61.98 27.13
N TRP U 162 24.77 63.22 27.33
CA TRP U 162 25.78 63.83 26.47
C TRP U 162 27.19 63.55 26.96
N GLY U 163 27.37 63.42 28.26
CA GLY U 163 28.62 62.97 28.83
C GLY U 163 28.34 62.32 30.16
N CYS U 164 29.14 61.32 30.50
CA CYS U 164 28.87 60.51 31.68
C CYS U 164 30.18 60.02 32.27
N ALA U 165 30.19 59.90 33.59
CA ALA U 165 31.31 59.34 34.32
C ALA U 165 30.78 58.37 35.37
N ILE U 166 31.46 57.25 35.52
CA ILE U 166 31.14 56.26 36.55
C ILE U 166 32.44 55.86 37.23
N GLY U 167 32.37 55.58 38.52
CA GLY U 167 33.53 55.09 39.21
C GLY U 167 33.89 55.96 40.40
N LYS U 168 35.15 55.82 40.85
CA LYS U 168 35.58 56.42 42.09
C LYS U 168 35.48 57.94 42.06
N ALA U 169 35.97 58.56 40.99
CA ALA U 169 35.93 60.00 40.85
C ALA U 169 35.06 60.32 39.65
N ARG U 170 33.75 60.34 39.88
CA ARG U 170 32.81 60.68 38.83
C ARG U 170 32.29 62.10 38.94
N GLN U 171 32.33 62.69 40.13
CA GLN U 171 31.89 64.06 40.29
C GLN U 171 32.91 65.03 39.70
N ALA U 172 34.19 64.81 39.99
CA ALA U 172 35.23 65.64 39.39
C ALA U 172 35.29 65.43 37.88
N ALA U 173 35.10 64.18 37.43
CA ALA U 173 35.06 63.92 36.01
C ALA U 173 33.87 64.60 35.35
N LYS U 174 32.71 64.59 36.00
CA LYS U 174 31.55 65.27 35.45
C LYS U 174 31.78 66.78 35.39
N THR U 175 32.44 67.33 36.40
CA THR U 175 32.80 68.75 36.36
C THR U 175 33.69 69.06 35.18
N GLU U 176 34.70 68.20 34.94
CA GLU U 176 35.57 68.40 33.78
C GLU U 176 34.80 68.28 32.48
N ILE U 177 33.85 67.35 32.41
CA ILE U 177 33.08 67.14 31.19
C ILE U 177 32.19 68.35 30.89
N GLU U 178 31.64 68.96 31.95
CA GLU U 178 30.75 70.10 31.77
C GLU U 178 31.44 71.25 31.03
N LYS U 179 32.74 71.41 31.23
CA LYS U 179 33.51 72.47 30.57
C LYS U 179 33.70 72.23 29.08
N LEU U 180 33.06 71.24 28.48
CA LEU U 180 33.27 70.89 27.08
C LEU U 180 32.06 71.27 26.24
N GLN U 181 32.33 71.78 25.04
CA GLN U 181 31.28 72.00 24.05
C GLN U 181 31.21 70.79 23.13
N MET U 182 30.80 69.67 23.72
CA MET U 182 30.85 68.40 23.02
C MET U 182 29.77 68.28 21.94
N LYS U 183 28.75 69.13 21.97
CA LYS U 183 27.69 69.02 20.97
C LYS U 183 28.18 69.43 19.58
N GLU U 184 29.21 70.26 19.50
CA GLU U 184 29.74 70.71 18.22
C GLU U 184 31.07 70.07 17.85
N MET U 185 31.65 69.27 18.73
CA MET U 185 32.95 68.68 18.51
C MET U 185 32.83 67.40 17.70
N THR U 186 33.97 66.96 17.17
CA THR U 186 34.07 65.68 16.48
C THR U 186 34.85 64.69 17.34
N CYS U 187 34.88 63.43 16.88
CA CYS U 187 35.53 62.39 17.68
C CYS U 187 37.02 62.65 17.85
N ARG U 188 37.64 63.31 16.87
CA ARG U 188 39.10 63.44 16.87
C ARG U 188 39.59 64.24 18.07
N ASP U 189 38.93 65.37 18.30
CA ASP U 189 39.32 66.28 19.42
C ASP U 189 38.68 65.80 20.73
N VAL U 190 37.55 65.08 20.66
CA VAL U 190 36.94 64.52 21.90
C VAL U 190 37.94 63.52 22.51
N VAL U 191 38.59 62.72 21.68
CA VAL U 191 39.55 61.68 22.18
C VAL U 191 40.62 62.37 23.02
N LYS U 192 41.15 63.49 22.55
CA LYS U 192 42.11 64.25 23.34
C LYS U 192 41.48 64.76 24.63
N GLU U 193 40.25 65.28 24.55
CA GLU U 193 39.60 65.80 25.75
C GLU U 193 39.33 64.68 26.76
N VAL U 194 38.92 63.50 26.28
CA VAL U 194 38.68 62.36 27.16
C VAL U 194 39.96 61.94 27.86
N ALA U 195 41.06 61.86 27.10
CA ALA U 195 42.34 61.48 27.70
C ALA U 195 42.77 62.51 28.75
N LYS U 196 42.56 63.80 28.45
CA LYS U 196 42.91 64.83 29.41
C LYS U 196 42.10 64.71 30.70
N ILE U 197 40.78 64.46 30.57
CA ILE U 197 39.95 64.32 31.76
C ILE U 197 40.39 63.12 32.59
N ILE U 198 40.65 62.00 31.92
CA ILE U 198 41.08 60.80 32.64
C ILE U 198 42.39 61.06 33.37
N TYR U 199 43.36 61.71 32.71
CA TYR U 199 44.62 62.01 33.38
C TYR U 199 44.43 62.99 34.52
N ILE U 200 43.44 63.88 34.43
CA ILE U 200 43.20 64.83 35.52
C ILE U 200 42.63 64.13 36.73
N VAL U 201 41.64 63.25 36.54
CA VAL U 201 40.95 62.69 37.70
C VAL U 201 41.74 61.58 38.37
N HIS U 202 42.78 61.05 37.74
CA HIS U 202 43.60 60.03 38.37
C HIS U 202 44.38 60.62 39.54
N ASP U 203 44.52 59.83 40.60
CA ASP U 203 45.26 60.23 41.79
C ASP U 203 46.54 59.37 41.87
N GLU U 204 47.69 60.02 41.64
CA GLU U 204 48.95 59.27 41.58
C GLU U 204 49.38 58.79 42.96
N VAL U 205 49.01 59.49 44.02
CA VAL U 205 49.38 59.06 45.36
C VAL U 205 48.55 57.85 45.78
N LYS U 206 47.24 57.93 45.60
CA LYS U 206 46.36 56.83 46.00
C LYS U 206 46.59 55.60 45.12
N ASP U 207 46.68 55.80 43.81
CA ASP U 207 46.90 54.73 42.85
C ASP U 207 48.18 55.00 42.09
N LYS U 208 49.04 53.98 42.00
CA LYS U 208 50.38 54.21 41.45
C LYS U 208 50.35 54.39 39.94
N ALA U 209 49.93 53.35 39.21
CA ALA U 209 50.04 53.32 37.76
C ALA U 209 48.71 52.89 37.15
N PHE U 210 48.48 53.35 35.93
CA PHE U 210 47.25 53.02 35.23
C PHE U 210 47.51 53.10 33.72
N GLU U 211 46.85 52.21 32.99
CA GLU U 211 46.76 52.31 31.55
C GLU U 211 45.51 53.08 31.17
N LEU U 212 45.56 53.71 30.00
CA LEU U 212 44.45 54.50 29.49
C LEU U 212 43.82 53.72 28.35
N GLU U 213 42.64 53.16 28.60
CA GLU U 213 41.90 52.43 27.58
C GLU U 213 41.00 53.40 26.83
N LEU U 214 41.04 53.35 25.49
CA LEU U 214 40.27 54.26 24.67
C LEU U 214 39.54 53.49 23.59
N SER U 215 38.31 53.92 23.30
CA SER U 215 37.54 53.33 22.20
C SER U 215 36.55 54.37 21.71
N TRP U 216 36.01 54.13 20.52
CA TRP U 216 35.07 55.08 19.95
C TRP U 216 34.23 54.40 18.90
N VAL U 217 33.10 55.03 18.59
CA VAL U 217 32.22 54.61 17.51
C VAL U 217 31.63 55.86 16.87
N GLY U 218 31.66 55.93 15.55
CA GLY U 218 31.10 57.09 14.89
C GLY U 218 31.31 57.03 13.40
N GLU U 219 31.10 58.17 12.74
CA GLU U 219 31.28 58.24 11.26
C GLU U 219 32.75 58.00 10.92
N ILE U 220 33.65 58.30 11.86
CA ILE U 220 35.12 58.07 11.65
C ILE U 220 35.35 56.56 11.46
N THR U 221 34.63 55.72 12.20
CA THR U 221 34.84 54.25 12.14
C THR U 221 33.78 53.58 11.27
N ASN U 222 33.02 54.34 10.47
CA ASN U 222 31.91 53.79 9.69
C ASN U 222 30.91 53.07 10.58
N GLY U 223 30.57 53.69 11.72
CA GLY U 223 29.57 53.13 12.61
C GLY U 223 29.95 51.80 13.22
N ARG U 224 31.24 51.59 13.51
CA ARG U 224 31.73 50.36 14.10
C ARG U 224 32.50 50.72 15.36
N HIS U 225 32.12 50.10 16.47
CA HIS U 225 32.85 50.36 17.71
C HIS U 225 34.18 49.62 17.71
N GLU U 226 35.25 50.34 17.98
CA GLU U 226 36.58 49.75 17.92
C GLU U 226 37.52 50.49 18.86
N ILE U 227 38.60 49.81 19.21
CA ILE U 227 39.68 50.44 19.97
C ILE U 227 40.25 51.59 19.15
N VAL U 228 40.51 52.71 19.82
CA VAL U 228 41.11 53.87 19.14
C VAL U 228 42.50 53.48 18.65
N PRO U 229 42.87 53.83 17.42
CA PRO U 229 44.16 53.37 16.89
C PRO U 229 45.34 53.92 17.66
N LYS U 230 46.49 53.25 17.51
CA LYS U 230 47.64 53.52 18.37
C LYS U 230 48.16 54.93 18.19
N ASP U 231 48.16 55.41 16.95
CA ASP U 231 48.61 56.80 16.67
C ASP U 231 47.75 57.80 17.44
N VAL U 232 46.44 57.71 17.27
CA VAL U 232 45.54 58.72 17.92
C VAL U 232 45.71 58.61 19.43
N ARG U 233 45.81 57.38 19.94
CA ARG U 233 45.92 57.17 21.40
C ARG U 233 47.21 57.82 21.91
N GLU U 234 48.32 57.61 21.20
CA GLU U 234 49.59 58.19 21.62
C GLU U 234 49.54 59.72 21.58
N GLU U 235 48.94 60.28 20.52
CA GLU U 235 48.79 61.72 20.44
C GLU U 235 47.95 62.25 21.60
N ALA U 236 46.83 61.58 21.89
CA ALA U 236 45.97 62.00 22.99
C ALA U 236 46.70 61.92 24.33
N GLU U 237 47.47 60.85 24.55
CA GLU U 237 48.21 60.72 25.79
C GLU U 237 49.26 61.83 25.93
N LYS U 238 49.96 62.14 24.84
CA LYS U 238 50.94 63.21 24.89
C LYS U 238 50.27 64.55 25.21
N TYR U 239 49.12 64.81 24.57
CA TYR U 239 48.40 66.06 24.84
C TYR U 239 47.92 66.12 26.28
N ALA U 240 47.42 65.01 26.82
CA ALA U 240 46.97 64.99 28.20
C ALA U 240 48.12 65.22 29.17
N LYS U 241 49.26 64.57 28.93
CA LYS U 241 50.43 64.77 29.78
C LYS U 241 50.92 66.20 29.72
N GLU U 242 50.88 66.81 28.53
CA GLU U 242 51.25 68.22 28.42
C GLU U 242 50.28 69.11 29.18
N SER U 243 48.99 68.80 29.13
CA SER U 243 48.01 69.59 29.86
C SER U 243 48.19 69.46 31.36
N LEU U 244 48.66 68.31 31.84
CA LEU U 244 48.95 68.18 33.27
C LEU U 244 50.02 69.17 33.71
N LYS U 245 51.07 69.32 32.91
CA LYS U 245 52.12 70.29 33.23
C LYS U 245 51.62 71.70 32.93
N GLU U 246 51.94 72.63 33.83
CA GLU U 246 51.60 74.04 33.62
C GLU U 246 52.83 74.91 33.80
N THR V 35 -6.67 31.90 -6.23
CA THR V 35 -6.18 33.12 -5.63
C THR V 35 -5.06 33.75 -6.47
N THR V 36 -5.17 35.04 -6.73
CA THR V 36 -4.08 35.79 -7.34
C THR V 36 -3.82 37.03 -6.50
N ILE V 37 -2.58 37.19 -6.07
CA ILE V 37 -2.17 38.36 -5.32
C ILE V 37 -1.00 39.01 -6.04
N MET V 38 -0.89 40.32 -5.90
CA MET V 38 0.12 41.07 -6.64
C MET V 38 0.47 42.33 -5.86
N ALA V 39 1.73 42.75 -5.96
CA ALA V 39 2.17 44.01 -5.39
C ALA V 39 3.27 44.60 -6.27
N VAL V 40 3.22 45.92 -6.44
CA VAL V 40 4.15 46.64 -7.28
C VAL V 40 4.68 47.85 -6.52
N GLN V 41 5.97 48.10 -6.61
CA GLN V 41 6.58 49.26 -6.00
C GLN V 41 6.63 50.40 -7.01
N PHE V 42 6.28 51.60 -6.55
CA PHE V 42 6.54 52.83 -7.28
C PHE V 42 7.28 53.79 -6.36
N ASP V 43 7.71 54.92 -6.93
CA ASP V 43 8.74 55.74 -6.30
C ASP V 43 8.42 56.05 -4.84
N GLY V 44 7.20 56.48 -4.55
CA GLY V 44 6.83 56.83 -3.20
C GLY V 44 5.95 55.85 -2.46
N GLY V 45 5.78 54.61 -2.94
CA GLY V 45 4.92 53.70 -2.23
C GLY V 45 4.73 52.40 -2.98
N VAL V 46 3.64 51.71 -2.66
CA VAL V 46 3.32 50.42 -3.25
C VAL V 46 1.84 50.37 -3.63
N VAL V 47 1.53 49.46 -4.54
CA VAL V 47 0.16 49.10 -4.89
C VAL V 47 0.02 47.61 -4.68
N LEU V 48 -1.01 47.20 -3.93
CA LEU V 48 -1.33 45.82 -3.70
C LEU V 48 -2.69 45.50 -4.32
N GLY V 49 -2.86 44.26 -4.76
CA GLY V 49 -4.10 43.85 -5.37
C GLY V 49 -4.34 42.38 -5.16
N ALA V 50 -5.62 42.03 -5.07
CA ALA V 50 -6.02 40.63 -4.90
C ALA V 50 -7.39 40.40 -5.52
N ASP V 51 -7.65 39.13 -5.85
CA ASP V 51 -8.99 38.67 -6.14
C ASP V 51 -9.73 38.42 -4.82
N SER V 52 -10.99 38.02 -4.91
CA SER V 52 -11.80 37.87 -3.71
C SER V 52 -12.41 36.48 -3.56
N ARG V 53 -11.85 35.48 -4.22
CA ARG V 53 -12.45 34.15 -4.26
C ARG V 53 -11.79 33.23 -3.24
N THR V 54 -12.60 32.61 -2.40
CA THR V 54 -12.19 31.53 -1.51
C THR V 54 -13.03 30.31 -1.83
N THR V 55 -12.37 29.25 -2.28
CA THR V 55 -13.01 28.01 -2.69
C THR V 55 -12.77 26.91 -1.67
N THR V 56 -13.69 25.96 -1.64
CA THR V 56 -13.49 24.66 -1.00
C THR V 56 -13.75 23.62 -2.09
N GLY V 57 -12.70 23.18 -2.76
CA GLY V 57 -12.88 22.34 -3.93
C GLY V 57 -13.34 23.20 -5.10
N SER V 58 -14.44 22.80 -5.73
CA SER V 58 -15.05 23.59 -6.78
C SER V 58 -16.16 24.49 -6.27
N TYR V 59 -16.45 24.47 -4.98
CA TYR V 59 -17.47 25.33 -4.41
C TYR V 59 -16.84 26.64 -3.94
N ILE V 60 -17.44 27.75 -4.32
CA ILE V 60 -16.99 29.06 -3.88
C ILE V 60 -17.65 29.31 -2.52
N ALA V 61 -16.85 29.23 -1.46
CA ALA V 61 -17.37 29.45 -0.12
C ALA V 61 -17.42 30.94 0.23
N ASN V 62 -16.57 31.75 -0.37
CA ASN V 62 -16.62 33.19 -0.12
C ASN V 62 -16.28 33.89 -1.42
N ARG V 63 -17.21 34.63 -1.99
CA ARG V 63 -16.93 35.29 -3.26
C ARG V 63 -16.46 36.73 -3.09
N VAL V 64 -16.48 37.28 -1.88
CA VAL V 64 -16.04 38.66 -1.67
C VAL V 64 -14.93 38.72 -0.60
N THR V 65 -14.08 37.70 -0.55
CA THR V 65 -13.01 37.64 0.43
C THR V 65 -12.09 38.86 0.34
N ASP V 66 -11.68 39.36 1.51
CA ASP V 66 -10.69 40.43 1.61
C ASP V 66 -9.35 39.80 1.94
N LYS V 67 -8.49 39.68 0.93
CA LYS V 67 -7.18 39.07 1.09
C LYS V 67 -6.05 40.07 1.34
N LEU V 68 -6.34 41.37 1.29
CA LEU V 68 -5.37 42.40 1.63
C LEU V 68 -5.54 42.74 3.10
N THR V 69 -4.53 42.44 3.90
CA THR V 69 -4.64 42.53 5.36
C THR V 69 -3.69 43.59 5.89
N PRO V 70 -4.18 44.62 6.57
CA PRO V 70 -3.27 45.59 7.19
C PRO V 70 -2.53 44.96 8.35
N ILE V 71 -1.21 45.01 8.30
CA ILE V 71 -0.38 44.55 9.42
C ILE V 71 -0.06 45.71 10.33
N HIS V 72 0.18 46.88 9.75
CA HIS V 72 0.37 48.10 10.51
C HIS V 72 -0.16 49.25 9.66
N ASP V 73 -0.07 50.47 10.22
CA ASP V 73 -0.70 51.62 9.61
C ASP V 73 -0.33 51.79 8.14
N ARG V 74 0.91 51.46 7.78
CA ARG V 74 1.36 51.53 6.41
C ARG V 74 1.92 50.21 5.88
N ILE V 75 1.55 49.09 6.49
CA ILE V 75 2.09 47.80 6.07
C ILE V 75 0.94 46.82 5.89
N PHE V 76 0.86 46.23 4.70
CA PHE V 76 -0.16 45.27 4.34
C PHE V 76 0.48 43.95 3.97
N CYS V 77 -0.32 42.89 4.08
CA CYS V 77 0.04 41.60 3.53
C CYS V 77 -1.08 41.10 2.62
N CYS V 78 -0.67 40.54 1.49
CA CYS V 78 -1.52 39.71 0.64
C CYS V 78 -1.26 38.26 1.00
N ARG V 79 -2.32 37.48 1.08
CA ARG V 79 -2.27 36.10 1.57
C ARG V 79 -2.73 35.14 0.49
N SER V 80 -2.01 34.03 0.35
CA SER V 80 -2.44 32.94 -0.51
C SER V 80 -2.14 31.62 0.19
N GLY V 81 -2.91 30.59 -0.14
CA GLY V 81 -2.76 29.31 0.51
C GLY V 81 -3.89 29.03 1.47
N SER V 82 -3.60 28.26 2.53
CA SER V 82 -4.63 27.93 3.50
C SER V 82 -5.11 29.19 4.22
N ALA V 83 -6.43 29.37 4.26
CA ALA V 83 -7.01 30.56 4.88
C ALA V 83 -6.75 30.58 6.38
N ALA V 84 -6.91 29.43 7.04
CA ALA V 84 -6.63 29.35 8.47
C ALA V 84 -5.18 29.69 8.76
N ASP V 85 -4.24 29.14 7.99
CA ASP V 85 -2.83 29.37 8.24
C ASP V 85 -2.46 30.83 8.04
N THR V 86 -2.87 31.42 6.93
CA THR V 86 -2.51 32.81 6.66
C THR V 86 -3.18 33.76 7.64
N GLN V 87 -4.44 33.50 8.00
CA GLN V 87 -5.12 34.34 8.98
C GLN V 87 -4.43 34.28 10.34
N ALA V 88 -4.08 33.06 10.79
CA ALA V 88 -3.38 32.92 12.06
C ALA V 88 -2.03 33.63 12.05
N VAL V 89 -1.26 33.44 10.99
CA VAL V 89 0.07 34.03 10.93
C VAL V 89 -0.02 35.55 10.85
N ALA V 90 -0.97 36.07 10.09
CA ALA V 90 -1.13 37.52 9.99
C ALA V 90 -1.54 38.12 11.33
N ASP V 91 -2.42 37.43 12.07
CA ASP V 91 -2.79 37.92 13.40
C ASP V 91 -1.58 37.93 14.33
N ALA V 92 -0.80 36.86 14.32
CA ALA V 92 0.38 36.79 15.18
C ALA V 92 1.40 37.87 14.83
N VAL V 93 1.61 38.10 13.53
CA VAL V 93 2.59 39.11 13.13
C VAL V 93 2.08 40.51 13.45
N THR V 94 0.78 40.74 13.28
CA THR V 94 0.20 42.03 13.68
C THR V 94 0.46 42.29 15.16
N TYR V 95 0.21 41.28 15.99
CA TYR V 95 0.45 41.39 17.43
C TYR V 95 1.91 41.71 17.72
N GLN V 96 2.84 40.93 17.16
CA GLN V 96 4.25 41.13 17.42
C GLN V 96 4.74 42.49 16.93
N LEU V 97 4.32 42.88 15.73
CA LEU V 97 4.76 44.16 15.16
C LEU V 97 4.20 45.33 15.95
N GLY V 98 2.95 45.24 16.41
CA GLY V 98 2.40 46.31 17.22
C GLY V 98 3.13 46.48 18.53
N PHE V 99 3.41 45.36 19.21
CA PHE V 99 4.16 45.45 20.46
C PHE V 99 5.56 46.00 20.23
N HIS V 100 6.22 45.54 19.17
CA HIS V 100 7.56 46.00 18.85
C HIS V 100 7.57 47.50 18.54
N SER V 101 6.58 47.97 17.80
CA SER V 101 6.48 49.39 17.47
C SER V 101 6.23 50.23 18.71
N ILE V 102 5.39 49.74 19.62
CA ILE V 102 5.19 50.46 20.87
C ILE V 102 6.49 50.53 21.67
N GLU V 103 7.21 49.41 21.75
CA GLU V 103 8.45 49.39 22.52
C GLU V 103 9.49 50.34 21.95
N LEU V 104 9.66 50.33 20.63
CA LEU V 104 10.68 51.17 20.00
C LEU V 104 10.24 52.62 19.85
N ASN V 105 8.95 52.92 20.00
CA ASN V 105 8.42 54.26 19.76
C ASN V 105 8.83 54.77 18.39
N GLU V 106 8.69 53.90 17.39
CA GLU V 106 9.16 54.16 16.05
C GLU V 106 8.22 53.44 15.09
N PRO V 107 7.90 54.03 13.94
CA PRO V 107 7.13 53.30 12.93
C PRO V 107 7.86 52.06 12.48
N PRO V 108 7.16 50.96 12.30
CA PRO V 108 7.85 49.72 11.92
C PRO V 108 8.40 49.78 10.51
N LEU V 109 9.50 49.08 10.30
CA LEU V 109 10.05 48.90 8.97
C LEU V 109 9.31 47.78 8.25
N VAL V 110 9.12 47.97 6.94
CA VAL V 110 8.49 46.92 6.15
C VAL V 110 9.33 45.65 6.20
N HIS V 111 10.66 45.82 6.19
CA HIS V 111 11.56 44.68 6.30
C HIS V 111 11.38 43.95 7.62
N THR V 112 11.09 44.66 8.71
CA THR V 112 10.86 44.00 9.99
C THR V 112 9.62 43.12 9.94
N ALA V 113 8.53 43.61 9.35
CA ALA V 113 7.33 42.80 9.21
C ALA V 113 7.59 41.60 8.31
N ALA V 114 8.34 41.81 7.22
CA ALA V 114 8.68 40.69 6.35
C ALA V 114 9.54 39.67 7.08
N SER V 115 10.46 40.13 7.93
CA SER V 115 11.29 39.21 8.72
C SER V 115 10.45 38.42 9.72
N LEU V 116 9.48 39.06 10.36
CA LEU V 116 8.61 38.33 11.28
C LEU V 116 7.79 37.28 10.55
N PHE V 117 7.23 37.63 9.39
CA PHE V 117 6.52 36.66 8.58
C PHE V 117 7.43 35.52 8.15
N LYS V 118 8.66 35.84 7.74
CA LYS V 118 9.61 34.83 7.30
C LYS V 118 9.96 33.87 8.44
N GLU V 119 10.20 34.40 9.63
CA GLU V 119 10.51 33.54 10.76
C GLU V 119 9.36 32.60 11.07
N MET V 120 8.14 33.12 11.08
CA MET V 120 7.00 32.25 11.36
C MET V 120 6.81 31.20 10.26
N CYS V 121 6.96 31.59 9.00
CA CYS V 121 6.69 30.66 7.91
C CYS V 121 7.80 29.63 7.75
N TYR V 122 9.04 29.99 8.06
CA TYR V 122 10.13 29.03 8.00
C TYR V 122 10.08 28.07 9.19
N ARG V 123 9.79 28.58 10.38
CA ARG V 123 9.79 27.72 11.57
C ARG V 123 8.72 26.64 11.47
N TYR V 124 7.57 26.98 10.89
CA TYR V 124 6.45 26.05 10.75
C TYR V 124 6.19 25.71 9.29
N ARG V 125 7.24 25.56 8.50
CA ARG V 125 7.05 25.28 7.07
C ARG V 125 6.40 23.93 6.83
N GLU V 126 6.62 22.96 7.72
CA GLU V 126 6.01 21.66 7.56
C GLU V 126 4.53 21.63 7.95
N ASP V 127 4.05 22.66 8.64
CA ASP V 127 2.66 22.71 9.09
C ASP V 127 1.83 23.77 8.39
N LEU V 128 2.45 24.71 7.68
CA LEU V 128 1.74 25.83 7.08
C LEU V 128 1.74 25.73 5.57
N MET V 129 0.66 26.21 4.96
CA MET V 129 0.58 26.44 3.52
C MET V 129 0.24 27.91 3.35
N ALA V 130 1.28 28.74 3.25
CA ALA V 130 1.10 30.18 3.21
C ALA V 130 2.13 30.81 2.28
N GLY V 131 1.65 31.45 1.22
CA GLY V 131 2.47 32.34 0.43
C GLY V 131 2.05 33.78 0.67
N ILE V 132 2.99 34.61 1.11
CA ILE V 132 2.68 35.95 1.57
C ILE V 132 3.41 36.96 0.70
N ILE V 133 2.74 38.06 0.39
CA ILE V 133 3.41 39.26 -0.08
C ILE V 133 3.27 40.31 1.02
N ILE V 134 4.38 40.90 1.42
CA ILE V 134 4.38 41.96 2.41
C ILE V 134 4.77 43.25 1.69
N ALA V 135 3.88 44.21 1.65
CA ALA V 135 4.17 45.46 0.95
C ALA V 135 3.79 46.64 1.82
N GLY V 136 4.62 47.67 1.76
CA GLY V 136 4.29 48.86 2.52
C GLY V 136 5.29 49.96 2.34
N TRP V 137 5.13 51.00 3.13
CA TRP V 137 5.97 52.18 3.02
C TRP V 137 6.72 52.40 4.32
N ASP V 138 7.96 52.87 4.19
CA ASP V 138 8.84 53.22 5.28
C ASP V 138 9.38 54.63 5.07
N PRO V 139 9.60 55.37 6.16
CA PRO V 139 10.38 56.61 6.03
C PRO V 139 11.82 56.37 5.63
N GLN V 140 12.43 55.28 6.11
CA GLN V 140 13.82 54.98 5.80
C GLN V 140 14.03 54.38 4.43
N GLU V 141 13.09 53.58 3.95
CA GLU V 141 13.30 52.82 2.73
C GLU V 141 12.31 53.09 1.61
N GLY V 142 11.24 53.85 1.86
CA GLY V 142 10.27 54.08 0.82
C GLY V 142 9.31 52.91 0.64
N GLY V 143 8.83 52.73 -0.59
CA GLY V 143 7.93 51.63 -0.89
C GLY V 143 8.70 50.32 -1.08
N GLN V 144 8.15 49.25 -0.53
CA GLN V 144 8.84 47.98 -0.45
C GLN V 144 7.87 46.83 -0.67
N VAL V 145 8.32 45.84 -1.44
CA VAL V 145 7.58 44.62 -1.71
C VAL V 145 8.49 43.44 -1.36
N TYR V 146 7.98 42.51 -0.56
CA TYR V 146 8.71 41.32 -0.19
C TYR V 146 7.83 40.11 -0.45
N SER V 147 8.45 39.06 -0.97
CA SER V 147 7.78 37.79 -1.19
C SER V 147 8.28 36.81 -0.14
N VAL V 148 7.35 36.18 0.57
CA VAL V 148 7.67 35.06 1.44
C VAL V 148 6.86 33.89 0.91
N PRO V 149 7.41 33.12 -0.03
CA PRO V 149 6.68 31.98 -0.59
C PRO V 149 6.65 30.84 0.40
N MET V 150 5.94 29.78 0.03
CA MET V 150 5.92 28.57 0.84
C MET V 150 7.32 28.05 1.04
N GLY V 151 7.62 27.63 2.27
CA GLY V 151 8.94 27.23 2.67
C GLY V 151 9.65 28.24 3.54
N GLY V 152 9.31 29.52 3.43
CA GLY V 152 9.83 30.52 4.33
C GLY V 152 11.07 31.25 3.87
N MET V 153 11.31 31.35 2.57
CA MET V 153 12.35 32.24 2.08
C MET V 153 11.78 33.65 1.92
N MET V 154 12.68 34.64 1.94
CA MET V 154 12.30 36.03 1.88
C MET V 154 13.14 36.76 0.83
N VAL V 155 12.48 37.47 -0.07
CA VAL V 155 13.16 38.18 -1.14
C VAL V 155 12.45 39.50 -1.40
N ARG V 156 13.22 40.55 -1.61
CA ARG V 156 12.68 41.82 -2.06
C ARG V 156 12.65 41.87 -3.58
N GLN V 157 11.55 42.36 -4.12
CA GLN V 157 11.33 42.39 -5.56
C GLN V 157 10.75 43.73 -5.97
N PRO V 158 11.02 44.17 -7.20
CA PRO V 158 10.31 45.36 -7.71
C PRO V 158 8.82 45.15 -7.77
N PHE V 159 8.38 43.92 -8.06
CA PHE V 159 6.98 43.55 -7.99
C PHE V 159 6.92 42.04 -7.76
N ALA V 160 5.85 41.61 -7.12
CA ALA V 160 5.67 40.21 -6.79
C ALA V 160 4.25 39.78 -7.14
N ILE V 161 4.12 38.52 -7.57
CA ILE V 161 2.83 37.90 -7.80
C ILE V 161 2.80 36.56 -7.08
N GLY V 162 1.60 36.10 -6.79
CA GLY V 162 1.46 34.87 -6.01
C GLY V 162 0.08 34.30 -6.16
N GLY V 163 -0.06 33.09 -5.62
CA GLY V 163 -1.30 32.34 -5.70
C GLY V 163 -1.37 31.46 -6.93
N SER V 164 -2.46 30.70 -7.00
CA SER V 164 -2.65 29.75 -8.09
C SER V 164 -2.80 30.45 -9.44
N GLY V 165 -3.47 31.60 -9.47
CA GLY V 165 -3.64 32.32 -10.72
C GLY V 165 -2.38 32.97 -11.26
N SER V 166 -1.39 33.21 -10.40
CA SER V 166 -0.22 33.95 -10.81
C SER V 166 0.54 33.28 -11.95
N SER V 167 0.42 31.97 -12.10
CA SER V 167 1.13 31.31 -13.20
C SER V 167 0.68 31.82 -14.56
N TYR V 168 -0.58 32.22 -14.68
CA TYR V 168 -1.09 32.59 -15.99
C TYR V 168 -0.66 33.98 -16.44
N ILE V 169 -0.14 34.81 -15.54
CA ILE V 169 0.20 36.19 -15.86
C ILE V 169 1.69 36.45 -15.77
N TYR V 170 2.52 35.41 -15.64
CA TYR V 170 3.96 35.63 -15.57
C TYR V 170 4.47 36.28 -16.84
N GLY V 171 4.06 35.77 -17.99
CA GLY V 171 4.46 36.38 -19.25
C GLY V 171 3.92 37.78 -19.41
N TYR V 172 2.67 38.01 -19.01
CA TYR V 172 2.09 39.34 -19.14
C TYR V 172 2.84 40.36 -18.30
N VAL V 173 3.11 40.05 -17.04
CA VAL V 173 3.82 41.02 -16.19
C VAL V 173 5.26 41.17 -16.64
N ASP V 174 5.87 40.11 -17.16
CA ASP V 174 7.23 40.23 -17.69
C ASP V 174 7.27 41.16 -18.89
N ALA V 175 6.28 41.06 -19.77
CA ALA V 175 6.25 41.91 -20.96
C ALA V 175 5.78 43.33 -20.67
N THR V 176 5.02 43.53 -19.61
CA THR V 176 4.35 44.81 -19.39
C THR V 176 5.07 45.71 -18.41
N TYR V 177 5.66 45.16 -17.35
CA TYR V 177 6.27 45.99 -16.32
C TYR V 177 7.40 46.84 -16.88
N ARG V 178 7.46 48.09 -16.45
CA ARG V 178 8.52 49.01 -16.84
C ARG V 178 8.89 49.87 -15.64
N GLU V 179 10.14 50.29 -15.58
CA GLU V 179 10.63 51.06 -14.46
C GLU V 179 10.13 52.51 -14.55
N GLY V 180 9.78 53.07 -13.40
CA GLY V 180 9.36 54.45 -13.32
C GLY V 180 7.88 54.70 -13.47
N MET V 181 7.05 53.67 -13.33
CA MET V 181 5.61 53.86 -13.38
C MET V 181 5.11 54.67 -12.20
N THR V 182 4.09 55.49 -12.44
CA THR V 182 3.48 56.27 -11.39
C THR V 182 2.49 55.42 -10.59
N LYS V 183 1.85 56.03 -9.60
CA LYS V 183 0.86 55.31 -8.82
C LYS V 183 -0.31 54.85 -9.67
N GLU V 184 -0.78 55.72 -10.58
CA GLU V 184 -1.90 55.36 -11.44
C GLU V 184 -1.52 54.27 -12.43
N GLU V 185 -0.32 54.35 -13.01
CA GLU V 185 0.14 53.29 -13.88
C GLU V 185 0.25 51.97 -13.14
N CYS V 186 0.72 52.01 -11.89
CA CYS V 186 0.82 50.79 -11.09
C CYS V 186 -0.55 50.21 -10.79
N LEU V 187 -1.52 51.07 -10.46
CA LEU V 187 -2.88 50.60 -10.22
C LEU V 187 -3.46 49.96 -11.46
N GLN V 188 -3.26 50.56 -12.63
CA GLN V 188 -3.79 49.99 -13.87
C GLN V 188 -3.09 48.67 -14.21
N PHE V 189 -1.77 48.62 -14.04
CA PHE V 189 -1.00 47.39 -14.26
C PHE V 189 -1.52 46.25 -13.39
N THR V 190 -1.72 46.53 -12.10
CA THR V 190 -2.22 45.51 -11.19
C THR V 190 -3.63 45.07 -11.54
N ALA V 191 -4.50 46.02 -11.88
CA ALA V 191 -5.87 45.67 -12.25
C ALA V 191 -5.90 44.80 -13.50
N ASN V 192 -5.11 45.15 -14.52
CA ASN V 192 -5.09 44.36 -15.76
C ASN V 192 -4.59 42.94 -15.49
N ALA V 193 -3.48 42.82 -14.76
CA ALA V 193 -2.93 41.49 -14.50
C ALA V 193 -3.90 40.63 -13.69
N LEU V 194 -4.51 41.22 -12.67
CA LEU V 194 -5.46 40.46 -11.86
C LEU V 194 -6.67 40.04 -12.68
N ALA V 195 -7.16 40.93 -13.55
CA ALA V 195 -8.30 40.57 -14.40
C ALA V 195 -7.97 39.41 -15.31
N LEU V 196 -6.79 39.42 -15.93
CA LEU V 196 -6.40 38.31 -16.80
C LEU V 196 -6.32 37.00 -16.03
N ALA V 197 -5.68 37.04 -14.86
CA ALA V 197 -5.60 35.82 -14.05
C ALA V 197 -6.98 35.33 -13.64
N MET V 198 -7.88 36.25 -13.29
CA MET V 198 -9.21 35.84 -12.86
C MET V 198 -10.00 35.23 -14.00
N GLU V 199 -9.80 35.73 -15.23
CA GLU V 199 -10.47 35.12 -16.37
C GLU V 199 -9.93 33.73 -16.65
N ARG V 200 -8.65 33.47 -16.38
CA ARG V 200 -8.17 32.13 -16.70
C ARG V 200 -8.25 31.14 -15.55
N ASP V 201 -8.01 31.57 -14.32
CA ASP V 201 -7.85 30.65 -13.20
C ASP V 201 -9.18 30.39 -12.52
N GLY V 202 -9.59 29.12 -12.46
CA GLY V 202 -10.84 28.75 -11.82
C GLY V 202 -10.85 29.00 -10.33
N SER V 203 -9.68 29.07 -9.70
CA SER V 203 -9.59 29.36 -8.27
C SER V 203 -9.60 30.85 -7.97
N SER V 204 -9.67 31.71 -8.98
CA SER V 204 -9.69 33.14 -8.80
C SER V 204 -10.94 33.72 -9.43
N GLY V 205 -11.38 34.87 -8.91
CA GLY V 205 -12.55 35.52 -9.44
C GLY V 205 -13.11 36.49 -8.43
N GLY V 206 -14.29 36.98 -8.74
CA GLY V 206 -15.00 37.89 -7.85
C GLY V 206 -14.70 39.35 -8.17
N VAL V 207 -14.17 40.08 -7.20
CA VAL V 207 -13.84 41.48 -7.37
C VAL V 207 -12.34 41.65 -7.20
N ILE V 208 -11.85 42.79 -7.66
CA ILE V 208 -10.45 43.15 -7.49
C ILE V 208 -10.36 44.15 -6.34
N ARG V 209 -9.59 43.81 -5.32
CA ARG V 209 -9.34 44.73 -4.22
C ARG V 209 -7.95 45.32 -4.39
N LEU V 210 -7.85 46.65 -4.41
CA LEU V 210 -6.60 47.35 -4.57
C LEU V 210 -6.34 48.26 -3.39
N ALA V 211 -5.06 48.46 -3.08
CA ALA V 211 -4.63 49.31 -1.99
C ALA V 211 -3.36 50.03 -2.40
N ALA V 212 -3.39 51.35 -2.42
CA ALA V 212 -2.20 52.16 -2.64
C ALA V 212 -1.72 52.68 -1.29
N ILE V 213 -0.48 52.34 -0.94
CA ILE V 213 0.15 52.77 0.29
C ILE V 213 1.26 53.76 -0.05
N ALA V 214 1.18 54.94 0.53
CA ALA V 214 2.23 55.93 0.42
C ALA V 214 2.38 56.59 1.79
N GLU V 215 3.27 57.57 1.87
CA GLU V 215 3.43 58.33 3.11
C GLU V 215 2.14 58.98 3.61
N PRO V 216 1.31 59.62 2.77
CA PRO V 216 0.06 60.20 3.30
C PRO V 216 -0.90 59.18 3.90
N GLY V 217 -0.94 57.97 3.39
CA GLY V 217 -1.83 56.97 3.96
C GLY V 217 -2.12 55.85 2.98
N VAL V 218 -3.26 55.20 3.21
CA VAL V 218 -3.69 54.04 2.46
C VAL V 218 -5.00 54.38 1.76
N GLU V 219 -5.06 54.12 0.46
CA GLU V 219 -6.28 54.30 -0.33
C GLU V 219 -6.70 52.94 -0.87
N ARG V 220 -7.86 52.48 -0.44
CA ARG V 220 -8.38 51.18 -0.84
C ARG V 220 -9.53 51.36 -1.81
N GLN V 221 -9.64 50.47 -2.78
CA GLN V 221 -10.74 50.51 -3.72
C GLN V 221 -11.10 49.10 -4.15
N VAL V 222 -12.32 48.96 -4.65
CA VAL V 222 -12.84 47.70 -5.17
C VAL V 222 -13.27 47.93 -6.60
N LEU V 223 -12.71 47.15 -7.52
CA LEU V 223 -13.15 47.08 -8.90
C LEU V 223 -14.10 45.90 -9.04
N LEU V 224 -15.33 46.18 -9.45
CA LEU V 224 -16.33 45.14 -9.59
C LEU V 224 -17.17 45.39 -10.83
N GLY V 225 -17.64 44.30 -11.43
CA GLY V 225 -18.52 44.41 -12.57
C GLY V 225 -17.80 44.97 -13.78
N ASP V 226 -18.36 46.04 -14.36
CA ASP V 226 -17.78 46.64 -15.55
C ASP V 226 -16.53 47.45 -15.24
N GLN V 227 -16.21 47.66 -13.97
CA GLN V 227 -14.98 48.35 -13.62
C GLN V 227 -13.76 47.45 -13.83
N ILE V 228 -13.95 46.14 -13.79
CA ILE V 228 -12.85 45.20 -13.99
C ILE V 228 -12.40 45.27 -15.45
N PRO V 229 -11.10 45.32 -15.73
CA PRO V 229 -10.64 45.38 -17.12
C PRO V 229 -11.14 44.17 -17.92
N LYS V 230 -11.55 44.44 -19.15
CA LYS V 230 -12.19 43.46 -20.01
C LYS V 230 -11.28 43.14 -21.18
N PHE V 231 -11.15 41.85 -21.49
CA PHE V 231 -10.38 41.39 -22.64
C PHE V 231 -11.26 40.45 -23.44
N THR V 232 -11.54 40.83 -24.68
CA THR V 232 -12.49 40.09 -25.51
C THR V 232 -12.00 38.68 -25.78
N ILE V 233 -12.92 37.72 -25.69
CA ILE V 233 -12.62 36.34 -26.05
C ILE V 233 -12.46 36.25 -27.56
N ALA V 234 -11.39 35.59 -28.00
CA ALA V 234 -11.15 35.44 -29.43
C ALA V 234 -12.06 34.35 -29.99
N THR V 235 -12.88 34.71 -30.98
CA THR V 235 -13.80 33.80 -31.62
C THR V 235 -13.44 33.63 -33.08
N LEU V 236 -14.05 32.62 -33.71
CA LEU V 236 -13.81 32.27 -35.10
C LEU V 236 -12.35 31.91 -35.38
N THR W 44 -27.47 18.35 7.90
CA THR W 44 -27.62 19.61 8.62
C THR W 44 -27.61 20.81 7.67
N THR W 45 -28.59 21.69 7.85
CA THR W 45 -28.60 22.99 7.19
C THR W 45 -28.68 24.06 8.27
N ILE W 46 -27.67 24.91 8.34
CA ILE W 46 -27.72 26.09 9.19
C ILE W 46 -27.43 27.31 8.33
N ALA W 47 -28.05 28.43 8.66
CA ALA W 47 -27.91 29.64 7.87
C ALA W 47 -28.03 30.86 8.76
N GLY W 48 -27.58 31.99 8.25
CA GLY W 48 -27.70 33.24 8.96
C GLY W 48 -27.63 34.41 8.01
N VAL W 49 -28.36 35.46 8.32
CA VAL W 49 -28.33 36.71 7.56
C VAL W 49 -28.21 37.90 8.51
N VAL W 50 -27.64 38.97 7.99
CA VAL W 50 -27.68 40.28 8.62
C VAL W 50 -28.81 41.06 7.96
N TYR W 51 -29.78 41.48 8.75
CA TYR W 51 -30.80 42.41 8.30
C TYR W 51 -30.61 43.73 9.00
N LYS W 52 -31.41 44.72 8.60
CA LYS W 52 -31.12 46.11 8.96
C LYS W 52 -31.04 46.33 10.47
N ASP W 53 -31.76 45.54 11.26
CA ASP W 53 -31.74 45.71 12.70
C ASP W 53 -30.99 44.61 13.44
N GLY W 54 -30.42 43.64 12.75
CA GLY W 54 -29.74 42.59 13.47
C GLY W 54 -29.43 41.34 12.70
N ILE W 55 -29.59 40.19 13.36
CA ILE W 55 -29.19 38.91 12.82
C ILE W 55 -30.38 37.96 12.87
N VAL W 56 -30.54 37.14 11.83
CA VAL W 56 -31.44 36.00 11.88
C VAL W 56 -30.62 34.75 11.65
N LEU W 57 -30.66 33.82 12.60
CA LEU W 57 -30.05 32.52 12.48
C LEU W 57 -31.13 31.47 12.32
N GLY W 58 -30.83 30.42 11.55
CA GLY W 58 -31.79 29.38 11.32
C GLY W 58 -31.09 28.03 11.22
N ALA W 59 -31.82 26.99 11.57
CA ALA W 59 -31.28 25.63 11.50
C ALA W 59 -32.40 24.64 11.29
N ASP W 60 -32.05 23.50 10.70
CA ASP W 60 -32.96 22.38 10.77
C ASP W 60 -32.78 21.64 12.10
N THR W 61 -33.61 20.63 12.35
CA THR W 61 -33.60 19.96 13.64
C THR W 61 -33.38 18.44 13.53
N ARG W 62 -32.83 17.95 12.43
CA ARG W 62 -32.61 16.52 12.26
C ARG W 62 -31.15 16.19 12.58
N ALA W 63 -30.95 15.13 13.35
CA ALA W 63 -29.62 14.59 13.62
C ALA W 63 -29.60 13.12 13.22
N THR W 64 -28.80 12.80 12.21
CA THR W 64 -28.70 11.45 11.68
C THR W 64 -27.45 10.76 12.19
N GLU W 65 -27.57 9.47 12.49
CA GLU W 65 -26.42 8.60 12.77
C GLU W 65 -26.26 7.69 11.56
N GLY W 66 -25.24 7.95 10.75
CA GLY W 66 -25.10 7.25 9.49
C GLY W 66 -26.14 7.70 8.49
N MET W 67 -27.04 6.80 8.08
CA MET W 67 -28.15 7.14 7.21
C MET W 67 -29.49 6.91 7.88
N VAL W 68 -29.51 6.89 9.21
CA VAL W 68 -30.71 6.67 9.99
C VAL W 68 -30.94 7.91 10.86
N VAL W 69 -32.18 8.35 10.94
CA VAL W 69 -32.51 9.51 11.76
C VAL W 69 -32.46 9.09 13.22
N ALA W 70 -31.50 9.63 13.97
CA ALA W 70 -31.43 9.40 15.39
C ALA W 70 -32.32 10.35 16.18
N ASP W 71 -32.14 11.66 15.97
CA ASP W 71 -32.91 12.68 16.67
C ASP W 71 -33.77 13.42 15.67
N LYS W 72 -35.08 13.44 15.91
CA LYS W 72 -35.98 14.21 15.08
C LYS W 72 -36.05 15.67 15.48
N ASN W 73 -35.75 16.00 16.73
CA ASN W 73 -35.81 17.38 17.20
C ASN W 73 -34.51 17.72 17.91
N CYS W 74 -33.49 18.05 17.13
CA CYS W 74 -32.18 18.41 17.64
C CYS W 74 -32.05 19.93 17.64
N SER W 75 -31.56 20.48 18.75
CA SER W 75 -31.36 21.92 18.86
C SER W 75 -29.95 22.24 18.41
N LYS W 76 -29.83 22.98 17.31
CA LYS W 76 -28.55 23.29 16.71
C LYS W 76 -28.14 24.75 16.86
N ILE W 77 -28.99 25.58 17.45
CA ILE W 77 -28.68 26.98 17.71
C ILE W 77 -28.30 27.12 19.17
N HIS W 78 -27.06 27.49 19.43
CA HIS W 78 -26.47 27.43 20.77
C HIS W 78 -26.32 28.82 21.35
N PHE W 79 -26.74 28.97 22.60
CA PHE W 79 -26.48 30.18 23.36
C PHE W 79 -24.98 30.37 23.54
N ILE W 80 -24.51 31.58 23.24
CA ILE W 80 -23.17 32.02 23.61
C ILE W 80 -23.24 33.05 24.72
N SER W 81 -24.08 34.07 24.53
CA SER W 81 -24.30 35.15 25.47
C SER W 81 -25.66 35.74 25.14
N PRO W 82 -26.24 36.55 26.04
CA PRO W 82 -27.60 37.06 25.77
C PRO W 82 -27.72 37.82 24.46
N ASN W 83 -26.61 38.24 23.87
CA ASN W 83 -26.63 38.95 22.59
C ASN W 83 -25.93 38.20 21.48
N ILE W 84 -25.37 37.02 21.74
CA ILE W 84 -24.59 36.26 20.75
C ILE W 84 -25.07 34.82 20.76
N TYR W 85 -25.36 34.29 19.57
CA TYR W 85 -25.75 32.90 19.40
C TYR W 85 -24.91 32.26 18.32
N CYS W 86 -24.97 30.94 18.24
CA CYS W 86 -24.16 30.18 17.30
C CYS W 86 -24.90 28.94 16.86
N CYS W 87 -25.07 28.79 15.56
CA CYS W 87 -25.51 27.53 14.97
C CYS W 87 -24.29 26.65 14.73
N GLY W 88 -24.48 25.36 14.89
CA GLY W 88 -23.38 24.41 14.76
C GLY W 88 -23.66 23.29 13.79
N ALA W 89 -22.62 22.89 13.06
CA ALA W 89 -22.61 21.75 12.18
C ALA W 89 -21.29 21.02 12.35
N GLY W 90 -21.18 19.86 11.72
CA GLY W 90 -20.01 19.04 11.87
C GLY W 90 -20.17 18.04 13.00
N THR W 91 -19.07 17.67 13.64
CA THR W 91 -19.14 16.75 14.77
C THR W 91 -19.92 17.38 15.91
N ALA W 92 -21.05 16.78 16.26
CA ALA W 92 -21.98 17.42 17.19
C ALA W 92 -21.38 17.57 18.58
N ALA W 93 -20.66 16.57 19.05
CA ALA W 93 -20.00 16.68 20.35
C ALA W 93 -18.98 17.80 20.35
N ASP W 94 -18.19 17.92 19.28
CA ASP W 94 -17.23 19.00 19.17
C ASP W 94 -17.92 20.36 19.20
N THR W 95 -19.02 20.49 18.48
CA THR W 95 -19.75 21.75 18.44
C THR W 95 -20.29 22.11 19.82
N ASP W 96 -20.93 21.15 20.50
CA ASP W 96 -21.49 21.42 21.81
C ASP W 96 -20.41 21.81 22.80
N MET W 97 -19.30 21.06 22.83
CA MET W 97 -18.25 21.34 23.79
C MET W 97 -17.57 22.68 23.50
N THR W 98 -17.30 22.98 22.24
CA THR W 98 -16.64 24.23 21.89
C THR W 98 -17.51 25.42 22.24
N THR W 99 -18.81 25.36 21.90
CA THR W 99 -19.71 26.46 22.20
C THR W 99 -19.88 26.63 23.71
N GLN W 100 -19.96 25.52 24.45
CA GLN W 100 -20.06 25.61 25.90
C GLN W 100 -18.82 26.26 26.51
N LEU W 101 -17.64 25.86 26.03
CA LEU W 101 -16.40 26.44 26.55
C LEU W 101 -16.31 27.92 26.25
N ILE W 102 -16.66 28.33 25.03
CA ILE W 102 -16.56 29.74 24.68
C ILE W 102 -17.62 30.55 25.42
N SER W 103 -18.82 30.00 25.57
CA SER W 103 -19.85 30.68 26.35
C SER W 103 -19.40 30.90 27.79
N SER W 104 -18.78 29.89 28.39
CA SER W 104 -18.26 30.02 29.75
C SER W 104 -17.16 31.08 29.84
N ASN W 105 -16.23 31.07 28.88
CA ASN W 105 -15.15 32.06 28.90
C ASN W 105 -15.67 33.47 28.68
N LEU W 106 -16.65 33.63 27.80
CA LEU W 106 -17.24 34.94 27.58
C LEU W 106 -18.05 35.42 28.78
N GLU W 107 -18.69 34.50 29.51
CA GLU W 107 -19.36 34.89 30.74
C GLU W 107 -18.35 35.40 31.75
N LEU W 108 -17.21 34.71 31.89
CA LEU W 108 -16.16 35.19 32.77
C LEU W 108 -15.67 36.57 32.33
N HIS W 109 -15.47 36.74 31.02
CA HIS W 109 -14.99 38.01 30.48
C HIS W 109 -15.98 39.13 30.75
N SER W 110 -17.27 38.87 30.59
CA SER W 110 -18.26 39.92 30.76
C SER W 110 -18.50 40.24 32.24
N LEU W 111 -18.37 39.24 33.12
CA LEU W 111 -18.37 39.53 34.55
C LEU W 111 -17.17 40.40 34.93
N SER W 112 -16.01 40.11 34.36
CA SER W 112 -14.82 40.89 34.67
C SER W 112 -14.92 42.32 34.17
N THR W 113 -15.35 42.51 32.92
CA THR W 113 -15.41 43.85 32.35
C THR W 113 -16.70 44.59 32.70
N GLY W 114 -17.74 43.88 33.14
CA GLY W 114 -19.01 44.52 33.40
C GLY W 114 -19.71 45.04 32.17
N ARG W 115 -19.26 44.64 30.98
CA ARG W 115 -19.78 45.15 29.72
C ARG W 115 -20.39 44.01 28.92
N LEU W 116 -21.12 44.38 27.88
CA LEU W 116 -21.73 43.40 27.00
C LEU W 116 -20.66 42.75 26.12
N PRO W 117 -20.73 41.44 25.89
CA PRO W 117 -19.72 40.80 25.04
C PRO W 117 -19.82 41.26 23.60
N ARG W 118 -18.68 41.27 22.93
CA ARG W 118 -18.61 41.57 21.51
C ARG W 118 -18.56 40.28 20.71
N VAL W 119 -19.14 40.32 19.51
CA VAL W 119 -19.08 39.18 18.61
C VAL W 119 -17.66 38.91 18.17
N VAL W 120 -16.84 39.95 18.02
CA VAL W 120 -15.46 39.78 17.61
C VAL W 120 -14.68 38.98 18.64
N THR W 121 -14.97 39.15 19.92
CA THR W 121 -14.28 38.39 20.95
C THR W 121 -14.62 36.91 20.85
N ALA W 122 -15.90 36.58 20.68
CA ALA W 122 -16.29 35.18 20.49
C ALA W 122 -15.64 34.60 19.26
N ASN W 123 -15.62 35.36 18.17
CA ASN W 123 -14.97 34.91 16.94
C ASN W 123 -13.48 34.64 17.17
N ARG W 124 -12.79 35.55 17.85
CA ARG W 124 -11.36 35.41 18.07
C ARG W 124 -11.05 34.19 18.95
N MET W 125 -11.80 34.04 20.04
CA MET W 125 -11.60 32.88 20.92
C MET W 125 -11.84 31.58 20.16
N LEU W 126 -12.95 31.52 19.41
CA LEU W 126 -13.28 30.32 18.67
C LEU W 126 -12.23 29.98 17.64
N LYS W 127 -11.77 30.97 16.88
CA LYS W 127 -10.82 30.69 15.81
C LYS W 127 -9.45 30.32 16.36
N GLN W 128 -9.02 30.94 17.46
CA GLN W 128 -7.75 30.56 18.04
C GLN W 128 -7.80 29.15 18.60
N MET W 129 -8.89 28.81 19.29
CA MET W 129 -9.04 27.46 19.81
C MET W 129 -9.08 26.43 18.68
N LEU W 130 -9.83 26.71 17.61
CA LEU W 130 -9.94 25.75 16.52
C LEU W 130 -8.64 25.61 15.76
N PHE W 131 -7.90 26.72 15.58
CA PHE W 131 -6.61 26.63 14.89
C PHE W 131 -5.61 25.83 15.69
N ARG W 132 -5.55 26.04 17.01
CA ARG W 132 -4.58 25.29 17.80
C ARG W 132 -4.81 23.79 17.72
N TYR W 133 -6.02 23.35 17.41
CA TYR W 133 -6.33 21.94 17.29
C TYR W 133 -6.21 21.41 15.86
N GLN W 134 -5.85 22.27 14.90
CA GLN W 134 -5.48 21.86 13.55
C GLN W 134 -6.59 21.06 12.86
N GLY W 135 -7.83 21.47 13.05
CA GLY W 135 -8.94 20.82 12.40
C GLY W 135 -9.41 19.53 13.03
N TYR W 136 -8.83 19.12 14.15
CA TYR W 136 -9.25 17.87 14.78
C TYR W 136 -10.58 18.04 15.52
N ILE W 137 -10.82 19.20 16.11
CA ILE W 137 -12.14 19.54 16.61
C ILE W 137 -12.98 19.94 15.41
N GLY W 138 -13.96 19.11 15.06
CA GLY W 138 -14.74 19.33 13.86
C GLY W 138 -15.98 20.15 14.06
N ALA W 139 -15.82 21.41 14.43
CA ALA W 139 -16.93 22.32 14.65
C ALA W 139 -16.99 23.32 13.50
N ALA W 140 -18.12 23.37 12.82
CA ALA W 140 -18.37 24.39 11.80
C ALA W 140 -19.48 25.28 12.34
N LEU W 141 -19.21 26.57 12.44
CA LEU W 141 -20.06 27.44 13.23
C LEU W 141 -20.56 28.61 12.40
N VAL W 142 -21.81 28.99 12.65
CA VAL W 142 -22.34 30.28 12.21
C VAL W 142 -22.58 31.09 13.47
N LEU W 143 -21.78 32.14 13.66
CA LEU W 143 -21.78 32.92 14.88
C LEU W 143 -22.40 34.28 14.60
N GLY W 144 -23.49 34.59 15.26
CA GLY W 144 -24.21 35.82 15.01
C GLY W 144 -24.55 36.56 16.28
N GLY W 145 -24.34 37.86 16.26
CA GLY W 145 -24.68 38.64 17.45
C GLY W 145 -24.85 40.10 17.14
N VAL W 146 -25.32 40.82 18.14
CA VAL W 146 -25.46 42.27 18.08
C VAL W 146 -24.77 42.85 19.30
N ASP W 147 -23.77 43.70 19.07
CA ASP W 147 -23.06 44.32 20.18
C ASP W 147 -23.09 45.83 20.02
N VAL W 148 -22.27 46.53 20.80
CA VAL W 148 -22.25 47.99 20.75
C VAL W 148 -21.87 48.48 19.35
N THR W 149 -21.20 47.65 18.57
CA THR W 149 -20.79 48.05 17.22
C THR W 149 -21.84 47.70 16.16
N GLY W 150 -22.89 46.97 16.54
CA GLY W 150 -23.93 46.61 15.62
C GLY W 150 -24.05 45.11 15.42
N PRO W 151 -24.78 44.69 14.38
CA PRO W 151 -24.88 43.26 14.09
C PRO W 151 -23.66 42.75 13.35
N HIS W 152 -23.26 41.53 13.69
CA HIS W 152 -22.12 40.86 13.08
C HIS W 152 -22.43 39.39 12.88
N LEU W 153 -21.94 38.85 11.78
CA LEU W 153 -22.17 37.48 11.38
C LEU W 153 -20.87 36.90 10.86
N TYR W 154 -20.47 35.77 11.41
CA TYR W 154 -19.23 35.12 11.02
C TYR W 154 -19.50 33.66 10.70
N SER W 155 -18.79 33.14 9.71
CA SER W 155 -18.68 31.70 9.51
C SER W 155 -17.31 31.27 10.03
N ILE W 156 -17.28 30.15 10.73
CA ILE W 156 -16.06 29.64 11.34
C ILE W 156 -15.89 28.19 10.94
N TYR W 157 -14.79 27.88 10.41
CA TYR W 157 -14.49 26.56 9.88
C TYR W 157 -13.58 25.79 10.82
N PRO W 158 -13.65 24.45 10.79
CA PRO W 158 -12.96 23.65 11.82
C PRO W 158 -11.46 23.85 11.88
N HIS W 159 -10.81 24.24 10.79
CA HIS W 159 -9.37 24.48 10.83
C HIS W 159 -9.01 25.84 11.42
N GLY W 160 -9.98 26.71 11.67
CA GLY W 160 -9.73 27.98 12.31
C GLY W 160 -9.82 29.20 11.42
N SER W 161 -10.33 29.08 10.20
CA SER W 161 -10.54 30.24 9.35
C SER W 161 -11.94 30.79 9.56
N THR W 162 -12.07 32.11 9.47
CA THR W 162 -13.34 32.77 9.64
C THR W 162 -13.61 33.70 8.47
N ASP W 163 -14.88 33.95 8.23
CA ASP W 163 -15.34 34.90 7.22
C ASP W 163 -16.41 35.78 7.83
N LYS W 164 -16.28 37.09 7.67
CA LYS W 164 -17.30 38.03 8.13
C LYS W 164 -18.15 38.43 6.93
N LEU W 165 -19.41 37.98 6.91
CA LEU W 165 -20.24 38.07 5.72
C LEU W 165 -21.64 38.52 6.11
N PRO W 166 -22.40 39.05 5.14
CA PRO W 166 -23.81 39.41 5.43
C PRO W 166 -24.77 38.23 5.39
N TYR W 167 -24.40 37.11 4.79
CA TYR W 167 -25.20 35.90 4.87
C TYR W 167 -24.28 34.71 4.71
N VAL W 168 -24.54 33.65 5.48
CA VAL W 168 -23.72 32.46 5.48
C VAL W 168 -24.61 31.24 5.58
N THR W 169 -24.13 30.13 5.03
CA THR W 169 -24.77 28.82 5.20
C THR W 169 -23.69 27.80 5.52
N MET W 170 -24.10 26.72 6.17
CA MET W 170 -23.16 25.70 6.60
C MET W 170 -23.90 24.37 6.75
N GLY W 171 -23.14 23.29 6.63
CA GLY W 171 -23.68 21.95 6.70
C GLY W 171 -23.83 21.30 5.35
N SER W 172 -24.45 20.12 5.36
CA SER W 172 -24.61 19.36 4.13
C SER W 172 -25.67 19.98 3.22
N GLY W 173 -26.63 20.71 3.77
CA GLY W 173 -27.62 21.40 2.98
C GLY W 173 -27.22 22.83 2.68
N SER W 174 -25.95 23.17 2.92
CA SER W 174 -25.53 24.57 2.84
C SER W 174 -25.63 25.12 1.42
N LEU W 175 -25.43 24.28 0.41
CA LEU W 175 -25.46 24.79 -0.97
C LEU W 175 -26.88 25.13 -1.42
N ALA W 176 -27.88 24.36 -0.99
CA ALA W 176 -29.26 24.70 -1.30
C ALA W 176 -29.69 26.01 -0.63
N ALA W 177 -29.38 26.15 0.65
CA ALA W 177 -29.68 27.37 1.37
C ALA W 177 -28.94 28.56 0.76
N MET W 178 -27.68 28.35 0.38
CA MET W 178 -26.91 29.40 -0.28
C MET W 178 -27.54 29.78 -1.63
N ALA W 179 -28.06 28.81 -2.36
CA ALA W 179 -28.75 29.12 -3.61
C ALA W 179 -29.94 30.03 -3.35
N VAL W 180 -30.71 29.72 -2.31
CA VAL W 180 -31.81 30.58 -1.92
C VAL W 180 -31.31 32.00 -1.62
N PHE W 181 -30.22 32.09 -0.85
CA PHE W 181 -29.70 33.40 -0.46
C PHE W 181 -29.24 34.20 -1.67
N GLU W 182 -28.47 33.57 -2.56
CA GLU W 182 -27.98 34.28 -3.74
C GLU W 182 -29.11 34.67 -4.68
N ASP W 183 -30.21 33.91 -4.66
CA ASP W 183 -31.35 34.30 -5.47
C ASP W 183 -32.13 35.45 -4.85
N LYS W 184 -32.25 35.50 -3.52
CA LYS W 184 -33.24 36.36 -2.91
C LYS W 184 -32.74 37.33 -1.84
N PHE W 185 -31.46 37.32 -1.48
CA PHE W 185 -30.99 38.24 -0.44
C PHE W 185 -30.93 39.66 -0.95
N ARG W 186 -31.32 40.60 -0.10
CA ARG W 186 -31.13 42.02 -0.32
C ARG W 186 -30.64 42.66 0.97
N PRO W 187 -29.78 43.66 0.87
CA PRO W 187 -29.30 44.32 2.09
C PRO W 187 -30.40 45.12 2.78
N ASP W 188 -30.26 45.24 4.10
CA ASP W 188 -31.16 46.04 4.93
C ASP W 188 -32.61 45.57 4.83
N MET W 189 -32.80 44.25 4.82
CA MET W 189 -34.13 43.69 4.90
C MET W 189 -34.77 44.01 6.25
N GLU W 190 -36.09 44.01 6.26
CA GLU W 190 -36.86 44.09 7.49
C GLU W 190 -36.83 42.75 8.22
N GLU W 191 -37.26 42.77 9.49
CA GLU W 191 -37.19 41.56 10.31
C GLU W 191 -38.05 40.43 9.74
N GLU W 192 -39.28 40.75 9.34
CA GLU W 192 -40.16 39.72 8.79
C GLU W 192 -39.64 39.18 7.47
N GLU W 193 -39.13 40.06 6.61
CA GLU W 193 -38.52 39.62 5.36
C GLU W 193 -37.34 38.70 5.61
N ALA W 194 -36.49 39.06 6.57
CA ALA W 194 -35.32 38.25 6.89
C ALA W 194 -35.72 36.89 7.44
N LYS W 195 -36.75 36.86 8.30
CA LYS W 195 -37.22 35.58 8.82
C LYS W 195 -37.77 34.69 7.71
N LYS W 196 -38.54 35.27 6.79
CA LYS W 196 -39.05 34.48 5.67
C LYS W 196 -37.90 33.95 4.81
N LEU W 197 -36.90 34.79 4.56
CA LEU W 197 -35.78 34.36 3.71
C LEU W 197 -34.99 33.22 4.37
N VAL W 198 -34.71 33.35 5.66
CA VAL W 198 -33.94 32.30 6.34
C VAL W 198 -34.75 31.01 6.42
N SER W 199 -36.05 31.11 6.68
CA SER W 199 -36.87 29.91 6.69
C SER W 199 -36.91 29.26 5.33
N GLU W 200 -36.94 30.06 4.26
CA GLU W 200 -36.88 29.49 2.90
C GLU W 200 -35.56 28.77 2.65
N ALA W 201 -34.44 29.35 3.09
CA ALA W 201 -33.15 28.69 2.90
C ALA W 201 -33.07 27.38 3.67
N ILE W 202 -33.54 27.38 4.91
CA ILE W 202 -33.55 26.14 5.69
C ILE W 202 -34.47 25.11 5.03
N ALA W 203 -35.62 25.54 4.52
CA ALA W 203 -36.54 24.61 3.85
C ALA W 203 -35.90 24.00 2.61
N ALA W 204 -35.13 24.79 1.86
CA ALA W 204 -34.43 24.24 0.71
C ALA W 204 -33.44 23.17 1.15
N GLY W 205 -32.68 23.44 2.21
CA GLY W 205 -31.81 22.40 2.75
C GLY W 205 -32.58 21.17 3.19
N ILE W 206 -33.74 21.37 3.81
CA ILE W 206 -34.54 20.27 4.34
C ILE W 206 -35.08 19.39 3.22
N PHE W 207 -35.55 19.99 2.14
CA PHE W 207 -36.20 19.25 1.07
C PHE W 207 -35.25 18.81 -0.02
N ASN W 208 -33.96 19.15 0.04
CA ASN W 208 -33.05 18.68 -0.98
C ASN W 208 -31.82 17.96 -0.45
N ASP W 209 -31.51 18.06 0.83
CA ASP W 209 -30.37 17.38 1.43
C ASP W 209 -30.89 16.23 2.29
N LEU W 210 -30.37 15.02 2.04
CA LEU W 210 -30.84 13.85 2.77
C LEU W 210 -30.51 13.94 4.25
N GLY W 211 -29.44 14.65 4.61
CA GLY W 211 -29.04 14.80 5.99
C GLY W 211 -29.75 15.87 6.77
N SER W 212 -30.73 16.55 6.18
CA SER W 212 -31.51 17.58 6.85
C SER W 212 -32.98 17.22 6.85
N GLY W 213 -33.72 17.71 7.82
CA GLY W 213 -35.15 17.47 7.85
C GLY W 213 -35.79 18.01 9.11
N SER W 214 -37.05 17.62 9.28
CA SER W 214 -37.89 17.97 10.43
C SER W 214 -38.23 19.46 10.45
N ASN W 215 -37.97 20.12 11.56
CA ASN W 215 -38.46 21.48 11.82
C ASN W 215 -37.42 22.53 11.44
N ILE W 216 -37.91 23.76 11.30
CA ILE W 216 -37.07 24.94 11.13
C ILE W 216 -37.06 25.71 12.44
N ASP W 217 -35.88 25.97 12.97
CA ASP W 217 -35.69 26.77 14.16
C ASP W 217 -35.05 28.10 13.78
N LEU W 218 -35.55 29.19 14.37
CA LEU W 218 -35.02 30.51 14.12
C LEU W 218 -34.54 31.14 15.42
N CYS W 219 -33.60 32.06 15.29
CA CYS W 219 -33.19 32.92 16.40
C CYS W 219 -32.97 34.32 15.83
N VAL W 220 -33.80 35.26 16.24
CA VAL W 220 -33.71 36.65 15.82
C VAL W 220 -33.02 37.44 16.93
N ILE W 221 -31.95 38.15 16.59
CA ILE W 221 -31.20 38.95 17.54
C ILE W 221 -31.21 40.40 17.05
N SER W 222 -31.60 41.30 17.93
CA SER W 222 -31.46 42.73 17.70
C SER W 222 -30.92 43.36 18.97
N LYS W 223 -30.68 44.67 18.92
CA LYS W 223 -30.15 45.34 20.10
C LYS W 223 -31.16 45.40 21.23
N SER W 224 -32.44 45.21 20.94
CA SER W 224 -33.48 45.35 21.95
C SER W 224 -34.17 44.05 22.34
N LYS W 225 -33.96 42.95 21.60
CA LYS W 225 -34.68 41.73 21.91
C LYS W 225 -33.96 40.52 21.33
N LEU W 226 -34.31 39.35 21.85
CA LEU W 226 -33.86 38.08 21.30
C LEU W 226 -35.03 37.11 21.27
N ASP W 227 -35.41 36.68 20.07
CA ASP W 227 -36.51 35.75 19.86
C ASP W 227 -35.94 34.39 19.47
N PHE W 228 -36.08 33.41 20.35
CA PHE W 228 -35.65 32.05 20.09
C PHE W 228 -36.90 31.26 19.69
N LEU W 229 -37.15 31.18 18.38
CA LEU W 229 -38.37 30.58 17.85
C LEU W 229 -38.09 29.12 17.54
N ARG W 230 -38.52 28.23 18.43
CA ARG W 230 -38.26 26.82 18.30
C ARG W 230 -39.51 26.02 18.65
N PRO W 231 -40.19 25.42 17.67
CA PRO W 231 -39.94 25.50 16.24
C PRO W 231 -40.54 26.75 15.62
N TYR W 232 -39.91 27.28 14.57
CA TYR W 232 -40.54 28.38 13.83
C TYR W 232 -41.51 27.85 12.79
N SER W 233 -41.17 26.75 12.13
CA SER W 233 -42.03 26.10 11.16
C SER W 233 -41.97 24.59 11.36
N VAL W 234 -43.05 23.91 10.99
CA VAL W 234 -43.11 22.45 11.02
C VAL W 234 -43.55 21.99 9.64
N PRO W 235 -42.65 21.95 8.66
CA PRO W 235 -43.05 21.55 7.30
C PRO W 235 -43.28 20.06 7.13
N ASN W 236 -42.82 19.23 8.06
CA ASN W 236 -42.96 17.78 7.98
C ASN W 236 -43.64 17.26 9.23
N LYS W 237 -44.54 16.29 9.03
CA LYS W 237 -45.19 15.59 10.13
C LYS W 237 -45.24 14.11 9.81
N LYS W 238 -45.30 13.29 10.85
CA LYS W 238 -45.47 11.86 10.65
C LYS W 238 -46.82 11.57 10.02
N GLY W 239 -46.83 10.64 9.07
CA GLY W 239 -48.07 10.29 8.41
C GLY W 239 -49.08 9.69 9.36
N THR W 240 -50.36 9.93 9.06
CA THR W 240 -51.43 9.45 9.91
C THR W 240 -51.53 7.93 9.83
N ARG W 241 -51.73 7.30 10.99
CA ARG W 241 -51.75 5.84 11.07
C ARG W 241 -53.06 5.29 10.54
N PHE W 242 -52.98 4.36 9.58
CA PHE W 242 -54.16 3.72 9.02
C PHE W 242 -54.57 2.47 9.79
N GLY W 243 -53.74 1.96 10.69
CA GLY W 243 -54.05 0.74 11.41
C GLY W 243 -53.76 0.80 12.89
N ARG W 244 -53.85 -0.36 13.55
CA ARG W 244 -53.70 -0.45 15.00
C ARG W 244 -52.94 -1.73 15.32
N TYR W 245 -51.67 -1.60 15.66
CA TYR W 245 -50.88 -2.78 15.97
C TYR W 245 -51.38 -3.45 17.24
N ARG W 246 -51.21 -4.77 17.29
CA ARG W 246 -51.62 -5.54 18.46
C ARG W 246 -50.62 -5.32 19.59
N CYS W 247 -51.08 -4.68 20.65
CA CYS W 247 -50.25 -4.40 21.83
C CYS W 247 -51.16 -4.47 23.04
N GLU W 248 -51.13 -5.60 23.74
CA GLU W 248 -52.10 -5.88 24.78
C GLU W 248 -51.39 -6.40 26.02
N LYS W 249 -52.04 -6.25 27.17
CA LYS W 249 -51.56 -6.88 28.39
C LYS W 249 -51.51 -8.39 28.22
N GLY W 250 -50.47 -9.01 28.77
CA GLY W 250 -50.31 -10.45 28.72
C GLY W 250 -49.67 -10.99 27.47
N THR W 251 -49.34 -10.14 26.50
CA THR W 251 -48.75 -10.61 25.25
C THR W 251 -47.35 -11.16 25.46
N ASN W 252 -46.64 -10.69 26.47
CA ASN W 252 -45.24 -11.02 26.68
C ASN W 252 -45.08 -12.03 27.81
N ALA W 253 -44.42 -13.14 27.52
CA ALA W 253 -44.17 -14.16 28.53
C ALA W 253 -42.97 -13.75 29.39
N VAL W 254 -43.07 -14.02 30.69
CA VAL W 254 -42.11 -13.55 31.68
C VAL W 254 -41.53 -14.74 32.43
N LEU W 255 -40.21 -14.83 32.48
CA LEU W 255 -39.55 -15.89 33.25
C LEU W 255 -39.50 -15.55 34.74
N THR W 256 -38.87 -14.43 35.09
CA THR W 256 -38.74 -14.03 36.48
C THR W 256 -39.24 -12.60 36.66
N GLU W 257 -39.61 -12.28 37.89
CA GLU W 257 -40.11 -10.96 38.24
C GLU W 257 -39.64 -10.60 39.64
N LYS W 258 -39.30 -9.32 39.82
CA LYS W 258 -38.81 -8.83 41.10
C LYS W 258 -39.30 -7.40 41.29
N VAL W 259 -40.04 -7.15 42.34
CA VAL W 259 -40.62 -5.84 42.62
C VAL W 259 -39.95 -5.29 43.88
N THR W 260 -39.26 -4.16 43.74
CA THR W 260 -38.65 -3.47 44.86
C THR W 260 -39.47 -2.23 45.17
N THR W 261 -39.97 -2.15 46.41
CA THR W 261 -40.78 -1.02 46.83
C THR W 261 -39.88 0.13 47.28
N LEU W 262 -40.17 1.32 46.78
CA LEU W 262 -39.39 2.51 47.12
C LEU W 262 -40.08 3.31 48.22
N GLU W 263 -39.29 3.83 49.14
CA GLU W 263 -39.83 4.59 50.25
C GLU W 263 -40.06 6.05 49.86
N SER X 2 -17.16 -1.69 13.61
CA SER X 2 -16.49 -2.98 13.78
C SER X 2 -16.08 -3.19 15.24
N ILE X 3 -15.40 -2.19 15.81
CA ILE X 3 -14.97 -2.31 17.20
C ILE X 3 -16.17 -2.31 18.14
N MET X 4 -17.15 -1.44 17.88
CA MET X 4 -18.35 -1.40 18.71
C MET X 4 -19.15 -2.68 18.64
N SER X 5 -19.00 -3.45 17.56
CA SER X 5 -19.73 -4.70 17.37
C SER X 5 -18.97 -5.92 17.84
N TYR X 6 -17.81 -5.73 18.48
CA TYR X 6 -16.96 -6.85 18.86
C TYR X 6 -17.67 -7.78 19.84
N ASN X 7 -18.40 -7.23 20.81
CA ASN X 7 -19.11 -8.02 21.79
C ASN X 7 -20.61 -8.06 21.59
N GLY X 8 -21.15 -7.29 20.65
CA GLY X 8 -22.59 -7.20 20.49
C GLY X 8 -23.25 -6.49 21.66
N GLY X 9 -24.57 -6.58 21.69
CA GLY X 9 -25.33 -6.00 22.77
C GLY X 9 -26.33 -4.96 22.33
N ALA X 10 -27.42 -4.82 23.09
CA ALA X 10 -28.49 -3.90 22.74
C ALA X 10 -29.17 -3.39 24.00
N VAL X 11 -29.37 -2.08 24.07
CA VAL X 11 -30.03 -1.41 25.18
C VAL X 11 -31.07 -0.45 24.61
N MET X 12 -32.19 -0.29 25.32
CA MET X 12 -33.29 0.55 24.88
C MET X 12 -33.97 1.18 26.08
N ALA X 13 -34.32 2.46 25.98
CA ALA X 13 -35.12 3.10 27.01
C ALA X 13 -36.33 3.77 26.37
N MET X 14 -37.42 3.82 27.15
CA MET X 14 -38.72 4.20 26.64
C MET X 14 -39.46 4.97 27.73
N LYS X 15 -40.22 5.97 27.33
CA LYS X 15 -40.90 6.88 28.25
C LYS X 15 -42.37 6.54 28.33
N GLY X 16 -42.88 6.42 29.56
CA GLY X 16 -44.29 6.25 29.82
C GLY X 16 -44.92 7.53 30.37
N LYS X 17 -46.16 7.40 30.83
CA LYS X 17 -46.89 8.56 31.33
C LYS X 17 -46.20 9.15 32.57
N ASN X 18 -45.96 8.32 33.57
CA ASN X 18 -45.25 8.75 34.77
C ASN X 18 -44.21 7.71 35.15
N CYS X 19 -43.59 7.10 34.15
CA CYS X 19 -42.73 5.95 34.37
C CYS X 19 -41.74 5.85 33.21
N VAL X 20 -40.66 5.11 33.44
CA VAL X 20 -39.69 4.84 32.39
C VAL X 20 -39.42 3.35 32.35
N ALA X 21 -38.91 2.90 31.21
CA ALA X 21 -38.53 1.52 31.03
C ALA X 21 -37.16 1.48 30.38
N ILE X 22 -36.33 0.55 30.83
CA ILE X 22 -35.02 0.32 30.22
C ILE X 22 -34.79 -1.17 30.11
N ALA X 23 -34.36 -1.63 28.95
CA ALA X 23 -34.22 -3.04 28.67
C ALA X 23 -32.90 -3.30 27.96
N ALA X 24 -32.31 -4.46 28.25
CA ALA X 24 -31.07 -4.83 27.61
C ALA X 24 -31.05 -6.31 27.29
N ASP X 25 -30.33 -6.67 26.24
CA ASP X 25 -30.01 -8.07 26.02
C ASP X 25 -28.97 -8.53 27.06
N ARG X 26 -28.84 -9.84 27.19
CA ARG X 26 -28.03 -10.40 28.27
C ARG X 26 -26.81 -11.18 27.80
N ARG X 27 -26.56 -11.26 26.50
CA ARG X 27 -25.46 -12.05 25.99
C ARG X 27 -24.13 -11.34 26.20
N PHE X 28 -23.14 -12.08 26.69
CA PHE X 28 -21.75 -11.66 26.57
C PHE X 28 -21.06 -12.66 25.66
N GLY X 29 -20.50 -12.16 24.56
CA GLY X 29 -19.80 -13.02 23.62
C GLY X 29 -18.67 -12.26 22.97
N ILE X 30 -17.76 -13.02 22.37
CA ILE X 30 -16.62 -12.47 21.66
C ILE X 30 -16.76 -12.88 20.20
N GLN X 31 -17.05 -11.92 19.34
CA GLN X 31 -17.34 -12.13 17.92
C GLN X 31 -18.50 -13.13 17.85
N ALA X 32 -18.35 -14.25 17.15
CA ALA X 32 -19.46 -15.18 16.98
C ALA X 32 -19.68 -16.09 18.17
N GLN X 33 -18.72 -16.20 19.07
CA GLN X 33 -18.80 -17.15 20.18
C GLN X 33 -19.46 -16.53 21.39
N MET X 34 -20.50 -17.17 21.89
CA MET X 34 -21.10 -16.77 23.16
C MET X 34 -20.27 -17.30 24.32
N VAL X 35 -20.06 -16.45 25.32
CA VAL X 35 -19.33 -16.82 26.54
C VAL X 35 -20.30 -17.00 27.71
N THR X 36 -21.09 -15.97 28.01
CA THR X 36 -22.10 -16.06 29.06
C THR X 36 -23.42 -15.47 28.57
N THR X 37 -24.47 -15.68 29.36
CA THR X 37 -25.81 -15.21 29.03
C THR X 37 -26.43 -14.35 30.13
N ASP X 38 -25.63 -13.85 31.06
CA ASP X 38 -26.16 -12.99 32.12
C ASP X 38 -25.26 -11.77 32.36
N PHE X 39 -24.65 -11.25 31.31
CA PHE X 39 -23.81 -10.07 31.43
C PHE X 39 -24.66 -8.85 31.76
N GLN X 40 -24.23 -8.10 32.77
CA GLN X 40 -24.99 -6.93 33.21
C GLN X 40 -24.65 -5.72 32.35
N LYS X 41 -25.65 -5.12 31.74
CA LYS X 41 -25.49 -3.90 30.98
C LYS X 41 -26.24 -2.71 31.58
N ILE X 42 -27.12 -2.94 32.54
CA ILE X 42 -27.93 -1.87 33.14
C ILE X 42 -27.53 -1.74 34.61
N PHE X 43 -27.06 -0.56 34.97
CA PHE X 43 -26.55 -0.26 36.29
C PHE X 43 -27.39 0.82 36.95
N PRO X 44 -27.75 0.65 38.23
CA PRO X 44 -28.48 1.69 38.95
C PRO X 44 -27.54 2.81 39.38
N MET X 45 -27.94 4.05 39.11
CA MET X 45 -27.22 5.23 39.54
C MET X 45 -28.05 6.06 40.51
N GLY X 46 -28.98 5.44 41.22
CA GLY X 46 -29.89 6.13 42.08
C GLY X 46 -31.10 5.27 42.33
N ASP X 47 -32.00 5.78 43.17
CA ASP X 47 -33.21 5.04 43.49
C ASP X 47 -34.08 4.87 42.25
N ARG X 48 -34.16 5.90 41.41
CA ARG X 48 -35.01 5.90 40.23
C ARG X 48 -34.23 6.30 39.00
N LEU X 49 -32.96 5.91 38.91
CA LEU X 49 -32.11 6.31 37.80
C LEU X 49 -31.22 5.16 37.39
N TYR X 50 -31.23 4.82 36.11
CA TYR X 50 -30.48 3.70 35.58
C TYR X 50 -29.75 4.11 34.31
N ILE X 51 -28.58 3.53 34.11
CA ILE X 51 -27.82 3.74 32.90
C ILE X 51 -27.54 2.37 32.27
N GLY X 52 -27.83 2.25 30.98
CA GLY X 52 -27.54 1.05 30.21
C GLY X 52 -26.42 1.33 29.24
N LEU X 53 -25.50 0.39 29.12
CA LEU X 53 -24.30 0.60 28.31
C LEU X 53 -24.19 -0.51 27.27
N ALA X 54 -24.05 -0.11 26.02
CA ALA X 54 -23.77 -1.02 24.92
C ALA X 54 -22.44 -0.64 24.29
N GLY X 55 -21.81 -1.61 23.65
CA GLY X 55 -20.48 -1.41 23.10
C GLY X 55 -19.51 -2.44 23.61
N LEU X 56 -18.22 -2.13 23.59
CA LEU X 56 -17.21 -3.05 24.12
C LEU X 56 -17.50 -3.37 25.57
N ALA X 57 -17.46 -4.66 25.91
CA ALA X 57 -17.79 -5.07 27.27
C ALA X 57 -16.78 -4.52 28.27
N THR X 58 -15.52 -4.46 27.88
CA THR X 58 -14.50 -3.87 28.76
C THR X 58 -14.80 -2.40 29.04
N ASP X 59 -15.21 -1.66 28.01
CA ASP X 59 -15.57 -0.25 28.21
C ASP X 59 -16.91 -0.11 28.91
N VAL X 60 -17.83 -1.05 28.72
CA VAL X 60 -19.05 -1.06 29.51
C VAL X 60 -18.72 -1.11 31.00
N GLN X 61 -17.86 -2.04 31.38
CA GLN X 61 -17.52 -2.21 32.79
C GLN X 61 -16.70 -1.03 33.30
N THR X 62 -15.72 -0.57 32.52
CA THR X 62 -14.88 0.55 32.93
C THR X 62 -15.70 1.83 33.12
N VAL X 63 -16.58 2.14 32.17
CA VAL X 63 -17.36 3.36 32.25
C VAL X 63 -18.36 3.28 33.39
N ALA X 64 -18.99 2.11 33.58
CA ALA X 64 -19.91 1.98 34.71
C ALA X 64 -19.18 2.20 36.04
N GLN X 65 -17.98 1.64 36.18
CA GLN X 65 -17.24 1.78 37.44
C GLN X 65 -16.76 3.21 37.65
N ARG X 66 -16.28 3.88 36.59
CA ARG X 66 -15.80 5.26 36.74
C ARG X 66 -16.95 6.22 36.99
N LEU X 67 -18.09 5.98 36.35
CA LEU X 67 -19.28 6.77 36.64
C LEU X 67 -19.75 6.55 38.07
N LYS X 68 -19.66 5.32 38.58
CA LYS X 68 -20.01 5.09 39.98
C LYS X 68 -19.07 5.82 40.93
N PHE X 69 -17.76 5.78 40.64
CA PHE X 69 -16.78 6.60 41.35
C PHE X 69 -17.25 8.07 41.44
N ARG X 70 -17.46 8.69 40.28
CA ARG X 70 -17.78 10.12 40.25
C ARG X 70 -19.14 10.41 40.89
N LEU X 71 -20.12 9.53 40.68
CA LEU X 71 -21.44 9.74 41.25
C LEU X 71 -21.42 9.63 42.77
N ASN X 72 -20.68 8.64 43.30
CA ASN X 72 -20.56 8.53 44.75
C ASN X 72 -19.91 9.78 45.34
N LEU X 73 -18.84 10.26 44.69
CA LEU X 73 -18.22 11.49 45.19
C LEU X 73 -19.19 12.66 45.14
N TYR X 74 -19.94 12.79 44.04
CA TYR X 74 -20.92 13.87 43.91
C TYR X 74 -21.95 13.80 45.03
N GLU X 75 -22.52 12.62 45.26
CA GLU X 75 -23.58 12.48 46.26
C GLU X 75 -23.05 12.55 47.69
N LEU X 76 -21.75 12.41 47.90
CA LEU X 76 -21.21 12.72 49.21
C LEU X 76 -20.95 14.21 49.40
N LYS X 77 -20.38 14.87 48.39
CA LYS X 77 -20.14 16.30 48.49
C LYS X 77 -21.44 17.08 48.61
N GLU X 78 -22.41 16.76 47.78
CA GLU X 78 -23.76 17.32 47.87
C GLU X 78 -24.64 16.28 48.54
N GLY X 79 -25.34 16.67 49.59
CA GLY X 79 -26.16 15.71 50.29
C GLY X 79 -27.47 15.41 49.59
N ARG X 80 -27.42 15.16 48.29
CA ARG X 80 -28.62 14.93 47.50
C ARG X 80 -28.34 13.85 46.46
N GLN X 81 -29.42 13.32 45.89
CA GLN X 81 -29.31 12.40 44.77
C GLN X 81 -29.21 13.19 43.47
N ILE X 82 -28.44 12.66 42.53
CA ILE X 82 -28.22 13.35 41.27
C ILE X 82 -29.48 13.33 40.43
N LYS X 83 -29.72 14.40 39.70
CA LYS X 83 -30.81 14.43 38.76
C LYS X 83 -30.41 13.77 37.44
N PRO X 84 -31.37 13.22 36.70
CA PRO X 84 -31.02 12.58 35.42
C PRO X 84 -30.32 13.51 34.43
N TYR X 85 -30.70 14.77 34.36
CA TYR X 85 -29.99 15.70 33.47
C TYR X 85 -28.55 15.90 33.93
N THR X 86 -28.35 16.05 35.23
CA THR X 86 -27.00 16.17 35.77
C THR X 86 -26.19 14.91 35.51
N LEU X 87 -26.81 13.73 35.65
CA LEU X 87 -26.10 12.50 35.34
C LEU X 87 -25.71 12.45 33.87
N MET X 88 -26.60 12.89 32.99
CA MET X 88 -26.29 12.93 31.57
C MET X 88 -25.10 13.85 31.29
N SER X 89 -25.09 15.02 31.93
CA SER X 89 -23.96 15.94 31.75
C SER X 89 -22.66 15.35 32.29
N MET X 90 -22.72 14.69 33.44
CA MET X 90 -21.55 14.03 34.01
C MET X 90 -21.02 12.93 33.09
N VAL X 91 -21.92 12.14 32.52
CA VAL X 91 -21.51 11.10 31.58
C VAL X 91 -20.88 11.72 30.34
N ALA X 92 -21.48 12.80 29.82
CA ALA X 92 -20.93 13.45 28.63
C ALA X 92 -19.53 14.00 28.90
N ASN X 93 -19.33 14.60 30.06
CA ASN X 93 -18.00 15.08 30.44
C ASN X 93 -17.00 13.94 30.53
N LEU X 94 -17.41 12.83 31.15
CA LEU X 94 -16.53 11.66 31.24
C LEU X 94 -16.15 11.14 29.87
N LEU X 95 -17.11 11.06 28.94
CA LEU X 95 -16.83 10.56 27.61
C LEU X 95 -15.98 11.53 26.80
N TYR X 96 -16.24 12.83 26.92
CA TYR X 96 -15.49 13.81 26.15
C TYR X 96 -14.07 13.98 26.65
N GLU X 97 -13.81 13.67 27.92
CA GLU X 97 -12.43 13.67 28.40
C GLU X 97 -11.55 12.74 27.59
N LYS X 98 -12.13 11.74 26.93
CA LYS X 98 -11.41 10.80 26.07
C LYS X 98 -11.73 11.03 24.60
N ARG X 99 -11.83 12.30 24.19
CA ARG X 99 -12.28 12.66 22.85
C ARG X 99 -11.47 11.95 21.76
N PHE X 100 -10.16 11.81 21.96
CA PHE X 100 -9.31 11.21 20.96
C PHE X 100 -8.91 9.78 21.30
N GLY X 101 -9.16 9.33 22.52
CA GLY X 101 -8.95 7.96 22.94
C GLY X 101 -10.21 7.28 23.43
N PRO X 102 -11.32 7.40 22.70
CA PRO X 102 -12.64 7.22 23.31
C PRO X 102 -12.91 5.84 23.87
N TYR X 103 -13.73 5.82 24.93
CA TYR X 103 -14.40 4.60 25.35
C TYR X 103 -15.41 4.18 24.29
N TYR X 104 -15.46 2.89 24.01
CA TYR X 104 -16.36 2.37 22.98
C TYR X 104 -17.67 1.88 23.58
N THR X 105 -18.40 2.84 24.16
CA THR X 105 -19.73 2.58 24.70
C THR X 105 -20.63 3.74 24.33
N GLU X 106 -21.91 3.42 24.14
CA GLU X 106 -22.93 4.43 23.90
C GLU X 106 -23.99 4.35 24.97
N PRO X 107 -23.94 5.22 25.98
CA PRO X 107 -24.85 5.07 27.12
C PRO X 107 -26.28 5.51 26.80
N VAL X 108 -27.20 4.92 27.55
CA VAL X 108 -28.61 5.26 27.55
C VAL X 108 -28.99 5.51 29.00
N ILE X 109 -29.71 6.60 29.27
CA ILE X 109 -30.08 6.95 30.63
C ILE X 109 -31.60 7.00 30.72
N ALA X 110 -32.15 6.30 31.72
CA ALA X 110 -33.58 6.33 31.99
C ALA X 110 -33.79 6.60 33.47
N GLY X 111 -34.67 7.54 33.79
CA GLY X 111 -34.88 7.83 35.20
C GLY X 111 -36.10 8.69 35.42
N LEU X 112 -36.38 8.92 36.70
CA LEU X 112 -37.39 9.88 37.13
C LEU X 112 -36.70 10.99 37.90
N ASP X 113 -37.19 12.21 37.72
CA ASP X 113 -36.64 13.34 38.46
C ASP X 113 -36.84 13.13 39.95
N PRO X 114 -35.80 13.20 40.77
CA PRO X 114 -36.02 13.20 42.22
C PRO X 114 -36.86 14.42 42.60
N LYS X 115 -37.80 14.21 43.52
CA LYS X 115 -38.70 15.24 44.04
C LYS X 115 -39.70 15.74 43.00
N THR X 116 -39.60 15.27 41.76
CA THR X 116 -40.54 15.64 40.71
C THR X 116 -41.12 14.44 39.98
N PHE X 117 -40.32 13.39 39.79
CA PHE X 117 -40.76 12.12 39.19
C PHE X 117 -41.20 12.29 37.74
N LYS X 118 -40.64 13.27 37.06
CA LYS X 118 -40.91 13.41 35.64
C LYS X 118 -39.97 12.50 34.85
N PRO X 119 -40.50 11.65 33.98
CA PRO X 119 -39.63 10.71 33.24
C PRO X 119 -38.61 11.44 32.37
N PHE X 120 -37.41 10.87 32.34
CA PHE X 120 -36.30 11.40 31.56
C PHE X 120 -35.64 10.22 30.87
N ILE X 121 -35.39 10.35 29.58
CA ILE X 121 -34.57 9.39 28.85
C ILE X 121 -33.62 10.17 27.97
N CYS X 122 -32.45 9.59 27.73
CA CYS X 122 -31.47 10.21 26.85
C CYS X 122 -30.53 9.12 26.33
N SER X 123 -29.82 9.45 25.27
CA SER X 123 -28.72 8.63 24.79
C SER X 123 -27.51 9.51 24.52
N LEU X 124 -26.35 8.90 24.54
CA LEU X 124 -25.11 9.61 24.22
C LEU X 124 -24.31 8.79 23.23
N ASP X 125 -23.59 9.48 22.35
CA ASP X 125 -22.66 8.79 21.48
C ASP X 125 -21.36 8.51 22.24
N LEU X 126 -20.39 7.89 21.58
CA LEU X 126 -19.22 7.41 22.28
C LEU X 126 -18.32 8.54 22.78
N ILE X 127 -18.40 9.73 22.22
CA ILE X 127 -17.63 10.86 22.73
C ILE X 127 -18.50 11.85 23.50
N GLY X 128 -19.72 11.45 23.84
CA GLY X 128 -20.52 12.20 24.78
C GLY X 128 -21.34 13.34 24.22
N CYS X 129 -22.00 13.11 23.09
CA CYS X 129 -22.96 14.09 22.57
C CYS X 129 -24.35 13.68 23.04
N PRO X 130 -24.98 14.44 23.93
CA PRO X 130 -26.25 14.00 24.49
C PRO X 130 -27.42 14.29 23.56
N MET X 131 -28.40 13.38 23.60
CA MET X 131 -29.62 13.48 22.82
C MET X 131 -30.77 13.09 23.73
N VAL X 132 -31.58 14.07 24.10
CA VAL X 132 -32.78 13.86 24.91
C VAL X 132 -33.97 13.74 23.98
N THR X 133 -34.77 12.70 24.17
CA THR X 133 -36.00 12.52 23.42
C THR X 133 -37.17 12.40 24.37
N ASP X 134 -38.38 12.43 23.81
CA ASP X 134 -39.59 12.26 24.57
C ASP X 134 -40.26 10.91 24.39
N ASP X 135 -39.79 10.09 23.45
CA ASP X 135 -40.43 8.80 23.21
C ASP X 135 -39.53 7.62 23.54
N PHE X 136 -38.37 7.50 22.88
CA PHE X 136 -37.52 6.33 23.08
C PHE X 136 -36.11 6.67 22.63
N VAL X 137 -35.15 5.92 23.18
CA VAL X 137 -33.77 5.94 22.76
C VAL X 137 -33.29 4.50 22.64
N VAL X 138 -32.40 4.25 21.69
CA VAL X 138 -31.83 2.92 21.47
C VAL X 138 -30.31 3.05 21.36
N SER X 139 -29.64 1.94 21.63
CA SER X 139 -28.18 1.90 21.51
C SER X 139 -27.77 0.44 21.32
N GLY X 140 -26.76 0.23 20.47
CA GLY X 140 -26.23 -1.10 20.32
C GLY X 140 -26.06 -1.48 18.87
N THR X 141 -26.05 -2.77 18.62
CA THR X 141 -25.73 -3.32 17.31
C THR X 141 -26.95 -3.56 16.43
N CYS X 142 -28.16 -3.34 16.93
CA CYS X 142 -29.37 -3.54 16.16
C CYS X 142 -30.29 -2.33 16.29
N THR X 143 -29.71 -1.14 16.12
CA THR X 143 -30.50 0.08 16.28
C THR X 143 -31.52 0.27 15.17
N GLU X 144 -31.25 -0.24 13.97
CA GLU X 144 -32.24 -0.13 12.89
C GLU X 144 -33.50 -0.93 13.21
N GLN X 145 -33.32 -2.17 13.66
CA GLN X 145 -34.46 -3.00 14.04
C GLN X 145 -35.21 -2.39 15.23
N MET X 146 -34.47 -1.87 16.21
CA MET X 146 -35.11 -1.25 17.36
C MET X 146 -35.89 0.00 16.93
N TYR X 147 -35.36 0.76 15.98
CA TYR X 147 -36.07 1.94 15.48
C TYR X 147 -37.35 1.53 14.79
N GLY X 148 -37.31 0.50 13.95
CA GLY X 148 -38.54 0.01 13.35
C GLY X 148 -39.58 -0.35 14.38
N MET X 149 -39.18 -1.16 15.36
CA MET X 149 -40.12 -1.61 16.39
C MET X 149 -40.68 -0.45 17.21
N CYS X 150 -39.80 0.48 17.63
CA CYS X 150 -40.25 1.54 18.53
C CYS X 150 -41.07 2.59 17.80
N GLU X 151 -40.67 2.96 16.59
CA GLU X 151 -41.46 3.88 15.80
C GLU X 151 -42.83 3.31 15.48
N SER X 152 -42.93 1.99 15.28
CA SER X 152 -44.23 1.40 15.02
C SER X 152 -45.08 1.34 16.29
N LEU X 153 -44.50 0.92 17.41
CA LEU X 153 -45.30 0.52 18.56
C LEU X 153 -45.48 1.59 19.64
N TRP X 154 -44.60 2.57 19.71
CA TRP X 154 -44.66 3.52 20.82
C TRP X 154 -45.87 4.43 20.71
N GLU X 155 -46.50 4.68 21.85
CA GLU X 155 -47.62 5.60 21.98
C GLU X 155 -47.39 6.52 23.18
N PRO X 156 -47.88 7.75 23.11
CA PRO X 156 -47.76 8.65 24.26
C PRO X 156 -48.63 8.21 25.43
N ASN X 157 -48.16 8.56 26.63
CA ASN X 157 -48.93 8.42 27.88
C ASN X 157 -49.34 6.98 28.15
N MET X 158 -48.39 6.06 27.98
CA MET X 158 -48.65 4.68 28.32
C MET X 158 -48.53 4.45 29.82
N ASP X 159 -49.46 3.67 30.36
CA ASP X 159 -49.35 3.21 31.73
C ASP X 159 -48.25 2.16 31.83
N PRO X 160 -47.73 1.90 33.03
CA PRO X 160 -46.55 1.03 33.14
C PRO X 160 -46.73 -0.35 32.53
N GLU X 161 -47.93 -0.92 32.54
CA GLU X 161 -48.12 -2.24 31.95
C GLU X 161 -48.06 -2.19 30.43
N HIS X 162 -48.71 -1.19 29.83
CA HIS X 162 -48.57 -0.98 28.39
C HIS X 162 -47.12 -0.68 28.03
N LEU X 163 -46.43 0.12 28.86
CA LEU X 163 -45.03 0.41 28.61
C LEU X 163 -44.19 -0.86 28.63
N PHE X 164 -44.44 -1.73 29.61
CA PHE X 164 -43.70 -2.99 29.68
C PHE X 164 -43.93 -3.82 28.43
N GLU X 165 -45.20 -3.95 28.01
CA GLU X 165 -45.48 -4.74 26.82
C GLU X 165 -44.82 -4.16 25.58
N THR X 166 -44.87 -2.83 25.44
CA THR X 166 -44.30 -2.18 24.27
C THR X 166 -42.79 -2.37 24.20
N ILE X 167 -42.09 -2.06 25.29
CA ILE X 167 -40.63 -2.18 25.27
C ILE X 167 -40.23 -3.64 25.15
N SER X 168 -41.00 -4.55 25.75
CA SER X 168 -40.69 -5.98 25.63
C SER X 168 -40.80 -6.46 24.20
N GLN X 169 -41.92 -6.15 23.53
CA GLN X 169 -42.08 -6.59 22.16
C GLN X 169 -41.04 -5.96 21.25
N ALA X 170 -40.75 -4.67 21.45
CA ALA X 170 -39.73 -4.01 20.65
C ALA X 170 -38.38 -4.72 20.80
N MET X 171 -37.95 -4.94 22.04
CA MET X 171 -36.65 -5.57 22.27
C MET X 171 -36.63 -7.00 21.72
N LEU X 172 -37.67 -7.79 21.99
CA LEU X 172 -37.67 -9.19 21.58
C LEU X 172 -37.60 -9.32 20.07
N ASN X 173 -38.48 -8.62 19.35
CA ASN X 173 -38.47 -8.75 17.91
C ASN X 173 -37.24 -8.10 17.28
N ALA X 174 -36.65 -7.08 17.93
CA ALA X 174 -35.44 -6.48 17.37
C ALA X 174 -34.23 -7.40 17.54
N VAL X 175 -34.07 -8.00 18.72
CA VAL X 175 -32.91 -8.87 18.92
C VAL X 175 -33.08 -10.24 18.29
N ASP X 176 -34.32 -10.68 18.03
CA ASP X 176 -34.50 -11.89 17.24
C ASP X 176 -33.95 -11.74 15.84
N ARG X 177 -33.75 -10.51 15.39
CA ARG X 177 -33.29 -10.23 14.04
C ARG X 177 -31.85 -9.75 14.01
N ASP X 178 -31.13 -9.90 15.12
CA ASP X 178 -29.71 -9.54 15.22
C ASP X 178 -28.92 -10.75 15.71
N ALA X 179 -27.82 -11.04 15.02
CA ALA X 179 -27.08 -12.27 15.30
C ALA X 179 -26.36 -12.24 16.65
N VAL X 180 -25.76 -11.10 16.99
CA VAL X 180 -24.85 -11.03 18.13
C VAL X 180 -25.50 -10.35 19.34
N SER X 181 -26.82 -10.27 19.37
CA SER X 181 -27.55 -9.82 20.56
C SER X 181 -28.58 -10.88 20.92
N GLY X 182 -29.03 -10.82 22.18
CA GLY X 182 -30.10 -11.68 22.65
C GLY X 182 -29.62 -12.56 23.80
N MET X 183 -30.04 -13.83 23.77
CA MET X 183 -29.86 -14.76 24.87
C MET X 183 -30.52 -14.25 26.14
N GLY X 184 -31.69 -13.67 25.99
CA GLY X 184 -32.47 -13.18 27.09
C GLY X 184 -32.54 -11.66 27.10
N VAL X 185 -33.62 -11.14 27.68
CA VAL X 185 -33.84 -9.70 27.79
C VAL X 185 -34.23 -9.40 29.23
N ILE X 186 -33.64 -8.37 29.80
CA ILE X 186 -34.01 -7.89 31.13
C ILE X 186 -34.64 -6.51 30.96
N VAL X 187 -35.79 -6.31 31.61
CA VAL X 187 -36.54 -5.05 31.56
C VAL X 187 -36.69 -4.52 32.98
N HIS X 188 -36.40 -3.24 33.15
CA HIS X 188 -36.68 -2.50 34.37
C HIS X 188 -37.78 -1.47 34.10
N ILE X 189 -38.84 -1.51 34.89
CA ILE X 189 -39.87 -0.49 34.89
C ILE X 189 -39.71 0.33 36.15
N ILE X 190 -39.46 1.62 35.98
CA ILE X 190 -39.28 2.55 37.09
C ILE X 190 -40.53 3.40 37.19
N GLU X 191 -41.24 3.24 38.30
CA GLU X 191 -42.32 4.10 38.74
C GLU X 191 -41.83 4.91 39.93
N LYS X 192 -42.70 5.78 40.45
CA LYS X 192 -42.30 6.60 41.58
C LYS X 192 -42.27 5.81 42.89
N ASP X 193 -43.09 4.77 43.02
CA ASP X 193 -43.19 4.05 44.27
C ASP X 193 -42.52 2.68 44.25
N LYS X 194 -42.13 2.16 43.08
CA LYS X 194 -41.52 0.85 43.04
C LYS X 194 -40.77 0.66 41.73
N ILE X 195 -39.87 -0.31 41.73
CA ILE X 195 -39.14 -0.71 40.54
C ILE X 195 -39.42 -2.18 40.29
N THR X 196 -39.77 -2.51 39.06
CA THR X 196 -40.08 -3.88 38.67
C THR X 196 -39.02 -4.37 37.70
N THR X 197 -38.37 -5.48 38.04
CA THR X 197 -37.38 -6.10 37.19
C THR X 197 -37.94 -7.42 36.67
N ARG X 198 -37.85 -7.64 35.36
CA ARG X 198 -38.35 -8.87 34.75
C ARG X 198 -37.33 -9.39 33.75
N THR X 199 -37.27 -10.71 33.62
CA THR X 199 -36.55 -11.35 32.53
C THR X 199 -37.58 -11.98 31.60
N LEU X 200 -37.41 -11.75 30.31
CA LEU X 200 -38.36 -12.23 29.32
C LEU X 200 -37.97 -13.62 28.82
N LYS X 201 -38.98 -14.40 28.48
CA LYS X 201 -38.75 -15.63 27.73
C LYS X 201 -38.30 -15.28 26.33
N ALA X 202 -37.12 -15.76 25.94
CA ALA X 202 -36.49 -15.34 24.70
C ALA X 202 -35.86 -16.54 24.01
N ARG X 203 -35.63 -16.38 22.70
CA ARG X 203 -34.87 -17.37 21.96
C ARG X 203 -33.44 -17.40 22.46
N MET X 204 -32.81 -18.57 22.42
CA MET X 204 -31.46 -18.76 22.90
C MET X 204 -30.53 -19.26 21.79
N ASP X 205 -30.75 -18.82 20.55
CA ASP X 205 -29.91 -19.24 19.43
C ASP X 205 -29.12 -18.07 18.81
N MET Y 1 -1.40 -22.74 20.00
CA MET Y 1 -2.41 -22.16 20.88
C MET Y 1 -2.55 -23.02 22.14
N GLU Y 2 -2.77 -22.36 23.27
CA GLU Y 2 -2.75 -23.00 24.57
C GLU Y 2 -4.17 -23.11 25.11
N TYR Y 3 -4.44 -24.20 25.82
CA TYR Y 3 -5.79 -24.55 26.25
C TYR Y 3 -5.94 -24.32 27.76
N LEU Y 4 -7.01 -23.62 28.14
CA LEU Y 4 -7.40 -23.50 29.55
C LEU Y 4 -8.85 -23.95 29.68
N ILE Y 5 -9.18 -24.56 30.82
CA ILE Y 5 -10.56 -24.93 31.07
C ILE Y 5 -10.83 -24.85 32.57
N GLY Y 6 -12.03 -24.39 32.92
CA GLY Y 6 -12.49 -24.37 34.28
C GLY Y 6 -13.94 -24.82 34.39
N ILE Y 7 -14.23 -25.61 35.41
CA ILE Y 7 -15.57 -26.10 35.70
C ILE Y 7 -15.85 -25.86 37.17
N GLN Y 8 -16.90 -25.10 37.47
CA GLN Y 8 -17.23 -24.76 38.85
C GLN Y 8 -18.30 -25.71 39.36
N GLY Y 9 -18.01 -26.40 40.46
CA GLY Y 9 -18.97 -27.25 41.11
C GLY Y 9 -19.67 -26.53 42.24
N PRO Y 10 -20.54 -27.24 42.95
CA PRO Y 10 -21.23 -26.61 44.09
C PRO Y 10 -20.29 -26.13 45.19
N ASP Y 11 -19.16 -26.81 45.42
CA ASP Y 11 -18.25 -26.41 46.49
C ASP Y 11 -16.79 -26.53 46.08
N TYR Y 12 -16.47 -26.38 44.80
CA TYR Y 12 -15.11 -26.54 44.31
C TYR Y 12 -15.03 -25.90 42.93
N VAL Y 13 -13.81 -25.60 42.51
CA VAL Y 13 -13.52 -25.26 41.12
C VAL Y 13 -12.44 -26.18 40.62
N LEU Y 14 -12.67 -26.81 39.48
CA LEU Y 14 -11.70 -27.67 38.82
C LEU Y 14 -11.13 -26.92 37.62
N VAL Y 15 -9.81 -26.88 37.51
CA VAL Y 15 -9.16 -26.20 36.40
C VAL Y 15 -8.13 -27.13 35.77
N ALA Y 16 -7.92 -26.95 34.47
CA ALA Y 16 -6.93 -27.72 33.74
C ALA Y 16 -6.30 -26.85 32.67
N SER Y 17 -5.05 -27.15 32.35
CA SER Y 17 -4.34 -26.41 31.32
C SER Y 17 -3.37 -27.34 30.60
N ASP Y 18 -3.14 -27.06 29.33
CA ASP Y 18 -2.13 -27.80 28.58
C ASP Y 18 -0.74 -27.47 29.09
N ARG Y 19 0.18 -28.42 28.93
CA ARG Y 19 1.52 -28.31 29.49
C ARG Y 19 2.58 -28.10 28.41
N VAL Y 20 2.20 -27.57 27.25
CA VAL Y 20 3.10 -27.45 26.12
C VAL Y 20 3.57 -26.01 26.01
N ALA Y 21 4.87 -25.83 25.86
CA ALA Y 21 5.46 -24.57 25.44
C ALA Y 21 6.07 -24.78 24.06
N ALA Y 22 5.59 -24.02 23.08
CA ALA Y 22 5.94 -24.22 21.68
C ALA Y 22 6.57 -22.95 21.11
N SER Y 23 7.56 -23.15 20.24
CA SER Y 23 8.09 -22.08 19.41
C SER Y 23 8.21 -22.61 17.99
N ASN Y 24 7.52 -21.95 17.06
CA ASN Y 24 7.48 -22.34 15.64
C ASN Y 24 6.85 -23.73 15.55
N ILE Y 25 7.52 -24.73 15.00
CA ILE Y 25 6.93 -26.05 14.80
C ILE Y 25 7.33 -27.05 15.88
N VAL Y 26 8.13 -26.64 16.85
CA VAL Y 26 8.73 -27.57 17.81
C VAL Y 26 8.11 -27.33 19.18
N GLN Y 27 7.72 -28.41 19.85
CA GLN Y 27 7.38 -28.36 21.27
C GLN Y 27 8.68 -28.22 22.05
N MET Y 28 8.95 -27.02 22.56
CA MET Y 28 10.16 -26.82 23.36
C MET Y 28 10.02 -27.43 24.75
N LYS Y 29 8.87 -27.29 25.38
CA LYS Y 29 8.63 -27.84 26.70
C LYS Y 29 7.35 -28.67 26.69
N ASP Y 30 7.36 -29.79 27.42
CA ASP Y 30 6.18 -30.63 27.53
C ASP Y 30 5.60 -30.68 28.93
N ASP Y 31 6.24 -30.05 29.92
CA ASP Y 31 5.67 -29.90 31.26
C ASP Y 31 5.77 -28.43 31.64
N HIS Y 32 4.83 -27.64 31.13
CA HIS Y 32 4.82 -26.21 31.33
C HIS Y 32 3.59 -25.85 32.15
N ASP Y 33 3.79 -25.18 33.27
CA ASP Y 33 2.70 -24.83 34.17
C ASP Y 33 2.18 -23.44 33.83
N LYS Y 34 0.91 -23.35 33.46
CA LYS Y 34 0.27 -22.09 33.15
C LYS Y 34 -0.59 -21.58 34.30
N MET Y 35 -0.52 -22.23 35.46
CA MET Y 35 -1.28 -21.82 36.63
C MET Y 35 -0.39 -21.03 37.58
N PHE Y 36 -0.95 -19.98 38.16
CA PHE Y 36 -0.24 -19.12 39.10
C PHE Y 36 -1.04 -19.03 40.39
N LYS Y 37 -0.40 -19.35 41.52
CA LYS Y 37 -1.10 -19.34 42.84
C LYS Y 37 -1.02 -17.95 43.48
N MET Y 38 -2.05 -17.12 43.31
CA MET Y 38 -2.11 -15.78 43.95
C MET Y 38 -2.20 -15.92 45.47
N SER Y 39 -2.97 -16.88 45.97
CA SER Y 39 -3.20 -17.00 47.44
C SER Y 39 -3.50 -18.46 47.77
N GLU Y 40 -3.88 -18.74 49.02
CA GLU Y 40 -4.13 -20.13 49.38
C GLU Y 40 -5.29 -20.73 48.61
N LYS Y 41 -6.21 -19.90 48.11
CA LYS Y 41 -7.41 -20.41 47.47
C LYS Y 41 -7.69 -19.74 46.13
N ILE Y 42 -6.68 -19.15 45.48
CA ILE Y 42 -6.87 -18.48 44.20
C ILE Y 42 -5.82 -18.96 43.22
N LEU Y 43 -6.25 -19.38 42.04
CA LEU Y 43 -5.39 -19.73 40.94
C LEU Y 43 -5.67 -18.82 39.77
N LEU Y 44 -4.62 -18.32 39.15
CA LEU Y 44 -4.70 -17.55 37.92
C LEU Y 44 -4.11 -18.38 36.80
N LEU Y 45 -4.91 -18.64 35.77
CA LEU Y 45 -4.46 -19.36 34.58
C LEU Y 45 -4.35 -18.35 33.46
N CYS Y 46 -3.18 -18.27 32.84
CA CYS Y 46 -2.92 -17.23 31.84
C CYS Y 46 -2.33 -17.85 30.59
N VAL Y 47 -2.86 -17.45 29.44
CA VAL Y 47 -2.30 -17.79 28.14
C VAL Y 47 -2.18 -16.50 27.33
N GLY Y 48 -1.46 -16.59 26.21
CA GLY Y 48 -1.37 -15.44 25.33
C GLY Y 48 0.01 -15.15 24.79
N GLU Y 49 0.30 -13.88 24.55
CA GLU Y 49 1.56 -13.50 23.94
C GLU Y 49 2.73 -13.85 24.87
N ALA Y 50 3.78 -14.40 24.28
CA ALA Y 50 4.97 -14.78 25.05
C ALA Y 50 5.56 -13.55 25.71
N GLY Y 51 6.07 -13.74 26.92
CA GLY Y 51 6.51 -12.61 27.73
C GLY Y 51 5.42 -11.88 28.47
N ASP Y 52 4.36 -11.49 27.77
CA ASP Y 52 3.25 -10.77 28.39
C ASP Y 52 2.63 -11.59 29.52
N THR Y 53 2.44 -12.90 29.28
CA THR Y 53 1.70 -13.74 30.21
C THR Y 53 2.37 -13.77 31.58
N VAL Y 54 3.65 -14.09 31.62
CA VAL Y 54 4.34 -14.23 32.90
C VAL Y 54 4.50 -12.88 33.57
N GLN Y 55 4.81 -11.83 32.81
CA GLN Y 55 4.96 -10.51 33.38
C GLN Y 55 3.69 -10.07 34.09
N PHE Y 56 2.55 -10.15 33.40
CA PHE Y 56 1.29 -9.72 34.00
C PHE Y 56 0.90 -10.61 35.18
N ALA Y 57 1.05 -11.93 35.03
CA ALA Y 57 0.64 -12.84 36.10
C ALA Y 57 1.48 -12.64 37.35
N GLU Y 58 2.78 -12.43 37.20
CA GLU Y 58 3.63 -12.22 38.36
C GLU Y 58 3.42 -10.85 38.98
N TYR Y 59 3.08 -9.85 38.17
CA TYR Y 59 2.69 -8.56 38.73
C TYR Y 59 1.46 -8.70 39.62
N ILE Y 60 0.44 -9.41 39.13
CA ILE Y 60 -0.76 -9.64 39.91
C ILE Y 60 -0.45 -10.43 41.18
N GLN Y 61 0.37 -11.48 41.04
CA GLN Y 61 0.74 -12.31 42.17
C GLN Y 61 1.44 -11.50 43.26
N LYS Y 62 2.38 -10.66 42.85
CA LYS Y 62 3.06 -9.78 43.80
C LYS Y 62 2.07 -8.88 44.52
N ASN Y 63 1.12 -8.30 43.79
CA ASN Y 63 0.19 -7.39 44.44
C ASN Y 63 -0.77 -8.10 45.39
N VAL Y 64 -1.21 -9.30 45.03
CA VAL Y 64 -2.12 -10.04 45.91
C VAL Y 64 -1.40 -10.46 47.19
N GLN Y 65 -0.17 -10.96 47.06
CA GLN Y 65 0.59 -11.33 48.25
C GLN Y 65 0.91 -10.12 49.12
N LEU Y 66 1.22 -8.98 48.48
CA LEU Y 66 1.43 -7.76 49.24
C LEU Y 66 0.19 -7.35 50.01
N TYR Y 67 -0.99 -7.48 49.38
CA TYR Y 67 -2.23 -7.19 50.08
C TYR Y 67 -2.35 -8.06 51.33
N LYS Y 68 -2.08 -9.36 51.20
CA LYS Y 68 -2.15 -10.24 52.35
C LYS Y 68 -1.18 -9.81 53.46
N MET Y 69 0.04 -9.44 53.08
CA MET Y 69 1.01 -9.00 54.09
C MET Y 69 0.58 -7.70 54.77
N ARG Y 70 0.09 -6.74 53.99
CA ARG Y 70 -0.30 -5.46 54.56
C ARG Y 70 -1.48 -5.59 55.51
N ASN Y 71 -2.45 -6.44 55.18
CA ASN Y 71 -3.72 -6.39 55.86
C ASN Y 71 -3.98 -7.55 56.81
N GLY Y 72 -3.23 -8.63 56.71
CA GLY Y 72 -3.44 -9.77 57.57
C GLY Y 72 -4.52 -10.72 57.11
N TYR Y 73 -5.31 -10.36 56.10
CA TYR Y 73 -6.28 -11.24 55.49
C TYR Y 73 -6.09 -11.18 53.98
N GLU Y 74 -6.65 -12.16 53.30
CA GLU Y 74 -6.46 -12.28 51.86
C GLU Y 74 -7.59 -11.59 51.11
N LEU Y 75 -7.29 -11.24 49.86
CA LEU Y 75 -8.32 -10.79 48.94
C LEU Y 75 -9.28 -11.93 48.62
N SER Y 76 -10.56 -11.62 48.51
CA SER Y 76 -11.51 -12.60 48.04
C SER Y 76 -11.32 -12.81 46.54
N PRO Y 77 -11.75 -13.96 46.01
CA PRO Y 77 -11.61 -14.19 44.56
C PRO Y 77 -12.30 -13.15 43.69
N THR Y 78 -13.44 -12.62 44.13
CA THR Y 78 -14.10 -11.58 43.35
C THR Y 78 -13.30 -10.28 43.35
N ALA Y 79 -12.79 -9.88 44.52
CA ALA Y 79 -11.95 -8.69 44.59
C ALA Y 79 -10.69 -8.85 43.76
N ALA Y 80 -10.07 -10.03 43.81
CA ALA Y 80 -8.87 -10.28 43.01
C ALA Y 80 -9.18 -10.26 41.52
N ALA Y 81 -10.32 -10.83 41.11
CA ALA Y 81 -10.70 -10.80 39.71
C ALA Y 81 -10.90 -9.36 39.24
N ASN Y 82 -11.53 -8.53 40.07
CA ASN Y 82 -11.76 -7.14 39.70
C ASN Y 82 -10.47 -6.33 39.67
N PHE Y 83 -9.56 -6.59 40.62
CA PHE Y 83 -8.26 -5.94 40.61
C PHE Y 83 -7.49 -6.31 39.34
N THR Y 84 -7.51 -7.59 38.97
CA THR Y 84 -6.89 -8.04 37.72
C THR Y 84 -7.51 -7.35 36.52
N ARG Y 85 -8.85 -7.29 36.45
CA ARG Y 85 -9.49 -6.66 35.31
C ARG Y 85 -9.14 -5.18 35.22
N ARG Y 86 -9.14 -4.48 36.36
CA ARG Y 86 -8.83 -3.06 36.35
C ARG Y 86 -7.40 -2.83 35.87
N ASN Y 87 -6.45 -3.64 36.33
CA ASN Y 87 -5.07 -3.46 35.89
C ASN Y 87 -4.91 -3.78 34.41
N LEU Y 88 -5.52 -4.86 33.94
CA LEU Y 88 -5.45 -5.20 32.52
C LEU Y 88 -6.08 -4.10 31.66
N ALA Y 89 -7.24 -3.59 32.08
CA ALA Y 89 -7.90 -2.53 31.32
C ALA Y 89 -7.09 -1.26 31.30
N ASP Y 90 -6.44 -0.92 32.41
CA ASP Y 90 -5.58 0.26 32.43
C ASP Y 90 -4.39 0.08 31.49
N TYR Y 91 -3.81 -1.12 31.47
CA TYR Y 91 -2.70 -1.38 30.55
C TYR Y 91 -3.15 -1.42 29.09
N LEU Y 92 -4.42 -1.69 28.82
CA LEU Y 92 -4.86 -1.89 27.44
C LEU Y 92 -4.63 -0.65 26.59
N ARG Y 93 -4.87 0.54 27.13
CA ARG Y 93 -4.71 1.78 26.39
C ARG Y 93 -3.41 2.50 26.70
N SER Y 94 -2.50 1.85 27.41
CA SER Y 94 -1.22 2.44 27.78
C SER Y 94 -0.15 2.09 26.73
N ARG Y 95 1.10 2.37 27.06
CA ARG Y 95 2.22 2.07 26.18
C ARG Y 95 2.71 0.63 26.31
N THR Y 96 2.32 -0.09 27.36
CA THR Y 96 2.70 -1.48 27.57
C THR Y 96 1.45 -2.32 27.76
N PRO Y 97 0.73 -2.62 26.68
CA PRO Y 97 -0.44 -3.49 26.79
C PRO Y 97 -0.06 -4.96 26.85
N TYR Y 98 -0.85 -5.71 27.62
CA TYR Y 98 -0.65 -7.14 27.81
C TYR Y 98 -1.69 -7.90 27.01
N HIS Y 99 -1.25 -8.81 26.16
CA HIS Y 99 -2.16 -9.66 25.39
C HIS Y 99 -2.26 -11.01 26.09
N VAL Y 100 -3.13 -11.07 27.10
CA VAL Y 100 -3.29 -12.25 27.93
C VAL Y 100 -4.76 -12.60 28.07
N ASN Y 101 -5.06 -13.89 28.06
CA ASN Y 101 -6.39 -14.42 28.34
C ASN Y 101 -6.33 -15.23 29.63
N LEU Y 102 -7.28 -15.00 30.51
CA LEU Y 102 -7.17 -15.45 31.89
C LEU Y 102 -8.43 -16.19 32.35
N LEU Y 103 -8.20 -17.20 33.17
CA LEU Y 103 -9.21 -17.74 34.06
C LEU Y 103 -8.76 -17.47 35.48
N LEU Y 104 -9.67 -17.01 36.31
CA LEU Y 104 -9.41 -16.88 37.74
C LEU Y 104 -10.33 -17.84 38.47
N ALA Y 105 -9.75 -18.83 39.12
CA ALA Y 105 -10.51 -19.78 39.92
C ALA Y 105 -10.23 -19.50 41.38
N GLY Y 106 -11.29 -19.48 42.19
CA GLY Y 106 -11.10 -19.16 43.59
C GLY Y 106 -12.18 -19.79 44.45
N TYR Y 107 -11.87 -19.92 45.73
CA TYR Y 107 -12.85 -20.34 46.71
C TYR Y 107 -12.92 -19.29 47.81
N ASP Y 108 -14.12 -18.85 48.12
CA ASP Y 108 -14.37 -17.93 49.22
C ASP Y 108 -15.13 -18.65 50.31
N GLU Y 109 -14.71 -18.44 51.56
CA GLU Y 109 -15.35 -19.11 52.68
C GLU Y 109 -16.83 -18.76 52.82
N HIS Y 110 -17.24 -17.60 52.32
CA HIS Y 110 -18.63 -17.17 52.42
C HIS Y 110 -19.38 -17.25 51.09
N GLU Y 111 -18.72 -16.90 49.99
CA GLU Y 111 -19.36 -16.87 48.68
C GLU Y 111 -19.25 -18.19 47.92
N GLY Y 112 -18.46 -19.14 48.42
CA GLY Y 112 -18.29 -20.41 47.75
C GLY Y 112 -17.31 -20.34 46.60
N PRO Y 113 -17.39 -21.31 45.69
CA PRO Y 113 -16.48 -21.33 44.54
C PRO Y 113 -16.85 -20.29 43.50
N ALA Y 114 -15.82 -19.83 42.78
CA ALA Y 114 -16.00 -18.80 41.76
C ALA Y 114 -15.03 -19.05 40.62
N LEU Y 115 -15.52 -18.83 39.41
CA LEU Y 115 -14.73 -18.97 38.20
C LEU Y 115 -14.97 -17.75 37.33
N TYR Y 116 -13.89 -17.11 36.90
CA TYR Y 116 -13.97 -15.90 36.12
C TYR Y 116 -13.22 -16.05 34.81
N TYR Y 117 -13.81 -15.51 33.76
CA TYR Y 117 -13.25 -15.49 32.42
C TYR Y 117 -12.86 -14.05 32.12
N MET Y 118 -11.67 -13.87 31.56
CA MET Y 118 -11.22 -12.54 31.13
C MET Y 118 -10.52 -12.67 29.79
N ASP Y 119 -11.01 -11.95 28.79
CA ASP Y 119 -10.31 -11.87 27.52
C ASP Y 119 -9.23 -10.81 27.59
N TYR Y 120 -8.43 -10.70 26.52
CA TYR Y 120 -7.32 -9.76 26.55
C TYR Y 120 -7.78 -8.31 26.52
N LEU Y 121 -9.02 -8.06 26.12
CA LEU Y 121 -9.58 -6.72 26.20
C LEU Y 121 -9.96 -6.32 27.62
N ALA Y 122 -9.87 -7.25 28.58
CA ALA Y 122 -10.20 -7.02 29.99
C ALA Y 122 -11.71 -6.85 30.21
N ALA Y 123 -12.50 -7.69 29.57
CA ALA Y 123 -13.89 -7.88 29.94
C ALA Y 123 -13.97 -9.03 30.93
N LEU Y 124 -14.58 -8.80 32.08
CA LEU Y 124 -14.65 -9.79 33.14
C LEU Y 124 -16.05 -10.40 33.17
N ALA Y 125 -16.12 -11.73 33.13
CA ALA Y 125 -17.39 -12.45 33.21
C ALA Y 125 -17.28 -13.55 34.25
N LYS Y 126 -18.38 -13.79 34.94
CA LYS Y 126 -18.49 -14.92 35.85
C LYS Y 126 -19.23 -16.05 35.15
N ALA Y 127 -18.63 -17.24 35.14
CA ALA Y 127 -19.20 -18.34 34.41
C ALA Y 127 -19.17 -19.62 35.24
N PRO Y 128 -20.18 -20.48 35.10
CA PRO Y 128 -20.13 -21.80 35.75
C PRO Y 128 -19.07 -22.71 35.15
N PHE Y 129 -18.73 -22.52 33.87
CA PHE Y 129 -17.59 -23.16 33.26
C PHE Y 129 -17.12 -22.27 32.13
N ALA Y 130 -15.85 -22.42 31.78
CA ALA Y 130 -15.26 -21.57 30.74
C ALA Y 130 -14.04 -22.25 30.17
N ALA Y 131 -13.61 -21.77 29.01
CA ALA Y 131 -12.43 -22.32 28.36
C ALA Y 131 -11.78 -21.25 27.48
N HIS Y 132 -10.49 -21.41 27.27
CA HIS Y 132 -9.68 -20.50 26.47
C HIS Y 132 -8.85 -21.29 25.49
N GLY Y 133 -8.69 -20.73 24.30
CA GLY Y 133 -7.90 -21.31 23.23
C GLY Y 133 -8.76 -21.69 22.03
N TYR Y 134 -8.08 -22.17 20.99
CA TYR Y 134 -8.81 -22.76 19.87
C TYR Y 134 -9.54 -24.03 20.29
N GLY Y 135 -8.99 -24.77 21.26
CA GLY Y 135 -9.65 -25.97 21.75
C GLY Y 135 -10.94 -25.72 22.49
N ALA Y 136 -11.18 -24.47 22.91
CA ALA Y 136 -12.45 -24.13 23.53
C ALA Y 136 -13.61 -24.30 22.55
N PHE Y 137 -13.36 -24.02 21.26
CA PHE Y 137 -14.35 -24.23 20.22
C PHE Y 137 -14.79 -25.69 20.13
N LEU Y 138 -13.93 -26.61 20.54
CA LEU Y 138 -14.22 -28.03 20.43
C LEU Y 138 -14.77 -28.65 21.70
N THR Y 139 -14.75 -27.93 22.82
CA THR Y 139 -15.12 -28.50 24.11
C THR Y 139 -16.22 -27.73 24.84
N LEU Y 140 -16.47 -26.48 24.49
CA LEU Y 140 -17.53 -25.73 25.15
C LEU Y 140 -18.88 -26.37 24.91
N SER Y 141 -19.09 -26.96 23.73
CA SER Y 141 -20.37 -27.61 23.46
C SER Y 141 -20.53 -28.89 24.26
N ILE Y 142 -19.44 -29.63 24.48
CA ILE Y 142 -19.50 -30.80 25.35
C ILE Y 142 -19.83 -30.39 26.77
N LEU Y 143 -19.21 -29.31 27.26
CA LEU Y 143 -19.54 -28.80 28.58
C LEU Y 143 -20.99 -28.36 28.65
N ASP Y 144 -21.48 -27.66 27.62
CA ASP Y 144 -22.88 -27.28 27.55
C ASP Y 144 -23.78 -28.51 27.60
N ARG Y 145 -23.37 -29.59 26.95
CA ARG Y 145 -24.21 -30.76 26.82
C ARG Y 145 -24.29 -31.54 28.12
N TYR Y 146 -23.20 -31.65 28.87
CA TYR Y 146 -23.16 -32.56 30.00
C TYR Y 146 -23.10 -31.92 31.37
N TYR Y 147 -22.83 -30.62 31.46
CA TYR Y 147 -22.67 -29.98 32.76
C TYR Y 147 -24.01 -29.76 33.44
N THR Y 148 -24.05 -30.02 34.75
CA THR Y 148 -25.12 -29.64 35.63
C THR Y 148 -24.53 -28.84 36.79
N PRO Y 149 -25.30 -27.93 37.38
CA PRO Y 149 -24.78 -27.17 38.52
C PRO Y 149 -24.40 -28.02 39.71
N THR Y 150 -25.06 -29.16 39.92
CA THR Y 150 -24.82 -30.02 41.07
C THR Y 150 -23.74 -31.05 40.83
N ILE Y 151 -22.93 -30.89 39.77
CA ILE Y 151 -21.98 -31.92 39.38
C ILE Y 151 -20.95 -32.14 40.48
N SER Y 152 -20.73 -33.40 40.83
CA SER Y 152 -19.71 -33.74 41.83
C SER Y 152 -18.32 -33.67 41.21
N ARG Y 153 -17.30 -33.64 42.07
CA ARG Y 153 -15.94 -33.43 41.58
C ARG Y 153 -15.42 -34.62 40.79
N GLU Y 154 -15.88 -35.84 41.10
CA GLU Y 154 -15.51 -36.99 40.28
C GLU Y 154 -16.21 -36.97 38.93
N LYS Y 155 -17.49 -36.61 38.91
CA LYS Y 155 -18.16 -36.39 37.64
C LYS Y 155 -17.56 -35.21 36.88
N ALA Y 156 -17.11 -34.18 37.60
CA ALA Y 156 -16.43 -33.07 36.95
C ALA Y 156 -15.14 -33.52 36.30
N VAL Y 157 -14.37 -34.36 36.98
CA VAL Y 157 -13.13 -34.86 36.41
C VAL Y 157 -13.40 -35.73 35.18
N GLU Y 158 -14.46 -36.55 35.25
CA GLU Y 158 -14.84 -37.35 34.09
C GLU Y 158 -15.26 -36.48 32.90
N LEU Y 159 -16.02 -35.42 33.16
CA LEU Y 159 -16.42 -34.50 32.10
C LEU Y 159 -15.21 -33.80 31.49
N LEU Y 160 -14.27 -33.39 32.34
CA LEU Y 160 -13.03 -32.80 31.85
C LEU Y 160 -12.26 -33.79 30.98
N ARG Y 161 -12.24 -35.06 31.38
CA ARG Y 161 -11.59 -36.08 30.59
C ARG Y 161 -12.27 -36.24 29.23
N LYS Y 162 -13.59 -36.14 29.19
CA LYS Y 162 -14.29 -36.16 27.90
C LYS Y 162 -13.85 -35.01 27.01
N CYS Y 163 -13.75 -33.81 27.58
CA CYS Y 163 -13.31 -32.66 26.79
C CYS Y 163 -11.89 -32.86 26.26
N LEU Y 164 -11.00 -33.37 27.10
CA LEU Y 164 -9.61 -33.55 26.68
C LEU Y 164 -9.49 -34.66 25.64
N GLU Y 165 -10.31 -35.71 25.75
CA GLU Y 165 -10.32 -36.75 24.74
C GLU Y 165 -10.82 -36.20 23.40
N GLU Y 166 -11.81 -35.32 23.43
CA GLU Y 166 -12.24 -34.67 22.20
C GLU Y 166 -11.10 -33.85 21.60
N LEU Y 167 -10.33 -33.17 22.45
CA LEU Y 167 -9.16 -32.43 21.96
C LEU Y 167 -8.17 -33.38 21.28
N GLN Y 168 -7.94 -34.56 21.87
CA GLN Y 168 -7.06 -35.53 21.23
C GLN Y 168 -7.61 -35.97 19.88
N LYS Y 169 -8.93 -36.15 19.80
CA LYS Y 169 -9.52 -36.71 18.58
C LYS Y 169 -9.54 -35.71 17.44
N ARG Y 170 -9.90 -34.46 17.70
CA ARG Y 170 -10.24 -33.54 16.63
C ARG Y 170 -9.31 -32.35 16.45
N PHE Y 171 -8.56 -31.97 17.47
CA PHE Y 171 -7.75 -30.77 17.40
C PHE Y 171 -6.47 -31.06 16.64
N ILE Y 172 -6.10 -30.15 15.73
CA ILE Y 172 -4.93 -30.37 14.90
C ILE Y 172 -3.65 -30.33 15.71
N LEU Y 173 -3.63 -29.56 16.79
CA LEU Y 173 -2.43 -29.44 17.62
C LEU Y 173 -2.25 -30.67 18.50
N ASN Y 174 -1.00 -31.00 18.75
CA ASN Y 174 -0.64 -32.09 19.66
C ASN Y 174 -0.61 -31.53 21.09
N LEU Y 175 -1.57 -31.94 21.91
CA LEU Y 175 -1.66 -31.54 23.31
C LEU Y 175 -1.81 -32.80 24.15
N PRO Y 176 -0.71 -33.47 24.47
CA PRO Y 176 -0.82 -34.82 25.05
C PRO Y 176 -1.02 -34.88 26.56
N THR Y 177 -0.70 -33.82 27.30
CA THR Y 177 -0.78 -33.87 28.75
C THR Y 177 -1.34 -32.56 29.30
N PHE Y 178 -2.05 -32.67 30.41
CA PHE Y 178 -2.75 -31.55 31.01
C PHE Y 178 -2.54 -31.56 32.51
N SER Y 179 -2.29 -30.39 33.08
CA SER Y 179 -2.20 -30.24 34.52
C SER Y 179 -3.59 -29.89 35.05
N VAL Y 180 -3.94 -30.50 36.18
CA VAL Y 180 -5.28 -30.45 36.74
C VAL Y 180 -5.18 -30.08 38.22
N ARG Y 181 -5.94 -29.06 38.61
CA ARG Y 181 -5.97 -28.64 40.01
C ARG Y 181 -7.40 -28.40 40.43
N ILE Y 182 -7.65 -28.51 41.73
CA ILE Y 182 -8.98 -28.29 42.28
C ILE Y 182 -8.87 -27.40 43.50
N ILE Y 183 -9.75 -26.41 43.60
CA ILE Y 183 -9.81 -25.51 44.73
C ILE Y 183 -11.09 -25.76 45.50
N ASP Y 184 -10.98 -25.88 46.81
CA ASP Y 184 -12.15 -26.02 47.66
C ASP Y 184 -11.85 -25.35 49.00
N ARG Y 185 -12.68 -25.63 50.00
CA ARG Y 185 -12.52 -25.01 51.32
C ARG Y 185 -11.17 -25.32 51.95
N ASN Y 186 -10.53 -26.42 51.56
CA ASN Y 186 -9.23 -26.81 52.09
C ASN Y 186 -8.08 -26.28 51.26
N GLY Y 187 -8.35 -25.44 50.26
CA GLY Y 187 -7.30 -24.85 49.47
C GLY Y 187 -7.16 -25.46 48.09
N ILE Y 188 -5.94 -25.39 47.55
CA ILE Y 188 -5.63 -25.88 46.20
C ILE Y 188 -4.99 -27.26 46.32
N HIS Y 189 -5.47 -28.20 45.51
CA HIS Y 189 -4.98 -29.56 45.47
C HIS Y 189 -4.59 -29.89 44.05
N ASP Y 190 -3.44 -30.53 43.88
CA ASP Y 190 -2.98 -30.96 42.57
C ASP Y 190 -3.46 -32.37 42.31
N LEU Y 191 -4.29 -32.54 41.28
CA LEU Y 191 -4.70 -33.87 40.88
C LEU Y 191 -3.68 -34.45 39.92
N ASP Y 192 -3.82 -35.74 39.63
CA ASP Y 192 -2.93 -36.37 38.67
C ASP Y 192 -3.08 -35.71 37.31
N ASN Y 193 -1.96 -35.57 36.60
CA ASN Y 193 -2.02 -35.11 35.23
C ASN Y 193 -2.87 -36.06 34.40
N ILE Y 194 -3.67 -35.50 33.51
CA ILE Y 194 -4.41 -36.28 32.54
C ILE Y 194 -3.58 -36.32 31.27
N SER Y 195 -3.10 -37.51 30.91
CA SER Y 195 -2.12 -37.66 29.84
C SER Y 195 -2.62 -38.67 28.83
N PHE Y 196 -2.17 -38.50 27.59
CA PHE Y 196 -2.47 -39.41 26.49
C PHE Y 196 -1.14 -39.75 25.85
N PRO Y 197 -0.51 -40.85 26.27
CA PRO Y 197 0.88 -41.12 25.86
C PRO Y 197 0.93 -41.85 24.52
N LYS Y 198 1.67 -41.27 23.58
CA LYS Y 198 1.90 -41.90 22.28
C LYS Y 198 2.75 -43.16 22.44
N GLN Y 199 2.43 -44.17 21.65
CA GLN Y 199 3.17 -45.43 21.67
C GLN Y 199 4.63 -45.23 21.30
N THR Z 60 22.79 -20.95 12.23
CA THR Z 60 23.23 -21.09 13.61
C THR Z 60 22.56 -22.27 14.29
N THR Z 61 23.36 -23.07 14.99
CA THR Z 61 22.82 -24.14 15.82
C THR Z 61 23.52 -24.11 17.17
N THR Z 62 22.75 -23.96 18.24
CA THR Z 62 23.25 -24.09 19.59
C THR Z 62 22.38 -25.09 20.31
N LEU Z 63 22.97 -25.88 21.20
CA LEU Z 63 22.21 -26.81 21.99
C LEU Z 63 22.79 -26.88 23.39
N ALA Z 64 21.94 -27.27 24.34
CA ALA Z 64 22.38 -27.57 25.68
C ALA Z 64 21.49 -28.66 26.23
N PHE Z 65 22.05 -29.51 27.08
CA PHE Z 65 21.23 -30.45 27.82
C PHE Z 65 21.82 -30.72 29.19
N LYS Z 66 20.92 -30.92 30.15
CA LYS Z 66 21.29 -31.37 31.48
C LYS Z 66 21.38 -32.88 31.50
N PHE Z 67 22.25 -33.38 32.37
CA PHE Z 67 22.38 -34.81 32.62
C PHE Z 67 23.05 -34.95 33.98
N ARG Z 68 23.25 -36.20 34.41
CA ARG Z 68 23.68 -36.46 35.78
C ARG Z 68 24.97 -35.72 36.12
N HIS Z 69 25.86 -35.54 35.15
CA HIS Z 69 27.16 -34.95 35.41
C HIS Z 69 27.22 -33.47 35.05
N GLY Z 70 26.08 -32.83 34.81
CA GLY Z 70 26.09 -31.39 34.62
C GLY Z 70 25.32 -30.91 33.42
N VAL Z 71 25.85 -29.88 32.75
CA VAL Z 71 25.23 -29.33 31.55
C VAL Z 71 26.24 -29.40 30.42
N ILE Z 72 25.81 -29.89 29.27
CA ILE Z 72 26.61 -29.87 28.05
C ILE Z 72 26.08 -28.74 27.19
N VAL Z 73 26.97 -27.87 26.74
CA VAL Z 73 26.64 -26.76 25.84
C VAL Z 73 27.48 -26.92 24.58
N ALA Z 74 26.86 -26.77 23.43
CA ALA Z 74 27.57 -26.93 22.17
C ALA Z 74 27.02 -25.92 21.15
N ALA Z 75 27.88 -25.49 20.25
CA ALA Z 75 27.47 -24.53 19.24
C ALA Z 75 28.32 -24.70 17.98
N ASP Z 76 27.81 -24.17 16.87
CA ASP Z 76 28.58 -24.01 15.66
C ASP Z 76 29.27 -22.63 15.69
N SER Z 77 29.92 -22.25 14.59
CA SER Z 77 30.73 -21.03 14.62
C SER Z 77 30.57 -20.18 13.37
N ARG Z 78 29.53 -20.38 12.59
CA ARG Z 78 29.37 -19.68 11.33
C ARG Z 78 28.45 -18.47 11.50
N ALA Z 79 28.89 -17.33 11.01
CA ALA Z 79 28.04 -16.15 10.86
C ALA Z 79 27.93 -15.81 9.40
N THR Z 80 26.70 -15.58 8.93
CA THR Z 80 26.43 -15.27 7.54
C THR Z 80 25.85 -13.87 7.44
N ALA Z 81 25.90 -13.32 6.23
CA ALA Z 81 25.23 -12.07 5.87
C ALA Z 81 24.52 -12.34 4.54
N GLY Z 82 23.29 -12.82 4.62
CA GLY Z 82 22.63 -13.30 3.42
C GLY Z 82 23.21 -14.65 3.02
N ALA Z 83 23.58 -14.77 1.74
CA ALA Z 83 24.26 -15.97 1.27
C ALA Z 83 25.74 -15.97 1.59
N TYR Z 84 26.31 -14.84 1.97
CA TYR Z 84 27.75 -14.71 2.17
C TYR Z 84 28.11 -15.08 3.59
N ILE Z 85 29.09 -15.97 3.73
CA ILE Z 85 29.55 -16.41 5.05
C ILE Z 85 30.53 -15.36 5.56
N ALA Z 86 30.12 -14.60 6.57
CA ALA Z 86 30.97 -13.54 7.10
C ALA Z 86 32.08 -14.10 7.95
N SER Z 87 31.84 -15.19 8.67
CA SER Z 87 32.83 -15.76 9.56
C SER Z 87 32.57 -17.24 9.74
N GLN Z 88 33.66 -18.00 9.95
CA GLN Z 88 33.56 -19.41 10.30
C GLN Z 88 34.08 -19.67 11.71
N THR Z 89 34.44 -18.62 12.45
CA THR Z 89 35.11 -18.76 13.74
C THR Z 89 34.42 -17.95 14.83
N VAL Z 90 33.11 -17.76 14.73
CA VAL Z 90 32.37 -17.07 15.77
C VAL Z 90 32.31 -17.92 17.03
N LYS Z 91 32.58 -17.30 18.17
CA LYS Z 91 32.41 -17.97 19.46
C LYS Z 91 30.99 -17.73 19.92
N LYS Z 92 30.13 -18.72 19.75
CA LYS Z 92 28.72 -18.59 20.08
C LYS Z 92 28.38 -19.04 21.49
N VAL Z 93 29.34 -19.60 22.22
CA VAL Z 93 29.18 -19.86 23.65
C VAL Z 93 29.83 -18.70 24.39
N ILE Z 94 29.01 -17.89 25.06
CA ILE Z 94 29.49 -16.73 25.79
C ILE Z 94 29.85 -17.17 27.20
N GLU Z 95 31.08 -16.91 27.61
CA GLU Z 95 31.50 -17.20 28.97
C GLU Z 95 31.12 -15.99 29.81
N ILE Z 96 29.92 -16.03 30.40
CA ILE Z 96 29.41 -14.86 31.12
C ILE Z 96 30.31 -14.57 32.32
N ASN Z 97 30.59 -15.59 33.11
CA ASN Z 97 31.56 -15.55 34.18
C ASN Z 97 32.04 -16.97 34.41
N PRO Z 98 32.98 -17.20 35.35
CA PRO Z 98 33.47 -18.57 35.55
C PRO Z 98 32.42 -19.60 35.95
N TYR Z 99 31.17 -19.18 36.18
CA TYR Z 99 30.15 -20.13 36.58
C TYR Z 99 28.88 -20.07 35.74
N LEU Z 100 28.78 -19.15 34.78
CA LEU Z 100 27.61 -19.03 33.93
C LEU Z 100 28.01 -19.01 32.46
N LEU Z 101 27.28 -19.78 31.66
CA LEU Z 101 27.45 -19.79 30.22
C LEU Z 101 26.16 -19.32 29.55
N GLY Z 102 26.32 -18.66 28.41
CA GLY Z 102 25.20 -18.31 27.57
C GLY Z 102 25.46 -18.72 26.14
N THR Z 103 24.43 -18.60 25.30
CA THR Z 103 24.55 -18.95 23.90
C THR Z 103 24.11 -17.78 23.03
N MET Z 104 24.56 -17.79 21.79
CA MET Z 104 24.34 -16.70 20.85
C MET Z 104 23.51 -17.22 19.67
N ALA Z 105 22.24 -16.84 19.63
CA ALA Z 105 21.37 -17.09 18.49
C ALA Z 105 20.51 -15.86 18.28
N GLY Z 106 20.29 -15.52 17.01
CA GLY Z 106 19.63 -14.27 16.67
C GLY Z 106 20.65 -13.22 16.25
N GLY Z 107 20.54 -12.03 16.83
CA GLY Z 107 21.53 -11.00 16.58
C GLY Z 107 22.77 -11.18 17.44
N ALA Z 108 23.93 -11.32 16.80
CA ALA Z 108 25.16 -11.52 17.56
C ALA Z 108 25.45 -10.35 18.47
N ALA Z 109 25.27 -9.12 17.99
CA ALA Z 109 25.47 -7.96 18.83
C ALA Z 109 24.48 -7.93 19.99
N ASP Z 110 23.22 -8.27 19.74
CA ASP Z 110 22.21 -8.25 20.80
C ASP Z 110 22.57 -9.22 21.91
N CYS Z 111 22.86 -10.48 21.55
CA CYS Z 111 23.23 -11.47 22.56
C CYS Z 111 24.48 -11.06 23.31
N SER Z 112 25.53 -10.66 22.58
CA SER Z 112 26.77 -10.30 23.23
C SER Z 112 26.58 -9.13 24.19
N PHE Z 113 25.88 -8.08 23.75
CA PHE Z 113 25.70 -6.90 24.57
C PHE Z 113 24.88 -7.21 25.81
N TRP Z 114 23.75 -7.89 25.64
CA TRP Z 114 22.87 -8.07 26.79
C TRP Z 114 23.40 -9.12 27.75
N GLU Z 115 24.16 -10.10 27.27
CA GLU Z 115 24.80 -11.02 28.20
C GLU Z 115 26.03 -10.42 28.86
N ARG Z 116 26.68 -9.43 28.23
CA ARG Z 116 27.70 -8.68 28.95
C ARG Z 116 27.09 -7.82 30.05
N LEU Z 117 25.94 -7.21 29.77
CA LEU Z 117 25.21 -6.50 30.82
C LEU Z 117 24.82 -7.44 31.94
N LEU Z 118 24.39 -8.65 31.59
CA LEU Z 118 24.08 -9.66 32.59
C LEU Z 118 25.30 -10.01 33.43
N ALA Z 119 26.47 -10.15 32.79
CA ALA Z 119 27.69 -10.44 33.54
C ALA Z 119 28.00 -9.32 34.53
N ARG Z 120 27.83 -8.08 34.09
CA ARG Z 120 28.05 -6.94 34.99
C ARG Z 120 27.10 -6.99 36.18
N GLN Z 121 25.82 -7.25 35.91
CA GLN Z 121 24.83 -7.29 36.99
C GLN Z 121 25.10 -8.46 37.94
N CYS Z 122 25.50 -9.60 37.41
CA CYS Z 122 25.81 -10.76 38.25
C CYS Z 122 27.00 -10.47 39.16
N ARG Z 123 28.03 -9.83 38.62
CA ARG Z 123 29.18 -9.49 39.45
C ARG Z 123 28.79 -8.51 40.55
N ILE Z 124 27.97 -7.52 40.23
CA ILE Z 124 27.50 -6.58 41.25
C ILE Z 124 26.67 -7.31 42.31
N TYR Z 125 25.82 -8.25 41.88
CA TYR Z 125 25.04 -9.04 42.82
C TYR Z 125 25.95 -9.79 43.78
N GLU Z 126 26.99 -10.43 43.25
CA GLU Z 126 27.91 -11.18 44.10
C GLU Z 126 28.63 -10.26 45.08
N LEU Z 127 29.01 -9.07 44.63
CA LEU Z 127 29.67 -8.13 45.54
C LEU Z 127 28.73 -7.67 46.65
N ARG Z 128 27.47 -7.42 46.31
CA ARG Z 128 26.51 -6.90 47.28
C ARG Z 128 26.04 -7.96 48.27
N ASN Z 129 25.89 -9.19 47.82
CA ASN Z 129 25.26 -10.23 48.64
C ASN Z 129 26.23 -11.26 49.17
N LYS Z 130 27.51 -11.20 48.79
CA LYS Z 130 28.50 -12.22 49.16
C LYS Z 130 28.03 -13.62 48.80
N GLU Z 131 27.34 -13.74 47.66
CA GLU Z 131 26.82 -15.00 47.18
C GLU Z 131 26.70 -14.93 45.67
N ARG Z 132 27.02 -16.03 44.99
CA ARG Z 132 26.82 -16.07 43.55
C ARG Z 132 25.33 -16.10 43.23
N ILE Z 133 24.96 -15.38 42.17
CA ILE Z 133 23.58 -15.39 41.71
C ILE Z 133 23.22 -16.79 41.23
N SER Z 134 21.97 -17.17 41.46
CA SER Z 134 21.49 -18.46 40.97
C SER Z 134 21.17 -18.38 39.47
N VAL Z 135 21.08 -19.55 38.84
CA VAL Z 135 20.82 -19.60 37.41
C VAL Z 135 19.44 -19.04 37.09
N ALA Z 136 18.44 -19.43 37.89
CA ALA Z 136 17.09 -18.91 37.70
C ALA Z 136 17.06 -17.40 37.88
N ALA Z 137 17.76 -16.88 38.87
CA ALA Z 137 17.80 -15.43 39.09
C ALA Z 137 18.49 -14.72 37.92
N ALA Z 138 19.59 -15.27 37.41
CA ALA Z 138 20.28 -14.63 36.29
C ALA Z 138 19.42 -14.62 35.04
N SER Z 139 18.77 -15.75 34.73
CA SER Z 139 17.89 -15.79 33.57
C SER Z 139 16.71 -14.86 33.73
N LYS Z 140 16.18 -14.75 34.95
CA LYS Z 140 15.10 -13.80 35.20
C LYS Z 140 15.56 -12.36 34.98
N LEU Z 141 16.78 -12.03 35.42
CA LEU Z 141 17.34 -10.71 35.17
C LEU Z 141 17.42 -10.43 33.67
N LEU Z 142 17.94 -11.38 32.91
CA LEU Z 142 18.08 -11.17 31.47
C LEU Z 142 16.72 -11.00 30.79
N ALA Z 143 15.75 -11.84 31.18
CA ALA Z 143 14.42 -11.73 30.60
C ALA Z 143 13.77 -10.39 30.93
N ASN Z 144 13.93 -9.93 32.17
CA ASN Z 144 13.40 -8.62 32.55
C ASN Z 144 14.10 -7.49 31.78
N MET Z 145 15.40 -7.63 31.54
CA MET Z 145 16.12 -6.62 30.78
C MET Z 145 15.61 -6.52 29.36
N VAL Z 146 15.41 -7.66 28.71
CA VAL Z 146 15.03 -7.62 27.29
C VAL Z 146 13.54 -7.37 27.10
N TYR Z 147 12.72 -7.60 28.12
CA TYR Z 147 11.29 -7.34 27.98
C TYR Z 147 11.00 -5.86 27.78
N GLN Z 148 11.84 -4.98 28.33
CA GLN Z 148 11.65 -3.54 28.14
C GLN Z 148 11.77 -3.13 26.68
N TYR Z 149 12.39 -3.96 25.84
CA TYR Z 149 12.60 -3.63 24.43
C TYR Z 149 11.73 -4.46 23.50
N LYS Z 150 10.67 -5.07 24.02
CA LYS Z 150 9.82 -5.90 23.19
C LYS Z 150 9.15 -5.07 22.11
N GLY Z 151 9.15 -5.58 20.88
CA GLY Z 151 8.62 -4.87 19.76
C GLY Z 151 9.54 -3.84 19.13
N MET Z 152 10.73 -3.66 19.68
CA MET Z 152 11.70 -2.71 19.12
C MET Z 152 12.69 -3.37 18.18
N GLY Z 153 12.57 -4.67 17.95
CA GLY Z 153 13.38 -5.35 16.96
C GLY Z 153 14.57 -6.13 17.49
N LEU Z 154 14.73 -6.23 18.80
CA LEU Z 154 15.78 -7.08 19.34
C LEU Z 154 15.54 -8.53 18.95
N SER Z 155 16.61 -9.23 18.60
CA SER Z 155 16.55 -10.65 18.27
C SER Z 155 17.61 -11.37 19.09
N MET Z 156 17.17 -12.15 20.06
CA MET Z 156 18.08 -12.89 20.93
C MET Z 156 17.39 -14.17 21.36
N GLY Z 157 18.07 -15.29 21.15
CA GLY Z 157 17.65 -16.55 21.73
C GLY Z 157 18.83 -17.22 22.37
N THR Z 158 18.80 -17.39 23.69
CA THR Z 158 19.99 -17.80 24.43
C THR Z 158 19.61 -18.83 25.47
N MET Z 159 20.60 -19.62 25.86
CA MET Z 159 20.45 -20.58 26.95
C MET Z 159 21.41 -20.16 28.06
N ILE Z 160 20.86 -19.91 29.24
CA ILE Z 160 21.64 -19.63 30.43
C ILE Z 160 21.84 -20.94 31.17
N CYS Z 161 23.10 -21.30 31.38
CA CYS Z 161 23.46 -22.60 31.91
C CYS Z 161 24.37 -22.42 33.10
N GLY Z 162 24.16 -23.23 34.13
CA GLY Z 162 24.99 -23.12 35.31
C GLY Z 162 24.73 -24.26 36.26
N TRP Z 163 25.28 -24.12 37.45
CA TRP Z 163 25.10 -25.11 38.51
C TRP Z 163 25.03 -24.36 39.83
N ASP Z 164 23.83 -24.28 40.40
CA ASP Z 164 23.58 -23.52 41.62
C ASP Z 164 23.14 -24.49 42.71
N LYS Z 165 22.65 -23.93 43.82
CA LYS Z 165 22.19 -24.76 44.93
C LYS Z 165 21.05 -25.69 44.53
N ARG Z 166 20.34 -25.40 43.46
CA ARG Z 166 19.28 -26.28 42.97
C ARG Z 166 19.80 -27.31 41.98
N GLY Z 167 21.12 -27.48 41.89
CA GLY Z 167 21.70 -28.41 40.94
C GLY Z 167 22.03 -27.75 39.62
N PRO Z 168 22.22 -28.56 38.59
CA PRO Z 168 22.37 -28.01 37.23
C PRO Z 168 21.13 -27.26 36.80
N GLY Z 169 21.34 -26.13 36.15
CA GLY Z 169 20.25 -25.28 35.71
C GLY Z 169 20.41 -24.86 34.27
N LEU Z 170 19.31 -24.96 33.52
CA LEU Z 170 19.30 -24.66 32.10
C LEU Z 170 18.03 -23.88 31.79
N TYR Z 171 18.17 -22.67 31.28
CA TYR Z 171 17.04 -21.82 30.97
C TYR Z 171 17.14 -21.32 29.55
N TYR Z 172 16.02 -21.31 28.85
CA TYR Z 172 15.93 -20.68 27.54
C TYR Z 172 15.27 -19.32 27.71
N VAL Z 173 15.94 -18.28 27.23
CA VAL Z 173 15.46 -16.90 27.29
C VAL Z 173 15.53 -16.34 25.88
N ASP Z 174 14.44 -15.72 25.41
CA ASP Z 174 14.48 -15.11 24.10
C ASP Z 174 14.01 -13.67 24.16
N SER Z 175 14.25 -12.94 23.07
CA SER Z 175 13.85 -11.54 22.99
C SER Z 175 12.34 -11.38 22.87
N GLU Z 176 11.62 -12.44 22.53
CA GLU Z 176 10.16 -12.40 22.48
C GLU Z 176 9.52 -12.54 23.85
N GLY Z 177 10.31 -12.71 24.91
CA GLY Z 177 9.82 -12.75 26.27
C GLY Z 177 9.74 -14.13 26.88
N ASN Z 178 9.98 -15.19 26.12
CA ASN Z 178 9.95 -16.54 26.67
C ASN Z 178 11.08 -16.73 27.68
N ARG Z 179 10.79 -17.47 28.75
CA ARG Z 179 11.81 -17.87 29.71
C ARG Z 179 11.35 -19.18 30.33
N ILE Z 180 11.97 -20.28 29.93
CA ILE Z 180 11.53 -21.60 30.37
C ILE Z 180 12.72 -22.43 30.82
N SER Z 181 12.56 -23.11 31.95
CA SER Z 181 13.51 -24.12 32.38
C SER Z 181 13.28 -25.41 31.60
N GLY Z 182 14.33 -26.19 31.44
CA GLY Z 182 14.19 -27.44 30.71
C GLY Z 182 15.41 -28.31 30.83
N ALA Z 183 15.26 -29.54 30.35
CA ALA Z 183 16.33 -30.53 30.36
C ALA Z 183 17.21 -30.45 29.12
N THR Z 184 16.60 -30.22 27.96
CA THR Z 184 17.32 -30.06 26.70
C THR Z 184 16.71 -28.91 25.92
N PHE Z 185 17.56 -28.18 25.20
CA PHE Z 185 17.13 -27.10 24.34
C PHE Z 185 18.04 -27.04 23.13
N SER Z 186 17.48 -26.63 22.01
CA SER Z 186 18.25 -26.29 20.82
C SER Z 186 17.66 -25.02 20.23
N VAL Z 187 18.52 -24.07 19.91
CA VAL Z 187 18.11 -22.78 19.38
C VAL Z 187 18.89 -22.50 18.09
N GLY Z 188 18.21 -21.89 17.12
CA GLY Z 188 18.84 -21.45 15.90
C GLY Z 188 18.18 -22.04 14.68
N SER Z 189 18.67 -21.61 13.52
CA SER Z 189 18.12 -22.08 12.24
C SER Z 189 18.32 -23.59 12.05
N GLY Z 190 19.39 -24.15 12.62
CA GLY Z 190 19.61 -25.58 12.49
C GLY Z 190 19.12 -26.38 13.67
N SER Z 191 18.29 -25.79 14.52
CA SER Z 191 17.92 -26.44 15.77
C SER Z 191 16.98 -27.62 15.57
N VAL Z 192 16.22 -27.66 14.47
CA VAL Z 192 15.32 -28.79 14.25
C VAL Z 192 16.11 -30.08 14.01
N TYR Z 193 17.17 -30.00 13.20
CA TYR Z 193 18.03 -31.16 12.97
C TYR Z 193 18.72 -31.60 14.27
N ALA Z 194 19.22 -30.64 15.04
CA ALA Z 194 19.85 -30.96 16.30
C ALA Z 194 18.86 -31.63 17.24
N TYR Z 195 17.61 -31.14 17.27
CA TYR Z 195 16.58 -31.77 18.09
C TYR Z 195 16.37 -33.21 17.69
N GLY Z 196 16.32 -33.46 16.39
CA GLY Z 196 16.14 -34.83 15.93
C GLY Z 196 17.23 -35.76 16.42
N VAL Z 197 18.49 -35.34 16.29
CA VAL Z 197 19.57 -36.23 16.71
C VAL Z 197 19.64 -36.34 18.24
N MET Z 198 19.52 -35.20 18.93
CA MET Z 198 19.67 -35.17 20.38
C MET Z 198 18.59 -36.00 21.06
N ASP Z 199 17.33 -35.86 20.64
CA ASP Z 199 16.25 -36.59 21.28
C ASP Z 199 16.46 -38.09 21.16
N ARG Z 200 16.88 -38.57 19.99
CA ARG Z 200 17.17 -39.99 19.82
C ARG Z 200 18.31 -40.43 20.73
N GLY Z 201 19.35 -39.61 20.86
CA GLY Z 201 20.49 -40.03 21.65
C GLY Z 201 20.47 -39.69 23.12
N TYR Z 202 19.52 -38.90 23.59
CA TYR Z 202 19.61 -38.33 24.93
C TYR Z 202 19.09 -39.28 25.99
N SER Z 203 19.81 -39.32 27.12
CA SER Z 203 19.28 -39.84 28.37
C SER Z 203 19.94 -39.08 29.50
N TYR Z 204 19.24 -39.00 30.63
CA TYR Z 204 19.80 -38.32 31.79
C TYR Z 204 21.03 -39.04 32.33
N ASP Z 205 21.14 -40.34 32.09
CA ASP Z 205 22.21 -41.17 32.66
C ASP Z 205 23.35 -41.41 31.69
N LEU Z 206 23.58 -40.50 30.75
CA LEU Z 206 24.71 -40.62 29.85
C LEU Z 206 26.03 -40.51 30.62
N GLU Z 207 27.04 -41.23 30.15
CA GLU Z 207 28.38 -40.97 30.62
C GLU Z 207 28.89 -39.67 30.01
N VAL Z 208 29.95 -39.11 30.60
CA VAL Z 208 30.44 -37.80 30.18
C VAL Z 208 30.93 -37.85 28.73
N GLU Z 209 31.68 -38.89 28.37
CA GLU Z 209 32.17 -38.99 27.00
C GLU Z 209 31.02 -39.23 26.02
N GLU Z 210 30.04 -40.04 26.42
CA GLU Z 210 28.86 -40.23 25.58
C GLU Z 210 28.12 -38.92 25.37
N ALA Z 211 28.01 -38.10 26.41
CA ALA Z 211 27.35 -36.80 26.29
C ALA Z 211 28.11 -35.88 25.35
N TYR Z 212 29.45 -35.87 25.45
CA TYR Z 212 30.25 -35.10 24.53
C TYR Z 212 30.00 -35.52 23.10
N ASP Z 213 30.01 -36.83 22.85
CA ASP Z 213 29.79 -37.36 21.51
C ASP Z 213 28.41 -37.01 21.00
N LEU Z 214 27.40 -37.08 21.86
CA LEU Z 214 26.04 -36.76 21.44
C LEU Z 214 25.93 -35.30 21.02
N ALA Z 215 26.50 -34.39 21.82
CA ALA Z 215 26.45 -32.97 21.46
C ALA Z 215 27.18 -32.71 20.15
N ARG Z 216 28.38 -33.26 20.00
CA ARG Z 216 29.14 -33.06 18.77
C ARG Z 216 28.39 -33.61 17.57
N ARG Z 217 27.82 -34.80 17.70
CA ARG Z 217 27.08 -35.42 16.59
C ARG Z 217 25.86 -34.59 16.21
N ALA Z 218 25.11 -34.10 17.19
CA ALA Z 218 23.91 -33.33 16.88
C ALA Z 218 24.26 -32.03 16.17
N ILE Z 219 25.29 -31.32 16.65
CA ILE Z 219 25.70 -30.10 15.97
C ILE Z 219 26.20 -30.41 14.56
N TYR Z 220 26.97 -31.49 14.42
CA TYR Z 220 27.49 -31.85 13.11
C TYR Z 220 26.38 -32.15 12.11
N GLN Z 221 25.37 -32.92 12.52
CA GLN Z 221 24.25 -33.19 11.63
C GLN Z 221 23.50 -31.92 11.27
N ALA Z 222 23.32 -31.02 12.24
CA ALA Z 222 22.69 -29.74 11.94
C ALA Z 222 23.47 -28.97 10.88
N THR Z 223 24.80 -28.90 11.02
CA THR Z 223 25.60 -28.20 10.02
C THR Z 223 25.53 -28.90 8.67
N TYR Z 224 25.34 -30.22 8.68
CA TYR Z 224 25.21 -30.95 7.43
C TYR Z 224 23.93 -30.57 6.70
N ARG Z 225 22.82 -30.41 7.43
CA ARG Z 225 21.56 -30.12 6.75
C ARG Z 225 21.26 -28.63 6.59
N ASP Z 226 21.75 -27.77 7.47
CA ASP Z 226 21.37 -26.36 7.50
C ASP Z 226 22.45 -25.51 6.82
N ALA Z 227 22.04 -24.72 5.83
CA ALA Z 227 22.99 -23.89 5.09
C ALA Z 227 23.67 -22.85 5.97
N TYR Z 228 22.99 -22.39 7.02
CA TYR Z 228 23.48 -21.31 7.86
C TYR Z 228 24.28 -21.80 9.07
N SER Z 229 24.52 -23.10 9.18
CA SER Z 229 25.33 -23.66 10.24
C SER Z 229 26.58 -24.31 9.65
N GLY Z 230 27.70 -24.12 10.31
CA GLY Z 230 28.94 -24.71 9.85
C GLY Z 230 30.12 -24.21 10.64
N GLY Z 231 31.29 -24.50 10.12
CA GLY Z 231 32.55 -24.05 10.72
C GLY Z 231 33.12 -25.08 11.69
N SER Z 232 33.07 -24.76 12.98
CA SER Z 232 33.58 -25.63 14.03
C SER Z 232 32.47 -25.88 15.04
N VAL Z 233 32.65 -26.92 15.84
CA VAL Z 233 31.76 -27.23 16.95
C VAL Z 233 32.53 -26.96 18.23
N SER Z 234 32.03 -26.02 19.02
CA SER Z 234 32.59 -25.72 20.32
C SER Z 234 31.75 -26.41 21.39
N LEU Z 235 32.44 -27.07 22.33
CA LEU Z 235 31.83 -27.92 23.33
C LEU Z 235 32.33 -27.51 24.71
N TYR Z 236 31.38 -27.24 25.61
CA TYR Z 236 31.63 -26.82 26.99
C TYR Z 236 30.86 -27.73 27.93
N HIS Z 237 31.42 -27.92 29.12
CA HIS Z 237 30.83 -28.76 30.16
C HIS Z 237 30.72 -27.93 31.44
N VAL Z 238 29.50 -27.63 31.85
CA VAL Z 238 29.23 -26.98 33.13
C VAL Z 238 29.15 -28.05 34.20
N ARG Z 239 30.11 -27.99 35.14
CA ARG Z 239 30.17 -28.87 36.29
C ARG Z 239 29.93 -28.05 37.56
N GLU Z 240 29.92 -28.73 38.70
CA GLU Z 240 29.53 -28.09 39.94
C GLU Z 240 30.49 -26.97 40.33
N ASP Z 241 31.78 -27.14 40.06
CA ASP Z 241 32.77 -26.15 40.41
C ASP Z 241 33.11 -25.21 39.25
N GLY Z 242 32.25 -25.12 38.25
CA GLY Z 242 32.43 -24.23 37.13
C GLY Z 242 32.41 -24.99 35.82
N TRP Z 243 32.51 -24.23 34.74
CA TRP Z 243 32.53 -24.80 33.41
C TRP Z 243 33.96 -24.98 32.92
N ILE Z 244 34.12 -25.88 31.96
CA ILE Z 244 35.38 -26.06 31.25
C ILE Z 244 35.08 -26.06 29.76
N ARG Z 245 35.95 -25.42 28.98
CA ARG Z 245 35.86 -25.52 27.52
C ARG Z 245 36.41 -26.88 27.12
N VAL Z 246 35.53 -27.76 26.65
CA VAL Z 246 35.93 -29.13 26.36
C VAL Z 246 36.73 -29.18 25.06
N SER Z 247 36.14 -28.73 23.97
CA SER Z 247 36.79 -28.92 22.69
C SER Z 247 36.28 -27.93 21.66
N SER Z 248 37.01 -27.84 20.55
CA SER Z 248 36.58 -27.10 19.36
C SER Z 248 37.06 -27.93 18.17
N ASP Z 249 36.13 -28.63 17.53
CA ASP Z 249 36.46 -29.55 16.45
C ASP Z 249 35.89 -29.05 15.15
N ASN Z 250 36.72 -28.95 14.13
CA ASN Z 250 36.26 -28.53 12.81
C ASN Z 250 35.30 -29.56 12.24
N VAL Z 251 34.30 -29.07 11.52
CA VAL Z 251 33.28 -29.93 10.93
C VAL Z 251 33.89 -30.89 9.91
N ALA Z 252 34.99 -30.50 9.27
CA ALA Z 252 35.67 -31.40 8.33
C ALA Z 252 36.27 -32.61 9.03
N ASP Z 253 36.92 -32.40 10.18
CA ASP Z 253 37.45 -33.52 10.95
C ASP Z 253 36.32 -34.40 11.45
N LEU Z 254 35.22 -33.78 11.91
CA LEU Z 254 34.07 -34.55 12.34
C LEU Z 254 33.51 -35.39 11.19
N HIS Z 255 33.48 -34.82 9.99
CA HIS Z 255 33.03 -35.56 8.83
C HIS Z 255 33.92 -36.75 8.53
N ASP Z 256 35.24 -36.55 8.62
CA ASP Z 256 36.16 -37.66 8.40
C ASP Z 256 35.99 -38.73 9.47
N LYS Z 257 35.58 -38.35 10.68
CA LYS Z 257 35.41 -39.32 11.75
C LYS Z 257 34.04 -40.01 11.71
N TYR Z 258 33.03 -39.37 11.12
CA TYR Z 258 31.68 -39.92 11.11
C TYR Z 258 31.35 -40.66 9.83
N SER Z 259 31.67 -40.08 8.67
CA SER Z 259 31.39 -40.75 7.40
C SER Z 259 32.34 -41.92 7.17
N GLY Z 260 33.63 -41.71 7.42
CA GLY Z 260 34.62 -42.76 7.22
C GLY Z 260 34.65 -43.77 8.36
N ARG AA 29 10.44 11.56 0.02
CA ARG AA 29 11.00 10.86 1.17
C ARG AA 29 12.45 11.29 1.39
N PHE AA 30 12.98 10.98 2.57
CA PHE AA 30 14.35 11.33 2.94
C PHE AA 30 15.03 10.09 3.50
N SER AA 31 16.08 9.63 2.82
CA SER AA 31 16.89 8.53 3.33
C SER AA 31 18.13 9.09 4.00
N PRO AA 32 18.38 8.78 5.27
CA PRO AA 32 19.55 9.33 5.96
C PRO AA 32 20.85 8.56 5.72
N TYR AA 33 20.91 7.70 4.71
CA TYR AA 33 22.10 6.91 4.43
C TYR AA 33 22.47 7.05 2.96
N ALA AA 34 23.76 6.89 2.68
CA ALA AA 34 24.24 6.79 1.32
C ALA AA 34 25.32 5.72 1.27
N PHE AA 35 25.46 5.08 0.12
CA PHE AA 35 26.49 4.07 -0.10
C PHE AA 35 27.68 4.75 -0.75
N ASN AA 36 28.79 4.87 -0.02
CA ASN AA 36 29.94 5.61 -0.48
C ASN AA 36 31.09 4.72 -0.94
N GLY AA 37 30.91 3.41 -0.90
CA GLY AA 37 31.90 2.50 -1.42
C GLY AA 37 33.14 2.42 -0.56
N GLY AA 38 34.16 1.79 -1.11
CA GLY AA 38 35.42 1.67 -0.43
C GLY AA 38 35.64 0.34 0.26
N THR AA 39 36.89 -0.09 0.29
CA THR AA 39 37.26 -1.38 0.86
C THR AA 39 38.40 -1.18 1.85
N VAL AA 40 38.28 -1.90 2.98
CA VAL AA 40 39.29 -1.91 4.04
C VAL AA 40 39.71 -3.35 4.26
N LEU AA 41 40.99 -3.57 4.51
CA LEU AA 41 41.54 -4.88 4.76
C LEU AA 41 42.55 -4.80 5.89
N ALA AA 42 42.57 -5.79 6.76
CA ALA AA 42 43.59 -5.84 7.80
C ALA AA 42 44.14 -7.25 7.93
N ILE AA 43 45.44 -7.34 8.13
CA ILE AA 43 46.13 -8.61 8.35
C ILE AA 43 46.99 -8.49 9.59
N ALA AA 44 46.85 -9.44 10.51
CA ALA AA 44 47.63 -9.47 11.74
C ALA AA 44 48.82 -10.40 11.56
N GLY AA 45 50.01 -9.91 11.90
CA GLY AA 45 51.21 -10.70 11.86
C GLY AA 45 51.71 -11.05 13.26
N GLU AA 46 52.89 -11.67 13.30
CA GLU AA 46 53.47 -12.04 14.58
C GLU AA 46 53.93 -10.82 15.36
N ASP AA 47 54.43 -9.80 14.67
CA ASP AA 47 54.85 -8.58 15.33
C ASP AA 47 54.44 -7.33 14.54
N PHE AA 48 53.41 -7.44 13.71
CA PHE AA 48 52.96 -6.31 12.92
C PHE AA 48 51.47 -6.46 12.68
N SER AA 49 50.84 -5.36 12.30
CA SER AA 49 49.49 -5.38 11.76
C SER AA 49 49.47 -4.48 10.54
N ILE AA 50 48.61 -4.79 9.58
CA ILE AA 50 48.47 -4.00 8.36
C ILE AA 50 47.01 -3.63 8.20
N VAL AA 51 46.74 -2.35 7.99
CA VAL AA 51 45.42 -1.87 7.62
C VAL AA 51 45.55 -1.12 6.30
N ALA AA 52 44.80 -1.54 5.30
CA ALA AA 52 44.89 -0.98 3.96
C ALA AA 52 43.50 -0.63 3.47
N SER AA 53 43.42 0.41 2.66
CA SER AA 53 42.11 0.81 2.15
C SER AA 53 42.27 1.47 0.79
N ASP AA 54 41.18 1.42 0.02
CA ASP AA 54 41.16 2.24 -1.19
C ASP AA 54 40.76 3.68 -0.84
N THR AA 55 41.09 4.60 -1.74
CA THR AA 55 40.92 6.02 -1.46
C THR AA 55 39.83 6.69 -2.30
N ARG AA 56 38.95 5.90 -2.91
CA ARG AA 56 37.89 6.46 -3.74
C ARG AA 56 36.65 6.70 -2.91
N LEU AA 57 36.15 7.93 -2.95
CA LEU AA 57 34.87 8.29 -2.37
C LEU AA 57 33.88 8.54 -3.50
N SER AA 58 32.79 7.78 -3.51
CA SER AA 58 31.83 7.76 -4.60
C SER AA 58 30.42 7.86 -4.04
N GLU AA 59 29.48 8.17 -4.92
CA GLU AA 59 28.06 8.12 -4.59
C GLU AA 59 27.27 7.85 -5.86
N GLY AA 60 26.41 6.84 -5.83
CA GLY AA 60 25.72 6.43 -7.04
C GLY AA 60 26.71 5.94 -8.07
N PHE AA 61 26.64 6.52 -9.26
CA PHE AA 61 27.58 6.20 -10.34
C PHE AA 61 28.70 7.23 -10.46
N SER AA 62 28.77 8.19 -9.54
CA SER AA 62 29.75 9.26 -9.61
C SER AA 62 30.90 9.02 -8.64
N ILE AA 63 31.97 9.77 -8.84
CA ILE AA 63 33.11 9.79 -7.93
C ILE AA 63 33.17 11.17 -7.31
N HIS AA 64 32.99 11.22 -5.99
CA HIS AA 64 33.19 12.49 -5.28
C HIS AA 64 34.65 12.90 -5.30
N THR AA 65 35.55 11.99 -4.94
CA THR AA 65 36.96 12.33 -4.93
C THR AA 65 37.78 11.06 -4.98
N ARG AA 66 39.00 11.17 -5.52
CA ARG AA 66 39.92 10.06 -5.62
C ARG AA 66 40.93 10.01 -4.47
N ASP AA 67 40.89 10.99 -3.56
CA ASP AA 67 41.82 11.06 -2.44
C ASP AA 67 41.00 11.13 -1.15
N SER AA 68 40.60 9.98 -0.65
CA SER AA 68 39.79 9.88 0.57
C SER AA 68 40.16 8.59 1.28
N PRO AA 69 41.23 8.61 2.06
CA PRO AA 69 41.63 7.40 2.80
C PRO AA 69 40.59 7.02 3.85
N LYS AA 70 40.46 5.71 4.04
CA LYS AA 70 39.55 5.16 5.04
C LYS AA 70 40.27 4.65 6.28
N CYS AA 71 41.56 4.96 6.43
CA CYS AA 71 42.35 4.52 7.57
C CYS AA 71 42.67 5.72 8.45
N TYR AA 72 42.46 5.56 9.75
CA TYR AA 72 42.67 6.62 10.72
C TYR AA 72 43.57 6.11 11.82
N LYS AA 73 44.63 6.86 12.12
CA LYS AA 73 45.52 6.50 13.21
C LYS AA 73 44.85 6.89 14.53
N LEU AA 74 44.66 5.91 15.40
CA LEU AA 74 44.07 6.18 16.71
C LEU AA 74 45.15 6.38 17.76
N THR AA 75 46.02 5.40 17.93
CA THR AA 75 47.17 5.52 18.81
C THR AA 75 48.41 5.07 18.05
N ASP AA 76 49.57 5.25 18.67
CA ASP AA 76 50.82 4.83 18.03
C ASP AA 76 50.84 3.33 17.76
N LYS AA 77 49.96 2.57 18.42
CA LYS AA 77 49.86 1.13 18.21
C LYS AA 77 48.52 0.72 17.60
N THR AA 78 47.69 1.66 17.17
CA THR AA 78 46.34 1.29 16.73
C THR AA 78 45.87 2.18 15.60
N VAL AA 79 45.38 1.54 14.52
CA VAL AA 79 44.76 2.19 13.37
C VAL AA 79 43.39 1.59 13.16
N ILE AA 80 42.44 2.42 12.72
CA ILE AA 80 41.10 1.97 12.39
C ILE AA 80 40.81 2.25 10.92
N GLY AA 81 40.17 1.30 10.26
CA GLY AA 81 39.65 1.47 8.92
C GLY AA 81 38.14 1.40 8.92
N CYS AA 82 37.50 2.38 8.31
CA CYS AA 82 36.04 2.52 8.33
C CYS AA 82 35.52 2.62 6.90
N SER AA 83 34.49 1.84 6.59
CA SER AA 83 33.87 1.91 5.28
C SER AA 83 32.35 1.95 5.43
N GLY AA 84 31.68 2.47 4.39
CA GLY AA 84 30.23 2.55 4.38
C GLY AA 84 29.77 3.99 4.11
N PHE AA 85 28.77 4.41 4.88
CA PHE AA 85 28.27 5.79 4.77
C PHE AA 85 29.32 6.74 5.33
N HIS AA 86 29.80 7.66 4.48
CA HIS AA 86 30.93 8.50 4.84
C HIS AA 86 30.60 9.46 5.98
N GLY AA 87 29.37 9.99 6.01
CA GLY AA 87 28.98 10.85 7.13
C GLY AA 87 29.13 10.15 8.46
N ASP AA 88 28.67 8.90 8.54
CA ASP AA 88 28.85 8.12 9.75
C ASP AA 88 30.32 7.85 10.05
N CYS AA 89 31.13 7.63 9.01
CA CYS AA 89 32.55 7.37 9.21
C CYS AA 89 33.24 8.57 9.83
N LEU AA 90 32.97 9.77 9.30
CA LEU AA 90 33.55 11.00 9.87
C LEU AA 90 33.10 11.20 11.31
N THR AA 91 31.79 11.08 11.55
CA THR AA 91 31.28 11.31 12.89
C THR AA 91 31.87 10.32 13.89
N LEU AA 92 31.94 9.04 13.50
CA LEU AA 92 32.44 8.00 14.40
C LEU AA 92 33.92 8.16 14.68
N THR AA 93 34.72 8.53 13.67
CA THR AA 93 36.14 8.73 13.94
C THR AA 93 36.36 9.89 14.89
N LYS AA 94 35.57 10.96 14.74
CA LYS AA 94 35.68 12.06 15.69
C LYS AA 94 35.26 11.65 17.09
N ILE AA 95 34.18 10.87 17.21
CA ILE AA 95 33.74 10.39 18.52
C ILE AA 95 34.81 9.52 19.16
N ILE AA 96 35.46 8.65 18.37
CA ILE AA 96 36.49 7.78 18.90
C ILE AA 96 37.71 8.57 19.36
N GLU AA 97 38.11 9.58 18.59
CA GLU AA 97 39.22 10.42 19.03
C GLU AA 97 38.90 11.12 20.35
N ALA AA 98 37.69 11.66 20.46
CA ALA AA 98 37.28 12.30 21.70
C ALA AA 98 37.32 11.32 22.88
N ARG AA 99 36.82 10.10 22.67
CA ARG AA 99 36.77 9.12 23.75
C ARG AA 99 38.17 8.68 24.15
N LEU AA 100 39.09 8.58 23.19
CA LEU AA 100 40.46 8.24 23.52
C LEU AA 100 41.11 9.34 24.37
N LYS AA 101 40.87 10.60 24.02
CA LYS AA 101 41.42 11.69 24.83
C LYS AA 101 40.81 11.70 26.24
N MET AA 102 39.50 11.45 26.33
CA MET AA 102 38.84 11.40 27.63
C MET AA 102 39.40 10.27 28.49
N TYR AA 103 39.64 9.11 27.88
CA TYR AA 103 40.23 7.99 28.62
C TYR AA 103 41.62 8.35 29.12
N LYS AA 104 42.42 8.97 28.26
CA LYS AA 104 43.77 9.38 28.67
C LYS AA 104 43.72 10.37 29.83
N HIS AA 105 42.78 11.32 29.78
CA HIS AA 105 42.63 12.26 30.88
C HIS AA 105 42.24 11.54 32.17
N SER AA 106 41.31 10.60 32.08
CA SER AA 106 40.76 9.98 33.28
C SER AA 106 41.69 8.94 33.90
N ASN AA 107 42.45 8.22 33.08
CA ASN AA 107 43.23 7.09 33.55
C ASN AA 107 44.73 7.31 33.46
N ASN AA 108 45.18 8.45 32.90
CA ASN AA 108 46.60 8.81 32.84
C ASN AA 108 47.42 7.79 32.04
N LYS AA 109 46.81 7.17 31.04
CA LYS AA 109 47.50 6.22 30.17
C LYS AA 109 46.72 6.11 28.88
N ALA AA 110 47.41 5.70 27.82
CA ALA AA 110 46.79 5.53 26.52
C ALA AA 110 46.01 4.23 26.46
N MET AA 111 44.98 4.21 25.64
CA MET AA 111 44.13 3.04 25.46
C MET AA 111 44.85 1.96 24.65
N THR AA 112 44.73 0.73 25.12
CA THR AA 112 45.22 -0.43 24.37
C THR AA 112 44.23 -0.78 23.26
N THR AA 113 44.69 -1.63 22.33
CA THR AA 113 43.86 -2.00 21.20
C THR AA 113 42.59 -2.74 21.63
N GLY AA 114 42.72 -3.66 22.58
CA GLY AA 114 41.55 -4.40 23.05
C GLY AA 114 40.53 -3.52 23.74
N ALA AA 115 41.00 -2.58 24.56
CA ALA AA 115 40.09 -1.64 25.20
C ALA AA 115 39.38 -0.77 24.17
N ILE AA 116 40.10 -0.35 23.13
CA ILE AA 116 39.50 0.41 22.06
C ILE AA 116 38.41 -0.40 21.37
N ALA AA 117 38.67 -1.68 21.11
CA ALA AA 117 37.65 -2.53 20.49
C ALA AA 117 36.41 -2.68 21.36
N ALA AA 118 36.60 -2.90 22.66
CA ALA AA 118 35.45 -3.01 23.57
C ALA AA 118 34.66 -1.71 23.62
N MET AA 119 35.36 -0.57 23.70
CA MET AA 119 34.70 0.73 23.72
C MET AA 119 33.94 0.97 22.43
N LEU AA 120 34.53 0.59 21.29
CA LEU AA 120 33.86 0.77 20.01
C LEU AA 120 32.60 -0.07 19.93
N SER AA 121 32.65 -1.28 20.48
CA SER AA 121 31.45 -2.10 20.57
C SER AA 121 30.34 -1.38 21.33
N THR AA 122 30.68 -0.80 22.49
CA THR AA 122 29.66 -0.07 23.24
C THR AA 122 29.13 1.14 22.47
N ILE AA 123 30.03 1.88 21.82
CA ILE AA 123 29.64 3.07 21.06
C ILE AA 123 28.69 2.68 19.92
N LEU AA 124 29.00 1.62 19.19
CA LEU AA 124 28.17 1.19 18.09
C LEU AA 124 26.82 0.67 18.59
N TYR AA 125 26.80 -0.03 19.72
CA TYR AA 125 25.52 -0.49 20.24
C TYR AA 125 24.68 0.65 20.81
N SER AA 126 25.30 1.76 21.20
CA SER AA 126 24.53 2.88 21.71
C SER AA 126 23.56 3.45 20.69
N ARG AA 127 23.76 3.17 19.41
CA ARG AA 127 22.85 3.58 18.36
C ARG AA 127 22.18 2.37 17.71
N ARG AA 128 21.85 1.38 18.53
CA ARG AA 128 21.35 0.10 18.01
C ARG AA 128 20.10 0.27 17.15
N PHE AA 129 19.28 1.28 17.42
CA PHE AA 129 18.04 1.45 16.68
C PHE AA 129 18.12 2.48 15.57
N PHE AA 130 19.19 3.29 15.52
CA PHE AA 130 19.48 4.15 14.37
C PHE AA 130 20.98 4.04 14.10
N PRO AA 131 21.41 2.93 13.50
CA PRO AA 131 22.82 2.55 13.56
C PRO AA 131 23.72 3.38 12.66
N TYR AA 132 24.97 3.54 13.10
CA TYR AA 132 26.04 3.91 12.20
C TYR AA 132 26.17 2.85 11.12
N TYR AA 133 26.04 3.25 9.86
CA TYR AA 133 26.27 2.33 8.76
C TYR AA 133 27.76 2.34 8.41
N VAL AA 134 28.54 1.72 9.30
CA VAL AA 134 29.99 1.67 9.19
C VAL AA 134 30.45 0.25 9.46
N TYR AA 135 31.33 -0.25 8.61
CA TYR AA 135 32.10 -1.46 8.88
C TYR AA 135 33.48 -1.05 9.34
N ASN AA 136 33.86 -1.47 10.54
CA ASN AA 136 35.09 -1.07 11.19
C ASN AA 136 36.02 -2.26 11.31
N ILE AA 137 37.28 -2.03 10.99
CA ILE AA 137 38.35 -2.99 11.27
C ILE AA 137 39.45 -2.27 12.00
N ILE AA 138 39.85 -2.79 13.14
CA ILE AA 138 40.93 -2.23 13.94
C ILE AA 138 42.15 -3.10 13.76
N GLY AA 139 43.26 -2.50 13.36
CA GLY AA 139 44.52 -3.19 13.33
C GLY AA 139 45.50 -2.57 14.29
N GLY AA 140 46.16 -3.40 15.09
CA GLY AA 140 47.10 -2.85 16.04
C GLY AA 140 47.97 -3.91 16.65
N LEU AA 141 48.63 -3.55 17.73
CA LEU AA 141 49.44 -4.47 18.50
C LEU AA 141 48.78 -4.67 19.85
N ASP AA 142 48.79 -5.90 20.34
CA ASP AA 142 48.25 -6.17 21.67
C ASP AA 142 49.30 -5.79 22.72
N GLU AA 143 49.02 -6.11 23.98
CA GLU AA 143 49.94 -5.77 25.05
C GLU AA 143 51.21 -6.61 25.01
N GLU AA 144 51.16 -7.79 24.40
CA GLU AA 144 52.33 -8.63 24.24
C GLU AA 144 53.17 -8.26 23.03
N GLY AA 145 52.77 -7.24 22.28
CA GLY AA 145 53.48 -6.84 21.08
C GLY AA 145 53.15 -7.64 19.84
N LYS AA 146 52.07 -8.40 19.85
CA LYS AA 146 51.66 -9.19 18.71
C LYS AA 146 50.58 -8.47 17.92
N GLY AA 147 50.55 -8.73 16.61
CA GLY AA 147 49.52 -8.15 15.77
C GLY AA 147 48.13 -8.63 16.15
N ALA AA 148 47.18 -7.72 16.14
CA ALA AA 148 45.80 -7.99 16.50
C ALA AA 148 44.89 -7.28 15.51
N VAL AA 149 43.88 -8.00 15.03
CA VAL AA 149 42.86 -7.43 14.16
C VAL AA 149 41.51 -7.70 14.80
N TYR AA 150 40.68 -6.67 14.88
CA TYR AA 150 39.32 -6.78 15.36
C TYR AA 150 38.36 -6.33 14.27
N SER AA 151 37.34 -7.14 14.00
CA SER AA 151 36.34 -6.79 13.01
C SER AA 151 35.01 -6.54 13.71
N PHE AA 152 34.30 -5.52 13.23
CA PHE AA 152 33.03 -5.09 13.81
C PHE AA 152 31.96 -5.07 12.75
N ASP AA 153 30.74 -5.37 13.15
CA ASP AA 153 29.55 -5.13 12.36
C ASP AA 153 28.92 -3.81 12.76
N PRO AA 154 27.95 -3.29 12.00
CA PRO AA 154 27.46 -1.92 12.26
C PRO AA 154 26.90 -1.69 13.66
N VAL AA 155 26.44 -2.73 14.36
CA VAL AA 155 25.87 -2.54 15.70
C VAL AA 155 26.85 -2.97 16.80
N GLY AA 156 28.09 -3.27 16.46
CA GLY AA 156 29.12 -3.46 17.45
C GLY AA 156 29.47 -4.89 17.79
N SER AA 157 28.87 -5.87 17.15
CA SER AA 157 29.32 -7.25 17.30
C SER AA 157 30.72 -7.37 16.71
N TYR AA 158 31.67 -7.86 17.51
CA TYR AA 158 33.05 -7.84 17.07
C TYR AA 158 33.78 -9.09 17.51
N GLN AA 159 34.84 -9.40 16.79
CA GLN AA 159 35.70 -10.50 17.18
C GLN AA 159 37.12 -10.26 16.67
N ARG AA 160 38.06 -10.97 17.28
CA ARG AA 160 39.45 -10.93 16.86
C ARG AA 160 39.67 -11.96 15.75
N ASP AA 161 40.41 -11.55 14.73
CA ASP AA 161 40.70 -12.36 13.57
C ASP AA 161 42.18 -12.23 13.22
N SER AA 162 42.67 -13.20 12.45
CA SER AA 162 44.01 -13.08 11.89
C SER AA 162 44.05 -12.15 10.68
N PHE AA 163 42.95 -12.10 9.92
CA PHE AA 163 42.83 -11.22 8.78
C PHE AA 163 41.34 -11.00 8.53
N LYS AA 164 41.02 -9.90 7.86
CA LYS AA 164 39.63 -9.55 7.65
C LYS AA 164 39.53 -8.52 6.54
N ALA AA 165 38.46 -8.59 5.76
CA ALA AA 165 38.14 -7.59 4.77
C ALA AA 165 36.73 -7.07 5.01
N GLY AA 166 36.54 -5.77 4.82
CA GLY AA 166 35.23 -5.17 4.88
C GLY AA 166 35.05 -4.18 3.74
N GLY AA 167 33.80 -3.88 3.48
CA GLY AA 167 33.45 -2.95 2.43
C GLY AA 167 32.90 -3.61 1.19
N SER AA 168 32.96 -2.88 0.08
CA SER AA 168 32.26 -3.30 -1.13
C SER AA 168 32.92 -4.54 -1.75
N ALA AA 169 34.23 -4.66 -1.66
CA ALA AA 169 34.97 -5.76 -2.27
C ALA AA 169 35.34 -6.84 -1.26
N SER AA 170 34.71 -6.86 -0.08
CA SER AA 170 35.12 -7.80 0.96
C SER AA 170 34.88 -9.25 0.53
N ALA AA 171 33.78 -9.52 -0.15
CA ALA AA 171 33.52 -10.87 -0.64
C ALA AA 171 34.46 -11.26 -1.79
N MET AA 172 35.09 -10.28 -2.45
CA MET AA 172 36.13 -10.62 -3.42
C MET AA 172 37.44 -10.95 -2.75
N LEU AA 173 37.83 -10.18 -1.72
CA LEU AA 173 39.13 -10.35 -1.08
C LEU AA 173 39.16 -11.54 -0.14
N GLN AA 174 38.07 -11.82 0.56
CA GLN AA 174 38.10 -12.77 1.67
C GLN AA 174 38.49 -14.19 1.25
N PRO AA 175 37.94 -14.77 0.17
CA PRO AA 175 38.36 -16.14 -0.18
C PRO AA 175 39.84 -16.27 -0.51
N LEU AA 176 40.43 -15.26 -1.14
CA LEU AA 176 41.85 -15.35 -1.44
C LEU AA 176 42.71 -15.19 -0.19
N LEU AA 177 42.27 -14.37 0.76
CA LEU AA 177 42.97 -14.32 2.03
C LEU AA 177 42.87 -15.65 2.77
N ASP AA 178 41.70 -16.29 2.70
CA ASP AA 178 41.58 -17.64 3.25
C ASP AA 178 42.56 -18.58 2.60
N ASN AA 179 42.67 -18.54 1.28
CA ASN AA 179 43.53 -19.47 0.56
C ASN AA 179 45.00 -19.21 0.85
N GLN AA 180 45.43 -17.95 0.83
CA GLN AA 180 46.85 -17.63 0.90
C GLN AA 180 47.35 -17.47 2.32
N VAL AA 181 46.63 -16.74 3.17
CA VAL AA 181 47.05 -16.58 4.56
C VAL AA 181 46.66 -17.81 5.38
N GLY AA 182 45.42 -18.27 5.24
CA GLY AA 182 44.94 -19.41 5.99
C GLY AA 182 45.34 -20.75 5.45
N PHE AA 183 45.84 -20.81 4.21
CA PHE AA 183 46.22 -22.06 3.55
C PHE AA 183 45.06 -23.04 3.46
N LYS AA 184 43.83 -22.53 3.32
CA LYS AA 184 42.68 -23.39 3.25
C LYS AA 184 42.61 -24.10 1.91
N ASN AA 185 42.09 -25.34 1.93
CA ASN AA 185 41.85 -26.17 0.75
C ASN AA 185 43.14 -26.59 0.07
N MET AA 186 44.27 -26.46 0.75
CA MET AA 186 45.57 -26.85 0.20
C MET AA 186 46.14 -27.99 1.02
N GLN AA 187 46.70 -28.98 0.34
CA GLN AA 187 47.32 -30.12 1.00
C GLN AA 187 48.82 -30.15 0.72
N ASN AA 188 49.56 -30.75 1.64
CA ASN AA 188 51.01 -30.90 1.55
C ASN AA 188 51.68 -29.53 1.40
N VAL AA 189 51.17 -28.54 2.12
CA VAL AA 189 51.72 -27.19 2.11
C VAL AA 189 51.97 -26.77 3.55
N GLU AA 190 53.19 -26.36 3.84
CA GLU AA 190 53.55 -25.99 5.20
C GLU AA 190 52.97 -24.63 5.57
N HIS AA 191 52.72 -24.45 6.87
CA HIS AA 191 52.18 -23.20 7.39
C HIS AA 191 53.31 -22.31 7.91
N VAL AA 192 54.07 -21.77 6.97
CA VAL AA 192 55.15 -20.84 7.33
C VAL AA 192 54.53 -19.57 7.90
N PRO AA 193 55.12 -18.96 8.94
CA PRO AA 193 54.58 -17.70 9.45
C PRO AA 193 54.59 -16.63 8.38
N LEU AA 194 53.56 -15.79 8.41
CA LEU AA 194 53.41 -14.71 7.43
C LEU AA 194 54.33 -13.56 7.81
N SER AA 195 55.34 -13.32 6.96
CA SER AA 195 56.26 -12.23 7.18
C SER AA 195 55.68 -10.92 6.64
N LEU AA 196 56.32 -9.81 7.02
CA LEU AA 196 55.81 -8.49 6.67
C LEU AA 196 55.86 -8.26 5.16
N ASP AA 197 56.96 -8.66 4.51
CA ASP AA 197 57.09 -8.40 3.07
C ASP AA 197 56.08 -9.22 2.26
N ARG AA 198 55.91 -10.50 2.62
CA ARG AA 198 54.91 -11.31 1.94
C ARG AA 198 53.51 -10.76 2.17
N ALA AA 199 53.23 -10.30 3.39
CA ALA AA 199 51.93 -9.71 3.67
C ALA AA 199 51.69 -8.46 2.84
N MET AA 200 52.71 -7.60 2.72
CA MET AA 200 52.58 -6.39 1.92
C MET AA 200 52.30 -6.72 0.46
N ARG AA 201 53.05 -7.70 -0.07
CA ARG AA 201 52.83 -8.13 -1.45
C ARG AA 201 51.40 -8.65 -1.64
N LEU AA 202 50.94 -9.47 -0.70
CA LEU AA 202 49.61 -10.05 -0.80
C LEU AA 202 48.53 -8.96 -0.75
N VAL AA 203 48.70 -7.98 0.13
CA VAL AA 203 47.73 -6.88 0.22
C VAL AA 203 47.66 -6.11 -1.09
N LYS AA 204 48.84 -5.75 -1.64
CA LYS AA 204 48.86 -5.01 -2.90
C LYS AA 204 48.20 -5.81 -4.03
N ASP AA 205 48.55 -7.10 -4.15
CA ASP AA 205 48.01 -7.92 -5.23
C ASP AA 205 46.50 -8.09 -5.11
N VAL AA 206 46.02 -8.34 -3.89
CA VAL AA 206 44.59 -8.56 -3.69
C VAL AA 206 43.82 -7.29 -4.00
N PHE AA 207 44.40 -6.12 -3.69
CA PHE AA 207 43.69 -4.89 -4.03
C PHE AA 207 43.71 -4.60 -5.52
N ILE AA 208 44.78 -4.98 -6.23
CA ILE AA 208 44.76 -4.84 -7.68
C ILE AA 208 43.69 -5.72 -8.30
N SER AA 209 43.58 -6.97 -7.80
CA SER AA 209 42.53 -7.86 -8.29
C SER AA 209 41.14 -7.30 -7.99
N ALA AA 210 40.95 -6.70 -6.80
CA ALA AA 210 39.66 -6.10 -6.49
C ALA AA 210 39.36 -4.91 -7.39
N ALA AA 211 40.37 -4.07 -7.65
CA ALA AA 211 40.18 -2.94 -8.55
C ALA AA 211 39.78 -3.39 -9.95
N GLU AA 212 40.17 -4.60 -10.32
CA GLU AA 212 39.75 -5.13 -11.62
C GLU AA 212 38.22 -5.25 -11.72
N ARG AA 213 37.57 -5.76 -10.67
CA ARG AA 213 36.20 -6.22 -10.79
C ARG AA 213 35.18 -5.40 -10.01
N ASP AA 214 35.56 -4.74 -8.92
CA ASP AA 214 34.62 -3.97 -8.11
C ASP AA 214 34.67 -2.51 -8.55
N VAL AA 215 33.53 -1.97 -8.99
CA VAL AA 215 33.50 -0.63 -9.53
C VAL AA 215 33.82 0.43 -8.48
N TYR AA 216 33.68 0.10 -7.19
CA TYR AA 216 33.94 1.07 -6.14
C TYR AA 216 35.40 1.13 -5.71
N THR AA 217 36.20 0.12 -6.02
CA THR AA 217 37.59 0.07 -5.59
C THR AA 217 38.48 0.61 -6.70
N GLY AA 218 39.25 1.65 -6.40
CA GLY AA 218 40.10 2.23 -7.42
C GLY AA 218 40.93 3.37 -6.90
N ASP AA 219 41.63 4.00 -7.85
CA ASP AA 219 42.44 5.21 -7.68
C ASP AA 219 43.75 4.94 -6.96
N ALA AA 220 43.70 4.76 -5.64
CA ALA AA 220 44.92 4.57 -4.87
C ALA AA 220 44.64 3.66 -3.69
N LEU AA 221 45.71 3.03 -3.20
CA LEU AA 221 45.65 2.14 -2.04
C LEU AA 221 46.58 2.71 -0.98
N LYS AA 222 46.05 2.96 0.20
CA LYS AA 222 46.83 3.42 1.33
C LYS AA 222 47.03 2.26 2.30
N VAL AA 223 48.28 2.01 2.66
CA VAL AA 223 48.65 0.91 3.53
C VAL AA 223 49.32 1.48 4.77
N CYS AA 224 48.80 1.15 5.94
CA CYS AA 224 49.38 1.50 7.22
C CYS AA 224 49.93 0.23 7.85
N ILE AA 225 51.21 0.24 8.19
CA ILE AA 225 51.87 -0.87 8.86
C ILE AA 225 52.16 -0.43 10.29
N VAL AA 226 51.68 -1.21 11.25
CA VAL AA 226 51.86 -0.94 12.66
C VAL AA 226 52.86 -1.97 13.19
N THR AA 227 54.02 -1.50 13.61
CA THR AA 227 55.02 -2.29 14.31
C THR AA 227 55.38 -1.55 15.59
N LYS AA 228 56.26 -2.16 16.38
CA LYS AA 228 56.71 -1.51 17.60
C LYS AA 228 57.53 -0.25 17.31
N GLU AA 229 58.08 -0.12 16.10
CA GLU AA 229 58.72 1.14 15.70
C GLU AA 229 57.71 2.26 15.50
N GLY AA 230 56.44 1.92 15.28
CA GLY AA 230 55.44 2.93 15.00
C GLY AA 230 54.56 2.57 13.81
N ILE AA 231 53.99 3.57 13.16
CA ILE AA 231 53.10 3.36 12.04
C ILE AA 231 53.74 3.97 10.80
N ARG AA 232 53.88 3.17 9.75
CA ARG AA 232 54.42 3.59 8.47
C ARG AA 232 53.31 3.61 7.44
N GLY AA 233 53.32 4.64 6.60
CA GLY AA 233 52.30 4.81 5.56
C GLY AA 233 52.90 4.61 4.17
N GLU AA 234 52.13 3.97 3.30
CA GLU AA 234 52.53 3.76 1.91
C GLU AA 234 51.33 3.97 1.00
N THR AA 235 51.61 4.34 -0.25
CA THR AA 235 50.57 4.56 -1.25
C THR AA 235 50.94 3.85 -2.55
N VAL AA 236 50.00 3.09 -3.09
CA VAL AA 236 50.19 2.33 -4.31
C VAL AA 236 49.09 2.73 -5.28
N PRO AA 237 49.41 3.23 -6.47
CA PRO AA 237 48.36 3.61 -7.42
C PRO AA 237 47.54 2.42 -7.90
N LEU AA 238 46.25 2.67 -8.14
CA LEU AA 238 45.33 1.73 -8.73
C LEU AA 238 44.74 2.36 -9.99
N ARG AA 239 44.06 1.53 -10.80
CA ARG AA 239 43.49 2.05 -12.04
C ARG AA 239 42.40 3.07 -11.75
N LYS AA 240 42.35 4.12 -12.58
CA LYS AA 240 41.48 5.25 -12.35
C LYS AA 240 40.06 5.05 -12.86
N ASP AA 241 39.82 4.04 -13.70
CA ASP AA 241 38.46 3.71 -14.06
C ASP AA 241 37.84 2.84 -12.97
N THR BA 46 13.57 19.46 6.94
CA THR BA 46 13.00 19.85 5.66
C THR BA 46 13.02 18.69 4.68
N GLN BA 47 11.89 17.98 4.57
CA GLN BA 47 11.81 16.86 3.64
C GLN BA 47 11.45 17.29 2.22
N ASN BA 48 10.71 18.40 2.07
CA ASN BA 48 10.25 18.86 0.77
C ASN BA 48 10.80 20.25 0.48
N PRO BA 49 11.85 20.36 -0.33
CA PRO BA 49 12.38 21.69 -0.67
C PRO BA 49 11.45 22.44 -1.63
N MET BA 50 11.24 23.72 -1.36
CA MET BA 50 10.29 24.50 -2.16
C MET BA 50 10.97 25.28 -3.29
N VAL BA 51 11.77 26.27 -2.95
CA VAL BA 51 12.54 27.04 -3.91
C VAL BA 51 13.97 26.57 -3.82
N THR BA 52 14.53 26.13 -4.95
CA THR BA 52 15.82 25.47 -4.95
C THR BA 52 16.76 26.11 -5.96
N GLY BA 53 18.04 26.05 -5.64
CA GLY BA 53 19.09 26.44 -6.55
C GLY BA 53 19.76 25.22 -7.14
N THR BA 54 20.29 25.39 -8.34
CA THR BA 54 20.93 24.32 -9.10
C THR BA 54 22.43 24.29 -8.78
N SER BA 55 23.20 23.62 -9.63
CA SER BA 55 24.63 23.36 -9.40
C SER BA 55 25.42 24.59 -8.95
N VAL BA 56 26.42 24.34 -8.12
CA VAL BA 56 27.42 25.32 -7.71
C VAL BA 56 28.78 24.73 -8.04
N LEU BA 57 29.66 25.54 -8.63
CA LEU BA 57 30.98 25.09 -9.06
C LEU BA 57 32.06 25.72 -8.20
N GLY BA 58 33.12 24.95 -7.96
CA GLY BA 58 34.27 25.47 -7.26
C GLY BA 58 35.55 24.94 -7.87
N LEU BA 59 36.59 25.75 -7.82
CA LEU BA 59 37.85 25.43 -8.47
C LEU BA 59 39.00 26.12 -7.76
N LYS BA 60 40.01 25.36 -7.37
CA LYS BA 60 41.20 25.94 -6.80
C LYS BA 60 42.14 26.43 -7.90
N PHE BA 61 42.85 27.50 -7.60
CA PHE BA 61 43.88 28.00 -8.50
C PHE BA 61 45.04 28.51 -7.67
N GLU BA 62 46.16 28.74 -8.32
CA GLU BA 62 47.35 29.23 -7.64
C GLU BA 62 47.08 30.59 -7.04
N GLY BA 63 46.89 30.63 -5.73
CA GLY BA 63 46.60 31.87 -5.04
C GLY BA 63 45.16 32.10 -4.65
N GLY BA 64 44.27 31.14 -4.85
CA GLY BA 64 42.91 31.36 -4.38
C GLY BA 64 41.95 30.30 -4.86
N VAL BA 65 40.67 30.60 -4.67
CA VAL BA 65 39.57 29.72 -5.06
C VAL BA 65 38.53 30.55 -5.79
N VAL BA 66 37.88 29.93 -6.78
CA VAL BA 66 36.80 30.56 -7.53
C VAL BA 66 35.57 29.67 -7.45
N ILE BA 67 34.42 30.29 -7.19
CA ILE BA 67 33.14 29.60 -7.08
C ILE BA 67 32.15 30.31 -8.00
N ALA BA 68 31.30 29.53 -8.65
CA ALA BA 68 30.30 30.09 -9.55
C ALA BA 68 28.93 29.51 -9.25
N ALA BA 69 27.91 30.35 -9.37
CA ALA BA 69 26.54 29.87 -9.18
C ALA BA 69 25.58 30.79 -9.92
N ASP BA 70 24.57 30.20 -10.57
CA ASP BA 70 23.61 31.04 -11.24
C ASP BA 70 22.65 31.66 -10.21
N MET BA 71 21.92 32.69 -10.66
CA MET BA 71 21.11 33.51 -9.77
C MET BA 71 19.64 33.13 -9.79
N LEU BA 72 19.33 31.86 -9.96
CA LEU BA 72 17.96 31.40 -10.18
C LEU BA 72 17.45 30.67 -8.96
N GLY BA 73 16.26 31.05 -8.51
CA GLY BA 73 15.50 30.25 -7.57
C GLY BA 73 14.32 29.60 -8.26
N SER BA 74 14.42 28.30 -8.54
CA SER BA 74 13.36 27.59 -9.25
C SER BA 74 12.30 27.09 -8.29
N TYR BA 75 11.06 27.23 -8.70
CA TYR BA 75 9.92 26.70 -7.96
C TYR BA 75 9.42 25.49 -8.75
N GLY BA 76 9.94 24.33 -8.40
CA GLY BA 76 9.71 23.16 -9.23
C GLY BA 76 10.37 23.37 -10.57
N SER BA 77 9.56 23.31 -11.63
CA SER BA 77 10.06 23.58 -12.97
C SER BA 77 10.04 25.05 -13.34
N LEU BA 78 9.27 25.86 -12.62
CA LEU BA 78 9.16 27.29 -12.91
C LEU BA 78 10.39 28.04 -12.41
N ALA BA 79 10.84 29.00 -13.22
CA ALA BA 79 11.95 29.88 -12.84
C ALA BA 79 11.36 31.11 -12.15
N ARG BA 80 11.00 30.93 -10.88
CA ARG BA 80 10.25 31.95 -10.16
C ARG BA 80 11.10 33.15 -9.80
N PHE BA 81 12.31 32.93 -9.29
CA PHE BA 81 13.14 34.00 -8.76
C PHE BA 81 14.46 34.03 -9.52
N ARG BA 82 14.70 35.11 -10.27
CA ARG BA 82 15.78 35.16 -11.23
C ARG BA 82 16.89 36.14 -10.85
N ASN BA 83 16.83 36.71 -9.64
CA ASN BA 83 17.87 37.62 -9.20
C ASN BA 83 18.25 37.39 -7.75
N ILE BA 84 18.41 36.13 -7.36
CA ILE BA 84 18.82 35.77 -6.00
C ILE BA 84 20.27 35.32 -6.03
N SER BA 85 21.05 35.81 -5.08
CA SER BA 85 22.44 35.38 -4.94
C SER BA 85 22.51 34.12 -4.09
N ARG BA 86 23.18 33.11 -4.61
CA ARG BA 86 23.39 31.86 -3.88
C ARG BA 86 24.81 31.76 -3.36
N ILE BA 87 25.56 32.85 -3.39
CA ILE BA 87 26.90 32.92 -2.82
C ILE BA 87 26.88 33.95 -1.70
N MET BA 88 27.53 33.64 -0.60
CA MET BA 88 27.70 34.55 0.51
C MET BA 88 29.17 34.65 0.89
N ARG BA 89 29.58 35.83 1.31
CA ARG BA 89 30.86 36.00 1.97
C ARG BA 89 30.69 35.62 3.43
N VAL BA 90 31.48 34.67 3.91
CA VAL BA 90 31.47 34.31 5.32
C VAL BA 90 32.32 35.29 6.12
N ASN BA 91 33.59 35.38 5.77
CA ASN BA 91 34.50 36.41 6.26
C ASN BA 91 35.49 36.72 5.15
N ASN BA 92 36.58 37.40 5.50
CA ASN BA 92 37.55 37.82 4.49
C ASN BA 92 38.27 36.65 3.84
N SER BA 93 38.29 35.49 4.48
CA SER BA 93 38.99 34.34 3.95
C SER BA 93 38.08 33.24 3.43
N THR BA 94 36.76 33.34 3.64
CA THR BA 94 35.85 32.23 3.36
C THR BA 94 34.63 32.73 2.61
N MET BA 95 34.19 31.95 1.63
CA MET BA 95 32.96 32.19 0.89
C MET BA 95 32.22 30.87 0.76
N LEU BA 96 30.92 30.95 0.52
CA LEU BA 96 30.06 29.79 0.51
C LEU BA 96 29.04 29.87 -0.62
N GLY BA 97 28.81 28.75 -1.28
CA GLY BA 97 27.75 28.66 -2.28
C GLY BA 97 26.89 27.45 -2.02
N ALA BA 98 25.60 27.59 -2.25
CA ALA BA 98 24.66 26.54 -1.90
C ALA BA 98 23.72 26.20 -3.04
N SER BA 99 23.51 24.90 -3.23
CA SER BA 99 22.44 24.34 -4.05
C SER BA 99 21.38 23.77 -3.14
N GLY BA 100 20.17 23.67 -3.66
CA GLY BA 100 19.06 23.14 -2.92
C GLY BA 100 18.17 24.22 -2.36
N ASP BA 101 17.48 23.87 -1.27
CA ASP BA 101 16.46 24.72 -0.69
C ASP BA 101 17.01 26.09 -0.30
N TYR BA 102 16.42 27.16 -0.86
CA TYR BA 102 16.94 28.50 -0.64
C TYR BA 102 16.59 29.03 0.75
N ALA BA 103 15.45 28.65 1.31
CA ALA BA 103 15.12 29.08 2.67
C ALA BA 103 16.08 28.47 3.69
N ASP BA 104 16.47 27.21 3.49
CA ASP BA 104 17.48 26.60 4.35
C ASP BA 104 18.82 27.29 4.19
N PHE BA 105 19.18 27.67 2.97
CA PHE BA 105 20.40 28.43 2.75
C PHE BA 105 20.35 29.79 3.45
N GLN BA 106 19.20 30.47 3.41
CA GLN BA 106 19.07 31.75 4.11
C GLN BA 106 19.19 31.56 5.61
N TYR BA 107 18.63 30.48 6.15
CA TYR BA 107 18.78 30.17 7.56
C TYR BA 107 20.25 29.96 7.92
N LEU BA 108 20.96 29.17 7.12
CA LEU BA 108 22.38 28.93 7.37
C LEU BA 108 23.19 30.21 7.25
N LYS BA 109 22.85 31.06 6.28
CA LYS BA 109 23.51 32.35 6.15
C LYS BA 109 23.33 33.19 7.39
N GLN BA 110 22.12 33.19 7.95
CA GLN BA 110 21.87 33.95 9.18
C GLN BA 110 22.72 33.41 10.33
N VAL BA 111 22.71 32.10 10.52
CA VAL BA 111 23.44 31.51 11.65
C VAL BA 111 24.94 31.73 11.52
N LEU BA 112 25.48 31.49 10.32
CA LEU BA 112 26.92 31.68 10.09
C LEU BA 112 27.33 33.13 10.23
N GLY BA 113 26.54 34.05 9.66
CA GLY BA 113 26.84 35.46 9.82
C GLY BA 113 26.88 35.87 11.27
N GLN BA 114 25.94 35.35 12.08
CA GLN BA 114 25.96 35.68 13.50
C GLN BA 114 27.19 35.11 14.19
N MET BA 115 27.58 33.88 13.85
CA MET BA 115 28.79 33.32 14.46
C MET BA 115 30.02 34.14 14.13
N VAL BA 116 30.14 34.58 12.88
CA VAL BA 116 31.28 35.40 12.48
C VAL BA 116 31.26 36.74 13.21
N ILE BA 117 30.07 37.33 13.35
CA ILE BA 117 29.94 38.59 14.09
C ILE BA 117 30.40 38.40 15.53
N ASP BA 118 29.95 37.32 16.18
CA ASP BA 118 30.32 37.08 17.57
C ASP BA 118 31.83 36.94 17.73
N GLU BA 119 32.45 36.15 16.86
CA GLU BA 119 33.89 35.98 16.93
C GLU BA 119 34.61 37.31 16.72
N GLU BA 120 34.16 38.12 15.77
CA GLU BA 120 34.78 39.44 15.58
C GLU BA 120 34.56 40.33 16.79
N LEU BA 121 33.45 40.16 17.50
CA LEU BA 121 33.21 40.92 18.72
C LEU BA 121 34.24 40.57 19.79
N LEU BA 122 34.64 39.31 19.86
CA LEU BA 122 35.63 38.90 20.87
C LEU BA 122 36.92 39.71 20.73
N GLY BA 123 37.34 40.00 19.51
CA GLY BA 123 38.49 40.85 19.28
C GLY BA 123 39.80 40.35 19.87
N ASP BA 124 40.04 39.03 19.82
CA ASP BA 124 41.20 38.44 20.47
C ASP BA 124 42.25 37.93 19.48
N GLY BA 125 42.10 38.24 18.19
CA GLY BA 125 43.10 37.82 17.23
C GLY BA 125 42.94 36.43 16.68
N HIS BA 126 41.79 35.78 16.89
CA HIS BA 126 41.49 34.48 16.33
C HIS BA 126 40.26 34.59 15.46
N SER BA 127 40.32 34.06 14.24
CA SER BA 127 39.20 34.06 13.33
C SER BA 127 39.01 32.66 12.77
N TYR BA 128 37.77 32.33 12.42
CA TYR BA 128 37.47 31.04 11.84
C TYR BA 128 38.19 30.87 10.51
N SER BA 129 38.93 29.78 10.39
CA SER BA 129 39.52 29.40 9.12
C SER BA 129 38.45 28.81 8.22
N PRO BA 130 38.69 28.75 6.90
CA PRO BA 130 37.76 28.04 6.02
C PRO BA 130 37.56 26.59 6.42
N LYS BA 131 38.62 25.94 6.89
CA LYS BA 131 38.53 24.57 7.38
C LYS BA 131 37.60 24.47 8.59
N ALA BA 132 37.67 25.44 9.51
CA ALA BA 132 36.77 25.45 10.65
C ALA BA 132 35.33 25.64 10.24
N ILE BA 133 35.07 26.53 9.27
CA ILE BA 133 33.71 26.70 8.76
C ILE BA 133 33.20 25.40 8.15
N HIS BA 134 34.05 24.75 7.35
CA HIS BA 134 33.67 23.49 6.73
C HIS BA 134 33.35 22.42 7.76
N SER BA 135 34.15 22.35 8.83
CA SER BA 135 33.90 21.40 9.90
C SER BA 135 32.59 21.70 10.62
N TRP BA 136 32.34 22.98 10.94
CA TRP BA 136 31.11 23.36 11.61
C TRP BA 136 29.89 23.03 10.75
N LEU BA 137 29.99 23.30 9.45
CA LEU BA 137 28.90 22.98 8.53
C LEU BA 137 28.65 21.48 8.48
N THR BA 138 29.72 20.68 8.45
CA THR BA 138 29.53 19.23 8.46
C THR BA 138 28.79 18.79 9.71
N ARG BA 139 29.20 19.32 10.87
CA ARG BA 139 28.54 18.96 12.11
C ARG BA 139 27.06 19.36 12.10
N ALA BA 140 26.77 20.56 11.62
CA ALA BA 140 25.38 21.03 11.61
C ALA BA 140 24.51 20.18 10.70
N MET BA 141 25.01 19.89 9.50
CA MET BA 141 24.25 19.06 8.57
C MET BA 141 24.04 17.67 9.11
N TYR BA 142 25.07 17.08 9.72
CA TYR BA 142 24.92 15.74 10.25
C TYR BA 142 23.96 15.69 11.43
N SER BA 143 24.00 16.71 12.29
CA SER BA 143 23.05 16.78 13.40
C SER BA 143 21.62 16.88 12.90
N ARG BA 144 21.38 17.71 11.89
CA ARG BA 144 20.03 17.82 11.35
C ARG BA 144 19.60 16.51 10.70
N ARG BA 145 20.51 15.84 10.00
CA ARG BA 145 20.21 14.54 9.39
C ARG BA 145 19.88 13.50 10.45
N SER BA 146 20.60 13.50 11.57
CA SER BA 146 20.37 12.50 12.62
C SER BA 146 19.07 12.73 13.37
N LYS BA 147 18.52 13.93 13.32
CA LYS BA 147 17.19 14.21 13.84
C LYS BA 147 16.11 14.01 12.79
N MET BA 148 16.47 13.46 11.62
CA MET BA 148 15.56 13.23 10.51
C MET BA 148 14.88 14.52 10.05
N ASN BA 149 15.54 15.65 10.28
CA ASN BA 149 15.04 16.96 9.87
C ASN BA 149 16.16 17.69 9.13
N PRO BA 150 16.52 17.22 7.94
CA PRO BA 150 17.72 17.72 7.29
C PRO BA 150 17.55 19.14 6.77
N LEU BA 151 18.68 19.83 6.64
CA LEU BA 151 18.78 21.03 5.85
C LEU BA 151 19.06 20.60 4.41
N TRP BA 152 18.14 20.92 3.50
CA TRP BA 152 18.18 20.37 2.15
C TRP BA 152 19.11 21.21 1.28
N ASN BA 153 20.40 21.07 1.52
CA ASN BA 153 21.39 21.88 0.82
C ASN BA 153 22.62 21.04 0.50
N THR BA 154 23.28 21.42 -0.58
CA THR BA 154 24.63 20.97 -0.88
C THR BA 154 25.50 22.21 -0.99
N MET BA 155 26.56 22.29 -0.18
CA MET BA 155 27.32 23.51 0.00
C MET BA 155 28.77 23.32 -0.42
N VAL BA 156 29.29 24.33 -1.11
CA VAL BA 156 30.69 24.44 -1.47
C VAL BA 156 31.30 25.57 -0.66
N ILE BA 157 32.39 25.28 0.04
CA ILE BA 157 33.10 26.25 0.86
C ILE BA 157 34.43 26.52 0.19
N GLY BA 158 34.68 27.77 -0.18
CA GLY BA 158 35.93 28.17 -0.76
C GLY BA 158 36.65 29.08 0.21
N GLY BA 159 37.97 28.97 0.27
CA GLY BA 159 38.71 29.78 1.22
C GLY BA 159 40.16 29.91 0.84
N TYR BA 160 40.77 30.96 1.38
CA TYR BA 160 42.20 31.16 1.25
C TYR BA 160 42.75 31.65 2.58
N ALA BA 161 43.63 30.85 3.18
CA ALA BA 161 44.17 31.16 4.50
C ALA BA 161 45.62 30.69 4.56
N ASP BA 162 46.50 31.57 5.05
CA ASP BA 162 47.90 31.23 5.31
C ASP BA 162 48.59 30.73 4.05
N GLY BA 163 48.34 31.38 2.92
CA GLY BA 163 48.92 30.97 1.67
C GLY BA 163 48.39 29.68 1.11
N GLU BA 164 47.27 29.17 1.63
CA GLU BA 164 46.74 27.89 1.23
C GLU BA 164 45.30 28.03 0.78
N SER BA 165 44.96 27.37 -0.32
CA SER BA 165 43.59 27.33 -0.80
C SER BA 165 42.83 26.19 -0.15
N PHE BA 166 41.54 26.40 0.05
CA PHE BA 166 40.67 25.39 0.64
C PHE BA 166 39.41 25.30 -0.20
N LEU BA 167 39.03 24.08 -0.55
CA LEU BA 167 37.77 23.84 -1.25
C LEU BA 167 37.11 22.63 -0.60
N GLY BA 168 35.88 22.80 -0.14
CA GLY BA 168 35.21 21.77 0.62
C GLY BA 168 33.77 21.61 0.20
N TYR BA 169 33.30 20.37 0.32
CA TYR BA 169 31.96 19.98 -0.04
C TYR BA 169 31.29 19.45 1.21
N VAL BA 170 30.05 19.90 1.45
CA VAL BA 170 29.20 19.35 2.50
C VAL BA 170 27.81 19.11 1.91
N ASP BA 171 27.34 17.87 1.94
CA ASP BA 171 25.98 17.61 1.50
C ASP BA 171 25.05 17.51 2.71
N MET BA 172 23.77 17.26 2.45
CA MET BA 172 22.74 17.33 3.48
C MET BA 172 22.74 16.12 4.40
N LEU BA 173 23.41 15.04 4.04
CA LEU BA 173 23.56 13.89 4.92
C LEU BA 173 24.74 14.03 5.86
N GLY BA 174 25.57 15.03 5.68
CA GLY BA 174 26.80 15.15 6.43
C GLY BA 174 28.01 14.57 5.76
N VAL BA 175 27.93 14.22 4.48
CA VAL BA 175 29.10 13.79 3.73
C VAL BA 175 29.89 15.03 3.35
N ALA BA 176 31.15 15.06 3.76
CA ALA BA 176 31.99 16.23 3.57
C ALA BA 176 33.37 15.77 3.12
N TYR BA 177 33.94 16.50 2.18
CA TYR BA 177 35.28 16.16 1.71
C TYR BA 177 35.94 17.39 1.11
N GLU BA 178 37.22 17.25 0.79
CA GLU BA 178 37.99 18.28 0.13
C GLU BA 178 38.42 17.77 -1.25
N ALA BA 179 38.48 18.66 -2.22
CA ALA BA 179 38.88 18.30 -3.57
C ALA BA 179 39.43 19.54 -4.26
N PRO BA 180 40.28 19.38 -5.27
CA PRO BA 180 40.76 20.57 -6.00
C PRO BA 180 39.70 21.22 -6.86
N SER BA 181 38.65 20.49 -7.24
CA SER BA 181 37.51 21.08 -7.94
C SER BA 181 36.24 20.38 -7.46
N LEU BA 182 35.13 21.09 -7.54
CA LEU BA 182 33.87 20.62 -7.00
C LEU BA 182 32.72 21.09 -7.88
N ALA BA 183 31.64 20.33 -7.86
CA ALA BA 183 30.43 20.67 -8.61
C ALA BA 183 29.27 19.90 -8.00
N THR BA 184 28.23 20.61 -7.60
CA THR BA 184 27.06 19.97 -7.03
C THR BA 184 26.00 19.74 -8.10
N GLY BA 185 25.03 18.89 -7.78
CA GLY BA 185 23.89 18.68 -8.65
C GLY BA 185 24.29 18.15 -10.02
N TYR BA 186 23.59 18.63 -11.04
CA TYR BA 186 23.90 18.23 -12.41
C TYR BA 186 25.28 18.66 -12.86
N GLY BA 187 25.85 19.68 -12.21
CA GLY BA 187 27.23 20.03 -12.48
C GLY BA 187 28.16 18.87 -12.20
N ALA BA 188 27.86 18.08 -11.17
CA ALA BA 188 28.65 16.89 -10.90
C ALA BA 188 28.75 15.97 -12.11
N TYR BA 189 27.71 15.94 -12.94
CA TYR BA 189 27.73 15.12 -14.13
C TYR BA 189 28.19 15.89 -15.37
N LEU BA 190 28.13 17.22 -15.35
CA LEU BA 190 28.36 17.98 -16.57
C LEU BA 190 29.56 18.90 -16.51
N ALA BA 191 29.93 19.40 -15.33
CA ALA BA 191 31.06 20.30 -15.21
C ALA BA 191 32.28 19.62 -14.60
N GLN BA 192 32.07 18.75 -13.61
CA GLN BA 192 33.18 18.09 -12.95
C GLN BA 192 34.07 17.29 -13.91
N PRO BA 193 33.55 16.54 -14.90
CA PRO BA 193 34.48 15.91 -15.86
C PRO BA 193 35.40 16.88 -16.58
N LEU BA 194 34.90 18.07 -16.98
CA LEU BA 194 35.77 19.03 -17.67
C LEU BA 194 36.82 19.59 -16.73
N LEU BA 195 36.42 19.97 -15.51
CA LEU BA 195 37.37 20.45 -14.53
C LEU BA 195 38.43 19.40 -14.23
N ARG BA 196 38.02 18.15 -14.07
CA ARG BA 196 38.96 17.08 -13.75
C ARG BA 196 39.90 16.81 -14.91
N GLU BA 197 39.40 16.85 -16.15
CA GLU BA 197 40.26 16.65 -17.30
C GLU BA 197 41.35 17.72 -17.36
N VAL BA 198 40.95 18.98 -17.18
CA VAL BA 198 41.93 20.06 -17.21
C VAL BA 198 42.93 19.90 -16.06
N LEU BA 199 42.44 19.64 -14.85
CA LEU BA 199 43.34 19.49 -13.72
C LEU BA 199 44.24 18.27 -13.87
N GLU BA 200 43.79 17.25 -14.61
CA GLU BA 200 44.62 16.10 -14.87
C GLU BA 200 45.79 16.46 -15.78
N LYS BA 201 45.52 17.19 -16.86
CA LYS BA 201 46.64 17.59 -17.70
C LYS BA 201 47.39 18.80 -17.14
N GLN BA 202 46.88 19.45 -16.09
CA GLN BA 202 47.48 20.66 -15.54
C GLN BA 202 47.02 20.88 -14.11
N PRO BA 203 47.74 20.31 -13.14
CA PRO BA 203 47.26 20.38 -11.74
C PRO BA 203 47.16 21.78 -11.16
N VAL BA 204 48.02 22.72 -11.55
CA VAL BA 204 48.06 24.05 -10.96
C VAL BA 204 47.63 25.06 -12.02
N LEU BA 205 46.55 25.78 -11.73
CA LEU BA 205 45.97 26.74 -12.65
C LEU BA 205 46.22 28.16 -12.16
N SER BA 206 46.44 29.06 -13.11
CA SER BA 206 46.42 30.48 -12.80
C SER BA 206 44.97 30.95 -12.63
N GLN BA 207 44.82 32.16 -12.08
CA GLN BA 207 43.47 32.68 -11.85
C GLN BA 207 42.73 32.89 -13.15
N THR BA 208 43.41 33.38 -14.19
CA THR BA 208 42.77 33.59 -15.48
C THR BA 208 42.30 32.27 -16.09
N GLU BA 209 43.15 31.24 -16.05
CA GLU BA 209 42.77 29.94 -16.59
C GLU BA 209 41.58 29.36 -15.83
N ALA BA 210 41.58 29.48 -14.51
CA ALA BA 210 40.49 28.98 -13.70
C ALA BA 210 39.18 29.69 -14.02
N ARG BA 211 39.23 31.01 -14.19
CA ARG BA 211 38.03 31.75 -14.53
C ARG BA 211 37.49 31.35 -15.90
N GLU BA 212 38.37 31.20 -16.88
CA GLU BA 212 37.94 30.77 -18.20
C GLU BA 212 37.30 29.39 -18.16
N LEU BA 213 37.91 28.47 -17.42
CA LEU BA 213 37.37 27.12 -17.29
C LEU BA 213 36.00 27.14 -16.65
N VAL BA 214 35.82 27.96 -15.61
CA VAL BA 214 34.52 28.08 -14.95
C VAL BA 214 33.48 28.65 -15.91
N GLU BA 215 33.88 29.60 -16.75
CA GLU BA 215 32.95 30.13 -17.76
C GLU BA 215 32.50 29.04 -18.72
N ARG BA 216 33.43 28.22 -19.20
CA ARG BA 216 33.07 27.14 -20.11
C ARG BA 216 32.11 26.15 -19.46
N CYS BA 217 32.36 25.82 -18.18
CA CYS BA 217 31.48 24.91 -17.48
C CYS BA 217 30.08 25.50 -17.29
N MET BA 218 30.01 26.79 -16.96
CA MET BA 218 28.70 27.44 -16.84
C MET BA 218 27.94 27.40 -18.16
N ARG BA 219 28.66 27.59 -19.28
CA ARG BA 219 28.02 27.49 -20.58
C ARG BA 219 27.47 26.10 -20.84
N VAL BA 220 28.24 25.06 -20.50
CA VAL BA 220 27.74 23.69 -20.68
C VAL BA 220 26.50 23.46 -19.82
N LEU BA 221 26.52 23.94 -18.57
CA LEU BA 221 25.37 23.78 -17.70
C LEU BA 221 24.14 24.48 -18.25
N TYR BA 222 24.33 25.67 -18.82
CA TYR BA 222 23.22 26.35 -19.48
C TYR BA 222 22.69 25.52 -20.65
N TYR BA 223 23.60 24.91 -21.42
CA TYR BA 223 23.16 24.10 -22.56
C TYR BA 223 22.33 22.90 -22.12
N ARG BA 224 22.71 22.23 -21.03
CA ARG BA 224 22.20 20.90 -20.79
C ARG BA 224 21.38 20.71 -19.51
N ASP BA 225 21.28 21.69 -18.64
CA ASP BA 225 20.53 21.56 -17.40
C ASP BA 225 19.25 22.39 -17.50
N ALA BA 226 18.11 21.73 -17.40
CA ALA BA 226 16.82 22.40 -17.56
C ALA BA 226 16.45 23.29 -16.38
N ARG BA 227 17.17 23.23 -15.27
CA ARG BA 227 16.91 24.10 -14.12
C ARG BA 227 17.90 25.24 -14.02
N SER BA 228 18.73 25.46 -15.03
CA SER BA 228 19.76 26.48 -14.97
C SER BA 228 19.30 27.77 -15.63
N TYR BA 229 20.07 28.83 -15.42
CA TYR BA 229 19.79 30.14 -15.97
C TYR BA 229 21.09 30.76 -16.45
N ASN BA 230 20.99 31.64 -17.45
CA ASN BA 230 22.16 32.24 -18.06
C ASN BA 230 22.57 33.55 -17.39
N ARG BA 231 22.37 33.63 -16.08
CA ARG BA 231 22.69 34.80 -15.28
C ARG BA 231 23.32 34.30 -14.00
N PHE BA 232 24.63 34.47 -13.86
CA PHE BA 232 25.34 33.85 -12.75
C PHE BA 232 26.32 34.83 -12.12
N GLN BA 233 26.84 34.41 -10.96
CA GLN BA 233 27.83 35.14 -10.20
C GLN BA 233 29.09 34.31 -10.06
N ILE BA 234 30.22 35.00 -10.03
CA ILE BA 234 31.53 34.40 -9.82
C ILE BA 234 32.16 35.07 -8.60
N ALA BA 235 32.47 34.30 -7.58
CA ALA BA 235 33.11 34.78 -6.38
C ALA BA 235 34.53 34.23 -6.33
N THR BA 236 35.50 35.10 -6.03
CA THR BA 236 36.90 34.72 -5.94
C THR BA 236 37.43 35.10 -4.57
N VAL BA 237 38.09 34.15 -3.91
CA VAL BA 237 38.79 34.44 -2.67
C VAL BA 237 40.28 34.32 -2.95
N THR BA 238 41.01 35.38 -2.62
CA THR BA 238 42.46 35.43 -2.78
C THR BA 238 43.05 36.04 -1.53
N GLU BA 239 44.34 36.36 -1.59
CA GLU BA 239 45.01 37.07 -0.50
C GLU BA 239 44.30 38.38 -0.18
N LYS BA 240 43.74 39.03 -1.19
CA LYS BA 240 43.05 40.30 -1.00
C LYS BA 240 41.67 40.14 -0.36
N GLY BA 241 41.16 38.92 -0.25
CA GLY BA 241 39.83 38.75 0.31
C GLY BA 241 38.84 38.14 -0.66
N VAL BA 242 37.56 38.33 -0.39
CA VAL BA 242 36.47 37.75 -1.17
C VAL BA 242 35.86 38.85 -2.04
N GLU BA 243 35.72 38.57 -3.32
CA GLU BA 243 35.11 39.49 -4.27
C GLU BA 243 34.07 38.75 -5.09
N ILE BA 244 32.85 39.30 -5.16
CA ILE BA 244 31.73 38.65 -5.84
C ILE BA 244 31.33 39.52 -7.02
N GLU BA 245 31.40 38.95 -8.22
CA GLU BA 245 31.08 39.65 -9.46
C GLU BA 245 29.82 39.07 -10.07
N GLY BA 246 28.98 39.95 -10.61
CA GLY BA 246 27.77 39.54 -11.27
C GLY BA 246 26.82 40.70 -11.52
N PRO BA 247 25.75 40.47 -12.28
CA PRO BA 247 25.40 39.23 -12.99
C PRO BA 247 26.27 39.04 -14.23
N LEU BA 248 26.47 37.81 -14.65
CA LEU BA 248 27.30 37.49 -15.80
C LEU BA 248 26.57 36.50 -16.68
N SER BA 249 26.95 36.48 -17.95
CA SER BA 249 26.33 35.61 -18.93
C SER BA 249 27.40 34.88 -19.72
N ALA BA 250 27.10 33.63 -20.07
CA ALA BA 250 27.96 32.88 -20.97
C ALA BA 250 27.57 33.17 -22.42
N GLU BA 251 28.55 33.19 -23.30
CA GLU BA 251 28.31 33.32 -24.72
C GLU BA 251 27.88 31.97 -25.27
N THR BA 252 26.72 31.93 -25.89
CA THR BA 252 26.14 30.68 -26.36
C THR BA 252 26.17 30.60 -27.88
N ASN BA 253 26.28 29.38 -28.39
CA ASN BA 253 26.27 29.11 -29.82
C ASN BA 253 25.11 28.18 -30.14
N TRP BA 254 24.41 28.49 -31.23
CA TRP BA 254 23.19 27.75 -31.58
C TRP BA 254 23.20 27.33 -33.04
N ASP BA 255 24.39 27.23 -33.65
CA ASP BA 255 24.47 26.92 -35.07
C ASP BA 255 24.02 25.50 -35.39
N ILE BA 256 24.12 24.58 -34.43
CA ILE BA 256 23.65 23.22 -34.66
C ILE BA 256 22.15 23.16 -34.93
N ALA BA 257 21.42 24.24 -34.63
CA ALA BA 257 20.00 24.29 -34.98
C ALA BA 257 19.76 24.30 -36.48
N HIS BA 258 20.78 24.62 -37.27
CA HIS BA 258 20.69 24.56 -38.72
C HIS BA 258 21.24 23.26 -39.29
N MET BA 259 21.55 22.29 -38.45
CA MET BA 259 22.15 21.03 -38.90
C MET BA 259 21.12 19.90 -38.81
#